data_9B0X
#
_entry.id   9B0X
#
_cell.length_a   1.00
_cell.length_b   1.00
_cell.length_c   1.00
_cell.angle_alpha   90.00
_cell.angle_beta   90.00
_cell.angle_gamma   90.00
#
_symmetry.space_group_name_H-M   'P 1'
#
loop_
_entity.id
_entity.type
_entity.pdbx_description
1 polymer 'ATP synthase subunit c'
2 polymer 'ATP synthase subunit alpha'
3 polymer 'ATP synthase subunit beta'
4 polymer 'ATP synthase subunit gamma'
5 polymer 'ATP synthase subunit delta'
6 polymer 'ATP synthase subunit epsilon'
7 polymer 'ATP synthase inhibitory factor 1, IF1'
8 polymer 'ATP synthase subunit b'
9 polymer 'ATP synthase coupling factor 6, F6'
10 polymer 'ATP synthase subunit d'
11 polymer 'ATP synthase subunit a'
12 polymer 'ATP synthase subunit OSCP'
13 polymer 'ATP synthase subunit 6.8PL'
14 polymer 'ATP synthase protein 8'
15 polymer 'ATP synthase subunit f'
16 polymer 'ATP synthase subunit g'
17 polymer 'ATP synthase subunit e'
18 non-polymer "ADENOSINE-5'-TRIPHOSPHATE"
19 non-polymer 'MAGNESIUM ION'
20 non-polymer "ADENOSINE-5'-DIPHOSPHATE"
21 non-polymer CARDIOLIPIN
#
loop_
_entity_poly.entity_id
_entity_poly.type
_entity_poly.pdbx_seq_one_letter_code
_entity_poly.pdbx_strand_id
1 'polypeptide(L)'
;MYTIARIATRAAVSQGSQAYLRPVSSAVLSQKVIVEAPVATQARSLQTSAVQRDIDSAAKFIGAGAATVGVAGSGAGIGS
VFGSLIIGYARNPSLKQQLFSYAILGFALSEAMGLFCLMMAFLLLFAF
;
1,2,3,4,5,6,7,8
2 'polypeptide(L)'
;MALSTARIVSTVARQLPRGVQKVAARTAPVATIAARKLHVSSANNAAEISAVLEEKILGAAPKENLEETGRVLSIGDGIA
RVYGLKNIQAEEMVEFSSGLKGMALNLEPDNVGIVVFGNDKHIKEGDIVKRTGAIVDVPVGEELLGRVVDALGNPIDGKG
PIGSKTRQRVGVKAPGIIPRVSVREPMQTGMKAVDSLVPIGRGQRELIIGDRQTGKTAIAIDAIINQKRFNDAQDEKKKL
YCVYVAIGQKRSTVAQIVKRLTDTDAMRYTIVVSATASDAAPLQYLAPYSGCAMGEFFRDNGKHALIIYDDLSKQAVAYR
QMSLLLRRPPGREAYPGDVFYLHSRLLERAAKMSESNGGGSLTALPVIETQAGDVSAYIPTNVISITDGQIFLETELFYK
GIRPAINVGLSVSRVGSAAQTRAMKQVAGSMKLELAQYREVAAFAQFGSDLDASTQQLLSRGVRLTELLKQGQYVPMAIE
DQVAIIYCGVRGHLDKVEPSKITKFEKEFSQHIKTSHRDILDTIAKEGQISPDTDAKLKKVVTDFLSTFQA
;
A,B,C
3 'polypeptide(L)'
;MLGAVGRASLKVLTASKPSIELTKAVPAALSSRSVHAGQVDSAAAAAKAQAAANTSNGQITAVIGAVVDVQFEDQLPPIL
NALEVQGRSPRLILEVAQHLGENTVRTIAMDGTEGLVRGQNVLDTGAPIKIPVGPETLGRIMNVIGEPIDERGPIVTDKF
AAIHADAPEFVEMSVQQEILVTGIKVVDLLAPYAKGGKIGLFGGAGVGKTVLIMELINNVAKAHGGYSVFAGVGERTREG
NDLYHEMIESGVISLKDKTSKVALVYGQMNEPPGARARVALTGLTVAEYFRDQEGQDVLLFIDNIFRFTQAGSEVSALLG
RIPSAVGYQPTLATDMGTMQERITTTKKGSITSVQAIYVPADDLTDPAPATTFAHLDATTVLSRAIAELGIYPAVDPLDS
TSRILDPNIIGEEHYNIARGVQKILQDYKSLQDIIAILGMDELSEEDKLIVSRARKIQRFLSQPFQVAEVFTGHAGKLVP
IKDTIKGFKMILNGELDHLPEVAFYMVGPIEEVVAKAEKIAESQ
;
D,E,F
4 'polypeptide(L)'
;MFGRTSVLVLSQCNAAEQVRGMATLKAVSIRLKSVKNIQKITQSMKMVSAAKYTKAERELRVAKPYGQGAMKFYEKTELK
GKEEKPSQLIIAISSDRGLCGAVHSSVGRQLKADLAANPDTMVICVGDKIRNILQRLYGNNLAMVCNDFGRRPPVFEDAT
KVARAVLESGMEFTNGKIVYNAFRSVVSFRTTDIPVFSKNAIESADSIAAYDSLDSDVIQSYVEYSLASLIYYTMKENAT
SEQSSRMTAMDNASKNAGEMIDKLTMTFNRTRQAVITRELIEIISGASAL
;
G
5 'polypeptide(L)'
;MVSLTGDVSTVVGPTEVDSAEVGFADVSSAWDNQMAFTFAAPSQVFYNNANIRQVDVPSFSGSFGILPAHVATLAVLKPG
VVTVYQEDGSTKKYFVSSGTVTVNDDSSVQVLAEEAVPVENLDLQAARDILSKAQSDVTSAGADMLKLAEGQIAVEVGEA
LVKAAEGQL
;
H
6 'polypeptide(L)' VRSNFASISGSGRRGRHVDFGASVDFEVHMMRRALKPELRNEAIKREESLLKVTPWKDGKPVKAAQ I
7 'polypeptide(L)'
;MARLLLRRGFFSSHIRMSSDQLGELGTGAGKGGGGGGSVRAAGGSFGRREAAEEERYFRQKEREQLAALKNHHEEEIDHH
KKEIERLQREIDRHKGKIRKLKHDD
;
J
8 'polypeptide(L)'
;MLSRIAVQSARPIAALQSVRPVQTSSTKTSEVASASVAPVVQFKGPNEGVERDHVGFPRPLRPVNPGKVRVGFVPEEWFT
FFYNKTGVTGPYVLGAGALTFLLSKEIYVVEHEFYTGVAIAIMGTYGVKKFGKQIADYADKGIGEIEQSFKEYQDSSKIG
FEEAITLEERAQKSAEAQIMLFQAKRENVQFQLEAAYRARLHHVNNEIKKRLDYHLETERAQRQIKQKNMVDWIVRNVMK
SITPEQERLMLSKCISDLKAMSIKA
;
K
9 'polypeptide(L)'
;MLAPRISVALRRSFSTSLPVVQKAVDPIQKLFLDKIKEYDQKSKAAGGKLLEASTEIQRELDAELDKLKKMYGGDTADLS
KFPSFHFEDPVVDPINMQK
;
L
10 'polypeptide(L)'
;MASKRIARSSIDWAKMAESVPESQKAMYNQFKAKSDGYIRKALSYPEQPSPINWEHYRKSLTNPAMVDAFKKQYEALKVP
YPEDKVSSQIDAQEAEAKKEITKFIQESRGRIENYKAELGKLGQMIPFEHMTLEDFFEAFPEKVLNPDPPSPNVKKKPFK
NNSWHLIQKIPNHFGLILKKTLWNSKRRNSGNLEMNTIKSILLLDIIFKSFIGIKMCKL
;
M
11 'polypeptide(L)'
;MMASLFSVFDPTSSFLSNWLSMLIPLLFMVMSFWLIPSRPQFLAKSVLMGLNREMSLLMGPASFGANILVIALFLFILFN
NFIGLFPYIFTATSHLAVTLSLAVPLWISFILYTWIKETTNALAHLVPLGTPAPLMPFMVLMEIISNMIRPITLSVRLAA
NMIAGHLLLTLLGAQGTLENLYVTSIVVFSQIILLMLEFSVAIIQSYVFMTLMTLYASE
;
N
12 'polypeptide(L)'
;MNDVSQAARQFSTTSAATQLVKAPIQVFGIEGRYATALYSAAVKQKKLEAVEKDLVQLNASLKKFPRLGELLKNPTLSRQ
LKKDAIGSMLKEQKAVDLTSNFLDLLTENNRLKMVDGVINAFKTIMAAHRGEVICEVTSAKPLDEAARKDLEVALKGFLK
PGQNIKLTLKTDPAIIGGLVVSIGDRFVDMSIGTKIKRYTAALKTAV
;
O
13 'polypeptide(L)'
;(UNK)(UNK)(UNK)(UNK)(UNK)(UNK)(UNK)(UNK)(UNK)(UNK)(UNK)(UNK)(UNK)(UNK)(UNK)(UNK)
(UNK)(UNK)(UNK)(UNK)(UNK)(UNK)(UNK)(UNK)(UNK)(UNK)(UNK)(UNK)(UNK)(UNK)(UNK)(UNK)
(UNK)(UNK)(UNK)(UNK)(UNK)(UNK)(UNK)(UNK)(UNK)(UNK)(UNK)(UNK)
;
P
14 'polypeptide(L)' MPQMMPLPWIMVFLVSMALLWAIMTMVFFLYQPRSVSSAKGFSDRTVYLNWKW Q
15 'polypeptide(L)'
;MGFGDYPAEYNPKVHGPYDPARFYGKADVPLGQVKLGELSQWLGRRNKNPQAVAAAVSRGWWRWQHKYVLPRKGGIAPYI
QLIVGCSIFFYAINYGKMVAHRQRKYHCRKTHSISHSNI
;
R
16 'polypeptide(L)'
;MSALAKKIATSGPVVLKNTIAVTRPKLATFLKYAKVELTPPGPADVPKIQEGIQNLIHSAKTGKWKQVSVREAWLNTLIV
TEIAMWFFVGECIGKGSVIGYRV
;
S
17 'polypeptide(L)'
;MSFAPPVNVSPLIRAGRYGALVVGIVYGSYRFGSLQKRENEWRVEEARRKVIRDALNAENKAKATREEMLYLAKETGVKV
PENF
;
T
#
loop_
_chem_comp.id
_chem_comp.type
_chem_comp.name
_chem_comp.formula
ADP non-polymer ADENOSINE-5'-DIPHOSPHATE 'C10 H15 N5 O10 P2'
ATP non-polymer ADENOSINE-5'-TRIPHOSPHATE 'C10 H16 N5 O13 P3'
CDL non-polymer CARDIOLIPIN 'C81 H156 O17 P2 -2'
MG non-polymer 'MAGNESIUM ION' 'Mg 2'
#
# COMPACT_ATOMS: atom_id res chain seq x y z
N ASP A 54 -29.08 -51.70 -99.78
CA ASP A 54 -30.16 -50.85 -99.27
C ASP A 54 -30.49 -51.25 -97.83
N ILE A 55 -30.85 -52.51 -97.63
CA ILE A 55 -31.23 -52.99 -96.30
C ILE A 55 -30.02 -53.00 -95.38
N ASP A 56 -28.83 -53.29 -95.90
CA ASP A 56 -27.62 -53.15 -95.11
C ASP A 56 -27.39 -51.71 -94.70
N SER A 57 -27.57 -50.78 -95.64
CA SER A 57 -27.47 -49.35 -95.32
C SER A 57 -28.62 -48.91 -94.43
N ALA A 58 -29.79 -49.52 -94.58
CA ALA A 58 -30.93 -49.17 -93.74
C ALA A 58 -30.67 -49.53 -92.28
N ALA A 59 -30.10 -50.71 -92.05
CA ALA A 59 -29.78 -51.09 -90.67
C ALA A 59 -28.58 -50.34 -90.13
N LYS A 60 -27.73 -49.79 -91.01
CA LYS A 60 -26.64 -48.93 -90.54
C LYS A 60 -27.19 -47.64 -89.97
N PHE A 61 -28.28 -47.13 -90.55
CA PHE A 61 -28.89 -45.91 -90.01
C PHE A 61 -29.61 -46.19 -88.70
N ILE A 62 -30.22 -47.36 -88.57
CA ILE A 62 -30.90 -47.73 -87.33
C ILE A 62 -29.90 -47.86 -86.19
N GLY A 63 -28.78 -48.54 -86.45
CA GLY A 63 -27.75 -48.66 -85.43
C GLY A 63 -27.12 -47.32 -85.08
N ALA A 64 -27.02 -46.42 -86.06
CA ALA A 64 -26.53 -45.08 -85.77
C ALA A 64 -27.47 -44.34 -84.83
N GLY A 65 -28.79 -44.50 -85.03
CA GLY A 65 -29.75 -43.90 -84.11
C GLY A 65 -29.67 -44.52 -82.72
N ALA A 66 -29.47 -45.84 -82.66
CA ALA A 66 -29.33 -46.50 -81.36
C ALA A 66 -28.03 -46.11 -80.67
N ALA A 67 -27.02 -45.71 -81.43
CA ALA A 67 -25.79 -45.20 -80.84
C ALA A 67 -25.95 -43.79 -80.30
N THR A 68 -26.92 -43.02 -80.81
CA THR A 68 -27.19 -41.69 -80.30
C THR A 68 -27.84 -41.71 -78.92
N VAL A 69 -28.25 -42.89 -78.44
CA VAL A 69 -28.81 -43.02 -77.10
C VAL A 69 -27.75 -42.69 -76.05
N GLY A 70 -26.51 -43.07 -76.32
CA GLY A 70 -25.45 -42.98 -75.32
C GLY A 70 -24.91 -41.60 -75.00
N VAL A 71 -25.67 -40.55 -75.31
CA VAL A 71 -25.27 -39.20 -74.97
C VAL A 71 -26.10 -38.63 -73.82
N ALA A 72 -27.23 -39.24 -73.48
CA ALA A 72 -28.07 -38.71 -72.41
C ALA A 72 -27.37 -38.79 -71.05
N GLY A 73 -26.71 -39.91 -70.77
CA GLY A 73 -26.02 -40.06 -69.49
C GLY A 73 -24.84 -39.13 -69.35
N SER A 74 -24.18 -38.80 -70.45
CA SER A 74 -23.14 -37.77 -70.42
C SER A 74 -23.73 -36.43 -70.03
N GLY A 75 -24.95 -36.13 -70.50
CA GLY A 75 -25.63 -34.93 -70.04
C GLY A 75 -26.02 -35.02 -68.58
N ALA A 76 -26.25 -36.23 -68.08
CA ALA A 76 -26.56 -36.41 -66.66
C ALA A 76 -25.32 -36.18 -65.80
N GLY A 77 -24.18 -36.75 -66.21
CA GLY A 77 -22.95 -36.55 -65.46
C GLY A 77 -22.48 -35.10 -65.48
N ILE A 78 -22.71 -34.41 -66.59
CA ILE A 78 -22.38 -32.99 -66.68
C ILE A 78 -23.23 -32.19 -65.70
N GLY A 79 -24.53 -32.48 -65.65
CA GLY A 79 -25.41 -31.75 -64.73
C GLY A 79 -25.12 -32.06 -63.29
N SER A 80 -24.58 -33.26 -63.02
CA SER A 80 -24.24 -33.61 -61.64
C SER A 80 -22.98 -32.88 -61.18
N VAL A 81 -21.97 -32.79 -62.04
CA VAL A 81 -20.75 -32.06 -61.68
C VAL A 81 -21.03 -30.58 -61.54
N PHE A 82 -21.71 -29.99 -62.55
CA PHE A 82 -21.92 -28.55 -62.53
C PHE A 82 -22.95 -28.13 -61.52
N GLY A 83 -23.92 -28.99 -61.21
CA GLY A 83 -24.80 -28.72 -60.09
C GLY A 83 -24.05 -28.75 -58.76
N SER A 84 -23.23 -29.78 -58.55
CA SER A 84 -22.45 -29.86 -57.32
C SER A 84 -21.38 -28.80 -57.24
N LEU A 85 -20.97 -28.23 -58.38
CA LEU A 85 -20.05 -27.10 -58.37
C LEU A 85 -20.69 -25.88 -57.71
N ILE A 86 -21.99 -25.69 -57.94
CA ILE A 86 -22.71 -24.59 -57.29
C ILE A 86 -22.74 -24.78 -55.78
N ILE A 87 -22.99 -26.01 -55.33
CA ILE A 87 -22.89 -26.32 -53.91
C ILE A 87 -21.45 -26.17 -53.44
N GLY A 88 -20.50 -26.64 -54.25
CA GLY A 88 -19.09 -26.51 -53.89
C GLY A 88 -18.62 -25.08 -53.77
N TYR A 89 -19.16 -24.17 -54.60
CA TYR A 89 -18.82 -22.77 -54.44
C TYR A 89 -19.63 -22.11 -53.32
N ALA A 90 -20.83 -22.62 -53.04
CA ALA A 90 -21.61 -22.07 -51.94
C ALA A 90 -20.95 -22.35 -50.59
N ARG A 91 -20.41 -23.56 -50.43
CA ARG A 91 -19.70 -23.94 -49.22
C ARG A 91 -18.23 -23.53 -49.37
N ASN A 92 -17.78 -22.59 -48.54
CA ASN A 92 -16.42 -22.05 -48.56
C ASN A 92 -16.07 -21.47 -49.92
N PRO A 93 -16.61 -20.30 -50.29
CA PRO A 93 -16.33 -19.75 -51.63
C PRO A 93 -14.87 -19.36 -51.87
N SER A 94 -14.01 -19.43 -50.85
CA SER A 94 -12.61 -19.05 -51.02
C SER A 94 -11.82 -20.03 -51.86
N LEU A 95 -12.32 -21.25 -52.05
CA LEU A 95 -11.67 -22.26 -52.87
C LEU A 95 -12.21 -22.29 -54.30
N LYS A 96 -12.60 -21.13 -54.83
CA LYS A 96 -13.32 -21.06 -56.10
C LYS A 96 -12.48 -21.59 -57.25
N GLN A 97 -11.20 -21.22 -57.30
CA GLN A 97 -10.38 -21.60 -58.45
C GLN A 97 -10.05 -23.09 -58.44
N GLN A 98 -9.72 -23.65 -57.28
CA GLN A 98 -9.34 -25.06 -57.22
C GLN A 98 -10.55 -25.97 -57.43
N LEU A 99 -11.70 -25.60 -56.88
CA LEU A 99 -12.92 -26.39 -57.10
C LEU A 99 -13.36 -26.32 -58.55
N PHE A 100 -13.19 -25.15 -59.19
CA PHE A 100 -13.52 -25.02 -60.61
C PHE A 100 -12.64 -25.91 -61.47
N SER A 101 -11.37 -26.09 -61.06
CA SER A 101 -10.46 -26.96 -61.80
C SER A 101 -10.90 -28.42 -61.69
N TYR A 102 -11.39 -28.84 -60.53
CA TYR A 102 -11.82 -30.22 -60.37
C TYR A 102 -13.14 -30.48 -61.09
N ALA A 103 -14.04 -29.49 -61.12
CA ALA A 103 -15.30 -29.66 -61.83
C ALA A 103 -15.10 -29.68 -63.33
N ILE A 104 -14.20 -28.83 -63.83
CA ILE A 104 -13.83 -28.85 -65.24
C ILE A 104 -13.19 -30.18 -65.61
N LEU A 105 -12.39 -30.73 -64.69
CA LEU A 105 -11.88 -32.09 -64.85
C LEU A 105 -13.02 -33.11 -64.88
N GLY A 106 -14.07 -32.87 -64.10
CA GLY A 106 -15.24 -33.73 -64.19
C GLY A 106 -15.95 -33.63 -65.52
N PHE A 107 -16.02 -32.42 -66.09
CA PHE A 107 -16.66 -32.24 -67.39
C PHE A 107 -15.83 -32.86 -68.51
N ALA A 108 -14.51 -32.94 -68.32
CA ALA A 108 -13.64 -33.54 -69.34
C ALA A 108 -13.98 -34.99 -69.59
N LEU A 109 -14.23 -35.74 -68.52
CA LEU A 109 -14.55 -37.15 -68.65
C LEU A 109 -16.03 -37.41 -68.84
N SER A 110 -16.88 -36.42 -68.55
CA SER A 110 -18.32 -36.64 -68.65
C SER A 110 -18.78 -36.66 -70.11
N GLU A 111 -18.44 -35.63 -70.88
CA GLU A 111 -18.85 -35.58 -72.28
C GLU A 111 -18.07 -36.58 -73.13
N ALA A 112 -16.84 -36.89 -72.74
CA ALA A 112 -16.02 -37.81 -73.51
C ALA A 112 -16.60 -39.21 -73.55
N MET A 113 -17.31 -39.62 -72.49
CA MET A 113 -18.00 -40.91 -72.52
C MET A 113 -19.17 -40.89 -73.50
N GLY A 114 -19.85 -39.74 -73.61
CA GLY A 114 -20.87 -39.61 -74.63
C GLY A 114 -20.30 -39.50 -76.03
N LEU A 115 -19.07 -39.00 -76.15
CA LEU A 115 -18.43 -38.89 -77.46
C LEU A 115 -18.09 -40.27 -78.03
N PHE A 116 -17.88 -41.27 -77.16
CA PHE A 116 -17.65 -42.63 -77.64
C PHE A 116 -18.84 -43.14 -78.42
N CYS A 117 -20.04 -42.91 -77.91
CA CYS A 117 -21.25 -43.32 -78.62
C CYS A 117 -21.51 -42.42 -79.82
N LEU A 118 -21.17 -41.13 -79.71
CA LEU A 118 -21.32 -40.23 -80.85
C LEU A 118 -20.39 -40.61 -81.99
N MET A 119 -19.15 -41.02 -81.66
CA MET A 119 -18.26 -41.54 -82.68
C MET A 119 -18.79 -42.85 -83.26
N MET A 120 -19.36 -43.70 -82.41
CA MET A 120 -20.02 -44.91 -82.89
C MET A 120 -21.22 -44.56 -83.77
N ALA A 121 -21.93 -43.48 -83.43
CA ALA A 121 -22.98 -42.98 -84.31
C ALA A 121 -22.39 -42.48 -85.63
N PHE A 122 -21.25 -41.79 -85.57
CA PHE A 122 -20.61 -41.32 -86.79
C PHE A 122 -20.00 -42.48 -87.58
N LEU A 123 -19.61 -43.56 -86.90
CA LEU A 123 -19.11 -44.73 -87.61
C LEU A 123 -20.21 -45.43 -88.40
N LEU A 124 -21.43 -45.45 -87.87
CA LEU A 124 -22.56 -46.10 -88.54
C LEU A 124 -23.38 -45.11 -89.36
N LEU A 125 -22.95 -43.85 -89.45
CA LEU A 125 -23.67 -42.86 -90.25
C LEU A 125 -23.19 -42.90 -91.70
N PHE A 126 -21.91 -42.61 -91.93
CA PHE A 126 -21.34 -42.73 -93.26
C PHE A 126 -19.91 -43.25 -93.21
N ALA A 127 -19.60 -44.11 -92.23
CA ALA A 127 -18.29 -44.74 -92.17
C ALA A 127 -18.35 -46.26 -92.20
N PHE A 128 -19.46 -46.87 -91.78
CA PHE A 128 -19.67 -48.29 -91.97
C PHE A 128 -20.81 -48.53 -92.96
N ASP B 54 -40.66 -45.61 -97.87
CA ASP B 54 -39.42 -46.20 -98.40
C ASP B 54 -38.62 -46.85 -97.27
N ILE B 55 -37.79 -47.82 -97.64
CA ILE B 55 -36.99 -48.54 -96.65
C ILE B 55 -35.92 -47.63 -96.05
N ASP B 56 -35.19 -46.89 -96.90
CA ASP B 56 -34.17 -46.00 -96.39
C ASP B 56 -34.78 -44.76 -95.74
N SER B 57 -35.95 -44.33 -96.21
CA SER B 57 -36.66 -43.27 -95.51
C SER B 57 -37.11 -43.72 -94.13
N ALA B 58 -37.43 -45.01 -93.99
CA ALA B 58 -37.78 -45.55 -92.69
C ALA B 58 -36.56 -45.60 -91.77
N ALA B 59 -35.39 -45.90 -92.35
CA ALA B 59 -34.16 -45.92 -91.56
C ALA B 59 -33.81 -44.53 -91.03
N LYS B 60 -34.07 -43.50 -91.83
CA LYS B 60 -33.84 -42.14 -91.38
C LYS B 60 -34.77 -41.77 -90.23
N PHE B 61 -36.04 -42.14 -90.34
CA PHE B 61 -37.02 -41.79 -89.31
C PHE B 61 -36.75 -42.54 -88.02
N ILE B 62 -36.40 -43.82 -88.11
CA ILE B 62 -36.10 -44.61 -86.92
C ILE B 62 -34.85 -44.08 -86.24
N GLY B 63 -33.83 -43.71 -87.02
CA GLY B 63 -32.65 -43.08 -86.44
C GLY B 63 -32.97 -41.75 -85.79
N ALA B 64 -33.85 -40.95 -86.43
CA ALA B 64 -34.21 -39.64 -85.88
C ALA B 64 -34.96 -39.78 -84.57
N GLY B 65 -35.90 -40.73 -84.49
CA GLY B 65 -36.59 -40.98 -83.25
C GLY B 65 -35.66 -41.43 -82.14
N ALA B 66 -34.70 -42.30 -82.49
CA ALA B 66 -33.68 -42.71 -81.54
C ALA B 66 -32.58 -41.67 -81.38
N ALA B 67 -32.61 -40.59 -82.18
CA ALA B 67 -31.71 -39.46 -81.94
C ALA B 67 -32.30 -38.46 -80.95
N THR B 68 -33.60 -38.54 -80.67
CA THR B 68 -34.25 -37.69 -79.69
C THR B 68 -34.13 -38.26 -78.28
N VAL B 69 -33.37 -39.34 -78.11
CA VAL B 69 -33.21 -39.94 -76.79
C VAL B 69 -32.45 -39.01 -75.87
N GLY B 70 -31.36 -38.42 -76.36
CA GLY B 70 -30.50 -37.59 -75.54
C GLY B 70 -31.09 -36.28 -75.08
N VAL B 71 -32.28 -35.92 -75.57
CA VAL B 71 -33.00 -34.77 -75.01
C VAL B 71 -33.37 -35.04 -73.56
N ALA B 72 -33.56 -36.32 -73.20
CA ALA B 72 -33.77 -36.67 -71.80
C ALA B 72 -32.56 -36.35 -70.96
N GLY B 73 -31.36 -36.51 -71.52
CA GLY B 73 -30.15 -36.18 -70.80
C GLY B 73 -30.01 -34.69 -70.52
N SER B 74 -30.48 -33.86 -71.44
CA SER B 74 -30.50 -32.42 -71.19
C SER B 74 -31.45 -32.07 -70.06
N GLY B 75 -32.61 -32.73 -70.02
CA GLY B 75 -33.56 -32.46 -68.95
C GLY B 75 -33.03 -32.88 -67.59
N ALA B 76 -32.31 -34.00 -67.53
CA ALA B 76 -31.73 -34.43 -66.26
C ALA B 76 -30.58 -33.53 -65.85
N GLY B 77 -29.73 -33.14 -66.82
CA GLY B 77 -28.62 -32.27 -66.50
C GLY B 77 -29.06 -30.87 -66.09
N ILE B 78 -30.15 -30.37 -66.69
CA ILE B 78 -30.69 -29.08 -66.29
C ILE B 78 -31.35 -29.18 -64.92
N GLY B 79 -32.10 -30.25 -64.68
CA GLY B 79 -32.75 -30.42 -63.38
C GLY B 79 -31.77 -30.61 -62.24
N SER B 80 -30.65 -31.28 -62.52
CA SER B 80 -29.62 -31.43 -61.50
C SER B 80 -28.96 -30.10 -61.16
N VAL B 81 -28.62 -29.31 -62.19
CA VAL B 81 -27.92 -28.04 -61.95
C VAL B 81 -28.84 -27.05 -61.27
N PHE B 82 -30.06 -26.89 -61.79
CA PHE B 82 -30.98 -25.91 -61.23
C PHE B 82 -31.50 -26.32 -59.87
N GLY B 83 -31.65 -27.61 -59.62
CA GLY B 83 -31.98 -28.05 -58.27
C GLY B 83 -30.86 -27.78 -57.29
N SER B 84 -29.63 -28.11 -57.68
CA SER B 84 -28.49 -27.89 -56.79
C SER B 84 -28.20 -26.41 -56.59
N LEU B 85 -28.67 -25.56 -57.50
CA LEU B 85 -28.61 -24.13 -57.28
C LEU B 85 -29.49 -23.71 -56.11
N ILE B 86 -30.65 -24.36 -55.96
CA ILE B 86 -31.57 -24.03 -54.88
C ILE B 86 -30.94 -24.34 -53.52
N ILE B 87 -30.26 -25.48 -53.41
CA ILE B 87 -29.56 -25.80 -52.17
C ILE B 87 -28.39 -24.85 -51.96
N GLY B 88 -27.62 -24.58 -53.02
CA GLY B 88 -26.51 -23.64 -52.93
C GLY B 88 -26.94 -22.22 -52.64
N TYR B 89 -28.18 -21.86 -52.99
CA TYR B 89 -28.72 -20.55 -52.64
C TYR B 89 -29.49 -20.55 -51.34
N ALA B 90 -29.90 -21.73 -50.84
CA ALA B 90 -30.55 -21.80 -49.54
C ALA B 90 -29.63 -21.31 -48.43
N ARG B 91 -28.33 -21.49 -48.60
CA ARG B 91 -27.32 -20.78 -47.82
C ARG B 91 -26.79 -19.64 -48.66
N ASN B 92 -26.38 -18.56 -47.98
CA ASN B 92 -25.90 -17.32 -48.58
C ASN B 92 -26.93 -16.73 -49.55
N PRO B 93 -28.07 -16.21 -49.07
CA PRO B 93 -29.00 -15.53 -49.98
C PRO B 93 -28.44 -14.25 -50.59
N SER B 94 -27.41 -13.66 -49.99
CA SER B 94 -26.78 -12.47 -50.54
C SER B 94 -25.74 -12.80 -51.60
N LEU B 95 -25.52 -14.08 -51.89
CA LEU B 95 -24.59 -14.52 -52.93
C LEU B 95 -25.34 -14.95 -54.19
N LYS B 96 -26.41 -14.23 -54.52
CA LYS B 96 -27.28 -14.63 -55.62
C LYS B 96 -26.58 -14.57 -56.97
N GLN B 97 -25.90 -13.46 -57.26
CA GLN B 97 -25.46 -13.21 -58.63
C GLN B 97 -24.25 -14.04 -59.01
N GLN B 98 -23.31 -14.23 -58.09
CA GLN B 98 -22.10 -14.99 -58.42
C GLN B 98 -22.43 -16.46 -58.63
N LEU B 99 -23.26 -17.05 -57.77
CA LEU B 99 -23.64 -18.45 -57.93
C LEU B 99 -24.56 -18.65 -59.13
N PHE B 100 -25.30 -17.61 -59.51
CA PHE B 100 -26.18 -17.70 -60.68
C PHE B 100 -25.36 -17.88 -61.95
N SER B 101 -24.16 -17.31 -62.00
CA SER B 101 -23.29 -17.45 -63.17
C SER B 101 -22.85 -18.90 -63.36
N TYR B 102 -22.56 -19.60 -62.26
CA TYR B 102 -22.15 -21.00 -62.36
C TYR B 102 -23.30 -21.86 -62.89
N ALA B 103 -24.53 -21.57 -62.46
CA ALA B 103 -25.69 -22.37 -62.88
C ALA B 103 -25.97 -22.20 -64.36
N ILE B 104 -25.89 -20.96 -64.86
CA ILE B 104 -26.11 -20.71 -66.28
C ILE B 104 -25.00 -21.36 -67.11
N LEU B 105 -23.78 -21.37 -66.58
CA LEU B 105 -22.71 -22.15 -67.21
C LEU B 105 -23.05 -23.63 -67.23
N GLY B 106 -23.59 -24.14 -66.13
CA GLY B 106 -24.04 -25.53 -66.10
C GLY B 106 -25.21 -25.77 -67.02
N PHE B 107 -26.12 -24.79 -67.11
CA PHE B 107 -27.26 -24.91 -68.03
C PHE B 107 -26.81 -24.86 -69.48
N ALA B 108 -25.85 -23.99 -69.80
CA ALA B 108 -25.40 -23.85 -71.18
C ALA B 108 -24.70 -25.11 -71.66
N LEU B 109 -23.85 -25.71 -70.82
CA LEU B 109 -23.17 -26.93 -71.22
C LEU B 109 -24.13 -28.11 -71.32
N SER B 110 -25.08 -28.20 -70.38
CA SER B 110 -26.07 -29.27 -70.43
C SER B 110 -26.97 -29.12 -71.66
N GLU B 111 -27.38 -27.89 -71.97
CA GLU B 111 -28.19 -27.67 -73.17
C GLU B 111 -27.35 -27.82 -74.43
N ALA B 112 -26.04 -27.60 -74.34
CA ALA B 112 -25.17 -27.88 -75.48
C ALA B 112 -25.16 -29.36 -75.81
N MET B 113 -25.27 -30.21 -74.78
CA MET B 113 -25.47 -31.63 -75.03
C MET B 113 -26.85 -31.89 -75.62
N GLY B 114 -27.83 -31.06 -75.26
CA GLY B 114 -29.16 -31.19 -75.86
C GLY B 114 -29.15 -30.90 -77.35
N LEU B 115 -28.47 -29.83 -77.76
CA LEU B 115 -28.31 -29.57 -79.18
C LEU B 115 -27.33 -30.52 -79.83
N PHE B 116 -26.41 -31.11 -79.05
CA PHE B 116 -25.53 -32.14 -79.58
C PHE B 116 -26.32 -33.35 -80.03
N CYS B 117 -27.33 -33.74 -79.26
CA CYS B 117 -28.19 -34.84 -79.68
C CYS B 117 -29.15 -34.39 -80.76
N LEU B 118 -29.57 -33.12 -80.73
CA LEU B 118 -30.39 -32.57 -81.80
C LEU B 118 -29.61 -32.42 -83.10
N MET B 119 -28.28 -32.43 -83.04
CA MET B 119 -27.48 -32.48 -84.26
C MET B 119 -27.74 -33.75 -85.03
N MET B 120 -27.68 -34.89 -84.35
CA MET B 120 -27.94 -36.17 -85.01
C MET B 120 -29.41 -36.31 -85.38
N ALA B 121 -30.30 -35.55 -84.73
CA ALA B 121 -31.69 -35.51 -85.16
C ALA B 121 -31.81 -34.91 -86.56
N PHE B 122 -31.08 -33.84 -86.82
CA PHE B 122 -31.12 -33.22 -88.14
C PHE B 122 -30.39 -34.06 -89.18
N LEU B 123 -29.27 -34.69 -88.78
CA LEU B 123 -28.49 -35.50 -89.72
C LEU B 123 -29.27 -36.71 -90.20
N LEU B 124 -30.12 -37.28 -89.34
CA LEU B 124 -30.96 -38.41 -89.70
C LEU B 124 -32.31 -37.97 -90.23
N LEU B 125 -32.53 -36.66 -90.38
CA LEU B 125 -33.75 -36.15 -90.97
C LEU B 125 -33.55 -35.56 -92.35
N PHE B 126 -32.39 -34.96 -92.62
CA PHE B 126 -32.14 -34.37 -93.93
C PHE B 126 -30.76 -34.66 -94.51
N ALA B 127 -29.80 -35.16 -93.74
CA ALA B 127 -28.44 -35.36 -94.24
C ALA B 127 -28.15 -36.81 -94.56
N PHE B 128 -28.34 -37.71 -93.59
CA PHE B 128 -28.04 -39.12 -93.80
C PHE B 128 -29.23 -40.00 -93.44
N ASP C 54 -47.83 -46.93 -96.14
CA ASP C 54 -47.87 -47.71 -94.91
C ASP C 54 -46.47 -47.87 -94.33
N ILE C 55 -45.50 -48.12 -95.20
CA ILE C 55 -44.11 -48.25 -94.76
C ILE C 55 -43.60 -46.92 -94.21
N ASP C 56 -43.88 -45.81 -94.90
CA ASP C 56 -43.48 -44.51 -94.37
C ASP C 56 -44.39 -44.08 -93.23
N SER C 57 -45.63 -44.58 -93.19
CA SER C 57 -46.48 -44.36 -92.03
C SER C 57 -45.95 -45.12 -90.81
N ALA C 58 -45.42 -46.32 -91.04
CA ALA C 58 -44.82 -47.09 -89.95
C ALA C 58 -43.58 -46.39 -89.41
N ALA C 59 -42.80 -45.76 -90.30
CA ALA C 59 -41.62 -45.02 -89.87
C ALA C 59 -41.99 -43.85 -88.99
N LYS C 60 -43.08 -43.15 -89.32
CA LYS C 60 -43.53 -42.02 -88.50
C LYS C 60 -43.98 -42.49 -87.12
N PHE C 61 -44.69 -43.61 -87.05
CA PHE C 61 -45.19 -44.07 -85.76
C PHE C 61 -44.06 -44.62 -84.89
N ILE C 62 -43.11 -45.32 -85.48
CA ILE C 62 -41.95 -45.79 -84.73
C ILE C 62 -41.06 -44.62 -84.34
N GLY C 63 -40.85 -43.68 -85.27
CA GLY C 63 -40.04 -42.51 -84.95
C GLY C 63 -40.65 -41.65 -83.86
N ALA C 64 -41.98 -41.53 -83.85
CA ALA C 64 -42.64 -40.80 -82.78
C ALA C 64 -42.55 -41.54 -81.45
N GLY C 65 -42.74 -42.86 -81.48
CA GLY C 65 -42.67 -43.64 -80.26
C GLY C 65 -41.27 -43.71 -79.68
N ALA C 66 -40.25 -43.51 -80.51
CA ALA C 66 -38.88 -43.46 -80.03
C ALA C 66 -38.45 -42.06 -79.64
N ALA C 67 -39.15 -41.03 -80.11
CA ALA C 67 -38.81 -39.66 -79.76
C ALA C 67 -39.56 -39.14 -78.54
N THR C 68 -40.55 -39.90 -78.05
CA THR C 68 -41.33 -39.49 -76.89
C THR C 68 -40.74 -40.00 -75.58
N VAL C 69 -39.50 -40.51 -75.61
CA VAL C 69 -38.83 -40.92 -74.39
C VAL C 69 -38.04 -39.78 -73.76
N GLY C 70 -37.94 -38.64 -74.43
CA GLY C 70 -37.28 -37.48 -73.84
C GLY C 70 -38.02 -36.87 -72.68
N VAL C 71 -39.31 -37.16 -72.56
CA VAL C 71 -40.08 -36.65 -71.42
C VAL C 71 -39.71 -37.38 -70.13
N ALA C 72 -39.05 -38.54 -70.24
CA ALA C 72 -38.54 -39.20 -69.04
C ALA C 72 -37.45 -38.36 -68.38
N GLY C 73 -36.60 -37.72 -69.18
CA GLY C 73 -35.59 -36.84 -68.63
C GLY C 73 -36.17 -35.61 -67.96
N SER C 74 -37.22 -35.04 -68.54
CA SER C 74 -37.90 -33.93 -67.88
C SER C 74 -38.60 -34.40 -66.61
N GLY C 75 -39.04 -35.65 -66.60
CA GLY C 75 -39.59 -36.21 -65.36
C GLY C 75 -38.54 -36.34 -64.27
N ALA C 76 -37.31 -36.66 -64.65
CA ALA C 76 -36.24 -36.71 -63.67
C ALA C 76 -35.76 -35.32 -63.30
N GLY C 77 -35.70 -34.41 -64.26
CA GLY C 77 -35.26 -33.05 -63.98
C GLY C 77 -36.22 -32.29 -63.08
N ILE C 78 -37.52 -32.53 -63.26
CA ILE C 78 -38.52 -31.96 -62.35
C ILE C 78 -38.32 -32.52 -60.96
N GLY C 79 -38.07 -33.83 -60.86
CA GLY C 79 -37.88 -34.46 -59.56
C GLY C 79 -36.63 -33.97 -58.85
N SER C 80 -35.60 -33.63 -59.61
CA SER C 80 -34.37 -33.12 -59.00
C SER C 80 -34.57 -31.74 -58.40
N VAL C 81 -35.20 -30.83 -59.16
CA VAL C 81 -35.38 -29.46 -58.68
C VAL C 81 -36.38 -29.43 -57.52
N PHE C 82 -37.54 -30.07 -57.71
CA PHE C 82 -38.52 -30.11 -56.63
C PHE C 82 -38.02 -30.92 -55.45
N GLY C 83 -37.18 -31.93 -55.71
CA GLY C 83 -36.52 -32.61 -54.60
C GLY C 83 -35.56 -31.70 -53.85
N SER C 84 -34.74 -30.95 -54.58
CA SER C 84 -33.79 -30.06 -53.92
C SER C 84 -34.49 -28.88 -53.27
N LEU C 85 -35.69 -28.54 -53.75
CA LEU C 85 -36.46 -27.47 -53.12
C LEU C 85 -36.87 -27.84 -51.71
N ILE C 86 -37.22 -29.11 -51.49
CA ILE C 86 -37.64 -29.57 -50.17
C ILE C 86 -36.48 -29.47 -49.18
N ILE C 87 -35.29 -29.90 -49.60
CA ILE C 87 -34.12 -29.79 -48.74
C ILE C 87 -33.74 -28.33 -48.55
N GLY C 88 -33.73 -27.57 -49.63
CA GLY C 88 -33.38 -26.16 -49.54
C GLY C 88 -34.36 -25.30 -48.79
N TYR C 89 -35.58 -25.78 -48.56
CA TYR C 89 -36.53 -25.03 -47.76
C TYR C 89 -36.56 -25.49 -46.30
N ALA C 90 -36.14 -26.72 -46.02
CA ALA C 90 -35.97 -27.13 -44.63
C ALA C 90 -34.89 -26.31 -43.94
N ARG C 91 -33.80 -26.05 -44.64
CA ARG C 91 -32.74 -25.17 -44.16
C ARG C 91 -33.05 -23.75 -44.61
N ASN C 92 -33.13 -22.82 -43.65
CA ASN C 92 -33.44 -21.41 -43.85
C ASN C 92 -34.78 -21.22 -44.57
N PRO C 93 -35.91 -21.49 -43.92
CA PRO C 93 -37.20 -21.34 -44.60
C PRO C 93 -37.61 -19.89 -44.85
N SER C 94 -36.89 -18.91 -44.31
CA SER C 94 -37.29 -17.52 -44.46
C SER C 94 -37.03 -16.96 -45.86
N LEU C 95 -36.34 -17.71 -46.72
CA LEU C 95 -36.06 -17.28 -48.09
C LEU C 95 -37.05 -17.87 -49.08
N LYS C 96 -38.31 -18.01 -48.66
CA LYS C 96 -39.30 -18.80 -49.40
C LYS C 96 -39.57 -18.25 -50.80
N GLN C 97 -39.71 -16.94 -50.91
CA GLN C 97 -40.18 -16.35 -52.17
C GLN C 97 -39.15 -16.50 -53.28
N GLN C 98 -37.89 -16.21 -52.98
CA GLN C 98 -36.86 -16.35 -54.01
C GLN C 98 -36.48 -17.80 -54.24
N LEU C 99 -36.62 -18.65 -53.21
CA LEU C 99 -36.44 -20.09 -53.41
C LEU C 99 -37.49 -20.65 -54.35
N PHE C 100 -38.74 -20.25 -54.17
CA PHE C 100 -39.82 -20.70 -55.05
C PHE C 100 -39.62 -20.19 -56.47
N SER C 101 -39.04 -18.99 -56.60
CA SER C 101 -38.79 -18.42 -57.92
C SER C 101 -37.75 -19.22 -58.68
N TYR C 102 -36.67 -19.62 -58.00
CA TYR C 102 -35.65 -20.44 -58.65
C TYR C 102 -36.18 -21.84 -58.95
N ALA C 103 -37.07 -22.36 -58.09
CA ALA C 103 -37.69 -23.64 -58.36
C ALA C 103 -38.58 -23.57 -59.60
N ILE C 104 -39.35 -22.49 -59.73
CA ILE C 104 -40.14 -22.31 -60.94
C ILE C 104 -39.23 -22.07 -62.14
N LEU C 105 -38.12 -21.36 -61.93
CA LEU C 105 -37.13 -21.23 -62.99
C LEU C 105 -36.54 -22.58 -63.37
N GLY C 106 -36.29 -23.44 -62.38
CA GLY C 106 -35.83 -24.79 -62.67
C GLY C 106 -36.86 -25.59 -63.44
N PHE C 107 -38.14 -25.45 -63.07
CA PHE C 107 -39.20 -26.12 -63.79
C PHE C 107 -39.40 -25.55 -65.18
N ALA C 108 -39.22 -24.23 -65.32
CA ALA C 108 -39.47 -23.58 -66.61
C ALA C 108 -38.38 -23.87 -67.63
N LEU C 109 -37.27 -24.49 -67.22
CA LEU C 109 -36.29 -24.92 -68.20
C LEU C 109 -36.24 -26.44 -68.34
N SER C 110 -36.49 -27.17 -67.25
CA SER C 110 -36.48 -28.63 -67.34
C SER C 110 -37.68 -29.13 -68.14
N GLU C 111 -38.88 -28.62 -67.84
CA GLU C 111 -40.06 -29.04 -68.59
C GLU C 111 -40.06 -28.51 -70.01
N ALA C 112 -39.48 -27.32 -70.23
CA ALA C 112 -39.43 -26.75 -71.57
C ALA C 112 -38.55 -27.57 -72.49
N MET C 113 -37.40 -28.04 -72.01
CA MET C 113 -36.59 -28.94 -72.81
C MET C 113 -37.23 -30.32 -72.92
N GLY C 114 -38.19 -30.64 -72.06
CA GLY C 114 -39.03 -31.81 -72.30
C GLY C 114 -39.93 -31.62 -73.52
N LEU C 115 -40.45 -30.40 -73.70
CA LEU C 115 -41.25 -30.12 -74.88
C LEU C 115 -40.40 -29.99 -76.14
N PHE C 116 -39.08 -29.87 -75.99
CA PHE C 116 -38.20 -29.88 -77.17
C PHE C 116 -38.29 -31.21 -77.91
N CYS C 117 -38.35 -32.32 -77.17
CA CYS C 117 -38.52 -33.61 -77.81
C CYS C 117 -39.96 -33.82 -78.26
N LEU C 118 -40.93 -33.30 -77.50
CA LEU C 118 -42.33 -33.45 -77.90
C LEU C 118 -42.62 -32.68 -79.19
N MET C 119 -41.92 -31.57 -79.41
CA MET C 119 -42.00 -30.91 -80.70
C MET C 119 -41.42 -31.79 -81.81
N MET C 120 -40.28 -32.42 -81.54
CA MET C 120 -39.70 -33.35 -82.51
C MET C 120 -40.57 -34.59 -82.66
N ALA C 121 -41.36 -34.93 -81.63
CA ALA C 121 -42.32 -36.02 -81.76
C ALA C 121 -43.37 -35.70 -82.83
N PHE C 122 -43.89 -34.48 -82.82
CA PHE C 122 -44.83 -34.08 -83.86
C PHE C 122 -44.14 -33.83 -85.19
N LEU C 123 -42.87 -33.43 -85.16
CA LEU C 123 -42.11 -33.28 -86.40
C LEU C 123 -41.87 -34.63 -87.08
N LEU C 124 -41.89 -35.72 -86.34
CA LEU C 124 -41.83 -37.05 -86.92
C LEU C 124 -43.19 -37.68 -87.09
N LEU C 125 -44.26 -36.98 -86.71
CA LEU C 125 -45.61 -37.53 -86.74
C LEU C 125 -46.43 -36.94 -87.89
N PHE C 126 -46.56 -35.62 -87.95
CA PHE C 126 -47.38 -34.97 -88.96
C PHE C 126 -46.60 -34.12 -89.93
N ALA C 127 -45.63 -33.34 -89.46
CA ALA C 127 -44.97 -32.36 -90.31
C ALA C 127 -44.04 -33.04 -91.31
N PHE C 128 -43.24 -34.00 -90.87
CA PHE C 128 -42.28 -34.64 -91.76
C PHE C 128 -42.37 -36.16 -91.69
N ASP D 54 -52.43 -54.81 -91.71
CA ASP D 54 -52.31 -54.79 -90.26
C ASP D 54 -50.95 -54.26 -89.85
N ILE D 55 -50.11 -53.93 -90.84
CA ILE D 55 -48.78 -53.42 -90.56
C ILE D 55 -48.86 -52.04 -89.92
N ASP D 56 -49.79 -51.20 -90.38
CA ASP D 56 -49.97 -49.88 -89.78
C ASP D 56 -50.43 -49.98 -88.34
N SER D 57 -51.33 -50.92 -88.06
CA SER D 57 -51.71 -51.17 -86.67
C SER D 57 -50.57 -51.82 -85.90
N ALA D 58 -49.75 -52.63 -86.58
CA ALA D 58 -48.59 -53.24 -85.92
C ALA D 58 -47.58 -52.19 -85.50
N ALA D 59 -47.33 -51.19 -86.37
CA ALA D 59 -46.43 -50.10 -86.02
C ALA D 59 -46.97 -49.28 -84.86
N LYS D 60 -48.29 -49.10 -84.79
CA LYS D 60 -48.89 -48.36 -83.69
C LYS D 60 -48.73 -49.11 -82.37
N PHE D 61 -48.75 -50.45 -82.42
CA PHE D 61 -48.54 -51.22 -81.19
C PHE D 61 -47.10 -51.11 -80.71
N ILE D 62 -46.15 -51.13 -81.65
CA ILE D 62 -44.75 -50.91 -81.29
C ILE D 62 -44.54 -49.48 -80.82
N GLY D 63 -45.20 -48.52 -81.50
CA GLY D 63 -45.03 -47.12 -81.13
C GLY D 63 -45.57 -46.80 -79.76
N ALA D 64 -46.74 -47.34 -79.42
CA ALA D 64 -47.28 -47.15 -78.07
C ALA D 64 -46.41 -47.87 -77.04
N GLY D 65 -45.91 -49.06 -77.38
CA GLY D 65 -45.05 -49.78 -76.46
C GLY D 65 -43.75 -49.06 -76.18
N ALA D 66 -43.22 -48.39 -77.19
CA ALA D 66 -42.05 -47.55 -76.99
C ALA D 66 -42.39 -46.21 -76.38
N ALA D 67 -43.67 -45.88 -76.25
CA ALA D 67 -44.07 -44.62 -75.64
C ALA D 67 -44.32 -44.75 -74.14
N THR D 68 -44.52 -45.96 -73.64
CA THR D 68 -44.75 -46.16 -72.21
C THR D 68 -43.47 -46.18 -71.40
N VAL D 69 -42.32 -45.90 -72.01
CA VAL D 69 -41.09 -45.77 -71.24
C VAL D 69 -41.02 -44.46 -70.48
N GLY D 70 -41.91 -43.51 -70.79
CA GLY D 70 -41.95 -42.26 -70.05
C GLY D 70 -42.38 -42.40 -68.60
N VAL D 71 -42.95 -43.55 -68.23
CA VAL D 71 -43.23 -43.84 -66.83
C VAL D 71 -41.95 -43.87 -66.01
N ALA D 72 -40.81 -44.18 -66.64
CA ALA D 72 -39.54 -44.14 -65.93
C ALA D 72 -39.22 -42.73 -65.44
N GLY D 73 -39.68 -41.71 -66.17
CA GLY D 73 -39.55 -40.36 -65.67
C GLY D 73 -40.36 -40.10 -64.43
N SER D 74 -41.54 -40.72 -64.34
CA SER D 74 -42.33 -40.60 -63.13
C SER D 74 -41.70 -41.34 -61.96
N GLY D 75 -41.03 -42.46 -62.24
CA GLY D 75 -40.45 -43.24 -61.17
C GLY D 75 -39.30 -42.54 -60.48
N ALA D 76 -38.37 -42.00 -61.28
CA ALA D 76 -37.20 -41.34 -60.69
C ALA D 76 -37.57 -40.05 -60.00
N GLY D 77 -38.49 -39.28 -60.60
CA GLY D 77 -38.90 -38.02 -60.01
C GLY D 77 -39.64 -38.20 -58.69
N ILE D 78 -40.55 -39.17 -58.63
CA ILE D 78 -41.24 -39.47 -57.38
C ILE D 78 -40.26 -40.02 -56.35
N GLY D 79 -39.35 -40.89 -56.78
CA GLY D 79 -38.37 -41.44 -55.86
C GLY D 79 -37.41 -40.40 -55.33
N SER D 80 -36.99 -39.46 -56.19
CA SER D 80 -36.05 -38.44 -55.73
C SER D 80 -36.73 -37.42 -54.85
N VAL D 81 -37.95 -37.00 -55.19
CA VAL D 81 -38.65 -35.99 -54.41
C VAL D 81 -39.00 -36.53 -53.03
N PHE D 82 -39.59 -37.73 -52.98
CA PHE D 82 -40.02 -38.26 -51.70
C PHE D 82 -38.85 -38.74 -50.87
N GLY D 83 -37.74 -39.11 -51.51
CA GLY D 83 -36.51 -39.32 -50.76
C GLY D 83 -35.98 -38.04 -50.15
N SER D 84 -35.99 -36.95 -50.92
CA SER D 84 -35.55 -35.66 -50.40
C SER D 84 -36.46 -35.16 -49.30
N LEU D 85 -37.74 -35.54 -49.34
CA LEU D 85 -38.65 -35.19 -48.26
C LEU D 85 -38.23 -35.84 -46.95
N ILE D 86 -37.66 -37.05 -47.03
CA ILE D 86 -37.15 -37.71 -45.82
C ILE D 86 -36.03 -36.90 -45.20
N ILE D 87 -35.13 -36.37 -46.03
CA ILE D 87 -34.05 -35.53 -45.51
C ILE D 87 -34.62 -34.21 -45.00
N GLY D 88 -35.56 -33.62 -45.74
CA GLY D 88 -36.16 -32.36 -45.35
C GLY D 88 -37.08 -32.44 -44.16
N TYR D 89 -37.54 -33.64 -43.80
CA TYR D 89 -38.35 -33.84 -42.60
C TYR D 89 -37.54 -34.46 -41.47
N ALA D 90 -36.34 -34.97 -41.76
CA ALA D 90 -35.46 -35.42 -40.69
C ALA D 90 -35.02 -34.26 -39.81
N ARG D 91 -34.69 -33.13 -40.42
CA ARG D 91 -34.43 -31.89 -39.70
C ARG D 91 -35.49 -30.87 -40.04
N ASN D 92 -35.75 -29.96 -39.10
CA ASN D 92 -36.85 -29.00 -39.13
C ASN D 92 -38.20 -29.67 -39.36
N PRO D 93 -38.71 -30.46 -38.41
CA PRO D 93 -40.05 -31.02 -38.58
C PRO D 93 -41.17 -30.06 -38.22
N SER D 94 -40.84 -28.83 -37.83
CA SER D 94 -41.88 -27.86 -37.49
C SER D 94 -42.64 -27.39 -38.72
N LEU D 95 -41.97 -27.36 -39.88
CA LEU D 95 -42.60 -26.98 -41.13
C LEU D 95 -43.02 -28.20 -41.95
N LYS D 96 -43.38 -29.29 -41.28
CA LYS D 96 -43.68 -30.55 -41.96
C LYS D 96 -44.96 -30.48 -42.79
N GLN D 97 -45.76 -29.43 -42.65
CA GLN D 97 -46.91 -29.24 -43.52
C GLN D 97 -46.59 -28.36 -44.72
N GLN D 98 -45.64 -27.43 -44.56
CA GLN D 98 -45.24 -26.59 -45.69
C GLN D 98 -44.38 -27.38 -46.67
N LEU D 99 -43.45 -28.19 -46.14
CA LEU D 99 -42.60 -28.99 -47.02
C LEU D 99 -43.39 -30.10 -47.71
N PHE D 100 -44.32 -30.73 -46.98
CA PHE D 100 -45.14 -31.79 -47.56
C PHE D 100 -46.00 -31.27 -48.69
N SER D 101 -46.55 -30.06 -48.54
CA SER D 101 -47.33 -29.46 -49.61
C SER D 101 -46.49 -29.17 -50.83
N TYR D 102 -45.24 -28.73 -50.61
CA TYR D 102 -44.36 -28.46 -51.74
C TYR D 102 -43.94 -29.73 -52.46
N ALA D 103 -43.74 -30.81 -51.70
CA ALA D 103 -43.34 -32.07 -52.32
C ALA D 103 -44.47 -32.70 -53.11
N ILE D 104 -45.71 -32.61 -52.62
CA ILE D 104 -46.85 -33.11 -53.37
C ILE D 104 -47.04 -32.32 -54.65
N LEU D 105 -46.74 -31.01 -54.62
CA LEU D 105 -46.69 -30.23 -55.84
C LEU D 105 -45.61 -30.76 -56.78
N GLY D 106 -44.44 -31.10 -56.23
CA GLY D 106 -43.39 -31.69 -57.06
C GLY D 106 -43.76 -33.07 -57.57
N PHE D 107 -44.42 -33.86 -56.73
CA PHE D 107 -44.89 -35.19 -57.15
C PHE D 107 -45.93 -35.08 -58.26
N ALA D 108 -46.83 -34.09 -58.14
CA ALA D 108 -47.87 -33.93 -59.15
C ALA D 108 -47.29 -33.54 -60.50
N LEU D 109 -46.31 -32.63 -60.51
CA LEU D 109 -45.69 -32.25 -61.77
C LEU D 109 -44.84 -33.37 -62.34
N SER D 110 -44.15 -34.12 -61.47
CA SER D 110 -43.35 -35.24 -61.95
C SER D 110 -44.23 -36.35 -62.51
N GLU D 111 -45.34 -36.65 -61.83
CA GLU D 111 -46.27 -37.66 -62.32
C GLU D 111 -47.06 -37.18 -63.53
N ALA D 112 -47.17 -35.86 -63.72
CA ALA D 112 -47.83 -35.34 -64.90
C ALA D 112 -47.06 -35.68 -66.17
N MET D 113 -45.73 -35.70 -66.11
CA MET D 113 -44.94 -36.12 -67.26
C MET D 113 -45.15 -37.59 -67.56
N GLY D 114 -45.35 -38.40 -66.53
CA GLY D 114 -45.68 -39.80 -66.75
C GLY D 114 -47.04 -39.98 -67.42
N LEU D 115 -48.01 -39.15 -67.04
CA LEU D 115 -49.30 -39.17 -67.71
C LEU D 115 -49.22 -38.57 -69.10
N PHE D 116 -48.23 -37.71 -69.35
CA PHE D 116 -48.03 -37.17 -70.69
C PHE D 116 -47.63 -38.27 -71.67
N CYS D 117 -46.73 -39.15 -71.25
CA CYS D 117 -46.31 -40.26 -72.11
C CYS D 117 -47.36 -41.36 -72.16
N LEU D 118 -48.13 -41.52 -71.08
CA LEU D 118 -49.27 -42.45 -71.13
C LEU D 118 -50.31 -41.97 -72.12
N MET D 119 -50.54 -40.65 -72.16
CA MET D 119 -51.41 -40.08 -73.19
C MET D 119 -50.85 -40.29 -74.58
N MET D 120 -49.52 -40.11 -74.74
CA MET D 120 -48.90 -40.28 -76.05
C MET D 120 -48.96 -41.72 -76.51
N ALA D 121 -48.92 -42.68 -75.58
CA ALA D 121 -49.12 -44.08 -75.95
C ALA D 121 -50.52 -44.31 -76.48
N PHE D 122 -51.52 -43.70 -75.85
CA PHE D 122 -52.87 -43.80 -76.35
C PHE D 122 -53.10 -42.90 -77.56
N LEU D 123 -52.28 -41.86 -77.74
CA LEU D 123 -52.39 -41.00 -78.90
C LEU D 123 -51.89 -41.68 -80.17
N LEU D 124 -51.02 -42.67 -80.03
CA LEU D 124 -50.61 -43.51 -81.14
C LEU D 124 -51.40 -44.81 -81.20
N LEU D 125 -52.49 -44.90 -80.44
CA LEU D 125 -53.27 -46.13 -80.32
C LEU D 125 -54.66 -45.99 -80.92
N PHE D 126 -55.45 -45.01 -80.48
CA PHE D 126 -56.81 -44.82 -80.96
C PHE D 126 -57.07 -43.36 -81.28
N ALA D 127 -56.14 -42.71 -81.98
CA ALA D 127 -56.31 -41.31 -82.30
C ALA D 127 -56.01 -41.01 -83.77
N PHE D 128 -55.24 -41.89 -84.42
CA PHE D 128 -54.87 -41.66 -85.82
C PHE D 128 -55.46 -42.74 -86.72
N ASP E 54 -49.47 -62.40 -89.20
CA ASP E 54 -48.86 -62.89 -87.96
C ASP E 54 -47.97 -61.81 -87.35
N ILE E 55 -47.90 -60.66 -88.02
CA ILE E 55 -47.06 -59.57 -87.52
C ILE E 55 -47.71 -58.83 -86.36
N ASP E 56 -49.02 -59.00 -86.14
CA ASP E 56 -49.65 -58.37 -84.99
C ASP E 56 -49.18 -59.00 -83.69
N SER E 57 -49.05 -60.33 -83.66
CA SER E 57 -48.44 -60.97 -82.50
C SER E 57 -46.97 -60.63 -82.40
N ALA E 58 -46.31 -60.44 -83.54
CA ALA E 58 -44.90 -60.00 -83.53
C ALA E 58 -44.76 -58.61 -82.95
N ALA E 59 -45.65 -57.69 -83.33
CA ALA E 59 -45.57 -56.33 -82.84
C ALA E 59 -45.88 -56.25 -81.34
N LYS E 60 -46.75 -57.12 -80.86
CA LYS E 60 -47.04 -57.16 -79.43
C LYS E 60 -45.83 -57.60 -78.64
N PHE E 61 -45.07 -58.56 -79.16
CA PHE E 61 -43.89 -59.06 -78.46
C PHE E 61 -42.82 -57.98 -78.34
N ILE E 62 -42.59 -57.23 -79.42
CA ILE E 62 -41.62 -56.14 -79.36
C ILE E 62 -42.14 -55.00 -78.49
N GLY E 63 -43.42 -54.68 -78.61
CA GLY E 63 -43.98 -53.59 -77.83
C GLY E 63 -43.99 -53.86 -76.34
N ALA E 64 -44.38 -55.08 -75.95
CA ALA E 64 -44.38 -55.42 -74.52
C ALA E 64 -42.97 -55.49 -73.98
N GLY E 65 -42.00 -55.88 -74.81
CA GLY E 65 -40.61 -55.81 -74.38
C GLY E 65 -40.14 -54.38 -74.17
N ALA E 66 -40.51 -53.49 -75.08
CA ALA E 66 -40.12 -52.09 -74.93
C ALA E 66 -40.95 -51.38 -73.87
N ALA E 67 -42.16 -51.85 -73.60
CA ALA E 67 -42.95 -51.28 -72.51
C ALA E 67 -42.37 -51.60 -71.15
N THR E 68 -41.72 -52.76 -71.02
CA THR E 68 -41.20 -53.20 -69.74
C THR E 68 -39.94 -52.46 -69.30
N VAL E 69 -39.41 -51.58 -70.15
CA VAL E 69 -38.28 -50.76 -69.72
C VAL E 69 -38.72 -49.78 -68.64
N GLY E 70 -40.00 -49.39 -68.62
CA GLY E 70 -40.47 -48.36 -67.73
C GLY E 70 -40.37 -48.70 -66.25
N VAL E 71 -40.17 -49.98 -65.92
CA VAL E 71 -39.94 -50.36 -64.54
C VAL E 71 -38.54 -50.01 -64.06
N ALA E 72 -37.67 -49.55 -64.96
CA ALA E 72 -36.36 -49.07 -64.52
C ALA E 72 -36.50 -47.80 -63.69
N GLY E 73 -37.39 -46.89 -64.09
CA GLY E 73 -37.60 -45.68 -63.31
C GLY E 73 -38.11 -45.95 -61.91
N SER E 74 -38.91 -47.02 -61.76
CA SER E 74 -39.26 -47.47 -60.41
C SER E 74 -38.04 -47.98 -59.67
N GLY E 75 -37.13 -48.65 -60.37
CA GLY E 75 -35.94 -49.18 -59.72
C GLY E 75 -35.04 -48.08 -59.19
N ALA E 76 -34.80 -47.05 -59.98
CA ALA E 76 -33.94 -45.95 -59.54
C ALA E 76 -34.61 -45.14 -58.45
N GLY E 77 -35.93 -44.96 -58.54
CA GLY E 77 -36.63 -44.19 -57.52
C GLY E 77 -36.64 -44.87 -56.16
N ILE E 78 -36.83 -46.19 -56.15
CA ILE E 78 -36.82 -46.94 -54.90
C ILE E 78 -35.44 -46.89 -54.28
N GLY E 79 -34.40 -47.05 -55.10
CA GLY E 79 -33.04 -46.94 -54.59
C GLY E 79 -32.69 -45.53 -54.17
N SER E 80 -33.42 -44.54 -54.67
CA SER E 80 -33.18 -43.18 -54.22
C SER E 80 -33.85 -42.91 -52.89
N VAL E 81 -35.12 -43.29 -52.75
CA VAL E 81 -35.84 -42.94 -51.53
C VAL E 81 -35.31 -43.71 -50.33
N PHE E 82 -34.96 -44.99 -50.51
CA PHE E 82 -34.40 -45.72 -49.39
C PHE E 82 -32.94 -45.38 -49.19
N GLY E 83 -32.28 -44.80 -50.19
CA GLY E 83 -30.99 -44.18 -49.94
C GLY E 83 -31.13 -42.95 -49.06
N SER E 84 -32.03 -42.04 -49.43
CA SER E 84 -32.25 -40.85 -48.61
C SER E 84 -32.89 -41.17 -47.27
N LEU E 85 -33.54 -42.33 -47.15
CA LEU E 85 -34.01 -42.77 -45.85
C LEU E 85 -32.86 -43.02 -44.90
N ILE E 86 -31.75 -43.54 -45.42
CA ILE E 86 -30.55 -43.77 -44.61
C ILE E 86 -30.00 -42.44 -44.10
N ILE E 87 -29.89 -41.45 -44.99
CA ILE E 87 -29.43 -40.13 -44.58
C ILE E 87 -30.42 -39.51 -43.61
N GLY E 88 -31.72 -39.67 -43.87
CA GLY E 88 -32.73 -39.18 -42.94
C GLY E 88 -32.69 -39.87 -41.60
N TYR E 89 -32.40 -41.17 -41.57
CA TYR E 89 -32.27 -41.85 -40.30
C TYR E 89 -30.98 -41.47 -39.57
N ALA E 90 -29.92 -41.14 -40.31
CA ALA E 90 -28.67 -40.77 -39.67
C ALA E 90 -28.74 -39.39 -39.02
N ARG E 91 -29.65 -38.54 -39.47
CA ARG E 91 -29.82 -37.19 -38.95
C ARG E 91 -31.16 -37.12 -38.22
N ASN E 92 -31.10 -36.95 -36.90
CA ASN E 92 -32.26 -36.95 -36.00
C ASN E 92 -33.01 -38.27 -36.11
N PRO E 93 -32.46 -39.37 -35.58
CA PRO E 93 -33.16 -40.66 -35.66
C PRO E 93 -34.35 -40.77 -34.72
N SER E 94 -34.66 -39.75 -33.92
CA SER E 94 -35.76 -39.84 -32.97
C SER E 94 -37.13 -39.85 -33.65
N LEU E 95 -37.19 -39.48 -34.94
CA LEU E 95 -38.42 -39.57 -35.72
C LEU E 95 -38.40 -40.76 -36.66
N LYS E 96 -37.90 -41.90 -36.19
CA LYS E 96 -37.66 -43.07 -37.03
C LYS E 96 -38.95 -43.56 -37.70
N GLN E 97 -40.01 -43.73 -36.92
CA GLN E 97 -41.22 -44.32 -37.46
C GLN E 97 -41.95 -43.35 -38.38
N GLN E 98 -41.91 -42.05 -38.08
CA GLN E 98 -42.52 -41.08 -38.96
C GLN E 98 -41.77 -40.98 -40.29
N LEU E 99 -40.43 -41.01 -40.23
CA LEU E 99 -39.64 -40.99 -41.46
C LEU E 99 -39.83 -42.27 -42.26
N PHE E 100 -39.88 -43.41 -41.58
CA PHE E 100 -40.11 -44.68 -42.27
C PHE E 100 -41.50 -44.73 -42.88
N SER E 101 -42.47 -44.08 -42.24
CA SER E 101 -43.82 -44.03 -42.79
C SER E 101 -43.87 -43.28 -44.12
N TYR E 102 -43.19 -42.13 -44.18
CA TYR E 102 -43.13 -41.39 -45.44
C TYR E 102 -42.25 -42.10 -46.46
N ALA E 103 -41.30 -42.91 -45.99
CA ALA E 103 -40.49 -43.71 -46.90
C ALA E 103 -41.32 -44.78 -47.60
N ILE E 104 -42.24 -45.41 -46.86
CA ILE E 104 -43.14 -46.38 -47.49
C ILE E 104 -44.10 -45.68 -48.44
N LEU E 105 -44.55 -44.47 -48.08
CA LEU E 105 -45.37 -43.69 -49.00
C LEU E 105 -44.60 -43.34 -50.26
N GLY E 106 -43.29 -43.09 -50.13
CA GLY E 106 -42.47 -42.96 -51.32
C GLY E 106 -42.40 -44.24 -52.12
N PHE E 107 -42.25 -45.38 -51.44
CA PHE E 107 -42.22 -46.66 -52.12
C PHE E 107 -43.56 -46.98 -52.76
N ALA E 108 -44.65 -46.64 -52.08
CA ALA E 108 -45.97 -46.90 -52.63
C ALA E 108 -46.37 -45.93 -53.72
N LEU E 109 -45.57 -44.89 -53.97
CA LEU E 109 -45.83 -43.99 -55.09
C LEU E 109 -44.86 -44.16 -56.24
N SER E 110 -43.78 -44.93 -56.05
CA SER E 110 -42.82 -45.19 -57.11
C SER E 110 -43.04 -46.56 -57.75
N GLU E 111 -43.01 -47.62 -56.93
CA GLU E 111 -43.23 -48.97 -57.43
C GLU E 111 -44.63 -49.14 -58.00
N ALA E 112 -45.59 -48.36 -57.48
CA ALA E 112 -46.93 -48.37 -58.07
C ALA E 112 -46.89 -47.87 -59.51
N MET E 113 -46.11 -46.83 -59.78
CA MET E 113 -45.94 -46.39 -61.16
C MET E 113 -45.21 -47.43 -61.99
N GLY E 114 -44.24 -48.13 -61.39
CA GLY E 114 -43.55 -49.18 -62.10
C GLY E 114 -44.46 -50.34 -62.46
N LEU E 115 -45.29 -50.77 -61.50
CA LEU E 115 -46.27 -51.80 -61.80
C LEU E 115 -47.46 -51.26 -62.58
N PHE E 116 -47.64 -49.94 -62.61
CA PHE E 116 -48.57 -49.35 -63.57
C PHE E 116 -48.04 -49.54 -64.98
N CYS E 117 -46.73 -49.43 -65.15
CA CYS E 117 -46.14 -49.63 -66.47
C CYS E 117 -46.12 -51.11 -66.86
N LEU E 118 -45.89 -51.99 -65.88
CA LEU E 118 -45.94 -53.42 -66.16
C LEU E 118 -47.35 -53.87 -66.50
N MET E 119 -48.35 -53.21 -65.93
CA MET E 119 -49.74 -53.46 -66.30
C MET E 119 -49.98 -53.08 -67.76
N MET E 120 -49.38 -51.97 -68.21
CA MET E 120 -49.49 -51.59 -69.61
C MET E 120 -48.78 -52.57 -70.52
N ALA E 121 -47.76 -53.26 -70.01
CA ALA E 121 -47.10 -54.30 -70.79
C ALA E 121 -48.03 -55.49 -71.01
N PHE E 122 -48.78 -55.88 -69.98
CA PHE E 122 -49.77 -56.94 -70.15
C PHE E 122 -50.90 -56.51 -71.07
N LEU E 123 -51.32 -55.24 -70.96
CA LEU E 123 -52.35 -54.72 -71.86
C LEU E 123 -51.84 -54.68 -73.30
N LEU E 124 -50.55 -54.44 -73.48
CA LEU E 124 -49.98 -54.46 -74.83
C LEU E 124 -49.79 -55.87 -75.35
N LEU E 125 -50.00 -56.89 -74.52
CA LEU E 125 -49.97 -58.27 -75.00
C LEU E 125 -51.35 -58.90 -75.09
N PHE E 126 -52.36 -58.34 -74.41
CA PHE E 126 -53.67 -58.96 -74.38
C PHE E 126 -54.83 -57.99 -74.59
N ALA E 127 -54.60 -56.69 -74.66
CA ALA E 127 -55.64 -55.73 -75.00
C ALA E 127 -55.28 -54.83 -76.16
N PHE E 128 -54.00 -54.55 -76.38
CA PHE E 128 -53.55 -53.78 -77.52
C PHE E 128 -52.49 -54.56 -78.28
N ASP F 54 -41.30 -68.62 -87.40
CA ASP F 54 -39.98 -67.99 -87.45
C ASP F 54 -40.09 -66.53 -87.05
N ILE F 55 -41.18 -65.90 -87.48
CA ILE F 55 -41.45 -64.51 -87.11
C ILE F 55 -41.67 -64.38 -85.61
N ASP F 56 -42.44 -65.32 -85.02
CA ASP F 56 -42.74 -65.27 -83.60
C ASP F 56 -41.49 -65.44 -82.75
N SER F 57 -40.62 -66.37 -83.13
CA SER F 57 -39.37 -66.55 -82.40
C SER F 57 -38.46 -65.34 -82.58
N ALA F 58 -38.51 -64.71 -83.75
CA ALA F 58 -37.69 -63.54 -84.00
C ALA F 58 -38.14 -62.34 -83.16
N ALA F 59 -39.44 -62.06 -83.16
CA ALA F 59 -39.95 -60.91 -82.44
C ALA F 59 -39.86 -61.10 -80.93
N LYS F 60 -39.95 -62.35 -80.46
CA LYS F 60 -39.71 -62.60 -79.04
C LYS F 60 -38.25 -62.33 -78.68
N PHE F 61 -37.35 -62.52 -79.63
CA PHE F 61 -35.94 -62.26 -79.35
C PHE F 61 -35.67 -60.76 -79.26
N ILE F 62 -36.34 -59.97 -80.08
CA ILE F 62 -36.19 -58.52 -79.98
C ILE F 62 -36.87 -58.00 -78.72
N GLY F 63 -38.04 -58.55 -78.40
CA GLY F 63 -38.77 -58.08 -77.23
C GLY F 63 -38.06 -58.41 -75.93
N ALA F 64 -37.50 -59.62 -75.81
CA ALA F 64 -36.76 -59.97 -74.61
C ALA F 64 -35.51 -59.11 -74.48
N GLY F 65 -34.91 -58.72 -75.60
CA GLY F 65 -33.79 -57.80 -75.55
C GLY F 65 -34.19 -56.44 -75.04
N ALA F 66 -35.39 -55.98 -75.43
CA ALA F 66 -35.87 -54.69 -74.94
C ALA F 66 -36.27 -54.77 -73.47
N ALA F 67 -36.85 -55.89 -73.05
CA ALA F 67 -37.27 -56.05 -71.66
C ALA F 67 -36.08 -56.08 -70.70
N THR F 68 -34.89 -56.37 -71.19
CA THR F 68 -33.71 -56.44 -70.35
C THR F 68 -33.10 -55.07 -70.08
N VAL F 69 -33.62 -54.00 -70.69
CA VAL F 69 -33.15 -52.67 -70.34
C VAL F 69 -33.61 -52.29 -68.96
N GLY F 70 -34.84 -52.67 -68.59
CA GLY F 70 -35.51 -52.23 -67.37
C GLY F 70 -34.78 -52.58 -66.08
N VAL F 71 -33.78 -53.46 -66.15
CA VAL F 71 -32.93 -53.73 -65.00
C VAL F 71 -31.88 -52.64 -64.78
N ALA F 72 -31.76 -51.68 -65.70
CA ALA F 72 -30.80 -50.59 -65.52
C ALA F 72 -31.15 -49.74 -64.32
N GLY F 73 -32.43 -49.41 -64.16
CA GLY F 73 -32.83 -48.59 -63.04
C GLY F 73 -32.60 -49.23 -61.69
N SER F 74 -32.74 -50.55 -61.62
CA SER F 74 -32.30 -51.26 -60.43
C SER F 74 -30.80 -51.16 -60.26
N GLY F 75 -30.06 -51.13 -61.37
CA GLY F 75 -28.63 -50.92 -61.29
C GLY F 75 -28.28 -49.53 -60.78
N ALA F 76 -29.05 -48.52 -61.18
CA ALA F 76 -28.84 -47.18 -60.65
C ALA F 76 -29.40 -47.04 -59.25
N GLY F 77 -30.52 -47.70 -58.97
CA GLY F 77 -31.10 -47.63 -57.63
C GLY F 77 -30.24 -48.28 -56.57
N ILE F 78 -29.68 -49.46 -56.88
CA ILE F 78 -28.77 -50.12 -55.95
C ILE F 78 -27.53 -49.27 -55.72
N GLY F 79 -26.99 -48.70 -56.79
CA GLY F 79 -25.85 -47.80 -56.64
C GLY F 79 -26.21 -46.50 -55.94
N SER F 80 -27.50 -46.16 -55.90
CA SER F 80 -27.92 -44.99 -55.15
C SER F 80 -28.07 -45.31 -53.67
N VAL F 81 -28.73 -46.43 -53.34
CA VAL F 81 -29.04 -46.70 -51.94
C VAL F 81 -27.79 -47.05 -51.16
N PHE F 82 -26.86 -47.79 -51.78
CA PHE F 82 -25.62 -48.08 -51.07
C PHE F 82 -24.66 -46.90 -51.12
N GLY F 83 -24.91 -45.94 -52.00
CA GLY F 83 -24.18 -44.68 -51.90
C GLY F 83 -24.56 -43.92 -50.65
N SER F 84 -25.86 -43.69 -50.46
CA SER F 84 -26.30 -42.93 -49.31
C SER F 84 -26.18 -43.71 -48.01
N LEU F 85 -26.00 -45.03 -48.07
CA LEU F 85 -25.65 -45.77 -46.87
C LEU F 85 -24.27 -45.40 -46.37
N ILE F 86 -23.35 -45.13 -47.29
CA ILE F 86 -22.01 -44.68 -46.92
C ILE F 86 -22.07 -43.33 -46.22
N ILE F 87 -22.85 -42.39 -46.77
CA ILE F 87 -23.02 -41.09 -46.11
C ILE F 87 -23.73 -41.27 -44.78
N GLY F 88 -24.79 -42.08 -44.76
CA GLY F 88 -25.54 -42.31 -43.54
C GLY F 88 -24.77 -43.04 -42.47
N TYR F 89 -23.77 -43.83 -42.83
CA TYR F 89 -22.90 -44.44 -41.84
C TYR F 89 -21.72 -43.55 -41.48
N ALA F 90 -21.29 -42.69 -42.41
CA ALA F 90 -20.21 -41.75 -42.11
C ALA F 90 -20.63 -40.72 -41.07
N ARG F 91 -21.92 -40.51 -40.88
CA ARG F 91 -22.45 -39.62 -39.86
C ARG F 91 -23.24 -40.46 -38.87
N ASN F 92 -22.85 -40.41 -37.61
CA ASN F 92 -23.42 -41.21 -36.51
C ASN F 92 -23.31 -42.69 -36.83
N PRO F 93 -22.11 -43.27 -36.80
CA PRO F 93 -21.97 -44.70 -37.15
C PRO F 93 -22.53 -45.66 -36.12
N SER F 94 -22.99 -45.17 -34.98
CA SER F 94 -23.48 -46.06 -33.92
C SER F 94 -24.78 -46.75 -34.29
N LEU F 95 -25.47 -46.29 -35.33
CA LEU F 95 -26.73 -46.88 -35.75
C LEU F 95 -26.56 -47.84 -36.93
N LYS F 96 -25.43 -48.55 -36.98
CA LYS F 96 -25.14 -49.43 -38.11
C LYS F 96 -26.16 -50.56 -38.22
N GLN F 97 -26.71 -51.01 -37.10
CA GLN F 97 -27.63 -52.14 -37.10
C GLN F 97 -28.92 -51.81 -37.85
N GLN F 98 -29.54 -50.69 -37.51
CA GLN F 98 -30.80 -50.34 -38.17
C GLN F 98 -30.56 -49.67 -39.52
N LEU F 99 -29.39 -49.07 -39.72
CA LEU F 99 -29.07 -48.51 -41.03
C LEU F 99 -28.90 -49.61 -42.07
N PHE F 100 -28.10 -50.63 -41.76
CA PHE F 100 -27.94 -51.76 -42.68
C PHE F 100 -29.25 -52.54 -42.82
N SER F 101 -30.09 -52.54 -41.80
CA SER F 101 -31.41 -53.15 -41.92
C SER F 101 -32.28 -52.38 -42.91
N TYR F 102 -32.20 -51.05 -42.86
CA TYR F 102 -32.94 -50.24 -43.83
C TYR F 102 -32.27 -50.25 -45.20
N ALA F 103 -30.94 -50.33 -45.23
CA ALA F 103 -30.23 -50.35 -46.52
C ALA F 103 -30.48 -51.65 -47.26
N ILE F 104 -30.59 -52.77 -46.54
CA ILE F 104 -30.92 -54.01 -47.21
C ILE F 104 -32.38 -54.05 -47.62
N LEU F 105 -33.23 -53.27 -46.94
CA LEU F 105 -34.61 -53.13 -47.37
C LEU F 105 -34.68 -52.42 -48.72
N GLY F 106 -33.85 -51.39 -48.92
CA GLY F 106 -33.79 -50.74 -50.22
C GLY F 106 -33.23 -51.64 -51.31
N PHE F 107 -32.19 -52.41 -50.97
CA PHE F 107 -31.62 -53.34 -51.94
C PHE F 107 -32.59 -54.47 -52.26
N ALA F 108 -33.32 -54.96 -51.26
CA ALA F 108 -34.28 -56.02 -51.51
C ALA F 108 -35.52 -55.54 -52.25
N LEU F 109 -35.68 -54.24 -52.41
CA LEU F 109 -36.78 -53.73 -53.23
C LEU F 109 -36.32 -53.26 -54.60
N SER F 110 -35.14 -52.65 -54.67
CA SER F 110 -34.62 -52.22 -55.98
C SER F 110 -34.28 -53.41 -56.86
N GLU F 111 -33.53 -54.37 -56.33
CA GLU F 111 -33.17 -55.54 -57.12
C GLU F 111 -34.36 -56.43 -57.39
N ALA F 112 -35.39 -56.39 -56.54
CA ALA F 112 -36.61 -57.13 -56.80
C ALA F 112 -37.32 -56.60 -58.05
N MET F 113 -37.35 -55.28 -58.21
CA MET F 113 -37.88 -54.71 -59.45
C MET F 113 -36.97 -55.02 -60.63
N GLY F 114 -35.66 -55.15 -60.36
CA GLY F 114 -34.75 -55.57 -61.42
C GLY F 114 -34.98 -57.00 -61.85
N LEU F 115 -35.24 -57.90 -60.90
CA LEU F 115 -35.59 -59.26 -61.26
C LEU F 115 -37.00 -59.35 -61.82
N PHE F 116 -37.85 -58.38 -61.49
CA PHE F 116 -39.17 -58.32 -62.11
C PHE F 116 -39.06 -58.10 -63.61
N CYS F 117 -38.14 -57.24 -64.04
CA CYS F 117 -37.89 -57.08 -65.47
C CYS F 117 -37.26 -58.33 -66.07
N LEU F 118 -36.33 -58.95 -65.34
CA LEU F 118 -35.66 -60.14 -65.88
C LEU F 118 -36.57 -61.35 -65.86
N MET F 119 -37.55 -61.39 -64.96
CA MET F 119 -38.57 -62.43 -65.03
C MET F 119 -39.45 -62.25 -66.25
N MET F 120 -39.81 -61.01 -66.56
CA MET F 120 -40.63 -60.73 -67.73
C MET F 120 -39.85 -60.94 -69.03
N ALA F 121 -38.52 -60.81 -68.97
CA ALA F 121 -37.70 -61.09 -70.14
C ALA F 121 -37.78 -62.57 -70.53
N PHE F 122 -37.77 -63.46 -69.55
CA PHE F 122 -37.92 -64.88 -69.83
C PHE F 122 -39.33 -65.22 -70.31
N LEU F 123 -40.34 -64.51 -69.78
CA LEU F 123 -41.71 -64.77 -70.20
C LEU F 123 -41.92 -64.44 -71.67
N LEU F 124 -41.15 -63.50 -72.21
CA LEU F 124 -41.15 -63.21 -73.63
C LEU F 124 -40.01 -63.91 -74.36
N LEU F 125 -39.33 -64.85 -73.70
CA LEU F 125 -38.31 -65.65 -74.34
C LEU F 125 -38.68 -67.12 -74.43
N PHE F 126 -39.41 -67.66 -73.45
CA PHE F 126 -39.83 -69.05 -73.49
C PHE F 126 -41.29 -69.29 -73.12
N ALA F 127 -41.93 -68.39 -72.38
CA ALA F 127 -43.31 -68.64 -71.95
C ALA F 127 -44.29 -68.31 -73.07
N PHE F 128 -44.31 -67.05 -73.50
CA PHE F 128 -45.19 -66.65 -74.59
C PHE F 128 -44.56 -66.97 -75.94
N ASP G 54 -32.40 -66.98 -90.80
CA ASP G 54 -31.76 -65.73 -91.19
C ASP G 54 -32.36 -64.55 -90.43
N ILE G 55 -33.70 -64.53 -90.36
CA ILE G 55 -34.37 -63.49 -89.59
C ILE G 55 -34.08 -63.67 -88.10
N ASP G 56 -34.00 -64.92 -87.62
CA ASP G 56 -33.64 -65.16 -86.23
C ASP G 56 -32.22 -64.69 -85.94
N SER G 57 -31.33 -64.77 -86.93
CA SER G 57 -29.99 -64.23 -86.76
C SER G 57 -30.02 -62.71 -86.62
N ALA G 58 -30.85 -62.04 -87.43
CA ALA G 58 -30.93 -60.59 -87.36
C ALA G 58 -31.66 -60.14 -86.10
N ALA G 59 -32.67 -60.88 -85.67
CA ALA G 59 -33.43 -60.49 -84.49
C ALA G 59 -32.63 -60.75 -83.22
N LYS G 60 -31.74 -61.73 -83.24
CA LYS G 60 -30.85 -61.93 -82.09
C LYS G 60 -29.90 -60.75 -81.93
N PHE G 61 -29.49 -60.14 -83.04
CA PHE G 61 -28.53 -59.05 -82.97
C PHE G 61 -29.14 -57.78 -82.41
N ILE G 62 -30.39 -57.48 -82.78
CA ILE G 62 -31.07 -56.32 -82.20
C ILE G 62 -31.30 -56.54 -80.72
N GLY G 63 -31.75 -57.74 -80.34
CA GLY G 63 -32.03 -58.00 -78.93
C GLY G 63 -30.77 -58.01 -78.08
N ALA G 64 -29.67 -58.55 -78.61
CA ALA G 64 -28.41 -58.53 -77.88
C ALA G 64 -27.90 -57.11 -77.71
N GLY G 65 -28.07 -56.27 -78.73
CA GLY G 65 -27.75 -54.86 -78.58
C GLY G 65 -28.69 -54.17 -77.60
N ALA G 66 -29.98 -54.50 -77.67
CA ALA G 66 -30.94 -53.94 -76.74
C ALA G 66 -30.67 -54.38 -75.31
N ALA G 67 -30.17 -55.60 -75.13
CA ALA G 67 -29.86 -56.08 -73.79
C ALA G 67 -28.70 -55.31 -73.17
N THR G 68 -27.82 -54.76 -73.98
CA THR G 68 -26.69 -53.99 -73.48
C THR G 68 -27.02 -52.51 -73.35
N VAL G 69 -28.25 -52.10 -73.65
CA VAL G 69 -28.69 -50.76 -73.30
C VAL G 69 -28.73 -50.60 -71.78
N GLY G 70 -29.17 -51.66 -71.09
CA GLY G 70 -29.45 -51.58 -69.67
C GLY G 70 -28.27 -51.67 -68.73
N VAL G 71 -27.05 -51.54 -69.26
CA VAL G 71 -25.87 -51.49 -68.41
C VAL G 71 -25.49 -50.05 -68.05
N ALA G 72 -26.18 -49.05 -68.62
CA ALA G 72 -25.91 -47.67 -68.24
C ALA G 72 -26.30 -47.42 -66.79
N GLY G 73 -27.38 -48.06 -66.33
CA GLY G 73 -27.80 -47.87 -64.95
C GLY G 73 -26.78 -48.39 -63.96
N SER G 74 -26.15 -49.51 -64.27
CA SER G 74 -25.05 -49.97 -63.44
C SER G 74 -23.88 -49.00 -63.53
N GLY G 75 -23.69 -48.37 -64.68
CA GLY G 75 -22.64 -47.37 -64.81
C GLY G 75 -22.90 -46.14 -63.96
N ALA G 76 -24.15 -45.67 -63.92
CA ALA G 76 -24.46 -44.50 -63.12
C ALA G 76 -24.44 -44.82 -61.64
N GLY G 77 -24.98 -45.97 -61.25
CA GLY G 77 -25.04 -46.32 -59.84
C GLY G 77 -23.68 -46.54 -59.21
N ILE G 78 -22.75 -47.12 -59.98
CA ILE G 78 -21.40 -47.32 -59.48
C ILE G 78 -20.74 -45.96 -59.21
N GLY G 79 -20.99 -44.99 -60.07
CA GLY G 79 -20.51 -43.64 -59.80
C GLY G 79 -21.22 -42.99 -58.62
N SER G 80 -22.48 -43.37 -58.39
CA SER G 80 -23.20 -42.84 -57.23
C SER G 80 -22.60 -43.38 -55.94
N VAL G 81 -22.36 -44.68 -55.87
CA VAL G 81 -21.88 -45.27 -54.62
C VAL G 81 -20.43 -44.87 -54.37
N PHE G 82 -19.64 -44.68 -55.43
CA PHE G 82 -18.28 -44.22 -55.23
C PHE G 82 -18.21 -42.71 -55.09
N GLY G 83 -19.19 -41.99 -55.64
CA GLY G 83 -19.28 -40.57 -55.35
C GLY G 83 -19.61 -40.31 -53.89
N SER G 84 -20.60 -41.01 -53.35
CA SER G 84 -20.96 -40.82 -51.95
C SER G 84 -19.91 -41.41 -51.01
N LEU G 85 -19.01 -42.25 -51.50
CA LEU G 85 -17.83 -42.59 -50.71
C LEU G 85 -16.95 -41.37 -50.50
N ILE G 86 -16.82 -40.53 -51.53
CA ILE G 86 -15.94 -39.37 -51.47
C ILE G 86 -16.45 -38.35 -50.46
N ILE G 87 -17.76 -38.06 -50.51
CA ILE G 87 -18.35 -37.15 -49.53
C ILE G 87 -18.29 -37.75 -48.14
N GLY G 88 -18.64 -39.03 -48.00
CA GLY G 88 -18.63 -39.68 -46.71
C GLY G 88 -17.26 -39.85 -46.10
N TYR G 89 -16.21 -39.85 -46.93
CA TYR G 89 -14.85 -39.90 -46.43
C TYR G 89 -14.21 -38.51 -46.36
N ALA G 90 -14.85 -37.50 -46.93
CA ALA G 90 -14.39 -36.12 -46.71
C ALA G 90 -14.53 -35.73 -45.25
N ARG G 91 -15.75 -35.77 -44.72
CA ARG G 91 -15.96 -35.78 -43.28
C ARG G 91 -15.65 -37.18 -42.74
N ASN G 92 -15.42 -37.25 -41.44
CA ASN G 92 -15.23 -38.51 -40.71
C ASN G 92 -14.13 -39.40 -41.30
N PRO G 93 -12.88 -38.91 -41.40
CA PRO G 93 -11.84 -39.68 -42.09
C PRO G 93 -11.38 -40.92 -41.36
N SER G 94 -11.70 -41.07 -40.07
CA SER G 94 -11.22 -42.22 -39.32
C SER G 94 -12.06 -43.47 -39.52
N LEU G 95 -13.11 -43.39 -40.34
CA LEU G 95 -13.91 -44.55 -40.71
C LEU G 95 -13.61 -45.02 -42.13
N LYS G 96 -12.34 -44.94 -42.52
CA LYS G 96 -11.94 -45.27 -43.89
C LYS G 96 -12.17 -46.74 -44.19
N GLN G 97 -11.86 -47.62 -43.24
CA GLN G 97 -11.99 -49.07 -43.47
C GLN G 97 -13.44 -49.47 -43.64
N GLN G 98 -14.33 -48.91 -42.81
CA GLN G 98 -15.74 -49.27 -42.90
C GLN G 98 -16.39 -48.63 -44.11
N LEU G 99 -16.03 -47.39 -44.44
CA LEU G 99 -16.63 -46.70 -45.58
C LEU G 99 -16.22 -47.36 -46.90
N PHE G 100 -14.92 -47.64 -47.06
CA PHE G 100 -14.45 -48.22 -48.31
C PHE G 100 -14.91 -49.66 -48.47
N SER G 101 -15.14 -50.38 -47.38
CA SER G 101 -15.68 -51.73 -47.48
C SER G 101 -17.14 -51.69 -47.95
N TYR G 102 -17.86 -50.63 -47.61
CA TYR G 102 -19.22 -50.49 -48.10
C TYR G 102 -19.25 -50.05 -49.56
N ALA G 103 -18.24 -49.29 -49.98
CA ALA G 103 -18.13 -48.92 -51.40
C ALA G 103 -17.87 -50.15 -52.25
N ILE G 104 -17.08 -51.10 -51.74
CA ILE G 104 -16.88 -52.36 -52.45
C ILE G 104 -18.17 -53.15 -52.53
N LEU G 105 -18.93 -53.20 -51.43
CA LEU G 105 -20.23 -53.88 -51.46
C LEU G 105 -21.19 -53.16 -52.40
N GLY G 106 -21.15 -51.83 -52.43
CA GLY G 106 -21.97 -51.09 -53.36
C GLY G 106 -21.61 -51.38 -54.80
N PHE G 107 -20.31 -51.49 -55.09
CA PHE G 107 -19.87 -51.83 -56.44
C PHE G 107 -20.17 -53.28 -56.77
N ALA G 108 -20.12 -54.16 -55.77
CA ALA G 108 -20.31 -55.58 -56.02
C ALA G 108 -21.75 -55.91 -56.38
N LEU G 109 -22.69 -55.05 -55.98
CA LEU G 109 -24.09 -55.30 -56.29
C LEU G 109 -24.55 -54.54 -57.54
N SER G 110 -23.99 -53.36 -57.78
CA SER G 110 -24.37 -52.61 -58.97
C SER G 110 -23.80 -53.25 -60.24
N GLU G 111 -22.54 -53.67 -60.21
CA GLU G 111 -21.98 -54.40 -61.34
C GLU G 111 -22.59 -55.78 -61.48
N ALA G 112 -23.13 -56.34 -60.40
CA ALA G 112 -23.86 -57.60 -60.50
C ALA G 112 -25.10 -57.44 -61.37
N MET G 113 -25.79 -56.30 -61.26
CA MET G 113 -26.85 -55.98 -62.21
C MET G 113 -26.28 -55.75 -63.60
N GLY G 114 -25.07 -55.19 -63.68
CA GLY G 114 -24.42 -55.03 -64.97
C GLY G 114 -24.04 -56.36 -65.60
N LEU G 115 -23.58 -57.32 -64.79
CA LEU G 115 -23.29 -58.64 -65.33
C LEU G 115 -24.56 -59.40 -65.64
N PHE G 116 -25.68 -59.06 -64.99
CA PHE G 116 -26.95 -59.64 -65.38
C PHE G 116 -27.36 -59.18 -66.76
N CYS G 117 -26.99 -57.94 -67.13
CA CYS G 117 -27.17 -57.50 -68.51
C CYS G 117 -26.26 -58.28 -69.45
N LEU G 118 -25.02 -58.53 -69.04
CA LEU G 118 -24.11 -59.33 -69.86
C LEU G 118 -24.62 -60.75 -70.01
N MET G 119 -25.20 -61.31 -68.95
CA MET G 119 -25.74 -62.67 -69.00
C MET G 119 -26.85 -62.77 -70.03
N MET G 120 -27.76 -61.79 -70.06
CA MET G 120 -28.82 -61.79 -71.05
C MET G 120 -28.32 -61.39 -72.43
N ALA G 121 -27.31 -60.52 -72.50
CA ALA G 121 -26.68 -60.23 -73.78
C ALA G 121 -25.99 -61.46 -74.35
N PHE G 122 -25.30 -62.21 -73.49
CA PHE G 122 -24.71 -63.48 -73.92
C PHE G 122 -25.79 -64.50 -74.24
N LEU G 123 -26.90 -64.47 -73.50
CA LEU G 123 -28.01 -65.39 -73.76
C LEU G 123 -28.67 -65.09 -75.10
N LEU G 124 -28.64 -63.83 -75.53
CA LEU G 124 -29.24 -63.43 -76.80
C LEU G 124 -28.20 -63.20 -77.89
N LEU G 125 -27.02 -63.78 -77.74
CA LEU G 125 -26.00 -63.69 -78.77
C LEU G 125 -25.57 -65.05 -79.28
N PHE G 126 -25.47 -66.05 -78.41
CA PHE G 126 -25.16 -67.41 -78.82
C PHE G 126 -26.02 -68.48 -78.17
N ALA G 127 -26.63 -68.21 -77.01
CA ALA G 127 -27.41 -69.24 -76.34
C ALA G 127 -28.79 -69.37 -76.94
N PHE G 128 -29.54 -68.28 -77.00
CA PHE G 128 -30.88 -68.31 -77.56
C PHE G 128 -31.14 -67.11 -78.46
N ASP H 54 -27.13 -60.76 -95.80
CA ASP H 54 -26.94 -59.32 -95.83
C ASP H 54 -27.42 -58.68 -94.54
N ILE H 55 -28.47 -59.24 -93.95
CA ILE H 55 -29.00 -58.71 -92.69
C ILE H 55 -28.17 -59.12 -91.48
N ASP H 56 -27.22 -60.04 -91.66
CA ASP H 56 -26.41 -60.50 -90.53
C ASP H 56 -25.51 -59.38 -90.02
N SER H 57 -24.61 -58.88 -90.87
CA SER H 57 -23.77 -57.76 -90.46
C SER H 57 -24.57 -56.48 -90.33
N ALA H 58 -25.71 -56.39 -91.03
CA ALA H 58 -26.56 -55.22 -90.94
C ALA H 58 -27.20 -55.09 -89.55
N ALA H 59 -27.82 -56.17 -89.07
CA ALA H 59 -28.39 -56.14 -87.72
C ALA H 59 -27.31 -56.18 -86.65
N LYS H 60 -26.12 -56.68 -86.99
CA LYS H 60 -24.98 -56.52 -86.09
C LYS H 60 -24.69 -55.05 -85.85
N PHE H 61 -24.88 -54.21 -86.87
CA PHE H 61 -24.68 -52.78 -86.71
C PHE H 61 -25.79 -52.15 -85.89
N ILE H 62 -27.01 -52.69 -85.97
CA ILE H 62 -28.08 -52.24 -85.08
C ILE H 62 -27.74 -52.60 -83.64
N GLY H 63 -27.28 -53.83 -83.41
CA GLY H 63 -26.91 -54.24 -82.07
C GLY H 63 -25.73 -53.47 -81.53
N ALA H 64 -24.76 -53.15 -82.39
CA ALA H 64 -23.57 -52.43 -81.96
C ALA H 64 -23.91 -51.02 -81.50
N GLY H 65 -24.83 -50.35 -82.19
CA GLY H 65 -25.26 -49.03 -81.75
C GLY H 65 -26.01 -49.06 -80.44
N ALA H 66 -26.84 -50.08 -80.24
CA ALA H 66 -27.55 -50.23 -78.97
C ALA H 66 -26.66 -50.83 -77.89
N ALA H 67 -25.54 -51.45 -78.25
CA ALA H 67 -24.64 -51.99 -77.23
C ALA H 67 -23.80 -50.90 -76.57
N THR H 68 -23.42 -49.85 -77.31
CA THR H 68 -22.61 -48.77 -76.75
C THR H 68 -23.45 -47.74 -76.02
N VAL H 69 -24.67 -48.08 -75.63
CA VAL H 69 -25.49 -47.16 -74.84
C VAL H 69 -24.88 -46.96 -73.47
N GLY H 70 -24.42 -48.04 -72.83
CA GLY H 70 -24.02 -48.05 -71.44
C GLY H 70 -22.88 -47.10 -71.08
N VAL H 71 -22.14 -46.60 -72.08
CA VAL H 71 -21.15 -45.57 -71.83
C VAL H 71 -21.80 -44.28 -71.36
N ALA H 72 -23.08 -44.07 -71.65
CA ALA H 72 -23.79 -42.90 -71.14
C ALA H 72 -23.86 -42.93 -69.63
N GLY H 73 -24.31 -44.05 -69.06
CA GLY H 73 -24.31 -44.22 -67.62
C GLY H 73 -22.94 -44.18 -67.00
N SER H 74 -21.92 -44.64 -67.74
CA SER H 74 -20.54 -44.43 -67.31
C SER H 74 -20.22 -42.94 -67.20
N GLY H 75 -20.67 -42.15 -68.18
CA GLY H 75 -20.52 -40.71 -68.09
C GLY H 75 -21.29 -40.12 -66.93
N ALA H 76 -22.50 -40.63 -66.69
CA ALA H 76 -23.27 -40.20 -65.52
C ALA H 76 -22.57 -40.63 -64.24
N GLY H 77 -21.98 -41.83 -64.24
CA GLY H 77 -21.27 -42.28 -63.06
C GLY H 77 -20.02 -41.47 -62.76
N ILE H 78 -19.25 -41.13 -63.80
CA ILE H 78 -18.05 -40.33 -63.61
C ILE H 78 -18.40 -38.95 -63.09
N GLY H 79 -19.44 -38.33 -63.64
CA GLY H 79 -19.88 -37.04 -63.14
C GLY H 79 -20.39 -37.12 -61.70
N SER H 80 -20.99 -38.23 -61.33
CA SER H 80 -21.42 -38.42 -59.95
C SER H 80 -20.24 -38.46 -59.00
N VAL H 81 -19.17 -39.15 -59.39
CA VAL H 81 -17.98 -39.23 -58.53
C VAL H 81 -17.31 -37.87 -58.43
N PHE H 82 -17.09 -37.21 -59.57
CA PHE H 82 -16.37 -35.95 -59.55
C PHE H 82 -17.20 -34.80 -59.02
N GLY H 83 -18.52 -34.84 -59.24
CA GLY H 83 -19.38 -33.86 -58.59
C GLY H 83 -19.36 -33.99 -57.08
N SER H 84 -19.35 -35.23 -56.59
CA SER H 84 -19.24 -35.45 -55.15
C SER H 84 -17.86 -35.11 -54.63
N LEU H 85 -16.85 -35.12 -55.49
CA LEU H 85 -15.53 -34.64 -55.08
C LEU H 85 -15.55 -33.13 -54.87
N ILE H 86 -16.40 -32.41 -55.62
CA ILE H 86 -16.51 -30.97 -55.46
C ILE H 86 -17.08 -30.63 -54.08
N ILE H 87 -18.17 -31.30 -53.70
CA ILE H 87 -18.75 -31.09 -52.38
C ILE H 87 -17.81 -31.62 -51.31
N GLY H 88 -17.13 -32.72 -51.59
CA GLY H 88 -16.18 -33.29 -50.66
C GLY H 88 -14.85 -32.59 -50.56
N TYR H 89 -14.63 -31.55 -51.37
CA TYR H 89 -13.43 -30.74 -51.26
C TYR H 89 -13.68 -29.34 -50.72
N ALA H 90 -14.92 -28.84 -50.77
CA ALA H 90 -15.24 -27.59 -50.09
C ALA H 90 -15.02 -27.73 -48.59
N ARG H 91 -15.44 -28.85 -48.03
CA ARG H 91 -14.98 -29.31 -46.73
C ARG H 91 -13.73 -30.18 -46.92
N ASN H 92 -12.80 -30.08 -45.96
CA ASN H 92 -11.62 -30.93 -45.86
C ASN H 92 -10.73 -30.85 -47.09
N PRO H 93 -10.05 -29.72 -47.35
CA PRO H 93 -9.05 -29.70 -48.42
C PRO H 93 -7.79 -30.49 -48.06
N SER H 94 -7.56 -30.79 -46.78
CA SER H 94 -6.33 -31.45 -46.36
C SER H 94 -6.25 -32.90 -46.82
N LEU H 95 -7.37 -33.50 -47.21
CA LEU H 95 -7.40 -34.85 -47.73
C LEU H 95 -7.53 -34.88 -49.25
N LYS H 96 -6.86 -33.93 -49.93
CA LYS H 96 -6.99 -33.81 -51.39
C LYS H 96 -6.47 -35.05 -52.10
N GLN H 97 -5.31 -35.56 -51.68
CA GLN H 97 -4.69 -36.67 -52.39
C GLN H 97 -5.44 -37.97 -52.17
N GLN H 98 -5.83 -38.26 -50.92
CA GLN H 98 -6.48 -39.54 -50.63
C GLN H 98 -7.90 -39.57 -51.20
N LEU H 99 -8.61 -38.44 -51.15
CA LEU H 99 -9.93 -38.38 -51.77
C LEU H 99 -9.85 -38.51 -53.29
N PHE H 100 -8.84 -37.87 -53.90
CA PHE H 100 -8.68 -37.95 -55.35
C PHE H 100 -8.33 -39.36 -55.80
N SER H 101 -7.48 -40.06 -55.03
CA SER H 101 -7.11 -41.42 -55.39
C SER H 101 -8.30 -42.36 -55.31
N TYR H 102 -9.16 -42.16 -54.31
CA TYR H 102 -10.39 -42.95 -54.26
C TYR H 102 -11.37 -42.51 -55.35
N ALA H 103 -11.40 -41.21 -55.68
CA ALA H 103 -12.24 -40.75 -56.77
C ALA H 103 -11.77 -41.27 -58.11
N ILE H 104 -10.45 -41.39 -58.30
CA ILE H 104 -9.91 -41.98 -59.51
C ILE H 104 -10.31 -43.45 -59.60
N LEU H 105 -10.22 -44.19 -58.49
CA LEU H 105 -10.71 -45.56 -58.46
C LEU H 105 -12.20 -45.62 -58.72
N GLY H 106 -12.95 -44.65 -58.22
CA GLY H 106 -14.34 -44.52 -58.59
C GLY H 106 -14.51 -44.20 -60.06
N PHE H 107 -13.68 -43.30 -60.58
CA PHE H 107 -13.72 -42.98 -62.01
C PHE H 107 -13.30 -44.18 -62.86
N ALA H 108 -12.28 -44.90 -62.43
CA ALA H 108 -11.79 -46.05 -63.19
C ALA H 108 -12.84 -47.14 -63.27
N LEU H 109 -13.52 -47.42 -62.15
CA LEU H 109 -14.57 -48.44 -62.18
C LEU H 109 -15.80 -47.93 -62.94
N SER H 110 -15.99 -46.62 -62.98
CA SER H 110 -17.11 -46.08 -63.76
C SER H 110 -16.82 -46.14 -65.26
N GLU H 111 -15.60 -45.78 -65.65
CA GLU H 111 -15.26 -45.84 -67.08
C GLU H 111 -15.05 -47.27 -67.54
N ALA H 112 -14.74 -48.19 -66.62
CA ALA H 112 -14.65 -49.61 -66.98
C ALA H 112 -16.00 -50.14 -67.42
N MET H 113 -17.10 -49.63 -66.85
CA MET H 113 -18.42 -50.05 -67.29
C MET H 113 -18.72 -49.58 -68.70
N GLY H 114 -18.33 -48.35 -69.03
CA GLY H 114 -18.54 -47.86 -70.38
C GLY H 114 -17.71 -48.61 -71.40
N LEU H 115 -16.46 -48.91 -71.06
CA LEU H 115 -15.63 -49.75 -71.91
C LEU H 115 -16.16 -51.18 -71.96
N PHE H 116 -16.78 -51.64 -70.87
CA PHE H 116 -17.43 -52.95 -70.88
C PHE H 116 -18.54 -53.01 -71.92
N CYS H 117 -19.32 -51.94 -72.03
CA CYS H 117 -20.35 -51.88 -73.06
C CYS H 117 -19.74 -51.64 -74.44
N LEU H 118 -18.71 -50.78 -74.50
CA LEU H 118 -18.07 -50.49 -75.79
C LEU H 118 -17.35 -51.72 -76.34
N MET H 119 -16.77 -52.54 -75.47
CA MET H 119 -16.21 -53.82 -75.91
C MET H 119 -17.30 -54.75 -76.41
N MET H 120 -18.47 -54.74 -75.76
CA MET H 120 -19.60 -55.51 -76.27
C MET H 120 -20.07 -54.98 -77.62
N ALA H 121 -19.98 -53.66 -77.82
CA ALA H 121 -20.28 -53.09 -79.14
C ALA H 121 -19.27 -53.55 -80.17
N PHE H 122 -17.98 -53.62 -79.78
CA PHE H 122 -16.97 -54.15 -80.68
C PHE H 122 -17.10 -55.66 -80.84
N LEU H 123 -17.69 -56.33 -79.85
CA LEU H 123 -17.91 -57.77 -79.96
C LEU H 123 -18.89 -58.08 -81.08
N LEU H 124 -19.92 -57.27 -81.24
CA LEU H 124 -20.91 -57.46 -82.29
C LEU H 124 -20.57 -56.74 -83.58
N LEU H 125 -19.55 -55.88 -83.59
CA LEU H 125 -19.22 -55.14 -84.80
C LEU H 125 -18.51 -56.03 -85.82
N PHE H 126 -17.31 -56.48 -85.47
CA PHE H 126 -16.49 -57.28 -86.40
C PHE H 126 -15.73 -58.39 -85.71
N ALA H 127 -16.08 -58.73 -84.47
CA ALA H 127 -15.33 -59.71 -83.70
C ALA H 127 -15.83 -61.13 -83.86
N PHE H 128 -16.78 -61.36 -84.75
CA PHE H 128 -17.28 -62.71 -84.99
C PHE H 128 -16.81 -63.23 -86.35
N GLU I 48 68.83 14.63 32.37
CA GLU I 48 67.71 15.00 31.51
C GLU I 48 66.41 15.09 32.32
N ILE I 49 65.94 13.93 32.78
CA ILE I 49 64.72 13.89 33.57
C ILE I 49 64.94 14.57 34.92
N SER I 50 66.14 14.43 35.48
CA SER I 50 66.48 15.13 36.72
C SER I 50 66.47 16.64 36.53
N ALA I 51 66.98 17.10 35.37
CA ALA I 51 66.99 18.53 35.09
C ALA I 51 65.59 19.09 34.92
N VAL I 52 64.71 18.34 34.26
CA VAL I 52 63.31 18.75 34.13
C VAL I 52 62.63 18.76 35.50
N LEU I 53 62.92 17.75 36.32
CA LEU I 53 62.35 17.70 37.67
C LEU I 53 62.85 18.85 38.53
N GLU I 54 64.13 19.22 38.39
CA GLU I 54 64.67 20.32 39.17
C GLU I 54 64.09 21.66 38.74
N GLU I 55 63.95 21.88 37.43
CA GLU I 55 63.43 23.17 36.96
C GLU I 55 61.94 23.31 37.24
N LYS I 56 61.22 22.19 37.39
CA LYS I 56 59.81 22.27 37.77
C LYS I 56 59.66 22.61 39.24
N ILE I 57 60.59 22.15 40.09
CA ILE I 57 60.55 22.52 41.50
C ILE I 57 60.90 24.00 41.66
N LEU I 58 61.95 24.45 41.00
CA LEU I 58 62.35 25.86 41.08
C LEU I 58 61.34 26.78 40.44
N GLY I 59 60.69 26.35 39.35
CA GLY I 59 59.69 27.17 38.70
C GLY I 59 58.38 27.26 39.44
N ALA I 60 58.09 26.30 40.32
CA ALA I 60 56.83 26.28 41.06
C ALA I 60 57.05 26.93 42.44
N ALA I 61 57.36 28.22 42.41
CA ALA I 61 57.47 28.98 43.63
C ALA I 61 56.09 29.13 44.28
N PRO I 62 56.00 29.06 45.61
CA PRO I 62 54.68 29.16 46.25
C PRO I 62 54.07 30.54 46.15
N LYS I 63 54.88 31.60 46.27
CA LYS I 63 54.43 33.00 46.26
C LYS I 63 53.35 33.24 47.30
N GLU I 64 53.73 33.04 48.56
CA GLU I 64 52.78 33.10 49.66
C GLU I 64 52.36 34.54 49.92
N ASN I 65 51.05 34.75 50.02
CA ASN I 65 50.49 36.04 50.36
C ASN I 65 49.11 35.82 50.99
N LEU I 66 48.65 36.82 51.74
CA LEU I 66 47.35 36.71 52.38
C LEU I 66 46.24 36.89 51.35
N GLU I 67 45.30 35.95 51.35
CA GLU I 67 44.19 35.96 50.41
C GLU I 67 42.88 36.06 51.18
N GLU I 68 41.94 36.83 50.64
CA GLU I 68 40.61 36.91 51.23
C GLU I 68 39.91 35.58 51.08
N THR I 69 39.49 34.99 52.21
CA THR I 69 39.00 33.63 52.22
C THR I 69 37.62 33.55 52.86
N GLY I 70 36.96 32.41 52.62
CA GLY I 70 35.69 32.12 53.21
C GLY I 70 35.70 30.75 53.86
N ARG I 71 34.56 30.41 54.44
CA ARG I 71 34.41 29.16 55.19
C ARG I 71 33.15 28.46 54.72
N VAL I 72 33.25 27.17 54.45
CA VAL I 72 32.10 26.40 53.96
C VAL I 72 31.11 26.22 55.11
N LEU I 73 29.87 26.63 54.89
CA LEU I 73 28.80 26.42 55.86
C LEU I 73 28.14 25.07 55.67
N SER I 74 27.75 24.75 54.44
CA SER I 74 27.07 23.51 54.13
C SER I 74 27.37 23.14 52.69
N ILE I 75 27.63 21.86 52.46
CA ILE I 75 27.94 21.33 51.14
C ILE I 75 27.00 20.16 50.86
N GLY I 76 26.41 20.16 49.67
CA GLY I 76 25.51 19.10 49.26
C GLY I 76 24.78 19.48 47.99
N ASP I 77 24.44 18.48 47.18
CA ASP I 77 23.75 18.66 45.90
C ASP I 77 24.53 19.56 44.95
N GLY I 78 25.86 19.50 45.00
CA GLY I 78 26.70 20.26 44.10
C GLY I 78 26.76 21.75 44.38
N ILE I 79 26.22 22.21 45.50
CA ILE I 79 26.21 23.63 45.87
C ILE I 79 26.84 23.76 47.24
N ALA I 80 27.88 24.58 47.35
CA ALA I 80 28.52 24.86 48.62
C ALA I 80 28.15 26.28 49.04
N ARG I 81 27.63 26.41 50.26
CA ARG I 81 27.34 27.71 50.84
C ARG I 81 28.51 28.13 51.70
N VAL I 82 29.07 29.30 51.41
CA VAL I 82 30.34 29.73 51.97
C VAL I 82 30.13 31.03 52.75
N TYR I 83 30.60 31.04 53.99
CA TYR I 83 30.53 32.22 54.84
C TYR I 83 31.80 33.04 54.66
N GLY I 84 31.65 34.31 54.29
CA GLY I 84 32.78 35.18 54.06
C GLY I 84 32.80 35.68 52.63
N LEU I 85 34.01 36.00 52.15
CA LEU I 85 34.25 36.52 50.81
C LEU I 85 33.41 37.78 50.55
N LYS I 86 33.72 38.82 51.32
CA LYS I 86 32.95 40.05 51.22
C LYS I 86 33.16 40.74 49.88
N ASN I 87 34.38 40.75 49.37
CA ASN I 87 34.72 41.47 48.15
C ASN I 87 34.67 40.58 46.92
N ILE I 88 34.07 39.41 47.02
CA ILE I 88 34.02 38.50 45.88
C ILE I 88 33.04 39.05 44.84
N GLN I 89 33.32 38.75 43.58
CA GLN I 89 32.50 39.18 42.46
C GLN I 89 31.52 38.09 42.10
N ALA I 90 30.44 38.47 41.42
CA ALA I 90 29.53 37.49 40.87
C ALA I 90 30.19 36.72 39.74
N GLU I 91 29.96 35.41 39.71
CA GLU I 91 30.53 34.47 38.74
C GLU I 91 32.06 34.45 38.81
N GLU I 92 32.63 34.79 39.96
CA GLU I 92 34.08 34.71 40.14
C GLU I 92 34.49 33.29 40.51
N MET I 93 35.60 32.85 39.94
CA MET I 93 36.12 31.53 40.26
C MET I 93 36.77 31.53 41.64
N VAL I 94 36.54 30.46 42.40
CA VAL I 94 37.13 30.28 43.73
C VAL I 94 37.97 29.01 43.72
N GLU I 95 38.76 28.84 44.76
CA GLU I 95 39.55 27.64 44.99
C GLU I 95 39.19 27.07 46.35
N PHE I 96 38.86 25.78 46.38
CA PHE I 96 38.65 25.10 47.64
C PHE I 96 39.97 24.55 48.16
N SER I 97 39.98 24.16 49.44
CA SER I 97 41.21 23.67 50.06
C SER I 97 41.67 22.34 49.49
N SER I 98 40.76 21.55 48.91
CA SER I 98 41.11 20.28 48.29
C SER I 98 41.64 20.44 46.87
N GLY I 99 41.62 21.65 46.31
CA GLY I 99 42.06 21.90 44.96
C GLY I 99 40.94 22.07 43.96
N LEU I 100 39.71 21.77 44.34
CA LEU I 100 38.57 21.97 43.46
C LEU I 100 38.32 23.45 43.21
N LYS I 101 37.90 23.77 41.99
CA LYS I 101 37.46 25.11 41.65
C LYS I 101 35.96 25.21 41.79
N GLY I 102 35.48 26.44 41.84
CA GLY I 102 34.05 26.69 41.94
C GLY I 102 33.72 28.09 41.47
N MET I 103 32.46 28.28 41.11
CA MET I 103 31.98 29.55 40.60
C MET I 103 31.00 30.17 41.58
N ALA I 104 31.25 31.42 41.96
CA ALA I 104 30.35 32.13 42.86
C ALA I 104 29.05 32.48 42.14
N LEU I 105 28.01 31.67 42.33
CA LEU I 105 26.76 31.88 41.60
C LEU I 105 25.86 32.86 42.33
N ASN I 106 25.49 32.54 43.57
CA ASN I 106 24.61 33.38 44.37
C ASN I 106 25.44 34.20 45.35
N LEU I 107 25.33 35.51 45.25
CA LEU I 107 25.80 36.41 46.29
C LEU I 107 24.61 36.77 47.17
N GLU I 108 24.70 36.46 48.45
CA GLU I 108 23.64 36.70 49.41
C GLU I 108 24.22 37.49 50.55
N PRO I 109 23.38 38.17 51.35
CA PRO I 109 23.92 38.94 52.49
C PRO I 109 24.75 38.13 53.47
N ASP I 110 24.34 36.90 53.78
CA ASP I 110 25.04 36.12 54.78
C ASP I 110 26.01 35.09 54.20
N ASN I 111 25.71 34.52 53.05
CA ASN I 111 26.53 33.46 52.47
C ASN I 111 26.75 33.72 51.00
N VAL I 112 27.60 32.90 50.40
CA VAL I 112 27.85 32.90 48.96
C VAL I 112 27.62 31.50 48.44
N GLY I 113 26.69 31.35 47.51
CA GLY I 113 26.44 30.06 46.89
C GLY I 113 27.43 29.79 45.78
N ILE I 114 28.13 28.67 45.86
CA ILE I 114 29.23 28.36 44.96
C ILE I 114 28.94 27.06 44.23
N VAL I 115 29.00 27.10 42.90
CA VAL I 115 28.80 25.93 42.06
C VAL I 115 30.14 25.20 41.95
N VAL I 116 30.19 23.97 42.45
CA VAL I 116 31.44 23.24 42.53
C VAL I 116 31.73 22.56 41.20
N PHE I 117 32.94 22.79 40.67
CA PHE I 117 33.39 22.15 39.44
C PHE I 117 34.13 20.85 39.76
N GLY I 118 33.38 19.92 40.33
CA GLY I 118 33.94 18.64 40.70
C GLY I 118 32.97 17.86 41.56
N ASN I 119 33.47 16.78 42.14
CA ASN I 119 32.69 15.97 43.07
C ASN I 119 32.65 16.64 44.43
N ASP I 120 31.46 16.73 45.01
CA ASP I 120 31.29 17.41 46.29
C ASP I 120 31.63 16.54 47.49
N LYS I 121 32.28 15.39 47.28
CA LYS I 121 32.83 14.61 48.38
C LYS I 121 34.19 15.10 48.83
N HIS I 122 34.82 15.98 48.06
CA HIS I 122 36.11 16.54 48.43
C HIS I 122 35.99 17.80 49.27
N ILE I 123 34.77 18.28 49.49
CA ILE I 123 34.53 19.52 50.22
C ILE I 123 33.75 19.19 51.48
N LYS I 124 34.25 19.67 52.62
CA LYS I 124 33.60 19.49 53.89
C LYS I 124 33.24 20.85 54.47
N GLU I 125 32.32 20.84 55.43
CA GLU I 125 31.94 22.06 56.13
C GLU I 125 33.12 22.56 56.96
N GLY I 126 33.42 23.84 56.85
CA GLY I 126 34.54 24.43 57.55
C GLY I 126 35.82 24.51 56.76
N ASP I 127 35.79 24.18 55.47
CA ASP I 127 36.98 24.28 54.64
C ASP I 127 37.27 25.73 54.29
N ILE I 128 38.46 25.97 53.76
CA ILE I 128 38.91 27.30 53.37
C ILE I 128 38.67 27.46 51.88
N VAL I 129 37.94 28.51 51.52
CA VAL I 129 37.66 28.84 50.13
C VAL I 129 38.38 30.14 49.80
N LYS I 130 39.31 30.09 48.85
CA LYS I 130 40.12 31.24 48.49
C LYS I 130 39.62 31.86 47.20
N ARG I 131 39.67 33.19 47.15
CA ARG I 131 39.33 33.89 45.92
C ARG I 131 40.45 33.76 44.91
N THR I 132 40.10 33.39 43.68
CA THR I 132 41.06 33.46 42.59
C THR I 132 41.22 34.88 42.06
N GLY I 133 40.29 35.77 42.40
CA GLY I 133 40.37 37.16 41.98
C GLY I 133 39.91 37.43 40.57
N ALA I 134 39.47 36.41 39.84
CA ALA I 134 39.09 36.56 38.44
C ALA I 134 37.80 35.83 38.17
N ILE I 135 36.98 36.43 37.30
CA ILE I 135 35.79 35.77 36.78
C ILE I 135 36.20 34.54 35.98
N VAL I 136 35.29 33.56 35.92
CA VAL I 136 35.60 32.21 35.43
C VAL I 136 36.10 32.26 34.00
N ASP I 137 37.30 31.71 33.77
CA ASP I 137 37.96 31.78 32.49
C ASP I 137 38.78 30.52 32.28
N VAL I 138 39.13 30.26 31.02
CA VAL I 138 39.90 29.08 30.65
C VAL I 138 41.12 29.53 29.86
N PRO I 139 42.19 28.73 29.81
CA PRO I 139 43.28 29.03 28.89
C PRO I 139 42.83 28.96 27.43
N VAL I 140 43.38 29.87 26.62
CA VAL I 140 43.11 29.90 25.19
C VAL I 140 44.44 30.07 24.46
N GLY I 141 44.45 29.67 23.19
CA GLY I 141 45.63 29.83 22.38
C GLY I 141 45.89 28.65 21.46
N GLU I 142 46.99 28.71 20.71
CA GLU I 142 47.38 27.62 19.84
C GLU I 142 48.16 26.53 20.56
N GLU I 143 48.41 26.70 21.85
CA GLU I 143 49.03 25.65 22.65
C GLU I 143 48.05 24.56 23.03
N LEU I 144 46.76 24.76 22.81
CA LEU I 144 45.74 23.76 23.08
C LEU I 144 45.51 22.82 21.90
N LEU I 145 46.12 23.08 20.75
CA LEU I 145 45.94 22.21 19.60
C LEU I 145 46.70 20.90 19.81
N GLY I 146 46.01 19.78 19.63
CA GLY I 146 46.58 18.49 19.92
C GLY I 146 46.43 18.03 21.35
N ARG I 147 45.75 18.80 22.20
CA ARG I 147 45.65 18.51 23.62
C ARG I 147 44.21 18.20 23.97
N VAL I 148 44.03 17.21 24.85
CA VAL I 148 42.72 16.87 25.39
C VAL I 148 42.63 17.47 26.79
N VAL I 149 41.61 18.29 27.02
CA VAL I 149 41.46 19.01 28.28
C VAL I 149 40.07 18.74 28.83
N ASP I 150 39.89 19.06 30.11
CA ASP I 150 38.59 18.98 30.74
C ASP I 150 37.89 20.34 30.60
N ALA I 151 36.78 20.53 31.33
CA ALA I 151 36.02 21.76 31.21
C ALA I 151 36.73 22.97 31.79
N LEU I 152 37.70 22.77 32.68
CA LEU I 152 38.46 23.88 33.25
C LEU I 152 39.71 24.23 32.45
N GLY I 153 40.00 23.48 31.38
CA GLY I 153 41.19 23.70 30.61
C GLY I 153 42.40 22.93 31.07
N ASN I 154 42.29 22.15 32.13
CA ASN I 154 43.40 21.34 32.60
C ASN I 154 43.61 20.15 31.66
N PRO I 155 44.85 19.85 31.29
CA PRO I 155 45.09 18.70 30.41
C PRO I 155 44.75 17.39 31.10
N ILE I 156 44.24 16.44 30.30
CA ILE I 156 43.90 15.11 30.79
C ILE I 156 44.53 14.01 29.96
N ASP I 157 45.26 14.33 28.89
CA ASP I 157 45.90 13.32 28.07
C ASP I 157 47.29 12.95 28.55
N GLY I 158 47.78 13.58 29.61
CA GLY I 158 49.05 13.20 30.19
C GLY I 158 50.27 13.60 29.38
N LYS I 159 50.13 14.61 28.52
CA LYS I 159 51.24 15.08 27.70
C LYS I 159 51.97 16.26 28.33
N GLY I 160 51.65 16.61 29.57
CA GLY I 160 52.32 17.69 30.25
C GLY I 160 51.42 18.90 30.42
N PRO I 161 51.99 19.99 30.91
CA PRO I 161 51.21 21.23 31.08
C PRO I 161 50.97 21.91 29.75
N ILE I 162 50.21 23.00 29.79
CA ILE I 162 49.87 23.81 28.62
C ILE I 162 50.54 25.16 28.79
N GLY I 163 51.37 25.53 27.80
CA GLY I 163 52.12 26.76 27.90
C GLY I 163 51.39 27.97 27.35
N SER I 164 50.09 28.07 27.63
CA SER I 164 49.31 29.19 27.15
C SER I 164 49.61 30.44 27.96
N LYS I 165 49.69 31.58 27.28
CA LYS I 165 49.94 32.86 27.92
C LYS I 165 48.69 33.72 28.03
N THR I 166 47.55 33.25 27.52
CA THR I 166 46.33 34.04 27.50
C THR I 166 45.17 33.23 28.09
N ARG I 167 44.23 33.94 28.71
CA ARG I 167 43.02 33.36 29.24
C ARG I 167 41.83 34.19 28.77
N GLN I 168 40.68 33.55 28.63
CA GLN I 168 39.49 34.20 28.13
C GLN I 168 38.28 33.73 28.93
N ARG I 169 37.41 34.67 29.28
CA ARG I 169 36.22 34.37 30.07
C ARG I 169 35.26 33.48 29.28
N VAL I 170 34.59 32.58 30.02
CA VAL I 170 33.62 31.69 29.38
C VAL I 170 32.24 32.31 29.26
N GLY I 171 32.00 33.45 29.88
CA GLY I 171 30.69 34.07 29.83
C GLY I 171 30.67 35.37 29.06
N VAL I 172 31.55 35.49 28.07
CA VAL I 172 31.59 36.67 27.21
C VAL I 172 30.32 36.73 26.38
N LYS I 173 29.75 37.93 26.26
CA LYS I 173 28.58 38.12 25.42
C LYS I 173 28.94 37.99 23.95
N ALA I 174 27.94 37.66 23.14
CA ALA I 174 28.13 37.48 21.72
C ALA I 174 28.33 38.83 21.02
N PRO I 175 28.97 38.83 19.85
CA PRO I 175 29.08 40.07 19.07
C PRO I 175 27.72 40.58 18.63
N GLY I 176 27.62 41.90 18.48
CA GLY I 176 26.38 42.55 18.14
C GLY I 176 26.10 42.55 16.65
N ILE I 177 25.26 43.50 16.24
CA ILE I 177 24.82 43.58 14.85
C ILE I 177 25.99 44.00 13.95
N ILE I 178 26.68 45.07 14.33
CA ILE I 178 27.71 45.70 13.48
C ILE I 178 28.94 44.83 13.24
N PRO I 179 29.59 44.22 14.24
CA PRO I 179 30.82 43.46 13.94
C PRO I 179 30.60 42.22 13.09
N ARG I 180 29.37 41.74 12.97
CA ARG I 180 29.10 40.58 12.14
C ARG I 180 28.95 40.99 10.68
N VAL I 181 29.01 39.98 9.81
CA VAL I 181 28.80 40.14 8.38
C VAL I 181 28.18 38.84 7.87
N SER I 182 27.68 38.85 6.65
CA SER I 182 27.00 37.69 6.09
C SER I 182 27.96 36.53 5.91
N VAL I 183 27.43 35.32 6.03
CA VAL I 183 28.20 34.09 5.91
C VAL I 183 28.37 33.78 4.43
N ARG I 184 29.61 33.84 3.93
CA ARG I 184 29.86 33.70 2.50
C ARG I 184 31.07 32.81 2.19
N GLU I 185 31.68 32.18 3.19
CA GLU I 185 32.79 31.27 2.95
C GLU I 185 32.34 29.85 3.24
N PRO I 186 32.62 28.89 2.36
CA PRO I 186 32.11 27.53 2.56
C PRO I 186 32.77 26.81 3.71
N MET I 187 31.98 25.97 4.37
CA MET I 187 32.45 25.02 5.37
C MET I 187 32.38 23.63 4.75
N GLN I 188 33.53 23.04 4.48
CA GLN I 188 33.62 21.78 3.74
C GLN I 188 33.65 20.63 4.74
N THR I 189 32.51 19.96 4.92
CA THR I 189 32.44 18.79 5.77
C THR I 189 32.96 17.53 5.10
N GLY I 190 33.12 17.54 3.78
CA GLY I 190 33.56 16.37 3.06
C GLY I 190 32.47 15.36 2.78
N MET I 191 31.24 15.63 3.19
CA MET I 191 30.11 14.74 2.99
C MET I 191 29.35 15.21 1.76
N LYS I 192 29.04 14.26 0.86
CA LYS I 192 28.36 14.60 -0.39
C LYS I 192 26.95 15.13 -0.12
N ALA I 193 26.22 14.49 0.79
CA ALA I 193 24.84 14.90 1.03
C ALA I 193 24.77 16.20 1.82
N VAL I 194 25.79 16.47 2.64
CA VAL I 194 25.81 17.72 3.41
C VAL I 194 26.21 18.88 2.51
N ASP I 195 27.41 18.80 1.91
CA ASP I 195 27.97 19.93 1.17
C ASP I 195 27.18 20.30 -0.08
N SER I 196 26.27 19.43 -0.54
CA SER I 196 25.43 19.73 -1.69
C SER I 196 24.03 20.18 -1.30
N LEU I 197 23.38 19.47 -0.38
CA LEU I 197 21.98 19.72 -0.06
C LEU I 197 21.77 20.57 1.18
N VAL I 198 22.66 20.49 2.16
CA VAL I 198 22.56 21.32 3.36
C VAL I 198 23.89 22.06 3.52
N PRO I 199 24.22 23.00 2.64
CA PRO I 199 25.57 23.57 2.65
C PRO I 199 25.82 24.44 3.87
N ILE I 200 26.94 24.19 4.53
CA ILE I 200 27.33 24.89 5.75
C ILE I 200 28.36 25.95 5.37
N GLY I 201 28.20 27.14 5.96
CA GLY I 201 29.16 28.21 5.79
C GLY I 201 29.95 28.48 7.05
N ARG I 202 30.93 29.37 6.91
CA ARG I 202 31.82 29.72 8.02
C ARG I 202 31.20 30.85 8.81
N GLY I 203 30.89 30.59 10.08
CA GLY I 203 30.11 31.49 10.90
C GLY I 203 28.69 31.05 11.12
N GLN I 204 28.30 29.91 10.59
CA GLN I 204 26.95 29.39 10.68
C GLN I 204 26.81 28.44 11.85
N ARG I 205 25.59 28.32 12.36
CA ARG I 205 25.24 27.33 13.37
C ARG I 205 24.33 26.29 12.71
N GLU I 206 24.86 25.10 12.49
CA GLU I 206 24.13 24.02 11.84
C GLU I 206 23.90 22.89 12.83
N LEU I 207 22.63 22.57 13.08
CA LEU I 207 22.27 21.55 14.04
C LEU I 207 22.34 20.16 13.42
N ILE I 208 22.99 19.23 14.11
CA ILE I 208 23.00 17.82 13.75
C ILE I 208 22.07 17.12 14.72
N ILE I 209 20.87 16.77 14.27
CA ILE I 209 19.82 16.29 15.13
C ILE I 209 19.35 14.92 14.65
N GLY I 210 19.07 14.03 15.58
CA GLY I 210 18.58 12.71 15.23
C GLY I 210 18.34 11.89 16.47
N ASP I 211 18.10 10.60 16.26
CA ASP I 211 17.98 9.66 17.36
C ASP I 211 19.36 9.15 17.75
N ARG I 212 19.40 8.24 18.72
CA ARG I 212 20.67 7.65 19.13
C ARG I 212 21.16 6.67 18.07
N GLN I 213 22.48 6.63 17.88
CA GLN I 213 23.17 5.74 16.94
C GLN I 213 22.66 5.93 15.52
N THR I 214 22.60 7.19 15.08
CA THR I 214 22.22 7.53 13.72
C THR I 214 23.32 8.21 12.93
N GLY I 215 24.52 8.33 13.49
CA GLY I 215 25.63 8.92 12.77
C GLY I 215 25.88 10.39 13.03
N LYS I 216 25.37 10.94 14.15
CA LYS I 216 25.59 12.35 14.46
C LYS I 216 27.06 12.64 14.75
N THR I 217 27.72 11.76 15.50
CA THR I 217 29.14 11.94 15.75
C THR I 217 29.96 11.65 14.50
N ALA I 218 29.49 10.73 13.66
CA ALA I 218 30.20 10.40 12.42
C ALA I 218 30.26 11.59 11.47
N ILE I 219 29.17 12.35 11.36
CA ILE I 219 29.17 13.55 10.53
C ILE I 219 30.13 14.58 11.10
N ALA I 220 30.10 14.79 12.42
CA ALA I 220 30.92 15.83 13.05
C ALA I 220 32.40 15.49 12.98
N ILE I 221 32.75 14.22 13.18
CA ILE I 221 34.17 13.84 13.16
C ILE I 221 34.72 13.89 11.74
N ASP I 222 33.93 13.47 10.75
CA ASP I 222 34.37 13.54 9.36
C ASP I 222 34.59 14.97 8.91
N ALA I 223 33.77 15.91 9.44
CA ALA I 223 33.98 17.32 9.16
C ALA I 223 35.30 17.81 9.74
N ILE I 224 35.68 17.30 10.91
CA ILE I 224 36.97 17.65 11.51
C ILE I 224 38.12 17.06 10.70
N ILE I 225 37.97 15.80 10.27
CA ILE I 225 39.03 15.12 9.53
C ILE I 225 39.24 15.78 8.16
N ASN I 226 38.15 16.25 7.55
CA ASN I 226 38.21 16.79 6.19
C ASN I 226 39.07 18.04 6.08
N GLN I 227 39.27 18.78 7.16
CA GLN I 227 40.02 20.03 7.09
C GLN I 227 41.52 19.83 7.01
N LYS I 228 41.99 18.59 7.00
CA LYS I 228 43.43 18.34 6.87
C LYS I 228 43.95 18.81 5.51
N ARG I 229 43.14 18.67 4.46
CA ARG I 229 43.57 19.09 3.13
C ARG I 229 43.70 20.60 3.03
N PHE I 230 42.97 21.35 3.85
CA PHE I 230 43.10 22.80 3.87
C PHE I 230 44.16 23.28 4.84
N ASN I 231 44.35 22.56 5.95
CA ASN I 231 45.35 22.94 6.93
C ASN I 231 46.77 22.62 6.48
N ASP I 232 46.92 21.57 5.67
CA ASP I 232 48.24 21.25 5.13
C ASP I 232 48.67 22.21 4.03
N ALA I 233 47.70 22.83 3.35
CA ALA I 233 48.01 23.77 2.28
C ALA I 233 48.52 25.08 2.86
N GLN I 234 49.09 25.91 1.99
CA GLN I 234 49.64 27.20 2.39
C GLN I 234 48.62 28.32 2.41
N ASP I 235 47.42 28.09 1.88
CA ASP I 235 46.37 29.11 1.86
C ASP I 235 45.76 29.17 3.25
N GLU I 236 46.14 30.20 4.02
CA GLU I 236 45.72 30.30 5.41
C GLU I 236 44.27 30.74 5.56
N LYS I 237 43.67 31.34 4.53
CA LYS I 237 42.29 31.78 4.64
C LYS I 237 41.32 30.60 4.62
N LYS I 238 41.72 29.49 4.01
CA LYS I 238 40.92 28.28 4.04
C LYS I 238 41.29 27.35 5.19
N LYS I 239 42.31 27.69 5.97
CA LYS I 239 42.64 26.91 7.15
C LYS I 239 41.54 26.99 8.19
N LEU I 240 41.28 25.87 8.87
CA LEU I 240 40.22 25.80 9.85
C LEU I 240 40.68 24.98 11.03
N TYR I 241 40.64 25.57 12.22
CA TYR I 241 40.91 24.86 13.46
C TYR I 241 39.63 24.27 14.00
N CYS I 242 39.77 23.23 14.82
CA CYS I 242 38.62 22.48 15.28
C CYS I 242 38.62 22.38 16.79
N VAL I 243 37.42 22.45 17.37
CA VAL I 243 37.22 22.23 18.80
C VAL I 243 36.10 21.20 18.94
N TYR I 244 36.41 20.06 19.53
CA TYR I 244 35.40 19.03 19.77
C TYR I 244 35.08 19.01 21.26
N VAL I 245 33.84 19.29 21.60
CA VAL I 245 33.37 19.31 22.97
C VAL I 245 32.51 18.08 23.19
N ALA I 246 32.94 17.19 24.08
CA ALA I 246 32.21 15.98 24.40
C ALA I 246 31.53 16.20 25.75
N ILE I 247 30.20 16.26 25.73
CA ILE I 247 29.40 16.53 26.92
C ILE I 247 28.59 15.28 27.24
N GLY I 248 28.83 14.71 28.42
CA GLY I 248 28.02 13.60 28.88
C GLY I 248 28.27 12.28 28.19
N GLN I 249 29.34 12.18 27.40
CA GLN I 249 29.64 10.95 26.69
C GLN I 249 30.38 9.99 27.60
N LYS I 250 30.72 8.82 27.04
CA LYS I 250 31.58 7.87 27.73
C LYS I 250 33.03 8.23 27.48
N ARG I 251 33.86 8.06 28.51
CA ARG I 251 35.27 8.42 28.40
C ARG I 251 36.01 7.51 27.43
N SER I 252 35.57 6.26 27.30
CA SER I 252 36.14 5.36 26.30
C SER I 252 35.81 5.84 24.89
N THR I 253 34.60 6.37 24.69
CA THR I 253 34.22 6.88 23.38
C THR I 253 35.07 8.09 22.98
N VAL I 254 35.36 8.96 23.95
CA VAL I 254 36.21 10.12 23.68
C VAL I 254 37.63 9.68 23.34
N ALA I 255 38.14 8.65 24.04
CA ALA I 255 39.47 8.15 23.76
C ALA I 255 39.56 7.54 22.37
N GLN I 256 38.51 6.84 21.93
CA GLN I 256 38.50 6.29 20.58
C GLN I 256 38.39 7.38 19.53
N ILE I 257 37.72 8.48 19.85
CA ILE I 257 37.65 9.62 18.94
C ILE I 257 39.04 10.27 18.80
N VAL I 258 39.75 10.43 19.92
CA VAL I 258 41.08 11.02 19.89
C VAL I 258 42.06 10.12 19.13
N LYS I 259 41.89 8.80 19.25
CA LYS I 259 42.69 7.87 18.48
C LYS I 259 42.42 8.01 16.99
N ARG I 260 41.16 8.18 16.61
CA ARG I 260 40.81 8.38 15.21
C ARG I 260 41.39 9.67 14.67
N LEU I 261 41.35 10.75 15.46
CA LEU I 261 41.94 12.01 15.04
C LEU I 261 43.46 11.92 14.97
N THR I 262 44.08 11.10 15.83
CA THR I 262 45.53 10.97 15.82
C THR I 262 46.01 10.15 14.62
N ASP I 263 45.29 9.08 14.28
CA ASP I 263 45.68 8.25 13.15
C ASP I 263 45.56 9.00 11.83
N THR I 264 44.50 9.80 11.67
CA THR I 264 44.27 10.56 10.46
C THR I 264 45.00 11.90 10.48
N ASP I 265 45.82 12.15 11.50
CA ASP I 265 46.62 13.38 11.66
C ASP I 265 45.75 14.63 11.73
N ALA I 266 44.50 14.47 12.15
CA ALA I 266 43.58 15.58 12.34
C ALA I 266 43.70 16.18 13.73
N MET I 267 44.54 15.63 14.59
CA MET I 267 44.69 16.13 15.95
C MET I 267 45.58 17.37 16.01
N ARG I 268 46.37 17.65 14.96
CA ARG I 268 47.29 18.78 14.98
C ARG I 268 46.57 20.12 15.06
N TYR I 269 45.31 20.18 14.65
CA TYR I 269 44.53 21.41 14.67
C TYR I 269 43.25 21.27 15.47
N THR I 270 43.16 20.28 16.35
CA THR I 270 41.94 19.97 17.08
C THR I 270 42.18 20.11 18.57
N ILE I 271 41.22 20.73 19.26
CA ILE I 271 41.16 20.77 20.71
C ILE I 271 39.97 19.93 21.15
N VAL I 272 40.20 19.00 22.08
CA VAL I 272 39.14 18.17 22.62
C VAL I 272 38.90 18.61 24.05
N VAL I 273 37.70 19.14 24.31
CA VAL I 273 37.26 19.49 25.64
C VAL I 273 36.32 18.39 26.10
N SER I 274 36.70 17.67 27.15
CA SER I 274 35.99 16.46 27.56
C SER I 274 35.37 16.66 28.93
N ALA I 275 34.04 16.50 29.00
CA ALA I 275 33.30 16.44 30.26
C ALA I 275 32.38 15.23 30.11
N THR I 276 32.88 14.06 30.51
CA THR I 276 32.23 12.80 30.20
C THR I 276 31.09 12.53 31.18
N ALA I 277 30.48 11.35 31.07
CA ALA I 277 29.33 11.01 31.90
C ALA I 277 29.69 10.80 33.37
N SER I 278 30.95 10.53 33.66
CA SER I 278 31.39 10.40 35.05
C SER I 278 31.65 11.75 35.70
N ASP I 279 31.77 12.82 34.93
CA ASP I 279 32.06 14.12 35.48
C ASP I 279 30.81 14.74 36.07
N ALA I 280 31.02 15.72 36.94
CA ALA I 280 29.92 16.41 37.60
C ALA I 280 29.11 17.22 36.60
N ALA I 281 27.83 17.43 36.93
CA ALA I 281 26.96 18.25 36.09
C ALA I 281 27.46 19.67 35.87
N PRO I 282 28.05 20.38 36.86
CA PRO I 282 28.66 21.68 36.51
C PRO I 282 29.79 21.60 35.50
N LEU I 283 30.55 20.51 35.48
CA LEU I 283 31.60 20.36 34.47
C LEU I 283 31.01 20.17 33.10
N GLN I 284 29.93 19.40 32.99
CA GLN I 284 29.28 19.22 31.70
C GLN I 284 28.54 20.48 31.27
N TYR I 285 28.08 21.28 32.23
CA TYR I 285 27.47 22.56 31.91
C TYR I 285 28.51 23.57 31.42
N LEU I 286 29.70 23.57 32.03
CA LEU I 286 30.72 24.55 31.70
C LEU I 286 31.43 24.24 30.40
N ALA I 287 31.55 22.97 30.05
CA ALA I 287 32.39 22.55 28.93
C ALA I 287 32.02 23.16 27.57
N PRO I 288 30.74 23.31 27.18
CA PRO I 288 30.47 24.05 25.93
C PRO I 288 30.98 25.48 25.94
N TYR I 289 30.90 26.18 27.08
CA TYR I 289 31.38 27.55 27.14
C TYR I 289 32.90 27.61 27.17
N SER I 290 33.55 26.61 27.76
CA SER I 290 35.01 26.55 27.75
C SER I 290 35.53 26.32 26.33
N GLY I 291 34.94 25.38 25.61
CA GLY I 291 35.33 25.15 24.23
C GLY I 291 35.01 26.32 23.32
N CYS I 292 33.90 27.00 23.59
CA CYS I 292 33.54 28.18 22.79
C CYS I 292 34.55 29.30 22.98
N ALA I 293 35.05 29.47 24.20
CA ALA I 293 36.09 30.47 24.45
C ALA I 293 37.38 30.12 23.72
N MET I 294 37.73 28.84 23.67
CA MET I 294 38.91 28.40 22.92
C MET I 294 38.72 28.62 21.42
N GLY I 295 37.49 28.43 20.94
CA GLY I 295 37.21 28.71 19.55
C GLY I 295 37.07 30.19 19.25
N GLU I 296 36.63 30.98 20.24
CA GLU I 296 36.54 32.42 20.06
C GLU I 296 37.92 33.08 20.03
N PHE I 297 38.95 32.38 20.48
CA PHE I 297 40.31 32.90 20.30
C PHE I 297 40.67 32.96 18.83
N PHE I 298 40.32 31.93 18.07
CA PHE I 298 40.64 31.94 16.65
C PHE I 298 39.74 32.90 15.89
N ARG I 299 38.48 33.02 16.30
CA ARG I 299 37.55 33.94 15.65
C ARG I 299 38.00 35.39 15.78
N ASP I 300 38.47 35.78 16.96
CA ASP I 300 38.85 37.16 17.21
C ASP I 300 40.27 37.49 16.75
N ASN I 301 41.03 36.50 16.28
CA ASN I 301 42.39 36.72 15.83
C ASN I 301 42.56 36.52 14.33
N GLY I 302 41.47 36.61 13.57
CA GLY I 302 41.53 36.53 12.12
C GLY I 302 41.51 35.13 11.56
N LYS I 303 41.52 34.11 12.41
CA LYS I 303 41.51 32.72 11.97
C LYS I 303 40.07 32.20 12.00
N HIS I 304 39.89 30.96 11.57
CA HIS I 304 38.57 30.37 11.50
C HIS I 304 38.56 29.07 12.27
N ALA I 305 37.48 28.86 13.04
CA ALA I 305 37.37 27.70 13.91
C ALA I 305 36.01 27.04 13.72
N LEU I 306 36.00 25.72 13.87
CA LEU I 306 34.79 24.93 13.86
C LEU I 306 34.65 24.27 15.24
N ILE I 307 33.46 24.35 15.82
CA ILE I 307 33.22 23.77 17.12
C ILE I 307 32.02 22.84 17.05
N ILE I 308 32.11 21.71 17.76
CA ILE I 308 31.06 20.71 17.79
C ILE I 308 30.69 20.49 19.25
N TYR I 309 29.41 20.64 19.56
CA TYR I 309 28.88 20.37 20.90
C TYR I 309 28.16 19.02 20.83
N ASP I 310 28.79 17.98 21.36
CA ASP I 310 28.28 16.62 21.27
C ASP I 310 28.13 16.07 22.68
N ASP I 311 26.93 16.21 23.26
CA ASP I 311 25.80 16.87 22.64
C ASP I 311 25.13 17.85 23.60
N LEU I 312 24.42 18.84 23.04
CA LEU I 312 23.78 19.85 23.87
C LEU I 312 22.56 19.32 24.62
N SER I 313 22.00 18.20 24.18
CA SER I 313 20.89 17.60 24.92
C SER I 313 21.35 17.07 26.27
N LYS I 314 22.60 16.60 26.35
CA LYS I 314 23.15 16.16 27.62
C LYS I 314 23.55 17.32 28.50
N GLN I 315 23.95 18.45 27.90
CA GLN I 315 24.25 19.63 28.70
C GLN I 315 22.97 20.20 29.32
N ALA I 316 21.85 20.11 28.62
CA ALA I 316 20.58 20.55 29.18
C ALA I 316 20.14 19.65 30.33
N VAL I 317 20.47 18.36 30.26
CA VAL I 317 20.20 17.45 31.36
C VAL I 317 21.07 17.80 32.56
N ALA I 318 22.34 18.13 32.31
CA ALA I 318 23.24 18.53 33.39
C ALA I 318 22.80 19.85 34.01
N TYR I 319 22.30 20.78 33.19
CA TYR I 319 21.82 22.05 33.72
C TYR I 319 20.50 21.89 34.44
N ARG I 320 19.65 20.96 33.99
CA ARG I 320 18.42 20.68 34.70
C ARG I 320 18.70 20.09 36.07
N GLN I 321 19.74 19.25 36.18
CA GLN I 321 20.14 18.72 37.47
C GLN I 321 20.59 19.82 38.40
N MET I 322 21.39 20.77 37.90
CA MET I 322 21.83 21.90 38.70
C MET I 322 20.67 22.79 39.12
N SER I 323 19.69 22.97 38.23
CA SER I 323 18.55 23.83 38.54
C SER I 323 17.62 23.18 39.55
N LEU I 324 17.39 21.87 39.43
CA LEU I 324 16.51 21.19 40.38
C LEU I 324 17.14 21.07 41.76
N LEU I 325 18.47 20.90 41.82
CA LEU I 325 19.17 20.90 43.10
C LEU I 325 19.30 22.29 43.71
N LEU I 326 19.01 23.33 42.94
CA LEU I 326 18.95 24.70 43.45
C LEU I 326 17.52 25.15 43.73
N ARG I 327 16.57 24.21 43.73
CA ARG I 327 15.16 24.43 44.05
C ARG I 327 14.48 25.39 43.08
N ARG I 328 15.02 25.54 41.89
CA ARG I 328 14.41 26.41 40.89
C ARG I 328 13.15 25.75 40.32
N PRO I 329 12.14 26.54 39.96
CA PRO I 329 10.87 25.97 39.52
C PRO I 329 11.00 25.26 38.19
N PRO I 330 10.69 23.96 38.14
CA PRO I 330 10.73 23.24 36.88
C PRO I 330 9.61 23.65 35.94
N GLY I 331 9.85 23.51 34.64
CA GLY I 331 8.88 23.85 33.64
C GLY I 331 8.47 22.68 32.77
N ARG I 332 8.72 22.78 31.48
CA ARG I 332 8.36 21.72 30.54
C ARG I 332 9.40 20.62 30.60
N GLU I 333 8.95 19.39 30.87
CA GLU I 333 9.82 18.22 31.09
C GLU I 333 10.83 18.49 32.20
N ALA I 334 10.38 19.19 33.24
CA ALA I 334 11.14 19.56 34.44
C ALA I 334 12.35 20.44 34.13
N TYR I 335 12.45 21.00 32.93
CA TYR I 335 13.55 21.88 32.61
C TYR I 335 13.32 23.26 33.19
N PRO I 336 14.39 23.99 33.51
CA PRO I 336 14.22 25.37 33.96
C PRO I 336 13.80 26.28 32.81
N GLY I 337 13.32 27.47 33.18
CA GLY I 337 12.88 28.42 32.17
C GLY I 337 14.00 29.02 31.36
N ASP I 338 15.22 29.05 31.90
CA ASP I 338 16.37 29.60 31.20
C ASP I 338 17.19 28.53 30.49
N VAL I 339 16.57 27.39 30.15
CA VAL I 339 17.28 26.39 29.36
C VAL I 339 17.35 26.81 27.89
N PHE I 340 16.47 27.71 27.45
CA PHE I 340 16.64 28.30 26.13
C PHE I 340 17.80 29.29 26.12
N TYR I 341 17.89 30.12 27.16
CA TYR I 341 18.99 31.07 27.28
C TYR I 341 20.32 30.35 27.52
N LEU I 342 20.25 29.11 28.03
CA LEU I 342 21.46 28.31 28.19
C LEU I 342 22.13 28.04 26.85
N HIS I 343 21.35 27.68 25.84
CA HIS I 343 21.91 27.38 24.53
C HIS I 343 22.01 28.62 23.66
N SER I 344 21.14 29.61 23.87
CA SER I 344 21.13 30.79 23.02
C SER I 344 22.35 31.66 23.27
N ARG I 345 22.73 31.84 24.53
CA ARG I 345 23.93 32.61 24.83
C ARG I 345 25.20 31.89 24.39
N LEU I 346 25.14 30.57 24.23
CA LEU I 346 26.28 29.80 23.78
C LEU I 346 26.44 29.88 22.27
N LEU I 347 25.37 29.56 21.54
CA LEU I 347 25.46 29.46 20.09
C LEU I 347 25.57 30.80 19.39
N GLU I 348 25.08 31.88 20.01
CA GLU I 348 25.18 33.20 19.40
C GLU I 348 26.61 33.70 19.31
N ARG I 349 27.55 33.08 20.03
CA ARG I 349 28.95 33.42 19.92
C ARG I 349 29.60 32.85 18.67
N ALA I 350 28.92 31.97 17.95
CA ALA I 350 29.40 31.48 16.66
C ALA I 350 28.94 32.46 15.59
N ALA I 351 29.88 33.23 15.07
CA ALA I 351 29.54 34.31 14.14
C ALA I 351 30.67 34.50 13.15
N LYS I 352 30.32 35.11 12.01
CA LYS I 352 31.29 35.51 11.00
C LYS I 352 31.57 36.99 11.19
N MET I 353 32.84 37.34 11.42
CA MET I 353 33.20 38.71 11.75
C MET I 353 33.52 39.50 10.49
N SER I 354 33.39 40.82 10.61
CA SER I 354 33.67 41.71 9.50
C SER I 354 35.18 41.89 9.34
N GLU I 355 35.56 42.52 8.22
CA GLU I 355 36.97 42.74 7.93
C GLU I 355 37.62 43.74 8.89
N SER I 356 36.83 44.59 9.54
CA SER I 356 37.35 45.50 10.55
C SER I 356 37.62 44.79 11.87
N ASN I 357 37.12 43.55 12.04
CA ASN I 357 37.38 42.75 13.22
C ASN I 357 38.32 41.59 12.94
N GLY I 358 39.05 41.64 11.83
CA GLY I 358 39.98 40.60 11.45
C GLY I 358 39.46 39.62 10.43
N GLY I 359 38.14 39.54 10.26
CA GLY I 359 37.57 38.64 9.27
C GLY I 359 37.46 37.20 9.70
N GLY I 360 37.70 36.89 10.96
CA GLY I 360 37.60 35.52 11.43
C GLY I 360 36.18 35.07 11.62
N SER I 361 36.03 33.80 12.00
CA SER I 361 34.71 33.22 12.16
C SER I 361 34.77 32.04 13.12
N LEU I 362 33.61 31.73 13.69
CA LEU I 362 33.42 30.52 14.49
C LEU I 362 32.19 29.80 13.98
N THR I 363 32.34 28.53 13.66
CA THR I 363 31.25 27.72 13.13
C THR I 363 30.86 26.68 14.17
N ALA I 364 29.57 26.62 14.49
CA ALA I 364 29.05 25.71 15.51
C ALA I 364 28.30 24.57 14.87
N LEU I 365 28.53 23.36 15.36
CA LEU I 365 27.77 22.18 14.98
C LEU I 365 27.22 21.55 16.25
N PRO I 366 26.13 22.08 16.80
CA PRO I 366 25.51 21.45 17.96
C PRO I 366 24.88 20.11 17.58
N VAL I 367 24.84 19.22 18.55
CA VAL I 367 24.24 17.90 18.39
C VAL I 367 23.08 17.78 19.37
N ILE I 368 21.95 17.30 18.88
CA ILE I 368 20.76 17.08 19.70
C ILE I 368 20.26 15.67 19.44
N GLU I 369 20.06 14.90 20.50
CA GLU I 369 19.52 13.55 20.41
C GLU I 369 18.03 13.59 20.70
N THR I 370 17.22 13.11 19.76
CA THR I 370 15.79 13.03 19.95
C THR I 370 15.39 11.67 20.50
N GLN I 371 14.11 11.54 20.85
CA GLN I 371 13.55 10.29 21.33
C GLN I 371 12.48 9.84 20.33
N ALA I 372 12.76 8.73 19.65
CA ALA I 372 11.87 8.15 18.63
C ALA I 372 11.55 9.16 17.52
N GLY I 373 12.55 9.93 17.12
CA GLY I 373 12.40 10.90 16.05
C GLY I 373 11.42 12.02 16.33
N ASP I 374 11.42 12.54 17.56
CA ASP I 374 10.51 13.60 17.98
C ASP I 374 11.27 14.92 17.98
N VAL I 375 11.18 15.66 16.87
CA VAL I 375 11.77 16.99 16.79
C VAL I 375 10.84 18.06 17.34
N SER I 376 9.65 17.68 17.79
CA SER I 376 8.69 18.61 18.38
C SER I 376 8.81 18.69 19.89
N ALA I 377 9.80 18.01 20.48
CA ALA I 377 10.03 18.08 21.91
C ALA I 377 10.57 19.45 22.29
N TYR I 378 10.69 19.69 23.59
CA TYR I 378 11.00 21.03 24.08
C TYR I 378 12.43 21.44 23.74
N ILE I 379 13.41 20.62 24.12
CA ILE I 379 14.81 20.99 23.90
C ILE I 379 15.21 21.05 22.42
N PRO I 380 14.87 20.07 21.56
CA PRO I 380 15.21 20.24 20.14
C PRO I 380 14.54 21.43 19.47
N THR I 381 13.31 21.76 19.87
CA THR I 381 12.64 22.92 19.28
C THR I 381 13.31 24.21 19.70
N ASN I 382 13.90 24.24 20.90
CA ASN I 382 14.65 25.42 21.33
C ASN I 382 15.89 25.63 20.47
N VAL I 383 16.65 24.55 20.22
CA VAL I 383 17.88 24.67 19.45
C VAL I 383 17.59 24.95 17.98
N ILE I 384 16.48 24.44 17.45
CA ILE I 384 16.09 24.74 16.08
C ILE I 384 15.77 26.22 15.93
N SER I 385 15.16 26.82 16.96
CA SER I 385 14.89 28.25 16.93
C SER I 385 16.15 29.10 17.15
N ILE I 386 17.27 28.48 17.51
CA ILE I 386 18.52 29.21 17.69
C ILE I 386 19.41 29.10 16.46
N THR I 387 19.61 27.89 15.96
CA THR I 387 20.58 27.63 14.91
C THR I 387 20.07 28.11 13.56
N ASP I 388 20.94 28.05 12.56
CA ASP I 388 20.66 28.50 11.20
C ASP I 388 20.29 27.33 10.29
N GLY I 389 19.57 26.35 10.82
CA GLY I 389 19.20 25.19 10.05
C GLY I 389 19.66 23.90 10.69
N GLN I 390 18.97 22.80 10.42
CA GLN I 390 19.26 21.53 11.06
C GLN I 390 19.48 20.45 10.02
N ILE I 391 20.35 19.50 10.37
CA ILE I 391 20.56 18.29 9.59
C ILE I 391 19.91 17.15 10.37
N PHE I 392 18.82 16.60 9.82
CA PHE I 392 18.04 15.59 10.52
C PHE I 392 18.45 14.21 10.05
N LEU I 393 18.74 13.33 11.01
CA LEU I 393 19.14 11.96 10.72
C LEU I 393 18.03 11.01 11.11
N GLU I 394 17.65 10.13 10.19
CA GLU I 394 16.50 9.25 10.34
C GLU I 394 16.93 7.87 10.81
N THR I 395 16.16 7.30 11.74
CA THR I 395 16.40 5.93 12.16
C THR I 395 15.98 4.95 11.08
N GLU I 396 14.89 5.25 10.36
CA GLU I 396 14.39 4.37 9.32
C GLU I 396 15.38 4.27 8.15
N LEU I 397 15.96 5.40 7.74
CA LEU I 397 16.98 5.36 6.70
C LEU I 397 18.25 4.67 7.18
N PHE I 398 18.56 4.80 8.47
CA PHE I 398 19.76 4.16 9.01
C PHE I 398 19.62 2.64 9.06
N TYR I 399 18.40 2.14 9.29
CA TYR I 399 18.17 0.70 9.31
C TYR I 399 18.28 0.10 7.91
N LYS I 400 17.96 0.87 6.87
CA LYS I 400 17.96 0.38 5.50
C LYS I 400 19.34 0.37 4.87
N GLY I 401 20.37 0.81 5.59
CA GLY I 401 21.71 0.85 5.05
C GLY I 401 22.11 2.18 4.44
N ILE I 402 21.23 3.15 4.41
CA ILE I 402 21.55 4.48 3.88
C ILE I 402 22.39 5.21 4.92
N ARG I 403 23.67 5.39 4.65
CA ARG I 403 24.59 6.06 5.57
C ARG I 403 25.40 7.08 4.78
N PRO I 404 25.39 8.37 5.17
CA PRO I 404 24.67 8.97 6.31
C PRO I 404 23.17 9.07 6.08
N ALA I 405 22.38 8.82 7.13
CA ALA I 405 20.92 8.72 7.00
C ALA I 405 20.27 10.10 7.09
N ILE I 406 20.70 10.99 6.18
CA ILE I 406 20.24 12.36 6.18
C ILE I 406 18.88 12.43 5.50
N ASN I 407 17.90 12.99 6.20
CA ASN I 407 16.59 13.27 5.61
C ASN I 407 16.73 14.51 4.74
N VAL I 408 16.61 14.31 3.43
CA VAL I 408 16.81 15.42 2.49
C VAL I 408 15.68 16.43 2.59
N GLY I 409 14.45 15.95 2.74
CA GLY I 409 13.32 16.86 2.82
C GLY I 409 13.19 17.60 4.13
N LEU I 410 13.80 17.09 5.19
CA LEU I 410 13.71 17.71 6.51
C LEU I 410 15.02 18.36 6.95
N SER I 411 15.99 18.50 6.06
CA SER I 411 17.25 19.16 6.37
C SER I 411 17.24 20.56 5.78
N VAL I 412 17.48 21.56 6.61
CA VAL I 412 17.41 22.96 6.23
C VAL I 412 18.78 23.59 6.45
N SER I 413 19.19 24.44 5.51
CA SER I 413 20.32 25.34 5.70
C SER I 413 19.82 26.75 5.41
N ARG I 414 19.62 27.54 6.47
CA ARG I 414 19.06 28.89 6.31
C ARG I 414 19.99 29.79 5.52
N VAL I 415 21.30 29.58 5.62
CA VAL I 415 22.24 30.31 4.77
C VAL I 415 22.07 29.87 3.31
N GLY I 416 22.03 28.57 3.07
CA GLY I 416 21.73 28.08 1.73
C GLY I 416 22.93 28.21 0.79
N SER I 417 22.64 28.58 -0.45
CA SER I 417 23.63 28.61 -1.51
C SER I 417 24.58 29.79 -1.42
N ALA I 418 24.40 30.69 -0.45
CA ALA I 418 25.26 31.86 -0.32
C ALA I 418 26.68 31.52 0.12
N ALA I 419 26.92 30.30 0.59
CA ALA I 419 28.21 29.91 1.14
C ALA I 419 28.66 28.58 0.55
N GLN I 420 28.59 28.45 -0.77
CA GLN I 420 29.15 27.30 -1.46
C GLN I 420 29.70 27.74 -2.80
N THR I 421 30.59 26.93 -3.34
CA THR I 421 31.28 27.28 -4.57
C THR I 421 30.32 27.26 -5.76
N ARG I 422 30.72 27.93 -6.84
CA ARG I 422 29.88 28.05 -8.03
C ARG I 422 29.62 26.69 -8.66
N ALA I 423 30.64 25.84 -8.73
CA ALA I 423 30.48 24.52 -9.34
C ALA I 423 29.53 23.64 -8.53
N MET I 424 29.65 23.65 -7.21
CA MET I 424 28.75 22.85 -6.38
C MET I 424 27.33 23.43 -6.41
N LYS I 425 27.21 24.76 -6.35
CA LYS I 425 25.89 25.38 -6.34
C LYS I 425 25.15 25.14 -7.65
N GLN I 426 25.87 25.18 -8.77
CA GLN I 426 25.24 24.98 -10.07
C GLN I 426 24.73 23.56 -10.23
N VAL I 427 25.44 22.59 -9.66
CA VAL I 427 25.04 21.19 -9.84
C VAL I 427 24.07 20.76 -8.75
N ALA I 428 24.26 21.19 -7.50
CA ALA I 428 23.36 20.76 -6.43
C ALA I 428 21.99 21.41 -6.55
N GLY I 429 21.89 22.54 -7.26
CA GLY I 429 20.58 23.10 -7.54
C GLY I 429 19.74 22.19 -8.42
N SER I 430 20.37 21.57 -9.41
CA SER I 430 19.67 20.61 -10.25
C SER I 430 19.35 19.33 -9.51
N MET I 431 20.27 18.87 -8.65
CA MET I 431 20.02 17.64 -7.89
C MET I 431 18.91 17.85 -6.87
N LYS I 432 18.82 19.05 -6.29
CA LYS I 432 17.75 19.34 -5.34
C LYS I 432 16.39 19.32 -6.02
N LEU I 433 16.32 19.85 -7.25
CA LEU I 433 15.06 19.78 -8.01
C LEU I 433 14.71 18.34 -8.37
N GLU I 434 15.71 17.56 -8.80
CA GLU I 434 15.44 16.19 -9.23
C GLU I 434 15.08 15.29 -8.06
N LEU I 435 15.69 15.52 -6.89
CA LEU I 435 15.31 14.75 -5.71
C LEU I 435 13.91 15.12 -5.24
N ALA I 436 13.51 16.38 -5.43
CA ALA I 436 12.13 16.78 -5.12
C ALA I 436 11.16 16.14 -6.10
N GLN I 437 11.53 16.05 -7.37
CA GLN I 437 10.69 15.37 -8.36
C GLN I 437 10.57 13.89 -8.05
N TYR I 438 11.67 13.25 -7.65
CA TYR I 438 11.62 11.84 -7.28
C TYR I 438 10.80 11.63 -6.02
N ARG I 439 10.82 12.60 -5.10
CA ARG I 439 10.05 12.49 -3.87
C ARG I 439 8.55 12.55 -4.14
N GLU I 440 8.12 13.38 -5.11
CA GLU I 440 6.70 13.48 -5.42
C GLU I 440 6.17 12.20 -6.06
N VAL I 441 6.95 11.57 -6.93
CA VAL I 441 6.50 10.39 -7.66
C VAL I 441 6.91 9.10 -6.97
N ALA I 442 7.47 9.19 -5.76
CA ALA I 442 7.84 7.98 -5.02
C ALA I 442 6.63 7.21 -4.51
N ALA I 443 5.48 7.88 -4.38
CA ALA I 443 4.27 7.19 -3.96
C ALA I 443 3.69 6.31 -5.07
N PHE I 444 4.01 6.59 -6.33
CA PHE I 444 3.51 5.79 -7.43
C PHE I 444 4.34 4.55 -7.70
N ALA I 445 5.51 4.42 -7.05
CA ALA I 445 6.34 3.24 -7.22
C ALA I 445 5.86 2.04 -6.41
N GLN I 446 4.94 2.25 -5.48
CA GLN I 446 4.48 1.16 -4.63
C GLN I 446 3.61 0.17 -5.42
N PHE I 447 2.75 0.68 -6.30
CA PHE I 447 1.85 -0.15 -7.08
C PHE I 447 2.02 0.05 -8.58
N GLY I 448 3.03 0.81 -9.00
CA GLY I 448 3.19 1.12 -10.41
C GLY I 448 3.75 -0.01 -11.24
N SER I 449 2.95 -1.06 -11.45
CA SER I 449 3.35 -2.14 -12.35
C SER I 449 3.48 -1.64 -13.78
N ASP I 450 2.56 -0.78 -14.21
CA ASP I 450 2.65 -0.08 -15.48
C ASP I 450 2.75 1.40 -15.17
N LEU I 451 3.83 2.03 -15.64
CA LEU I 451 4.09 3.43 -15.34
C LEU I 451 4.63 4.12 -16.58
N ASP I 452 4.45 5.43 -16.62
CA ASP I 452 4.84 6.22 -17.78
C ASP I 452 6.36 6.31 -17.89
N ALA I 453 6.84 6.61 -19.10
CA ALA I 453 8.27 6.71 -19.35
C ALA I 453 8.88 7.90 -18.62
N SER I 454 8.15 9.01 -18.53
CA SER I 454 8.64 10.17 -17.80
C SER I 454 8.72 9.88 -16.30
N THR I 455 7.72 9.20 -15.76
CA THR I 455 7.74 8.86 -14.33
C THR I 455 8.79 7.80 -14.04
N GLN I 456 9.00 6.86 -14.96
CA GLN I 456 10.05 5.86 -14.78
C GLN I 456 11.43 6.51 -14.83
N GLN I 457 11.60 7.52 -15.68
CA GLN I 457 12.87 8.24 -15.72
C GLN I 457 13.12 9.00 -14.42
N LEU I 458 12.07 9.59 -13.86
CA LEU I 458 12.20 10.28 -12.58
C LEU I 458 12.53 9.31 -11.46
N LEU I 459 11.91 8.12 -11.47
CA LEU I 459 12.23 7.11 -10.46
C LEU I 459 13.65 6.58 -10.63
N SER I 460 14.06 6.34 -11.88
CA SER I 460 15.39 5.82 -12.13
C SER I 460 16.47 6.84 -11.76
N ARG I 461 16.23 8.12 -12.08
CA ARG I 461 17.18 9.17 -11.74
C ARG I 461 17.29 9.34 -10.23
N GLY I 462 16.16 9.30 -9.53
CA GLY I 462 16.18 9.46 -8.08
C GLY I 462 16.88 8.33 -7.37
N VAL I 463 16.79 7.12 -7.89
CA VAL I 463 17.50 5.98 -7.30
C VAL I 463 19.00 6.15 -7.43
N ARG I 464 19.46 6.61 -8.61
CA ARG I 464 20.88 6.86 -8.80
C ARG I 464 21.36 8.00 -7.91
N LEU I 465 20.53 9.04 -7.75
CA LEU I 465 20.90 10.17 -6.89
C LEU I 465 20.91 9.77 -5.42
N THR I 466 20.00 8.90 -5.00
CA THR I 466 20.01 8.42 -3.62
C THR I 466 21.24 7.56 -3.36
N GLU I 467 21.57 6.66 -4.29
CA GLU I 467 22.80 5.87 -4.17
C GLU I 467 24.04 6.73 -4.31
N LEU I 468 23.93 7.91 -4.93
CA LEU I 468 25.07 8.78 -5.09
C LEU I 468 25.48 9.40 -3.76
N LEU I 469 24.50 9.78 -2.93
CA LEU I 469 24.77 10.47 -1.68
C LEU I 469 25.33 9.57 -0.59
N LYS I 470 25.30 8.25 -0.78
CA LYS I 470 25.88 7.34 0.20
C LYS I 470 27.39 7.48 0.23
N GLN I 471 27.97 7.38 1.42
CA GLN I 471 29.38 7.62 1.60
C GLN I 471 29.86 6.87 2.84
N GLY I 472 31.03 6.23 2.72
CA GLY I 472 31.56 5.47 3.84
C GLY I 472 32.08 6.38 4.94
N GLN I 473 32.18 5.79 6.14
CA GLN I 473 32.65 6.53 7.29
C GLN I 473 34.16 6.75 7.22
N TYR I 474 34.60 7.89 7.77
CA TYR I 474 36.00 8.29 7.87
C TYR I 474 36.65 8.50 6.51
N VAL I 475 35.86 8.66 5.45
CA VAL I 475 36.41 8.96 4.12
C VAL I 475 35.73 10.23 3.60
N PRO I 476 36.11 11.41 4.07
CA PRO I 476 35.57 12.64 3.47
C PRO I 476 36.17 12.89 2.10
N MET I 477 35.42 13.61 1.27
CA MET I 477 35.78 13.83 -0.12
C MET I 477 36.10 15.31 -0.37
N ALA I 478 37.06 15.54 -1.25
CA ALA I 478 37.36 16.88 -1.69
C ALA I 478 36.20 17.44 -2.52
N ILE I 479 36.12 18.77 -2.57
CA ILE I 479 34.98 19.42 -3.21
C ILE I 479 34.99 19.19 -4.72
N GLU I 480 36.17 19.03 -5.32
CA GLU I 480 36.23 18.70 -6.74
C GLU I 480 35.72 17.29 -7.01
N ASP I 481 36.04 16.35 -6.12
CA ASP I 481 35.53 14.99 -6.25
C ASP I 481 34.03 14.93 -6.04
N GLN I 482 33.50 15.73 -5.12
CA GLN I 482 32.07 15.77 -4.89
C GLN I 482 31.34 16.36 -6.08
N VAL I 483 31.88 17.43 -6.67
CA VAL I 483 31.23 18.09 -7.80
C VAL I 483 31.18 17.14 -9.00
N ALA I 484 32.28 16.45 -9.28
CA ALA I 484 32.35 15.56 -10.44
C ALA I 484 31.38 14.39 -10.30
N ILE I 485 31.28 13.81 -9.10
CA ILE I 485 30.41 12.65 -8.90
C ILE I 485 28.94 13.05 -8.97
N ILE I 486 28.59 14.18 -8.34
CA ILE I 486 27.19 14.65 -8.39
C ILE I 486 26.82 15.08 -9.80
N TYR I 487 27.77 15.67 -10.54
CA TYR I 487 27.50 16.08 -11.91
C TYR I 487 27.22 14.89 -12.82
N CYS I 488 27.97 13.80 -12.65
CA CYS I 488 27.73 12.61 -13.47
C CYS I 488 26.37 12.00 -13.18
N GLY I 489 25.96 11.97 -11.91
CA GLY I 489 24.68 11.39 -11.57
C GLY I 489 23.49 12.27 -11.90
N VAL I 490 23.71 13.56 -12.09
CA VAL I 490 22.61 14.48 -12.34
C VAL I 490 22.41 14.78 -13.82
N ARG I 491 23.38 14.46 -14.67
CA ARG I 491 23.26 14.67 -16.11
C ARG I 491 22.74 13.45 -16.85
N GLY I 492 22.57 12.32 -16.16
CA GLY I 492 22.10 11.12 -16.80
C GLY I 492 23.18 10.14 -17.21
N HIS I 493 24.42 10.35 -16.76
CA HIS I 493 25.50 9.41 -17.09
C HIS I 493 25.33 8.07 -16.42
N LEU I 494 24.59 8.01 -15.30
CA LEU I 494 24.42 6.80 -14.53
C LEU I 494 23.09 6.11 -14.80
N ASP I 495 22.36 6.53 -15.84
CA ASP I 495 21.09 5.89 -16.15
C ASP I 495 21.29 4.47 -16.68
N LYS I 496 22.45 4.19 -17.29
CA LYS I 496 22.78 2.83 -17.70
C LYS I 496 23.57 2.06 -16.65
N VAL I 497 24.28 2.77 -15.77
CA VAL I 497 24.99 2.12 -14.68
C VAL I 497 24.00 1.65 -13.63
N GLU I 498 24.13 0.41 -13.19
CA GLU I 498 23.25 -0.12 -12.17
C GLU I 498 23.49 0.59 -10.85
N PRO I 499 22.43 0.79 -10.04
CA PRO I 499 22.62 1.47 -8.74
C PRO I 499 23.49 0.70 -7.77
N SER I 500 23.65 -0.61 -7.94
CA SER I 500 24.49 -1.40 -7.04
C SER I 500 25.97 -1.29 -7.37
N LYS I 501 26.33 -0.64 -8.48
CA LYS I 501 27.73 -0.48 -8.87
C LYS I 501 28.16 0.98 -8.91
N ILE I 502 27.37 1.88 -8.32
CA ILE I 502 27.68 3.31 -8.37
C ILE I 502 28.92 3.62 -7.54
N THR I 503 29.04 3.00 -6.36
CA THR I 503 30.18 3.27 -5.48
C THR I 503 31.49 2.78 -6.09
N LYS I 504 31.45 1.65 -6.79
CA LYS I 504 32.64 1.19 -7.50
C LYS I 504 32.95 2.07 -8.70
N PHE I 505 31.91 2.56 -9.38
CA PHE I 505 32.11 3.53 -10.45
C PHE I 505 32.67 4.83 -9.91
N GLU I 506 32.30 5.19 -8.68
CA GLU I 506 32.79 6.43 -8.08
C GLU I 506 34.29 6.40 -7.85
N LYS I 507 34.83 5.25 -7.44
CA LYS I 507 36.27 5.13 -7.26
C LYS I 507 37.00 5.13 -8.59
N GLU I 508 36.53 4.33 -9.55
CA GLU I 508 37.30 4.08 -10.76
C GLU I 508 37.27 5.28 -11.70
N PHE I 509 36.10 5.90 -11.88
CA PHE I 509 36.01 7.01 -12.82
C PHE I 509 36.74 8.25 -12.30
N SER I 510 36.67 8.50 -10.99
CA SER I 510 37.43 9.60 -10.41
C SER I 510 38.92 9.36 -10.52
N GLN I 511 39.36 8.10 -10.36
CA GLN I 511 40.77 7.77 -10.55
C GLN I 511 41.21 8.03 -11.99
N HIS I 512 40.37 7.69 -12.96
CA HIS I 512 40.69 7.95 -14.35
C HIS I 512 40.76 9.45 -14.64
N ILE I 513 39.88 10.23 -14.03
CA ILE I 513 39.94 11.69 -14.16
C ILE I 513 41.20 12.23 -13.50
N LYS I 514 41.54 11.73 -12.31
CA LYS I 514 42.73 12.17 -11.61
C LYS I 514 44.03 11.73 -12.27
N THR I 515 43.97 10.83 -13.24
CA THR I 515 45.17 10.32 -13.90
C THR I 515 45.27 10.71 -15.37
N SER I 516 44.19 10.50 -16.14
CA SER I 516 44.25 10.67 -17.58
C SER I 516 43.70 12.00 -18.07
N HIS I 517 42.77 12.60 -17.35
CA HIS I 517 42.08 13.81 -17.78
C HIS I 517 42.21 14.92 -16.74
N ARG I 518 43.43 15.15 -16.28
CA ARG I 518 43.68 16.21 -15.32
C ARG I 518 43.49 17.61 -15.92
N ASP I 519 43.49 17.72 -17.25
CA ASP I 519 43.25 19.02 -17.88
C ASP I 519 41.82 19.48 -17.68
N ILE I 520 40.88 18.54 -17.54
CA ILE I 520 39.49 18.89 -17.25
C ILE I 520 39.37 19.55 -15.89
N LEU I 521 40.05 18.99 -14.88
CA LEU I 521 40.00 19.56 -13.54
C LEU I 521 40.69 20.92 -13.49
N ASP I 522 41.77 21.10 -14.26
CA ASP I 522 42.45 22.38 -14.31
C ASP I 522 41.56 23.46 -14.93
N THR I 523 40.80 23.08 -15.96
CA THR I 523 39.86 24.03 -16.57
C THR I 523 38.74 24.40 -15.61
N ILE I 524 38.22 23.40 -14.88
CA ILE I 524 37.16 23.66 -13.90
C ILE I 524 37.68 24.53 -12.76
N ALA I 525 38.89 24.24 -12.27
CA ALA I 525 39.47 25.04 -11.19
C ALA I 525 39.76 26.46 -11.63
N LYS I 526 40.19 26.65 -12.88
CA LYS I 526 40.45 28.00 -13.38
C LYS I 526 39.15 28.78 -13.58
N GLU I 527 38.15 28.14 -14.20
CA GLU I 527 36.89 28.82 -14.45
C GLU I 527 36.04 28.97 -13.19
N GLY I 528 36.12 28.00 -12.27
CA GLY I 528 35.27 28.00 -11.11
C GLY I 528 33.89 27.42 -11.33
N GLN I 529 33.58 26.97 -12.53
CA GLN I 529 32.28 26.41 -12.86
C GLN I 529 32.49 25.35 -13.94
N ILE I 530 31.41 24.93 -14.59
CA ILE I 530 31.46 23.95 -15.66
C ILE I 530 30.97 24.61 -16.95
N SER I 531 31.85 24.68 -17.94
CA SER I 531 31.54 25.24 -19.24
C SER I 531 30.83 24.20 -20.12
N PRO I 532 30.00 24.65 -21.07
CA PRO I 532 29.42 23.71 -22.03
C PRO I 532 30.45 22.96 -22.86
N ASP I 533 31.60 23.59 -23.15
CA ASP I 533 32.69 22.87 -23.80
C ASP I 533 33.23 21.76 -22.91
N THR I 534 33.40 22.05 -21.61
CA THR I 534 33.80 21.02 -20.67
C THR I 534 32.69 19.99 -20.46
N ASP I 535 31.43 20.42 -20.60
CA ASP I 535 30.32 19.47 -20.53
C ASP I 535 30.38 18.46 -21.67
N ALA I 536 30.72 18.92 -22.87
CA ALA I 536 30.85 18.02 -24.00
C ALA I 536 32.05 17.09 -23.82
N LYS I 537 33.16 17.60 -23.29
CA LYS I 537 34.32 16.77 -23.02
C LYS I 537 34.03 15.74 -21.94
N LEU I 538 33.29 16.13 -20.91
CA LEU I 538 32.92 15.18 -19.86
C LEU I 538 31.94 14.13 -20.38
N LYS I 539 31.08 14.51 -21.33
CA LYS I 539 30.20 13.55 -21.97
C LYS I 539 31.00 12.50 -22.74
N LYS I 540 32.05 12.94 -23.43
CA LYS I 540 32.85 12.02 -24.24
C LYS I 540 33.67 11.07 -23.38
N VAL I 541 34.27 11.58 -22.30
CA VAL I 541 35.13 10.73 -21.49
C VAL I 541 34.30 9.78 -20.63
N VAL I 542 33.05 10.14 -20.33
CA VAL I 542 32.16 9.20 -19.66
C VAL I 542 31.78 8.07 -20.60
N THR I 543 31.44 8.41 -21.85
CA THR I 543 31.09 7.40 -22.84
C THR I 543 32.28 6.49 -23.14
N ASP I 544 33.49 7.07 -23.21
CA ASP I 544 34.68 6.25 -23.40
C ASP I 544 34.94 5.35 -22.22
N PHE I 545 34.71 5.85 -21.00
CA PHE I 545 34.99 5.05 -19.80
C PHE I 545 34.00 3.91 -19.64
N LEU I 546 32.71 4.15 -19.91
CA LEU I 546 31.74 3.07 -19.80
C LEU I 546 31.91 2.05 -20.91
N SER I 547 32.33 2.49 -22.10
CA SER I 547 32.60 1.55 -23.18
C SER I 547 33.86 0.73 -22.90
N THR I 548 34.86 1.34 -22.28
CA THR I 548 36.09 0.61 -21.98
C THR I 548 35.88 -0.40 -20.86
N PHE I 549 35.03 -0.07 -19.87
CA PHE I 549 34.73 -1.02 -18.80
C PHE I 549 33.95 -2.21 -19.32
N GLN I 550 32.98 -1.97 -20.21
CA GLN I 550 32.17 -3.04 -20.76
C GLN I 550 31.63 -2.62 -22.12
N ALA I 551 31.51 -3.58 -23.02
CA ALA I 551 31.00 -3.32 -24.37
C ALA I 551 30.36 -4.58 -24.95
N ALA J 47 5.41 40.46 64.08
CA ALA J 47 5.66 41.89 63.98
C ALA J 47 7.02 42.25 64.57
N GLU J 48 8.08 41.91 63.83
CA GLU J 48 9.46 42.18 64.26
C GLU J 48 10.20 42.86 63.12
N ILE J 49 10.10 44.18 63.07
CA ILE J 49 10.87 44.99 62.14
C ILE J 49 11.81 45.87 62.96
N SER J 50 12.87 46.36 62.29
CA SER J 50 14.00 46.97 63.01
C SER J 50 13.58 48.22 63.78
N ALA J 51 12.72 49.05 63.18
CA ALA J 51 12.24 50.24 63.90
C ALA J 51 11.33 49.85 65.06
N VAL J 52 10.45 48.87 64.86
CA VAL J 52 9.55 48.44 65.91
C VAL J 52 10.31 47.72 67.01
N LEU J 53 11.30 46.90 66.64
CA LEU J 53 12.12 46.23 67.64
C LEU J 53 12.89 47.24 68.50
N GLU J 54 13.47 48.25 67.86
CA GLU J 54 14.30 49.22 68.58
C GLU J 54 13.45 50.07 69.53
N GLU J 55 12.27 50.48 69.10
CA GLU J 55 11.40 51.25 70.00
C GLU J 55 10.81 50.40 71.11
N LYS J 56 10.78 49.08 70.94
CA LYS J 56 10.40 48.20 72.03
C LYS J 56 11.50 48.08 73.07
N ILE J 57 12.77 48.16 72.64
CA ILE J 57 13.88 48.14 73.60
C ILE J 57 13.86 49.40 74.46
N LEU J 58 13.65 50.56 73.83
CA LEU J 58 13.68 51.83 74.54
C LEU J 58 12.49 52.03 75.44
N GLY J 59 11.39 51.30 75.21
CA GLY J 59 10.15 51.60 75.92
C GLY J 59 9.61 52.96 75.57
N ALA J 60 9.65 53.32 74.28
CA ALA J 60 9.30 54.68 73.88
C ALA J 60 7.79 54.93 73.91
N ALA J 61 6.98 53.86 73.76
CA ALA J 61 5.53 53.93 73.62
C ALA J 61 5.16 54.91 72.51
N PRO J 62 5.37 54.54 71.25
CA PRO J 62 5.30 55.52 70.16
C PRO J 62 3.90 56.03 69.91
N LYS J 63 3.83 57.26 69.42
CA LYS J 63 2.57 57.86 69.02
C LYS J 63 2.27 57.42 67.58
N GLU J 64 1.26 58.06 66.97
CA GLU J 64 0.70 57.65 65.67
C GLU J 64 0.28 56.18 65.73
N ASN J 65 -0.71 55.92 66.59
CA ASN J 65 -1.14 54.55 66.85
C ASN J 65 -1.75 53.91 65.61
N LEU J 66 -1.32 52.69 65.32
CA LEU J 66 -1.68 52.00 64.08
C LEU J 66 -2.84 51.05 64.33
N GLU J 67 -4.03 51.62 64.51
CA GLU J 67 -5.25 50.83 64.51
C GLU J 67 -6.20 51.20 63.39
N GLU J 68 -6.26 52.47 63.02
CA GLU J 68 -6.99 52.91 61.84
C GLU J 68 -6.05 53.28 60.70
N THR J 69 -4.76 53.02 60.86
CA THR J 69 -3.76 53.40 59.88
C THR J 69 -2.61 52.40 59.95
N GLY J 70 -1.76 52.43 58.93
CA GLY J 70 -0.62 51.52 58.90
C GLY J 70 0.41 51.98 57.90
N ARG J 71 1.53 51.27 57.89
CA ARG J 71 2.64 51.60 57.00
C ARG J 71 3.03 50.36 56.19
N VAL J 72 3.46 50.59 54.97
CA VAL J 72 3.80 49.50 54.05
C VAL J 72 5.14 48.90 54.46
N LEU J 73 5.17 47.58 54.66
CA LEU J 73 6.42 46.88 54.87
C LEU J 73 7.09 46.54 53.54
N SER J 74 6.38 45.82 52.69
CA SER J 74 6.86 45.45 51.37
C SER J 74 5.77 45.71 50.35
N ILE J 75 6.17 46.11 49.15
CA ILE J 75 5.24 46.31 48.04
C ILE J 75 5.88 45.70 46.80
N GLY J 76 5.11 44.93 46.05
CA GLY J 76 5.61 44.32 44.83
C GLY J 76 4.58 43.43 44.16
N ASP J 77 4.50 43.52 42.84
CA ASP J 77 3.58 42.73 42.01
C ASP J 77 2.12 42.94 42.41
N GLY J 78 1.78 44.15 42.85
CA GLY J 78 0.42 44.44 43.22
C GLY J 78 -0.01 43.94 44.58
N ILE J 79 0.93 43.49 45.40
CA ILE J 79 0.64 43.02 46.76
C ILE J 79 1.44 43.89 47.72
N ALA J 80 0.75 44.49 48.68
CA ALA J 80 1.38 45.32 49.70
C ALA J 80 1.19 44.65 51.05
N ARG J 81 2.29 44.42 51.76
CA ARG J 81 2.26 43.93 53.12
C ARG J 81 2.38 45.14 54.05
N VAL J 82 1.38 45.33 54.90
CA VAL J 82 1.22 46.55 55.68
C VAL J 82 1.29 46.22 57.16
N TYR J 83 2.14 46.92 57.89
CA TYR J 83 2.20 46.81 59.34
C TYR J 83 1.26 47.82 59.96
N GLY J 84 0.46 47.36 60.91
CA GLY J 84 -0.55 48.21 61.51
C GLY J 84 -1.94 47.77 61.10
N LEU J 85 -2.88 48.72 61.04
CA LEU J 85 -4.28 48.46 60.71
C LEU J 85 -4.86 47.38 61.62
N LYS J 86 -4.82 47.65 62.92
CA LYS J 86 -5.22 46.64 63.88
C LYS J 86 -6.73 46.45 63.94
N ASN J 87 -7.50 47.51 63.70
CA ASN J 87 -8.95 47.42 63.70
C ASN J 87 -9.53 47.09 62.33
N ILE J 88 -8.69 46.67 61.39
CA ILE J 88 -9.15 46.46 60.02
C ILE J 88 -9.99 45.19 59.93
N GLN J 89 -10.85 45.14 58.92
CA GLN J 89 -11.73 44.03 58.67
C GLN J 89 -11.22 43.21 57.49
N ALA J 90 -11.70 41.97 57.41
CA ALA J 90 -11.40 41.14 56.25
C ALA J 90 -12.17 41.64 55.04
N GLU J 91 -11.50 41.64 53.88
CA GLU J 91 -12.06 42.12 52.62
C GLU J 91 -12.53 43.56 52.71
N GLU J 92 -11.80 44.38 53.46
CA GLU J 92 -12.15 45.77 53.67
C GLU J 92 -11.31 46.66 52.75
N MET J 93 -11.93 47.72 52.25
CA MET J 93 -11.24 48.66 51.38
C MET J 93 -10.27 49.50 52.19
N VAL J 94 -9.10 49.79 51.60
CA VAL J 94 -8.13 50.70 52.19
C VAL J 94 -7.73 51.72 51.14
N GLU J 95 -7.13 52.81 51.60
CA GLU J 95 -6.66 53.88 50.74
C GLU J 95 -5.20 54.15 51.03
N PHE J 96 -4.38 54.20 49.98
CA PHE J 96 -2.97 54.49 50.14
C PHE J 96 -2.73 56.00 50.09
N SER J 97 -1.51 56.39 50.45
CA SER J 97 -1.18 57.81 50.50
C SER J 97 -1.06 58.43 49.12
N SER J 98 -0.95 57.62 48.08
CA SER J 98 -0.91 58.10 46.71
C SER J 98 -2.28 58.22 46.07
N GLY J 99 -3.34 57.93 46.81
CA GLY J 99 -4.69 57.97 46.28
C GLY J 99 -5.22 56.66 45.73
N LEU J 100 -4.37 55.65 45.63
CA LEU J 100 -4.82 54.34 45.15
C LEU J 100 -5.62 53.63 46.24
N LYS J 101 -6.45 52.70 45.79
CA LYS J 101 -7.28 51.90 46.69
C LYS J 101 -6.74 50.49 46.78
N GLY J 102 -7.18 49.79 47.82
CA GLY J 102 -6.75 48.42 48.03
C GLY J 102 -7.73 47.66 48.88
N MET J 103 -7.60 46.33 48.86
CA MET J 103 -8.48 45.45 49.60
C MET J 103 -7.64 44.51 50.45
N ALA J 104 -7.99 44.41 51.73
CA ALA J 104 -7.24 43.58 52.68
C ALA J 104 -7.78 42.16 52.64
N LEU J 105 -7.06 41.26 51.99
CA LEU J 105 -7.50 39.87 51.89
C LEU J 105 -6.91 39.01 53.00
N ASN J 106 -5.60 39.05 53.20
CA ASN J 106 -4.93 38.26 54.23
C ASN J 106 -4.77 39.12 55.47
N LEU J 107 -5.46 38.74 56.55
CA LEU J 107 -5.23 39.30 57.87
C LEU J 107 -4.34 38.32 58.63
N GLU J 108 -3.16 38.78 59.01
CA GLU J 108 -2.15 37.98 59.67
C GLU J 108 -1.70 38.70 60.93
N PRO J 109 -1.17 37.98 61.93
CA PRO J 109 -0.74 38.65 63.16
C PRO J 109 0.36 39.67 62.96
N ASP J 110 1.26 39.46 62.00
CA ASP J 110 2.36 40.38 61.78
C ASP J 110 1.99 41.51 60.81
N ASN J 111 1.44 41.17 59.66
CA ASN J 111 1.15 42.15 58.63
C ASN J 111 -0.25 41.90 58.07
N VAL J 112 -0.65 42.76 57.12
CA VAL J 112 -1.90 42.62 56.40
C VAL J 112 -1.57 42.51 54.92
N GLY J 113 -2.06 41.46 54.27
CA GLY J 113 -1.89 41.31 52.85
C GLY J 113 -2.94 42.06 52.07
N ILE J 114 -2.53 43.05 51.28
CA ILE J 114 -3.43 43.95 50.58
C ILE J 114 -3.17 43.88 49.09
N VAL J 115 -4.22 43.64 48.31
CA VAL J 115 -4.14 43.71 46.85
C VAL J 115 -4.35 45.14 46.42
N VAL J 116 -3.65 45.55 45.36
CA VAL J 116 -3.61 46.95 44.94
C VAL J 116 -4.47 47.13 43.70
N PHE J 117 -5.37 48.11 43.74
CA PHE J 117 -6.24 48.45 42.61
C PHE J 117 -5.50 49.41 41.67
N GLY J 118 -4.48 48.90 41.00
CA GLY J 118 -3.79 49.68 40.01
C GLY J 118 -2.31 49.37 40.01
N ASN J 119 -1.54 50.32 39.50
CA ASN J 119 -0.10 50.16 39.35
C ASN J 119 0.60 50.40 40.68
N ASP J 120 1.47 49.47 41.06
CA ASP J 120 2.16 49.54 42.35
C ASP J 120 3.40 50.42 42.31
N LYS J 121 3.65 51.11 41.20
CA LYS J 121 4.78 52.04 41.15
C LYS J 121 4.56 53.24 42.04
N HIS J 122 3.29 53.58 42.32
CA HIS J 122 3.00 54.69 43.22
C HIS J 122 3.18 54.30 44.68
N ILE J 123 2.92 53.05 45.02
CA ILE J 123 3.07 52.58 46.39
C ILE J 123 4.55 52.42 46.69
N LYS J 124 4.98 52.94 47.85
CA LYS J 124 6.36 52.87 48.28
C LYS J 124 6.41 52.34 49.70
N GLU J 125 7.55 51.78 50.07
CA GLU J 125 7.71 51.25 51.42
C GLU J 125 7.71 52.40 52.43
N GLY J 126 6.90 52.25 53.48
CA GLY J 126 6.74 53.30 54.45
C GLY J 126 5.59 54.24 54.19
N ASP J 127 4.85 54.06 53.10
CA ASP J 127 3.69 54.88 52.82
C ASP J 127 2.59 54.60 53.82
N ILE J 128 1.77 55.60 54.08
CA ILE J 128 0.69 55.50 55.06
C ILE J 128 -0.54 54.92 54.38
N VAL J 129 -1.09 53.86 54.95
CA VAL J 129 -2.30 53.22 54.46
C VAL J 129 -3.41 53.50 55.47
N LYS J 130 -4.54 53.99 54.99
CA LYS J 130 -5.67 54.35 55.85
C LYS J 130 -6.85 53.43 55.60
N ARG J 131 -7.61 53.17 56.66
CA ARG J 131 -8.84 52.40 56.53
C ARG J 131 -9.93 53.23 55.87
N THR J 132 -10.63 52.62 54.91
CA THR J 132 -11.86 53.22 54.42
C THR J 132 -13.00 53.02 55.42
N GLY J 133 -13.01 51.86 56.09
CA GLY J 133 -14.02 51.55 57.08
C GLY J 133 -15.11 50.62 56.61
N ALA J 134 -15.23 50.41 55.31
CA ALA J 134 -16.27 49.55 54.75
C ALA J 134 -15.66 48.61 53.72
N ILE J 135 -16.34 47.49 53.49
CA ILE J 135 -15.93 46.54 52.47
C ILE J 135 -16.29 47.11 51.10
N VAL J 136 -15.80 46.47 50.03
CA VAL J 136 -15.90 47.03 48.68
C VAL J 136 -17.35 47.12 48.25
N ASP J 137 -17.74 48.29 47.76
CA ASP J 137 -19.08 48.54 47.26
C ASP J 137 -19.01 49.30 45.95
N VAL J 138 -20.07 49.17 45.14
CA VAL J 138 -20.13 49.79 43.82
C VAL J 138 -21.43 50.57 43.70
N PRO J 139 -21.48 51.61 42.89
CA PRO J 139 -22.77 52.28 42.64
C PRO J 139 -23.74 51.38 41.89
N VAL J 140 -25.01 51.50 42.24
CA VAL J 140 -26.08 50.77 41.59
C VAL J 140 -27.21 51.74 41.26
N GLY J 141 -28.02 51.36 40.28
CA GLY J 141 -29.14 52.19 39.87
C GLY J 141 -29.39 52.13 38.38
N GLU J 142 -30.39 52.87 37.90
CA GLU J 142 -30.63 52.99 36.48
C GLU J 142 -29.84 54.13 35.84
N GLU J 143 -29.06 54.86 36.63
CA GLU J 143 -28.19 55.89 36.07
C GLU J 143 -27.02 55.27 35.32
N LEU J 144 -26.72 54.00 35.55
CA LEU J 144 -25.63 53.33 34.87
C LEU J 144 -26.03 52.76 33.52
N LEU J 145 -27.31 52.82 33.15
CA LEU J 145 -27.74 52.37 31.84
C LEU J 145 -27.22 53.32 30.78
N GLY J 146 -26.56 52.75 29.76
CA GLY J 146 -25.92 53.56 28.75
C GLY J 146 -24.52 54.01 29.09
N ARG J 147 -23.94 53.53 30.18
CA ARG J 147 -22.64 53.97 30.65
C ARG J 147 -21.66 52.81 30.65
N VAL J 148 -20.39 53.13 30.39
CA VAL J 148 -19.30 52.17 30.47
C VAL J 148 -18.48 52.51 31.70
N VAL J 149 -18.33 51.53 32.59
CA VAL J 149 -17.67 51.72 33.87
C VAL J 149 -16.58 50.68 34.04
N ASP J 150 -15.71 50.91 35.01
CA ASP J 150 -14.70 49.94 35.40
C ASP J 150 -15.25 49.08 36.54
N ALA J 151 -14.37 48.31 37.19
CA ALA J 151 -14.81 47.41 38.25
C ALA J 151 -15.25 48.16 39.50
N LEU J 152 -14.81 49.39 39.71
CA LEU J 152 -15.19 50.16 40.88
C LEU J 152 -16.35 51.11 40.63
N GLY J 153 -16.93 51.08 39.43
CA GLY J 153 -18.04 51.93 39.09
C GLY J 153 -17.69 53.29 38.54
N ASN J 154 -16.41 53.61 38.41
CA ASN J 154 -16.01 54.89 37.83
C ASN J 154 -16.25 54.87 36.33
N PRO J 155 -16.88 55.90 35.77
CA PRO J 155 -17.14 55.89 34.33
C PRO J 155 -15.87 56.06 33.51
N ILE J 156 -15.75 55.27 32.45
CA ILE J 156 -14.61 55.33 31.57
C ILE J 156 -14.97 55.70 30.14
N ASP J 157 -16.24 56.06 29.88
CA ASP J 157 -16.67 56.47 28.55
C ASP J 157 -16.58 57.96 28.33
N GLY J 158 -16.21 58.73 29.35
CA GLY J 158 -16.08 60.16 29.20
C GLY J 158 -17.39 60.92 29.08
N LYS J 159 -18.48 60.36 29.62
CA LYS J 159 -19.80 60.96 29.51
C LYS J 159 -20.23 61.65 30.80
N GLY J 160 -19.29 61.96 31.69
CA GLY J 160 -19.58 62.69 32.90
C GLY J 160 -19.79 61.80 34.10
N PRO J 161 -20.02 62.40 35.26
CA PRO J 161 -20.26 61.61 36.47
C PRO J 161 -21.60 60.90 36.42
N ILE J 162 -21.68 59.81 37.18
CA ILE J 162 -22.90 59.02 37.29
C ILE J 162 -23.63 59.45 38.55
N GLY J 163 -24.88 59.88 38.39
CA GLY J 163 -25.65 60.36 39.52
C GLY J 163 -26.38 59.26 40.26
N SER J 164 -25.66 58.21 40.65
CA SER J 164 -26.25 57.12 41.38
C SER J 164 -26.58 57.55 42.81
N LYS J 165 -27.66 56.99 43.35
CA LYS J 165 -28.11 57.31 44.69
C LYS J 165 -27.76 56.24 45.72
N THR J 166 -27.62 54.98 45.30
CA THR J 166 -27.42 53.87 46.20
C THR J 166 -26.16 53.11 45.82
N ARG J 167 -25.56 52.46 46.82
CA ARG J 167 -24.36 51.66 46.65
C ARG J 167 -24.53 50.33 47.38
N GLN J 168 -24.25 49.23 46.69
CA GLN J 168 -24.33 47.90 47.26
C GLN J 168 -22.94 47.26 47.31
N ARG J 169 -22.66 46.55 48.40
CA ARG J 169 -21.42 45.82 48.50
C ARG J 169 -21.42 44.65 47.52
N VAL J 170 -20.25 44.38 46.95
CA VAL J 170 -20.16 43.38 45.89
C VAL J 170 -20.26 41.95 46.40
N GLY J 171 -20.09 41.73 47.70
CA GLY J 171 -20.06 40.38 48.23
C GLY J 171 -21.28 40.00 49.03
N VAL J 172 -22.47 40.40 48.56
CA VAL J 172 -23.70 40.02 49.25
C VAL J 172 -23.94 38.52 49.10
N LYS J 173 -24.74 37.99 50.02
CA LYS J 173 -25.06 36.58 50.01
C LYS J 173 -26.20 36.31 49.03
N ALA J 174 -26.13 35.14 48.38
CA ALA J 174 -27.14 34.76 47.39
C ALA J 174 -28.49 34.53 48.06
N PRO J 175 -29.59 34.72 47.32
CA PRO J 175 -30.92 34.44 47.91
C PRO J 175 -31.08 32.97 48.24
N GLY J 176 -31.86 32.71 49.28
CA GLY J 176 -32.04 31.37 49.79
C GLY J 176 -33.08 30.59 49.03
N ILE J 177 -33.50 29.48 49.63
CA ILE J 177 -34.50 28.60 49.02
C ILE J 177 -35.86 29.28 48.99
N ILE J 178 -36.27 29.87 50.12
CA ILE J 178 -37.60 30.48 50.20
C ILE J 178 -37.77 31.69 49.27
N PRO J 179 -36.87 32.69 49.23
CA PRO J 179 -37.19 33.89 48.44
C PRO J 179 -37.26 33.68 46.93
N ARG J 180 -36.78 32.56 46.42
CA ARG J 180 -36.79 32.33 44.98
C ARG J 180 -37.89 31.36 44.57
N VAL J 181 -38.38 31.53 43.34
CA VAL J 181 -39.42 30.70 42.78
C VAL J 181 -38.85 30.03 41.53
N SER J 182 -39.59 29.05 41.02
CA SER J 182 -39.14 28.28 39.86
C SER J 182 -39.04 29.15 38.61
N VAL J 183 -38.07 28.84 37.77
CA VAL J 183 -37.84 29.59 36.54
C VAL J 183 -38.94 29.26 35.54
N ARG J 184 -39.70 30.28 35.13
CA ARG J 184 -40.87 30.09 34.28
C ARG J 184 -40.95 31.04 33.10
N GLU J 185 -40.28 32.20 33.15
CA GLU J 185 -40.39 33.20 32.09
C GLU J 185 -39.32 32.96 31.03
N PRO J 186 -39.68 32.96 29.74
CA PRO J 186 -38.66 32.79 28.70
C PRO J 186 -37.73 33.99 28.62
N MET J 187 -36.44 33.70 28.45
CA MET J 187 -35.42 34.72 28.19
C MET J 187 -35.00 34.53 26.74
N GLN J 188 -35.44 35.42 25.86
CA GLN J 188 -35.30 35.22 24.43
C GLN J 188 -33.89 35.62 23.99
N THR J 189 -33.10 34.63 23.59
CA THR J 189 -31.77 34.90 23.04
C THR J 189 -31.86 35.50 21.65
N GLY J 190 -32.90 35.17 20.91
CA GLY J 190 -33.04 35.61 19.53
C GLY J 190 -32.46 34.67 18.50
N MET J 191 -31.86 33.58 18.92
CA MET J 191 -31.29 32.59 18.01
C MET J 191 -32.15 31.34 18.00
N LYS J 192 -32.38 30.80 16.80
CA LYS J 192 -33.27 29.65 16.64
C LYS J 192 -32.71 28.42 17.34
N ALA J 193 -31.40 28.19 17.24
CA ALA J 193 -30.81 27.02 17.87
C ALA J 193 -30.81 27.10 19.39
N VAL J 194 -30.88 28.31 19.96
CA VAL J 194 -30.91 28.45 21.41
C VAL J 194 -32.34 28.42 21.94
N ASP J 195 -33.23 29.22 21.36
CA ASP J 195 -34.59 29.33 21.90
C ASP J 195 -35.43 28.07 21.70
N SER J 196 -34.97 27.12 20.88
CA SER J 196 -35.68 25.88 20.65
C SER J 196 -35.06 24.69 21.37
N LEU J 197 -33.74 24.53 21.26
CA LEU J 197 -33.06 23.34 21.75
C LEU J 197 -32.38 23.52 23.09
N VAL J 198 -31.81 24.69 23.36
CA VAL J 198 -31.16 24.97 24.64
C VAL J 198 -31.81 26.19 25.25
N PRO J 199 -33.08 26.12 25.67
CA PRO J 199 -33.78 27.35 26.06
C PRO J 199 -33.28 27.91 27.37
N ILE J 200 -33.37 29.23 27.48
CA ILE J 200 -32.90 29.96 28.65
C ILE J 200 -34.09 30.67 29.28
N GLY J 201 -34.29 30.45 30.57
CA GLY J 201 -35.34 31.12 31.31
C GLY J 201 -34.81 32.23 32.19
N ARG J 202 -35.70 33.15 32.54
CA ARG J 202 -35.30 34.30 33.35
C ARG J 202 -35.04 33.86 34.79
N GLY J 203 -33.81 34.00 35.23
CA GLY J 203 -33.36 33.52 36.51
C GLY J 203 -32.45 32.32 36.45
N GLN J 204 -31.81 32.06 35.31
CA GLN J 204 -31.06 30.83 35.09
C GLN J 204 -29.63 31.14 34.68
N ARG J 205 -28.69 30.39 35.23
CA ARG J 205 -27.29 30.45 34.82
C ARG J 205 -27.11 29.49 33.64
N GLU J 206 -26.75 30.03 32.48
CA GLU J 206 -26.54 29.23 31.27
C GLU J 206 -25.14 29.50 30.76
N LEU J 207 -24.30 28.48 30.77
CA LEU J 207 -22.91 28.61 30.37
C LEU J 207 -22.77 28.62 28.85
N ILE J 208 -21.97 29.54 28.34
CA ILE J 208 -21.60 29.59 26.93
C ILE J 208 -20.13 29.21 26.86
N ILE J 209 -19.85 27.98 26.46
CA ILE J 209 -18.50 27.42 26.55
C ILE J 209 -18.04 26.99 25.16
N GLY J 210 -16.78 27.25 24.86
CA GLY J 210 -16.22 26.86 23.58
C GLY J 210 -14.77 27.26 23.50
N ASP J 211 -14.18 27.03 22.34
CA ASP J 211 -12.79 27.38 22.09
C ASP J 211 -12.70 28.85 21.72
N ARG J 212 -11.50 29.30 21.35
CA ARG J 212 -11.34 30.67 20.89
C ARG J 212 -11.92 30.85 19.50
N GLN J 213 -12.56 32.00 19.28
CA GLN J 213 -13.15 32.40 18.00
C GLN J 213 -14.17 31.36 17.50
N THR J 214 -15.06 30.96 18.39
CA THR J 214 -16.17 30.08 18.04
C THR J 214 -17.53 30.75 18.06
N GLY J 215 -17.63 31.95 18.61
CA GLY J 215 -18.87 32.68 18.58
C GLY J 215 -19.52 32.89 19.94
N LYS J 216 -18.74 32.78 21.01
CA LYS J 216 -19.28 32.92 22.36
C LYS J 216 -19.74 34.34 22.63
N THR J 217 -18.93 35.34 22.25
CA THR J 217 -19.35 36.72 22.37
C THR J 217 -20.49 37.04 21.42
N ALA J 218 -20.52 36.36 20.26
CA ALA J 218 -21.60 36.57 19.31
C ALA J 218 -22.94 36.14 19.87
N ILE J 219 -22.97 35.04 20.63
CA ILE J 219 -24.21 34.60 21.27
C ILE J 219 -24.67 35.61 22.30
N ALA J 220 -23.73 36.11 23.10
CA ALA J 220 -24.07 37.01 24.21
C ALA J 220 -24.51 38.38 23.71
N ILE J 221 -23.82 38.92 22.70
CA ILE J 221 -24.17 40.24 22.19
C ILE J 221 -25.52 40.20 21.47
N ASP J 222 -25.77 39.13 20.70
CA ASP J 222 -27.05 38.99 20.02
C ASP J 222 -28.20 38.82 21.00
N ALA J 223 -27.93 38.24 22.17
CA ALA J 223 -28.94 38.16 23.21
C ALA J 223 -29.29 39.55 23.76
N ILE J 224 -28.28 40.41 23.90
CA ILE J 224 -28.51 41.78 24.35
C ILE J 224 -29.27 42.57 23.29
N ILE J 225 -28.90 42.37 22.01
CA ILE J 225 -29.55 43.09 20.92
C ILE J 225 -31.00 42.68 20.78
N ASN J 226 -31.30 41.40 21.04
CA ASN J 226 -32.66 40.90 20.90
C ASN J 226 -33.64 41.54 21.88
N GLN J 227 -33.17 42.07 23.01
CA GLN J 227 -34.05 42.68 23.99
C GLN J 227 -34.52 44.07 23.58
N LYS J 228 -34.08 44.57 22.42
CA LYS J 228 -34.55 45.85 21.92
C LYS J 228 -36.05 45.81 21.63
N ARG J 229 -36.54 44.66 21.17
CA ARG J 229 -37.96 44.52 20.85
C ARG J 229 -38.83 44.66 22.11
N PHE J 230 -38.42 44.02 23.20
CA PHE J 230 -39.21 44.03 24.42
C PHE J 230 -39.07 45.36 25.17
N ASN J 231 -37.90 45.99 25.12
CA ASN J 231 -37.71 47.25 25.81
C ASN J 231 -38.44 48.40 25.10
N ASP J 232 -38.66 48.28 23.79
CA ASP J 232 -39.45 49.27 23.08
C ASP J 232 -40.93 49.14 23.35
N ALA J 233 -41.40 47.93 23.66
CA ALA J 233 -42.82 47.69 23.88
C ALA J 233 -43.25 48.26 25.23
N GLN J 234 -44.57 48.27 25.44
CA GLN J 234 -45.15 48.81 26.66
C GLN J 234 -45.23 47.77 27.79
N ASP J 235 -44.94 46.51 27.50
CA ASP J 235 -45.02 45.45 28.50
C ASP J 235 -43.81 45.56 29.43
N GLU J 236 -44.05 45.99 30.67
CA GLU J 236 -42.96 46.15 31.62
C GLU J 236 -42.45 44.81 32.14
N LYS J 237 -43.29 43.77 32.10
CA LYS J 237 -42.88 42.48 32.63
C LYS J 237 -41.85 41.78 31.74
N LYS J 238 -41.89 42.05 30.44
CA LYS J 238 -41.00 41.39 29.50
C LYS J 238 -39.74 42.18 29.21
N LYS J 239 -39.56 43.35 29.82
CA LYS J 239 -38.36 44.13 29.60
C LYS J 239 -37.17 43.49 30.32
N LEU J 240 -36.00 43.56 29.67
CA LEU J 240 -34.78 42.98 30.20
C LEU J 240 -33.67 44.02 30.11
N TYR J 241 -33.04 44.31 31.24
CA TYR J 241 -31.92 45.26 31.29
C TYR J 241 -30.63 44.46 31.32
N CYS J 242 -29.88 44.47 30.22
CA CYS J 242 -28.69 43.65 30.11
C CYS J 242 -27.51 44.33 30.80
N VAL J 243 -26.58 43.52 31.28
CA VAL J 243 -25.30 43.98 31.81
C VAL J 243 -24.21 43.14 31.17
N TYR J 244 -23.25 43.80 30.55
CA TYR J 244 -22.13 43.13 29.92
C TYR J 244 -20.87 43.38 30.74
N VAL J 245 -20.25 42.31 31.21
CA VAL J 245 -19.01 42.39 31.96
C VAL J 245 -17.89 41.86 31.08
N ALA J 246 -16.94 42.72 30.75
CA ALA J 246 -15.77 42.34 29.97
C ALA J 246 -14.57 42.22 30.90
N ILE J 247 -14.01 41.02 31.00
CA ILE J 247 -12.91 40.73 31.92
C ILE J 247 -11.69 40.35 31.10
N GLY J 248 -10.64 41.15 31.20
CA GLY J 248 -9.36 40.79 30.60
C GLY J 248 -9.30 40.88 29.10
N GLN J 249 -10.22 41.62 28.47
CA GLN J 249 -10.22 41.77 27.02
C GLN J 249 -9.36 42.98 26.64
N LYS J 250 -9.38 43.33 25.36
CA LYS J 250 -8.73 44.56 24.92
C LYS J 250 -9.70 45.73 25.08
N ARG J 251 -9.13 46.93 25.26
CA ARG J 251 -9.97 48.12 25.26
C ARG J 251 -10.55 48.40 23.88
N SER J 252 -9.84 47.98 22.83
CA SER J 252 -10.39 48.13 21.47
C SER J 252 -11.48 47.10 21.21
N THR J 253 -11.38 45.93 21.83
CA THR J 253 -12.46 44.95 21.72
C THR J 253 -13.71 45.45 22.43
N VAL J 254 -13.56 46.03 23.62
CA VAL J 254 -14.70 46.58 24.35
C VAL J 254 -15.27 47.78 23.60
N ALA J 255 -14.41 48.60 23.01
CA ALA J 255 -14.87 49.74 22.23
C ALA J 255 -15.65 49.28 21.00
N GLN J 256 -15.25 48.15 20.42
CA GLN J 256 -16.00 47.58 19.31
C GLN J 256 -17.34 47.01 19.78
N ILE J 257 -17.40 46.53 21.02
CA ILE J 257 -18.66 46.05 21.58
C ILE J 257 -19.61 47.21 21.81
N VAL J 258 -19.12 48.29 22.41
CA VAL J 258 -19.95 49.46 22.68
C VAL J 258 -20.38 50.11 21.36
N LYS J 259 -19.51 50.07 20.34
CA LYS J 259 -19.88 50.57 19.02
C LYS J 259 -21.01 49.75 18.43
N ARG J 260 -20.96 48.43 18.58
CA ARG J 260 -22.04 47.58 18.07
C ARG J 260 -23.34 47.80 18.83
N LEU J 261 -23.27 47.95 20.15
CA LEU J 261 -24.47 48.12 20.95
C LEU J 261 -25.10 49.48 20.73
N THR J 262 -24.30 50.51 20.45
CA THR J 262 -24.84 51.83 20.19
C THR J 262 -25.45 51.93 18.79
N ASP J 263 -24.87 51.25 17.81
CA ASP J 263 -25.42 51.27 16.46
C ASP J 263 -26.76 50.55 16.39
N THR J 264 -26.91 49.46 17.14
CA THR J 264 -28.17 48.73 17.20
C THR J 264 -29.11 49.29 18.27
N ASP J 265 -28.72 50.38 18.93
CA ASP J 265 -29.51 51.07 19.95
C ASP J 265 -29.82 50.16 21.14
N ALA J 266 -28.95 49.19 21.39
CA ALA J 266 -29.04 48.32 22.55
C ALA J 266 -28.35 48.91 23.77
N MET J 267 -27.70 50.07 23.61
CA MET J 267 -26.94 50.65 24.71
C MET J 267 -27.83 51.31 25.76
N ARG J 268 -29.07 51.67 25.41
CA ARG J 268 -29.94 52.39 26.33
C ARG J 268 -30.30 51.56 27.57
N TYR J 269 -30.25 50.23 27.47
CA TYR J 269 -30.60 49.35 28.58
C TYR J 269 -29.43 48.47 28.99
N THR J 270 -28.22 48.79 28.55
CA THR J 270 -27.04 47.96 28.78
C THR J 270 -26.02 48.72 29.62
N ILE J 271 -25.51 48.05 30.64
CA ILE J 271 -24.37 48.54 31.43
C ILE J 271 -23.16 47.70 31.03
N VAL J 272 -22.07 48.37 30.68
CA VAL J 272 -20.84 47.69 30.30
C VAL J 272 -19.83 47.90 31.42
N VAL J 273 -19.55 46.84 32.17
CA VAL J 273 -18.49 46.85 33.18
C VAL J 273 -17.23 46.31 32.51
N SER J 274 -16.17 47.09 32.54
CA SER J 274 -14.96 46.80 31.75
C SER J 274 -13.76 46.74 32.66
N ALA J 275 -13.17 45.56 32.79
CA ALA J 275 -11.88 45.35 33.44
C ALA J 275 -10.98 44.68 32.41
N THR J 276 -10.29 45.49 31.63
CA THR J 276 -9.53 44.99 30.50
C THR J 276 -8.18 44.44 30.95
N ALA J 277 -7.36 44.04 29.97
CA ALA J 277 -6.10 43.37 30.26
C ALA J 277 -5.08 44.31 30.87
N SER J 278 -5.16 45.61 30.58
CA SER J 278 -4.24 46.56 31.18
C SER J 278 -4.54 46.83 32.64
N ASP J 279 -5.77 46.57 33.08
CA ASP J 279 -6.14 46.81 34.47
C ASP J 279 -5.48 45.77 35.38
N ALA J 280 -5.46 46.08 36.66
CA ALA J 280 -4.85 45.19 37.64
C ALA J 280 -5.66 43.92 37.79
N ALA J 281 -4.98 42.85 38.19
CA ALA J 281 -5.66 41.60 38.50
C ALA J 281 -6.75 41.71 39.56
N PRO J 282 -6.63 42.50 40.64
CA PRO J 282 -7.79 42.68 41.52
C PRO J 282 -8.99 43.33 40.85
N LEU J 283 -8.78 44.21 39.87
CA LEU J 283 -9.91 44.80 39.16
C LEU J 283 -10.63 43.77 38.29
N GLN J 284 -9.88 42.89 37.64
CA GLN J 284 -10.50 41.85 36.83
C GLN J 284 -11.17 40.80 37.69
N TYR J 285 -10.65 40.54 38.88
CA TYR J 285 -11.30 39.64 39.81
C TYR J 285 -12.60 40.23 40.34
N LEU J 286 -12.62 41.54 40.60
CA LEU J 286 -13.77 42.18 41.22
C LEU J 286 -14.88 42.48 40.22
N ALA J 287 -14.55 42.58 38.94
CA ALA J 287 -15.52 43.01 37.94
C ALA J 287 -16.76 42.13 37.82
N PRO J 288 -16.70 40.79 37.84
CA PRO J 288 -17.96 40.02 37.84
C PRO J 288 -18.86 40.31 39.03
N TYR J 289 -18.26 40.56 40.20
CA TYR J 289 -19.05 40.86 41.39
C TYR J 289 -19.61 42.28 41.35
N SER J 290 -18.93 43.20 40.69
CA SER J 290 -19.47 44.54 40.49
C SER J 290 -20.66 44.50 39.53
N GLY J 291 -20.51 43.79 38.41
CA GLY J 291 -21.60 43.66 37.48
C GLY J 291 -22.78 42.88 38.05
N CYS J 292 -22.49 41.89 38.89
CA CYS J 292 -23.56 41.15 39.55
C CYS J 292 -24.34 42.04 40.51
N ALA J 293 -23.65 42.92 41.23
CA ALA J 293 -24.33 43.83 42.14
C ALA J 293 -25.18 44.84 41.40
N MET J 294 -24.74 45.27 40.22
CA MET J 294 -25.55 46.17 39.40
C MET J 294 -26.79 45.47 38.87
N GLY J 295 -26.65 44.19 38.51
CA GLY J 295 -27.80 43.43 38.09
C GLY J 295 -28.68 43.00 39.25
N GLU J 296 -28.11 42.90 40.45
CA GLU J 296 -28.91 42.57 41.62
C GLU J 296 -29.80 43.73 42.04
N PHE J 297 -29.47 44.95 41.62
CA PHE J 297 -30.36 46.08 41.87
C PHE J 297 -31.66 45.92 41.10
N PHE J 298 -31.56 45.52 39.83
CA PHE J 298 -32.77 45.28 39.04
C PHE J 298 -33.53 44.06 39.56
N ARG J 299 -32.80 43.02 39.95
CA ARG J 299 -33.45 41.79 40.42
C ARG J 299 -34.21 42.01 41.72
N ASP J 300 -33.68 42.83 42.63
CA ASP J 300 -34.33 43.07 43.90
C ASP J 300 -35.40 44.15 43.83
N ASN J 301 -35.55 44.84 42.70
CA ASN J 301 -36.54 45.90 42.56
C ASN J 301 -37.67 45.51 41.61
N GLY J 302 -37.86 44.22 41.37
CA GLY J 302 -38.96 43.75 40.55
C GLY J 302 -38.68 43.67 39.07
N LYS J 303 -37.51 44.11 38.62
CA LYS J 303 -37.17 44.11 37.20
C LYS J 303 -36.31 42.89 36.87
N HIS J 304 -36.15 42.65 35.57
CA HIS J 304 -35.43 41.48 35.07
C HIS J 304 -34.15 41.93 34.39
N ALA J 305 -33.03 41.33 34.79
CA ALA J 305 -31.73 41.72 34.28
C ALA J 305 -31.00 40.51 33.74
N LEU J 306 -30.08 40.76 32.82
CA LEU J 306 -29.26 39.74 32.19
C LEU J 306 -27.79 40.13 32.33
N ILE J 307 -26.97 39.19 32.82
CA ILE J 307 -25.55 39.43 33.03
C ILE J 307 -24.76 38.52 32.12
N ILE J 308 -23.75 39.07 31.45
CA ILE J 308 -22.80 38.30 30.67
C ILE J 308 -21.42 38.53 31.28
N TYR J 309 -20.78 37.45 31.70
CA TYR J 309 -19.40 37.49 32.18
C TYR J 309 -18.51 36.98 31.06
N ASP J 310 -17.80 37.90 30.40
CA ASP J 310 -17.01 37.58 29.22
C ASP J 310 -15.56 37.97 29.48
N ASP J 311 -14.76 37.03 29.96
CA ASP J 311 -15.18 35.67 30.27
C ASP J 311 -14.68 35.27 31.65
N LEU J 312 -15.36 34.29 32.26
CA LEU J 312 -15.01 33.88 33.62
C LEU J 312 -13.70 33.11 33.68
N SER J 313 -13.20 32.61 32.55
CA SER J 313 -11.90 31.94 32.56
C SER J 313 -10.77 32.92 32.82
N LYS J 314 -10.93 34.17 32.38
CA LYS J 314 -9.91 35.19 32.66
C LYS J 314 -9.98 35.69 34.09
N GLN J 315 -11.17 35.66 34.70
CA GLN J 315 -11.29 36.05 36.10
C GLN J 315 -10.58 35.05 37.00
N ALA J 316 -10.61 33.78 36.64
CA ALA J 316 -9.87 32.77 37.39
C ALA J 316 -8.37 33.00 37.27
N VAL J 317 -7.91 33.43 36.09
CA VAL J 317 -6.49 33.75 35.90
C VAL J 317 -6.08 34.93 36.77
N ALA J 318 -6.93 35.96 36.83
CA ALA J 318 -6.65 37.11 37.68
C ALA J 318 -6.66 36.73 39.16
N TYR J 319 -7.61 35.87 39.55
CA TYR J 319 -7.67 35.43 40.95
C TYR J 319 -6.52 34.50 41.29
N ARG J 320 -6.07 33.69 40.33
CA ARG J 320 -4.91 32.84 40.55
C ARG J 320 -3.65 33.67 40.77
N GLN J 321 -3.50 34.77 40.02
CA GLN J 321 -2.35 35.64 40.18
C GLN J 321 -2.31 36.28 41.57
N MET J 322 -3.46 36.74 42.06
CA MET J 322 -3.51 37.31 43.40
C MET J 322 -3.18 36.28 44.46
N SER J 323 -3.72 35.06 44.32
CA SER J 323 -3.48 34.02 45.31
C SER J 323 -2.02 33.58 45.34
N LEU J 324 -1.40 33.49 44.17
CA LEU J 324 0.01 33.10 44.11
C LEU J 324 0.91 34.19 44.70
N LEU J 325 0.59 35.45 44.44
CA LEU J 325 1.39 36.55 44.95
C LEU J 325 1.07 36.89 46.40
N LEU J 326 -0.04 36.38 46.94
CA LEU J 326 -0.32 36.43 48.37
C LEU J 326 0.29 35.26 49.12
N ARG J 327 1.10 34.44 48.44
CA ARG J 327 1.78 33.28 48.98
C ARG J 327 0.82 32.22 49.50
N ARG J 328 -0.42 32.21 48.99
CA ARG J 328 -1.32 31.10 49.25
C ARG J 328 -0.93 29.90 48.38
N PRO J 329 -0.93 28.70 48.95
CA PRO J 329 -0.46 27.52 48.20
C PRO J 329 -1.41 27.17 47.07
N PRO J 330 -0.88 26.86 45.89
CA PRO J 330 -1.73 26.59 44.73
C PRO J 330 -2.23 25.15 44.72
N GLY J 331 -3.05 24.84 43.72
CA GLY J 331 -3.57 23.51 43.52
C GLY J 331 -3.42 23.05 42.09
N ARG J 332 -4.52 22.57 41.50
CA ARG J 332 -4.48 22.12 40.11
C ARG J 332 -4.31 23.30 39.17
N GLU J 333 -3.33 23.19 38.27
CA GLU J 333 -2.98 24.23 37.29
C GLU J 333 -2.68 25.56 37.99
N ALA J 334 -2.03 25.48 39.15
CA ALA J 334 -1.63 26.59 40.01
C ALA J 334 -2.80 27.40 40.54
N TYR J 335 -4.03 26.94 40.34
CA TYR J 335 -5.19 27.65 40.84
C TYR J 335 -5.35 27.45 42.35
N PRO J 336 -5.90 28.42 43.05
CA PRO J 336 -6.19 28.22 44.48
C PRO J 336 -7.34 27.25 44.69
N GLY J 337 -7.45 26.78 45.93
CA GLY J 337 -8.52 25.85 46.27
C GLY J 337 -9.89 26.50 46.17
N ASP J 338 -10.00 27.78 46.50
CA ASP J 338 -11.26 28.50 46.49
C ASP J 338 -11.64 29.03 45.12
N VAL J 339 -11.10 28.48 44.03
CA VAL J 339 -11.48 28.96 42.72
C VAL J 339 -12.83 28.39 42.29
N PHE J 340 -13.27 27.28 42.89
CA PHE J 340 -14.64 26.83 42.66
C PHE J 340 -15.63 27.70 43.41
N TYR J 341 -15.31 28.05 44.66
CA TYR J 341 -16.17 28.94 45.44
C TYR J 341 -16.19 30.35 44.85
N LEU J 342 -15.15 30.71 44.09
CA LEU J 342 -15.12 31.98 43.38
C LEU J 342 -16.28 32.11 42.40
N HIS J 343 -16.50 31.06 41.60
CA HIS J 343 -17.56 31.10 40.60
C HIS J 343 -18.90 30.67 41.17
N SER J 344 -18.91 29.85 42.22
CA SER J 344 -20.18 29.38 42.77
C SER J 344 -20.89 30.46 43.55
N ARG J 345 -20.14 31.26 44.31
CA ARG J 345 -20.77 32.36 45.05
C ARG J 345 -21.13 33.52 44.14
N LEU J 346 -20.59 33.57 42.92
CA LEU J 346 -20.97 34.58 41.96
C LEU J 346 -22.25 34.20 41.23
N LEU J 347 -22.29 33.00 40.66
CA LEU J 347 -23.41 32.59 39.83
C LEU J 347 -24.65 32.26 40.63
N GLU J 348 -24.51 31.91 41.91
CA GLU J 348 -25.68 31.59 42.72
C GLU J 348 -26.55 32.80 42.98
N ARG J 349 -26.01 34.02 42.82
CA ARG J 349 -26.80 35.23 43.00
C ARG J 349 -27.74 35.49 41.84
N ALA J 350 -27.60 34.75 40.74
CA ALA J 350 -28.56 34.82 39.64
C ALA J 350 -29.77 33.98 40.00
N ALA J 351 -30.91 34.63 40.25
CA ALA J 351 -32.07 33.92 40.76
C ALA J 351 -33.34 34.55 40.22
N LYS J 352 -34.40 33.75 40.23
CA LYS J 352 -35.75 34.22 39.92
C LYS J 352 -36.49 34.37 41.24
N MET J 353 -36.73 35.61 41.65
CA MET J 353 -37.33 35.86 42.95
C MET J 353 -38.81 35.53 42.94
N SER J 354 -39.35 35.32 44.13
CA SER J 354 -40.77 35.04 44.28
C SER J 354 -41.59 36.31 44.11
N GLU J 355 -42.91 36.13 43.97
CA GLU J 355 -43.80 37.27 43.81
C GLU J 355 -43.90 38.12 45.07
N SER J 356 -43.53 37.57 46.23
CA SER J 356 -43.48 38.36 47.46
C SER J 356 -42.19 39.16 47.58
N ASN J 357 -41.19 38.90 46.73
CA ASN J 357 -39.95 39.66 46.70
C ASN J 357 -39.87 40.57 45.47
N GLY J 358 -41.01 40.85 44.84
CA GLY J 358 -41.06 41.69 43.66
C GLY J 358 -41.16 40.94 42.36
N GLY J 359 -40.79 39.66 42.34
CA GLY J 359 -40.88 38.87 41.14
C GLY J 359 -39.77 39.07 40.13
N GLY J 360 -38.77 39.87 40.46
CA GLY J 360 -37.69 40.12 39.52
C GLY J 360 -36.78 38.92 39.36
N SER J 361 -35.98 38.95 38.30
CA SER J 361 -35.09 37.85 37.98
C SER J 361 -33.70 38.38 37.62
N LEU J 362 -32.71 37.52 37.80
CA LEU J 362 -31.34 37.80 37.39
C LEU J 362 -30.85 36.60 36.59
N THR J 363 -30.58 36.82 35.31
CA THR J 363 -30.14 35.78 34.39
C THR J 363 -28.66 35.95 34.11
N ALA J 364 -27.89 34.89 34.26
CA ALA J 364 -26.46 34.93 34.06
C ALA J 364 -26.07 34.11 32.84
N LEU J 365 -25.16 34.65 32.03
CA LEU J 365 -24.60 33.95 30.88
C LEU J 365 -23.08 34.00 30.99
N PRO J 366 -22.49 33.13 31.82
CA PRO J 366 -21.03 33.07 31.89
C PRO J 366 -20.42 32.52 30.62
N VAL J 367 -19.22 32.97 30.32
CA VAL J 367 -18.46 32.53 29.16
C VAL J 367 -17.20 31.85 29.66
N ILE J 368 -16.91 30.66 29.13
CA ILE J 368 -15.71 29.91 29.47
C ILE J 368 -15.01 29.52 28.19
N GLU J 369 -13.71 29.79 28.11
CA GLU J 369 -12.90 29.42 26.96
C GLU J 369 -12.14 28.14 27.27
N THR J 370 -12.22 27.18 26.35
CA THR J 370 -11.48 25.93 26.48
C THR J 370 -10.28 25.92 25.53
N GLN J 371 -9.35 25.01 25.81
CA GLN J 371 -8.13 24.87 25.03
C GLN J 371 -8.25 23.59 24.19
N ALA J 372 -8.47 23.77 22.89
CA ALA J 372 -8.65 22.67 21.93
C ALA J 372 -9.78 21.74 22.34
N GLY J 373 -10.85 22.31 22.88
CA GLY J 373 -12.01 21.55 23.26
C GLY J 373 -11.88 20.74 24.53
N ASP J 374 -10.81 20.93 25.29
CA ASP J 374 -10.58 20.19 26.52
C ASP J 374 -11.46 20.78 27.62
N VAL J 375 -12.58 20.11 27.90
CA VAL J 375 -13.50 20.55 28.95
C VAL J 375 -13.22 19.77 30.22
N SER J 376 -12.13 19.00 30.22
CA SER J 376 -11.68 18.27 31.38
C SER J 376 -10.72 19.08 32.25
N ALA J 377 -10.45 20.33 31.88
CA ALA J 377 -9.57 21.19 32.66
C ALA J 377 -10.26 21.62 33.95
N TYR J 378 -9.51 22.28 34.82
CA TYR J 378 -10.00 22.60 36.16
C TYR J 378 -11.14 23.60 36.12
N ILE J 379 -10.96 24.71 35.40
CA ILE J 379 -11.95 25.78 35.40
C ILE J 379 -13.19 25.45 34.57
N PRO J 380 -13.09 24.92 33.34
CA PRO J 380 -14.32 24.53 32.63
C PRO J 380 -15.15 23.47 33.34
N THR J 381 -14.51 22.54 34.05
CA THR J 381 -15.27 21.52 34.78
C THR J 381 -16.08 22.12 35.91
N ASN J 382 -15.52 23.11 36.61
CA ASN J 382 -16.21 23.72 37.73
C ASN J 382 -17.46 24.47 37.27
N VAL J 383 -17.33 25.29 36.23
CA VAL J 383 -18.45 26.11 35.79
C VAL J 383 -19.54 25.27 35.15
N ILE J 384 -19.18 24.16 34.51
CA ILE J 384 -20.18 23.25 33.98
C ILE J 384 -21.03 22.65 35.11
N SER J 385 -20.38 22.29 36.22
CA SER J 385 -21.12 21.73 37.34
C SER J 385 -21.91 22.77 38.11
N ILE J 386 -21.65 24.07 37.89
CA ILE J 386 -22.37 25.11 38.61
C ILE J 386 -23.64 25.51 37.85
N THR J 387 -23.50 25.79 36.56
CA THR J 387 -24.58 26.39 35.78
C THR J 387 -25.67 25.38 35.50
N ASP J 388 -26.83 25.90 35.09
CA ASP J 388 -28.00 25.08 34.79
C ASP J 388 -27.97 24.53 33.37
N GLY J 389 -26.98 24.88 32.57
CA GLY J 389 -26.93 24.38 31.21
C GLY J 389 -25.67 24.86 30.54
N GLN J 390 -25.39 24.27 29.37
CA GLN J 390 -24.22 24.61 28.59
C GLN J 390 -24.62 24.83 27.15
N ILE J 391 -23.89 25.71 26.48
CA ILE J 391 -24.00 25.89 25.03
C ILE J 391 -22.60 25.66 24.48
N PHE J 392 -22.33 24.42 24.06
CA PHE J 392 -21.02 24.06 23.54
C PHE J 392 -20.86 24.58 22.13
N LEU J 393 -19.74 25.24 21.86
CA LEU J 393 -19.41 25.74 20.53
C LEU J 393 -18.13 25.07 20.06
N GLU J 394 -18.18 24.47 18.88
CA GLU J 394 -17.08 23.68 18.34
C GLU J 394 -16.50 24.35 17.10
N THR J 395 -15.18 24.30 16.97
CA THR J 395 -14.53 24.85 15.78
C THR J 395 -14.84 24.03 14.54
N GLU J 396 -15.02 22.71 14.69
CA GLU J 396 -15.36 21.88 13.54
C GLU J 396 -16.72 22.23 12.98
N LEU J 397 -17.71 22.45 13.84
CA LEU J 397 -19.02 22.90 13.37
C LEU J 397 -18.97 24.31 12.82
N PHE J 398 -18.06 25.14 13.34
CA PHE J 398 -17.96 26.51 12.87
C PHE J 398 -17.49 26.58 11.43
N TYR J 399 -16.53 25.75 11.06
CA TYR J 399 -15.97 25.75 9.72
C TYR J 399 -16.70 24.83 8.76
N LYS J 400 -17.72 24.10 9.22
CA LYS J 400 -18.58 23.33 8.34
C LYS J 400 -19.78 24.12 7.86
N GLY J 401 -19.86 25.41 8.20
CA GLY J 401 -20.98 26.24 7.82
C GLY J 401 -22.04 26.39 8.88
N ILE J 402 -22.01 25.57 9.92
CA ILE J 402 -22.99 25.61 11.00
C ILE J 402 -22.64 26.79 11.89
N ARG J 403 -23.38 27.89 11.74
CA ARG J 403 -23.19 29.08 12.57
C ARG J 403 -24.55 29.54 13.05
N PRO J 404 -24.80 29.62 14.37
CA PRO J 404 -23.87 29.39 15.50
C PRO J 404 -23.49 27.93 15.69
N ALA J 405 -22.24 27.67 16.07
CA ALA J 405 -21.69 26.33 16.05
C ALA J 405 -22.08 25.52 17.28
N ILE J 406 -23.38 25.44 17.56
CA ILE J 406 -23.86 24.81 18.78
C ILE J 406 -23.87 23.30 18.60
N ASN J 407 -23.20 22.59 19.49
CA ASN J 407 -23.25 21.14 19.53
C ASN J 407 -24.49 20.73 20.31
N VAL J 408 -25.52 20.28 19.60
CA VAL J 408 -26.80 19.95 20.23
C VAL J 408 -26.65 18.73 21.14
N GLY J 409 -25.80 17.77 20.74
CA GLY J 409 -25.60 16.59 21.56
C GLY J 409 -24.88 16.86 22.87
N LEU J 410 -24.14 17.97 22.96
CA LEU J 410 -23.45 18.34 24.18
C LEU J 410 -24.11 19.47 24.95
N SER J 411 -25.03 20.21 24.33
CA SER J 411 -25.68 21.34 24.98
C SER J 411 -26.92 20.86 25.72
N VAL J 412 -27.01 21.20 27.01
CA VAL J 412 -28.13 20.81 27.85
C VAL J 412 -28.76 22.07 28.44
N SER J 413 -29.98 21.90 28.94
CA SER J 413 -30.68 22.97 29.66
C SER J 413 -31.57 22.32 30.70
N ARG J 414 -31.29 22.58 31.98
CA ARG J 414 -32.02 21.92 33.06
C ARG J 414 -33.38 22.53 33.34
N VAL J 415 -33.73 23.65 32.72
CA VAL J 415 -35.08 24.18 32.85
C VAL J 415 -36.02 23.52 31.85
N GLY J 416 -35.53 23.20 30.66
CA GLY J 416 -36.33 22.46 29.70
C GLY J 416 -37.42 23.31 29.08
N SER J 417 -38.57 22.68 28.84
CA SER J 417 -39.69 23.34 28.18
C SER J 417 -40.34 24.43 29.01
N ALA J 418 -40.06 24.49 30.32
CA ALA J 418 -40.61 25.55 31.16
C ALA J 418 -40.06 26.92 30.79
N ALA J 419 -38.90 26.97 30.13
CA ALA J 419 -38.31 28.23 29.68
C ALA J 419 -38.76 28.62 28.28
N GLN J 420 -39.69 27.88 27.69
CA GLN J 420 -40.22 28.18 26.37
C GLN J 420 -41.68 28.59 26.47
N THR J 421 -42.13 29.42 25.54
CA THR J 421 -43.53 29.76 25.46
C THR J 421 -44.31 28.59 24.86
N ARG J 422 -45.64 28.70 24.89
CA ARG J 422 -46.49 27.58 24.51
C ARG J 422 -46.35 27.23 23.04
N ALA J 423 -46.27 28.24 22.17
CA ALA J 423 -46.10 27.98 20.75
C ALA J 423 -44.74 27.37 20.45
N MET J 424 -43.68 27.88 21.10
CA MET J 424 -42.35 27.34 20.88
C MET J 424 -42.24 25.91 21.42
N LYS J 425 -42.84 25.65 22.58
CA LYS J 425 -42.79 24.31 23.17
C LYS J 425 -43.48 23.29 22.27
N GLN J 426 -44.55 23.70 21.58
CA GLN J 426 -45.25 22.81 20.67
C GLN J 426 -44.40 22.46 19.47
N VAL J 427 -43.61 23.41 18.97
CA VAL J 427 -42.86 23.17 17.75
C VAL J 427 -41.45 22.67 18.04
N ALA J 428 -40.87 23.02 19.20
CA ALA J 428 -39.54 22.52 19.52
C ALA J 428 -39.56 21.07 19.96
N GLY J 429 -40.65 20.62 20.56
CA GLY J 429 -40.77 19.20 20.91
C GLY J 429 -40.83 18.33 19.67
N SER J 430 -41.61 18.76 18.67
CA SER J 430 -41.65 18.02 17.41
C SER J 430 -40.34 18.13 16.66
N MET J 431 -39.66 19.28 16.78
CA MET J 431 -38.35 19.45 16.15
C MET J 431 -37.32 18.54 16.80
N LYS J 432 -37.37 18.41 18.12
CA LYS J 432 -36.39 17.57 18.82
C LYS J 432 -36.59 16.09 18.49
N LEU J 433 -37.84 15.69 18.24
CA LEU J 433 -38.10 14.33 17.77
C LEU J 433 -37.58 14.13 16.35
N GLU J 434 -37.85 15.09 15.46
CA GLU J 434 -37.41 14.98 14.07
C GLU J 434 -35.89 15.05 13.96
N LEU J 435 -35.24 15.92 14.74
CA LEU J 435 -33.79 15.95 14.75
C LEU J 435 -33.19 14.66 15.31
N ALA J 436 -33.88 14.04 16.27
CA ALA J 436 -33.45 12.72 16.74
C ALA J 436 -33.61 11.67 15.65
N GLN J 437 -34.72 11.71 14.91
CA GLN J 437 -34.90 10.79 13.79
C GLN J 437 -33.91 11.09 12.66
N TYR J 438 -33.64 12.37 12.41
CA TYR J 438 -32.64 12.73 11.42
C TYR J 438 -31.25 12.28 11.84
N ARG J 439 -30.94 12.35 13.14
CA ARG J 439 -29.65 11.88 13.64
C ARG J 439 -29.46 10.39 13.40
N GLU J 440 -30.56 9.63 13.46
CA GLU J 440 -30.47 8.20 13.16
C GLU J 440 -30.20 7.95 11.69
N VAL J 441 -30.68 8.81 10.80
CA VAL J 441 -30.63 8.57 9.37
C VAL J 441 -29.68 9.51 8.62
N ALA J 442 -29.00 10.43 9.33
CA ALA J 442 -28.08 11.33 8.66
C ALA J 442 -26.78 10.66 8.23
N ALA J 443 -26.45 9.52 8.83
CA ALA J 443 -25.19 8.85 8.54
C ALA J 443 -25.21 8.10 7.20
N PHE J 444 -26.38 7.97 6.56
CA PHE J 444 -26.50 7.16 5.36
C PHE J 444 -25.79 7.76 4.16
N ALA J 445 -25.40 9.02 4.21
CA ALA J 445 -24.71 9.66 3.10
C ALA J 445 -23.26 9.20 2.95
N GLN J 446 -22.73 8.43 3.91
CA GLN J 446 -21.34 8.00 3.83
C GLN J 446 -21.14 6.98 2.71
N PHE J 447 -21.90 5.88 2.74
CA PHE J 447 -21.80 4.87 1.69
C PHE J 447 -23.15 4.32 1.24
N GLY J 448 -24.26 4.77 1.83
CA GLY J 448 -25.55 4.30 1.38
C GLY J 448 -25.94 4.90 0.04
N SER J 449 -26.66 4.11 -0.75
CA SER J 449 -27.07 4.54 -2.08
C SER J 449 -28.58 4.44 -2.29
N ASP J 450 -29.23 3.42 -1.75
CA ASP J 450 -30.67 3.24 -1.88
C ASP J 450 -31.30 3.32 -0.49
N LEU J 451 -32.32 4.16 -0.35
CA LEU J 451 -32.97 4.40 0.93
C LEU J 451 -34.48 4.33 0.76
N ASP J 452 -35.17 4.07 1.87
CA ASP J 452 -36.63 4.01 1.87
C ASP J 452 -37.21 5.41 1.66
N ALA J 453 -38.42 5.45 1.09
CA ALA J 453 -39.06 6.71 0.78
C ALA J 453 -39.38 7.51 2.03
N SER J 454 -39.85 6.85 3.10
CA SER J 454 -40.05 7.52 4.37
C SER J 454 -38.72 7.97 4.98
N THR J 455 -37.68 7.13 4.84
CA THR J 455 -36.37 7.49 5.34
C THR J 455 -35.77 8.66 4.56
N GLN J 456 -35.98 8.68 3.25
CA GLN J 456 -35.52 9.81 2.44
C GLN J 456 -36.23 11.10 2.82
N GLN J 457 -37.53 11.01 3.13
CA GLN J 457 -38.27 12.18 3.58
C GLN J 457 -37.76 12.66 4.94
N LEU J 458 -37.43 11.72 5.83
CA LEU J 458 -36.82 12.09 7.12
C LEU J 458 -35.45 12.73 6.93
N LEU J 459 -34.65 12.17 6.01
CA LEU J 459 -33.34 12.73 5.73
C LEU J 459 -33.45 14.13 5.12
N SER J 460 -34.39 14.32 4.20
CA SER J 460 -34.57 15.62 3.56
C SER J 460 -35.08 16.65 4.55
N ARG J 461 -36.05 16.28 5.40
CA ARG J 461 -36.58 17.23 6.36
C ARG J 461 -35.55 17.61 7.42
N GLY J 462 -34.76 16.63 7.87
CA GLY J 462 -33.71 16.92 8.83
C GLY J 462 -32.59 17.77 8.28
N VAL J 463 -32.24 17.58 7.01
CA VAL J 463 -31.27 18.46 6.35
C VAL J 463 -31.80 19.89 6.29
N ARG J 464 -33.09 20.05 6.00
CA ARG J 464 -33.71 21.36 6.04
C ARG J 464 -33.68 21.94 7.46
N LEU J 465 -33.85 21.09 8.47
CA LEU J 465 -33.83 21.56 9.86
C LEU J 465 -32.44 21.97 10.29
N THR J 466 -31.41 21.23 9.85
CA THR J 466 -30.04 21.62 10.16
C THR J 466 -29.68 22.94 9.50
N GLU J 467 -30.09 23.14 8.25
CA GLU J 467 -29.94 24.43 7.61
C GLU J 467 -30.88 25.48 8.20
N LEU J 468 -31.93 25.06 8.90
CA LEU J 468 -32.82 26.01 9.56
C LEU J 468 -32.18 26.57 10.81
N LEU J 469 -31.37 25.78 11.50
CA LEU J 469 -30.74 26.22 12.73
C LEU J 469 -29.58 27.17 12.48
N LYS J 470 -29.08 27.24 11.26
CA LYS J 470 -28.05 28.21 10.92
C LYS J 470 -28.65 29.62 10.93
N GLN J 471 -27.85 30.58 11.37
CA GLN J 471 -28.33 31.95 11.50
C GLN J 471 -27.13 32.90 11.42
N GLY J 472 -27.32 34.03 10.75
CA GLY J 472 -26.27 35.01 10.64
C GLY J 472 -26.04 35.75 11.95
N GLN J 473 -24.99 36.55 11.95
CA GLN J 473 -24.60 37.30 13.13
C GLN J 473 -25.30 38.65 13.16
N TYR J 474 -25.55 39.14 14.38
CA TYR J 474 -26.13 40.45 14.66
C TYR J 474 -27.56 40.60 14.13
N VAL J 475 -28.22 39.50 13.77
CA VAL J 475 -29.62 39.55 13.34
C VAL J 475 -30.43 38.59 14.20
N PRO J 476 -30.80 38.94 15.43
CA PRO J 476 -31.69 38.08 16.21
C PRO J 476 -33.13 38.27 15.76
N MET J 477 -33.85 37.17 15.58
CA MET J 477 -35.22 37.21 15.11
C MET J 477 -36.20 37.00 16.26
N ALA J 478 -37.40 37.55 16.10
CA ALA J 478 -38.41 37.49 17.15
C ALA J 478 -38.92 36.07 17.32
N ILE J 479 -39.57 35.84 18.47
CA ILE J 479 -40.02 34.50 18.83
C ILE J 479 -41.09 34.00 17.86
N GLU J 480 -41.96 34.90 17.40
CA GLU J 480 -43.01 34.51 16.45
C GLU J 480 -42.40 34.09 15.11
N ASP J 481 -41.33 34.76 14.68
CA ASP J 481 -40.65 34.37 13.46
C ASP J 481 -39.94 33.03 13.63
N GLN J 482 -39.32 32.81 14.80
CA GLN J 482 -38.65 31.53 15.04
C GLN J 482 -39.62 30.37 15.07
N VAL J 483 -40.77 30.56 15.71
CA VAL J 483 -41.78 29.49 15.78
C VAL J 483 -42.33 29.18 14.40
N ALA J 484 -42.64 30.23 13.62
CA ALA J 484 -43.23 30.02 12.30
C ALA J 484 -42.29 29.32 11.35
N ILE J 485 -41.00 29.68 11.38
CA ILE J 485 -40.03 29.06 10.49
C ILE J 485 -39.76 27.61 10.91
N ILE J 486 -39.66 27.36 12.22
CA ILE J 486 -39.45 26.00 12.72
C ILE J 486 -40.68 25.14 12.43
N TYR J 487 -41.88 25.72 12.58
CA TYR J 487 -43.11 24.98 12.28
C TYR J 487 -43.17 24.57 10.82
N CYS J 488 -42.76 25.46 9.91
CA CYS J 488 -42.68 25.10 8.50
C CYS J 488 -41.63 24.03 8.26
N GLY J 489 -40.53 24.08 9.02
CA GLY J 489 -39.46 23.11 8.83
C GLY J 489 -39.85 21.70 9.24
N VAL J 490 -40.66 21.58 10.29
CA VAL J 490 -40.99 20.25 10.84
C VAL J 490 -42.29 19.69 10.30
N ARG J 491 -43.07 20.47 9.57
CA ARG J 491 -44.30 19.99 8.96
C ARG J 491 -44.16 19.71 7.48
N GLY J 492 -42.94 19.64 6.97
CA GLY J 492 -42.71 19.35 5.57
C GLY J 492 -42.93 20.50 4.63
N HIS J 493 -43.10 21.72 5.13
CA HIS J 493 -43.35 22.87 4.27
C HIS J 493 -42.10 23.32 3.51
N LEU J 494 -40.93 22.78 3.84
CA LEU J 494 -39.68 23.14 3.18
C LEU J 494 -39.03 21.97 2.47
N ASP J 495 -39.72 20.85 2.32
CA ASP J 495 -39.13 19.69 1.66
C ASP J 495 -38.97 19.91 0.16
N LYS J 496 -39.79 20.79 -0.42
CA LYS J 496 -39.70 21.10 -1.84
C LYS J 496 -38.79 22.29 -2.14
N VAL J 497 -38.14 22.85 -1.12
CA VAL J 497 -37.27 24.00 -1.27
C VAL J 497 -35.83 23.55 -1.09
N GLU J 498 -34.96 23.99 -2.00
CA GLU J 498 -33.53 23.70 -1.87
C GLU J 498 -32.97 24.36 -0.62
N PRO J 499 -32.09 23.70 0.11
CA PRO J 499 -31.55 24.29 1.35
C PRO J 499 -30.79 25.59 1.15
N SER J 500 -30.26 25.86 -0.05
CA SER J 500 -29.58 27.12 -0.30
C SER J 500 -30.52 28.31 -0.30
N LYS J 501 -31.80 28.11 -0.59
CA LYS J 501 -32.78 29.19 -0.61
C LYS J 501 -33.65 29.22 0.63
N ILE J 502 -33.25 28.51 1.69
CA ILE J 502 -34.00 28.51 2.94
C ILE J 502 -34.00 29.90 3.57
N THR J 503 -32.83 30.57 3.57
CA THR J 503 -32.73 31.90 4.15
C THR J 503 -33.56 32.91 3.37
N LYS J 504 -33.56 32.81 2.03
CA LYS J 504 -34.39 33.71 1.23
C LYS J 504 -35.87 33.46 1.49
N PHE J 505 -36.26 32.20 1.65
CA PHE J 505 -37.64 31.90 2.05
C PHE J 505 -37.91 32.42 3.46
N GLU J 506 -36.93 32.35 4.34
CA GLU J 506 -37.11 32.77 5.72
C GLU J 506 -37.40 34.26 5.83
N LYS J 507 -36.90 35.06 4.88
CA LYS J 507 -37.16 36.49 4.89
C LYS J 507 -38.43 36.84 4.14
N GLU J 508 -38.59 36.31 2.92
CA GLU J 508 -39.67 36.75 2.05
C GLU J 508 -41.01 36.19 2.49
N PHE J 509 -41.06 34.91 2.88
CA PHE J 509 -42.32 34.32 3.32
C PHE J 509 -42.79 34.92 4.64
N SER J 510 -41.84 35.24 5.53
CA SER J 510 -42.19 35.93 6.76
C SER J 510 -42.74 37.33 6.49
N GLN J 511 -42.23 37.99 5.45
CA GLN J 511 -42.79 39.27 5.04
C GLN J 511 -44.22 39.10 4.48
N HIS J 512 -44.46 38.00 3.76
CA HIS J 512 -45.76 37.76 3.16
C HIS J 512 -46.85 37.54 4.21
N ILE J 513 -46.51 36.90 5.33
CA ILE J 513 -47.50 36.60 6.37
C ILE J 513 -47.51 37.70 7.41
N LYS J 514 -46.77 38.79 7.15
CA LYS J 514 -46.69 39.91 8.08
C LYS J 514 -47.64 41.05 7.72
N THR J 515 -47.64 41.48 6.47
CA THR J 515 -48.48 42.59 6.04
C THR J 515 -49.80 42.14 5.44
N SER J 516 -49.92 40.87 5.05
CA SER J 516 -51.14 40.35 4.45
C SER J 516 -51.92 39.43 5.37
N HIS J 517 -51.23 38.55 6.11
CA HIS J 517 -51.88 37.58 6.99
C HIS J 517 -51.61 37.91 8.45
N ARG J 518 -51.64 39.20 8.79
CA ARG J 518 -51.43 39.62 10.17
C ARG J 518 -52.59 39.22 11.08
N ASP J 519 -53.76 38.92 10.51
CA ASP J 519 -54.86 38.39 11.31
C ASP J 519 -54.52 37.01 11.86
N ILE J 520 -53.82 36.19 11.07
CA ILE J 520 -53.39 34.87 11.53
C ILE J 520 -52.38 35.01 12.67
N LEU J 521 -51.48 35.98 12.57
CA LEU J 521 -50.53 36.23 13.66
C LEU J 521 -51.24 36.67 14.92
N ASP J 522 -52.27 37.50 14.79
CA ASP J 522 -53.08 37.88 15.95
C ASP J 522 -53.85 36.69 16.50
N THR J 523 -54.30 35.79 15.61
CA THR J 523 -55.00 34.60 16.05
C THR J 523 -54.08 33.67 16.84
N ILE J 524 -52.85 33.49 16.38
CA ILE J 524 -51.89 32.66 17.10
C ILE J 524 -51.50 33.31 18.42
N ALA J 525 -51.34 34.63 18.42
CA ALA J 525 -50.96 35.35 19.64
C ALA J 525 -52.04 35.26 20.71
N LYS J 526 -53.31 35.36 20.31
CA LYS J 526 -54.40 35.24 21.27
C LYS J 526 -54.60 33.80 21.71
N GLU J 527 -54.45 32.85 20.79
CA GLU J 527 -54.60 31.44 21.15
C GLU J 527 -53.38 30.95 21.94
N GLY J 528 -52.19 31.36 21.53
CA GLY J 528 -50.96 30.95 22.19
C GLY J 528 -50.36 29.66 21.68
N GLN J 529 -51.02 28.97 20.75
CA GLN J 529 -50.53 27.72 20.21
C GLN J 529 -51.00 27.60 18.76
N ILE J 530 -50.88 26.41 18.19
CA ILE J 530 -51.24 26.15 16.81
C ILE J 530 -52.41 25.18 16.81
N SER J 531 -53.60 25.69 16.54
CA SER J 531 -54.77 24.85 16.37
C SER J 531 -54.72 24.15 15.01
N PRO J 532 -55.43 23.03 14.86
CA PRO J 532 -55.47 22.35 13.54
C PRO J 532 -56.04 23.22 12.43
N ASP J 533 -57.01 24.09 12.73
CA ASP J 533 -57.50 25.02 11.71
C ASP J 533 -56.44 26.03 11.31
N THR J 534 -55.70 26.56 12.29
CA THR J 534 -54.62 27.49 11.98
C THR J 534 -53.47 26.79 11.28
N ASP J 535 -53.24 25.52 11.61
CA ASP J 535 -52.23 24.73 10.91
C ASP J 535 -52.59 24.55 9.44
N ALA J 536 -53.88 24.30 9.16
CA ALA J 536 -54.33 24.17 7.78
C ALA J 536 -54.24 25.49 7.04
N LYS J 537 -54.57 26.60 7.71
CA LYS J 537 -54.49 27.92 7.08
C LYS J 537 -53.05 28.27 6.73
N LEU J 538 -52.11 28.00 7.64
CA LEU J 538 -50.70 28.29 7.38
C LEU J 538 -50.16 27.41 6.26
N LYS J 539 -50.61 26.16 6.19
CA LYS J 539 -50.16 25.27 5.12
C LYS J 539 -50.66 25.73 3.75
N LYS J 540 -51.90 26.26 3.70
CA LYS J 540 -52.43 26.77 2.45
C LYS J 540 -51.69 28.02 1.99
N VAL J 541 -51.28 28.87 2.93
CA VAL J 541 -50.49 30.05 2.59
C VAL J 541 -49.11 29.62 2.10
N VAL J 542 -48.54 28.59 2.72
CA VAL J 542 -47.23 28.08 2.30
C VAL J 542 -47.29 27.54 0.87
N THR J 543 -48.32 26.73 0.57
CA THR J 543 -48.46 26.17 -0.77
C THR J 543 -48.76 27.26 -1.79
N ASP J 544 -49.55 28.27 -1.41
CA ASP J 544 -49.78 29.40 -2.30
C ASP J 544 -48.50 30.19 -2.52
N PHE J 545 -47.70 30.38 -1.48
CA PHE J 545 -46.46 31.13 -1.62
C PHE J 545 -45.43 30.33 -2.42
N LEU J 546 -45.36 29.02 -2.21
CA LEU J 546 -44.42 28.19 -2.97
C LEU J 546 -44.79 28.12 -4.44
N SER J 547 -46.10 28.15 -4.76
CA SER J 547 -46.52 28.25 -6.15
C SER J 547 -46.08 29.57 -6.75
N THR J 548 -46.19 30.66 -5.99
CA THR J 548 -45.70 31.96 -6.44
C THR J 548 -44.18 32.06 -6.38
N PHE J 549 -43.53 31.19 -5.60
CA PHE J 549 -42.08 31.20 -5.46
C PHE J 549 -41.40 30.73 -6.74
N ILE K 49 23.05 31.26 97.85
CA ILE K 49 22.48 32.43 97.18
C ILE K 49 22.19 32.11 95.72
N SER K 50 23.23 31.70 94.98
CA SER K 50 23.06 31.38 93.57
C SER K 50 22.25 30.09 93.40
N ALA K 51 22.60 29.05 94.17
CA ALA K 51 21.89 27.78 94.09
C ALA K 51 20.46 27.91 94.62
N VAL K 52 20.25 28.76 95.62
CA VAL K 52 18.90 29.02 96.12
C VAL K 52 18.08 29.73 95.05
N LEU K 53 18.72 30.62 94.29
CA LEU K 53 18.04 31.28 93.17
C LEU K 53 17.65 30.27 92.10
N GLU K 54 18.51 29.29 91.84
CA GLU K 54 18.19 28.24 90.87
C GLU K 54 17.01 27.40 91.35
N GLU K 55 16.97 27.09 92.64
CA GLU K 55 15.85 26.31 93.18
C GLU K 55 14.56 27.11 93.16
N LYS K 56 14.66 28.44 93.38
CA LYS K 56 13.47 29.29 93.32
C LYS K 56 12.91 29.38 91.90
N ILE K 57 13.80 29.48 90.91
CA ILE K 57 13.34 29.56 89.52
C ILE K 57 12.73 28.24 89.07
N LEU K 58 13.43 27.14 89.32
CA LEU K 58 12.94 25.82 88.89
C LEU K 58 11.76 25.34 89.72
N GLY K 59 11.53 25.91 90.90
CA GLY K 59 10.37 25.52 91.68
C GLY K 59 9.07 25.99 91.07
N ALA K 60 9.09 27.11 90.35
CA ALA K 60 7.89 27.62 89.70
C ALA K 60 7.47 26.74 88.53
N ALA K 61 8.44 26.32 87.71
CA ALA K 61 8.14 25.43 86.60
C ALA K 61 7.89 24.02 87.12
N PRO K 62 6.91 23.30 86.56
CA PRO K 62 6.66 21.93 87.02
C PRO K 62 7.80 20.99 86.65
N LYS K 63 8.01 20.00 87.50
CA LYS K 63 9.08 19.03 87.31
C LYS K 63 8.58 17.93 86.37
N GLU K 64 9.32 17.70 85.29
CA GLU K 64 8.96 16.71 84.28
C GLU K 64 10.18 15.88 83.92
N ASN K 65 9.94 14.60 83.64
CA ASN K 65 10.98 13.69 83.18
C ASN K 65 10.88 13.63 81.66
N LEU K 66 11.61 14.51 80.98
CA LEU K 66 11.54 14.61 79.53
C LEU K 66 12.24 13.47 78.82
N GLU K 67 12.98 12.62 79.54
CA GLU K 67 13.58 11.46 78.91
C GLU K 67 12.53 10.38 78.64
N GLU K 68 11.56 10.24 79.54
CA GLU K 68 10.53 9.22 79.40
C GLU K 68 9.15 9.78 79.11
N THR K 69 8.92 11.07 79.34
CA THR K 69 7.64 11.70 79.08
C THR K 69 7.81 12.86 78.10
N GLY K 70 6.69 13.47 77.75
CA GLY K 70 6.69 14.61 76.86
C GLY K 70 5.35 15.31 76.90
N ARG K 71 5.33 16.52 76.32
CA ARG K 71 4.14 17.34 76.25
C ARG K 71 3.82 17.63 74.80
N VAL K 72 2.53 17.59 74.46
CA VAL K 72 2.11 17.85 73.08
C VAL K 72 2.30 19.32 72.74
N LEU K 73 2.95 19.58 71.61
CA LEU K 73 3.10 20.95 71.10
C LEU K 73 1.96 21.30 70.16
N SER K 74 1.75 20.49 69.14
CA SER K 74 0.70 20.70 68.16
C SER K 74 0.08 19.36 67.80
N ILE K 75 -1.24 19.35 67.65
CA ILE K 75 -1.96 18.15 67.24
C ILE K 75 -2.92 18.54 66.11
N GLY K 76 -2.91 17.75 65.05
CA GLY K 76 -3.78 18.01 63.91
C GLY K 76 -3.69 16.93 62.86
N ASP K 77 -4.86 16.49 62.38
CA ASP K 77 -4.99 15.49 61.30
C ASP K 77 -4.34 14.17 61.66
N GLY K 78 -4.34 13.81 62.94
CA GLY K 78 -3.75 12.56 63.37
C GLY K 78 -2.26 12.58 63.58
N ILE K 79 -1.63 13.75 63.57
CA ILE K 79 -0.21 13.90 63.80
C ILE K 79 -0.02 14.74 65.05
N ALA K 80 0.72 14.23 66.02
CA ALA K 80 1.03 14.94 67.25
C ALA K 80 2.52 15.24 67.27
N ARG K 81 2.87 16.52 67.45
CA ARG K 81 4.24 16.95 67.67
C ARG K 81 4.43 17.15 69.17
N VAL K 82 5.36 16.44 69.77
CA VAL K 82 5.53 16.45 71.21
C VAL K 82 6.95 16.88 71.56
N TYR K 83 7.06 17.70 72.60
CA TYR K 83 8.35 18.12 73.13
C TYR K 83 8.72 17.21 74.29
N GLY K 84 9.88 16.57 74.19
CA GLY K 84 10.34 15.63 75.20
C GLY K 84 10.61 14.28 74.57
N LEU K 85 10.44 13.24 75.39
CA LEU K 85 10.73 11.85 75.02
C LEU K 85 12.15 11.74 74.49
N LYS K 86 13.10 12.12 75.34
CA LYS K 86 14.49 12.24 74.92
C LYS K 86 15.09 10.88 74.57
N ASN K 87 14.72 9.83 75.31
CA ASN K 87 15.26 8.51 75.10
C ASN K 87 14.32 7.60 74.32
N ILE K 88 13.37 8.17 73.57
CA ILE K 88 12.44 7.36 72.81
C ILE K 88 13.15 6.79 71.59
N GLN K 89 12.68 5.63 71.14
CA GLN K 89 13.18 4.99 69.94
C GLN K 89 12.27 5.30 68.77
N ALA K 90 12.79 5.07 67.56
CA ALA K 90 11.95 5.13 66.37
C ALA K 90 10.94 3.99 66.42
N GLU K 91 9.79 4.19 65.76
CA GLU K 91 8.72 3.22 65.65
C GLU K 91 8.16 2.75 67.00
N GLU K 92 8.45 3.48 68.07
CA GLU K 92 8.11 3.03 69.41
C GLU K 92 6.71 3.50 69.80
N MET K 93 5.96 2.62 70.45
CA MET K 93 4.62 2.95 70.92
C MET K 93 4.68 3.99 72.04
N VAL K 94 3.66 4.86 72.08
CA VAL K 94 3.50 5.83 73.14
C VAL K 94 2.06 5.78 73.63
N GLU K 95 1.85 6.35 74.82
CA GLU K 95 0.53 6.45 75.43
C GLU K 95 0.22 7.90 75.71
N PHE K 96 -0.95 8.36 75.28
CA PHE K 96 -1.38 9.71 75.55
C PHE K 96 -2.14 9.78 76.87
N SER K 97 -2.46 11.01 77.29
CA SER K 97 -3.19 11.21 78.54
C SER K 97 -4.61 10.68 78.46
N SER K 98 -5.21 10.69 77.27
CA SER K 98 -6.56 10.20 77.08
C SER K 98 -6.63 8.70 76.85
N GLY K 99 -5.50 8.00 76.92
CA GLY K 99 -5.46 6.58 76.70
C GLY K 99 -5.23 6.15 75.26
N LEU K 100 -5.14 7.10 74.34
CA LEU K 100 -4.87 6.76 72.94
C LEU K 100 -3.42 6.32 72.78
N LYS K 101 -3.21 5.38 71.88
CA LYS K 101 -1.87 4.95 71.53
C LYS K 101 -1.32 5.78 70.38
N GLY K 102 -0.02 5.68 70.17
CA GLY K 102 0.63 6.37 69.07
C GLY K 102 1.96 5.72 68.77
N MET K 103 2.54 6.10 67.65
CA MET K 103 3.83 5.57 67.21
C MET K 103 4.72 6.73 66.79
N ALA K 104 5.96 6.72 67.26
CA ALA K 104 6.92 7.77 66.94
C ALA K 104 7.56 7.46 65.59
N LEU K 105 7.14 8.20 64.55
CA LEU K 105 7.68 7.98 63.22
C LEU K 105 8.79 8.96 62.84
N ASN K 106 8.73 10.18 63.34
CA ASN K 106 9.79 11.17 63.14
C ASN K 106 10.39 11.55 64.48
N LEU K 107 11.70 11.40 64.61
CA LEU K 107 12.42 11.86 65.78
C LEU K 107 13.24 13.07 65.34
N GLU K 108 12.61 14.23 65.36
CA GLU K 108 13.27 15.46 64.97
C GLU K 108 14.09 16.01 66.14
N PRO K 109 15.07 16.87 65.86
CA PRO K 109 15.85 17.44 66.98
C PRO K 109 15.04 18.24 67.97
N ASP K 110 13.97 18.91 67.53
CA ASP K 110 13.16 19.72 68.43
C ASP K 110 11.98 18.94 69.01
N ASN K 111 11.32 18.12 68.21
CA ASN K 111 10.10 17.45 68.63
C ASN K 111 10.10 16.02 68.11
N VAL K 112 9.04 15.29 68.43
CA VAL K 112 8.82 13.93 67.95
C VAL K 112 7.49 13.91 67.22
N GLY K 113 7.52 13.46 65.97
CA GLY K 113 6.29 13.29 65.21
C GLY K 113 5.64 11.96 65.50
N ILE K 114 4.41 11.99 66.02
CA ILE K 114 3.72 10.79 66.46
C ILE K 114 2.42 10.67 65.67
N VAL K 115 2.20 9.49 65.10
CA VAL K 115 0.95 9.18 64.41
C VAL K 115 -0.03 8.59 65.42
N VAL K 116 -1.24 9.14 65.47
CA VAL K 116 -2.20 8.84 66.51
C VAL K 116 -3.06 7.66 66.11
N PHE K 117 -3.18 6.67 67.00
CA PHE K 117 -4.00 5.49 66.74
C PHE K 117 -5.47 5.75 67.10
N GLY K 118 -6.06 6.82 66.57
CA GLY K 118 -7.44 7.11 66.86
C GLY K 118 -7.80 8.53 66.47
N ASN K 119 -8.96 8.95 66.95
CA ASN K 119 -9.44 10.31 66.69
C ASN K 119 -8.64 11.31 67.52
N ASP K 120 -8.16 12.36 66.87
CA ASP K 120 -7.29 13.33 67.53
C ASP K 120 -8.06 14.38 68.30
N LYS K 121 -9.37 14.25 68.44
CA LYS K 121 -10.15 15.18 69.27
C LYS K 121 -9.95 14.92 70.75
N HIS K 122 -9.35 13.80 71.12
CA HIS K 122 -9.06 13.48 72.51
C HIS K 122 -7.69 13.97 72.95
N ILE K 123 -6.94 14.61 72.06
CA ILE K 123 -5.59 15.08 72.34
C ILE K 123 -5.57 16.59 72.20
N LYS K 124 -5.01 17.27 73.20
CA LYS K 124 -4.86 18.71 73.19
C LYS K 124 -3.39 19.07 73.36
N GLU K 125 -3.07 20.33 73.06
CA GLU K 125 -1.73 20.83 73.31
C GLU K 125 -1.46 20.90 74.81
N GLY K 126 -0.31 20.37 75.22
CA GLY K 126 0.05 20.34 76.62
C GLY K 126 -0.23 19.04 77.33
N ASP K 127 -0.71 18.02 76.62
CA ASP K 127 -1.02 16.74 77.24
C ASP K 127 0.24 15.90 77.41
N ILE K 128 0.25 15.08 78.46
CA ILE K 128 1.39 14.26 78.79
C ILE K 128 1.40 13.02 77.92
N VAL K 129 2.51 12.77 77.24
CA VAL K 129 2.73 11.57 76.45
C VAL K 129 3.85 10.77 77.10
N LYS K 130 3.59 9.50 77.36
CA LYS K 130 4.56 8.62 78.02
C LYS K 130 5.11 7.61 77.03
N ARG K 131 6.23 7.00 77.41
CA ARG K 131 6.85 5.95 76.61
C ARG K 131 6.34 4.58 77.03
N THR K 132 5.81 3.83 76.06
CA THR K 132 5.56 2.41 76.29
C THR K 132 6.87 1.66 76.51
N GLY K 133 7.90 2.00 75.72
CA GLY K 133 9.21 1.42 75.87
C GLY K 133 9.56 0.34 74.88
N ALA K 134 8.66 0.00 73.97
CA ALA K 134 8.90 -1.08 73.04
C ALA K 134 8.20 -0.80 71.72
N ILE K 135 8.71 -1.45 70.67
CA ILE K 135 8.08 -1.36 69.36
C ILE K 135 6.76 -2.12 69.37
N VAL K 136 5.92 -1.84 68.37
CA VAL K 136 4.57 -2.39 68.33
C VAL K 136 4.61 -3.90 68.13
N ASP K 137 3.84 -4.61 68.94
CA ASP K 137 3.73 -6.06 68.84
C ASP K 137 2.27 -6.45 68.98
N VAL K 138 1.94 -7.61 68.43
CA VAL K 138 0.56 -8.11 68.42
C VAL K 138 0.54 -9.51 69.02
N PRO K 139 -0.62 -9.93 69.54
CA PRO K 139 -0.75 -11.34 69.94
C PRO K 139 -0.59 -12.28 68.76
N VAL K 140 0.00 -13.44 69.02
CA VAL K 140 0.10 -14.52 68.06
C VAL K 140 -0.26 -15.82 68.76
N GLY K 141 -0.70 -16.78 67.97
CA GLY K 141 -1.02 -18.10 68.52
C GLY K 141 -2.18 -18.72 67.79
N GLU K 142 -2.51 -19.94 68.19
CA GLU K 142 -3.69 -20.64 67.68
C GLU K 142 -4.98 -20.11 68.29
N GLU K 143 -4.90 -19.29 69.34
CA GLU K 143 -6.09 -18.72 69.96
C GLU K 143 -6.72 -17.64 69.09
N LEU K 144 -6.02 -17.13 68.10
CA LEU K 144 -6.56 -16.13 67.20
C LEU K 144 -7.42 -16.72 66.09
N LEU K 145 -7.45 -18.05 65.96
CA LEU K 145 -8.27 -18.68 64.93
C LEU K 145 -9.74 -18.56 65.31
N GLY K 146 -10.56 -18.12 64.36
CA GLY K 146 -11.96 -17.88 64.61
C GLY K 146 -12.28 -16.50 65.13
N ARG K 147 -11.28 -15.66 65.37
CA ARG K 147 -11.46 -14.36 65.98
C ARG K 147 -11.31 -13.26 64.94
N VAL K 148 -12.10 -12.20 65.10
CA VAL K 148 -11.99 -10.99 64.29
C VAL K 148 -11.33 -9.93 65.16
N VAL K 149 -10.15 -9.49 64.75
CA VAL K 149 -9.33 -8.57 65.52
C VAL K 149 -9.06 -7.32 64.69
N ASP K 150 -8.61 -6.27 65.36
CA ASP K 150 -8.22 -5.05 64.70
C ASP K 150 -6.72 -5.11 64.37
N ALA K 151 -6.14 -3.97 63.99
CA ALA K 151 -4.73 -3.94 63.62
C ALA K 151 -3.80 -4.11 64.81
N LEU K 152 -4.29 -3.96 66.03
CA LEU K 152 -3.47 -4.14 67.23
C LEU K 152 -3.74 -5.47 67.91
N GLY K 153 -4.56 -6.34 67.31
CA GLY K 153 -4.86 -7.62 67.89
C GLY K 153 -5.96 -7.63 68.93
N ASN K 154 -6.58 -6.48 69.18
CA ASN K 154 -7.70 -6.44 70.12
C ASN K 154 -8.94 -7.02 69.46
N PRO K 155 -9.68 -7.90 70.13
CA PRO K 155 -10.85 -8.53 69.49
C PRO K 155 -11.99 -7.55 69.30
N ILE K 156 -12.60 -7.61 68.12
CA ILE K 156 -13.74 -6.75 67.78
C ILE K 156 -14.98 -7.55 67.43
N ASP K 157 -14.95 -8.87 67.65
CA ASP K 157 -16.09 -9.72 67.36
C ASP K 157 -17.01 -9.90 68.57
N GLY K 158 -16.66 -9.34 69.72
CA GLY K 158 -17.50 -9.45 70.89
C GLY K 158 -17.50 -10.80 71.56
N LYS K 159 -16.56 -11.68 71.20
CA LYS K 159 -16.51 -13.03 71.73
C LYS K 159 -15.46 -13.18 72.83
N GLY K 160 -15.25 -12.13 73.62
CA GLY K 160 -14.37 -12.21 74.76
C GLY K 160 -12.93 -11.92 74.43
N PRO K 161 -12.06 -11.95 75.43
CA PRO K 161 -10.63 -11.70 75.20
C PRO K 161 -9.97 -12.89 74.53
N ILE K 162 -8.71 -12.68 74.17
CA ILE K 162 -7.89 -13.68 73.49
C ILE K 162 -6.80 -14.14 74.44
N GLY K 163 -6.74 -15.45 74.67
CA GLY K 163 -5.74 -15.99 75.58
C GLY K 163 -4.43 -16.33 74.90
N SER K 164 -3.80 -15.34 74.28
CA SER K 164 -2.54 -15.56 73.59
C SER K 164 -1.40 -15.51 74.60
N LYS K 165 -0.64 -16.60 74.69
CA LYS K 165 0.51 -16.65 75.58
C LYS K 165 1.75 -15.99 75.03
N THR K 166 1.78 -15.71 73.72
CA THR K 166 2.96 -15.14 73.08
C THR K 166 2.56 -13.90 72.29
N ARG K 167 3.49 -12.94 72.22
CA ARG K 167 3.33 -11.75 71.42
C ARG K 167 4.52 -11.60 70.49
N GLN K 168 4.29 -11.10 69.28
CA GLN K 168 5.33 -11.01 68.26
C GLN K 168 5.40 -9.59 67.73
N ARG K 169 6.62 -9.07 67.65
CA ARG K 169 6.85 -7.75 67.06
C ARG K 169 6.51 -7.76 65.58
N VAL K 170 5.79 -6.73 65.12
CA VAL K 170 5.31 -6.70 63.75
C VAL K 170 6.36 -6.23 62.75
N GLY K 171 7.47 -5.69 63.22
CA GLY K 171 8.49 -5.19 62.32
C GLY K 171 9.69 -6.11 62.22
N VAL K 172 9.44 -7.42 62.30
CA VAL K 172 10.53 -8.39 62.20
C VAL K 172 11.00 -8.49 60.75
N LYS K 173 12.22 -8.98 60.58
CA LYS K 173 12.82 -9.10 59.26
C LYS K 173 12.49 -10.43 58.62
N ALA K 174 12.49 -10.44 57.29
CA ALA K 174 12.19 -11.63 56.53
C ALA K 174 13.35 -12.63 56.63
N PRO K 175 13.09 -13.91 56.41
CA PRO K 175 14.19 -14.88 56.33
C PRO K 175 15.10 -14.59 55.13
N GLY K 176 16.37 -14.95 55.29
CA GLY K 176 17.36 -14.68 54.28
C GLY K 176 17.37 -15.71 53.17
N ILE K 177 18.50 -15.77 52.47
CA ILE K 177 18.64 -16.70 51.35
C ILE K 177 18.68 -18.15 51.85
N ILE K 178 19.50 -18.40 52.86
CA ILE K 178 19.77 -19.74 53.37
C ILE K 178 18.58 -20.43 54.02
N PRO K 179 17.78 -19.81 54.90
CA PRO K 179 16.70 -20.58 55.55
C PRO K 179 15.54 -20.95 54.63
N ARG K 180 15.61 -20.68 53.34
CA ARG K 180 14.53 -20.97 52.41
C ARG K 180 14.86 -22.17 51.53
N VAL K 181 13.81 -22.78 50.99
CA VAL K 181 13.94 -23.79 49.95
C VAL K 181 13.02 -23.39 48.80
N SER K 182 13.17 -24.11 47.69
CA SER K 182 12.39 -23.80 46.51
C SER K 182 10.91 -24.10 46.73
N VAL K 183 10.05 -23.22 46.23
CA VAL K 183 8.61 -23.40 46.38
C VAL K 183 8.18 -24.55 45.47
N ARG K 184 7.74 -25.65 46.08
CA ARG K 184 7.34 -26.85 45.34
C ARG K 184 6.02 -27.45 45.80
N GLU K 185 5.58 -27.19 47.03
CA GLU K 185 4.30 -27.71 47.50
C GLU K 185 3.16 -26.89 46.91
N PRO K 186 2.11 -27.53 46.41
CA PRO K 186 0.99 -26.76 45.84
C PRO K 186 0.13 -26.14 46.93
N MET K 187 -0.36 -24.94 46.65
CA MET K 187 -1.33 -24.24 47.49
C MET K 187 -2.60 -24.13 46.66
N GLN K 188 -3.59 -24.95 46.98
CA GLN K 188 -4.77 -25.11 46.13
C GLN K 188 -5.75 -23.97 46.37
N THR K 189 -5.94 -23.15 45.33
CA THR K 189 -6.94 -22.10 45.41
C THR K 189 -8.35 -22.66 45.33
N GLY K 190 -8.53 -23.76 44.60
CA GLY K 190 -9.82 -24.34 44.36
C GLY K 190 -10.45 -23.93 43.06
N MET K 191 -9.90 -22.91 42.40
CA MET K 191 -10.38 -22.48 41.10
C MET K 191 -9.62 -23.22 40.01
N LYS K 192 -10.34 -23.68 39.00
CA LYS K 192 -9.72 -24.43 37.91
C LYS K 192 -8.74 -23.56 37.13
N ALA K 193 -9.10 -22.29 36.92
CA ALA K 193 -8.22 -21.39 36.17
C ALA K 193 -6.94 -21.08 36.94
N VAL K 194 -7.04 -20.90 38.25
CA VAL K 194 -5.85 -20.61 39.05
C VAL K 194 -4.98 -21.84 39.19
N ASP K 195 -5.58 -22.98 39.55
CA ASP K 195 -4.78 -24.15 39.86
C ASP K 195 -4.15 -24.81 38.64
N SER K 196 -4.58 -24.44 37.43
CA SER K 196 -4.03 -25.02 36.21
C SER K 196 -3.10 -24.06 35.47
N LEU K 197 -3.51 -22.82 35.27
CA LEU K 197 -2.78 -21.89 34.42
C LEU K 197 -1.94 -20.89 35.18
N VAL K 198 -2.36 -20.48 36.38
CA VAL K 198 -1.58 -19.54 37.20
C VAL K 198 -1.35 -20.18 38.56
N PRO K 199 -0.60 -21.28 38.65
CA PRO K 199 -0.56 -22.04 39.91
C PRO K 199 0.17 -21.31 41.02
N ILE K 200 -0.29 -21.53 42.24
CA ILE K 200 0.25 -20.89 43.43
C ILE K 200 0.83 -21.97 44.34
N GLY K 201 2.08 -21.78 44.75
CA GLY K 201 2.73 -22.68 45.67
C GLY K 201 2.82 -22.12 47.08
N ARG K 202 3.20 -22.98 48.01
CA ARG K 202 3.31 -22.59 49.40
C ARG K 202 4.63 -21.86 49.62
N GLY K 203 4.55 -20.61 50.05
CA GLY K 203 5.69 -19.74 50.12
C GLY K 203 5.79 -18.74 48.98
N GLN K 204 4.75 -18.64 48.16
CA GLN K 204 4.75 -17.76 47.00
C GLN K 204 3.98 -16.48 47.30
N ARG K 205 4.35 -15.40 46.61
CA ARG K 205 3.62 -14.15 46.65
C ARG K 205 2.95 -13.97 45.29
N GLU K 206 1.67 -14.32 45.21
CA GLU K 206 0.91 -14.20 43.98
C GLU K 206 -0.03 -13.01 44.10
N LEU K 207 0.10 -12.06 43.18
CA LEU K 207 -0.70 -10.84 43.23
C LEU K 207 -2.05 -11.07 42.57
N ILE K 208 -3.10 -10.59 43.23
CA ILE K 208 -4.43 -10.55 42.64
C ILE K 208 -4.72 -9.12 42.25
N ILE K 209 -4.45 -8.76 41.00
CA ILE K 209 -4.53 -7.39 40.54
C ILE K 209 -5.67 -7.27 39.53
N GLY K 210 -6.48 -6.23 39.68
CA GLY K 210 -7.58 -6.00 38.76
C GLY K 210 -8.31 -4.74 39.17
N ASP K 211 -9.26 -4.36 38.34
CA ASP K 211 -10.04 -3.14 38.60
C ASP K 211 -11.10 -3.43 39.65
N ARG K 212 -11.95 -2.45 39.91
CA ARG K 212 -13.02 -2.63 40.90
C ARG K 212 -14.07 -3.60 40.38
N GLN K 213 -14.64 -4.36 41.33
CA GLN K 213 -15.76 -5.28 41.08
C GLN K 213 -15.43 -6.31 40.00
N THR K 214 -14.20 -6.82 40.03
CA THR K 214 -13.78 -7.83 39.07
C THR K 214 -13.76 -9.24 39.63
N GLY K 215 -13.79 -9.39 40.94
CA GLY K 215 -13.71 -10.68 41.58
C GLY K 215 -12.43 -10.97 42.33
N LYS K 216 -11.70 -9.93 42.77
CA LYS K 216 -10.45 -10.14 43.48
C LYS K 216 -10.70 -10.74 44.86
N THR K 217 -11.69 -10.22 45.59
CA THR K 217 -12.03 -10.77 46.90
C THR K 217 -12.62 -12.16 46.77
N ALA K 218 -13.34 -12.42 45.68
CA ALA K 218 -13.94 -13.74 45.47
C ALA K 218 -12.87 -14.81 45.28
N ILE K 219 -11.75 -14.46 44.64
CA ILE K 219 -10.65 -15.40 44.46
C ILE K 219 -10.01 -15.71 45.81
N ALA K 220 -9.79 -14.70 46.63
CA ALA K 220 -9.10 -14.89 47.91
C ALA K 220 -10.00 -15.60 48.92
N ILE K 221 -11.29 -15.29 48.93
CA ILE K 221 -12.19 -15.93 49.88
C ILE K 221 -12.41 -17.39 49.52
N ASP K 222 -12.58 -17.69 48.24
CA ASP K 222 -12.73 -19.07 47.81
C ASP K 222 -11.45 -19.88 48.04
N ALA K 223 -10.29 -19.22 48.04
CA ALA K 223 -9.06 -19.89 48.44
C ALA K 223 -9.10 -20.29 49.91
N ILE K 224 -9.63 -19.42 50.77
CA ILE K 224 -9.76 -19.74 52.19
C ILE K 224 -10.76 -20.88 52.40
N ILE K 225 -11.88 -20.83 51.69
CA ILE K 225 -12.91 -21.86 51.81
C ILE K 225 -12.40 -23.21 51.34
N ASN K 226 -11.54 -23.21 50.32
CA ASN K 226 -11.01 -24.46 49.76
C ASN K 226 -10.17 -25.25 50.75
N GLN K 227 -9.57 -24.59 51.74
CA GLN K 227 -8.67 -25.29 52.66
C GLN K 227 -9.41 -26.11 53.69
N LYS K 228 -10.74 -26.12 53.68
CA LYS K 228 -11.49 -26.90 54.65
C LYS K 228 -11.33 -28.39 54.42
N ARG K 229 -11.17 -28.82 53.17
CA ARG K 229 -11.00 -30.23 52.88
C ARG K 229 -9.65 -30.75 53.38
N PHE K 230 -8.64 -29.88 53.44
CA PHE K 230 -7.34 -30.30 53.95
C PHE K 230 -7.28 -30.21 55.46
N ASN K 231 -7.96 -29.22 56.04
CA ASN K 231 -7.91 -29.04 57.49
C ASN K 231 -8.75 -30.07 58.23
N ASP K 232 -9.69 -30.72 57.56
CA ASP K 232 -10.49 -31.78 58.16
C ASP K 232 -9.89 -33.16 57.95
N ALA K 233 -8.82 -33.27 57.17
CA ALA K 233 -8.17 -34.55 56.91
C ALA K 233 -7.09 -34.78 57.97
N GLN K 234 -6.25 -35.79 57.75
CA GLN K 234 -5.24 -36.17 58.72
C GLN K 234 -3.83 -35.71 58.34
N ASP K 235 -3.62 -35.32 57.08
CA ASP K 235 -2.30 -34.84 56.65
C ASP K 235 -2.04 -33.47 57.25
N GLU K 236 -1.07 -33.38 58.16
CA GLU K 236 -0.72 -32.09 58.75
C GLU K 236 0.07 -31.24 57.77
N LYS K 237 0.77 -31.86 56.82
CA LYS K 237 1.52 -31.10 55.83
C LYS K 237 0.62 -30.46 54.79
N LYS K 238 -0.59 -30.99 54.60
CA LYS K 238 -1.54 -30.44 53.65
C LYS K 238 -2.43 -29.37 54.26
N LYS K 239 -2.48 -29.26 55.58
CA LYS K 239 -3.31 -28.26 56.23
C LYS K 239 -2.75 -26.86 56.01
N LEU K 240 -3.65 -25.90 55.78
CA LEU K 240 -3.28 -24.52 55.55
C LEU K 240 -4.15 -23.62 56.42
N TYR K 241 -3.51 -22.85 57.28
CA TYR K 241 -4.21 -21.83 58.06
C TYR K 241 -4.25 -20.53 57.27
N CYS K 242 -5.29 -19.74 57.50
CA CYS K 242 -5.56 -18.57 56.70
C CYS K 242 -5.62 -17.34 57.58
N VAL K 243 -5.10 -16.22 57.07
CA VAL K 243 -5.24 -14.91 57.71
C VAL K 243 -5.76 -13.95 56.65
N TYR K 244 -6.90 -13.33 56.91
CA TYR K 244 -7.50 -12.36 56.01
C TYR K 244 -7.34 -10.99 56.63
N VAL K 245 -6.66 -10.08 55.93
CA VAL K 245 -6.48 -8.71 56.38
C VAL K 245 -7.36 -7.81 55.52
N ALA K 246 -8.28 -7.11 56.17
CA ALA K 246 -9.16 -6.15 55.51
C ALA K 246 -8.65 -4.75 55.80
N ILE K 247 -8.26 -4.03 54.75
CA ILE K 247 -7.70 -2.70 54.87
C ILE K 247 -8.60 -1.73 54.12
N GLY K 248 -9.12 -0.73 54.83
CA GLY K 248 -9.89 0.31 54.18
C GLY K 248 -11.27 -0.09 53.71
N GLN K 249 -11.75 -1.26 54.10
CA GLN K 249 -13.07 -1.70 53.68
C GLN K 249 -14.14 -1.14 54.61
N LYS K 250 -15.39 -1.31 54.20
CA LYS K 250 -16.50 -0.96 55.06
C LYS K 250 -16.73 -2.09 56.07
N ARG K 251 -17.19 -1.70 57.27
CA ARG K 251 -17.46 -2.69 58.31
C ARG K 251 -18.57 -3.65 57.90
N SER K 252 -19.51 -3.20 57.07
CA SER K 252 -20.55 -4.09 56.60
C SER K 252 -20.00 -5.15 55.65
N THR K 253 -19.02 -4.78 54.83
CA THR K 253 -18.41 -5.76 53.93
C THR K 253 -17.63 -6.81 54.70
N VAL K 254 -16.92 -6.40 55.75
CA VAL K 254 -16.17 -7.35 56.56
C VAL K 254 -17.12 -8.27 57.32
N ALA K 255 -18.27 -7.74 57.74
CA ALA K 255 -19.25 -8.56 58.44
C ALA K 255 -19.85 -9.62 57.52
N GLN K 256 -19.99 -9.29 56.22
CA GLN K 256 -20.45 -10.28 55.26
C GLN K 256 -19.35 -11.28 54.93
N ILE K 257 -18.10 -10.85 54.98
CA ILE K 257 -16.98 -11.78 54.81
C ILE K 257 -16.92 -12.76 55.96
N VAL K 258 -17.10 -12.27 57.19
CA VAL K 258 -17.08 -13.14 58.37
C VAL K 258 -18.29 -14.08 58.33
N LYS K 259 -19.43 -13.57 57.89
CA LYS K 259 -20.62 -14.44 57.77
C LYS K 259 -20.41 -15.53 56.74
N ARG K 260 -19.77 -15.22 55.62
CA ARG K 260 -19.50 -16.22 54.59
C ARG K 260 -18.53 -17.29 55.10
N LEU K 261 -17.50 -16.88 55.84
CA LEU K 261 -16.55 -17.85 56.37
C LEU K 261 -17.14 -18.66 57.51
N THR K 262 -18.10 -18.09 58.24
CA THR K 262 -18.76 -18.85 59.30
C THR K 262 -19.78 -19.83 58.74
N ASP K 263 -20.50 -19.44 57.68
CA ASP K 263 -21.47 -20.34 57.05
C ASP K 263 -20.79 -21.50 56.37
N THR K 264 -19.64 -21.26 55.72
CA THR K 264 -18.87 -22.32 55.09
C THR K 264 -17.93 -23.02 56.06
N ASP K 265 -17.97 -22.63 57.34
CA ASP K 265 -17.14 -23.22 58.41
C ASP K 265 -15.65 -23.06 58.12
N ALA K 266 -15.28 -22.01 57.40
CA ALA K 266 -13.89 -21.68 57.15
C ALA K 266 -13.31 -20.77 58.23
N MET K 267 -14.12 -20.34 59.19
CA MET K 267 -13.64 -19.49 60.26
C MET K 267 -12.84 -20.28 61.29
N ARG K 268 -12.95 -21.61 61.29
CA ARG K 268 -12.25 -22.44 62.28
C ARG K 268 -10.74 -22.33 62.18
N TYR K 269 -10.21 -21.99 61.00
CA TYR K 269 -8.77 -21.89 60.78
C TYR K 269 -8.37 -20.54 60.22
N THR K 270 -9.23 -19.52 60.36
CA THR K 270 -9.01 -18.22 59.76
C THR K 270 -8.91 -17.15 60.84
N ILE K 271 -7.95 -16.24 60.67
CA ILE K 271 -7.85 -15.03 61.45
C ILE K 271 -8.26 -13.87 60.56
N VAL K 272 -9.15 -13.02 61.04
CA VAL K 272 -9.59 -11.84 60.31
C VAL K 272 -9.03 -10.62 61.03
N VAL K 273 -8.11 -9.92 60.38
CA VAL K 273 -7.56 -8.66 60.88
C VAL K 273 -8.26 -7.53 60.15
N SER K 274 -8.90 -6.64 60.88
CA SER K 274 -9.79 -5.64 60.31
C SER K 274 -9.30 -4.25 60.64
N ALA K 275 -8.92 -3.49 59.62
CA ALA K 275 -8.62 -2.07 59.73
C ALA K 275 -9.50 -1.36 58.71
N THR K 276 -10.71 -1.00 59.13
CA THR K 276 -11.72 -0.49 58.22
C THR K 276 -11.45 0.98 57.90
N ALA K 277 -12.33 1.57 57.09
CA ALA K 277 -12.15 2.93 56.64
C ALA K 277 -12.40 3.95 57.74
N SER K 278 -13.19 3.60 58.74
CA SER K 278 -13.38 4.49 59.89
C SER K 278 -12.17 4.49 60.80
N ASP K 279 -11.33 3.46 60.74
CA ASP K 279 -10.13 3.42 61.53
C ASP K 279 -9.12 4.45 61.04
N ALA K 280 -8.21 4.83 61.93
CA ALA K 280 -7.21 5.84 61.60
C ALA K 280 -6.23 5.31 60.57
N ALA K 281 -5.59 6.24 59.86
CA ALA K 281 -4.56 5.88 58.90
C ALA K 281 -3.41 5.05 59.48
N PRO K 282 -2.90 5.30 60.70
CA PRO K 282 -1.89 4.37 61.23
C PRO K 282 -2.38 2.94 61.42
N LEU K 283 -3.66 2.77 61.75
CA LEU K 283 -4.20 1.43 61.92
C LEU K 283 -4.30 0.70 60.59
N GLN K 284 -4.67 1.40 59.53
CA GLN K 284 -4.73 0.78 58.21
C GLN K 284 -3.34 0.49 57.67
N TYR K 285 -2.35 1.31 58.03
CA TYR K 285 -0.98 1.06 57.61
C TYR K 285 -0.37 -0.12 58.35
N LEU K 286 -0.75 -0.31 59.62
CA LEU K 286 -0.13 -1.33 60.47
C LEU K 286 -0.79 -2.69 60.36
N ALA K 287 -2.00 -2.76 59.81
CA ALA K 287 -2.72 -4.04 59.74
C ALA K 287 -2.05 -5.13 58.90
N PRO K 288 -1.47 -4.86 57.71
CA PRO K 288 -0.75 -5.94 57.02
C PRO K 288 0.43 -6.49 57.81
N TYR K 289 1.13 -5.65 58.57
CA TYR K 289 2.27 -6.14 59.34
C TYR K 289 1.81 -6.93 60.55
N SER K 290 0.65 -6.56 61.11
CA SER K 290 0.09 -7.32 62.23
C SER K 290 -0.38 -8.70 61.77
N GLY K 291 -1.08 -8.75 60.64
CA GLY K 291 -1.53 -10.03 60.11
C GLY K 291 -0.38 -10.90 59.66
N CYS K 292 0.67 -10.29 59.11
CA CYS K 292 1.84 -11.05 58.67
C CYS K 292 2.54 -11.71 59.86
N ALA K 293 2.63 -11.00 60.99
CA ALA K 293 3.24 -11.58 62.18
C ALA K 293 2.39 -12.71 62.73
N MET K 294 1.08 -12.61 62.61
CA MET K 294 0.20 -13.72 63.01
C MET K 294 0.40 -14.93 62.10
N GLY K 295 0.61 -14.69 60.80
CA GLY K 295 0.91 -15.78 59.90
C GLY K 295 2.32 -16.30 60.04
N GLU K 296 3.24 -15.44 60.48
CA GLU K 296 4.62 -15.88 60.72
C GLU K 296 4.73 -16.79 61.93
N PHE K 297 3.75 -16.75 62.84
CA PHE K 297 3.73 -17.70 63.96
C PHE K 297 3.57 -19.12 63.44
N PHE K 298 2.69 -19.32 62.47
CA PHE K 298 2.51 -20.65 61.88
C PHE K 298 3.70 -21.05 61.04
N ARG K 299 4.31 -20.08 60.35
CA ARG K 299 5.47 -20.38 59.51
C ARG K 299 6.66 -20.85 60.32
N ASP K 300 6.92 -20.21 61.46
CA ASP K 300 8.08 -20.55 62.28
C ASP K 300 7.88 -21.77 63.15
N ASN K 301 6.64 -22.25 63.29
CA ASN K 301 6.34 -23.43 64.11
C ASN K 301 6.11 -24.67 63.26
N GLY K 302 6.54 -24.66 62.01
CA GLY K 302 6.44 -25.82 61.16
C GLY K 302 5.12 -25.99 60.44
N LYS K 303 4.21 -25.03 60.55
CA LYS K 303 2.92 -25.09 59.89
C LYS K 303 2.89 -24.18 58.68
N HIS K 304 1.80 -24.25 57.93
CA HIS K 304 1.66 -23.54 56.67
C HIS K 304 0.52 -22.53 56.77
N ALA K 305 0.81 -21.28 56.43
CA ALA K 305 -0.15 -20.21 56.56
C ALA K 305 -0.35 -19.51 55.23
N LEU K 306 -1.56 -19.00 55.03
CA LEU K 306 -1.91 -18.19 53.87
C LEU K 306 -2.40 -16.84 54.36
N ILE K 307 -1.85 -15.77 53.81
CA ILE K 307 -2.21 -14.41 54.21
C ILE K 307 -2.73 -13.67 52.99
N ILE K 308 -3.88 -13.02 53.14
CA ILE K 308 -4.49 -12.22 52.09
C ILE K 308 -4.50 -10.77 52.56
N TYR K 309 -3.92 -9.89 51.76
CA TYR K 309 -3.95 -8.45 52.01
C TYR K 309 -4.97 -7.83 51.07
N ASP K 310 -6.15 -7.50 51.60
CA ASP K 310 -7.27 -7.01 50.80
C ASP K 310 -7.67 -5.64 51.35
N ASP K 311 -7.09 -4.57 50.79
CA ASP K 311 -6.11 -4.64 49.71
C ASP K 311 -4.93 -3.72 50.00
N LEU K 312 -3.80 -3.96 49.35
CA LEU K 312 -2.59 -3.19 49.61
C LEU K 312 -2.64 -1.79 49.01
N SER K 313 -3.58 -1.53 48.11
CA SER K 313 -3.71 -0.18 47.55
C SER K 313 -4.16 0.82 48.61
N LYS K 314 -5.09 0.42 49.48
CA LYS K 314 -5.58 1.32 50.51
C LYS K 314 -4.60 1.47 51.66
N GLN K 315 -3.73 0.48 51.87
CA GLN K 315 -2.69 0.61 52.88
C GLN K 315 -1.63 1.63 52.45
N ALA K 316 -1.35 1.68 51.15
CA ALA K 316 -0.40 2.67 50.65
C ALA K 316 -0.99 4.08 50.71
N VAL K 317 -2.30 4.20 50.54
CA VAL K 317 -2.97 5.49 50.68
C VAL K 317 -2.89 5.97 52.12
N ALA K 318 -3.08 5.05 53.08
CA ALA K 318 -2.98 5.41 54.48
C ALA K 318 -1.56 5.80 54.87
N TYR K 319 -0.57 5.12 54.30
CA TYR K 319 0.82 5.48 54.57
C TYR K 319 1.19 6.80 53.90
N ARG K 320 0.62 7.07 52.73
CA ARG K 320 0.84 8.35 52.08
C ARG K 320 0.25 9.49 52.88
N GLN K 321 -0.90 9.26 53.51
CA GLN K 321 -1.54 10.29 54.32
C GLN K 321 -0.67 10.68 55.52
N MET K 322 -0.09 9.68 56.19
CA MET K 322 0.78 9.97 57.33
C MET K 322 2.06 10.67 56.89
N SER K 323 2.64 10.24 55.77
CA SER K 323 3.89 10.83 55.31
C SER K 323 3.70 12.27 54.85
N LEU K 324 2.59 12.55 54.17
CA LEU K 324 2.32 13.92 53.73
C LEU K 324 2.05 14.84 54.90
N LEU K 325 1.42 14.33 55.95
CA LEU K 325 1.11 15.12 57.13
C LEU K 325 2.29 15.21 58.10
N LEU K 326 3.30 14.36 57.95
CA LEU K 326 4.55 14.49 58.67
C LEU K 326 5.56 15.34 57.93
N ARG K 327 5.13 15.99 56.84
CA ARG K 327 5.97 16.85 56.00
C ARG K 327 7.14 16.10 55.40
N ARG K 328 6.97 14.81 55.14
CA ARG K 328 7.98 14.05 54.42
C ARG K 328 7.90 14.37 52.94
N PRO K 329 9.04 14.32 52.23
CA PRO K 329 9.07 14.78 50.83
C PRO K 329 8.25 13.85 49.93
N PRO K 330 7.23 14.39 49.26
CA PRO K 330 6.41 13.57 48.37
C PRO K 330 7.14 13.23 47.07
N GLY K 331 6.71 12.12 46.47
CA GLY K 331 7.24 11.71 45.19
C GLY K 331 6.16 11.59 44.15
N ARG K 332 6.23 10.55 43.32
CA ARG K 332 5.25 10.36 42.27
C ARG K 332 3.89 10.01 42.86
N GLU K 333 2.85 10.71 42.39
CA GLU K 333 1.48 10.62 42.91
C GLU K 333 1.42 10.93 44.41
N ALA K 334 2.31 11.82 44.86
CA ALA K 334 2.46 12.27 46.25
C ALA K 334 2.82 11.14 47.22
N TYR K 335 3.21 9.98 46.72
CA TYR K 335 3.63 8.92 47.60
C TYR K 335 5.06 9.18 48.10
N PRO K 336 5.37 8.74 49.31
CA PRO K 336 6.74 8.90 49.81
C PRO K 336 7.71 8.01 49.06
N GLY K 337 9.00 8.33 49.19
CA GLY K 337 10.02 7.56 48.51
C GLY K 337 10.24 6.17 49.05
N ASP K 338 9.74 5.87 50.25
CA ASP K 338 9.89 4.55 50.84
C ASP K 338 8.55 3.79 50.87
N VAL K 339 7.75 3.96 49.83
CA VAL K 339 6.52 3.20 49.73
C VAL K 339 6.74 1.86 48.99
N PHE K 340 7.76 1.79 48.13
CA PHE K 340 8.22 0.50 47.66
C PHE K 340 8.81 -0.31 48.80
N TYR K 341 9.59 0.35 49.67
CA TYR K 341 10.18 -0.31 50.83
C TYR K 341 9.10 -0.72 51.83
N LEU K 342 7.97 -0.01 51.83
CA LEU K 342 6.85 -0.39 52.67
C LEU K 342 6.27 -1.73 52.27
N HIS K 343 6.07 -1.94 50.96
CA HIS K 343 5.43 -3.17 50.51
C HIS K 343 6.43 -4.30 50.31
N SER K 344 7.69 -3.97 50.01
CA SER K 344 8.68 -5.02 49.80
C SER K 344 9.04 -5.70 51.12
N ARG K 345 9.23 -4.92 52.19
CA ARG K 345 9.57 -5.52 53.48
C ARG K 345 8.38 -6.25 54.10
N LEU K 346 7.17 -6.00 53.61
CA LEU K 346 6.02 -6.79 54.02
C LEU K 346 5.97 -8.12 53.27
N LEU K 347 6.10 -8.07 51.95
CA LEU K 347 5.87 -9.23 51.10
C LEU K 347 7.07 -10.17 51.01
N GLU K 348 8.25 -9.75 51.46
CA GLU K 348 9.38 -10.68 51.48
C GLU K 348 9.32 -11.65 52.65
N ARG K 349 8.44 -11.43 53.62
CA ARG K 349 8.30 -12.32 54.75
C ARG K 349 7.46 -13.55 54.43
N ALA K 350 6.86 -13.60 53.25
CA ALA K 350 6.22 -14.83 52.78
C ALA K 350 7.30 -15.72 52.19
N ALA K 351 7.60 -16.82 52.87
CA ALA K 351 8.69 -17.69 52.48
C ALA K 351 8.31 -19.14 52.72
N LYS K 352 8.96 -20.03 51.95
CA LYS K 352 8.93 -21.46 52.19
C LYS K 352 10.19 -21.81 52.98
N MET K 353 10.02 -22.13 54.26
CA MET K 353 11.17 -22.37 55.11
C MET K 353 11.81 -23.72 54.82
N SER K 354 13.09 -23.81 55.11
CA SER K 354 13.84 -25.03 54.87
C SER K 354 13.45 -26.10 55.89
N GLU K 355 13.85 -27.34 55.59
CA GLU K 355 13.52 -28.45 56.47
C GLU K 355 14.25 -28.37 57.81
N SER K 356 15.41 -27.72 57.83
CA SER K 356 16.10 -27.46 59.08
C SER K 356 15.46 -26.34 59.89
N ASN K 357 14.59 -25.55 59.25
CA ASN K 357 13.86 -24.49 59.93
C ASN K 357 12.43 -24.88 60.26
N GLY K 358 12.10 -26.17 60.18
CA GLY K 358 10.78 -26.65 60.48
C GLY K 358 9.93 -26.98 59.26
N GLY K 359 10.31 -26.48 58.10
CA GLY K 359 9.57 -26.79 56.89
C GLY K 359 8.27 -26.05 56.70
N GLY K 360 8.01 -25.03 57.52
CA GLY K 360 6.78 -24.27 57.41
C GLY K 360 6.80 -23.35 56.20
N SER K 361 5.67 -22.68 55.99
CA SER K 361 5.56 -21.79 54.85
C SER K 361 4.57 -20.68 55.17
N LEU K 362 4.69 -19.59 54.41
CA LEU K 362 3.76 -18.47 54.48
C LEU K 362 3.50 -18.02 53.05
N THR K 363 2.24 -18.05 52.64
CA THR K 363 1.85 -17.74 51.27
C THR K 363 1.06 -16.44 51.28
N ALA K 364 1.49 -15.49 50.45
CA ALA K 364 0.86 -14.17 50.41
C ALA K 364 0.03 -14.03 49.14
N LEU K 365 -1.17 -13.48 49.30
CA LEU K 365 -2.04 -13.12 48.17
C LEU K 365 -2.41 -11.66 48.31
N PRO K 366 -1.50 -10.75 47.96
CA PRO K 366 -1.85 -9.33 47.99
C PRO K 366 -2.89 -9.00 46.92
N VAL K 367 -3.72 -8.01 47.22
CA VAL K 367 -4.72 -7.53 46.31
C VAL K 367 -4.40 -6.07 45.97
N ILE K 368 -4.39 -5.75 44.68
CA ILE K 368 -4.15 -4.39 44.21
C ILE K 368 -5.29 -4.02 43.29
N GLU K 369 -5.98 -2.93 43.62
CA GLU K 369 -7.02 -2.38 42.76
C GLU K 369 -6.39 -1.37 41.81
N THR K 370 -6.51 -1.63 40.52
CA THR K 370 -5.97 -0.74 39.51
C THR K 370 -7.08 0.14 38.94
N GLN K 371 -6.68 1.28 38.38
CA GLN K 371 -7.60 2.29 37.88
C GLN K 371 -7.62 2.23 36.37
N ALA K 372 -8.75 1.77 35.81
CA ALA K 372 -8.96 1.62 34.36
C ALA K 372 -7.87 0.74 33.73
N GLY K 373 -7.48 -0.30 34.44
CA GLY K 373 -6.50 -1.24 33.91
C GLY K 373 -5.08 -0.72 33.84
N ASP K 374 -4.79 0.42 34.47
CA ASP K 374 -3.46 1.01 34.41
C ASP K 374 -2.56 0.26 35.39
N VAL K 375 -1.93 -0.81 34.90
CA VAL K 375 -0.97 -1.54 35.72
C VAL K 375 0.38 -0.86 35.77
N SER K 376 0.58 0.21 35.00
CA SER K 376 1.80 0.99 35.04
C SER K 376 1.73 2.13 36.03
N ALA K 377 0.65 2.22 36.81
CA ALA K 377 0.58 3.18 37.90
C ALA K 377 1.59 2.82 38.98
N TYR K 378 1.88 3.79 39.85
CA TYR K 378 3.04 3.72 40.72
C TYR K 378 2.95 2.56 41.71
N ILE K 379 1.85 2.47 42.46
CA ILE K 379 1.68 1.39 43.43
C ILE K 379 1.53 0.03 42.76
N PRO K 380 0.72 -0.16 41.70
CA PRO K 380 0.73 -1.48 41.03
C PRO K 380 2.07 -1.86 40.43
N THR K 381 2.86 -0.90 39.97
CA THR K 381 4.18 -1.21 39.43
C THR K 381 5.10 -1.78 40.51
N ASN K 382 5.01 -1.25 41.73
CA ASN K 382 5.84 -1.73 42.82
C ASN K 382 5.49 -3.16 43.20
N VAL K 383 4.19 -3.43 43.39
CA VAL K 383 3.77 -4.74 43.86
C VAL K 383 3.95 -5.81 42.78
N ILE K 384 3.82 -5.45 41.51
CA ILE K 384 4.11 -6.39 40.43
C ILE K 384 5.58 -6.77 40.44
N SER K 385 6.46 -5.82 40.72
CA SER K 385 7.89 -6.11 40.79
C SER K 385 8.23 -6.99 41.98
N ILE K 386 7.55 -6.80 43.11
CA ILE K 386 7.88 -7.56 44.32
C ILE K 386 7.41 -9.00 44.20
N THR K 387 6.19 -9.21 43.71
CA THR K 387 5.53 -10.50 43.82
C THR K 387 6.11 -11.50 42.81
N ASP K 388 5.72 -12.76 42.98
CA ASP K 388 6.18 -13.87 42.15
C ASP K 388 5.18 -14.24 41.07
N GLY K 389 4.47 -13.26 40.52
CA GLY K 389 3.44 -13.55 39.55
C GLY K 389 2.16 -12.80 39.85
N GLN K 390 1.30 -12.63 38.85
CA GLN K 390 0.08 -11.85 38.99
C GLN K 390 -1.09 -12.65 38.46
N ILE K 391 -2.27 -12.29 38.93
CA ILE K 391 -3.54 -12.84 38.43
C ILE K 391 -4.35 -11.64 37.98
N PHE K 392 -4.33 -11.34 36.69
CA PHE K 392 -5.03 -10.19 36.16
C PHE K 392 -6.51 -10.48 36.00
N LEU K 393 -7.35 -9.53 36.38
CA LEU K 393 -8.80 -9.61 36.21
C LEU K 393 -9.27 -8.42 35.39
N GLU K 394 -10.18 -8.68 34.45
CA GLU K 394 -10.70 -7.65 33.56
C GLU K 394 -12.21 -7.60 33.64
N THR K 395 -12.76 -6.39 33.54
CA THR K 395 -14.21 -6.23 33.50
C THR K 395 -14.78 -6.64 32.14
N GLU K 396 -13.99 -6.51 31.08
CA GLU K 396 -14.45 -6.95 29.76
C GLU K 396 -14.66 -8.45 29.72
N LEU K 397 -13.72 -9.21 30.30
CA LEU K 397 -13.91 -10.66 30.41
C LEU K 397 -14.98 -11.00 31.44
N PHE K 398 -15.20 -10.13 32.42
CA PHE K 398 -16.16 -10.42 33.47
C PHE K 398 -17.58 -10.46 32.92
N TYR K 399 -17.92 -9.56 32.01
CA TYR K 399 -19.28 -9.48 31.47
C TYR K 399 -19.46 -10.33 30.22
N LYS K 400 -18.40 -10.95 29.72
CA LYS K 400 -18.53 -11.94 28.65
C LYS K 400 -18.98 -13.30 29.17
N GLY K 401 -19.11 -13.45 30.49
CA GLY K 401 -19.42 -14.72 31.09
C GLY K 401 -18.22 -15.44 31.67
N ILE K 402 -17.01 -14.96 31.39
CA ILE K 402 -15.78 -15.57 31.91
C ILE K 402 -15.69 -15.18 33.38
N ARG K 403 -16.11 -16.06 34.28
CA ARG K 403 -16.02 -15.83 35.72
C ARG K 403 -15.44 -17.09 36.35
N PRO K 404 -14.26 -17.02 36.99
CA PRO K 404 -13.43 -15.84 37.28
C PRO K 404 -12.74 -15.22 36.05
N ALA K 405 -12.69 -13.89 36.01
CA ALA K 405 -12.29 -13.17 34.80
C ALA K 405 -10.78 -13.07 34.67
N ILE K 406 -10.10 -14.21 34.72
CA ILE K 406 -8.64 -14.23 34.70
C ILE K 406 -8.17 -14.14 33.26
N ASN K 407 -7.32 -13.15 32.97
CA ASN K 407 -6.67 -13.04 31.68
C ASN K 407 -5.52 -14.02 31.64
N VAL K 408 -5.66 -15.08 30.84
CA VAL K 408 -4.65 -16.12 30.79
C VAL K 408 -3.36 -15.60 30.15
N GLY K 409 -3.49 -14.76 29.13
CA GLY K 409 -2.32 -14.23 28.45
C GLY K 409 -1.52 -13.23 29.27
N LEU K 410 -2.15 -12.61 30.26
CA LEU K 410 -1.47 -11.62 31.10
C LEU K 410 -1.04 -12.16 32.45
N SER K 411 -1.80 -13.09 33.02
CA SER K 411 -1.47 -13.62 34.34
C SER K 411 -0.26 -14.54 34.25
N VAL K 412 0.70 -14.32 35.15
CA VAL K 412 1.93 -15.09 35.19
C VAL K 412 2.04 -15.78 36.54
N SER K 413 2.80 -16.87 36.57
CA SER K 413 3.20 -17.51 37.82
C SER K 413 4.65 -17.92 37.67
N ARG K 414 5.55 -17.16 38.30
CA ARG K 414 6.99 -17.37 38.08
C ARG K 414 7.49 -18.70 38.63
N VAL K 415 6.78 -19.31 39.59
CA VAL K 415 7.17 -20.63 40.06
C VAL K 415 6.84 -21.71 39.03
N GLY K 416 5.95 -21.40 38.08
CA GLY K 416 5.62 -22.33 37.01
C GLY K 416 4.89 -23.57 37.51
N SER K 417 5.08 -24.66 36.78
CA SER K 417 4.44 -25.93 37.10
C SER K 417 5.14 -26.69 38.23
N ALA K 418 6.12 -26.08 38.89
CA ALA K 418 6.72 -26.71 40.06
C ALA K 418 5.79 -26.72 41.25
N ALA K 419 4.72 -25.92 41.21
CA ALA K 419 3.73 -25.83 42.27
C ALA K 419 2.45 -26.59 41.95
N GLN K 420 2.54 -27.59 41.08
CA GLN K 420 1.40 -28.39 40.68
C GLN K 420 1.69 -29.86 40.96
N THR K 421 0.62 -30.62 41.13
CA THR K 421 0.75 -32.07 41.25
C THR K 421 1.10 -32.68 39.89
N ARG K 422 1.46 -33.95 39.91
CA ARG K 422 1.85 -34.64 38.68
C ARG K 422 0.68 -34.72 37.69
N ALA K 423 -0.52 -35.01 38.20
CA ALA K 423 -1.68 -35.10 37.33
C ALA K 423 -2.06 -33.73 36.77
N MET K 424 -1.99 -32.69 37.59
CA MET K 424 -2.34 -31.35 37.11
C MET K 424 -1.31 -30.83 36.13
N LYS K 425 -0.02 -31.04 36.41
CA LYS K 425 1.03 -30.60 35.49
C LYS K 425 0.94 -31.33 34.17
N GLN K 426 0.53 -32.59 34.19
CA GLN K 426 0.38 -33.37 32.96
C GLN K 426 -0.69 -32.78 32.05
N VAL K 427 -1.81 -32.33 32.63
CA VAL K 427 -2.92 -31.90 31.81
C VAL K 427 -2.88 -30.38 31.57
N ALA K 428 -2.39 -29.59 32.52
CA ALA K 428 -2.37 -28.14 32.34
C ALA K 428 -1.30 -27.68 31.37
N GLY K 429 -0.27 -28.51 31.14
CA GLY K 429 0.70 -28.18 30.12
C GLY K 429 0.11 -28.21 28.73
N SER K 430 -0.71 -29.23 28.45
CA SER K 430 -1.38 -29.31 27.16
C SER K 430 -2.50 -28.27 27.05
N MET K 431 -3.15 -27.95 28.17
CA MET K 431 -4.19 -26.94 28.16
C MET K 431 -3.61 -25.55 27.91
N LYS K 432 -2.45 -25.25 28.51
CA LYS K 432 -1.80 -23.96 28.28
C LYS K 432 -1.36 -23.84 26.83
N LEU K 433 -0.84 -24.92 26.25
CA LEU K 433 -0.43 -24.90 24.86
C LEU K 433 -1.62 -24.73 23.92
N GLU K 434 -2.72 -25.41 24.22
CA GLU K 434 -3.90 -25.33 23.35
C GLU K 434 -4.58 -23.97 23.47
N LEU K 435 -4.64 -23.41 24.69
CA LEU K 435 -5.25 -22.10 24.86
C LEU K 435 -4.40 -21.00 24.23
N ALA K 436 -3.07 -21.21 24.19
CA ALA K 436 -2.21 -20.26 23.50
C ALA K 436 -2.44 -20.31 21.99
N GLN K 437 -2.64 -21.51 21.45
CA GLN K 437 -2.93 -21.64 20.02
C GLN K 437 -4.29 -21.04 19.68
N TYR K 438 -5.25 -21.17 20.60
CA TYR K 438 -6.58 -20.59 20.36
C TYR K 438 -6.53 -19.07 20.32
N ARG K 439 -5.74 -18.46 21.22
CA ARG K 439 -5.61 -17.01 21.23
C ARG K 439 -4.85 -16.49 20.03
N GLU K 440 -4.02 -17.32 19.40
CA GLU K 440 -3.34 -16.91 18.18
C GLU K 440 -4.31 -16.77 17.02
N VAL K 441 -5.29 -17.67 16.92
CA VAL K 441 -6.23 -17.67 15.80
C VAL K 441 -7.60 -17.22 16.28
N ALA K 442 -7.63 -16.43 17.35
CA ALA K 442 -8.90 -15.94 17.87
C ALA K 442 -9.49 -14.83 17.01
N ALA K 443 -8.68 -14.20 16.16
CA ALA K 443 -9.21 -13.17 15.27
C ALA K 443 -10.04 -13.77 14.14
N PHE K 444 -9.65 -14.95 13.64
CA PHE K 444 -10.39 -15.57 12.55
C PHE K 444 -11.73 -16.12 13.00
N ALA K 445 -11.83 -16.53 14.26
CA ALA K 445 -13.03 -17.19 14.76
C ALA K 445 -14.23 -16.25 14.88
N GLN K 446 -14.01 -14.93 14.82
CA GLN K 446 -15.12 -13.99 14.97
C GLN K 446 -16.03 -14.01 13.75
N PHE K 447 -15.45 -14.06 12.55
CA PHE K 447 -16.25 -13.98 11.33
C PHE K 447 -15.98 -15.16 10.40
N GLY K 448 -14.76 -15.69 10.43
CA GLY K 448 -14.38 -16.73 9.51
C GLY K 448 -15.08 -18.06 9.74
N SER K 449 -15.99 -18.41 8.84
CA SER K 449 -16.67 -19.70 8.87
C SER K 449 -16.15 -20.66 7.81
N ASP K 450 -15.69 -20.13 6.67
CA ASP K 450 -15.09 -20.96 5.63
C ASP K 450 -13.57 -20.95 5.76
N LEU K 451 -13.11 -21.49 6.88
CA LEU K 451 -11.69 -21.63 7.15
C LEU K 451 -11.28 -23.08 6.93
N ASP K 452 -10.00 -23.37 7.16
CA ASP K 452 -9.53 -24.74 7.09
C ASP K 452 -10.02 -25.54 8.30
N ALA K 453 -9.92 -26.86 8.18
CA ALA K 453 -10.40 -27.74 9.25
C ALA K 453 -9.54 -27.64 10.50
N SER K 454 -8.24 -27.36 10.34
CA SER K 454 -7.36 -27.24 11.50
C SER K 454 -7.69 -26.00 12.31
N THR K 455 -7.92 -24.86 11.64
CA THR K 455 -8.25 -23.63 12.34
C THR K 455 -9.61 -23.73 13.02
N GLN K 456 -10.57 -24.37 12.38
CA GLN K 456 -11.86 -24.60 13.01
C GLN K 456 -11.73 -25.51 14.23
N GLN K 457 -10.84 -26.50 14.15
CA GLN K 457 -10.59 -27.37 15.30
C GLN K 457 -9.93 -26.61 16.44
N LEU K 458 -9.02 -25.69 16.12
CA LEU K 458 -8.33 -24.93 17.15
C LEU K 458 -9.29 -23.98 17.86
N LEU K 459 -10.20 -23.33 17.13
CA LEU K 459 -11.11 -22.40 17.76
C LEU K 459 -12.21 -23.14 18.53
N SER K 460 -12.64 -24.30 18.02
CA SER K 460 -13.65 -25.08 18.72
C SER K 460 -13.09 -25.66 20.02
N ARG K 461 -11.83 -26.09 20.01
CA ARG K 461 -11.21 -26.60 21.22
C ARG K 461 -11.01 -25.49 22.25
N GLY K 462 -10.62 -24.30 21.80
CA GLY K 462 -10.41 -23.20 22.73
C GLY K 462 -11.70 -22.68 23.33
N VAL K 463 -12.81 -22.81 22.60
CA VAL K 463 -14.12 -22.46 23.16
C VAL K 463 -14.49 -23.43 24.28
N ARG K 464 -14.22 -24.72 24.08
CA ARG K 464 -14.49 -25.71 25.12
C ARG K 464 -13.64 -25.47 26.35
N LEU K 465 -12.36 -25.13 26.15
CA LEU K 465 -11.48 -24.89 27.28
C LEU K 465 -11.79 -23.58 27.99
N THR K 466 -12.24 -22.57 27.25
CA THR K 466 -12.64 -21.31 27.88
C THR K 466 -13.91 -21.50 28.70
N GLU K 467 -14.89 -22.23 28.17
CA GLU K 467 -16.08 -22.57 28.94
C GLU K 467 -15.77 -23.51 30.09
N LEU K 468 -14.66 -24.24 30.00
CA LEU K 468 -14.28 -25.17 31.06
C LEU K 468 -13.82 -24.44 32.31
N LEU K 469 -13.14 -23.31 32.15
CA LEU K 469 -12.56 -22.58 33.26
C LEU K 469 -13.57 -21.74 34.02
N LYS K 470 -14.79 -21.58 33.51
CA LYS K 470 -15.80 -20.83 34.23
C LYS K 470 -16.23 -21.59 35.48
N GLN K 471 -16.36 -20.86 36.59
CA GLN K 471 -16.63 -21.47 37.87
C GLN K 471 -17.46 -20.53 38.72
N GLY K 472 -18.39 -21.08 39.48
CA GLY K 472 -19.25 -20.29 40.32
C GLY K 472 -18.52 -19.78 41.56
N GLN K 473 -19.23 -18.96 42.32
CA GLN K 473 -18.67 -18.34 43.51
C GLN K 473 -18.97 -19.19 44.74
N TYR K 474 -18.01 -19.21 45.67
CA TYR K 474 -18.09 -19.93 46.94
C TYR K 474 -18.24 -21.45 46.74
N VAL K 475 -17.78 -21.96 45.60
CA VAL K 475 -17.79 -23.40 45.38
C VAL K 475 -16.44 -23.87 44.84
N PRO K 476 -15.39 -23.88 45.65
CA PRO K 476 -14.13 -24.46 45.18
C PRO K 476 -14.23 -25.97 45.08
N MET K 477 -13.44 -26.54 44.17
CA MET K 477 -13.49 -27.96 43.89
C MET K 477 -12.13 -28.59 44.12
N ALA K 478 -12.15 -29.88 44.47
CA ALA K 478 -10.94 -30.62 44.77
C ALA K 478 -10.09 -30.80 43.53
N ILE K 479 -8.80 -31.10 43.76
CA ILE K 479 -7.85 -31.19 42.65
C ILE K 479 -8.18 -32.37 41.74
N GLU K 480 -8.79 -33.43 42.28
CA GLU K 480 -9.19 -34.56 41.44
C GLU K 480 -10.31 -34.16 40.49
N ASP K 481 -11.25 -33.34 40.97
CA ASP K 481 -12.33 -32.87 40.10
C ASP K 481 -11.82 -31.92 39.03
N GLN K 482 -10.86 -31.07 39.38
CA GLN K 482 -10.32 -30.11 38.41
C GLN K 482 -9.51 -30.81 37.33
N VAL K 483 -8.68 -31.78 37.73
CA VAL K 483 -7.87 -32.51 36.76
C VAL K 483 -8.76 -33.31 35.82
N ALA K 484 -9.79 -33.97 36.36
CA ALA K 484 -10.66 -34.81 35.55
C ALA K 484 -11.43 -33.99 34.51
N ILE K 485 -11.93 -32.82 34.91
CA ILE K 485 -12.75 -32.04 33.98
C ILE K 485 -11.89 -31.41 32.88
N ILE K 486 -10.64 -31.05 33.20
CA ILE K 486 -9.80 -30.48 32.16
C ILE K 486 -9.03 -31.57 31.41
N TYR K 487 -9.01 -32.79 31.94
CA TYR K 487 -8.57 -33.93 31.12
C TYR K 487 -9.56 -34.20 30.00
N CYS K 488 -10.86 -34.14 30.31
CA CYS K 488 -11.88 -34.31 29.28
C CYS K 488 -11.86 -33.16 28.29
N GLY K 489 -11.43 -31.98 28.72
CA GLY K 489 -11.36 -30.85 27.80
C GLY K 489 -10.25 -30.99 26.78
N VAL K 490 -9.06 -31.40 27.22
CA VAL K 490 -7.91 -31.45 26.32
C VAL K 490 -7.77 -32.76 25.56
N ARG K 491 -8.58 -33.76 25.88
CA ARG K 491 -8.56 -35.03 25.17
C ARG K 491 -9.68 -35.15 24.15
N GLY K 492 -10.35 -34.05 23.82
CA GLY K 492 -11.38 -34.06 22.82
C GLY K 492 -12.69 -34.66 23.24
N HIS K 493 -12.87 -34.92 24.54
CA HIS K 493 -14.12 -35.51 25.02
C HIS K 493 -15.27 -34.52 25.00
N LEU K 494 -14.99 -33.22 24.83
CA LEU K 494 -16.02 -32.19 24.82
C LEU K 494 -16.23 -31.59 23.45
N ASP K 495 -15.56 -32.11 22.41
CA ASP K 495 -15.75 -31.58 21.07
C ASP K 495 -17.12 -31.93 20.49
N LYS K 496 -17.75 -32.98 20.98
CA LYS K 496 -19.06 -33.40 20.50
C LYS K 496 -20.20 -32.83 21.31
N VAL K 497 -19.92 -32.05 22.36
CA VAL K 497 -20.97 -31.47 23.19
C VAL K 497 -21.00 -29.96 22.95
N GLU K 498 -22.16 -29.38 23.20
CA GLU K 498 -22.34 -27.94 23.07
C GLU K 498 -21.67 -27.23 24.25
N PRO K 499 -21.12 -26.04 24.03
CA PRO K 499 -20.52 -25.28 25.15
C PRO K 499 -21.50 -24.89 26.23
N SER K 500 -22.79 -24.77 25.93
CA SER K 500 -23.76 -24.41 26.94
C SER K 500 -24.05 -25.56 27.91
N LYS K 501 -23.73 -26.80 27.52
CA LYS K 501 -23.95 -27.95 28.38
C LYS K 501 -22.67 -28.45 29.03
N ILE K 502 -21.59 -27.67 28.97
CA ILE K 502 -20.32 -28.08 29.57
C ILE K 502 -20.43 -28.09 31.08
N THR K 503 -21.10 -27.08 31.66
CA THR K 503 -21.25 -27.01 33.11
C THR K 503 -22.08 -28.17 33.65
N LYS K 504 -23.15 -28.54 32.92
CA LYS K 504 -23.93 -29.70 33.33
C LYS K 504 -23.13 -30.99 33.17
N PHE K 505 -22.28 -31.05 32.15
CA PHE K 505 -21.38 -32.20 32.02
C PHE K 505 -20.35 -32.21 33.15
N GLU K 506 -19.94 -31.04 33.63
CA GLU K 506 -18.92 -30.98 34.67
C GLU K 506 -19.40 -31.61 35.97
N LYS K 507 -20.67 -31.39 36.33
CA LYS K 507 -21.18 -31.92 37.58
C LYS K 507 -21.70 -33.35 37.43
N GLU K 508 -22.41 -33.64 36.34
CA GLU K 508 -23.07 -34.93 36.20
C GLU K 508 -22.06 -36.04 35.91
N PHE K 509 -21.06 -35.77 35.08
CA PHE K 509 -20.04 -36.78 34.81
C PHE K 509 -19.14 -36.98 36.02
N SER K 510 -18.98 -35.96 36.85
CA SER K 510 -18.24 -36.12 38.10
C SER K 510 -18.99 -37.07 39.04
N GLN K 511 -20.32 -36.96 39.09
CA GLN K 511 -21.11 -37.92 39.86
C GLN K 511 -21.02 -39.31 39.24
N HIS K 512 -20.92 -39.39 37.91
CA HIS K 512 -20.86 -40.69 37.25
C HIS K 512 -19.55 -41.42 37.51
N ILE K 513 -18.48 -40.69 37.86
CA ILE K 513 -17.20 -41.32 38.15
C ILE K 513 -16.91 -41.38 39.65
N LYS K 514 -17.73 -40.74 40.49
CA LYS K 514 -17.51 -40.76 41.93
C LYS K 514 -18.21 -41.93 42.61
N THR K 515 -19.26 -42.50 42.01
CA THR K 515 -20.00 -43.57 42.66
C THR K 515 -20.26 -44.75 41.73
N SER K 516 -19.74 -44.74 40.51
CA SER K 516 -19.91 -45.87 39.60
C SER K 516 -18.60 -46.40 39.03
N HIS K 517 -17.55 -45.60 38.99
CA HIS K 517 -16.24 -45.99 38.45
C HIS K 517 -15.14 -45.57 39.40
N ARG K 518 -15.32 -45.89 40.69
CA ARG K 518 -14.38 -45.48 41.73
C ARG K 518 -13.02 -46.15 41.59
N ASP K 519 -12.94 -47.28 40.88
CA ASP K 519 -11.66 -47.98 40.73
C ASP K 519 -10.69 -47.18 39.87
N ILE K 520 -11.19 -46.43 38.89
CA ILE K 520 -10.33 -45.59 38.07
C ILE K 520 -9.74 -44.44 38.89
N LEU K 521 -10.58 -43.83 39.74
CA LEU K 521 -10.09 -42.76 40.61
C LEU K 521 -9.08 -43.29 41.62
N ASP K 522 -9.25 -44.53 42.06
CA ASP K 522 -8.30 -45.14 42.98
C ASP K 522 -6.93 -45.34 42.32
N THR K 523 -6.93 -45.77 41.06
CA THR K 523 -5.67 -45.97 40.35
C THR K 523 -4.96 -44.65 40.09
N ILE K 524 -5.71 -43.60 39.74
CA ILE K 524 -5.11 -42.29 39.53
C ILE K 524 -4.53 -41.75 40.83
N ALA K 525 -5.26 -41.91 41.93
CA ALA K 525 -4.76 -41.44 43.23
C ALA K 525 -3.57 -42.27 43.70
N LYS K 526 -3.55 -43.57 43.38
CA LYS K 526 -2.44 -44.41 43.81
C LYS K 526 -1.17 -44.12 43.03
N GLU K 527 -1.30 -43.87 41.73
CA GLU K 527 -0.13 -43.65 40.89
C GLU K 527 0.19 -42.17 40.68
N GLY K 528 -0.74 -41.27 40.99
CA GLY K 528 -0.47 -39.85 40.87
C GLY K 528 -0.50 -39.30 39.47
N GLN K 529 -0.89 -40.10 38.47
CA GLN K 529 -0.95 -39.64 37.10
C GLN K 529 -2.01 -40.46 36.38
N ILE K 530 -2.08 -40.30 35.06
CA ILE K 530 -3.02 -41.04 34.21
C ILE K 530 -2.19 -41.87 33.23
N SER K 531 -2.15 -43.18 33.47
CA SER K 531 -1.48 -44.09 32.56
C SER K 531 -2.29 -44.24 31.28
N PRO K 532 -1.65 -44.69 30.19
CA PRO K 532 -2.42 -44.98 28.97
C PRO K 532 -3.51 -46.03 29.15
N ASP K 533 -3.32 -46.98 30.07
CA ASP K 533 -4.39 -47.94 30.37
C ASP K 533 -5.55 -47.26 31.06
N THR K 534 -5.27 -46.38 32.02
CA THR K 534 -6.34 -45.59 32.65
C THR K 534 -6.90 -44.57 31.67
N ASP K 535 -6.09 -44.10 30.73
CA ASP K 535 -6.57 -43.22 29.68
C ASP K 535 -7.62 -43.91 28.81
N ALA K 536 -7.37 -45.18 28.46
CA ALA K 536 -8.32 -45.93 27.65
C ALA K 536 -9.60 -46.21 28.44
N LYS K 537 -9.48 -46.47 29.74
CA LYS K 537 -10.67 -46.70 30.55
C LYS K 537 -11.51 -45.44 30.67
N LEU K 538 -10.87 -44.28 30.80
CA LEU K 538 -11.59 -43.02 30.85
C LEU K 538 -12.27 -42.71 29.51
N LYS K 539 -11.63 -43.10 28.40
CA LYS K 539 -12.24 -42.90 27.09
C LYS K 539 -13.52 -43.73 26.94
N LYS K 540 -13.51 -44.96 27.45
CA LYS K 540 -14.71 -45.79 27.38
C LYS K 540 -15.81 -45.25 28.29
N VAL K 541 -15.43 -44.72 29.46
CA VAL K 541 -16.42 -44.16 30.38
C VAL K 541 -17.07 -42.91 29.77
N VAL K 542 -16.27 -42.06 29.14
CA VAL K 542 -16.81 -40.85 28.51
C VAL K 542 -17.74 -41.21 27.36
N THR K 543 -17.34 -42.17 26.52
CA THR K 543 -18.16 -42.56 25.38
C THR K 543 -19.48 -43.18 25.84
N ASP K 544 -19.43 -44.01 26.88
CA ASP K 544 -20.66 -44.58 27.43
C ASP K 544 -21.53 -43.51 28.07
N PHE K 545 -20.91 -42.56 28.78
CA PHE K 545 -21.69 -41.48 29.40
C PHE K 545 -22.32 -40.57 28.36
N LEU K 546 -21.55 -40.20 27.34
CA LEU K 546 -22.06 -39.29 26.30
C LEU K 546 -23.14 -39.95 25.46
N SER K 547 -23.16 -41.28 25.40
CA SER K 547 -24.30 -41.98 24.82
C SER K 547 -25.56 -41.73 25.64
N THR K 548 -25.43 -41.80 26.98
CA THR K 548 -26.56 -41.49 27.84
C THR K 548 -26.81 -39.99 27.91
N PHE K 549 -25.75 -39.19 28.00
CA PHE K 549 -25.87 -37.73 28.14
C PHE K 549 -26.33 -37.10 26.83
N SER L 56 18.59 58.60 46.28
CA SER L 56 19.88 58.76 46.95
C SER L 56 20.92 57.79 46.39
N ASN L 57 21.79 57.31 47.27
CA ASN L 57 22.83 56.36 46.90
C ASN L 57 22.60 55.06 47.65
N GLY L 58 22.64 53.94 46.92
CA GLY L 58 22.45 52.63 47.49
C GLY L 58 23.70 51.77 47.38
N GLN L 59 23.60 50.57 47.94
CA GLN L 59 24.68 49.59 47.89
C GLN L 59 24.10 48.22 47.58
N ILE L 60 24.85 47.45 46.78
CA ILE L 60 24.40 46.12 46.38
C ILE L 60 24.42 45.20 47.59
N THR L 61 23.29 44.55 47.85
CA THR L 61 23.16 43.60 48.95
C THR L 61 23.27 42.16 48.50
N ALA L 62 22.70 41.82 47.35
CA ALA L 62 22.69 40.44 46.86
C ALA L 62 22.62 40.43 45.35
N VAL L 63 23.38 39.52 44.74
CA VAL L 63 23.37 39.32 43.29
C VAL L 63 23.08 37.85 43.04
N ILE L 64 21.92 37.57 42.44
CA ILE L 64 21.53 36.22 42.05
C ILE L 64 21.05 36.31 40.61
N GLY L 65 21.92 35.95 39.66
CA GLY L 65 21.56 35.99 38.26
C GLY L 65 21.33 37.39 37.73
N ALA L 66 20.16 37.63 37.15
CA ALA L 66 19.78 38.96 36.66
C ALA L 66 19.13 39.81 37.74
N VAL L 67 18.91 39.27 38.92
CA VAL L 67 18.21 39.97 40.00
C VAL L 67 19.25 40.46 41.00
N VAL L 68 19.22 41.77 41.28
CA VAL L 68 20.14 42.41 42.21
C VAL L 68 19.31 43.09 43.29
N ASP L 69 19.71 42.88 44.55
CA ASP L 69 19.08 43.54 45.69
C ASP L 69 19.96 44.70 46.13
N VAL L 70 19.37 45.90 46.17
CA VAL L 70 20.09 47.12 46.52
C VAL L 70 19.44 47.71 47.76
N GLN L 71 20.26 48.06 48.75
CA GLN L 71 19.78 48.68 49.98
C GLN L 71 20.15 50.15 49.99
N PHE L 72 19.17 51.00 50.25
CA PHE L 72 19.35 52.44 50.29
C PHE L 72 19.28 52.94 51.72
N GLU L 73 19.88 54.10 51.96
CA GLU L 73 19.99 54.65 53.31
C GLU L 73 18.89 55.66 53.63
N ASP L 74 18.70 56.67 52.77
CA ASP L 74 17.77 57.76 53.08
C ASP L 74 16.39 57.54 52.47
N GLN L 75 16.31 57.46 51.14
CA GLN L 75 15.02 57.36 50.46
C GLN L 75 15.08 56.29 49.39
N LEU L 76 14.06 55.44 49.37
CA LEU L 76 13.98 54.38 48.38
C LEU L 76 13.54 54.93 47.03
N PRO L 77 14.14 54.47 45.94
CA PRO L 77 13.59 54.77 44.62
C PRO L 77 12.26 54.07 44.43
N PRO L 78 11.34 54.64 43.65
CA PRO L 78 10.07 53.96 43.37
C PRO L 78 10.27 52.75 42.49
N ILE L 79 9.23 51.93 42.41
CA ILE L 79 9.21 50.80 41.50
C ILE L 79 9.24 51.31 40.06
N LEU L 80 9.95 50.57 39.20
CA LEU L 80 10.22 50.85 37.78
C LEU L 80 11.24 51.96 37.58
N ASN L 81 11.84 52.48 38.65
CA ASN L 81 12.91 53.46 38.48
C ASN L 81 14.17 52.79 37.98
N ALA L 82 15.01 53.57 37.31
CA ALA L 82 16.26 53.09 36.75
C ALA L 82 17.40 53.44 37.72
N LEU L 83 18.24 52.45 38.00
CA LEU L 83 19.40 52.61 38.85
C LEU L 83 20.66 52.35 38.05
N GLU L 84 21.71 53.11 38.32
CA GLU L 84 22.96 53.00 37.59
C GLU L 84 24.08 52.55 38.53
N VAL L 85 24.73 51.44 38.18
CA VAL L 85 25.84 50.92 38.95
C VAL L 85 27.09 51.73 38.61
N GLN L 86 27.89 52.05 39.63
CA GLN L 86 28.94 53.05 39.47
C GLN L 86 30.21 52.48 38.83
N GLY L 87 30.77 51.44 39.43
CA GLY L 87 32.07 50.95 39.01
C GLY L 87 32.07 50.03 37.80
N ARG L 88 31.25 50.34 36.80
CA ARG L 88 31.15 49.53 35.58
C ARG L 88 31.56 50.37 34.39
N SER L 89 32.50 49.85 33.60
CA SER L 89 32.97 50.59 32.42
C SER L 89 31.88 50.77 31.35
N PRO L 90 31.05 49.77 31.00
CA PRO L 90 29.82 50.08 30.30
C PRO L 90 28.69 50.33 31.29
N ARG L 91 27.61 50.92 30.79
CA ARG L 91 26.48 51.26 31.65
C ARG L 91 25.69 50.02 32.01
N LEU L 92 25.59 49.74 33.31
CA LEU L 92 24.73 48.69 33.83
C LEU L 92 23.54 49.35 34.50
N ILE L 93 22.35 49.06 34.00
CA ILE L 93 21.11 49.69 34.46
C ILE L 93 20.30 48.65 35.22
N LEU L 94 19.88 49.01 36.44
CA LEU L 94 19.00 48.19 37.24
C LEU L 94 17.63 48.85 37.29
N GLU L 95 16.58 48.05 37.09
CA GLU L 95 15.21 48.55 37.14
C GLU L 95 14.55 48.00 38.39
N VAL L 96 14.03 48.91 39.23
CA VAL L 96 13.43 48.52 40.49
C VAL L 96 12.14 47.76 40.23
N ALA L 97 12.01 46.59 40.85
CA ALA L 97 10.85 45.73 40.67
C ALA L 97 9.95 45.67 41.89
N GLN L 98 10.51 45.63 43.09
CA GLN L 98 9.72 45.52 44.30
C GLN L 98 10.53 46.03 45.48
N HIS L 99 9.82 46.40 46.54
CA HIS L 99 10.44 46.79 47.81
C HIS L 99 10.38 45.61 48.75
N LEU L 100 11.54 45.18 49.24
CA LEU L 100 11.62 44.00 50.07
C LEU L 100 11.47 44.30 51.56
N GLY L 101 11.47 45.56 51.95
CA GLY L 101 11.55 45.94 53.34
C GLY L 101 12.97 46.22 53.78
N GLU L 102 13.08 46.86 54.94
CA GLU L 102 14.36 47.27 55.53
C GLU L 102 15.16 48.16 54.59
N ASN L 103 14.45 49.01 53.84
CA ASN L 103 15.02 49.94 52.87
C ASN L 103 15.84 49.20 51.81
N THR L 104 15.36 48.02 51.40
CA THR L 104 16.02 47.23 50.37
C THR L 104 15.04 47.02 49.22
N VAL L 105 15.50 47.30 48.01
CA VAL L 105 14.70 47.09 46.81
C VAL L 105 15.32 45.96 46.00
N ARG L 106 14.48 45.23 45.29
CA ARG L 106 14.90 44.14 44.42
C ARG L 106 14.79 44.61 42.98
N THR L 107 15.90 44.56 42.25
CA THR L 107 15.97 45.13 40.91
C THR L 107 16.27 44.05 39.88
N ILE L 108 16.05 44.40 38.62
CA ILE L 108 16.36 43.52 37.49
C ILE L 108 17.38 44.23 36.63
N ALA L 109 18.50 43.58 36.37
CA ALA L 109 19.58 44.17 35.59
C ALA L 109 19.29 44.08 34.10
N MET L 110 19.64 45.14 33.38
CA MET L 110 19.48 45.18 31.94
C MET L 110 20.71 44.68 31.19
N ASP L 111 21.73 44.21 31.91
CA ASP L 111 22.94 43.67 31.30
C ASP L 111 23.49 42.60 32.24
N GLY L 112 24.70 42.14 31.95
CA GLY L 112 25.29 41.08 32.76
C GLY L 112 25.68 41.57 34.14
N THR L 113 25.54 40.67 35.12
CA THR L 113 25.81 40.98 36.51
C THR L 113 27.15 40.43 36.99
N GLU L 114 27.96 39.87 36.10
CA GLU L 114 29.27 39.38 36.51
C GLU L 114 30.17 40.55 36.88
N GLY L 115 31.03 40.32 37.88
CA GLY L 115 31.91 41.36 38.37
C GLY L 115 31.28 42.29 39.38
N LEU L 116 30.05 42.06 39.79
CA LEU L 116 29.40 42.88 40.80
C LEU L 116 29.72 42.34 42.18
N VAL L 117 30.18 43.22 43.06
CA VAL L 117 30.46 42.85 44.44
C VAL L 117 29.37 43.42 45.33
N ARG L 118 29.22 42.82 46.51
CA ARG L 118 28.26 43.31 47.48
C ARG L 118 28.83 44.54 48.18
N GLY L 119 28.00 45.58 48.29
CA GLY L 119 28.44 46.86 48.78
C GLY L 119 28.88 47.83 47.72
N GLN L 120 28.76 47.47 46.45
CA GLN L 120 29.07 48.39 45.36
C GLN L 120 28.01 49.48 45.28
N ASN L 121 28.46 50.71 45.06
CA ASN L 121 27.56 51.86 45.10
C ASN L 121 26.65 51.89 43.87
N VAL L 122 25.37 52.17 44.12
CA VAL L 122 24.34 52.21 43.09
C VAL L 122 23.66 53.57 43.17
N LEU L 123 23.59 54.26 42.04
CA LEU L 123 23.01 55.60 41.97
C LEU L 123 21.58 55.54 41.47
N ASP L 124 20.71 56.33 42.09
CA ASP L 124 19.31 56.43 41.69
C ASP L 124 19.17 57.56 40.69
N THR L 125 18.69 57.23 39.49
CA THR L 125 18.48 58.24 38.46
C THR L 125 17.24 59.10 38.71
N GLY L 126 16.33 58.64 39.55
CA GLY L 126 15.13 59.39 39.85
C GLY L 126 14.05 59.30 38.80
N ALA L 127 14.17 58.39 37.85
CA ALA L 127 13.23 58.26 36.76
C ALA L 127 13.32 56.85 36.20
N PRO L 128 12.29 56.39 35.48
CA PRO L 128 12.42 55.11 34.78
C PRO L 128 13.42 55.16 33.63
N ILE L 129 13.55 54.04 32.90
CA ILE L 129 14.46 53.98 31.77
C ILE L 129 13.93 54.88 30.66
N LYS L 130 14.64 55.96 30.39
CA LYS L 130 14.26 56.91 29.35
C LYS L 130 15.13 56.67 28.12
N ILE L 131 14.50 56.58 26.96
CA ILE L 131 15.20 56.28 25.71
C ILE L 131 14.94 57.40 24.72
N PRO L 132 15.85 57.66 23.78
CA PRO L 132 15.59 58.69 22.77
C PRO L 132 14.41 58.33 21.88
N VAL L 133 13.64 59.35 21.52
CA VAL L 133 12.46 59.18 20.67
C VAL L 133 12.43 60.33 19.67
N GLY L 134 11.94 60.06 18.47
CA GLY L 134 11.76 61.09 17.47
C GLY L 134 12.36 60.74 16.13
N PRO L 135 12.48 61.74 15.26
CA PRO L 135 13.11 61.51 13.95
C PRO L 135 14.58 61.14 14.02
N GLU L 136 15.25 61.43 15.14
CA GLU L 136 16.66 61.12 15.27
C GLU L 136 16.91 59.63 15.46
N THR L 137 15.88 58.86 15.79
CA THR L 137 16.00 57.42 15.92
C THR L 137 15.76 56.68 14.61
N LEU L 138 15.36 57.38 13.56
CA LEU L 138 15.12 56.74 12.28
C LEU L 138 16.44 56.40 11.61
N GLY L 139 16.57 55.16 11.15
CA GLY L 139 17.82 54.70 10.58
C GLY L 139 18.86 54.28 11.58
N ARG L 140 18.57 54.34 12.87
CA ARG L 140 19.51 53.99 13.91
C ARG L 140 19.09 52.68 14.58
N ILE L 141 20.05 52.01 15.19
CA ILE L 141 19.80 50.83 16.00
C ILE L 141 20.12 51.17 17.44
N MET L 142 19.16 50.91 18.34
CA MET L 142 19.35 51.15 19.76
C MET L 142 19.02 49.88 20.53
N ASN L 143 19.61 49.78 21.72
CA ASN L 143 19.39 48.64 22.60
C ASN L 143 18.24 48.95 23.55
N VAL L 144 18.11 48.17 24.62
CA VAL L 144 16.98 48.29 25.55
C VAL L 144 17.01 49.64 26.27
N ILE L 145 18.21 50.15 26.58
CA ILE L 145 18.33 51.39 27.33
C ILE L 145 18.60 52.59 26.42
N GLY L 146 18.35 52.45 25.12
CA GLY L 146 18.43 53.58 24.21
C GLY L 146 19.82 53.94 23.74
N GLU L 147 20.83 53.17 24.10
CA GLU L 147 22.17 53.45 23.61
C GLU L 147 22.28 53.02 22.14
N PRO L 148 22.90 53.83 21.28
CA PRO L 148 23.05 53.43 19.89
C PRO L 148 24.08 52.32 19.74
N ILE L 149 23.69 51.24 19.06
CA ILE L 149 24.55 50.10 18.84
C ILE L 149 24.86 49.92 17.35
N ASP L 150 24.70 50.97 16.56
CA ASP L 150 25.02 50.94 15.14
C ASP L 150 26.38 51.54 14.83
N GLU L 151 27.13 51.97 15.87
CA GLU L 151 28.47 52.55 15.74
C GLU L 151 28.47 53.77 14.83
N ARG L 152 27.40 54.57 14.88
CA ARG L 152 27.29 55.79 14.09
C ARG L 152 27.25 57.04 14.96
N GLY L 153 27.75 56.96 16.19
CA GLY L 153 27.76 58.08 17.09
C GLY L 153 26.54 58.14 17.97
N PRO L 154 26.44 59.16 18.81
CA PRO L 154 25.30 59.27 19.71
C PRO L 154 24.03 59.68 18.97
N ILE L 155 22.90 59.38 19.61
CA ILE L 155 21.59 59.79 19.10
C ILE L 155 21.30 61.15 19.72
N VAL L 156 21.63 62.21 18.98
CA VAL L 156 21.50 63.57 19.48
C VAL L 156 20.04 63.99 19.33
N THR L 157 19.33 64.11 20.44
CA THR L 157 17.94 64.52 20.42
C THR L 157 17.61 65.22 21.72
N ASP L 158 16.55 66.02 21.69
CA ASP L 158 16.03 66.68 22.88
C ASP L 158 14.84 65.96 23.48
N LYS L 159 14.32 64.93 22.81
CA LYS L 159 13.12 64.22 23.24
C LYS L 159 13.50 62.89 23.84
N PHE L 160 13.00 62.62 25.04
CA PHE L 160 13.19 61.35 25.72
C PHE L 160 11.86 60.90 26.29
N ALA L 161 11.71 59.59 26.46
CA ALA L 161 10.45 59.04 26.95
C ALA L 161 10.73 57.78 27.76
N ALA L 162 9.99 57.62 28.85
CA ALA L 162 10.14 56.43 29.67
C ALA L 162 9.51 55.22 28.98
N ILE L 163 10.17 54.08 29.08
CA ILE L 163 9.68 52.87 28.44
C ILE L 163 8.47 52.28 29.15
N HIS L 164 8.17 52.74 30.36
CA HIS L 164 6.97 52.33 31.08
C HIS L 164 5.96 53.47 31.00
N ALA L 165 4.85 53.21 30.33
CA ALA L 165 3.79 54.20 30.19
C ALA L 165 2.45 53.51 30.35
N ASP L 166 1.45 54.27 30.77
CA ASP L 166 0.10 53.74 30.86
C ASP L 166 -0.49 53.56 29.47
N ALA L 167 -1.29 52.51 29.31
CA ALA L 167 -2.00 52.29 28.07
C ALA L 167 -3.04 53.37 27.85
N PRO L 168 -3.33 53.73 26.60
CA PRO L 168 -4.35 54.74 26.34
C PRO L 168 -5.72 54.30 26.80
N GLU L 169 -6.52 55.26 27.24
CA GLU L 169 -7.77 54.99 27.93
C GLU L 169 -8.85 54.53 26.95
N PHE L 170 -10.02 54.21 27.50
CA PHE L 170 -11.15 53.75 26.68
C PHE L 170 -11.67 54.84 25.78
N VAL L 171 -11.55 56.10 26.19
CA VAL L 171 -12.00 57.21 25.36
C VAL L 171 -11.14 57.35 24.12
N GLU L 172 -9.84 57.08 24.24
CA GLU L 172 -8.90 57.24 23.14
C GLU L 172 -8.77 55.96 22.32
N MET L 173 -9.92 55.48 21.84
CA MET L 173 -9.96 54.24 21.06
C MET L 173 -10.62 54.49 19.72
N SER L 174 -10.06 53.89 18.69
CA SER L 174 -10.61 53.98 17.34
C SER L 174 -11.30 52.67 16.99
N VAL L 175 -12.54 52.76 16.52
CA VAL L 175 -13.35 51.58 16.21
C VAL L 175 -13.37 51.27 14.73
N GLN L 176 -12.75 52.10 13.90
CA GLN L 176 -12.78 51.89 12.46
C GLN L 176 -11.88 50.73 12.05
N GLN L 177 -12.35 49.94 11.09
CA GLN L 177 -11.62 48.78 10.60
C GLN L 177 -11.62 48.80 9.08
N GLU L 178 -10.42 48.83 8.49
CA GLU L 178 -10.25 48.78 7.04
C GLU L 178 -9.25 47.69 6.72
N ILE L 179 -9.45 47.01 5.60
CA ILE L 179 -8.63 45.86 5.24
C ILE L 179 -7.27 46.34 4.74
N LEU L 180 -6.21 45.73 5.27
CA LEU L 180 -4.84 45.98 4.80
C LEU L 180 -4.48 44.87 3.83
N VAL L 181 -4.41 45.21 2.55
CA VAL L 181 -4.09 44.24 1.51
C VAL L 181 -2.60 43.94 1.58
N THR L 182 -2.25 42.66 1.63
CA THR L 182 -0.87 42.21 1.75
C THR L 182 -0.27 41.75 0.42
N GLY L 183 -1.01 40.98 -0.35
CA GLY L 183 -0.46 40.27 -1.48
C GLY L 183 -0.24 38.79 -1.23
N ILE L 184 -0.59 38.31 -0.04
CA ILE L 184 -0.49 36.89 0.30
C ILE L 184 -1.89 36.30 0.23
N LYS L 185 -2.06 35.27 -0.60
CA LYS L 185 -3.40 34.78 -0.92
C LYS L 185 -4.09 34.17 0.29
N VAL L 186 -3.37 33.39 1.10
CA VAL L 186 -4.00 32.78 2.27
C VAL L 186 -4.33 33.83 3.32
N VAL L 187 -3.47 34.85 3.45
CA VAL L 187 -3.75 35.93 4.40
C VAL L 187 -4.89 36.80 3.90
N ASP L 188 -4.83 37.23 2.63
CA ASP L 188 -5.83 38.14 2.11
C ASP L 188 -7.22 37.51 2.01
N LEU L 189 -7.30 36.19 1.88
CA LEU L 189 -8.60 35.55 1.74
C LEU L 189 -9.21 35.18 3.08
N LEU L 190 -8.50 34.36 3.87
CA LEU L 190 -9.11 33.70 5.02
C LEU L 190 -8.99 34.51 6.30
N ALA L 191 -7.86 35.14 6.54
CA ALA L 191 -7.66 35.98 7.73
C ALA L 191 -7.05 37.32 7.32
N PRO L 192 -7.84 38.20 6.70
CA PRO L 192 -7.28 39.48 6.26
C PRO L 192 -6.86 40.36 7.42
N TYR L 193 -5.83 41.17 7.18
CA TYR L 193 -5.29 42.06 8.20
C TYR L 193 -6.00 43.40 8.14
N ALA L 194 -6.19 44.01 9.31
CA ALA L 194 -6.84 45.30 9.39
C ALA L 194 -5.80 46.41 9.29
N LYS L 195 -6.14 47.47 8.54
CA LYS L 195 -5.26 48.62 8.42
C LYS L 195 -5.31 49.40 9.71
N GLY L 196 -4.41 49.08 10.63
CA GLY L 196 -4.44 49.60 11.98
C GLY L 196 -5.06 48.55 12.88
N GLY L 197 -4.21 47.79 13.55
CA GLY L 197 -4.67 46.65 14.30
C GLY L 197 -3.52 45.75 14.65
N LYS L 198 -3.81 44.77 15.50
CA LYS L 198 -2.81 43.89 16.07
C LYS L 198 -2.85 42.56 15.34
N ILE L 199 -1.71 42.18 14.75
CA ILE L 199 -1.58 40.97 13.96
C ILE L 199 -0.56 40.07 14.62
N GLY L 200 -0.91 38.81 14.84
CA GLY L 200 -0.01 37.85 15.45
C GLY L 200 0.31 36.73 14.48
N LEU L 201 1.58 36.31 14.49
CA LEU L 201 2.07 35.23 13.64
C LEU L 201 2.50 34.09 14.56
N PHE L 202 1.56 33.21 14.88
CA PHE L 202 1.85 32.05 15.70
C PHE L 202 2.55 30.98 14.89
N GLY L 203 3.53 30.32 15.50
CA GLY L 203 4.22 29.24 14.84
C GLY L 203 5.32 28.70 15.71
N GLY L 204 5.72 27.47 15.40
CA GLY L 204 6.82 26.81 16.08
C GLY L 204 8.17 27.27 15.53
N ALA L 205 9.17 26.42 15.69
CA ALA L 205 10.52 26.73 15.24
C ALA L 205 10.73 26.15 13.85
N GLY L 206 11.02 27.02 12.89
CA GLY L 206 11.29 26.60 11.53
C GLY L 206 10.08 26.55 10.62
N VAL L 207 8.88 26.75 11.14
CA VAL L 207 7.69 26.74 10.30
C VAL L 207 7.61 27.98 9.42
N GLY L 208 8.36 29.02 9.77
CA GLY L 208 8.43 30.25 9.00
C GLY L 208 7.61 31.36 9.60
N LYS L 209 8.25 32.20 10.37
CA LYS L 209 7.69 33.41 10.93
C LYS L 209 8.57 34.62 10.62
N THR L 210 9.89 34.44 10.67
CA THR L 210 10.80 35.50 10.22
C THR L 210 10.65 35.73 8.73
N VAL L 211 10.51 34.66 7.95
CA VAL L 211 10.30 34.80 6.50
C VAL L 211 8.97 35.49 6.22
N LEU L 212 7.92 35.10 6.95
CA LEU L 212 6.62 35.73 6.77
C LEU L 212 6.63 37.19 7.19
N ILE L 213 7.34 37.53 8.26
CA ILE L 213 7.37 38.92 8.70
C ILE L 213 8.32 39.74 7.84
N MET L 214 9.30 39.11 7.20
CA MET L 214 10.14 39.83 6.25
C MET L 214 9.40 40.08 4.94
N GLU L 215 8.48 39.19 4.58
CA GLU L 215 7.65 39.41 3.40
C GLU L 215 6.66 40.53 3.65
N LEU L 216 6.15 40.63 4.88
CA LEU L 216 5.26 41.73 5.23
C LEU L 216 5.99 43.06 5.20
N ILE L 217 7.25 43.08 5.63
CA ILE L 217 8.07 44.29 5.51
C ILE L 217 8.31 44.62 4.05
N ASN L 218 8.59 43.61 3.23
CA ASN L 218 8.83 43.83 1.81
C ASN L 218 7.59 44.35 1.10
N ASN L 219 6.41 43.84 1.45
CA ASN L 219 5.21 44.25 0.75
C ASN L 219 4.61 45.52 1.34
N VAL L 220 4.36 45.53 2.64
CA VAL L 220 3.61 46.63 3.24
C VAL L 220 4.51 47.82 3.54
N ALA L 221 5.66 47.58 4.17
CA ALA L 221 6.45 48.67 4.71
C ALA L 221 7.21 49.45 3.63
N LYS L 222 7.45 48.85 2.47
CA LYS L 222 8.13 49.58 1.39
C LYS L 222 7.24 50.67 0.83
N ALA L 223 6.00 50.34 0.51
CA ALA L 223 5.03 51.32 0.03
C ALA L 223 4.11 51.69 1.20
N HIS L 224 4.65 52.51 2.11
CA HIS L 224 3.91 52.92 3.30
C HIS L 224 4.18 54.39 3.56
N GLY L 225 3.11 55.18 3.65
CA GLY L 225 3.23 56.59 3.95
C GLY L 225 3.30 56.85 5.44
N GLY L 226 4.46 56.56 6.03
CA GLY L 226 4.63 56.74 7.45
C GLY L 226 5.95 56.15 7.91
N TYR L 227 6.04 55.87 9.20
CA TYR L 227 7.24 55.34 9.80
C TYR L 227 7.04 53.89 10.22
N SER L 228 8.16 53.18 10.35
CA SER L 228 8.16 51.80 10.79
C SER L 228 9.09 51.65 11.98
N VAL L 229 8.78 50.69 12.84
CA VAL L 229 9.64 50.33 13.97
C VAL L 229 9.77 48.83 13.98
N PHE L 230 11.01 48.34 14.05
CA PHE L 230 11.26 46.92 14.23
C PHE L 230 11.85 46.69 15.61
N ALA L 231 11.24 45.79 16.37
CA ALA L 231 11.70 45.41 17.69
C ALA L 231 12.17 43.96 17.64
N GLY L 232 13.47 43.75 17.53
CA GLY L 232 14.03 42.42 17.62
C GLY L 232 14.13 41.99 19.06
N VAL L 233 13.27 41.05 19.46
CA VAL L 233 13.14 40.63 20.86
C VAL L 233 13.55 39.17 20.94
N GLY L 234 14.78 38.93 21.41
CA GLY L 234 15.23 37.57 21.66
C GLY L 234 15.36 36.69 20.45
N GLU L 235 15.83 37.24 19.33
CA GLU L 235 15.99 36.49 18.10
C GLU L 235 17.46 36.49 17.69
N ARG L 236 17.74 35.99 16.49
CA ARG L 236 19.12 35.84 16.05
C ARG L 236 19.74 37.19 15.74
N THR L 237 20.97 37.39 16.20
CA THR L 237 21.73 38.59 15.85
C THR L 237 22.11 38.56 14.37
N ARG L 238 22.24 37.37 13.80
CA ARG L 238 22.43 37.24 12.36
C ARG L 238 21.24 37.81 11.59
N GLU L 239 20.03 37.52 12.07
CA GLU L 239 18.83 38.06 11.43
C GLU L 239 18.75 39.57 11.57
N GLY L 240 19.24 40.11 12.69
CA GLY L 240 19.31 41.55 12.84
C GLY L 240 20.30 42.18 11.90
N ASN L 241 21.43 41.51 11.65
CA ASN L 241 22.40 42.00 10.69
C ASN L 241 21.87 41.88 9.27
N ASP L 242 21.13 40.81 8.98
CA ASP L 242 20.54 40.64 7.65
C ASP L 242 19.47 41.69 7.38
N LEU L 243 18.61 41.95 8.36
CA LEU L 243 17.56 42.94 8.17
C LEU L 243 18.13 44.35 8.07
N TYR L 244 19.16 44.66 8.84
CA TYR L 244 19.77 45.98 8.80
C TYR L 244 20.37 46.27 7.44
N HIS L 245 21.08 45.29 6.87
CA HIS L 245 21.66 45.50 5.55
C HIS L 245 20.61 45.42 4.45
N GLU L 246 19.50 44.71 4.70
CA GLU L 246 18.38 44.74 3.77
C GLU L 246 17.76 46.13 3.71
N MET L 247 17.71 46.82 4.85
CA MET L 247 17.13 48.17 4.87
C MET L 247 18.04 49.17 4.18
N ILE L 248 19.36 49.11 4.43
CA ILE L 248 20.28 50.05 3.79
C ILE L 248 20.42 49.77 2.31
N GLU L 249 20.07 48.57 1.84
CA GLU L 249 20.11 48.25 0.43
C GLU L 249 18.81 48.62 -0.28
N SER L 250 17.68 48.48 0.40
CA SER L 250 16.39 48.85 -0.15
C SER L 250 16.09 50.34 0.00
N GLY L 251 16.97 51.10 0.65
CA GLY L 251 16.78 52.51 0.82
C GLY L 251 15.88 52.91 1.98
N VAL L 252 15.36 51.94 2.74
CA VAL L 252 14.52 52.29 3.88
C VAL L 252 15.34 52.94 4.98
N ILE L 253 16.59 52.51 5.15
CA ILE L 253 17.55 53.19 6.01
C ILE L 253 18.54 53.92 5.12
N SER L 254 18.68 55.22 5.33
CA SER L 254 19.62 56.04 4.58
C SER L 254 20.73 56.48 5.53
N LEU L 255 21.95 56.02 5.24
CA LEU L 255 23.11 56.43 6.03
C LEU L 255 23.68 57.76 5.56
N LYS L 256 23.18 58.31 4.46
CA LYS L 256 23.71 59.54 3.89
C LYS L 256 22.95 60.77 4.36
N ASP L 257 21.62 60.72 4.31
CA ASP L 257 20.79 61.86 4.66
C ASP L 257 19.72 61.40 5.64
N LYS L 258 18.73 62.26 5.88
CA LYS L 258 17.70 62.03 6.89
C LYS L 258 16.39 61.54 6.28
N THR L 259 16.47 60.69 5.25
CA THR L 259 15.29 60.15 4.59
C THR L 259 14.97 58.73 5.05
N SER L 260 15.51 58.31 6.18
CA SER L 260 15.21 56.99 6.72
C SER L 260 13.78 56.94 7.26
N LYS L 261 13.18 55.75 7.20
CA LYS L 261 11.79 55.56 7.57
C LYS L 261 11.55 54.48 8.61
N VAL L 262 12.60 53.82 9.10
CA VAL L 262 12.43 52.74 10.07
C VAL L 262 13.43 52.91 11.20
N ALA L 263 12.98 52.68 12.42
CA ALA L 263 13.81 52.68 13.61
C ALA L 263 13.95 51.25 14.11
N LEU L 264 15.17 50.83 14.40
CA LEU L 264 15.47 49.47 14.82
C LEU L 264 15.81 49.46 16.30
N VAL L 265 15.15 48.58 17.06
CA VAL L 265 15.47 48.33 18.45
C VAL L 265 15.74 46.84 18.59
N TYR L 266 16.92 46.48 19.10
CA TYR L 266 17.36 45.09 19.11
C TYR L 266 17.83 44.69 20.49
N GLY L 267 17.10 43.79 21.13
CA GLY L 267 17.61 43.01 22.25
C GLY L 267 17.44 41.53 21.94
N GLN L 268 18.55 40.84 21.68
CA GLN L 268 18.50 39.53 21.06
C GLN L 268 18.68 38.42 22.08
N MET L 269 18.76 37.18 21.58
CA MET L 269 18.78 36.01 22.46
C MET L 269 20.09 35.84 23.19
N ASN L 270 21.12 36.61 22.86
CA ASN L 270 22.35 36.61 23.64
C ASN L 270 22.30 37.57 24.83
N GLU L 271 21.23 38.36 24.95
CA GLU L 271 21.10 39.33 26.02
C GLU L 271 20.61 38.66 27.30
N PRO L 272 20.90 39.25 28.46
CA PRO L 272 20.38 38.72 29.73
C PRO L 272 18.86 38.84 29.79
N PRO L 273 18.21 38.08 30.67
CA PRO L 273 16.74 38.10 30.72
C PRO L 273 16.13 39.45 31.04
N GLY L 274 16.84 40.33 31.74
CA GLY L 274 16.31 41.66 31.99
C GLY L 274 16.20 42.49 30.72
N ALA L 275 17.20 42.40 29.85
CA ALA L 275 17.16 43.15 28.60
C ALA L 275 16.11 42.57 27.65
N ARG L 276 15.97 41.24 27.60
CA ARG L 276 15.00 40.63 26.70
C ARG L 276 13.57 40.86 27.14
N ALA L 277 13.33 41.13 28.42
CA ALA L 277 11.99 41.37 28.94
C ALA L 277 11.62 42.85 28.94
N ARG L 278 12.50 43.72 28.45
CA ARG L 278 12.22 45.15 28.41
C ARG L 278 12.46 45.78 27.05
N VAL L 279 13.09 45.07 26.11
CA VAL L 279 13.42 45.68 24.83
C VAL L 279 12.19 45.80 23.94
N ALA L 280 11.16 44.99 24.18
CA ALA L 280 9.90 45.19 23.50
C ALA L 280 9.23 46.50 23.93
N LEU L 281 9.43 46.89 25.20
CA LEU L 281 8.92 48.16 25.68
C LEU L 281 9.64 49.33 25.05
N THR L 282 10.92 49.17 24.70
CA THR L 282 11.66 50.23 24.04
C THR L 282 11.17 50.43 22.60
N GLY L 283 10.86 49.34 21.91
CA GLY L 283 10.28 49.46 20.59
C GLY L 283 8.90 50.06 20.61
N LEU L 284 8.13 49.76 21.66
CA LEU L 284 6.82 50.39 21.84
C LEU L 284 6.95 51.89 22.04
N THR L 285 7.95 52.31 22.82
CA THR L 285 8.09 53.72 23.18
C THR L 285 8.47 54.57 21.98
N VAL L 286 9.27 54.01 21.06
CA VAL L 286 9.57 54.70 19.82
C VAL L 286 8.31 54.80 18.96
N ALA L 287 7.55 53.72 18.87
CA ALA L 287 6.32 53.73 18.08
C ALA L 287 5.23 54.56 18.73
N GLU L 288 5.21 54.63 20.07
CA GLU L 288 4.22 55.46 20.76
C GLU L 288 4.48 56.94 20.53
N TYR L 289 5.74 57.34 20.45
CA TYR L 289 6.07 58.74 20.15
C TYR L 289 5.61 59.11 18.75
N PHE L 290 5.80 58.21 17.79
CA PHE L 290 5.40 58.51 16.42
C PHE L 290 3.88 58.57 16.28
N ARG L 291 3.16 57.73 17.00
CA ARG L 291 1.71 57.76 16.95
C ARG L 291 1.15 59.00 17.64
N ASP L 292 1.64 59.30 18.84
CA ASP L 292 1.05 60.35 19.67
C ASP L 292 1.61 61.73 19.32
N GLN L 293 2.92 61.90 19.45
CA GLN L 293 3.52 63.23 19.35
C GLN L 293 3.68 63.71 17.93
N GLU L 294 3.39 62.88 16.94
CA GLU L 294 3.45 63.29 15.54
C GLU L 294 2.20 62.93 14.74
N GLY L 295 1.28 62.15 15.29
CA GLY L 295 0.08 61.80 14.57
C GLY L 295 0.29 60.88 13.39
N GLN L 296 1.42 60.19 13.33
CA GLN L 296 1.76 59.36 12.18
C GLN L 296 1.01 58.04 12.24
N ASP L 297 0.95 57.38 11.08
CA ASP L 297 0.54 55.98 11.01
C ASP L 297 1.80 55.13 11.02
N VAL L 298 1.93 54.29 12.04
CA VAL L 298 3.18 53.61 12.36
C VAL L 298 3.02 52.12 12.12
N LEU L 299 4.06 51.49 11.61
CA LEU L 299 4.16 50.04 11.53
C LEU L 299 5.12 49.55 12.61
N LEU L 300 4.69 48.56 13.38
CA LEU L 300 5.52 48.00 14.43
C LEU L 300 5.65 46.50 14.20
N PHE L 301 6.84 46.05 13.84
CA PHE L 301 7.12 44.64 13.66
C PHE L 301 7.91 44.16 14.87
N ILE L 302 7.38 43.17 15.58
CA ILE L 302 8.03 42.61 16.75
C ILE L 302 8.34 41.14 16.45
N ASP L 303 9.62 40.78 16.59
CA ASP L 303 10.08 39.42 16.32
C ASP L 303 11.08 39.04 17.41
N ASN L 304 10.65 38.25 18.39
CA ASN L 304 9.26 37.82 18.51
C ASN L 304 8.78 38.02 19.95
N ILE L 305 7.47 38.21 20.12
CA ILE L 305 6.92 38.68 21.39
C ILE L 305 6.88 37.60 22.47
N PHE L 306 7.07 36.32 22.11
CA PHE L 306 7.12 35.28 23.12
C PHE L 306 8.35 35.42 24.00
N ARG L 307 9.45 35.95 23.45
CA ARG L 307 10.68 36.09 24.23
C ARG L 307 10.55 37.10 25.35
N PHE L 308 9.63 38.07 25.20
CA PHE L 308 9.31 38.97 26.30
C PHE L 308 8.71 38.20 27.47
N THR L 309 7.75 37.32 27.19
CA THR L 309 7.12 36.53 28.23
C THR L 309 8.08 35.48 28.79
N GLN L 310 8.88 34.85 27.92
CA GLN L 310 9.82 33.83 28.36
C GLN L 310 10.89 34.43 29.27
N ALA L 311 11.39 35.62 28.94
CA ALA L 311 12.38 36.26 29.79
C ALA L 311 11.78 36.70 31.12
N GLY L 312 10.49 37.01 31.13
CA GLY L 312 9.83 37.33 32.38
C GLY L 312 9.73 36.14 33.32
N SER L 313 9.56 34.94 32.76
CA SER L 313 9.53 33.73 33.59
C SER L 313 10.90 33.43 34.17
N GLU L 314 11.97 33.72 33.43
CA GLU L 314 13.31 33.49 33.93
C GLU L 314 13.65 34.41 35.09
N VAL L 315 13.22 35.67 35.01
CA VAL L 315 13.44 36.61 36.10
C VAL L 315 12.58 36.25 37.30
N SER L 316 11.33 35.83 37.05
CA SER L 316 10.39 35.52 38.12
C SER L 316 10.83 34.37 38.99
N ALA L 317 11.69 33.48 38.47
CA ALA L 317 12.25 32.42 39.30
C ALA L 317 13.16 33.00 40.38
N LEU L 318 13.86 34.10 40.08
CA LEU L 318 14.76 34.75 41.01
C LEU L 318 14.08 35.85 41.82
N LEU L 319 12.83 36.17 41.54
CA LEU L 319 12.09 37.18 42.29
C LEU L 319 11.36 36.59 43.49
N GLY L 320 11.53 35.29 43.75
CA GLY L 320 10.87 34.66 44.88
C GLY L 320 9.37 34.53 44.78
N ARG L 321 8.87 34.19 43.59
CA ARG L 321 7.44 34.01 43.38
C ARG L 321 7.09 32.54 43.31
N ILE L 322 5.88 32.21 43.75
CA ILE L 322 5.36 30.86 43.59
C ILE L 322 5.05 30.66 42.12
N PRO L 323 5.63 29.66 41.45
CA PRO L 323 5.44 29.52 40.01
C PRO L 323 4.01 29.19 39.63
N SER L 324 3.62 29.67 38.45
CA SER L 324 2.29 29.44 37.91
C SER L 324 2.30 28.17 37.07
N ALA L 325 1.25 27.97 36.28
CA ALA L 325 1.12 26.78 35.45
C ALA L 325 2.22 26.72 34.40
N VAL L 326 2.73 25.50 34.17
CA VAL L 326 3.85 25.18 33.28
C VAL L 326 5.05 26.05 33.64
N GLY L 327 5.25 26.29 34.93
CA GLY L 327 6.43 26.98 35.41
C GLY L 327 6.52 28.45 35.08
N TYR L 328 5.43 29.06 34.59
CA TYR L 328 5.48 30.46 34.19
C TYR L 328 5.32 31.37 35.40
N GLN L 329 5.49 32.67 35.15
CA GLN L 329 5.30 33.66 36.19
C GLN L 329 3.82 33.78 36.54
N PRO L 330 3.51 34.12 37.80
CA PRO L 330 2.10 34.38 38.15
C PRO L 330 1.51 35.56 37.40
N THR L 331 2.33 36.54 37.04
CA THR L 331 1.89 37.76 36.38
C THR L 331 1.99 37.68 34.86
N LEU L 332 1.80 36.49 34.29
CA LEU L 332 1.95 36.31 32.85
C LEU L 332 0.93 37.12 32.07
N ALA L 333 -0.34 37.05 32.47
CA ALA L 333 -1.39 37.74 31.74
C ALA L 333 -1.38 39.24 32.01
N THR L 334 -0.99 39.63 33.23
CA THR L 334 -1.01 41.05 33.57
C THR L 334 0.17 41.79 32.96
N ASP L 335 1.35 41.16 32.93
CA ASP L 335 2.50 41.78 32.27
C ASP L 335 2.30 41.85 30.76
N MET L 336 1.74 40.78 30.16
CA MET L 336 1.43 40.79 28.75
C MET L 336 0.35 41.81 28.43
N GLY L 337 -0.68 41.88 29.27
CA GLY L 337 -1.76 42.83 29.03
C GLY L 337 -1.31 44.27 29.13
N THR L 338 -0.42 44.56 30.09
CA THR L 338 0.12 45.92 30.20
C THR L 338 0.94 46.29 28.97
N MET L 339 1.70 45.33 28.43
CA MET L 339 2.52 45.59 27.25
C MET L 339 1.66 45.70 26.00
N GLN L 340 0.70 44.79 25.82
CA GLN L 340 -0.03 44.72 24.56
C GLN L 340 -1.07 45.82 24.42
N GLU L 341 -1.60 46.33 25.54
CA GLU L 341 -2.60 47.38 25.44
C GLU L 341 -2.00 48.72 25.05
N ARG L 342 -0.68 48.88 25.17
CA ARG L 342 -0.01 50.08 24.68
C ARG L 342 0.16 50.07 23.17
N ILE L 343 0.05 48.91 22.54
CA ILE L 343 0.18 48.78 21.09
C ILE L 343 -1.22 48.80 20.52
N THR L 344 -1.72 49.99 20.20
CA THR L 344 -3.06 50.12 19.66
C THR L 344 -3.17 51.42 18.89
N THR L 345 -4.21 51.50 18.05
CA THR L 345 -4.52 52.71 17.31
C THR L 345 -5.48 53.56 18.13
N THR L 346 -5.10 54.80 18.36
CA THR L 346 -5.91 55.76 19.07
C THR L 346 -6.45 56.80 18.11
N LYS L 347 -7.14 57.81 18.65
CA LYS L 347 -7.63 58.90 17.82
C LYS L 347 -6.51 59.82 17.36
N LYS L 348 -5.38 59.83 18.07
CA LYS L 348 -4.25 60.66 17.67
C LYS L 348 -3.49 60.07 16.49
N GLY L 349 -3.36 58.74 16.46
CA GLY L 349 -2.63 58.08 15.40
C GLY L 349 -2.87 56.59 15.45
N SER L 350 -2.41 55.92 14.40
CA SER L 350 -2.65 54.49 14.24
C SER L 350 -1.34 53.72 14.27
N ILE L 351 -1.37 52.53 14.86
CA ILE L 351 -0.24 51.61 14.86
C ILE L 351 -0.72 50.27 14.32
N THR L 352 -0.17 49.85 13.19
CA THR L 352 -0.40 48.51 12.65
C THR L 352 0.75 47.63 13.13
N SER L 353 0.45 46.71 14.02
CA SER L 353 1.48 45.88 14.65
C SER L 353 1.39 44.45 14.14
N VAL L 354 2.53 43.94 13.69
CA VAL L 354 2.68 42.54 13.31
C VAL L 354 3.65 41.91 14.28
N GLN L 355 3.19 40.89 15.01
CA GLN L 355 3.97 40.29 16.08
C GLN L 355 4.15 38.80 15.81
N ALA L 356 5.37 38.40 15.50
CA ALA L 356 5.69 36.97 15.46
C ALA L 356 5.59 36.40 16.87
N ILE L 357 4.98 35.23 16.99
CA ILE L 357 4.72 34.61 18.28
C ILE L 357 5.21 33.17 18.21
N TYR L 358 6.27 32.86 18.95
CA TYR L 358 6.79 31.51 19.02
C TYR L 358 5.95 30.69 19.97
N VAL L 359 5.60 29.47 19.57
CA VAL L 359 4.91 28.52 20.43
C VAL L 359 5.92 27.46 20.86
N PRO L 360 6.02 27.13 22.14
CA PRO L 360 7.00 26.12 22.55
C PRO L 360 6.47 24.70 22.37
N ALA L 361 7.31 23.83 21.81
CA ALA L 361 6.99 22.43 21.53
C ALA L 361 5.77 22.28 20.63
N ASP L 362 5.53 23.29 19.78
CA ASP L 362 4.39 23.34 18.86
C ASP L 362 3.06 23.18 19.60
N ASP L 363 2.97 23.82 20.76
CA ASP L 363 1.80 23.72 21.63
C ASP L 363 1.07 25.06 21.63
N LEU L 364 -0.16 25.06 21.11
CA LEU L 364 -0.99 26.26 21.15
C LEU L 364 -1.74 26.41 22.48
N THR L 365 -1.74 25.38 23.31
CA THR L 365 -2.36 25.44 24.63
C THR L 365 -1.39 25.89 25.70
N ASP L 366 -0.16 26.20 25.34
CA ASP L 366 0.80 26.76 26.28
C ASP L 366 0.30 28.12 26.76
N PRO L 367 0.50 28.46 28.04
CA PRO L 367 -0.09 29.70 28.57
C PRO L 367 0.35 30.98 27.87
N ALA L 368 1.57 31.03 27.34
CA ALA L 368 2.04 32.27 26.72
C ALA L 368 1.42 32.52 25.34
N PRO L 369 1.33 31.54 24.42
CA PRO L 369 0.55 31.80 23.20
C PRO L 369 -0.94 31.91 23.44
N ALA L 370 -1.49 31.17 24.40
CA ALA L 370 -2.93 31.17 24.62
C ALA L 370 -3.43 32.52 25.12
N THR L 371 -2.67 33.17 26.00
CA THR L 371 -3.06 34.49 26.46
C THR L 371 -2.81 35.57 25.41
N THR L 372 -1.92 35.30 24.45
CA THR L 372 -1.66 36.27 23.39
C THR L 372 -2.77 36.27 22.34
N PHE L 373 -3.58 35.21 22.27
CA PHE L 373 -4.61 35.11 21.24
C PHE L 373 -5.68 36.18 21.42
N ALA L 374 -6.01 36.54 22.66
CA ALA L 374 -7.06 37.52 22.91
C ALA L 374 -6.61 38.95 22.70
N HIS L 375 -5.33 39.18 22.43
CA HIS L 375 -4.80 40.50 22.23
C HIS L 375 -4.71 40.91 20.77
N LEU L 376 -5.15 40.06 19.84
CA LEU L 376 -4.87 40.25 18.43
C LEU L 376 -6.16 40.35 17.64
N ASP L 377 -6.21 41.31 16.72
CA ASP L 377 -7.33 41.39 15.78
C ASP L 377 -7.29 40.21 14.81
N ALA L 378 -6.19 40.06 14.09
CA ALA L 378 -6.00 38.97 13.14
C ALA L 378 -4.90 38.06 13.65
N THR L 379 -5.16 36.76 13.63
CA THR L 379 -4.17 35.76 13.99
C THR L 379 -3.81 34.93 12.76
N THR L 380 -2.53 34.60 12.63
CA THR L 380 -2.03 33.76 11.55
C THR L 380 -1.25 32.62 12.18
N VAL L 381 -1.88 31.45 12.26
CA VAL L 381 -1.27 30.30 12.91
C VAL L 381 -0.55 29.47 11.85
N LEU L 382 0.76 29.30 12.03
CA LEU L 382 1.57 28.53 11.11
C LEU L 382 1.76 27.12 11.66
N SER L 383 1.55 26.12 10.80
CA SER L 383 1.54 24.72 11.20
C SER L 383 2.75 24.00 10.64
N ARG L 384 3.32 23.10 11.45
CA ARG L 384 4.45 22.30 10.99
C ARG L 384 4.02 21.20 10.01
N ALA L 385 2.82 20.66 10.19
CA ALA L 385 2.32 19.63 9.28
C ALA L 385 2.13 20.17 7.87
N ILE L 386 1.67 21.42 7.75
CA ILE L 386 1.52 22.05 6.44
C ILE L 386 2.89 22.34 5.84
N ALA L 387 3.85 22.76 6.67
CA ALA L 387 5.20 23.03 6.19
C ALA L 387 5.90 21.77 5.71
N GLU L 388 5.60 20.62 6.34
CA GLU L 388 6.19 19.37 5.90
C GLU L 388 5.57 18.86 4.62
N LEU L 389 4.41 19.38 4.22
CA LEU L 389 3.82 19.08 2.93
C LEU L 389 4.40 19.92 1.80
N GLY L 390 5.32 20.84 2.10
CA GLY L 390 5.88 21.72 1.11
C GLY L 390 5.05 22.94 0.79
N ILE L 391 3.94 23.14 1.49
CA ILE L 391 3.07 24.28 1.25
C ILE L 391 3.60 25.47 2.05
N TYR L 392 4.05 26.51 1.33
CA TYR L 392 4.59 27.70 1.97
C TYR L 392 3.87 28.93 1.40
N PRO L 393 3.42 29.86 2.25
CA PRO L 393 3.53 29.90 3.72
C PRO L 393 2.62 28.90 4.41
N ALA L 394 3.10 28.30 5.51
CA ALA L 394 2.39 27.18 6.13
C ALA L 394 1.28 27.65 7.05
N VAL L 395 0.41 28.52 6.56
CA VAL L 395 -0.68 29.06 7.35
C VAL L 395 -1.76 28.01 7.47
N ASP L 396 -2.22 27.76 8.70
CA ASP L 396 -3.33 26.85 8.91
C ASP L 396 -4.63 27.54 8.52
N PRO L 397 -5.37 27.04 7.53
CA PRO L 397 -6.59 27.73 7.11
C PRO L 397 -7.72 27.66 8.12
N LEU L 398 -7.75 26.60 8.95
CA LEU L 398 -8.82 26.41 9.91
C LEU L 398 -8.41 26.82 11.32
N ASP L 399 -7.36 27.63 11.45
CA ASP L 399 -6.94 28.13 12.75
C ASP L 399 -6.55 29.59 12.71
N SER L 400 -6.69 30.28 11.58
CA SER L 400 -6.37 31.69 11.45
C SER L 400 -7.65 32.49 11.36
N THR L 401 -7.76 33.52 12.19
CA THR L 401 -8.92 34.39 12.25
C THR L 401 -8.49 35.83 12.00
N SER L 402 -9.48 36.69 11.76
CA SER L 402 -9.16 38.05 11.34
C SER L 402 -9.88 39.13 12.13
N ARG L 403 -11.08 38.82 12.61
CA ARG L 403 -12.03 39.74 13.26
C ARG L 403 -12.57 40.80 12.32
N ILE L 404 -12.13 40.85 11.06
CA ILE L 404 -12.74 41.66 10.02
C ILE L 404 -13.29 40.80 8.89
N LEU L 405 -13.31 39.47 9.08
CA LEU L 405 -13.92 38.57 8.12
C LEU L 405 -15.43 38.68 8.22
N ASP L 406 -15.97 39.79 7.73
CA ASP L 406 -17.37 40.14 7.85
C ASP L 406 -17.89 40.57 6.48
N PRO L 407 -19.12 40.18 6.12
CA PRO L 407 -19.68 40.62 4.83
C PRO L 407 -19.81 42.12 4.70
N ASN L 408 -19.98 42.84 5.81
CA ASN L 408 -20.14 44.28 5.79
C ASN L 408 -18.81 45.03 5.79
N ILE L 409 -17.69 44.33 5.87
CA ILE L 409 -16.37 44.95 5.92
C ILE L 409 -15.57 44.64 4.66
N ILE L 410 -15.51 43.37 4.26
CA ILE L 410 -14.71 42.94 3.13
C ILE L 410 -15.56 42.57 1.91
N GLY L 411 -16.88 42.59 2.04
CA GLY L 411 -17.75 42.31 0.92
C GLY L 411 -18.38 40.92 1.00
N GLU L 412 -19.50 40.77 0.29
CA GLU L 412 -20.23 39.50 0.31
C GLU L 412 -19.47 38.41 -0.44
N GLU L 413 -18.90 38.75 -1.60
CA GLU L 413 -18.23 37.73 -2.40
C GLU L 413 -16.91 37.30 -1.77
N HIS L 414 -16.19 38.23 -1.14
CA HIS L 414 -14.96 37.88 -0.44
C HIS L 414 -15.28 36.97 0.75
N TYR L 415 -16.34 37.29 1.49
CA TYR L 415 -16.71 36.49 2.65
C TYR L 415 -17.18 35.10 2.26
N ASN L 416 -18.00 35.01 1.20
CA ASN L 416 -18.56 33.72 0.81
C ASN L 416 -17.50 32.79 0.24
N ILE L 417 -16.52 33.35 -0.47
CA ILE L 417 -15.43 32.52 -1.00
C ILE L 417 -14.55 32.01 0.14
N ALA L 418 -14.26 32.88 1.12
CA ALA L 418 -13.47 32.47 2.27
C ALA L 418 -14.18 31.39 3.09
N ARG L 419 -15.49 31.56 3.30
CA ARG L 419 -16.24 30.54 4.03
C ARG L 419 -16.40 29.27 3.20
N GLY L 420 -16.50 29.42 1.87
CA GLY L 420 -16.55 28.25 1.01
C GLY L 420 -15.26 27.47 1.01
N VAL L 421 -14.12 28.17 1.03
CA VAL L 421 -12.82 27.50 1.09
C VAL L 421 -12.67 26.75 2.40
N GLN L 422 -13.06 27.38 3.51
CA GLN L 422 -12.93 26.74 4.82
C GLN L 422 -13.86 25.55 4.96
N LYS L 423 -15.02 25.60 4.30
CA LYS L 423 -15.95 24.47 4.38
C LYS L 423 -15.42 23.25 3.65
N ILE L 424 -14.78 23.46 2.49
CA ILE L 424 -14.21 22.34 1.75
C ILE L 424 -13.01 21.76 2.50
N LEU L 425 -12.19 22.63 3.11
CA LEU L 425 -11.03 22.15 3.85
C LEU L 425 -11.42 21.47 5.15
N GLN L 426 -12.52 21.89 5.77
CA GLN L 426 -12.98 21.20 6.97
C GLN L 426 -13.60 19.86 6.62
N ASP L 427 -14.28 19.77 5.47
CA ASP L 427 -14.80 18.48 5.01
C ASP L 427 -13.66 17.55 4.64
N TYR L 428 -12.57 18.09 4.10
CA TYR L 428 -11.40 17.29 3.78
C TYR L 428 -10.76 16.71 5.04
N LYS L 429 -10.69 17.51 6.11
CA LYS L 429 -10.11 17.04 7.35
C LYS L 429 -10.97 15.95 7.99
N SER L 430 -12.29 16.03 7.81
CA SER L 430 -13.17 14.99 8.35
C SER L 430 -13.02 13.69 7.57
N LEU L 431 -12.78 13.78 6.26
CA LEU L 431 -12.63 12.58 5.42
C LEU L 431 -11.24 11.98 5.48
N GLN L 432 -10.25 12.69 6.04
CA GLN L 432 -8.86 12.24 5.96
C GLN L 432 -8.59 10.99 6.78
N ASP L 433 -9.44 10.68 7.75
CA ASP L 433 -9.24 9.45 8.53
C ASP L 433 -9.63 8.23 7.71
N ILE L 434 -10.68 8.34 6.90
CA ILE L 434 -11.05 7.27 5.98
C ILE L 434 -9.98 7.11 4.89
N ILE L 435 -9.46 8.24 4.40
CA ILE L 435 -8.43 8.22 3.36
C ILE L 435 -7.16 7.57 3.89
N ALA L 436 -6.81 7.86 5.15
CA ALA L 436 -5.57 7.35 5.72
C ALA L 436 -5.59 5.83 5.86
N ILE L 437 -6.66 5.30 6.44
CA ILE L 437 -6.71 3.86 6.73
C ILE L 437 -7.24 3.09 5.52
N LEU L 438 -8.47 3.41 5.09
CA LEU L 438 -9.08 2.63 4.00
C LEU L 438 -8.51 3.02 2.64
N GLY L 439 -8.68 4.27 2.25
CA GLY L 439 -8.18 4.75 0.99
C GLY L 439 -9.17 5.69 0.33
N MET L 440 -8.93 5.97 -0.94
CA MET L 440 -9.72 6.93 -1.70
C MET L 440 -11.09 6.40 -2.10
N ASP L 441 -11.35 5.11 -1.92
CA ASP L 441 -12.62 4.50 -2.33
C ASP L 441 -13.70 4.92 -1.35
N GLU L 442 -14.35 6.04 -1.64
CA GLU L 442 -15.41 6.55 -0.77
C GLU L 442 -16.33 7.47 -1.57
N LEU L 443 -17.62 7.11 -1.60
CA LEU L 443 -18.71 7.93 -2.15
C LEU L 443 -18.52 8.29 -3.62
N SER L 444 -17.69 7.52 -4.34
CA SER L 444 -17.55 7.59 -5.79
C SER L 444 -17.24 8.99 -6.30
N GLU L 445 -18.28 9.67 -6.80
CA GLU L 445 -18.09 11.00 -7.37
C GLU L 445 -18.00 12.08 -6.30
N GLU L 446 -18.82 11.98 -5.24
CA GLU L 446 -19.04 13.13 -4.36
C GLU L 446 -17.82 13.42 -3.48
N ASP L 447 -17.40 12.46 -2.67
CA ASP L 447 -16.30 12.70 -1.76
C ASP L 447 -14.96 12.85 -2.49
N LYS L 448 -14.79 12.14 -3.62
CA LYS L 448 -13.56 12.31 -4.39
C LYS L 448 -13.48 13.70 -5.00
N LEU L 449 -14.62 14.28 -5.36
CA LEU L 449 -14.63 15.67 -5.83
C LEU L 449 -14.29 16.63 -4.70
N ILE L 450 -14.74 16.32 -3.48
CA ILE L 450 -14.38 17.12 -2.32
C ILE L 450 -12.88 17.05 -2.07
N VAL L 451 -12.32 15.84 -2.14
CA VAL L 451 -10.88 15.67 -1.94
C VAL L 451 -10.08 16.35 -3.04
N SER L 452 -10.52 16.20 -4.30
CA SER L 452 -9.80 16.80 -5.41
C SER L 452 -9.81 18.31 -5.35
N ARG L 453 -10.95 18.91 -5.00
CA ARG L 453 -11.03 20.36 -4.89
C ARG L 453 -10.24 20.87 -3.70
N ALA L 454 -10.31 20.16 -2.56
CA ALA L 454 -9.60 20.62 -1.36
C ALA L 454 -8.10 20.55 -1.54
N ARG L 455 -7.60 19.50 -2.21
CA ARG L 455 -6.16 19.42 -2.47
C ARG L 455 -5.73 20.48 -3.47
N LYS L 456 -6.59 20.84 -4.42
CA LYS L 456 -6.29 21.95 -5.32
C LYS L 456 -6.26 23.27 -4.57
N ILE L 457 -7.16 23.45 -3.60
CA ILE L 457 -7.17 24.66 -2.79
C ILE L 457 -5.93 24.73 -1.91
N GLN L 458 -5.53 23.59 -1.34
CA GLN L 458 -4.35 23.56 -0.48
C GLN L 458 -3.08 23.91 -1.26
N ARG L 459 -2.96 23.43 -2.50
CA ARG L 459 -1.85 23.83 -3.34
C ARG L 459 -1.93 25.31 -3.68
N PHE L 460 -3.14 25.81 -3.97
CA PHE L 460 -3.29 27.19 -4.39
C PHE L 460 -3.15 28.17 -3.23
N LEU L 461 -3.23 27.70 -1.99
CA LEU L 461 -2.93 28.59 -0.87
C LEU L 461 -1.45 28.88 -0.77
N SER L 462 -0.61 27.98 -1.26
CA SER L 462 0.83 28.21 -1.27
C SER L 462 1.20 29.30 -2.26
N GLN L 463 2.29 30.00 -1.97
CA GLN L 463 2.71 31.12 -2.79
C GLN L 463 4.20 31.38 -2.62
N PRO L 464 4.94 31.58 -3.71
CA PRO L 464 6.36 31.92 -3.57
C PRO L 464 6.53 33.35 -3.08
N PHE L 465 7.46 33.53 -2.13
CA PHE L 465 7.72 34.83 -1.54
C PHE L 465 8.95 35.46 -2.18
N GLN L 466 8.93 36.79 -2.27
CA GLN L 466 10.07 37.52 -2.81
C GLN L 466 11.26 37.44 -1.86
N VAL L 467 11.01 37.32 -0.56
CA VAL L 467 12.09 37.20 0.41
C VAL L 467 12.61 35.77 0.52
N ALA L 468 11.84 34.79 0.02
CA ALA L 468 12.26 33.40 -0.02
C ALA L 468 12.83 33.01 -1.37
N GLU L 469 12.97 33.97 -2.28
CA GLU L 469 13.43 33.70 -3.64
C GLU L 469 14.89 33.26 -3.68
N VAL L 470 15.68 33.57 -2.65
CA VAL L 470 17.09 33.23 -2.65
C VAL L 470 17.30 31.73 -2.52
N PHE L 471 16.54 31.08 -1.62
CA PHE L 471 16.74 29.67 -1.33
C PHE L 471 15.67 28.77 -1.91
N THR L 472 14.81 29.29 -2.78
CA THR L 472 13.78 28.48 -3.42
C THR L 472 13.86 28.47 -4.94
N GLY L 473 14.35 29.54 -5.56
CA GLY L 473 14.42 29.64 -6.99
C GLY L 473 13.17 30.16 -7.65
N HIS L 474 12.00 29.88 -7.07
CA HIS L 474 10.75 30.41 -7.61
C HIS L 474 10.67 31.91 -7.38
N ALA L 475 10.28 32.64 -8.42
CA ALA L 475 10.17 34.09 -8.32
C ALA L 475 9.02 34.48 -7.39
N GLY L 476 9.25 35.52 -6.60
CA GLY L 476 8.24 35.96 -5.66
C GLY L 476 7.06 36.60 -6.37
N LYS L 477 5.86 36.33 -5.86
CA LYS L 477 4.62 36.79 -6.45
C LYS L 477 3.86 37.64 -5.46
N LEU L 478 3.41 38.81 -5.90
CA LEU L 478 2.52 39.68 -5.14
C LEU L 478 1.19 39.67 -5.87
N VAL L 479 0.18 39.11 -5.23
CA VAL L 479 -1.10 38.79 -5.86
C VAL L 479 -2.14 39.78 -5.35
N PRO L 480 -2.78 40.56 -6.23
CA PRO L 480 -3.88 41.42 -5.80
C PRO L 480 -5.04 40.60 -5.28
N ILE L 481 -5.79 41.19 -4.35
CA ILE L 481 -6.83 40.45 -3.65
C ILE L 481 -8.00 40.13 -4.59
N LYS L 482 -8.19 40.93 -5.63
CA LYS L 482 -9.22 40.62 -6.62
C LYS L 482 -8.87 39.36 -7.40
N ASP L 483 -7.58 39.18 -7.72
CA ASP L 483 -7.15 37.96 -8.38
C ASP L 483 -7.23 36.76 -7.44
N THR L 484 -7.04 37.00 -6.14
CA THR L 484 -7.11 35.92 -5.16
C THR L 484 -8.52 35.37 -5.05
N ILE L 485 -9.51 36.24 -4.87
CA ILE L 485 -10.89 35.78 -4.73
C ILE L 485 -11.42 35.24 -6.05
N LYS L 486 -10.93 35.76 -7.19
CA LYS L 486 -11.29 35.20 -8.48
C LYS L 486 -10.70 33.81 -8.65
N GLY L 487 -9.46 33.61 -8.18
CA GLY L 487 -8.83 32.30 -8.32
C GLY L 487 -9.50 31.22 -7.51
N PHE L 488 -9.88 31.53 -6.27
CA PHE L 488 -10.54 30.54 -5.43
C PHE L 488 -12.00 30.33 -5.83
N LYS L 489 -12.62 31.34 -6.43
CA LYS L 489 -13.97 31.15 -6.95
C LYS L 489 -13.99 30.20 -8.13
N MET L 490 -12.94 30.24 -8.96
CA MET L 490 -12.84 29.31 -10.08
C MET L 490 -12.65 27.88 -9.59
N ILE L 491 -11.87 27.68 -8.53
CA ILE L 491 -11.68 26.34 -7.99
C ILE L 491 -12.95 25.83 -7.33
N LEU L 492 -13.64 26.71 -6.59
CA LEU L 492 -14.87 26.30 -5.91
C LEU L 492 -16.00 26.01 -6.89
N ASN L 493 -16.07 26.75 -7.99
CA ASN L 493 -17.12 26.49 -8.99
C ASN L 493 -16.87 25.23 -9.80
N GLY L 494 -15.71 24.60 -9.67
CA GLY L 494 -15.41 23.41 -10.44
C GLY L 494 -14.91 23.68 -11.83
N GLU L 495 -14.53 24.92 -12.15
CA GLU L 495 -14.07 25.26 -13.48
C GLU L 495 -12.69 24.69 -13.79
N LEU L 496 -11.95 24.25 -12.78
CA LEU L 496 -10.58 23.78 -12.96
C LEU L 496 -10.40 22.36 -12.43
N ASP L 497 -11.45 21.55 -12.49
CA ASP L 497 -11.35 20.17 -12.00
C ASP L 497 -10.49 19.31 -12.90
N HIS L 498 -10.42 19.64 -14.19
CA HIS L 498 -9.63 18.86 -15.14
C HIS L 498 -8.13 19.14 -15.04
N LEU L 499 -7.73 20.25 -14.43
CA LEU L 499 -6.31 20.55 -14.30
C LEU L 499 -5.68 19.64 -13.25
N PRO L 500 -4.40 19.31 -13.42
CA PRO L 500 -3.69 18.59 -12.35
C PRO L 500 -3.46 19.49 -11.15
N GLU L 501 -3.39 18.87 -9.97
CA GLU L 501 -3.19 19.64 -8.75
C GLU L 501 -1.75 20.13 -8.60
N VAL L 502 -0.82 19.60 -9.38
CA VAL L 502 0.54 20.14 -9.39
C VAL L 502 0.57 21.54 -9.99
N ALA L 503 -0.36 21.83 -10.91
CA ALA L 503 -0.40 23.14 -11.55
C ALA L 503 -0.82 24.24 -10.58
N PHE L 504 -1.50 23.90 -9.50
CA PHE L 504 -1.95 24.88 -8.50
C PHE L 504 -0.88 25.20 -7.47
N TYR L 505 0.28 24.56 -7.53
CA TYR L 505 1.27 24.64 -6.48
C TYR L 505 2.30 25.71 -6.77
N MET L 506 2.52 26.59 -5.78
CA MET L 506 3.61 27.59 -5.79
C MET L 506 3.51 28.53 -6.98
N VAL L 507 2.30 28.95 -7.32
CA VAL L 507 2.06 29.95 -8.35
C VAL L 507 1.00 30.92 -7.84
N GLY L 508 1.25 32.21 -8.00
CA GLY L 508 0.39 33.22 -7.41
C GLY L 508 -0.97 33.36 -8.05
N PRO L 509 -1.02 33.95 -9.25
CA PRO L 509 -2.30 34.15 -9.93
C PRO L 509 -2.85 32.85 -10.49
N ILE L 510 -4.17 32.84 -10.71
CA ILE L 510 -4.83 31.67 -11.29
C ILE L 510 -4.50 31.53 -12.78
N GLU L 511 -4.06 32.62 -13.42
CA GLU L 511 -3.63 32.51 -14.81
C GLU L 511 -2.30 31.79 -14.92
N GLU L 512 -1.49 31.83 -13.87
CA GLU L 512 -0.26 31.05 -13.86
C GLU L 512 -0.53 29.59 -13.55
N VAL L 513 -1.70 29.28 -12.97
CA VAL L 513 -2.08 27.89 -12.76
C VAL L 513 -2.39 27.22 -14.08
N VAL L 514 -3.21 27.87 -14.91
CA VAL L 514 -3.59 27.30 -16.20
C VAL L 514 -2.40 27.31 -17.15
N ALA L 515 -1.50 28.30 -17.02
CA ALA L 515 -0.29 28.31 -17.84
C ALA L 515 0.65 27.18 -17.44
N LYS L 516 0.71 26.87 -16.15
CA LYS L 516 1.52 25.74 -15.70
C LYS L 516 0.91 24.41 -16.13
N ALA L 517 -0.42 24.32 -16.17
CA ALA L 517 -1.07 23.11 -16.63
C ALA L 517 -0.85 22.87 -18.12
N GLU L 518 -0.89 23.95 -18.92
CA GLU L 518 -0.60 23.83 -20.34
C GLU L 518 0.86 23.46 -20.59
N LYS L 519 1.76 23.89 -19.71
CA LYS L 519 3.17 23.56 -19.86
C LYS L 519 3.42 22.07 -19.66
N ILE L 520 2.60 21.40 -18.85
CA ILE L 520 2.74 19.97 -18.63
C ILE L 520 2.21 19.20 -19.84
N SER M 56 -13.93 28.87 77.65
CA SER M 56 -13.04 30.03 77.76
C SER M 56 -13.29 31.04 76.65
N ASN M 57 -12.46 32.08 76.62
CA ASN M 57 -12.58 33.16 75.65
C ASN M 57 -11.28 33.30 74.87
N GLY M 58 -11.41 33.48 73.55
CA GLY M 58 -10.26 33.64 72.69
C GLY M 58 -10.39 34.86 71.82
N GLN M 59 -9.33 35.16 71.07
CA GLN M 59 -9.28 36.29 70.19
C GLN M 59 -8.77 35.87 68.82
N ILE M 60 -9.33 36.47 67.77
CA ILE M 60 -8.93 36.14 66.41
C ILE M 60 -7.52 36.64 66.15
N THR M 61 -6.65 35.74 65.68
CA THR M 61 -5.26 36.06 65.37
C THR M 61 -5.05 36.31 63.88
N ALA M 62 -5.58 35.43 63.03
CA ALA M 62 -5.41 35.57 61.59
C ALA M 62 -6.71 35.18 60.90
N VAL M 63 -6.97 35.84 59.76
CA VAL M 63 -8.09 35.52 58.88
C VAL M 63 -7.53 35.46 57.47
N ILE M 64 -7.42 34.25 56.92
CA ILE M 64 -6.93 34.03 55.56
C ILE M 64 -7.92 33.10 54.86
N GLY M 65 -8.78 33.67 54.03
CA GLY M 65 -9.80 32.86 53.39
C GLY M 65 -10.83 32.37 54.40
N ALA M 66 -11.27 31.13 54.22
CA ALA M 66 -12.25 30.52 55.11
C ALA M 66 -11.61 29.90 56.35
N VAL M 67 -10.35 30.23 56.63
CA VAL M 67 -9.61 29.66 57.75
C VAL M 67 -9.28 30.79 58.72
N VAL M 68 -9.68 30.63 59.97
CA VAL M 68 -9.47 31.64 61.01
C VAL M 68 -8.65 31.01 62.12
N ASP M 69 -7.55 31.66 62.49
CA ASP M 69 -6.73 31.26 63.62
C ASP M 69 -7.12 32.12 64.83
N VAL M 70 -7.42 31.46 65.95
CA VAL M 70 -7.79 32.15 67.17
C VAL M 70 -6.91 31.67 68.30
N GLN M 71 -6.60 32.58 69.23
CA GLN M 71 -5.68 32.33 70.32
C GLN M 71 -6.40 32.44 71.65
N PHE M 72 -6.21 31.46 72.51
CA PHE M 72 -6.86 31.40 73.81
C PHE M 72 -5.84 31.63 74.92
N GLU M 73 -6.31 32.16 76.05
CA GLU M 73 -5.47 32.39 77.22
C GLU M 73 -5.65 31.32 78.28
N ASP M 74 -6.88 30.83 78.47
CA ASP M 74 -7.17 29.71 79.35
C ASP M 74 -6.96 28.42 78.57
N GLN M 75 -7.52 27.30 79.08
CA GLN M 75 -7.39 26.01 78.42
C GLN M 75 -7.98 26.05 77.00
N LEU M 76 -7.32 25.35 76.10
CA LEU M 76 -7.69 25.37 74.69
C LEU M 76 -8.94 24.52 74.44
N PRO M 77 -9.76 24.91 73.47
CA PRO M 77 -10.86 24.04 73.07
C PRO M 77 -10.35 22.83 72.32
N PRO M 78 -11.00 21.68 72.45
CA PRO M 78 -10.57 20.49 71.72
C PRO M 78 -10.82 20.62 70.22
N ILE M 79 -10.22 19.71 69.47
CA ILE M 79 -10.47 19.63 68.04
C ILE M 79 -11.91 19.21 67.80
N LEU M 80 -12.53 19.76 66.74
CA LEU M 80 -13.92 19.61 66.32
C LEU M 80 -14.90 20.32 67.23
N ASN M 81 -14.42 21.14 68.16
CA ASN M 81 -15.30 21.96 68.98
C ASN M 81 -15.85 23.11 68.15
N ALA M 82 -16.99 23.63 68.60
CA ALA M 82 -17.66 24.75 67.94
C ALA M 82 -17.33 26.04 68.66
N LEU M 83 -16.85 27.03 67.92
CA LEU M 83 -16.54 28.35 68.44
C LEU M 83 -17.47 29.36 67.79
N GLU M 84 -17.89 30.35 68.57
CA GLU M 84 -18.82 31.37 68.08
C GLU M 84 -18.19 32.75 68.19
N VAL M 85 -18.18 33.48 67.08
CA VAL M 85 -17.65 34.83 67.06
C VAL M 85 -18.68 35.77 67.68
N GLN M 86 -18.23 36.64 68.58
CA GLN M 86 -19.16 37.36 69.46
C GLN M 86 -19.75 38.58 68.79
N GLY M 87 -18.91 39.48 68.28
CA GLY M 87 -19.43 40.69 67.63
C GLY M 87 -19.90 40.44 66.22
N ARG M 88 -20.84 39.53 66.04
CA ARG M 88 -21.25 39.07 64.72
C ARG M 88 -22.76 38.86 64.72
N SER M 89 -23.43 39.43 63.72
CA SER M 89 -24.89 39.41 63.66
C SER M 89 -25.47 38.09 63.14
N PRO M 90 -24.99 37.49 62.01
CA PRO M 90 -25.64 36.25 61.54
C PRO M 90 -25.12 34.98 62.21
N ARG M 91 -24.43 35.11 63.35
CA ARG M 91 -23.94 33.99 64.16
C ARG M 91 -22.98 33.11 63.36
N LEU M 92 -21.82 33.71 63.07
CA LEU M 92 -20.72 32.96 62.47
C LEU M 92 -20.16 31.96 63.46
N ILE M 93 -19.92 30.74 62.99
CA ILE M 93 -19.44 29.65 63.84
C ILE M 93 -18.16 29.07 63.23
N LEU M 94 -17.13 28.96 64.06
CA LEU M 94 -15.85 28.37 63.67
C LEU M 94 -15.70 27.00 64.32
N GLU M 95 -15.20 26.04 63.56
CA GLU M 95 -14.97 24.69 64.07
C GLU M 95 -13.48 24.43 64.16
N VAL M 96 -13.02 24.02 65.34
CA VAL M 96 -11.59 23.83 65.57
C VAL M 96 -11.09 22.64 64.75
N ALA M 97 -10.07 22.89 63.94
CA ALA M 97 -9.49 21.86 63.08
C ALA M 97 -8.19 21.29 63.62
N GLN M 98 -7.33 22.13 64.20
CA GLN M 98 -6.05 21.67 64.71
C GLN M 98 -5.54 22.65 65.73
N HIS M 99 -4.72 22.15 66.65
CA HIS M 99 -4.00 22.98 67.60
C HIS M 99 -2.64 23.34 67.02
N LEU M 100 -2.40 24.63 66.82
CA LEU M 100 -1.18 25.09 66.18
C LEU M 100 -0.01 25.24 67.15
N GLY M 101 -0.26 25.13 68.45
CA GLY M 101 0.76 25.44 69.43
C GLY M 101 0.77 26.92 69.79
N GLU M 102 1.45 27.22 70.90
CA GLU M 102 1.48 28.55 71.49
C GLU M 102 0.06 29.07 71.76
N ASN M 103 -0.79 28.17 72.26
CA ASN M 103 -2.16 28.46 72.68
C ASN M 103 -3.02 29.01 71.53
N THR M 104 -2.73 28.59 70.30
CA THR M 104 -3.47 29.01 69.13
C THR M 104 -4.05 27.79 68.44
N VAL M 105 -5.34 27.84 68.13
CA VAL M 105 -5.98 26.79 67.35
C VAL M 105 -6.38 27.37 66.00
N ARG M 106 -6.46 26.48 65.01
CA ARG M 106 -6.83 26.85 63.65
C ARG M 106 -8.21 26.30 63.35
N THR M 107 -9.08 27.15 62.82
CA THR M 107 -10.49 26.82 62.64
C THR M 107 -10.91 27.02 61.20
N ILE M 108 -12.03 26.41 60.84
CA ILE M 108 -12.69 26.63 59.56
C ILE M 108 -14.05 27.27 59.83
N ALA M 109 -14.41 28.25 59.01
CA ALA M 109 -15.63 29.02 59.22
C ALA M 109 -16.82 28.35 58.53
N MET M 110 -17.95 28.33 59.23
CA MET M 110 -19.19 27.79 58.68
C MET M 110 -20.01 28.83 57.93
N ASP M 111 -19.56 30.08 57.91
CA ASP M 111 -20.26 31.14 57.19
C ASP M 111 -19.21 32.08 56.61
N GLY M 112 -19.66 33.16 55.99
CA GLY M 112 -18.73 34.11 55.38
C GLY M 112 -17.85 34.79 56.40
N THR M 113 -16.60 35.00 56.03
CA THR M 113 -15.58 35.53 56.93
C THR M 113 -15.36 37.03 56.75
N GLU M 114 -16.17 37.69 55.92
CA GLU M 114 -16.00 39.11 55.66
C GLU M 114 -16.31 39.92 56.91
N GLY M 115 -15.49 40.96 57.15
CA GLY M 115 -15.70 41.83 58.28
C GLY M 115 -15.09 41.34 59.58
N LEU M 116 -14.37 40.23 59.57
CA LEU M 116 -13.71 39.76 60.79
C LEU M 116 -12.48 40.62 61.09
N VAL M 117 -12.28 40.88 62.37
CA VAL M 117 -11.20 41.75 62.85
C VAL M 117 -10.28 40.92 63.74
N ARG M 118 -8.98 41.09 63.58
CA ARG M 118 -8.03 40.47 64.49
C ARG M 118 -8.20 41.05 65.88
N GLY M 119 -8.36 40.18 66.86
CA GLY M 119 -8.67 40.59 68.21
C GLY M 119 -10.13 40.47 68.59
N GLN M 120 -10.99 40.06 67.66
CA GLN M 120 -12.40 39.87 67.97
C GLN M 120 -12.59 38.68 68.89
N ASN M 121 -13.47 38.81 69.86
CA ASN M 121 -13.65 37.77 70.87
C ASN M 121 -14.40 36.58 70.29
N VAL M 122 -13.89 35.38 70.58
CA VAL M 122 -14.51 34.12 70.18
C VAL M 122 -14.80 33.32 71.43
N LEU M 123 -16.00 32.76 71.49
CA LEU M 123 -16.46 32.01 72.65
C LEU M 123 -16.47 30.52 72.33
N ASP M 124 -15.93 29.72 73.25
CA ASP M 124 -15.92 28.28 73.11
C ASP M 124 -17.20 27.69 73.69
N THR M 125 -17.93 26.94 72.88
CA THR M 125 -19.21 26.37 73.30
C THR M 125 -19.03 25.13 74.16
N GLY M 126 -17.83 24.58 74.25
CA GLY M 126 -17.59 23.41 75.07
C GLY M 126 -18.00 22.10 74.46
N ALA M 127 -18.42 22.10 73.20
CA ALA M 127 -18.93 20.91 72.54
C ALA M 127 -18.83 21.13 71.04
N PRO M 128 -18.92 20.05 70.24
CA PRO M 128 -19.01 20.25 68.79
C PRO M 128 -20.31 20.90 68.34
N ILE M 129 -20.50 21.05 67.03
CA ILE M 129 -21.72 21.65 66.51
C ILE M 129 -22.90 20.76 66.83
N LYS M 130 -23.83 21.27 67.61
CA LYS M 130 -25.03 20.56 68.00
C LYS M 130 -26.22 21.11 67.23
N ILE M 131 -26.99 20.21 66.62
CA ILE M 131 -28.12 20.60 65.78
C ILE M 131 -29.40 20.07 66.41
N PRO M 132 -30.55 20.69 66.18
CA PRO M 132 -31.80 20.10 66.63
C PRO M 132 -32.12 18.81 65.87
N VAL M 133 -32.60 17.81 66.61
CA VAL M 133 -32.99 16.53 66.03
C VAL M 133 -34.36 16.16 66.59
N GLY M 134 -35.01 15.23 65.90
CA GLY M 134 -36.29 14.72 66.35
C GLY M 134 -37.40 14.94 65.36
N PRO M 135 -38.64 14.65 65.78
CA PRO M 135 -39.79 14.89 64.89
C PRO M 135 -40.02 16.36 64.56
N GLU M 136 -39.48 17.28 65.36
CA GLU M 136 -39.65 18.71 65.09
C GLU M 136 -38.86 19.16 63.87
N THR M 137 -37.90 18.36 63.41
CA THR M 137 -37.16 18.68 62.20
C THR M 137 -37.87 18.21 60.94
N LEU M 138 -38.95 17.46 61.06
CA LEU M 138 -39.66 16.96 59.88
C LEU M 138 -40.45 18.09 59.24
N GLY M 139 -40.31 18.23 57.93
CA GLY M 139 -40.94 19.32 57.22
C GLY M 139 -40.24 20.65 57.34
N ARG M 140 -39.03 20.67 57.87
CA ARG M 140 -38.26 21.89 58.07
C ARG M 140 -36.96 21.83 57.27
N ILE M 141 -36.42 23.00 56.97
CA ILE M 141 -35.13 23.11 56.29
C ILE M 141 -34.12 23.67 57.29
N MET M 142 -32.98 23.01 57.38
CA MET M 142 -31.91 23.41 58.29
C MET M 142 -30.65 23.72 57.50
N ASN M 143 -29.84 24.64 58.01
CA ASN M 143 -28.54 24.92 57.44
C ASN M 143 -27.51 23.99 58.09
N VAL M 144 -26.23 24.30 57.92
CA VAL M 144 -25.16 23.43 58.44
C VAL M 144 -25.18 23.39 59.96
N ILE M 145 -25.50 24.51 60.61
CA ILE M 145 -25.46 24.61 62.06
C ILE M 145 -26.84 24.47 62.70
N GLY M 146 -27.83 24.00 61.94
CA GLY M 146 -29.13 23.69 62.49
C GLY M 146 -30.10 24.85 62.61
N GLU M 147 -29.77 26.02 62.09
CA GLU M 147 -30.73 27.12 62.11
C GLU M 147 -31.80 26.90 61.06
N PRO M 148 -33.05 27.25 61.34
CA PRO M 148 -34.11 27.08 60.34
C PRO M 148 -34.01 28.14 59.25
N ILE M 149 -33.87 27.69 58.00
CA ILE M 149 -33.76 28.58 56.86
C ILE M 149 -35.00 28.53 55.98
N ASP M 150 -36.10 27.96 56.48
CA ASP M 150 -37.35 27.95 55.75
C ASP M 150 -38.30 29.06 56.18
N GLU M 151 -37.84 29.96 57.06
CA GLU M 151 -38.58 31.15 57.49
C GLU M 151 -39.93 30.79 58.12
N ARG M 152 -39.95 29.72 58.90
CA ARG M 152 -41.16 29.28 59.58
C ARG M 152 -40.99 29.34 61.09
N GLY M 153 -40.11 30.21 61.57
CA GLY M 153 -39.87 30.35 62.99
C GLY M 153 -38.82 29.39 63.48
N PRO M 154 -38.52 29.46 64.78
CA PRO M 154 -37.49 28.57 65.35
C PRO M 154 -37.97 27.13 65.42
N ILE M 155 -36.99 26.22 65.45
CA ILE M 155 -37.26 24.79 65.61
C ILE M 155 -37.25 24.50 67.10
N VAL M 156 -38.44 24.48 67.70
CA VAL M 156 -38.58 24.26 69.14
C VAL M 156 -38.52 22.76 69.40
N THR M 157 -37.47 22.32 70.10
CA THR M 157 -37.30 20.92 70.42
C THR M 157 -36.44 20.79 71.67
N ASP M 158 -36.39 19.58 72.22
CA ASP M 158 -35.64 19.30 73.42
C ASP M 158 -34.39 18.47 73.18
N LYS M 159 -34.25 17.87 72.00
CA LYS M 159 -33.14 16.98 71.69
C LYS M 159 -32.14 17.68 70.77
N PHE M 160 -30.86 17.62 71.14
CA PHE M 160 -29.78 18.12 70.32
C PHE M 160 -28.69 17.06 70.24
N ALA M 161 -28.06 16.96 69.08
CA ALA M 161 -27.03 15.96 68.85
C ALA M 161 -25.84 16.60 68.15
N ALA M 162 -24.64 16.22 68.58
CA ALA M 162 -23.43 16.69 67.93
C ALA M 162 -23.28 16.05 66.56
N ILE M 163 -22.79 16.84 65.59
CA ILE M 163 -22.68 16.33 64.22
C ILE M 163 -21.45 15.48 64.01
N HIS M 164 -20.58 15.36 65.00
CA HIS M 164 -19.43 14.47 64.95
C HIS M 164 -19.67 13.33 65.94
N ALA M 165 -19.60 12.10 65.44
CA ALA M 165 -19.82 10.92 66.27
C ALA M 165 -19.04 9.76 65.69
N ASP M 166 -18.82 8.75 66.52
CA ASP M 166 -18.12 7.55 66.08
C ASP M 166 -19.04 6.68 65.26
N ALA M 167 -18.45 5.96 64.31
CA ALA M 167 -19.19 5.00 63.52
C ALA M 167 -19.59 3.81 64.38
N PRO M 168 -20.69 3.13 64.04
CA PRO M 168 -21.06 1.91 64.77
C PRO M 168 -19.99 0.84 64.64
N GLU M 169 -19.84 0.05 65.70
CA GLU M 169 -18.77 -0.93 65.78
C GLU M 169 -19.06 -2.13 64.88
N PHE M 170 -18.08 -3.03 64.79
CA PHE M 170 -18.24 -4.25 64.01
C PHE M 170 -19.29 -5.18 64.62
N VAL M 171 -19.46 -5.14 65.94
CA VAL M 171 -20.44 -5.99 66.58
C VAL M 171 -21.86 -5.56 66.23
N GLU M 172 -22.06 -4.29 65.93
CA GLU M 172 -23.37 -3.73 65.63
C GLU M 172 -23.76 -3.87 64.17
N MET M 173 -22.93 -4.49 63.34
CA MET M 173 -23.23 -4.57 61.92
C MET M 173 -24.32 -5.59 61.65
N SER M 174 -25.15 -5.30 60.65
CA SER M 174 -26.25 -6.16 60.24
C SER M 174 -25.96 -6.70 58.84
N VAL M 175 -26.23 -7.99 58.66
CA VAL M 175 -25.95 -8.65 57.38
C VAL M 175 -27.23 -8.98 56.63
N GLN M 176 -28.33 -8.32 56.97
CA GLN M 176 -29.58 -8.53 56.25
C GLN M 176 -29.50 -7.91 54.86
N GLN M 177 -29.92 -8.66 53.85
CA GLN M 177 -29.89 -8.20 52.46
C GLN M 177 -31.16 -8.66 51.77
N GLU M 178 -32.10 -7.73 51.57
CA GLU M 178 -33.32 -8.00 50.84
C GLU M 178 -33.48 -6.94 49.75
N ILE M 179 -34.02 -7.35 48.61
CA ILE M 179 -34.06 -6.48 47.44
C ILE M 179 -35.10 -5.38 47.64
N LEU M 180 -34.71 -4.15 47.34
CA LEU M 180 -35.61 -3.00 47.34
C LEU M 180 -36.05 -2.72 45.91
N VAL M 181 -37.34 -2.87 45.65
CA VAL M 181 -37.87 -2.68 44.30
C VAL M 181 -38.16 -1.20 44.10
N THR M 182 -37.54 -0.61 43.07
CA THR M 182 -37.67 0.81 42.81
C THR M 182 -38.60 1.13 41.64
N GLY M 183 -38.88 0.17 40.77
CA GLY M 183 -39.65 0.43 39.59
C GLY M 183 -38.84 0.81 38.37
N ILE M 184 -37.53 0.99 38.52
CA ILE M 184 -36.65 1.32 37.41
C ILE M 184 -36.08 0.01 36.87
N LYS M 185 -36.28 -0.24 35.57
CA LYS M 185 -36.01 -1.55 35.00
C LYS M 185 -34.51 -1.86 34.98
N VAL M 186 -33.69 -0.89 34.61
CA VAL M 186 -32.25 -1.12 34.60
C VAL M 186 -31.73 -1.25 36.04
N VAL M 187 -32.30 -0.49 36.97
CA VAL M 187 -31.89 -0.58 38.37
C VAL M 187 -32.35 -1.91 38.96
N ASP M 188 -33.61 -2.28 38.74
CA ASP M 188 -34.13 -3.49 39.37
C ASP M 188 -33.49 -4.75 38.82
N LEU M 189 -33.13 -4.76 37.54
CA LEU M 189 -32.61 -5.98 36.94
C LEU M 189 -31.12 -6.14 37.20
N LEU M 190 -30.31 -5.19 36.75
CA LEU M 190 -28.87 -5.38 36.68
C LEU M 190 -28.15 -5.06 37.97
N ALA M 191 -28.56 -4.00 38.66
CA ALA M 191 -27.93 -3.61 39.94
C ALA M 191 -29.02 -3.33 40.96
N PRO M 192 -29.69 -4.38 41.47
CA PRO M 192 -30.82 -4.15 42.37
C PRO M 192 -30.37 -3.60 43.72
N TYR M 193 -31.17 -2.65 44.23
CA TYR M 193 -30.85 -2.03 45.52
C TYR M 193 -31.31 -2.91 46.66
N ALA M 194 -30.64 -2.76 47.81
CA ALA M 194 -30.95 -3.52 48.99
C ALA M 194 -31.56 -2.60 50.05
N LYS M 195 -32.52 -3.11 50.80
CA LYS M 195 -33.09 -2.36 51.91
C LYS M 195 -32.07 -2.25 53.02
N GLY M 196 -31.81 -1.02 53.47
CA GLY M 196 -30.80 -0.77 54.46
C GLY M 196 -29.39 -0.69 53.92
N GLY M 197 -29.19 -0.80 52.61
CA GLY M 197 -27.88 -0.71 52.02
C GLY M 197 -27.58 0.69 51.49
N LYS M 198 -26.33 0.88 51.08
CA LYS M 198 -25.86 2.15 50.56
C LYS M 198 -25.90 2.12 49.03
N ILE M 199 -26.51 3.14 48.46
CA ILE M 199 -26.68 3.25 47.01
C ILE M 199 -25.93 4.48 46.53
N GLY M 200 -25.08 4.31 45.52
CA GLY M 200 -24.36 5.42 44.94
C GLY M 200 -24.73 5.67 43.49
N LEU M 201 -25.06 6.91 43.15
CA LEU M 201 -25.43 7.29 41.79
C LEU M 201 -24.25 8.04 41.20
N PHE M 202 -23.33 7.30 40.60
CA PHE M 202 -22.17 7.92 39.97
C PHE M 202 -22.57 8.57 38.66
N GLY M 203 -21.85 9.63 38.31
CA GLY M 203 -22.08 10.29 37.03
C GLY M 203 -21.38 11.62 36.92
N GLY M 204 -21.24 12.10 35.69
CA GLY M 204 -20.70 13.43 35.44
C GLY M 204 -21.76 14.48 35.58
N ALA M 205 -21.51 15.63 34.98
CA ALA M 205 -22.45 16.73 34.99
C ALA M 205 -23.43 16.59 33.85
N GLY M 206 -24.72 16.62 34.17
CA GLY M 206 -25.76 16.56 33.16
C GLY M 206 -26.14 15.17 32.71
N VAL M 207 -25.69 14.13 33.39
CA VAL M 207 -26.04 12.76 32.98
C VAL M 207 -27.35 12.28 33.61
N GLY M 208 -27.79 12.89 34.70
CA GLY M 208 -29.07 12.53 35.26
C GLY M 208 -29.08 12.03 36.70
N LYS M 209 -28.07 12.42 37.50
CA LYS M 209 -28.07 12.04 38.91
C LYS M 209 -29.21 12.70 39.68
N THR M 210 -29.46 13.98 39.40
CA THR M 210 -30.49 14.71 40.13
C THR M 210 -31.88 14.19 39.76
N VAL M 211 -32.12 13.93 38.48
CA VAL M 211 -33.42 13.41 38.05
C VAL M 211 -33.65 12.01 38.60
N LEU M 212 -32.60 11.18 38.63
CA LEU M 212 -32.72 9.84 39.17
C LEU M 212 -33.01 9.85 40.67
N ILE M 213 -32.37 10.76 41.40
CA ILE M 213 -32.61 10.81 42.85
C ILE M 213 -33.97 11.46 43.13
N MET M 214 -34.48 12.27 42.22
CA MET M 214 -35.84 12.76 42.36
C MET M 214 -36.85 11.66 42.05
N GLU M 215 -36.52 10.79 41.09
CA GLU M 215 -37.41 9.67 40.77
C GLU M 215 -37.40 8.63 41.88
N LEU M 216 -36.25 8.41 42.50
CA LEU M 216 -36.18 7.48 43.63
C LEU M 216 -36.94 8.02 44.83
N ILE M 217 -36.93 9.34 45.03
CA ILE M 217 -37.74 9.94 46.07
C ILE M 217 -39.23 9.75 45.77
N ASN M 218 -39.62 9.94 44.51
CA ASN M 218 -41.02 9.78 44.13
C ASN M 218 -41.48 8.33 44.26
N ASN M 219 -40.64 7.38 43.90
CA ASN M 219 -41.06 5.99 43.87
C ASN M 219 -40.95 5.30 45.21
N VAL M 220 -40.03 5.73 46.08
CA VAL M 220 -39.75 5.06 47.34
C VAL M 220 -40.21 5.89 48.53
N ALA M 221 -39.80 7.16 48.59
CA ALA M 221 -40.00 7.95 49.80
C ALA M 221 -41.44 8.41 49.97
N LYS M 222 -42.26 8.38 48.92
CA LYS M 222 -43.64 8.84 49.04
C LYS M 222 -44.50 7.82 49.77
N ALA M 223 -44.23 6.53 49.59
CA ALA M 223 -45.00 5.46 50.22
C ALA M 223 -44.06 4.50 50.95
N HIS M 224 -43.12 5.07 51.70
CA HIS M 224 -42.10 4.26 52.37
C HIS M 224 -42.62 3.69 53.68
N GLY M 225 -42.98 4.55 54.62
CA GLY M 225 -43.30 4.11 55.95
C GLY M 225 -42.07 4.26 56.82
N GLY M 226 -42.06 5.30 57.65
CA GLY M 226 -40.84 5.73 58.30
C GLY M 226 -40.30 7.01 57.70
N TYR M 227 -39.46 7.69 58.47
CA TYR M 227 -39.02 9.03 58.10
C TYR M 227 -37.93 8.97 57.04
N SER M 228 -37.73 10.10 56.38
CA SER M 228 -36.71 10.26 55.36
C SER M 228 -35.95 11.55 55.62
N VAL M 229 -34.70 11.59 55.18
CA VAL M 229 -33.86 12.79 55.32
C VAL M 229 -33.22 13.07 53.96
N PHE M 230 -33.36 14.30 53.48
CA PHE M 230 -32.63 14.76 52.31
C PHE M 230 -31.54 15.73 52.76
N ALA M 231 -30.32 15.50 52.29
CA ALA M 231 -29.19 16.38 52.57
C ALA M 231 -28.71 16.96 51.24
N GLY M 232 -28.98 18.24 51.03
CA GLY M 232 -28.47 18.93 49.87
C GLY M 232 -27.09 19.49 50.12
N VAL M 233 -26.07 18.88 49.53
CA VAL M 233 -24.68 19.20 49.81
C VAL M 233 -24.10 19.83 48.56
N GLY M 234 -23.94 21.15 48.56
CA GLY M 234 -23.21 21.86 47.52
C GLY M 234 -23.83 21.82 46.14
N GLU M 235 -25.14 21.97 46.04
CA GLU M 235 -25.83 21.95 44.76
C GLU M 235 -26.52 23.28 44.52
N ARG M 236 -27.33 23.35 43.46
CA ARG M 236 -28.02 24.58 43.13
C ARG M 236 -29.12 24.88 44.14
N THR M 237 -29.25 26.16 44.50
CA THR M 237 -30.35 26.57 45.36
C THR M 237 -31.69 26.48 44.63
N ARG M 238 -31.68 26.59 43.30
CA ARG M 238 -32.89 26.39 42.52
C ARG M 238 -33.40 24.97 42.65
N GLU M 239 -32.49 23.99 42.65
CA GLU M 239 -32.89 22.59 42.82
C GLU M 239 -33.45 22.35 44.22
N GLY M 240 -32.88 23.00 45.23
CA GLY M 240 -33.42 22.88 46.57
C GLY M 240 -34.79 23.51 46.70
N ASN M 241 -35.02 24.63 46.00
CA ASN M 241 -36.34 25.24 45.97
C ASN M 241 -37.33 24.37 45.21
N ASP M 242 -36.88 23.74 44.12
CA ASP M 242 -37.75 22.87 43.35
C ASP M 242 -38.16 21.64 44.16
N LEU M 243 -37.20 21.03 44.88
CA LEU M 243 -37.51 19.84 45.66
C LEU M 243 -38.42 20.19 46.84
N TYR M 244 -38.21 21.35 47.46
CA TYR M 244 -39.02 21.74 48.61
C TYR M 244 -40.49 21.91 48.22
N HIS M 245 -40.75 22.49 47.05
CA HIS M 245 -42.13 22.64 46.62
C HIS M 245 -42.70 21.34 46.07
N GLU M 246 -41.86 20.48 45.49
CA GLU M 246 -42.33 19.17 45.07
C GLU M 246 -42.74 18.31 46.25
N MET M 247 -41.99 18.41 47.35
CA MET M 247 -42.37 17.69 48.57
C MET M 247 -43.67 18.22 49.16
N ILE M 248 -43.89 19.54 49.08
CA ILE M 248 -45.11 20.13 49.60
C ILE M 248 -46.31 19.69 48.77
N GLU M 249 -46.18 19.71 47.44
CA GLU M 249 -47.26 19.28 46.58
C GLU M 249 -47.54 17.78 46.71
N SER M 250 -46.49 16.98 46.92
CA SER M 250 -46.65 15.54 47.09
C SER M 250 -47.26 15.17 48.44
N GLY M 251 -47.30 16.09 49.40
CA GLY M 251 -47.79 15.79 50.72
C GLY M 251 -46.76 15.25 51.68
N VAL M 252 -45.51 15.06 51.23
CA VAL M 252 -44.45 14.61 52.13
C VAL M 252 -44.13 15.68 53.15
N ILE M 253 -44.24 16.96 52.78
CA ILE M 253 -44.12 18.08 53.70
C ILE M 253 -45.50 18.67 53.89
N SER M 254 -45.93 18.76 55.15
CA SER M 254 -47.18 19.41 55.51
C SER M 254 -46.85 20.72 56.22
N LEU M 255 -47.32 21.83 55.66
CA LEU M 255 -47.15 23.13 56.29
C LEU M 255 -48.22 23.43 57.32
N LYS M 256 -49.19 22.54 57.48
CA LYS M 256 -50.28 22.70 58.44
C LYS M 256 -50.26 21.64 59.52
N ASP M 257 -50.20 20.37 59.15
CA ASP M 257 -50.26 19.28 60.10
C ASP M 257 -48.86 18.85 60.53
N LYS M 258 -48.81 17.86 61.43
CA LYS M 258 -47.57 17.26 61.87
C LYS M 258 -47.25 15.98 61.11
N THR M 259 -47.88 15.76 59.96
CA THR M 259 -47.71 14.56 59.17
C THR M 259 -46.54 14.64 58.20
N SER M 260 -45.57 15.52 58.45
CA SER M 260 -44.41 15.63 57.59
C SER M 260 -43.50 14.44 57.79
N LYS M 261 -42.93 13.95 56.70
CA LYS M 261 -42.10 12.76 56.72
C LYS M 261 -40.63 13.01 56.45
N VAL M 262 -40.29 14.08 55.73
CA VAL M 262 -38.92 14.31 55.28
C VAL M 262 -38.35 15.53 56.00
N ALA M 263 -37.09 15.43 56.40
CA ALA M 263 -36.33 16.53 56.98
C ALA M 263 -35.23 16.92 56.01
N LEU M 264 -35.13 18.21 55.69
CA LEU M 264 -34.18 18.70 54.70
C LEU M 264 -33.08 19.48 55.37
N VAL M 265 -31.84 19.21 54.96
CA VAL M 265 -30.67 19.98 55.38
C VAL M 265 -29.97 20.43 54.11
N TYR M 266 -29.70 21.74 54.00
CA TYR M 266 -29.17 22.31 52.76
C TYR M 266 -27.95 23.16 53.04
N GLY M 267 -26.84 22.82 52.39
CA GLY M 267 -25.72 23.73 52.23
C GLY M 267 -25.33 23.72 50.78
N GLN M 268 -25.50 24.85 50.10
CA GLN M 268 -25.47 24.89 48.64
C GLN M 268 -24.15 25.49 48.14
N MET M 269 -24.09 25.74 46.84
CA MET M 269 -22.85 26.19 46.20
C MET M 269 -22.40 27.56 46.70
N ASN M 270 -23.34 28.41 47.12
CA ASN M 270 -22.99 29.72 47.65
C ASN M 270 -22.37 29.67 49.03
N GLU M 271 -22.40 28.51 49.69
CA GLU M 271 -21.85 28.40 51.03
C GLU M 271 -20.32 28.37 50.98
N PRO M 272 -19.67 28.79 52.07
CA PRO M 272 -18.21 28.66 52.16
C PRO M 272 -17.80 27.20 52.22
N PRO M 273 -16.51 26.89 51.96
CA PRO M 273 -16.07 25.50 52.03
C PRO M 273 -16.24 24.85 53.40
N GLY M 274 -16.24 25.62 54.48
CA GLY M 274 -16.49 25.04 55.79
C GLY M 274 -17.91 24.52 55.93
N ALA M 275 -18.88 25.27 55.41
CA ALA M 275 -20.28 24.84 55.51
C ALA M 275 -20.56 23.65 54.60
N ARG M 276 -19.97 23.62 53.41
CA ARG M 276 -20.22 22.53 52.49
C ARG M 276 -19.54 21.23 52.91
N ALA M 277 -18.52 21.30 53.77
CA ALA M 277 -17.83 20.11 54.25
C ALA M 277 -18.41 19.58 55.56
N ARG M 278 -19.43 20.23 56.11
CA ARG M 278 -20.05 19.78 57.34
C ARG M 278 -21.56 19.59 57.23
N VAL M 279 -22.18 20.06 56.14
CA VAL M 279 -23.63 19.94 56.01
C VAL M 279 -24.04 18.49 55.77
N ALA M 280 -23.15 17.68 55.20
CA ALA M 280 -23.44 16.26 55.05
C ALA M 280 -23.48 15.56 56.40
N LEU M 281 -22.65 16.01 57.34
CA LEU M 281 -22.69 15.47 58.69
C LEU M 281 -23.91 15.95 59.46
N THR M 282 -24.47 17.11 59.08
CA THR M 282 -25.68 17.59 59.72
C THR M 282 -26.90 16.76 59.30
N GLY M 283 -27.01 16.46 58.01
CA GLY M 283 -28.09 15.59 57.57
C GLY M 283 -27.93 14.17 58.07
N LEU M 284 -26.68 13.70 58.16
CA LEU M 284 -26.41 12.37 58.69
C LEU M 284 -26.75 12.28 60.17
N THR M 285 -26.58 13.38 60.92
CA THR M 285 -26.92 13.37 62.33
C THR M 285 -28.42 13.25 62.54
N VAL M 286 -29.22 13.89 61.68
CA VAL M 286 -30.66 13.75 61.73
C VAL M 286 -31.07 12.31 61.41
N ALA M 287 -30.43 11.72 60.40
CA ALA M 287 -30.73 10.34 60.05
C ALA M 287 -30.28 9.37 61.14
N GLU M 288 -29.17 9.68 61.82
CA GLU M 288 -28.69 8.81 62.90
C GLU M 288 -29.62 8.86 64.11
N TYR M 289 -30.23 10.01 64.38
CA TYR M 289 -31.18 10.10 65.48
C TYR M 289 -32.42 9.26 65.20
N PHE M 290 -32.92 9.31 63.96
CA PHE M 290 -34.09 8.51 63.60
C PHE M 290 -33.78 7.03 63.62
N ARG M 291 -32.55 6.64 63.25
CA ARG M 291 -32.18 5.23 63.27
C ARG M 291 -32.00 4.71 64.68
N ASP M 292 -31.30 5.48 65.53
CA ASP M 292 -30.88 4.99 66.83
C ASP M 292 -31.92 5.27 67.92
N GLN M 293 -32.25 6.53 68.13
CA GLN M 293 -33.12 6.91 69.25
C GLN M 293 -34.59 6.66 68.98
N GLU M 294 -34.95 6.24 67.77
CA GLU M 294 -36.33 5.88 67.47
C GLU M 294 -36.50 4.52 66.82
N GLY M 295 -35.42 3.89 66.34
CA GLY M 295 -35.53 2.58 65.73
C GLY M 295 -36.25 2.55 64.41
N GLN M 296 -36.40 3.69 63.75
CA GLN M 296 -37.14 3.79 62.50
C GLN M 296 -36.30 3.26 61.34
N ASP M 297 -36.97 3.09 60.21
CA ASP M 297 -36.29 2.87 58.93
C ASP M 297 -36.15 4.23 58.24
N VAL M 298 -34.91 4.62 57.95
CA VAL M 298 -34.60 5.96 57.49
C VAL M 298 -34.12 5.88 56.05
N LEU M 299 -34.59 6.81 55.23
CA LEU M 299 -34.07 7.02 53.89
C LEU M 299 -33.22 8.28 53.92
N LEU M 300 -31.95 8.15 53.59
CA LEU M 300 -31.03 9.29 53.54
C LEU M 300 -30.63 9.53 52.10
N PHE M 301 -31.17 10.60 51.52
CA PHE M 301 -30.81 11.01 50.17
C PHE M 301 -29.80 12.16 50.26
N ILE M 302 -28.63 11.97 49.66
CA ILE M 302 -27.57 12.97 49.69
C ILE M 302 -27.23 13.36 48.26
N ASP M 303 -27.20 14.65 47.99
CA ASP M 303 -26.87 15.17 46.67
C ASP M 303 -26.29 16.56 46.87
N ASN M 304 -24.99 16.75 46.62
CA ASN M 304 -24.10 15.71 46.10
C ASN M 304 -23.00 15.42 47.13
N ILE M 305 -22.66 14.14 47.32
CA ILE M 305 -21.67 13.78 48.33
C ILE M 305 -20.25 14.07 47.90
N PHE M 306 -20.01 14.34 46.61
CA PHE M 306 -18.68 14.75 46.17
C PHE M 306 -18.31 16.12 46.74
N ARG M 307 -19.30 16.98 46.97
CA ARG M 307 -19.04 18.32 47.47
C ARG M 307 -18.48 18.30 48.88
N PHE M 308 -18.75 17.24 49.64
CA PHE M 308 -18.09 17.05 50.93
C PHE M 308 -16.58 16.90 50.76
N THR M 309 -16.17 16.09 49.79
CA THR M 309 -14.76 15.92 49.50
C THR M 309 -14.15 17.19 48.92
N GLN M 310 -14.85 17.82 47.97
CA GLN M 310 -14.33 19.00 47.31
C GLN M 310 -14.14 20.15 48.29
N ALA M 311 -15.08 20.34 49.21
CA ALA M 311 -14.96 21.42 50.18
C ALA M 311 -13.85 21.16 51.18
N GLY M 312 -13.51 19.89 51.41
CA GLY M 312 -12.37 19.59 52.25
C GLY M 312 -11.05 19.88 51.56
N SER M 313 -11.03 19.77 50.23
CA SER M 313 -9.81 20.06 49.49
C SER M 313 -9.57 21.56 49.36
N GLU M 314 -10.64 22.37 49.40
CA GLU M 314 -10.48 23.81 49.25
C GLU M 314 -9.77 24.42 50.45
N VAL M 315 -10.06 23.94 51.65
CA VAL M 315 -9.46 24.50 52.86
C VAL M 315 -8.17 23.79 53.27
N SER M 316 -7.88 22.62 52.70
CA SER M 316 -6.73 21.83 53.15
C SER M 316 -5.40 22.51 52.85
N ALA M 317 -5.33 23.27 51.76
CA ALA M 317 -4.12 24.02 51.46
C ALA M 317 -3.86 25.08 52.51
N LEU M 318 -4.90 25.76 52.98
CA LEU M 318 -4.76 26.78 54.02
C LEU M 318 -4.63 26.20 55.42
N LEU M 319 -4.83 24.89 55.59
CA LEU M 319 -4.59 24.24 56.86
C LEU M 319 -3.15 23.77 57.01
N GLY M 320 -2.30 24.02 56.01
CA GLY M 320 -0.90 23.64 56.08
C GLY M 320 -0.65 22.19 55.71
N ARG M 321 -1.23 21.75 54.60
CA ARG M 321 -1.11 20.36 54.16
C ARG M 321 -0.50 20.30 52.77
N ILE M 322 0.38 19.34 52.57
CA ILE M 322 0.92 19.05 51.23
C ILE M 322 -0.17 18.38 50.40
N PRO M 323 -0.42 18.81 49.17
CA PRO M 323 -1.47 18.17 48.37
C PRO M 323 -1.15 16.74 48.01
N SER M 324 -2.20 15.95 47.82
CA SER M 324 -2.10 14.56 47.42
C SER M 324 -2.11 14.46 45.90
N ALA M 325 -2.30 13.25 45.37
CA ALA M 325 -2.36 13.05 43.93
C ALA M 325 -3.56 13.76 43.32
N VAL M 326 -3.41 14.16 42.06
CA VAL M 326 -4.35 14.99 41.28
C VAL M 326 -4.49 16.38 41.89
N GLY M 327 -4.78 16.43 43.18
CA GLY M 327 -4.82 17.62 43.99
C GLY M 327 -6.07 17.52 44.85
N TYR M 328 -5.85 17.45 46.15
CA TYR M 328 -6.83 16.96 47.12
C TYR M 328 -6.16 17.06 48.49
N GLN M 329 -6.97 16.91 49.53
CA GLN M 329 -6.40 16.77 50.85
C GLN M 329 -5.71 15.41 50.96
N PRO M 330 -4.61 15.33 51.70
CA PRO M 330 -4.00 14.02 51.98
C PRO M 330 -4.89 13.13 52.83
N THR M 331 -5.86 13.69 53.54
CA THR M 331 -6.78 12.95 54.39
C THR M 331 -8.08 12.60 53.69
N LEU M 332 -8.03 12.39 52.37
CA LEU M 332 -9.25 12.18 51.59
C LEU M 332 -9.95 10.88 51.95
N ALA M 333 -9.20 9.78 52.00
CA ALA M 333 -9.81 8.49 52.27
C ALA M 333 -10.26 8.37 53.73
N THR M 334 -9.52 9.02 54.64
CA THR M 334 -9.88 8.96 56.05
C THR M 334 -11.10 9.82 56.36
N ASP M 335 -11.16 11.03 55.79
CA ASP M 335 -12.32 11.89 56.00
C ASP M 335 -13.58 11.30 55.39
N MET M 336 -13.46 10.71 54.19
CA MET M 336 -14.60 10.03 53.59
C MET M 336 -14.98 8.79 54.38
N GLY M 337 -13.99 8.06 54.90
CA GLY M 337 -14.28 6.84 55.64
C GLY M 337 -14.99 7.08 56.95
N THR M 338 -14.60 8.14 57.66
CA THR M 338 -15.29 8.48 58.91
C THR M 338 -16.72 8.94 58.67
N MET M 339 -16.95 9.68 57.58
CA MET M 339 -18.30 10.13 57.26
C MET M 339 -19.17 8.96 56.79
N GLN M 340 -18.65 8.15 55.88
CA GLN M 340 -19.45 7.11 55.24
C GLN M 340 -19.80 5.96 56.18
N GLU M 341 -18.91 5.62 57.11
CA GLU M 341 -19.18 4.50 58.00
C GLU M 341 -20.17 4.84 59.10
N ARG M 342 -20.50 6.12 59.29
CA ARG M 342 -21.64 6.47 60.13
C ARG M 342 -22.96 6.20 59.42
N ILE M 343 -22.97 6.28 58.10
CA ILE M 343 -24.16 6.01 57.29
C ILE M 343 -24.28 4.51 57.10
N THR M 344 -24.93 3.81 58.00
CA THR M 344 -24.97 2.36 57.92
C THR M 344 -26.21 1.83 58.63
N THR M 345 -26.49 0.56 58.39
CA THR M 345 -27.56 -0.14 59.07
C THR M 345 -26.99 -0.80 60.32
N THR M 346 -27.39 -0.30 61.49
CA THR M 346 -27.06 -0.91 62.76
C THR M 346 -28.04 -2.05 63.03
N LYS M 347 -27.83 -2.79 64.12
CA LYS M 347 -28.85 -3.72 64.57
C LYS M 347 -30.03 -3.00 65.22
N LYS M 348 -29.85 -1.74 65.62
CA LYS M 348 -30.95 -0.98 66.19
C LYS M 348 -31.93 -0.53 65.12
N GLY M 349 -31.43 -0.07 63.98
CA GLY M 349 -32.28 0.40 62.91
C GLY M 349 -31.54 0.39 61.60
N SER M 350 -32.28 0.65 60.53
CA SER M 350 -31.74 0.61 59.17
C SER M 350 -31.78 1.99 58.55
N ILE M 351 -30.71 2.33 57.83
CA ILE M 351 -30.65 3.54 57.02
C ILE M 351 -30.41 3.10 55.59
N THR M 352 -31.39 3.32 54.72
CA THR M 352 -31.22 3.12 53.29
C THR M 352 -30.72 4.42 52.69
N SER M 353 -29.47 4.42 52.24
CA SER M 353 -28.80 5.62 51.77
C SER M 353 -28.70 5.62 50.26
N VAL M 354 -29.14 6.71 49.64
CA VAL M 354 -28.97 6.94 48.21
C VAL M 354 -28.16 8.22 48.06
N GLN M 355 -26.94 8.09 47.55
CA GLN M 355 -26.02 9.22 47.45
C GLN M 355 -25.72 9.48 45.98
N ALA M 356 -25.91 10.73 45.55
CA ALA M 356 -25.47 11.15 44.24
C ALA M 356 -23.99 11.53 44.31
N ILE M 357 -23.20 11.01 43.39
CA ILE M 357 -21.75 11.16 43.42
C ILE M 357 -21.30 11.80 42.11
N TYR M 358 -20.76 13.01 42.20
CA TYR M 358 -20.27 13.70 41.01
C TYR M 358 -18.93 13.12 40.60
N VAL M 359 -18.81 12.78 39.32
CA VAL M 359 -17.57 12.25 38.74
C VAL M 359 -16.93 13.38 37.94
N PRO M 360 -15.80 13.94 38.38
CA PRO M 360 -15.23 15.12 37.71
C PRO M 360 -14.69 14.77 36.34
N ALA M 361 -15.20 15.47 35.32
CA ALA M 361 -14.81 15.31 33.91
C ALA M 361 -15.03 13.87 33.42
N ASP M 362 -16.04 13.20 33.98
CA ASP M 362 -16.42 11.83 33.63
C ASP M 362 -15.28 10.83 33.81
N ASP M 363 -14.34 11.14 34.71
CA ASP M 363 -13.18 10.29 34.96
C ASP M 363 -13.45 9.51 36.24
N LEU M 364 -13.85 8.24 36.08
CA LEU M 364 -14.16 7.39 37.22
C LEU M 364 -12.92 7.01 38.01
N THR M 365 -11.73 7.22 37.47
CA THR M 365 -10.48 6.97 38.16
C THR M 365 -10.02 8.18 38.98
N ASP M 366 -10.82 9.23 39.03
CA ASP M 366 -10.56 10.34 39.92
C ASP M 366 -10.60 9.85 41.36
N PRO M 367 -9.72 10.34 42.24
CA PRO M 367 -9.64 9.77 43.60
C PRO M 367 -10.90 9.90 44.43
N ALA M 368 -11.76 10.89 44.15
CA ALA M 368 -12.97 11.03 44.96
C ALA M 368 -14.06 10.01 44.57
N PRO M 369 -14.40 9.81 43.29
CA PRO M 369 -15.31 8.68 42.98
C PRO M 369 -14.71 7.32 43.26
N ALA M 370 -13.41 7.16 43.07
CA ALA M 370 -12.78 5.85 43.27
C ALA M 370 -12.82 5.42 44.72
N THR M 371 -12.61 6.36 45.65
CA THR M 371 -12.68 6.03 47.06
C THR M 371 -14.12 5.75 47.49
N THR M 372 -15.09 6.35 46.82
CA THR M 372 -16.48 6.17 47.19
C THR M 372 -17.02 4.80 46.77
N PHE M 373 -16.39 4.14 45.81
CA PHE M 373 -16.90 2.86 45.32
C PHE M 373 -16.87 1.79 46.39
N ALA M 374 -15.81 1.77 47.20
CA ALA M 374 -15.65 0.76 48.24
C ALA M 374 -16.63 0.93 49.40
N HIS M 375 -17.34 2.05 49.47
CA HIS M 375 -18.25 2.32 50.56
C HIS M 375 -19.70 1.97 50.24
N LEU M 376 -19.99 1.39 49.08
CA LEU M 376 -21.36 1.25 48.61
C LEU M 376 -21.69 -0.20 48.31
N ASP M 377 -22.90 -0.62 48.71
CA ASP M 377 -23.38 -1.95 48.37
C ASP M 377 -23.80 -2.03 46.90
N ALA M 378 -24.51 -1.01 46.42
CA ALA M 378 -24.94 -0.94 45.03
C ALA M 378 -24.48 0.38 44.44
N THR M 379 -23.85 0.33 43.28
CA THR M 379 -23.41 1.50 42.55
C THR M 379 -24.04 1.49 41.17
N THR M 380 -24.70 2.58 40.80
CA THR M 380 -25.24 2.75 39.45
C THR M 380 -24.51 3.89 38.78
N VAL M 381 -23.72 3.56 37.76
CA VAL M 381 -22.92 4.55 37.04
C VAL M 381 -23.75 5.07 35.87
N LEU M 382 -23.93 6.39 35.83
CA LEU M 382 -24.63 7.04 34.74
C LEU M 382 -23.60 7.51 33.72
N SER M 383 -23.76 7.09 32.47
CA SER M 383 -22.77 7.35 31.44
C SER M 383 -23.30 8.39 30.46
N ARG M 384 -22.41 9.29 30.04
CA ARG M 384 -22.77 10.28 29.02
C ARG M 384 -23.01 9.63 27.67
N ALA M 385 -22.27 8.55 27.37
CA ALA M 385 -22.47 7.85 26.11
C ALA M 385 -23.86 7.21 26.03
N ILE M 386 -24.35 6.66 27.14
CA ILE M 386 -25.70 6.13 27.18
C ILE M 386 -26.72 7.24 27.04
N ALA M 387 -26.48 8.38 27.71
CA ALA M 387 -27.40 9.51 27.65
C ALA M 387 -27.43 10.14 26.27
N GLU M 388 -26.31 10.17 25.56
CA GLU M 388 -26.28 10.78 24.24
C GLU M 388 -27.05 9.96 23.22
N LEU M 389 -27.17 8.65 23.42
CA LEU M 389 -27.99 7.82 22.55
C LEU M 389 -29.48 8.06 22.73
N GLY M 390 -29.88 8.83 23.74
CA GLY M 390 -31.28 9.05 24.05
C GLY M 390 -31.83 8.14 25.11
N ILE M 391 -31.03 7.19 25.62
CA ILE M 391 -31.48 6.25 26.64
C ILE M 391 -31.53 6.96 27.98
N TYR M 392 -32.71 6.97 28.60
CA TYR M 392 -32.87 7.57 29.92
C TYR M 392 -33.69 6.61 30.77
N PRO M 393 -33.22 6.25 31.98
CA PRO M 393 -32.00 6.71 32.67
C PRO M 393 -30.71 6.17 32.05
N ALA M 394 -29.61 6.91 32.22
CA ALA M 394 -28.37 6.64 31.50
C ALA M 394 -27.46 5.67 32.24
N VAL M 395 -28.05 4.75 33.01
CA VAL M 395 -27.26 3.78 33.76
C VAL M 395 -26.46 2.91 32.81
N ASP M 396 -25.15 2.87 33.02
CA ASP M 396 -24.29 1.98 32.26
C ASP M 396 -24.55 0.54 32.71
N PRO M 397 -24.98 -0.35 31.83
CA PRO M 397 -25.28 -1.72 32.27
C PRO M 397 -24.03 -2.53 32.59
N LEU M 398 -22.90 -2.19 31.99
CA LEU M 398 -21.65 -2.90 32.19
C LEU M 398 -20.69 -2.15 33.10
N ASP M 399 -21.21 -1.21 33.87
CA ASP M 399 -20.41 -0.50 34.87
C ASP M 399 -21.13 -0.36 36.20
N SER M 400 -22.38 -0.81 36.31
CA SER M 400 -23.16 -0.70 37.53
C SER M 400 -23.27 -2.07 38.17
N THR M 401 -22.93 -2.16 39.46
CA THR M 401 -22.89 -3.41 40.18
C THR M 401 -23.72 -3.31 41.45
N SER M 402 -24.16 -4.48 41.93
CA SER M 402 -24.85 -4.58 43.20
C SER M 402 -24.29 -5.76 43.97
N ARG M 403 -24.39 -5.67 45.30
CA ARG M 403 -23.91 -6.74 46.14
C ARG M 403 -24.91 -7.88 46.25
N ILE M 404 -26.19 -7.59 46.07
CA ILE M 404 -27.24 -8.60 46.23
C ILE M 404 -27.56 -9.25 44.89
N LEU M 405 -26.75 -8.96 43.87
CA LEU M 405 -26.88 -9.62 42.57
C LEU M 405 -26.29 -11.02 42.70
N ASP M 406 -27.07 -11.90 43.32
CA ASP M 406 -26.67 -13.26 43.62
C ASP M 406 -27.83 -14.19 43.30
N PRO M 407 -27.54 -15.43 42.88
CA PRO M 407 -28.63 -16.39 42.66
C PRO M 407 -29.40 -16.73 43.92
N ASN M 408 -28.77 -16.65 45.08
CA ASN M 408 -29.38 -17.04 46.34
C ASN M 408 -30.10 -15.89 47.03
N ILE M 409 -30.07 -14.69 46.47
CA ILE M 409 -30.69 -13.52 47.06
C ILE M 409 -31.90 -13.06 46.25
N ILE M 410 -31.74 -12.92 44.94
CA ILE M 410 -32.80 -12.44 44.07
C ILE M 410 -33.41 -13.55 43.23
N GLY M 411 -32.98 -14.78 43.41
CA GLY M 411 -33.51 -15.88 42.64
C GLY M 411 -32.62 -16.24 41.45
N GLU M 412 -32.81 -17.46 40.95
CA GLU M 412 -32.00 -17.95 39.84
C GLU M 412 -32.43 -17.33 38.51
N GLU M 413 -33.73 -17.13 38.32
CA GLU M 413 -34.22 -16.56 37.06
C GLU M 413 -33.82 -15.10 36.92
N HIS M 414 -33.91 -14.33 38.00
CA HIS M 414 -33.49 -12.93 37.97
C HIS M 414 -32.00 -12.81 37.68
N TYR M 415 -31.19 -13.65 38.33
CA TYR M 415 -29.74 -13.60 38.13
C TYR M 415 -29.35 -14.02 36.72
N ASN M 416 -29.99 -15.07 36.19
CA ASN M 416 -29.60 -15.58 34.89
C ASN M 416 -29.99 -14.63 33.77
N ILE M 417 -31.13 -13.95 33.90
CA ILE M 417 -31.53 -12.98 32.89
C ILE M 417 -30.62 -11.76 32.95
N ALA M 418 -30.28 -11.30 34.16
CA ALA M 418 -29.39 -10.15 34.30
C ALA M 418 -28.00 -10.43 33.74
N ARG M 419 -27.46 -11.62 34.02
CA ARG M 419 -26.17 -11.99 33.45
C ARG M 419 -26.29 -12.21 31.94
N GLY M 420 -27.42 -12.74 31.50
CA GLY M 420 -27.64 -12.90 30.06
C GLY M 420 -27.74 -11.59 29.33
N VAL M 421 -28.37 -10.58 29.96
CA VAL M 421 -28.46 -9.26 29.36
C VAL M 421 -27.08 -8.62 29.26
N GLN M 422 -26.28 -8.74 30.33
CA GLN M 422 -24.94 -8.15 30.32
C GLN M 422 -24.01 -8.85 29.35
N LYS M 423 -24.26 -10.14 29.10
CA LYS M 423 -23.44 -10.86 28.12
C LYS M 423 -23.73 -10.41 26.70
N ILE M 424 -25.02 -10.17 26.39
CA ILE M 424 -25.38 -9.69 25.06
C ILE M 424 -24.86 -8.28 24.83
N LEU M 425 -24.94 -7.42 25.85
CA LEU M 425 -24.47 -6.05 25.70
C LEU M 425 -22.95 -5.98 25.61
N GLN M 426 -22.25 -6.93 26.26
CA GLN M 426 -20.79 -6.96 26.13
C GLN M 426 -20.37 -7.50 24.77
N ASP M 427 -21.06 -8.53 24.27
CA ASP M 427 -20.78 -9.03 22.93
C ASP M 427 -21.13 -8.00 21.87
N TYR M 428 -22.13 -7.14 22.14
CA TYR M 428 -22.48 -6.08 21.21
C TYR M 428 -21.34 -5.07 21.08
N LYS M 429 -20.70 -4.71 22.19
CA LYS M 429 -19.57 -3.81 22.15
C LYS M 429 -18.38 -4.43 21.42
N SER M 430 -18.17 -5.74 21.61
CA SER M 430 -17.09 -6.43 20.90
C SER M 430 -17.37 -6.49 19.40
N LEU M 431 -18.62 -6.69 19.02
CA LEU M 431 -18.97 -6.83 17.61
C LEU M 431 -18.99 -5.51 16.86
N GLN M 432 -19.04 -4.37 17.56
CA GLN M 432 -19.17 -3.09 16.88
C GLN M 432 -17.92 -2.75 16.08
N ASP M 433 -16.76 -3.26 16.48
CA ASP M 433 -15.54 -3.01 15.70
C ASP M 433 -15.55 -3.80 14.40
N ILE M 434 -16.11 -5.00 14.42
CA ILE M 434 -16.26 -5.78 13.19
C ILE M 434 -17.28 -5.13 12.27
N ILE M 435 -18.34 -4.55 12.85
CA ILE M 435 -19.34 -3.84 12.07
C ILE M 435 -18.73 -2.62 11.38
N ALA M 436 -17.79 -1.95 12.06
CA ALA M 436 -17.14 -0.79 11.47
C ALA M 436 -16.28 -1.16 10.26
N ILE M 437 -15.60 -2.30 10.33
CA ILE M 437 -14.65 -2.67 9.28
C ILE M 437 -15.30 -3.59 8.26
N LEU M 438 -15.84 -4.72 8.71
CA LEU M 438 -16.42 -5.68 7.79
C LEU M 438 -17.77 -5.23 7.26
N GLY M 439 -18.52 -4.46 8.04
CA GLY M 439 -19.86 -4.08 7.67
C GLY M 439 -20.89 -5.09 8.13
N MET M 440 -22.16 -4.65 8.09
CA MET M 440 -23.26 -5.51 8.51
C MET M 440 -23.53 -6.63 7.52
N ASP M 441 -23.03 -6.52 6.28
CA ASP M 441 -23.29 -7.54 5.27
C ASP M 441 -22.65 -8.88 5.63
N GLU M 442 -21.43 -8.84 6.15
CA GLU M 442 -20.68 -10.06 6.46
C GLU M 442 -20.57 -10.18 7.98
N LEU M 443 -21.60 -10.79 8.58
CA LEU M 443 -21.61 -11.00 10.02
C LEU M 443 -22.13 -12.36 10.46
N SER M 444 -22.76 -13.15 9.57
CA SER M 444 -23.46 -14.40 9.85
C SER M 444 -24.68 -14.19 10.74
N GLU M 445 -25.64 -15.11 10.64
CA GLU M 445 -26.95 -14.90 11.26
C GLU M 445 -26.89 -14.95 12.78
N GLU M 446 -25.85 -15.59 13.34
CA GLU M 446 -25.71 -15.60 14.79
C GLU M 446 -25.41 -14.21 15.33
N ASP M 447 -24.42 -13.52 14.74
CA ASP M 447 -24.11 -12.17 15.17
C ASP M 447 -25.18 -11.17 14.74
N LYS M 448 -25.96 -11.52 13.71
CA LYS M 448 -27.12 -10.69 13.35
C LYS M 448 -28.13 -10.69 14.49
N LEU M 449 -28.39 -11.85 15.09
CA LEU M 449 -29.33 -11.92 16.19
C LEU M 449 -28.74 -11.32 17.46
N ILE M 450 -27.42 -11.37 17.61
CA ILE M 450 -26.79 -10.76 18.78
C ILE M 450 -26.94 -9.25 18.74
N VAL M 451 -26.66 -8.64 17.58
CA VAL M 451 -26.78 -7.18 17.44
C VAL M 451 -28.23 -6.75 17.54
N SER M 452 -29.15 -7.48 16.90
CA SER M 452 -30.56 -7.10 16.90
C SER M 452 -31.16 -7.19 18.30
N ARG M 453 -30.84 -8.25 19.05
CA ARG M 453 -31.38 -8.37 20.39
C ARG M 453 -30.71 -7.41 21.36
N ALA M 454 -29.44 -7.05 21.11
CA ALA M 454 -28.76 -6.08 21.97
C ALA M 454 -29.37 -4.70 21.82
N ARG M 455 -29.68 -4.29 20.60
CA ARG M 455 -30.33 -3.00 20.39
C ARG M 455 -31.73 -2.98 21.01
N LYS M 456 -32.45 -4.10 20.89
CA LYS M 456 -33.74 -4.20 21.56
C LYS M 456 -33.60 -4.14 23.08
N ILE M 457 -32.57 -4.79 23.61
CA ILE M 457 -32.32 -4.73 25.06
C ILE M 457 -31.90 -3.33 25.47
N GLN M 458 -31.02 -2.70 24.67
CA GLN M 458 -30.51 -1.38 25.03
C GLN M 458 -31.61 -0.32 24.99
N ARG M 459 -32.51 -0.41 24.01
CA ARG M 459 -33.66 0.50 23.99
C ARG M 459 -34.59 0.22 25.15
N PHE M 460 -34.78 -1.05 25.49
CA PHE M 460 -35.74 -1.43 26.54
C PHE M 460 -35.26 -1.06 27.93
N LEU M 461 -33.95 -0.83 28.11
CA LEU M 461 -33.46 -0.35 29.40
C LEU M 461 -33.91 1.08 29.70
N SER M 462 -34.21 1.85 28.67
CA SER M 462 -34.73 3.20 28.87
C SER M 462 -36.16 3.14 29.41
N GLN M 463 -36.54 4.21 30.11
CA GLN M 463 -37.84 4.25 30.76
C GLN M 463 -38.24 5.69 31.06
N PRO M 464 -39.48 6.09 30.78
CA PRO M 464 -39.92 7.43 31.14
C PRO M 464 -40.10 7.58 32.64
N PHE M 465 -39.66 8.72 33.16
CA PHE M 465 -39.75 9.03 34.58
C PHE M 465 -40.90 9.99 34.83
N GLN M 466 -41.59 9.80 35.96
CA GLN M 466 -42.67 10.70 36.33
C GLN M 466 -42.15 12.10 36.64
N VAL M 467 -40.99 12.19 37.28
CA VAL M 467 -40.40 13.48 37.59
C VAL M 467 -39.80 14.16 36.36
N ALA M 468 -39.61 13.42 35.27
CA ALA M 468 -39.11 13.98 34.03
C ALA M 468 -40.18 14.16 32.97
N GLU M 469 -41.46 14.07 33.37
CA GLU M 469 -42.55 14.23 32.42
C GLU M 469 -42.61 15.65 31.87
N VAL M 470 -42.33 16.64 32.71
CA VAL M 470 -42.34 18.03 32.26
C VAL M 470 -41.18 18.29 31.29
N PHE M 471 -40.09 17.54 31.40
CA PHE M 471 -38.98 17.71 30.47
C PHE M 471 -39.34 17.19 29.08
N THR M 472 -39.92 16.00 29.02
CA THR M 472 -40.07 15.27 27.76
C THR M 472 -41.49 15.23 27.24
N GLY M 473 -42.48 15.14 28.12
CA GLY M 473 -43.87 14.97 27.73
C GLY M 473 -44.36 13.54 27.83
N HIS M 474 -43.45 12.57 27.92
CA HIS M 474 -43.86 11.18 28.11
C HIS M 474 -44.36 10.97 29.53
N ALA M 475 -45.47 10.24 29.65
CA ALA M 475 -46.01 9.92 30.96
C ALA M 475 -45.09 8.99 31.72
N GLY M 476 -44.96 9.23 33.02
CA GLY M 476 -44.11 8.39 33.84
C GLY M 476 -44.73 7.02 34.06
N LYS M 477 -43.85 6.02 34.16
CA LYS M 477 -44.30 4.64 34.29
C LYS M 477 -43.49 3.93 35.38
N LEU M 478 -44.19 3.13 36.18
CA LEU M 478 -43.57 2.32 37.21
C LEU M 478 -43.75 0.85 36.83
N VAL M 479 -42.65 0.09 36.89
CA VAL M 479 -42.61 -1.27 36.38
C VAL M 479 -42.33 -2.20 37.55
N PRO M 480 -43.15 -3.21 37.79
CA PRO M 480 -42.84 -4.21 38.80
C PRO M 480 -41.63 -5.05 38.39
N ILE M 481 -41.00 -5.65 39.39
CA ILE M 481 -39.81 -6.47 39.15
C ILE M 481 -40.15 -7.70 38.32
N LYS M 482 -41.35 -8.27 38.54
CA LYS M 482 -41.76 -9.45 37.79
C LYS M 482 -41.95 -9.13 36.30
N ASP M 483 -42.49 -7.95 35.99
CA ASP M 483 -42.66 -7.56 34.59
C ASP M 483 -41.32 -7.26 33.93
N THR M 484 -40.36 -6.74 34.71
CA THR M 484 -39.02 -6.49 34.16
C THR M 484 -38.32 -7.79 33.81
N ILE M 485 -38.42 -8.79 34.70
CA ILE M 485 -37.78 -10.08 34.45
C ILE M 485 -38.43 -10.78 33.26
N LYS M 486 -39.77 -10.74 33.19
CA LYS M 486 -40.47 -11.35 32.07
C LYS M 486 -40.18 -10.64 30.76
N GLY M 487 -40.09 -9.30 30.80
CA GLY M 487 -39.85 -8.55 29.59
C GLY M 487 -38.48 -8.80 28.98
N PHE M 488 -37.44 -8.86 29.83
CA PHE M 488 -36.10 -9.11 29.31
C PHE M 488 -35.89 -10.57 28.96
N LYS M 489 -36.64 -11.48 29.61
CA LYS M 489 -36.57 -12.89 29.24
C LYS M 489 -37.12 -13.12 27.84
N MET M 490 -38.18 -12.38 27.48
CA MET M 490 -38.75 -12.51 26.14
C MET M 490 -37.78 -12.04 25.06
N ILE M 491 -37.03 -10.96 25.33
CA ILE M 491 -36.07 -10.46 24.36
C ILE M 491 -34.89 -11.41 24.24
N LEU M 492 -34.44 -11.98 25.36
CA LEU M 492 -33.34 -12.93 25.33
C LEU M 492 -33.73 -14.23 24.64
N ASN M 493 -34.98 -14.69 24.85
CA ASN M 493 -35.44 -15.91 24.21
C ASN M 493 -35.64 -15.72 22.72
N GLY M 494 -35.81 -14.48 22.25
CA GLY M 494 -36.08 -14.24 20.85
C GLY M 494 -37.54 -14.25 20.48
N GLU M 495 -38.45 -14.10 21.44
CA GLU M 495 -39.88 -14.10 21.15
C GLU M 495 -40.31 -12.85 20.38
N LEU M 496 -39.55 -11.77 20.47
CA LEU M 496 -39.91 -10.50 19.87
C LEU M 496 -38.91 -10.07 18.81
N ASP M 497 -38.35 -11.03 18.08
CA ASP M 497 -37.40 -10.71 17.02
C ASP M 497 -38.08 -10.06 15.82
N HIS M 498 -39.39 -10.24 15.66
CA HIS M 498 -40.12 -9.63 14.56
C HIS M 498 -40.54 -8.19 14.85
N LEU M 499 -40.48 -7.76 16.10
CA LEU M 499 -40.83 -6.39 16.47
C LEU M 499 -39.72 -5.42 16.06
N PRO M 500 -40.08 -4.20 15.68
CA PRO M 500 -39.06 -3.17 15.47
C PRO M 500 -38.45 -2.73 16.78
N GLU M 501 -37.23 -2.21 16.71
CA GLU M 501 -36.53 -1.78 17.91
C GLU M 501 -37.03 -0.45 18.45
N VAL M 502 -37.79 0.31 17.65
CA VAL M 502 -38.33 1.58 18.13
C VAL M 502 -39.46 1.34 19.13
N ALA M 503 -40.11 0.19 19.07
CA ALA M 503 -41.18 -0.14 20.00
C ALA M 503 -40.67 -0.39 21.42
N PHE M 504 -39.36 -0.60 21.59
CA PHE M 504 -38.77 -0.84 22.90
C PHE M 504 -38.32 0.44 23.60
N TYR M 505 -38.45 1.59 22.94
CA TYR M 505 -37.88 2.84 23.43
C TYR M 505 -38.91 3.58 24.28
N MET M 506 -38.55 3.84 25.54
CA MET M 506 -39.33 4.64 26.49
C MET M 506 -40.72 4.05 26.72
N VAL M 507 -40.75 2.78 27.13
CA VAL M 507 -41.97 2.09 27.47
C VAL M 507 -41.73 1.26 28.73
N GLY M 508 -42.72 1.25 29.62
CA GLY M 508 -42.56 0.59 30.90
C GLY M 508 -42.53 -0.93 30.83
N PRO M 509 -43.69 -1.54 30.58
CA PRO M 509 -43.73 -3.01 30.51
C PRO M 509 -43.51 -3.54 29.11
N ILE M 510 -43.47 -4.87 28.97
CA ILE M 510 -43.34 -5.47 27.65
C ILE M 510 -44.67 -5.52 26.92
N GLU M 511 -45.80 -5.38 27.64
CA GLU M 511 -47.09 -5.31 26.97
C GLU M 511 -47.25 -3.99 26.22
N GLU M 512 -46.61 -2.93 26.71
CA GLU M 512 -46.62 -1.67 25.99
C GLU M 512 -45.70 -1.71 24.78
N VAL M 513 -44.71 -2.61 24.79
CA VAL M 513 -43.86 -2.79 23.60
C VAL M 513 -44.67 -3.38 22.46
N VAL M 514 -45.51 -4.38 22.77
CA VAL M 514 -46.36 -4.98 21.75
C VAL M 514 -47.41 -3.97 21.26
N ALA M 515 -47.98 -3.20 22.19
CA ALA M 515 -49.00 -2.21 21.81
C ALA M 515 -48.40 -1.10 20.98
N LYS M 516 -47.17 -0.66 21.31
CA LYS M 516 -46.53 0.38 20.52
C LYS M 516 -46.15 -0.12 19.13
N ALA M 517 -45.73 -1.39 19.04
CA ALA M 517 -45.41 -1.97 17.74
C ALA M 517 -46.66 -2.11 16.87
N GLU M 518 -47.78 -2.51 17.47
CA GLU M 518 -49.04 -2.61 16.73
C GLU M 518 -49.51 -1.22 16.28
N LYS M 519 -49.34 -0.21 17.13
CA LYS M 519 -49.71 1.15 16.76
C LYS M 519 -48.85 1.67 15.62
N ILE M 520 -47.54 1.37 15.65
CA ILE M 520 -46.65 1.77 14.57
C ILE M 520 -47.02 1.08 13.27
N ALA M 521 -47.29 -0.23 13.34
CA ALA M 521 -47.66 -0.99 12.15
C ALA M 521 -49.00 -0.53 11.58
N GLU M 522 -49.96 -0.23 12.45
CA GLU M 522 -51.28 0.20 11.98
C GLU M 522 -51.21 1.60 11.39
N SER M 523 -50.40 2.49 11.99
CA SER M 523 -50.30 3.85 11.47
C SER M 523 -49.52 3.89 10.16
N GLN M 524 -48.41 3.17 10.08
CA GLN M 524 -47.58 3.16 8.88
C GLN M 524 -48.23 2.33 7.77
N SER N 56 36.38 11.44 64.75
CA SER N 56 35.53 12.01 65.79
C SER N 56 34.36 11.09 66.13
N ASN N 57 33.58 11.48 67.13
CA ASN N 57 32.43 10.71 67.59
C ASN N 57 31.16 11.53 67.35
N GLY N 58 30.17 10.91 66.72
CA GLY N 58 28.93 11.59 66.42
C GLY N 58 27.76 11.06 67.21
N GLN N 59 26.72 11.88 67.36
CA GLN N 59 25.50 11.50 68.05
C GLN N 59 24.32 11.71 67.14
N ILE N 60 23.39 10.75 67.16
CA ILE N 60 22.17 10.87 66.36
C ILE N 60 21.34 12.03 66.86
N THR N 61 20.97 12.92 65.96
CA THR N 61 20.08 14.02 66.29
C THR N 61 18.75 13.97 65.57
N ALA N 62 18.61 13.13 64.54
CA ALA N 62 17.33 12.98 63.85
C ALA N 62 17.26 11.62 63.18
N VAL N 63 16.10 10.97 63.30
CA VAL N 63 15.80 9.74 62.59
C VAL N 63 14.46 9.93 61.90
N ILE N 64 14.47 10.07 60.58
CA ILE N 64 13.26 10.22 59.79
C ILE N 64 13.31 9.15 58.70
N GLY N 65 12.68 8.00 58.96
CA GLY N 65 12.71 6.91 58.00
C GLY N 65 14.11 6.34 57.88
N ALA N 66 14.59 6.26 56.65
CA ALA N 66 15.94 5.78 56.38
C ALA N 66 16.97 6.90 56.37
N VAL N 67 16.56 8.13 56.64
CA VAL N 67 17.46 9.28 56.66
C VAL N 67 17.76 9.61 58.12
N VAL N 68 19.04 9.61 58.47
CA VAL N 68 19.50 9.86 59.84
C VAL N 68 20.44 11.05 59.81
N ASP N 69 20.19 12.02 60.68
CA ASP N 69 21.08 13.17 60.87
C ASP N 69 21.95 12.91 62.08
N VAL N 70 23.26 13.08 61.91
CA VAL N 70 24.25 12.85 62.96
C VAL N 70 25.04 14.13 63.14
N GLN N 71 25.20 14.55 64.39
CA GLN N 71 26.00 15.72 64.72
C GLN N 71 27.31 15.28 65.36
N PHE N 72 28.41 15.79 64.84
CA PHE N 72 29.75 15.44 65.30
C PHE N 72 30.35 16.57 66.12
N GLU N 73 31.37 16.22 66.91
CA GLU N 73 31.97 17.20 67.82
C GLU N 73 32.93 18.14 67.08
N ASP N 74 34.04 17.60 66.57
CA ASP N 74 35.04 18.42 65.91
C ASP N 74 35.23 18.07 64.44
N GLN N 75 35.53 16.83 64.11
CA GLN N 75 35.89 16.43 62.75
C GLN N 75 34.67 15.83 62.07
N LEU N 76 34.18 16.51 61.05
CA LEU N 76 33.06 15.99 60.28
C LEU N 76 33.56 14.95 59.27
N PRO N 77 32.84 13.83 59.12
CA PRO N 77 33.19 12.88 58.07
C PRO N 77 32.91 13.48 56.70
N PRO N 78 33.70 13.14 55.70
CA PRO N 78 33.39 13.59 54.33
C PRO N 78 32.11 12.97 53.81
N ILE N 79 31.61 13.57 52.73
CA ILE N 79 30.47 12.99 52.01
C ILE N 79 30.90 11.67 51.38
N LEU N 80 30.00 10.69 51.42
CA LEU N 80 30.11 9.29 50.98
C LEU N 80 30.93 8.45 51.94
N ASN N 81 31.30 8.98 53.11
CA ASN N 81 31.92 8.17 54.13
C ASN N 81 30.90 7.24 54.76
N ALA N 82 31.40 6.21 55.42
CA ALA N 82 30.56 5.23 56.10
C ALA N 82 30.61 5.48 57.60
N LEU N 83 29.45 5.56 58.22
CA LEU N 83 29.31 5.75 59.66
C LEU N 83 28.64 4.54 60.26
N GLU N 84 29.14 4.08 61.40
CA GLU N 84 28.61 2.90 62.06
C GLU N 84 27.93 3.29 63.37
N VAL N 85 26.68 2.85 63.52
CA VAL N 85 25.94 3.07 64.76
C VAL N 85 26.44 2.10 65.82
N GLN N 86 26.74 2.62 67.01
CA GLN N 86 27.45 1.87 68.05
C GLN N 86 26.52 1.26 69.09
N GLY N 87 25.32 0.87 68.71
CA GLY N 87 24.43 0.23 69.66
C GLY N 87 23.56 -0.85 69.06
N ARG N 88 23.89 -1.29 67.85
CA ARG N 88 23.06 -2.22 67.10
C ARG N 88 23.74 -3.58 67.02
N SER N 89 22.94 -4.64 67.09
CA SER N 89 23.47 -5.99 66.99
C SER N 89 23.82 -6.32 65.54
N PRO N 90 23.04 -5.88 64.52
CA PRO N 90 23.62 -5.79 63.18
C PRO N 90 24.48 -4.54 63.02
N ARG N 91 24.96 -4.27 61.82
CA ARG N 91 25.93 -3.19 61.64
C ARG N 91 25.26 -1.81 61.65
N LEU N 92 24.30 -1.61 60.74
CA LEU N 92 23.67 -0.30 60.47
C LEU N 92 24.73 0.75 60.10
N ILE N 93 25.29 0.53 58.92
CA ILE N 93 26.20 1.50 58.32
C ILE N 93 25.39 2.66 57.76
N LEU N 94 25.82 3.88 58.05
CA LEU N 94 25.20 5.09 57.52
C LEU N 94 26.17 5.76 56.55
N GLU N 95 25.67 6.14 55.38
CA GLU N 95 26.47 6.77 54.34
C GLU N 95 26.14 8.25 54.28
N VAL N 96 27.16 9.10 54.46
CA VAL N 96 26.95 10.54 54.51
C VAL N 96 26.55 11.05 53.13
N ALA N 97 25.46 11.83 53.08
CA ALA N 97 24.95 12.39 51.84
C ALA N 97 25.27 13.87 51.69
N GLN N 98 25.16 14.64 52.76
CA GLN N 98 25.42 16.08 52.68
C GLN N 98 25.72 16.62 54.08
N HIS N 99 26.38 17.77 54.10
CA HIS N 99 26.65 18.51 55.33
C HIS N 99 25.58 19.58 55.48
N LEU N 100 24.84 19.53 56.58
CA LEU N 100 23.73 20.44 56.78
C LEU N 100 24.13 21.72 57.48
N GLY N 101 25.38 21.84 57.91
CA GLY N 101 25.81 22.96 58.71
C GLY N 101 25.65 22.68 60.20
N GLU N 102 26.35 23.50 61.00
CA GLU N 102 26.40 23.37 62.46
C GLU N 102 26.88 21.98 62.87
N ASN N 103 27.90 21.48 62.17
CA ASN N 103 28.54 20.19 62.44
C ASN N 103 27.57 19.02 62.35
N THR N 104 26.56 19.13 61.49
CA THR N 104 25.58 18.07 61.31
C THR N 104 25.65 17.57 59.88
N VAL N 105 25.67 16.26 59.72
CA VAL N 105 25.63 15.63 58.40
C VAL N 105 24.31 14.88 58.27
N ARG N 106 23.88 14.69 57.02
CA ARG N 106 22.68 13.93 56.72
C ARG N 106 23.08 12.64 56.03
N THR N 107 22.61 11.52 56.56
CA THR N 107 23.03 10.20 56.10
C THR N 107 21.84 9.41 55.61
N ILE N 108 22.13 8.40 54.80
CA ILE N 108 21.15 7.41 54.38
C ILE N 108 21.55 6.07 54.98
N ALA N 109 20.56 5.32 55.46
CA ALA N 109 20.81 4.08 56.18
C ALA N 109 20.87 2.90 55.23
N MET N 110 21.82 2.02 55.49
CA MET N 110 21.95 0.78 54.73
C MET N 110 21.11 -0.35 55.29
N ASP N 111 20.48 -0.14 56.45
CA ASP N 111 19.61 -1.14 57.07
C ASP N 111 18.47 -0.40 57.74
N GLY N 112 17.61 -1.14 58.44
CA GLY N 112 16.46 -0.55 59.07
C GLY N 112 16.83 0.28 60.28
N THR N 113 16.24 1.47 60.38
CA THR N 113 16.40 2.34 61.54
C THR N 113 15.26 2.09 62.54
N GLU N 114 15.20 0.85 63.02
CA GLU N 114 14.03 0.40 63.77
C GLU N 114 13.97 1.04 65.15
N GLY N 115 14.99 0.81 65.97
CA GLY N 115 14.96 1.33 67.33
C GLY N 115 16.05 2.33 67.65
N LEU N 116 16.35 3.22 66.70
CA LEU N 116 17.37 4.22 66.92
C LEU N 116 16.89 5.30 67.86
N VAL N 117 17.81 5.83 68.67
CA VAL N 117 17.53 6.83 69.68
C VAL N 117 18.34 8.07 69.35
N ARG N 118 17.75 9.25 69.53
CA ARG N 118 18.50 10.49 69.41
C ARG N 118 19.56 10.56 70.50
N GLY N 119 20.77 10.95 70.13
CA GLY N 119 21.89 10.93 71.05
C GLY N 119 22.70 9.66 71.04
N GLN N 120 22.30 8.66 70.25
CA GLN N 120 23.06 7.42 70.18
C GLN N 120 24.39 7.64 69.49
N ASN N 121 25.43 6.98 70.00
CA ASN N 121 26.78 7.21 69.50
C ASN N 121 26.95 6.60 68.11
N VAL N 122 27.57 7.39 67.22
CA VAL N 122 27.82 6.98 65.85
C VAL N 122 29.32 7.12 65.59
N LEU N 123 29.93 6.06 65.07
CA LEU N 123 31.36 6.02 64.84
C LEU N 123 31.66 6.28 63.37
N ASP N 124 32.59 7.19 63.11
CA ASP N 124 33.05 7.46 61.75
C ASP N 124 34.16 6.48 61.41
N THR N 125 33.95 5.69 60.36
CA THR N 125 34.94 4.70 59.95
C THR N 125 36.13 5.31 59.23
N GLY N 126 36.03 6.55 58.78
CA GLY N 126 37.13 7.27 58.16
C GLY N 126 37.21 7.12 56.66
N ALA N 127 36.52 6.14 56.11
CA ALA N 127 36.55 5.84 54.69
C ALA N 127 35.12 5.56 54.22
N PRO N 128 34.87 5.45 52.91
CA PRO N 128 33.56 4.92 52.48
C PRO N 128 33.38 3.45 52.83
N ILE N 129 32.26 2.87 52.41
CA ILE N 129 31.95 1.47 52.69
C ILE N 129 33.03 0.59 52.07
N LYS N 130 33.79 -0.10 52.91
CA LYS N 130 34.84 -0.99 52.46
C LYS N 130 34.39 -2.44 52.61
N ILE N 131 34.62 -3.23 51.57
CA ILE N 131 34.12 -4.61 51.49
C ILE N 131 35.33 -5.51 51.32
N PRO N 132 35.23 -6.79 51.68
CA PRO N 132 36.28 -7.74 51.33
C PRO N 132 36.38 -7.92 49.82
N VAL N 133 37.62 -7.99 49.34
CA VAL N 133 37.89 -8.21 47.92
C VAL N 133 38.99 -9.26 47.81
N GLY N 134 38.88 -10.12 46.80
CA GLY N 134 39.86 -11.14 46.58
C GLY N 134 39.27 -12.44 46.09
N PRO N 135 40.12 -13.46 45.93
CA PRO N 135 39.61 -14.78 45.56
C PRO N 135 38.71 -15.42 46.61
N GLU N 136 38.79 -14.97 47.87
CA GLU N 136 37.95 -15.54 48.92
C GLU N 136 36.50 -15.08 48.81
N THR N 137 36.23 -14.04 48.03
CA THR N 137 34.86 -13.61 47.79
C THR N 137 34.16 -14.44 46.72
N LEU N 138 34.90 -15.29 46.01
CA LEU N 138 34.31 -16.12 44.97
C LEU N 138 33.51 -17.25 45.60
N GLY N 139 32.28 -17.43 45.13
CA GLY N 139 31.40 -18.44 45.67
C GLY N 139 30.66 -18.05 46.93
N ARG N 140 30.92 -16.86 47.46
CA ARG N 140 30.26 -16.36 48.65
C ARG N 140 29.18 -15.36 48.27
N ILE N 141 28.24 -15.15 49.20
CA ILE N 141 27.23 -14.12 49.06
C ILE N 141 27.47 -13.10 50.16
N MET N 142 27.94 -11.92 49.77
CA MET N 142 28.06 -10.82 50.71
C MET N 142 26.81 -9.96 50.60
N ASN N 143 26.81 -8.80 51.24
CA ASN N 143 25.73 -7.83 51.07
C ASN N 143 26.34 -6.49 50.67
N VAL N 144 25.55 -5.42 50.74
CA VAL N 144 25.99 -4.11 50.29
C VAL N 144 27.17 -3.61 51.12
N ILE N 145 27.29 -4.05 52.37
CA ILE N 145 28.37 -3.63 53.25
C ILE N 145 29.42 -4.72 53.41
N GLY N 146 29.36 -5.78 52.61
CA GLY N 146 30.40 -6.79 52.58
C GLY N 146 30.28 -7.88 53.63
N GLU N 147 29.20 -7.92 54.39
CA GLU N 147 29.02 -8.99 55.36
C GLU N 147 28.49 -10.24 54.67
N PRO N 148 29.05 -11.41 54.97
CA PRO N 148 28.57 -12.64 54.31
C PRO N 148 27.17 -13.02 54.78
N ILE N 149 26.28 -13.23 53.81
CA ILE N 149 24.89 -13.56 54.10
C ILE N 149 24.55 -14.98 53.65
N ASP N 150 25.56 -15.82 53.40
CA ASP N 150 25.34 -17.21 53.02
C ASP N 150 25.53 -18.18 54.18
N GLU N 151 25.72 -17.66 55.40
CA GLU N 151 25.84 -18.47 56.62
C GLU N 151 26.97 -19.49 56.54
N ARG N 152 28.10 -19.08 55.95
CA ARG N 152 29.26 -19.95 55.82
C ARG N 152 30.46 -19.42 56.60
N GLY N 153 30.24 -18.48 57.51
CA GLY N 153 31.32 -17.92 58.28
C GLY N 153 31.86 -16.64 57.67
N PRO N 154 32.86 -16.05 58.31
CA PRO N 154 33.41 -14.79 57.79
C PRO N 154 34.20 -15.00 56.51
N ILE N 155 34.30 -13.92 55.74
CA ILE N 155 35.10 -13.89 54.52
C ILE N 155 36.50 -13.44 54.90
N VAL N 156 37.42 -14.39 55.01
CA VAL N 156 38.76 -14.11 55.51
C VAL N 156 39.62 -13.54 54.40
N THR N 157 39.70 -12.22 54.32
CA THR N 157 40.54 -11.53 53.35
C THR N 157 41.43 -10.54 54.08
N ASP N 158 42.60 -10.31 53.51
CA ASP N 158 43.47 -9.23 53.96
C ASP N 158 43.27 -7.95 53.15
N LYS N 159 42.46 -8.02 52.08
CA LYS N 159 42.28 -6.91 51.15
C LYS N 159 40.87 -6.35 51.28
N PHE N 160 40.78 -5.03 51.39
CA PHE N 160 39.52 -4.33 51.43
C PHE N 160 39.56 -3.16 50.46
N ALA N 161 38.40 -2.82 49.90
CA ALA N 161 38.31 -1.73 48.93
C ALA N 161 37.01 -0.97 49.13
N ALA N 162 37.11 0.37 49.08
CA ALA N 162 35.94 1.21 49.22
C ALA N 162 35.05 1.11 47.98
N ILE N 163 33.74 1.12 48.21
CA ILE N 163 32.81 0.96 47.08
C ILE N 163 32.65 2.23 46.26
N HIS N 164 33.16 3.36 46.73
CA HIS N 164 33.13 4.61 45.99
C HIS N 164 34.53 4.87 45.44
N ALA N 165 34.69 4.67 44.14
CA ALA N 165 35.93 4.95 43.46
C ALA N 165 35.62 5.72 42.19
N ASP N 166 36.58 6.52 41.74
CA ASP N 166 36.40 7.26 40.50
C ASP N 166 36.56 6.33 39.31
N ALA N 167 35.98 6.74 38.19
CA ALA N 167 36.18 6.05 36.94
C ALA N 167 37.63 6.16 36.50
N PRO N 168 38.13 5.21 35.71
CA PRO N 168 39.51 5.30 35.23
C PRO N 168 39.73 6.55 34.39
N GLU N 169 40.95 7.09 34.49
CA GLU N 169 41.29 8.35 33.85
C GLU N 169 41.36 8.18 32.34
N PHE N 170 41.47 9.31 31.65
CA PHE N 170 41.57 9.32 30.19
C PHE N 170 42.85 8.65 29.72
N VAL N 171 43.93 8.77 30.49
CA VAL N 171 45.18 8.11 30.14
C VAL N 171 45.05 6.60 30.28
N GLU N 172 44.30 6.14 31.27
CA GLU N 172 44.13 4.71 31.54
C GLU N 172 42.93 4.13 30.80
N MET N 173 42.86 4.34 29.49
CA MET N 173 41.78 3.81 28.68
C MET N 173 42.38 3.04 27.51
N SER N 174 41.93 1.80 27.32
CA SER N 174 42.30 1.06 26.12
C SER N 174 41.61 1.69 24.92
N VAL N 175 42.40 1.98 23.89
CA VAL N 175 41.96 2.88 22.84
C VAL N 175 41.35 2.17 21.64
N GLN N 176 41.55 0.85 21.52
CA GLN N 176 40.96 0.06 20.44
C GLN N 176 40.02 -0.97 21.04
N GLN N 177 38.81 -1.03 20.49
CA GLN N 177 37.82 -1.99 20.97
C GLN N 177 38.18 -3.41 20.54
N GLU N 178 37.93 -4.37 21.43
CA GLU N 178 38.12 -5.78 21.14
C GLU N 178 36.80 -6.52 21.37
N ILE N 179 36.81 -7.81 21.05
CA ILE N 179 35.62 -8.65 21.15
C ILE N 179 35.84 -9.65 22.27
N LEU N 180 34.85 -9.76 23.16
CA LEU N 180 34.86 -10.78 24.20
C LEU N 180 34.25 -12.04 23.61
N VAL N 181 35.09 -13.04 23.35
CA VAL N 181 34.62 -14.30 22.80
C VAL N 181 33.93 -15.08 23.91
N THR N 182 32.60 -15.20 23.82
CA THR N 182 31.80 -15.83 24.85
C THR N 182 31.62 -17.32 24.61
N GLY N 183 32.05 -17.84 23.46
CA GLY N 183 31.85 -19.25 23.17
C GLY N 183 30.44 -19.64 22.79
N ILE N 184 29.56 -18.67 22.62
CA ILE N 184 28.17 -18.91 22.21
C ILE N 184 28.02 -18.43 20.78
N LYS N 185 27.51 -19.30 19.91
CA LYS N 185 27.54 -19.04 18.47
C LYS N 185 26.65 -17.87 18.09
N VAL N 186 25.42 -17.83 18.62
CA VAL N 186 24.50 -16.75 18.27
C VAL N 186 25.00 -15.41 18.81
N VAL N 187 25.64 -15.43 19.98
CA VAL N 187 26.16 -14.20 20.55
C VAL N 187 27.41 -13.75 19.80
N ASP N 188 28.40 -14.63 19.65
CA ASP N 188 29.67 -14.25 19.05
C ASP N 188 29.56 -13.90 17.57
N LEU N 189 28.49 -14.31 16.90
CA LEU N 189 28.34 -13.99 15.48
C LEU N 189 27.54 -12.71 15.26
N LEU N 190 26.30 -12.68 15.73
CA LEU N 190 25.36 -11.65 15.33
C LEU N 190 25.41 -10.41 16.23
N ALA N 191 25.55 -10.59 17.54
CA ALA N 191 25.65 -9.48 18.49
C ALA N 191 26.83 -9.72 19.41
N PRO N 192 28.06 -9.56 18.92
CA PRO N 192 29.23 -9.86 19.74
C PRO N 192 29.39 -8.89 20.90
N TYR N 193 30.01 -9.39 21.96
CA TYR N 193 30.26 -8.59 23.16
C TYR N 193 31.62 -7.93 23.06
N ALA N 194 31.69 -6.67 23.48
CA ALA N 194 32.94 -5.94 23.51
C ALA N 194 33.52 -5.98 24.91
N LYS N 195 34.83 -6.22 25.00
CA LYS N 195 35.49 -6.20 26.29
C LYS N 195 35.50 -4.79 26.86
N GLY N 196 35.07 -4.66 28.10
CA GLY N 196 34.86 -3.35 28.69
C GLY N 196 33.54 -2.70 28.34
N GLY N 197 32.68 -3.38 27.61
CA GLY N 197 31.42 -2.82 27.19
C GLY N 197 30.26 -3.30 28.04
N LYS N 198 29.15 -2.55 27.95
CA LYS N 198 27.91 -2.91 28.61
C LYS N 198 26.97 -3.48 27.56
N ILE N 199 26.32 -4.60 27.88
CA ILE N 199 25.52 -5.27 26.86
C ILE N 199 24.04 -4.97 27.05
N GLY N 200 23.46 -5.40 28.15
CA GLY N 200 22.04 -5.23 28.28
C GLY N 200 21.27 -6.46 27.82
N LEU N 201 20.67 -7.17 28.77
CA LEU N 201 19.98 -8.43 28.50
C LEU N 201 18.48 -8.21 28.58
N PHE N 202 17.78 -8.53 27.50
CA PHE N 202 16.34 -8.33 27.41
C PHE N 202 15.62 -9.67 27.44
N GLY N 203 14.57 -9.75 28.22
CA GLY N 203 13.77 -10.96 28.31
C GLY N 203 13.99 -11.66 29.64
N GLY N 204 12.90 -12.14 30.23
CA GLY N 204 12.96 -12.88 31.47
C GLY N 204 12.05 -14.09 31.47
N ALA N 205 11.84 -14.67 32.65
CA ALA N 205 10.98 -15.85 32.88
C ALA N 205 11.55 -17.03 32.08
N GLY N 206 10.71 -17.80 31.40
CA GLY N 206 11.17 -19.01 30.75
C GLY N 206 11.82 -18.80 29.39
N VAL N 207 12.97 -18.14 29.38
CA VAL N 207 13.73 -17.95 28.16
C VAL N 207 15.16 -18.45 28.39
N GLY N 208 15.36 -19.09 29.54
CA GLY N 208 16.70 -19.55 29.91
C GLY N 208 17.67 -18.44 30.20
N LYS N 209 17.24 -17.39 30.90
CA LYS N 209 18.14 -16.30 31.25
C LYS N 209 19.20 -16.75 32.25
N THR N 210 18.81 -17.57 33.23
CA THR N 210 19.75 -18.05 34.22
C THR N 210 20.80 -18.98 33.60
N VAL N 211 20.37 -19.84 32.68
CA VAL N 211 21.31 -20.75 32.02
C VAL N 211 22.26 -19.97 31.12
N LEU N 212 21.75 -18.92 30.47
CA LEU N 212 22.62 -18.07 29.65
C LEU N 212 23.64 -17.34 30.52
N ILE N 213 23.21 -16.85 31.68
CA ILE N 213 24.12 -16.17 32.60
C ILE N 213 25.18 -17.14 33.12
N MET N 214 24.76 -18.35 33.52
CA MET N 214 25.70 -19.32 34.07
C MET N 214 26.66 -19.83 33.02
N GLU N 215 26.23 -19.89 31.76
CA GLU N 215 27.14 -20.33 30.70
C GLU N 215 28.14 -19.24 30.34
N LEU N 216 27.73 -17.97 30.44
CA LEU N 216 28.69 -16.88 30.27
C LEU N 216 29.76 -16.91 31.36
N ILE N 217 29.36 -17.24 32.59
CA ILE N 217 30.32 -17.40 33.67
C ILE N 217 31.25 -18.55 33.39
N ASN N 218 30.69 -19.67 32.91
CA ASN N 218 31.48 -20.88 32.69
C ASN N 218 32.47 -20.70 31.54
N ASN N 219 32.04 -20.07 30.45
CA ASN N 219 32.90 -19.96 29.27
C ASN N 219 34.00 -18.93 29.46
N VAL N 220 33.69 -17.81 30.12
CA VAL N 220 34.70 -16.78 30.35
C VAL N 220 35.76 -17.28 31.31
N ALA N 221 35.36 -18.06 32.32
CA ALA N 221 36.33 -18.65 33.23
C ALA N 221 37.18 -19.71 32.54
N LYS N 222 36.62 -20.42 31.57
CA LYS N 222 37.38 -21.45 30.86
C LYS N 222 38.26 -20.84 29.78
N ALA N 223 37.66 -20.08 28.86
CA ALA N 223 38.40 -19.59 27.71
C ALA N 223 39.38 -18.49 28.09
N HIS N 224 38.98 -17.58 28.97
CA HIS N 224 39.79 -16.42 29.29
C HIS N 224 40.44 -16.50 30.67
N GLY N 225 39.88 -17.27 31.58
CA GLY N 225 40.39 -17.32 32.94
C GLY N 225 39.89 -16.20 33.84
N GLY N 226 39.04 -15.31 33.33
CA GLY N 226 38.51 -14.24 34.15
C GLY N 226 37.34 -14.68 35.00
N TYR N 227 37.23 -14.06 36.16
CA TYR N 227 36.16 -14.38 37.10
C TYR N 227 34.90 -13.60 36.76
N SER N 228 33.85 -13.80 37.55
CA SER N 228 32.58 -13.15 37.34
C SER N 228 32.07 -12.60 38.66
N VAL N 229 31.26 -11.55 38.58
CA VAL N 229 30.56 -11.00 39.74
C VAL N 229 29.10 -10.84 39.36
N PHE N 230 28.21 -11.38 40.17
CA PHE N 230 26.78 -11.16 40.01
C PHE N 230 26.33 -10.13 41.03
N ALA N 231 25.69 -9.07 40.55
CA ALA N 231 25.16 -8.01 41.40
C ALA N 231 23.65 -8.10 41.35
N GLY N 232 23.06 -8.66 42.40
CA GLY N 232 21.61 -8.72 42.49
C GLY N 232 21.06 -7.47 43.11
N VAL N 233 20.63 -6.54 42.27
CA VAL N 233 20.10 -5.25 42.70
C VAL N 233 18.59 -5.37 42.77
N GLY N 234 18.04 -5.21 43.97
CA GLY N 234 16.62 -5.49 44.15
C GLY N 234 16.28 -6.95 43.93
N GLU N 235 17.12 -7.86 44.42
CA GLU N 235 16.93 -9.28 44.19
C GLU N 235 15.82 -9.81 45.08
N ARG N 236 14.91 -10.58 44.49
CA ARG N 236 13.94 -11.32 45.29
C ARG N 236 14.65 -12.43 46.05
N THR N 237 14.26 -12.62 47.30
CA THR N 237 14.95 -13.61 48.14
C THR N 237 14.67 -15.02 47.67
N ARG N 238 13.45 -15.29 47.18
CA ARG N 238 13.15 -16.59 46.62
C ARG N 238 13.94 -16.83 45.34
N GLU N 239 14.02 -15.81 44.47
CA GLU N 239 14.82 -15.94 43.27
C GLU N 239 16.31 -15.88 43.57
N GLY N 240 16.70 -15.21 44.65
CA GLY N 240 18.08 -15.26 45.08
C GLY N 240 18.49 -16.63 45.59
N ASN N 241 17.59 -17.29 46.32
CA ASN N 241 17.84 -18.65 46.78
C ASN N 241 17.88 -19.62 45.61
N ASP N 242 17.01 -19.42 44.62
CA ASP N 242 16.97 -20.31 43.46
C ASP N 242 18.23 -20.17 42.62
N LEU N 243 18.67 -18.94 42.36
CA LEU N 243 19.85 -18.70 41.54
C LEU N 243 21.11 -19.25 42.21
N TYR N 244 21.22 -19.08 43.53
CA TYR N 244 22.37 -19.59 44.26
C TYR N 244 22.48 -21.10 44.18
N HIS N 245 21.35 -21.80 44.34
CA HIS N 245 21.37 -23.25 44.29
C HIS N 245 21.53 -23.79 42.87
N GLU N 246 21.09 -23.03 41.88
CA GLU N 246 21.35 -23.43 40.49
C GLU N 246 22.82 -23.28 40.13
N MET N 247 23.49 -22.30 40.74
CA MET N 247 24.93 -22.15 40.49
C MET N 247 25.73 -23.25 41.18
N ILE N 248 25.29 -23.69 42.36
CA ILE N 248 25.93 -24.83 43.00
C ILE N 248 25.67 -26.10 42.21
N GLU N 249 24.45 -26.25 41.68
CA GLU N 249 24.09 -27.43 40.90
C GLU N 249 24.89 -27.52 39.61
N SER N 250 25.11 -26.38 38.95
CA SER N 250 25.82 -26.37 37.68
C SER N 250 27.32 -26.31 37.83
N GLY N 251 27.84 -26.21 39.06
CA GLY N 251 29.26 -26.21 39.30
C GLY N 251 29.94 -24.85 39.19
N VAL N 252 29.18 -23.79 38.91
CA VAL N 252 29.77 -22.45 38.88
C VAL N 252 30.21 -22.04 40.28
N ILE N 253 29.40 -22.31 41.29
CA ILE N 253 29.78 -22.13 42.69
C ILE N 253 30.14 -23.48 43.26
N SER N 254 31.35 -23.61 43.79
CA SER N 254 31.80 -24.82 44.43
C SER N 254 31.98 -24.55 45.92
N LEU N 255 31.23 -25.28 46.75
CA LEU N 255 31.33 -25.11 48.18
C LEU N 255 32.47 -25.92 48.80
N LYS N 256 33.10 -26.81 48.04
CA LYS N 256 34.12 -27.70 48.56
C LYS N 256 35.48 -27.51 47.92
N ASP N 257 35.55 -27.47 46.59
CA ASP N 257 36.81 -27.57 45.87
C ASP N 257 37.54 -26.25 45.71
N LYS N 258 36.96 -25.14 46.20
CA LYS N 258 37.53 -23.80 46.05
C LYS N 258 37.74 -23.42 44.59
N THR N 259 36.88 -23.93 43.70
CA THR N 259 36.94 -23.66 42.28
C THR N 259 35.76 -22.81 41.82
N SER N 260 35.26 -21.95 42.70
CA SER N 260 34.15 -21.07 42.34
C SER N 260 34.61 -19.98 41.40
N LYS N 261 33.72 -19.59 40.49
CA LYS N 261 34.03 -18.63 39.45
C LYS N 261 33.23 -17.34 39.54
N VAL N 262 32.26 -17.25 40.44
CA VAL N 262 31.38 -16.09 40.51
C VAL N 262 31.31 -15.63 41.96
N ALA N 263 30.98 -14.35 42.13
CA ALA N 263 30.75 -13.74 43.42
C ALA N 263 29.41 -13.00 43.39
N LEU N 264 28.64 -13.11 44.47
CA LEU N 264 27.31 -12.53 44.57
C LEU N 264 27.28 -11.48 45.66
N VAL N 265 26.47 -10.44 45.47
CA VAL N 265 26.39 -9.38 46.49
C VAL N 265 24.96 -9.18 46.98
N TYR N 266 23.96 -9.51 46.15
CA TYR N 266 22.58 -9.78 46.57
C TYR N 266 21.97 -8.65 47.42
N GLY N 267 21.77 -7.50 46.79
CA GLY N 267 21.00 -6.46 47.44
C GLY N 267 19.52 -6.72 47.34
N GLN N 268 18.91 -7.18 48.43
CA GLN N 268 17.57 -7.73 48.38
C GLN N 268 16.51 -6.63 48.37
N MET N 269 15.27 -7.04 48.08
CA MET N 269 14.18 -6.07 47.91
C MET N 269 13.69 -5.51 49.24
N ASN N 270 13.79 -6.30 50.32
CA ASN N 270 13.32 -5.85 51.62
C ASN N 270 14.33 -4.97 52.35
N GLU N 271 15.31 -4.44 51.64
CA GLU N 271 16.35 -3.57 52.13
C GLU N 271 16.01 -2.12 51.85
N PRO N 272 16.54 -1.18 52.63
CA PRO N 272 16.26 0.24 52.41
C PRO N 272 16.81 0.70 51.07
N PRO N 273 16.30 1.82 50.53
CA PRO N 273 16.76 2.28 49.20
C PRO N 273 18.24 2.61 49.14
N GLY N 274 18.87 2.95 50.26
CA GLY N 274 20.30 3.18 50.25
C GLY N 274 21.09 1.92 49.97
N ALA N 275 20.63 0.78 50.49
CA ALA N 275 21.32 -0.48 50.26
C ALA N 275 21.16 -0.94 48.83
N ARG N 276 19.96 -0.76 48.26
CA ARG N 276 19.72 -1.17 46.88
C ARG N 276 20.39 -0.25 45.87
N ALA N 277 20.64 1.01 46.24
CA ALA N 277 21.32 1.92 45.34
C ALA N 277 22.83 1.67 45.29
N ARG N 278 23.42 1.19 46.39
CA ARG N 278 24.86 1.03 46.49
C ARG N 278 25.33 -0.39 46.22
N VAL N 279 24.43 -1.36 46.07
CA VAL N 279 24.87 -2.74 45.93
C VAL N 279 25.43 -2.99 44.54
N ALA N 280 25.08 -2.16 43.55
CA ALA N 280 25.72 -2.25 42.25
C ALA N 280 27.16 -1.76 42.33
N LEU N 281 27.43 -0.81 43.24
CA LEU N 281 28.78 -0.33 43.47
C LEU N 281 29.58 -1.35 44.27
N THR N 282 28.92 -2.17 45.08
CA THR N 282 29.60 -3.20 45.84
C THR N 282 30.07 -4.32 44.92
N GLY N 283 29.20 -4.77 44.02
CA GLY N 283 29.60 -5.78 43.05
C GLY N 283 30.63 -5.25 42.05
N LEU N 284 30.53 -3.96 41.71
CA LEU N 284 31.52 -3.34 40.84
C LEU N 284 32.88 -3.28 41.50
N THR N 285 32.92 -3.10 42.82
CA THR N 285 34.18 -3.04 43.54
C THR N 285 34.88 -4.39 43.56
N VAL N 286 34.11 -5.48 43.70
CA VAL N 286 34.70 -6.82 43.64
C VAL N 286 35.24 -7.09 42.25
N ALA N 287 34.49 -6.70 41.21
CA ALA N 287 34.96 -6.88 39.84
C ALA N 287 36.15 -5.98 39.53
N GLU N 288 36.24 -4.82 40.17
CA GLU N 288 37.38 -3.93 39.93
C GLU N 288 38.66 -4.50 40.51
N TYR N 289 38.56 -5.25 41.61
CA TYR N 289 39.74 -5.90 42.16
C TYR N 289 40.28 -6.96 41.21
N PHE N 290 39.38 -7.75 40.62
CA PHE N 290 39.80 -8.80 39.69
C PHE N 290 40.37 -8.21 38.40
N ARG N 291 39.99 -6.99 38.06
CA ARG N 291 40.57 -6.33 36.89
C ARG N 291 41.92 -5.71 37.21
N ASP N 292 41.98 -4.90 38.27
CA ASP N 292 43.18 -4.12 38.54
C ASP N 292 44.25 -4.96 39.23
N GLN N 293 43.88 -5.75 40.22
CA GLN N 293 44.84 -6.49 41.02
C GLN N 293 45.10 -7.90 40.52
N GLU N 294 44.44 -8.33 39.45
CA GLU N 294 44.67 -9.63 38.85
C GLU N 294 44.92 -9.58 37.35
N GLY N 295 44.61 -8.49 36.67
CA GLY N 295 44.78 -8.39 35.24
C GLY N 295 43.88 -9.31 34.44
N GLN N 296 42.62 -9.40 34.82
CA GLN N 296 41.68 -10.32 34.19
C GLN N 296 40.64 -9.55 33.39
N ASP N 297 39.90 -10.30 32.57
CA ASP N 297 38.71 -9.81 31.90
C ASP N 297 37.51 -10.32 32.70
N VAL N 298 36.94 -9.46 33.50
CA VAL N 298 35.92 -9.83 34.47
C VAL N 298 34.54 -9.64 33.86
N LEU N 299 33.62 -10.52 34.21
CA LEU N 299 32.22 -10.36 33.90
C LEU N 299 31.50 -9.78 35.10
N LEU N 300 30.62 -8.82 34.86
CA LEU N 300 29.78 -8.24 35.89
C LEU N 300 28.33 -8.37 35.46
N PHE N 301 27.51 -8.98 36.29
CA PHE N 301 26.10 -9.15 36.01
C PHE N 301 25.30 -8.27 36.96
N ILE N 302 24.52 -7.35 36.41
CA ILE N 302 23.66 -6.47 37.18
C ILE N 302 22.21 -6.84 36.90
N ASP N 303 21.48 -7.20 37.95
CA ASP N 303 20.09 -7.60 37.81
C ASP N 303 19.37 -7.08 39.05
N ASN N 304 18.54 -6.05 38.89
CA ASN N 304 18.21 -5.45 37.61
C ASN N 304 18.75 -4.03 37.54
N ILE N 305 19.08 -3.55 36.33
CA ILE N 305 19.61 -2.19 36.20
C ILE N 305 18.50 -1.16 36.40
N PHE N 306 17.23 -1.54 36.18
CA PHE N 306 16.13 -0.63 36.45
C PHE N 306 15.93 -0.43 37.94
N ARG N 307 16.19 -1.47 38.74
CA ARG N 307 16.05 -1.32 40.19
C ARG N 307 17.20 -0.53 40.78
N PHE N 308 18.34 -0.46 40.08
CA PHE N 308 19.38 0.48 40.46
C PHE N 308 18.92 1.91 40.26
N THR N 309 18.28 2.18 39.13
CA THR N 309 17.69 3.50 38.88
C THR N 309 16.57 3.79 39.85
N GLN N 310 15.71 2.80 40.09
CA GLN N 310 14.57 2.97 40.98
C GLN N 310 15.01 3.27 42.41
N ALA N 311 16.06 2.59 42.88
CA ALA N 311 16.56 2.84 44.22
C ALA N 311 17.17 4.24 44.35
N GLY N 312 17.88 4.69 43.30
CA GLY N 312 18.42 6.04 43.32
C GLY N 312 17.34 7.10 43.33
N SER N 313 16.23 6.83 42.65
CA SER N 313 15.10 7.75 42.68
C SER N 313 14.48 7.81 44.07
N GLU N 314 14.43 6.68 44.77
CA GLU N 314 13.90 6.66 46.13
C GLU N 314 14.81 7.39 47.10
N VAL N 315 16.13 7.28 46.91
CA VAL N 315 17.08 7.93 47.80
C VAL N 315 16.98 9.45 47.66
N SER N 316 16.88 9.94 46.42
CA SER N 316 16.74 11.37 46.20
C SER N 316 15.42 11.91 46.73
N ALA N 317 14.34 11.13 46.62
CA ALA N 317 13.08 11.52 47.22
C ALA N 317 13.18 11.57 48.73
N LEU N 318 13.92 10.64 49.33
CA LEU N 318 14.13 10.65 50.78
C LEU N 318 14.96 11.85 51.20
N LEU N 319 15.97 12.22 50.41
CA LEU N 319 16.80 13.37 50.72
C LEU N 319 16.10 14.70 50.48
N GLY N 320 14.92 14.69 49.89
CA GLY N 320 14.15 15.91 49.69
C GLY N 320 14.43 16.64 48.40
N ARG N 321 15.18 16.06 47.48
CA ARG N 321 15.48 16.71 46.22
C ARG N 321 14.26 16.71 45.31
N ILE N 322 14.15 17.78 44.52
CA ILE N 322 13.03 17.93 43.59
C ILE N 322 13.23 16.96 42.42
N PRO N 323 12.29 16.05 42.18
CA PRO N 323 12.47 15.07 41.12
C PRO N 323 12.42 15.69 39.72
N SER N 324 13.09 15.03 38.79
CA SER N 324 13.10 15.44 37.40
C SER N 324 11.88 14.88 36.67
N ALA N 325 11.91 14.91 35.34
CA ALA N 325 10.77 14.47 34.55
C ALA N 325 10.48 13.00 34.78
N VAL N 326 9.17 12.66 34.73
CA VAL N 326 8.59 11.34 34.95
C VAL N 326 9.01 10.82 36.32
N GLY N 327 9.21 11.72 37.27
CA GLY N 327 9.40 11.34 38.65
C GLY N 327 10.79 10.86 39.03
N TYR N 328 11.74 10.81 38.10
CA TYR N 328 13.05 10.31 38.43
C TYR N 328 13.88 11.36 39.14
N GLN N 329 15.01 10.93 39.69
CA GLN N 329 15.87 11.83 40.43
C GLN N 329 16.52 12.85 39.49
N PRO N 330 16.79 14.06 39.99
CA PRO N 330 17.49 15.04 39.14
C PRO N 330 18.89 14.63 38.73
N THR N 331 19.55 13.80 39.53
CA THR N 331 20.89 13.32 39.24
C THR N 331 20.90 11.99 38.52
N LEU N 332 19.86 11.71 37.71
CA LEU N 332 19.68 10.39 37.11
C LEU N 332 20.81 10.04 36.16
N ALA N 333 21.19 10.98 35.29
CA ALA N 333 22.25 10.72 34.33
C ALA N 333 23.61 10.61 35.01
N THR N 334 23.82 11.40 36.06
CA THR N 334 25.09 11.34 36.78
C THR N 334 25.18 10.10 37.65
N ASP N 335 24.07 9.69 38.26
CA ASP N 335 24.07 8.46 39.06
C ASP N 335 24.34 7.24 38.18
N MET N 336 23.71 7.19 37.01
CA MET N 336 24.01 6.13 36.06
C MET N 336 25.42 6.26 35.52
N GLY N 337 25.83 7.48 35.17
CA GLY N 337 27.12 7.68 34.54
C GLY N 337 28.29 7.38 35.46
N THR N 338 28.16 7.69 36.75
CA THR N 338 29.25 7.43 37.68
C THR N 338 29.48 5.94 37.85
N MET N 339 28.40 5.15 37.86
CA MET N 339 28.55 3.71 37.96
C MET N 339 29.03 3.09 36.66
N GLN N 340 28.47 3.53 35.52
CA GLN N 340 28.76 2.87 34.25
C GLN N 340 30.12 3.21 33.70
N GLU N 341 30.73 4.32 34.10
CA GLU N 341 32.04 4.68 33.58
C GLU N 341 33.18 3.94 34.26
N ARG N 342 32.91 3.24 35.37
CA ARG N 342 33.89 2.36 35.97
C ARG N 342 33.93 0.99 35.29
N ILE N 343 32.97 0.70 34.42
CA ILE N 343 32.92 -0.55 33.68
C ILE N 343 33.54 -0.25 32.31
N THR N 344 34.82 -0.58 32.16
CA THR N 344 35.54 -0.25 30.94
C THR N 344 36.77 -1.14 30.85
N THR N 345 37.48 -1.02 29.73
CA THR N 345 38.77 -1.67 29.56
C THR N 345 39.88 -0.69 29.95
N THR N 346 40.76 -1.12 30.83
CA THR N 346 41.93 -0.36 31.21
C THR N 346 43.18 -1.05 30.68
N LYS N 347 44.33 -0.52 31.05
CA LYS N 347 45.59 -1.12 30.66
C LYS N 347 45.97 -2.33 31.51
N LYS N 348 45.22 -2.60 32.58
CA LYS N 348 45.43 -3.79 33.39
C LYS N 348 44.51 -4.93 32.98
N GLY N 349 43.23 -4.63 32.76
CA GLY N 349 42.28 -5.64 32.35
C GLY N 349 41.00 -5.01 31.84
N SER N 350 39.87 -5.67 32.05
CA SER N 350 38.59 -5.11 31.63
C SER N 350 37.48 -5.67 32.51
N ILE N 351 36.36 -4.94 32.55
CA ILE N 351 35.13 -5.43 33.15
C ILE N 351 34.04 -5.33 32.08
N THR N 352 33.43 -6.46 31.77
CA THR N 352 32.34 -6.52 30.80
C THR N 352 31.05 -6.76 31.56
N SER N 353 30.04 -5.92 31.29
CA SER N 353 28.82 -5.92 32.08
C SER N 353 27.65 -6.40 31.24
N VAL N 354 26.99 -7.46 31.71
CA VAL N 354 25.74 -7.94 31.15
C VAL N 354 24.64 -7.57 32.13
N GLN N 355 23.73 -6.69 31.72
CA GLN N 355 22.76 -6.08 32.62
C GLN N 355 21.35 -6.44 32.19
N ALA N 356 20.61 -7.08 33.09
CA ALA N 356 19.19 -7.31 32.83
C ALA N 356 18.44 -5.99 32.85
N ILE N 357 17.58 -5.78 31.87
CA ILE N 357 16.94 -4.49 31.64
C ILE N 357 15.43 -4.68 31.69
N TYR N 358 14.77 -3.89 32.53
CA TYR N 358 13.32 -3.80 32.53
C TYR N 358 12.91 -2.45 31.95
N VAL N 359 11.97 -2.47 31.01
CA VAL N 359 11.48 -1.27 30.36
C VAL N 359 10.11 -0.94 30.95
N PRO N 360 9.98 0.14 31.72
CA PRO N 360 8.68 0.44 32.35
C PRO N 360 7.64 0.87 31.33
N ALA N 361 6.45 0.26 31.43
CA ALA N 361 5.29 0.53 30.58
C ALA N 361 5.56 0.32 29.10
N ASP N 362 6.55 -0.52 28.77
CA ASP N 362 6.97 -0.81 27.40
C ASP N 362 7.31 0.46 26.63
N ASP N 363 7.95 1.40 27.32
CA ASP N 363 8.27 2.71 26.77
C ASP N 363 9.78 2.88 26.75
N LEU N 364 10.37 2.86 25.55
CA LEU N 364 11.81 3.05 25.40
C LEU N 364 12.22 4.51 25.50
N THR N 365 11.27 5.43 25.47
CA THR N 365 11.54 6.86 25.67
C THR N 365 11.46 7.26 27.13
N ASP N 366 11.19 6.32 28.02
CA ASP N 366 11.20 6.60 29.45
C ASP N 366 12.62 6.98 29.88
N PRO N 367 12.77 7.91 30.83
CA PRO N 367 14.14 8.35 31.20
C PRO N 367 15.03 7.27 31.76
N ALA N 368 14.49 6.20 32.32
CA ALA N 368 15.36 5.16 32.87
C ALA N 368 15.98 4.28 31.78
N PRO N 369 15.24 3.75 30.79
CA PRO N 369 15.95 3.05 29.70
C PRO N 369 16.72 3.98 28.78
N ALA N 370 16.25 5.21 28.57
CA ALA N 370 16.93 6.12 27.66
C ALA N 370 18.30 6.52 28.20
N THR N 371 18.43 6.64 29.52
CA THR N 371 19.75 6.89 30.11
C THR N 371 20.61 5.64 30.10
N THR N 372 20.01 4.46 30.29
CA THR N 372 20.77 3.22 30.27
C THR N 372 21.28 2.90 28.87
N PHE N 373 20.47 3.15 27.84
CA PHE N 373 20.84 2.80 26.48
C PHE N 373 22.00 3.64 25.96
N ALA N 374 22.28 4.79 26.58
CA ALA N 374 23.41 5.61 26.20
C ALA N 374 24.75 4.99 26.58
N HIS N 375 24.76 3.95 27.42
CA HIS N 375 25.98 3.28 27.84
C HIS N 375 26.17 1.91 27.24
N LEU N 376 25.16 1.35 26.59
CA LEU N 376 25.23 -0.03 26.11
C LEU N 376 26.04 -0.12 24.83
N ASP N 377 26.86 -1.16 24.74
CA ASP N 377 27.63 -1.45 23.54
C ASP N 377 27.07 -2.61 22.74
N ALA N 378 26.08 -3.32 23.26
CA ALA N 378 25.50 -4.46 22.57
C ALA N 378 24.03 -4.56 22.99
N THR N 379 23.42 -5.70 22.67
CA THR N 379 22.05 -6.01 23.06
C THR N 379 21.78 -7.49 22.82
N THR N 380 21.33 -8.20 23.85
CA THR N 380 20.95 -9.61 23.72
C THR N 380 19.49 -9.76 24.11
N VAL N 381 18.64 -9.99 23.13
CA VAL N 381 17.20 -10.13 23.35
C VAL N 381 16.89 -11.62 23.44
N LEU N 382 16.35 -12.04 24.58
CA LEU N 382 15.88 -13.41 24.75
C LEU N 382 14.39 -13.44 24.44
N SER N 383 14.03 -14.13 23.37
CA SER N 383 12.66 -14.16 22.89
C SER N 383 12.01 -15.50 23.24
N ARG N 384 10.79 -15.43 23.78
CA ARG N 384 10.05 -16.66 24.07
C ARG N 384 9.58 -17.36 22.80
N ALA N 385 9.45 -16.62 21.70
CA ALA N 385 9.10 -17.23 20.42
C ALA N 385 10.21 -18.14 19.91
N ILE N 386 11.47 -17.76 20.14
CA ILE N 386 12.59 -18.63 19.77
C ILE N 386 12.60 -19.87 20.65
N ALA N 387 12.26 -19.72 21.93
CA ALA N 387 12.24 -20.85 22.84
C ALA N 387 11.13 -21.84 22.51
N GLU N 388 10.01 -21.35 21.97
CA GLU N 388 8.91 -22.23 21.57
C GLU N 388 9.27 -23.10 20.38
N LEU N 389 10.27 -22.71 19.59
CA LEU N 389 10.75 -23.51 18.48
C LEU N 389 11.82 -24.51 18.90
N GLY N 390 12.14 -24.58 20.20
CA GLY N 390 13.14 -25.52 20.69
C GLY N 390 14.57 -25.07 20.53
N ILE N 391 14.80 -23.83 20.11
CA ILE N 391 16.14 -23.33 19.87
C ILE N 391 16.65 -22.68 21.15
N TYR N 392 17.71 -23.24 21.72
CA TYR N 392 18.31 -22.72 22.93
C TYR N 392 19.80 -22.51 22.70
N PRO N 393 20.37 -21.35 23.09
CA PRO N 393 19.76 -20.22 23.81
C PRO N 393 18.79 -19.40 22.96
N ALA N 394 17.71 -18.92 23.57
CA ALA N 394 16.63 -18.30 22.80
C ALA N 394 16.93 -16.86 22.45
N VAL N 395 18.07 -16.61 21.84
CA VAL N 395 18.45 -15.26 21.44
C VAL N 395 17.79 -14.95 20.10
N ASP N 396 17.11 -13.82 20.03
CA ASP N 396 16.52 -13.39 18.77
C ASP N 396 17.64 -13.00 17.83
N PRO N 397 17.77 -13.65 16.66
CA PRO N 397 18.92 -13.38 15.79
C PRO N 397 18.89 -12.01 15.14
N LEU N 398 17.72 -11.38 15.05
CA LEU N 398 17.61 -10.09 14.37
C LEU N 398 17.46 -8.92 15.33
N ASP N 399 16.79 -9.10 16.46
CA ASP N 399 16.62 -8.03 17.43
C ASP N 399 17.87 -7.78 18.26
N SER N 400 18.78 -8.75 18.33
CA SER N 400 20.01 -8.58 19.11
C SER N 400 21.02 -7.81 18.29
N THR N 401 21.48 -6.68 18.83
CA THR N 401 22.38 -5.76 18.13
C THR N 401 23.70 -5.65 18.87
N SER N 402 24.67 -5.01 18.21
CA SER N 402 25.96 -4.75 18.81
C SER N 402 26.61 -3.57 18.10
N ARG N 403 27.30 -2.73 18.87
CA ARG N 403 28.00 -1.59 18.28
C ARG N 403 29.26 -2.02 17.54
N ILE N 404 29.87 -3.14 17.93
CA ILE N 404 31.15 -3.54 17.38
C ILE N 404 30.94 -4.48 16.19
N LEU N 405 29.72 -4.53 15.67
CA LEU N 405 29.43 -5.29 14.46
C LEU N 405 29.75 -4.42 13.24
N ASP N 406 31.04 -4.14 13.09
CA ASP N 406 31.58 -3.34 12.00
C ASP N 406 32.84 -4.02 11.49
N PRO N 407 33.14 -3.89 10.17
CA PRO N 407 34.33 -4.53 9.60
C PRO N 407 35.64 -3.79 9.89
N ASN N 408 35.81 -3.37 11.14
CA ASN N 408 37.07 -2.82 11.63
C ASN N 408 37.43 -3.32 13.01
N ILE N 409 36.47 -3.80 13.80
CA ILE N 409 36.71 -4.29 15.15
C ILE N 409 36.76 -5.81 15.19
N ILE N 410 35.92 -6.48 14.40
CA ILE N 410 35.79 -7.93 14.47
C ILE N 410 36.43 -8.58 13.26
N GLY N 411 36.49 -7.87 12.13
CA GLY N 411 37.07 -8.43 10.94
C GLY N 411 36.15 -8.39 9.73
N GLU N 412 36.73 -8.53 8.54
CA GLU N 412 35.94 -8.47 7.32
C GLU N 412 35.13 -9.74 7.10
N GLU N 413 35.72 -10.90 7.35
CA GLU N 413 35.00 -12.15 7.18
C GLU N 413 33.92 -12.32 8.24
N HIS N 414 34.21 -11.88 9.47
CA HIS N 414 33.21 -11.93 10.53
C HIS N 414 32.02 -11.04 10.20
N TYR N 415 32.28 -9.83 9.70
CA TYR N 415 31.20 -8.89 9.42
C TYR N 415 30.36 -9.36 8.24
N ASN N 416 31.01 -9.86 7.17
CA ASN N 416 30.28 -10.26 5.98
C ASN N 416 29.43 -11.49 6.24
N ILE N 417 29.94 -12.45 7.01
CA ILE N 417 29.18 -13.65 7.31
C ILE N 417 28.00 -13.32 8.23
N ALA N 418 28.21 -12.40 9.17
CA ALA N 418 27.13 -11.98 10.06
C ALA N 418 26.03 -11.24 9.31
N ARG N 419 26.42 -10.37 8.37
CA ARG N 419 25.43 -9.64 7.58
C ARG N 419 24.69 -10.58 6.64
N GLY N 420 25.39 -11.57 6.09
CA GLY N 420 24.72 -12.55 5.24
C GLY N 420 23.73 -13.42 6.01
N VAL N 421 24.10 -13.81 7.23
CA VAL N 421 23.19 -14.59 8.08
C VAL N 421 21.95 -13.77 8.44
N GLN N 422 22.15 -12.50 8.78
CA GLN N 422 21.02 -11.62 9.10
C GLN N 422 20.13 -11.42 7.88
N LYS N 423 20.73 -11.25 6.70
CA LYS N 423 19.93 -11.03 5.50
C LYS N 423 19.15 -12.29 5.10
N ILE N 424 19.75 -13.46 5.27
CA ILE N 424 19.06 -14.72 4.99
C ILE N 424 17.87 -14.90 5.92
N LEU N 425 18.06 -14.60 7.21
CA LEU N 425 16.97 -14.74 8.17
C LEU N 425 15.89 -13.69 7.97
N GLN N 426 16.27 -12.50 7.51
CA GLN N 426 15.27 -11.48 7.17
C GLN N 426 14.44 -11.91 5.96
N ASP N 427 15.09 -12.56 4.99
CA ASP N 427 14.36 -13.08 3.84
C ASP N 427 13.42 -14.22 4.24
N TYR N 428 13.86 -15.05 5.19
CA TYR N 428 12.99 -16.10 5.72
C TYR N 428 11.77 -15.51 6.40
N LYS N 429 11.95 -14.45 7.18
CA LYS N 429 10.83 -13.81 7.86
C LYS N 429 9.88 -13.18 6.85
N SER N 430 10.42 -12.59 5.78
CA SER N 430 9.58 -11.99 4.75
C SER N 430 8.88 -13.04 3.89
N LEU N 431 9.40 -14.27 3.84
CA LEU N 431 8.80 -15.33 3.05
C LEU N 431 7.91 -16.26 3.87
N GLN N 432 7.85 -16.08 5.19
CA GLN N 432 7.08 -17.01 6.02
C GLN N 432 5.58 -16.85 5.78
N ASP N 433 5.11 -15.61 5.60
CA ASP N 433 3.69 -15.41 5.31
C ASP N 433 3.32 -15.90 3.92
N ILE N 434 4.24 -15.77 2.95
CA ILE N 434 3.98 -16.27 1.60
C ILE N 434 3.88 -17.79 1.61
N ILE N 435 4.76 -18.45 2.36
CA ILE N 435 4.66 -19.91 2.52
C ILE N 435 3.38 -20.29 3.24
N ALA N 436 3.00 -19.53 4.25
CA ALA N 436 1.78 -19.83 5.01
C ALA N 436 0.52 -19.67 4.16
N ILE N 437 0.55 -18.76 3.19
CA ILE N 437 -0.64 -18.53 2.36
C ILE N 437 -0.66 -19.48 1.18
N LEU N 438 0.40 -19.50 0.38
CA LEU N 438 0.46 -20.31 -0.83
C LEU N 438 0.98 -21.72 -0.55
N GLY N 439 2.20 -21.82 -0.06
CA GLY N 439 2.83 -23.10 0.19
C GLY N 439 4.32 -23.02 -0.08
N MET N 440 4.95 -24.19 -0.03
CA MET N 440 6.39 -24.29 -0.24
C MET N 440 6.79 -24.08 -1.69
N ASP N 441 5.84 -24.10 -2.63
CA ASP N 441 6.13 -23.96 -4.05
C ASP N 441 6.17 -22.48 -4.40
N GLU N 442 7.37 -21.92 -4.45
CA GLU N 442 7.54 -20.50 -4.75
C GLU N 442 8.94 -20.27 -5.31
N LEU N 443 9.00 -19.60 -6.47
CA LEU N 443 10.25 -19.29 -7.17
C LEU N 443 11.08 -20.55 -7.42
N SER N 444 10.39 -21.62 -7.83
CA SER N 444 10.99 -22.91 -8.19
C SER N 444 11.84 -23.47 -7.06
N GLU N 445 13.17 -23.39 -7.23
CA GLU N 445 14.11 -23.87 -6.23
C GLU N 445 15.03 -22.77 -5.72
N GLU N 446 14.69 -21.50 -5.95
CA GLU N 446 15.49 -20.40 -5.43
C GLU N 446 15.07 -20.05 -4.01
N ASP N 447 13.79 -19.77 -3.80
CA ASP N 447 13.28 -19.55 -2.45
C ASP N 447 13.29 -20.84 -1.65
N LYS N 448 13.18 -21.99 -2.31
CA LYS N 448 13.33 -23.27 -1.63
C LYS N 448 14.74 -23.44 -1.09
N LEU N 449 15.74 -22.97 -1.83
CA LEU N 449 17.11 -23.00 -1.34
C LEU N 449 17.30 -22.02 -0.18
N ILE N 450 16.67 -20.84 -0.26
CA ILE N 450 16.78 -19.85 0.80
C ILE N 450 16.12 -20.33 2.08
N VAL N 451 14.92 -20.92 1.96
CA VAL N 451 14.23 -21.40 3.15
C VAL N 451 14.95 -22.61 3.74
N SER N 452 15.62 -23.41 2.91
CA SER N 452 16.38 -24.55 3.43
C SER N 452 17.61 -24.08 4.19
N ARG N 453 18.34 -23.10 3.64
CA ARG N 453 19.50 -22.58 4.33
C ARG N 453 19.12 -21.85 5.60
N ALA N 454 18.02 -21.08 5.56
CA ALA N 454 17.61 -20.30 6.72
C ALA N 454 17.20 -21.18 7.89
N ARG N 455 16.53 -22.29 7.62
CA ARG N 455 16.20 -23.22 8.69
C ARG N 455 17.46 -23.91 9.22
N LYS N 456 18.44 -24.14 8.36
CA LYS N 456 19.73 -24.64 8.82
C LYS N 456 20.46 -23.60 9.67
N ILE N 457 20.31 -22.33 9.33
CA ILE N 457 20.90 -21.26 10.12
C ILE N 457 20.28 -21.21 11.51
N GLN N 458 18.95 -21.29 11.57
CA GLN N 458 18.25 -21.24 12.86
C GLN N 458 18.62 -22.41 13.75
N ARG N 459 18.75 -23.61 13.16
CA ARG N 459 19.16 -24.77 13.95
C ARG N 459 20.60 -24.64 14.43
N PHE N 460 21.49 -24.12 13.57
CA PHE N 460 22.90 -24.03 13.92
C PHE N 460 23.16 -22.92 14.94
N LEU N 461 22.23 -22.00 15.14
CA LEU N 461 22.38 -21.02 16.20
C LEU N 461 22.17 -21.65 17.58
N SER N 462 21.41 -22.74 17.65
CA SER N 462 21.23 -23.45 18.90
C SER N 462 22.52 -24.16 19.31
N GLN N 463 22.67 -24.39 20.61
CA GLN N 463 23.93 -24.89 21.12
C GLN N 463 23.70 -25.51 22.50
N PRO N 464 24.28 -26.68 22.78
CA PRO N 464 24.20 -27.22 24.14
C PRO N 464 25.15 -26.50 25.08
N PHE N 465 24.70 -26.35 26.33
CA PHE N 465 25.45 -25.63 27.34
C PHE N 465 25.99 -26.60 28.38
N GLN N 466 27.22 -26.35 28.83
CA GLN N 466 27.85 -27.23 29.80
C GLN N 466 27.18 -27.14 31.17
N VAL N 467 26.69 -25.95 31.54
CA VAL N 467 26.03 -25.80 32.83
C VAL N 467 24.67 -26.46 32.89
N ALA N 468 24.11 -26.86 31.74
CA ALA N 468 22.83 -27.55 31.68
C ALA N 468 22.97 -28.97 31.15
N GLU N 469 24.17 -29.54 31.19
CA GLU N 469 24.38 -30.85 30.62
C GLU N 469 23.84 -31.97 31.50
N VAL N 470 23.54 -31.69 32.77
CA VAL N 470 22.92 -32.70 33.63
C VAL N 470 21.40 -32.59 33.66
N PHE N 471 20.83 -31.50 33.15
CA PHE N 471 19.39 -31.37 33.03
C PHE N 471 18.87 -31.80 31.67
N THR N 472 19.72 -31.80 30.65
CA THR N 472 19.32 -32.19 29.30
C THR N 472 20.01 -33.45 28.79
N GLY N 473 21.16 -33.81 29.36
CA GLY N 473 21.90 -34.98 28.93
C GLY N 473 22.88 -34.74 27.79
N HIS N 474 22.76 -33.60 27.10
CA HIS N 474 23.67 -33.28 26.00
C HIS N 474 24.90 -32.58 26.56
N ALA N 475 26.08 -33.06 26.17
CA ALA N 475 27.32 -32.43 26.61
C ALA N 475 27.45 -31.04 25.99
N GLY N 476 27.89 -30.09 26.80
CA GLY N 476 27.98 -28.71 26.35
C GLY N 476 29.16 -28.48 25.42
N LYS N 477 29.05 -27.41 24.64
CA LYS N 477 30.07 -27.04 23.67
C LYS N 477 30.51 -25.61 23.92
N LEU N 478 31.80 -25.35 23.70
CA LEU N 478 32.37 -24.01 23.74
C LEU N 478 32.98 -23.78 22.36
N VAL N 479 32.22 -23.16 21.47
CA VAL N 479 32.66 -22.98 20.09
C VAL N 479 33.61 -21.79 20.01
N PRO N 480 34.82 -21.96 19.48
CA PRO N 480 35.67 -20.81 19.21
C PRO N 480 35.08 -19.94 18.10
N ILE N 481 35.55 -18.70 18.04
CA ILE N 481 34.99 -17.73 17.10
C ILE N 481 35.27 -18.14 15.66
N LYS N 482 36.44 -18.72 15.40
CA LYS N 482 36.78 -19.13 14.05
C LYS N 482 35.94 -20.31 13.59
N ASP N 483 35.60 -21.22 14.51
CA ASP N 483 34.74 -22.35 14.16
C ASP N 483 33.33 -21.87 13.87
N THR N 484 32.87 -20.82 14.55
CA THR N 484 31.55 -20.26 14.26
C THR N 484 31.52 -19.61 12.88
N ILE N 485 32.54 -18.79 12.58
CA ILE N 485 32.58 -18.10 11.29
C ILE N 485 32.73 -19.10 10.14
N LYS N 486 33.57 -20.11 10.33
CA LYS N 486 33.73 -21.14 9.30
C LYS N 486 32.45 -21.94 9.11
N GLY N 487 31.77 -22.26 10.21
CA GLY N 487 30.55 -23.05 10.11
C GLY N 487 29.41 -22.32 9.39
N PHE N 488 29.21 -21.05 9.73
CA PHE N 488 28.14 -20.29 9.09
C PHE N 488 28.49 -19.91 7.67
N LYS N 489 29.78 -19.81 7.34
CA LYS N 489 30.19 -19.58 5.96
C LYS N 489 29.88 -20.80 5.10
N MET N 490 30.02 -22.01 5.67
CA MET N 490 29.69 -23.22 4.93
C MET N 490 28.20 -23.32 4.64
N ILE N 491 27.35 -22.92 5.59
CA ILE N 491 25.91 -22.96 5.36
C ILE N 491 25.50 -21.89 4.35
N LEU N 492 26.13 -20.72 4.41
CA LEU N 492 25.80 -19.65 3.49
C LEU N 492 26.24 -19.97 2.06
N ASN N 493 27.36 -20.68 1.90
CA ASN N 493 27.85 -21.03 0.58
C ASN N 493 27.11 -22.22 -0.02
N GLY N 494 26.21 -22.85 0.73
CA GLY N 494 25.47 -23.98 0.20
C GLY N 494 26.25 -25.27 0.16
N GLU N 495 27.38 -25.34 0.86
CA GLU N 495 28.20 -26.54 0.85
C GLU N 495 27.61 -27.70 1.65
N LEU N 496 26.53 -27.45 2.40
CA LEU N 496 25.90 -28.48 3.22
C LEU N 496 24.41 -28.58 2.90
N ASP N 497 24.06 -28.38 1.62
CA ASP N 497 22.67 -28.49 1.22
C ASP N 497 22.17 -29.93 1.19
N HIS N 498 23.07 -30.91 1.19
CA HIS N 498 22.72 -32.31 1.16
C HIS N 498 22.53 -32.92 2.54
N LEU N 499 22.65 -32.12 3.60
CA LEU N 499 22.47 -32.61 4.95
C LEU N 499 21.11 -32.22 5.49
N PRO N 500 20.51 -33.05 6.34
CA PRO N 500 19.23 -32.68 6.96
C PRO N 500 19.40 -31.53 7.94
N GLU N 501 18.30 -30.79 8.14
CA GLU N 501 18.31 -29.70 9.10
C GLU N 501 18.42 -30.19 10.54
N VAL N 502 18.08 -31.45 10.80
CA VAL N 502 18.20 -32.00 12.15
C VAL N 502 19.67 -32.12 12.56
N ALA N 503 20.57 -32.30 11.59
CA ALA N 503 21.98 -32.44 11.89
C ALA N 503 22.61 -31.14 12.37
N PHE N 504 21.95 -30.00 12.17
CA PHE N 504 22.44 -28.71 12.61
C PHE N 504 21.97 -28.34 14.01
N TYR N 505 21.17 -29.19 14.64
CA TYR N 505 20.47 -28.85 15.87
C TYR N 505 21.26 -29.32 17.09
N MET N 506 21.49 -28.40 18.03
CA MET N 506 22.13 -28.68 19.33
C MET N 506 23.50 -29.31 19.17
N VAL N 507 24.30 -28.77 18.24
CA VAL N 507 25.68 -29.18 18.05
C VAL N 507 26.53 -27.93 17.87
N GLY N 508 27.69 -27.91 18.52
CA GLY N 508 28.51 -26.73 18.51
C GLY N 508 29.25 -26.47 17.21
N PRO N 509 30.25 -27.29 16.92
CA PRO N 509 31.03 -27.08 15.70
C PRO N 509 30.29 -27.59 14.46
N ILE N 510 30.81 -27.20 13.30
CA ILE N 510 30.26 -27.69 12.05
C ILE N 510 30.72 -29.12 11.77
N GLU N 511 31.81 -29.56 12.39
CA GLU N 511 32.21 -30.96 12.30
C GLU N 511 31.24 -31.87 13.05
N GLU N 512 30.61 -31.34 14.11
CA GLU N 512 29.57 -32.09 14.79
C GLU N 512 28.34 -32.25 13.90
N VAL N 513 28.09 -31.28 13.03
CA VAL N 513 26.95 -31.35 12.13
C VAL N 513 27.12 -32.48 11.12
N VAL N 514 28.29 -32.54 10.47
CA VAL N 514 28.52 -33.56 9.47
C VAL N 514 28.65 -34.94 10.13
N ALA N 515 29.17 -35.00 11.35
CA ALA N 515 29.23 -36.27 12.06
C ALA N 515 27.85 -36.75 12.47
N LYS N 516 26.96 -35.82 12.84
CA LYS N 516 25.59 -36.21 13.17
C LYS N 516 24.83 -36.62 11.93
N ALA N 517 25.09 -35.97 10.80
CA ALA N 517 24.43 -36.36 9.55
C ALA N 517 24.90 -37.73 9.08
N GLU N 518 26.18 -38.04 9.27
CA GLU N 518 26.68 -39.37 8.94
C GLU N 518 26.05 -40.43 9.83
N LYS N 519 25.86 -40.11 11.11
CA LYS N 519 25.25 -41.06 12.03
C LYS N 519 23.78 -41.30 11.67
N ILE N 520 23.10 -40.26 11.22
CA ILE N 520 21.72 -40.42 10.74
C ILE N 520 21.69 -41.27 9.47
N ALA N 521 22.62 -41.04 8.56
CA ALA N 521 22.67 -41.81 7.32
C ALA N 521 23.02 -43.26 7.58
N GLU N 522 23.86 -43.52 8.59
CA GLU N 522 24.17 -44.91 8.94
C GLU N 522 23.01 -45.58 9.66
N SER N 523 22.29 -44.82 10.49
CA SER N 523 21.17 -45.41 11.23
C SER N 523 19.96 -45.63 10.33
N GLN N 524 19.82 -44.85 9.27
CA GLN N 524 18.69 -44.98 8.36
C GLN N 524 18.84 -46.21 7.47
N THR O 24 -6.41 14.31 25.39
CA THR O 24 -5.91 13.89 26.70
C THR O 24 -5.35 12.48 26.65
N LEU O 25 -4.91 11.98 27.81
CA LEU O 25 -4.33 10.64 27.87
C LEU O 25 -5.40 9.58 27.64
N LYS O 26 -6.61 9.82 28.15
CA LYS O 26 -7.70 8.84 27.95
C LYS O 26 -8.13 8.79 26.49
N ALA O 27 -8.17 9.94 25.82
CA ALA O 27 -8.60 9.99 24.43
C ALA O 27 -7.61 9.25 23.53
N VAL O 28 -6.32 9.40 23.77
CA VAL O 28 -5.32 8.69 22.98
C VAL O 28 -5.39 7.19 23.26
N SER O 29 -5.61 6.81 24.52
CA SER O 29 -5.69 5.40 24.88
C SER O 29 -6.90 4.73 24.23
N ILE O 30 -8.03 5.43 24.18
CA ILE O 30 -9.22 4.89 23.53
C ILE O 30 -8.99 4.76 22.03
N ARG O 31 -8.41 5.78 21.41
CA ARG O 31 -8.15 5.76 19.97
C ARG O 31 -7.12 4.69 19.61
N LEU O 32 -6.09 4.53 20.44
CA LEU O 32 -5.08 3.50 20.18
C LEU O 32 -5.67 2.10 20.28
N LYS O 33 -6.60 1.89 21.22
CA LYS O 33 -7.26 0.60 21.34
C LYS O 33 -8.13 0.31 20.11
N SER O 34 -8.80 1.33 19.58
CA SER O 34 -9.66 1.13 18.42
C SER O 34 -8.85 0.82 17.17
N VAL O 35 -7.75 1.55 16.96
CA VAL O 35 -6.91 1.31 15.78
C VAL O 35 -6.23 -0.05 15.87
N LYS O 36 -5.87 -0.49 17.09
CA LYS O 36 -5.32 -1.83 17.25
C LYS O 36 -6.33 -2.90 16.89
N ASN O 37 -7.60 -2.70 17.22
CA ASN O 37 -8.63 -3.66 16.83
C ASN O 37 -8.89 -3.59 15.33
N ILE O 38 -8.77 -2.41 14.73
CA ILE O 38 -8.94 -2.28 13.28
C ILE O 38 -7.84 -3.04 12.55
N GLN O 39 -6.61 -2.96 13.05
CA GLN O 39 -5.50 -3.69 12.42
C GLN O 39 -5.69 -5.19 12.54
N LYS O 40 -6.20 -5.67 13.68
CA LYS O 40 -6.42 -7.10 13.86
C LYS O 40 -7.48 -7.62 12.90
N ILE O 41 -8.55 -6.85 12.69
CA ILE O 41 -9.62 -7.28 11.78
C ILE O 41 -9.11 -7.28 10.35
N THR O 42 -8.41 -6.21 9.94
CA THR O 42 -7.93 -6.14 8.57
C THR O 42 -6.83 -7.15 8.28
N GLN O 43 -5.97 -7.44 9.27
CA GLN O 43 -5.00 -8.52 9.09
C GLN O 43 -5.68 -9.86 8.95
N SER O 44 -6.73 -10.10 9.74
CA SER O 44 -7.51 -11.33 9.60
C SER O 44 -8.22 -11.36 8.25
N MET O 45 -8.76 -10.22 7.81
CA MET O 45 -9.38 -10.16 6.50
C MET O 45 -8.35 -10.34 5.39
N LYS O 46 -7.15 -9.82 5.59
CA LYS O 46 -6.10 -9.96 4.57
C LYS O 46 -5.70 -11.42 4.38
N MET O 47 -5.59 -12.16 5.48
CA MET O 47 -5.23 -13.57 5.40
C MET O 47 -6.32 -14.38 4.73
N VAL O 48 -7.58 -14.09 5.05
CA VAL O 48 -8.70 -14.81 4.44
C VAL O 48 -8.80 -14.48 2.95
N SER O 49 -8.71 -13.19 2.62
CA SER O 49 -8.84 -12.78 1.22
C SER O 49 -7.67 -13.22 0.38
N ALA O 50 -6.47 -13.34 0.98
CA ALA O 50 -5.35 -13.89 0.24
C ALA O 50 -5.55 -15.37 -0.05
N ALA O 51 -6.17 -16.10 0.87
CA ALA O 51 -6.47 -17.51 0.64
C ALA O 51 -7.47 -17.67 -0.49
N LYS O 52 -8.52 -16.84 -0.49
CA LYS O 52 -9.51 -16.88 -1.58
C LYS O 52 -8.89 -16.46 -2.90
N TYR O 53 -8.04 -15.43 -2.89
CA TYR O 53 -7.40 -14.97 -4.12
C TYR O 53 -6.45 -16.03 -4.67
N THR O 54 -5.72 -16.72 -3.79
CA THR O 54 -4.82 -17.78 -4.24
C THR O 54 -5.61 -18.92 -4.90
N LYS O 55 -6.73 -19.29 -4.29
CA LYS O 55 -7.58 -20.32 -4.89
C LYS O 55 -8.21 -19.83 -6.19
N ALA O 56 -8.66 -18.58 -6.22
CA ALA O 56 -9.34 -18.07 -7.40
C ALA O 56 -8.37 -17.89 -8.57
N GLU O 57 -7.15 -17.45 -8.29
CA GLU O 57 -6.17 -17.30 -9.37
C GLU O 57 -5.71 -18.64 -9.87
N ARG O 58 -5.71 -19.67 -9.02
CA ARG O 58 -5.37 -21.02 -9.46
C ARG O 58 -6.37 -21.53 -10.49
N GLU O 59 -7.66 -21.28 -10.26
CA GLU O 59 -8.67 -21.68 -11.24
C GLU O 59 -8.76 -20.69 -12.40
N LEU O 60 -8.32 -19.45 -12.20
CA LEU O 60 -8.27 -18.51 -13.32
C LEU O 60 -7.16 -18.87 -14.29
N ARG O 61 -6.13 -19.56 -13.81
CA ARG O 61 -5.03 -19.97 -14.68
C ARG O 61 -5.50 -20.95 -15.76
N VAL O 62 -6.59 -21.69 -15.49
CA VAL O 62 -7.15 -22.58 -16.49
C VAL O 62 -8.42 -22.04 -17.13
N ALA O 63 -9.16 -21.16 -16.46
CA ALA O 63 -10.40 -20.63 -17.00
C ALA O 63 -10.18 -19.36 -17.81
N LYS O 64 -8.95 -18.92 -17.99
CA LYS O 64 -8.66 -17.80 -18.89
C LYS O 64 -8.60 -18.24 -20.36
N PRO O 65 -7.88 -19.31 -20.74
CA PRO O 65 -7.95 -19.74 -22.15
C PRO O 65 -9.32 -20.26 -22.55
N TYR O 66 -10.13 -20.70 -21.58
CA TYR O 66 -11.51 -21.07 -21.85
C TYR O 66 -12.29 -19.89 -22.41
N GLY O 67 -12.07 -18.70 -21.84
CA GLY O 67 -12.69 -17.52 -22.40
C GLY O 67 -12.01 -17.01 -23.65
N GLN O 68 -10.72 -17.31 -23.81
CA GLN O 68 -10.01 -16.96 -25.03
C GLN O 68 -10.58 -17.73 -26.22
N GLY O 69 -10.83 -19.02 -26.04
CA GLY O 69 -11.46 -19.80 -27.09
C GLY O 69 -12.89 -19.40 -27.36
N ALA O 70 -13.64 -19.03 -26.32
CA ALA O 70 -15.02 -18.59 -26.50
C ALA O 70 -15.08 -17.25 -27.23
N MET O 71 -14.20 -16.31 -26.88
CA MET O 71 -14.17 -15.01 -27.53
C MET O 71 -13.51 -15.04 -28.90
N LYS O 72 -12.82 -16.14 -29.24
CA LYS O 72 -12.11 -16.21 -30.51
C LYS O 72 -13.08 -16.13 -31.69
N PHE O 73 -14.24 -16.78 -31.57
CA PHE O 73 -15.23 -16.74 -32.63
C PHE O 73 -15.75 -15.31 -32.85
N TYR O 74 -16.07 -14.61 -31.76
CA TYR O 74 -16.56 -13.25 -31.90
C TYR O 74 -15.46 -12.30 -32.35
N GLU O 75 -14.20 -12.62 -32.06
CA GLU O 75 -13.09 -11.86 -32.60
C GLU O 75 -12.96 -12.08 -34.11
N LYS O 76 -13.10 -13.34 -34.56
CA LYS O 76 -12.94 -13.65 -35.97
C LYS O 76 -14.07 -13.07 -36.81
N THR O 77 -15.29 -12.99 -36.25
CA THR O 77 -16.39 -12.39 -37.00
C THR O 77 -16.24 -10.88 -37.09
N GLU O 78 -15.52 -10.27 -36.15
CA GLU O 78 -15.31 -8.82 -36.07
C GLU O 78 -16.64 -8.06 -36.04
N LEU O 79 -17.62 -8.63 -35.33
CA LEU O 79 -18.93 -7.99 -35.22
C LEU O 79 -18.87 -6.87 -34.20
N LYS O 80 -19.47 -5.73 -34.54
CA LYS O 80 -19.43 -4.53 -33.71
C LYS O 80 -20.86 -4.13 -33.35
N GLY O 81 -21.08 -3.84 -32.07
CA GLY O 81 -22.39 -3.46 -31.59
C GLY O 81 -22.83 -2.09 -32.07
N GLN O 88 -31.08 -3.18 -26.40
CA GLN O 88 -29.87 -3.89 -26.04
C GLN O 88 -29.94 -4.43 -24.61
N LEU O 89 -28.90 -5.17 -24.21
CA LEU O 89 -28.80 -5.72 -22.87
C LEU O 89 -27.40 -5.51 -22.34
N ILE O 90 -27.29 -5.33 -21.03
CA ILE O 90 -26.00 -5.17 -20.35
C ILE O 90 -25.96 -6.11 -19.16
N ILE O 91 -24.91 -6.91 -19.08
CA ILE O 91 -24.71 -7.82 -17.97
C ILE O 91 -23.69 -7.18 -17.03
N ALA O 92 -24.06 -7.02 -15.76
CA ALA O 92 -23.18 -6.45 -14.75
C ALA O 92 -22.83 -7.54 -13.75
N ILE O 93 -21.54 -7.76 -13.55
CA ILE O 93 -21.05 -8.78 -12.64
C ILE O 93 -20.57 -8.09 -11.37
N SER O 94 -21.18 -8.44 -10.25
CA SER O 94 -20.80 -7.90 -8.95
C SER O 94 -21.09 -8.98 -7.92
N SER O 95 -21.11 -8.60 -6.65
CA SER O 95 -21.39 -9.54 -5.58
C SER O 95 -22.08 -8.81 -4.44
N ASP O 96 -22.79 -9.58 -3.62
CA ASP O 96 -23.43 -9.02 -2.44
C ASP O 96 -22.43 -8.71 -1.32
N ARG O 97 -21.20 -9.17 -1.45
CA ARG O 97 -20.14 -8.87 -0.48
C ARG O 97 -19.45 -7.57 -0.91
N GLY O 98 -19.63 -6.52 -0.12
CA GLY O 98 -19.04 -5.23 -0.41
C GLY O 98 -17.74 -5.00 0.33
N LEU O 99 -17.29 -3.74 0.32
CA LEU O 99 -16.07 -3.29 0.97
C LEU O 99 -14.84 -4.07 0.49
N CYS O 100 -14.82 -4.37 -0.81
CA CYS O 100 -13.70 -5.04 -1.45
C CYS O 100 -12.80 -4.06 -2.18
N GLY O 101 -13.02 -2.76 -2.01
CA GLY O 101 -12.25 -1.73 -2.70
C GLY O 101 -13.16 -0.87 -3.57
N ALA O 102 -12.65 -0.51 -4.75
CA ALA O 102 -13.38 0.30 -5.72
C ALA O 102 -14.00 -0.55 -6.82
N VAL O 103 -14.45 -1.75 -6.48
CA VAL O 103 -14.98 -2.65 -7.51
C VAL O 103 -16.39 -2.24 -7.93
N HIS O 104 -17.34 -2.26 -7.00
CA HIS O 104 -18.72 -1.97 -7.34
C HIS O 104 -18.93 -0.50 -7.67
N SER O 105 -18.11 0.38 -7.08
CA SER O 105 -18.23 1.81 -7.34
C SER O 105 -17.78 2.16 -8.76
N SER O 106 -16.63 1.64 -9.18
CA SER O 106 -16.12 1.97 -10.51
C SER O 106 -16.88 1.23 -11.61
N VAL O 107 -17.31 -0.02 -11.34
CA VAL O 107 -18.13 -0.73 -12.30
C VAL O 107 -19.47 -0.04 -12.48
N GLY O 108 -20.09 0.40 -11.38
CA GLY O 108 -21.29 1.21 -11.47
C GLY O 108 -21.05 2.54 -12.16
N ARG O 109 -19.86 3.11 -11.98
CA ARG O 109 -19.50 4.33 -12.69
C ARG O 109 -19.41 4.09 -14.20
N GLN O 110 -18.82 2.97 -14.59
CA GLN O 110 -18.82 2.58 -16.01
C GLN O 110 -20.24 2.32 -16.49
N LEU O 111 -21.07 1.72 -15.63
CA LEU O 111 -22.48 1.54 -15.95
C LEU O 111 -23.20 2.87 -16.08
N LYS O 112 -22.83 3.85 -15.25
CA LYS O 112 -23.39 5.19 -15.39
C LYS O 112 -23.00 5.81 -16.73
N ALA O 113 -21.78 5.55 -17.18
CA ALA O 113 -21.37 6.01 -18.51
C ALA O 113 -22.18 5.32 -19.61
N ASP O 114 -22.59 4.08 -19.37
CA ASP O 114 -23.49 3.41 -20.31
C ASP O 114 -24.87 4.04 -20.29
N LEU O 115 -25.32 4.49 -19.11
CA LEU O 115 -26.61 5.18 -19.02
C LEU O 115 -26.59 6.53 -19.73
N ALA O 116 -25.42 7.13 -19.86
CA ALA O 116 -25.24 8.35 -20.65
C ALA O 116 -24.95 8.05 -22.11
N ALA O 117 -24.76 6.79 -22.47
CA ALA O 117 -24.53 6.37 -23.86
C ALA O 117 -25.66 5.55 -24.43
N ASN O 118 -26.23 4.64 -23.65
CA ASN O 118 -27.39 3.84 -24.06
C ASN O 118 -28.44 3.95 -22.96
N PRO O 119 -29.19 5.06 -22.90
CA PRO O 119 -30.19 5.22 -21.85
C PRO O 119 -31.37 4.26 -21.96
N ASP O 120 -31.60 3.67 -23.13
CA ASP O 120 -32.74 2.79 -23.35
C ASP O 120 -32.36 1.32 -23.37
N THR O 121 -31.29 0.95 -22.68
CA THR O 121 -30.81 -0.43 -22.63
C THR O 121 -31.13 -1.02 -21.26
N MET O 122 -31.87 -2.13 -21.25
CA MET O 122 -32.15 -2.83 -20.00
C MET O 122 -30.89 -3.57 -19.54
N VAL O 123 -30.67 -3.57 -18.23
CA VAL O 123 -29.44 -4.10 -17.64
C VAL O 123 -29.80 -5.22 -16.67
N ILE O 124 -29.12 -6.36 -16.81
CA ILE O 124 -29.27 -7.48 -15.89
C ILE O 124 -28.08 -7.48 -14.96
N CYS O 125 -28.33 -7.25 -13.67
CA CYS O 125 -27.27 -7.15 -12.67
C CYS O 125 -27.19 -8.44 -11.87
N VAL O 126 -25.98 -8.82 -11.51
CA VAL O 126 -25.74 -9.94 -10.59
C VAL O 126 -25.06 -9.33 -9.37
N GLY O 127 -25.85 -8.97 -8.38
CA GLY O 127 -25.35 -8.35 -7.16
C GLY O 127 -26.22 -7.17 -6.76
N ASP O 128 -26.42 -7.04 -5.44
CA ASP O 128 -27.27 -5.98 -4.92
C ASP O 128 -26.59 -4.62 -4.91
N LYS O 129 -25.25 -4.57 -4.85
CA LYS O 129 -24.54 -3.29 -4.77
C LYS O 129 -24.74 -2.47 -6.04
N ILE O 130 -24.70 -3.11 -7.21
CA ILE O 130 -24.96 -2.42 -8.45
C ILE O 130 -26.40 -1.91 -8.49
N ARG O 131 -27.33 -2.72 -7.96
CA ARG O 131 -28.73 -2.28 -7.88
C ARG O 131 -28.87 -1.07 -6.96
N ASN O 132 -28.14 -1.06 -5.84
CA ASN O 132 -28.24 0.06 -4.90
C ASN O 132 -27.75 1.36 -5.53
N ILE O 133 -26.64 1.30 -6.27
CA ILE O 133 -26.05 2.50 -6.85
C ILE O 133 -26.92 3.02 -8.00
N LEU O 134 -27.40 2.12 -8.86
CA LEU O 134 -28.01 2.54 -10.12
C LEU O 134 -29.52 2.69 -10.08
N GLN O 135 -30.18 2.33 -8.98
CA GLN O 135 -31.65 2.43 -8.93
C GLN O 135 -32.11 3.87 -8.89
N ARG O 136 -31.36 4.73 -8.20
CA ARG O 136 -31.73 6.14 -8.08
C ARG O 136 -31.66 6.85 -9.41
N LEU O 137 -30.73 6.47 -10.28
CA LEU O 137 -30.55 7.17 -11.55
C LEU O 137 -31.46 6.60 -12.63
N TYR O 138 -31.44 5.29 -12.83
CA TYR O 138 -32.10 4.64 -13.96
C TYR O 138 -32.91 3.45 -13.50
N GLY O 139 -33.77 3.66 -12.49
CA GLY O 139 -34.67 2.61 -12.05
C GLY O 139 -35.71 2.21 -13.08
N ASN O 140 -35.93 3.05 -14.10
CA ASN O 140 -36.84 2.73 -15.19
C ASN O 140 -36.20 1.86 -16.27
N ASN O 141 -34.89 1.61 -16.18
CA ASN O 141 -34.17 0.82 -17.18
C ASN O 141 -33.37 -0.28 -16.49
N LEU O 142 -34.01 -1.00 -15.57
CA LEU O 142 -33.41 -2.15 -14.90
C LEU O 142 -34.28 -3.37 -15.18
N ALA O 143 -33.73 -4.34 -15.91
CA ALA O 143 -34.48 -5.55 -16.24
C ALA O 143 -34.65 -6.45 -15.04
N MET O 144 -33.53 -6.94 -14.50
CA MET O 144 -33.55 -7.81 -13.33
C MET O 144 -32.22 -7.69 -12.61
N VAL O 145 -32.24 -7.91 -11.30
CA VAL O 145 -31.04 -7.89 -10.47
C VAL O 145 -30.96 -9.21 -9.72
N CYS O 146 -29.89 -9.96 -9.96
CA CYS O 146 -29.64 -11.18 -9.22
C CYS O 146 -29.04 -10.84 -7.86
N ASN O 147 -29.44 -11.60 -6.84
CA ASN O 147 -28.96 -11.41 -5.49
C ASN O 147 -28.56 -12.75 -4.89
N ASP O 148 -28.19 -12.73 -3.61
CA ASP O 148 -27.70 -13.90 -2.87
C ASP O 148 -26.50 -14.54 -3.59
N PHE O 149 -25.59 -13.70 -4.05
CA PHE O 149 -24.44 -14.14 -4.83
C PHE O 149 -23.17 -13.51 -4.29
N GLY O 150 -22.07 -14.25 -4.38
CA GLY O 150 -20.77 -13.72 -4.01
C GLY O 150 -20.06 -14.56 -2.97
N ARG O 151 -20.81 -15.05 -1.99
CA ARG O 151 -20.23 -15.88 -0.94
C ARG O 151 -19.74 -17.21 -1.50
N ARG O 152 -20.54 -17.83 -2.36
CA ARG O 152 -20.13 -19.06 -3.04
C ARG O 152 -19.16 -18.73 -4.17
N PRO O 153 -18.22 -19.64 -4.48
CA PRO O 153 -17.40 -19.45 -5.65
C PRO O 153 -18.24 -19.58 -6.92
N PRO O 154 -17.91 -18.85 -7.97
CA PRO O 154 -18.67 -18.96 -9.23
C PRO O 154 -18.35 -20.28 -9.93
N VAL O 155 -19.39 -21.05 -10.22
CA VAL O 155 -19.25 -22.29 -10.97
C VAL O 155 -20.12 -22.19 -12.22
N PHE O 156 -20.12 -23.23 -13.04
CA PHE O 156 -20.86 -23.16 -14.30
C PHE O 156 -22.37 -23.17 -14.09
N GLU O 157 -22.85 -23.80 -13.02
CA GLU O 157 -24.29 -23.88 -12.78
C GLU O 157 -24.89 -22.50 -12.58
N ASP O 158 -24.20 -21.64 -11.84
CA ASP O 158 -24.66 -20.26 -11.67
C ASP O 158 -24.64 -19.52 -13.00
N ALA O 159 -23.64 -19.79 -13.83
CA ALA O 159 -23.60 -19.20 -15.16
C ALA O 159 -24.78 -19.66 -16.01
N THR O 160 -25.13 -20.94 -15.89
CA THR O 160 -26.29 -21.46 -16.63
C THR O 160 -27.59 -20.89 -16.09
N LYS O 161 -27.65 -20.58 -14.79
CA LYS O 161 -28.82 -19.93 -14.24
C LYS O 161 -29.02 -18.55 -14.85
N VAL O 162 -27.93 -17.79 -15.03
CA VAL O 162 -28.02 -16.49 -15.69
C VAL O 162 -28.33 -16.67 -17.16
N ALA O 163 -27.71 -17.69 -17.78
CA ALA O 163 -27.95 -17.94 -19.21
C ALA O 163 -29.40 -18.32 -19.47
N ARG O 164 -29.99 -19.16 -18.62
CA ARG O 164 -31.40 -19.50 -18.76
C ARG O 164 -32.29 -18.29 -18.47
N ALA O 165 -31.82 -17.37 -17.62
CA ALA O 165 -32.60 -16.18 -17.32
C ALA O 165 -32.68 -15.26 -18.53
N VAL O 166 -31.59 -15.15 -19.30
CA VAL O 166 -31.60 -14.30 -20.49
C VAL O 166 -32.53 -14.88 -21.55
N LEU O 167 -32.56 -16.21 -21.68
CA LEU O 167 -33.35 -16.85 -22.73
C LEU O 167 -34.84 -16.80 -22.43
N GLU O 168 -35.24 -17.39 -21.30
CA GLU O 168 -36.66 -17.58 -21.00
C GLU O 168 -37.39 -16.29 -20.65
N SER O 169 -36.67 -15.20 -20.37
CA SER O 169 -37.34 -13.92 -20.13
C SER O 169 -37.99 -13.39 -21.40
N GLY O 170 -37.46 -13.74 -22.57
CA GLY O 170 -38.04 -13.30 -23.82
C GLY O 170 -37.78 -11.85 -24.16
N MET O 171 -36.89 -11.18 -23.45
CA MET O 171 -36.62 -9.78 -23.71
C MET O 171 -35.87 -9.62 -25.04
N GLU O 172 -36.26 -8.60 -25.81
CA GLU O 172 -35.66 -8.34 -27.09
C GLU O 172 -34.27 -7.74 -26.90
N PHE O 173 -33.29 -8.29 -27.60
CA PHE O 173 -31.94 -7.73 -27.60
C PHE O 173 -31.24 -8.17 -28.87
N THR O 174 -30.54 -7.24 -29.52
CA THR O 174 -29.76 -7.53 -30.71
C THR O 174 -28.28 -7.63 -30.38
N ASN O 175 -27.71 -6.60 -29.78
CA ASN O 175 -26.34 -6.59 -29.33
C ASN O 175 -26.32 -6.58 -27.80
N GLY O 176 -25.13 -6.48 -27.24
CA GLY O 176 -25.00 -6.42 -25.79
C GLY O 176 -23.55 -6.53 -25.37
N LYS O 177 -23.36 -6.38 -24.05
CA LYS O 177 -22.03 -6.48 -23.46
C LYS O 177 -22.16 -6.89 -22.01
N ILE O 178 -21.06 -7.41 -21.47
CA ILE O 178 -20.98 -7.87 -20.09
C ILE O 178 -19.94 -7.02 -19.37
N VAL O 179 -20.33 -6.48 -18.22
CA VAL O 179 -19.45 -5.61 -17.42
C VAL O 179 -18.80 -6.45 -16.35
N TYR O 180 -17.46 -6.43 -16.31
CA TYR O 180 -16.70 -7.22 -15.36
C TYR O 180 -15.37 -6.54 -15.10
N ASN O 181 -14.75 -6.91 -13.98
CA ASN O 181 -13.44 -6.38 -13.59
C ASN O 181 -12.36 -7.32 -14.12
N ALA O 182 -11.60 -6.84 -15.11
CA ALA O 182 -10.52 -7.66 -15.64
C ALA O 182 -9.39 -7.77 -14.62
N PHE O 183 -8.60 -8.82 -14.75
CA PHE O 183 -7.49 -9.10 -13.84
C PHE O 183 -6.19 -8.72 -14.54
N ARG O 184 -5.82 -7.45 -14.42
CA ARG O 184 -4.57 -6.99 -15.02
C ARG O 184 -3.36 -7.48 -14.24
N SER O 185 -3.37 -7.28 -12.92
CA SER O 185 -2.26 -7.69 -12.08
C SER O 185 -2.78 -7.86 -10.65
N VAL O 186 -1.85 -8.01 -9.71
CA VAL O 186 -2.22 -8.20 -8.31
C VAL O 186 -2.85 -6.93 -7.74
N VAL O 187 -2.32 -5.77 -8.11
CA VAL O 187 -2.79 -4.50 -7.55
C VAL O 187 -3.62 -3.70 -8.54
N SER O 188 -3.69 -4.11 -9.80
CA SER O 188 -4.40 -3.36 -10.83
C SER O 188 -5.50 -4.22 -11.43
N PHE O 189 -6.71 -3.69 -11.45
CA PHE O 189 -7.84 -4.32 -12.13
C PHE O 189 -8.51 -3.29 -13.04
N ARG O 190 -8.91 -3.73 -14.22
CA ARG O 190 -9.48 -2.86 -15.24
C ARG O 190 -10.92 -3.25 -15.49
N THR O 191 -11.79 -2.27 -15.70
CA THR O 191 -13.20 -2.51 -16.00
C THR O 191 -13.37 -2.43 -17.51
N THR O 192 -13.56 -3.58 -18.14
CA THR O 192 -13.76 -3.68 -19.57
C THR O 192 -15.14 -4.27 -19.86
N ASP O 193 -15.41 -4.54 -21.14
CA ASP O 193 -16.67 -5.13 -21.55
C ASP O 193 -16.42 -6.18 -22.61
N ILE O 194 -17.15 -7.29 -22.50
CA ILE O 194 -17.11 -8.38 -23.48
C ILE O 194 -18.42 -8.33 -24.26
N PRO O 195 -18.37 -8.13 -25.58
CA PRO O 195 -19.61 -8.04 -26.35
C PRO O 195 -20.31 -9.38 -26.45
N VAL O 196 -21.63 -9.36 -26.32
CA VAL O 196 -22.46 -10.55 -26.43
C VAL O 196 -23.57 -10.25 -27.43
N PHE O 197 -23.69 -11.07 -28.46
CA PHE O 197 -24.68 -10.89 -29.50
C PHE O 197 -25.83 -11.90 -29.33
N SER O 198 -26.82 -11.77 -30.19
CA SER O 198 -28.01 -12.60 -30.16
C SER O 198 -28.00 -13.57 -31.33
N LYS O 199 -28.95 -14.52 -31.27
CA LYS O 199 -29.13 -15.46 -32.38
C LYS O 199 -29.54 -14.72 -33.65
N ASN O 200 -30.45 -13.74 -33.53
CA ASN O 200 -30.89 -12.98 -34.69
C ASN O 200 -29.76 -12.15 -35.28
N ALA O 201 -28.92 -11.57 -34.43
CA ALA O 201 -27.79 -10.80 -34.92
C ALA O 201 -26.73 -11.70 -35.55
N ILE O 202 -26.58 -12.92 -35.03
CA ILE O 202 -25.60 -13.85 -35.57
C ILE O 202 -25.97 -14.28 -36.98
N GLU O 203 -27.26 -14.54 -37.23
CA GLU O 203 -27.71 -14.91 -38.56
C GLU O 203 -27.51 -13.77 -39.56
N SER O 204 -27.67 -12.53 -39.12
CA SER O 204 -27.56 -11.37 -39.98
C SER O 204 -26.13 -10.88 -40.16
N ALA O 205 -25.15 -11.59 -39.60
CA ALA O 205 -23.76 -11.17 -39.68
C ALA O 205 -23.24 -11.31 -41.11
N ASP O 206 -22.30 -10.42 -41.47
CA ASP O 206 -21.76 -10.42 -42.82
C ASP O 206 -20.81 -11.59 -43.04
N SER O 207 -19.97 -11.89 -42.05
CA SER O 207 -18.98 -12.95 -42.19
C SER O 207 -19.50 -14.30 -41.73
N ILE O 208 -20.76 -14.39 -41.28
CA ILE O 208 -21.30 -15.66 -40.84
C ILE O 208 -21.63 -16.58 -42.02
N ALA O 209 -21.71 -16.03 -43.23
CA ALA O 209 -21.92 -16.87 -44.41
C ALA O 209 -20.71 -17.76 -44.71
N ALA O 210 -19.52 -17.35 -44.28
CA ALA O 210 -18.35 -18.19 -44.45
C ALA O 210 -18.37 -19.42 -43.55
N TYR O 211 -19.13 -19.37 -42.46
CA TYR O 211 -19.28 -20.51 -41.58
C TYR O 211 -20.42 -21.39 -42.08
N ASP O 212 -20.17 -22.69 -42.15
CA ASP O 212 -21.09 -23.62 -42.80
C ASP O 212 -21.90 -24.38 -41.76
N SER O 213 -22.75 -25.30 -42.25
CA SER O 213 -23.59 -26.17 -41.44
C SER O 213 -24.49 -25.38 -40.50
N LEU O 214 -24.95 -24.22 -40.97
CA LEU O 214 -25.72 -23.30 -40.13
C LEU O 214 -27.20 -23.50 -40.40
N ASP O 215 -27.93 -23.90 -39.36
CA ASP O 215 -29.39 -23.88 -39.41
C ASP O 215 -29.91 -23.18 -38.15
N SER O 216 -31.22 -23.24 -37.91
CA SER O 216 -31.79 -22.52 -36.78
C SER O 216 -31.39 -23.17 -35.47
N ASP O 217 -31.47 -24.49 -35.38
CA ASP O 217 -31.22 -25.17 -34.11
C ASP O 217 -29.74 -25.15 -33.74
N VAL O 218 -28.85 -25.24 -34.73
CA VAL O 218 -27.42 -25.21 -34.45
C VAL O 218 -27.00 -23.84 -33.94
N ILE O 219 -27.45 -22.79 -34.63
CA ILE O 219 -27.12 -21.43 -34.22
C ILE O 219 -27.71 -21.12 -32.84
N GLN O 220 -28.96 -21.53 -32.62
CA GLN O 220 -29.61 -21.24 -31.35
C GLN O 220 -28.90 -21.91 -30.17
N SER O 221 -28.52 -23.18 -30.33
CA SER O 221 -27.87 -23.89 -29.23
C SER O 221 -26.43 -23.41 -29.04
N TYR O 222 -25.73 -23.09 -30.13
CA TYR O 222 -24.36 -22.62 -30.02
C TYR O 222 -24.30 -21.25 -29.36
N VAL O 223 -25.24 -20.36 -29.71
CA VAL O 223 -25.26 -19.02 -29.12
C VAL O 223 -25.59 -19.10 -27.64
N GLU O 224 -26.56 -19.93 -27.27
CA GLU O 224 -26.96 -20.01 -25.87
C GLU O 224 -25.96 -20.82 -25.04
N TYR O 225 -24.95 -21.41 -25.67
CA TYR O 225 -23.86 -21.98 -24.89
C TYR O 225 -22.61 -21.12 -24.95
N SER O 226 -22.44 -20.36 -26.03
CA SER O 226 -21.36 -19.37 -26.03
C SER O 226 -21.61 -18.28 -25.00
N LEU O 227 -22.88 -17.93 -24.80
CA LEU O 227 -23.23 -16.97 -23.75
C LEU O 227 -22.89 -17.52 -22.37
N ALA O 228 -23.14 -18.81 -22.15
CA ALA O 228 -22.86 -19.39 -20.84
C ALA O 228 -21.38 -19.72 -20.69
N SER O 229 -20.60 -19.55 -21.75
CA SER O 229 -19.16 -19.71 -21.60
C SER O 229 -18.49 -18.35 -21.43
N LEU O 230 -19.09 -17.28 -21.96
CA LEU O 230 -18.56 -15.95 -21.71
C LEU O 230 -18.90 -15.49 -20.30
N ILE O 231 -20.11 -15.80 -19.83
CA ILE O 231 -20.51 -15.43 -18.47
C ILE O 231 -19.65 -16.15 -17.45
N TYR O 232 -19.32 -17.41 -17.71
CA TYR O 232 -18.41 -18.13 -16.81
C TYR O 232 -17.01 -17.55 -16.85
N TYR O 233 -16.58 -17.04 -18.00
CA TYR O 233 -15.25 -16.45 -18.05
C TYR O 233 -15.18 -15.15 -17.27
N THR O 234 -16.21 -14.30 -17.38
CA THR O 234 -16.22 -13.07 -16.61
C THR O 234 -16.35 -13.34 -15.12
N MET O 235 -17.13 -14.35 -14.76
CA MET O 235 -17.33 -14.66 -13.34
C MET O 235 -16.03 -15.13 -12.69
N LYS O 236 -15.18 -15.82 -13.44
CA LYS O 236 -13.87 -16.17 -12.89
C LYS O 236 -12.94 -14.98 -12.86
N GLU O 237 -12.99 -14.13 -13.87
CA GLU O 237 -12.17 -12.92 -13.87
C GLU O 237 -12.62 -11.95 -12.80
N ASN O 238 -13.93 -11.79 -12.63
CA ASN O 238 -14.44 -10.86 -11.62
C ASN O 238 -14.12 -11.34 -10.21
N ALA O 239 -14.25 -12.64 -9.96
CA ALA O 239 -13.98 -13.16 -8.63
C ALA O 239 -12.51 -13.01 -8.26
N THR O 240 -11.60 -13.30 -9.19
CA THR O 240 -10.18 -13.13 -8.91
C THR O 240 -9.82 -11.66 -8.74
N SER O 241 -10.38 -10.79 -9.57
CA SER O 241 -10.13 -9.36 -9.44
C SER O 241 -10.69 -8.82 -8.14
N GLU O 242 -11.85 -9.31 -7.71
CA GLU O 242 -12.45 -8.83 -6.47
C GLU O 242 -11.66 -9.27 -5.25
N GLN O 243 -11.21 -10.54 -5.24
CA GLN O 243 -10.40 -11.00 -4.11
C GLN O 243 -9.04 -10.33 -4.10
N SER O 244 -8.45 -10.08 -5.26
CA SER O 244 -7.17 -9.38 -5.33
C SER O 244 -7.31 -7.95 -4.81
N SER O 245 -8.38 -7.26 -5.19
CA SER O 245 -8.58 -5.90 -4.72
C SER O 245 -8.83 -5.88 -3.22
N ARG O 246 -9.62 -6.83 -2.71
CA ARG O 246 -9.87 -6.89 -1.28
C ARG O 246 -8.62 -7.26 -0.51
N MET O 247 -7.75 -8.07 -1.11
CA MET O 247 -6.49 -8.45 -0.45
C MET O 247 -5.56 -7.25 -0.35
N THR O 248 -5.42 -6.49 -1.43
CA THR O 248 -4.51 -5.34 -1.40
C THR O 248 -5.13 -4.17 -0.64
N ALA O 249 -6.46 -4.13 -0.51
CA ALA O 249 -7.07 -3.08 0.30
C ALA O 249 -6.86 -3.35 1.78
N MET O 250 -7.02 -4.60 2.21
CA MET O 250 -6.73 -4.95 3.59
C MET O 250 -5.24 -4.86 3.89
N ASP O 251 -4.39 -5.15 2.90
CA ASP O 251 -2.96 -5.00 3.10
C ASP O 251 -2.59 -3.54 3.31
N ASN O 252 -3.18 -2.64 2.52
CA ASN O 252 -2.96 -1.21 2.72
C ASN O 252 -3.56 -0.75 4.04
N ALA O 253 -4.74 -1.26 4.40
CA ALA O 253 -5.38 -0.87 5.65
C ALA O 253 -4.58 -1.34 6.86
N SER O 254 -4.02 -2.54 6.80
CA SER O 254 -3.23 -3.06 7.91
C SER O 254 -1.92 -2.30 8.07
N LYS O 255 -1.28 -1.95 6.95
CA LYS O 255 -0.06 -1.15 7.02
C LYS O 255 -0.34 0.25 7.56
N ASN O 256 -1.43 0.86 7.10
CA ASN O 256 -1.77 2.20 7.57
C ASN O 256 -2.21 2.20 9.03
N ALA O 257 -2.95 1.17 9.44
CA ALA O 257 -3.30 1.03 10.86
C ALA O 257 -2.05 0.75 11.68
N GLY O 258 -1.10 0.00 11.14
CA GLY O 258 0.15 -0.23 11.85
C GLY O 258 0.95 1.04 12.03
N GLU O 259 0.99 1.89 11.00
CA GLU O 259 1.66 3.18 11.14
C GLU O 259 0.94 4.08 12.12
N MET O 260 -0.40 4.04 12.12
CA MET O 260 -1.16 4.86 13.06
C MET O 260 -1.03 4.35 14.48
N ILE O 261 -0.84 3.04 14.66
CA ILE O 261 -0.58 2.49 15.99
C ILE O 261 0.74 3.01 16.53
N ASP O 262 1.78 3.02 15.69
CA ASP O 262 3.10 3.45 16.13
C ASP O 262 3.11 4.93 16.51
N LYS O 263 2.43 5.77 15.74
CA LYS O 263 2.38 7.19 16.07
C LYS O 263 1.53 7.45 17.31
N LEU O 264 0.43 6.70 17.47
CA LEU O 264 -0.40 6.86 18.66
C LEU O 264 0.28 6.29 19.90
N THR O 265 1.14 5.27 19.74
CA THR O 265 1.89 4.75 20.86
C THR O 265 2.91 5.75 21.36
N MET O 266 3.59 6.44 20.45
CA MET O 266 4.54 7.48 20.85
C MET O 266 3.82 8.69 21.45
N THR O 267 2.65 9.02 20.91
CA THR O 267 1.85 10.09 21.50
C THR O 267 1.36 9.71 22.89
N PHE O 268 0.96 8.44 23.07
CA PHE O 268 0.55 7.97 24.39
C PHE O 268 1.70 8.01 25.38
N ASN O 269 2.90 7.63 24.94
CA ASN O 269 4.05 7.63 25.84
C ASN O 269 4.47 9.05 26.21
N ARG O 270 4.40 9.98 25.26
CA ARG O 270 4.67 11.38 25.57
C ARG O 270 3.63 11.95 26.54
N THR O 271 2.36 11.62 26.31
CA THR O 271 1.29 12.15 27.16
C THR O 271 1.35 11.54 28.55
N ARG O 272 1.68 10.25 28.65
CA ARG O 272 1.82 9.61 29.95
C ARG O 272 2.95 10.24 30.76
N GLN O 273 4.09 10.50 30.10
CA GLN O 273 5.22 11.10 30.79
C GLN O 273 4.93 12.56 31.15
N ALA O 274 4.20 13.27 30.30
CA ALA O 274 3.86 14.66 30.58
C ALA O 274 2.87 14.77 31.74
N VAL O 275 1.96 13.81 31.85
CA VAL O 275 1.00 13.81 32.96
C VAL O 275 1.70 13.57 34.29
N ILE O 276 2.64 12.62 34.31
CA ILE O 276 3.37 12.32 35.54
C ILE O 276 4.21 13.52 35.98
N THR O 277 4.89 14.15 35.02
CA THR O 277 5.73 15.30 35.34
C THR O 277 4.90 16.49 35.81
N ARG O 278 3.78 16.76 35.13
CA ARG O 278 2.95 17.90 35.48
C ARG O 278 2.29 17.71 36.84
N GLU O 279 1.85 16.49 37.15
CA GLU O 279 1.22 16.23 38.44
C GLU O 279 2.21 16.38 39.58
N LEU O 280 3.45 15.95 39.36
CA LEU O 280 4.46 16.05 40.42
C LEU O 280 4.87 17.49 40.67
N ILE O 281 4.94 18.30 39.60
CA ILE O 281 5.29 19.71 39.75
C ILE O 281 4.22 20.45 40.54
N GLU O 282 2.95 20.08 40.34
CA GLU O 282 1.86 20.66 41.11
C GLU O 282 1.98 20.30 42.59
N ILE O 283 2.38 19.07 42.89
CA ILE O 283 2.54 18.65 44.29
C ILE O 283 3.73 19.36 44.92
N ILE O 284 4.83 19.50 44.16
CA ILE O 284 6.02 20.19 44.67
C ILE O 284 5.72 21.66 44.92
N SER O 285 4.99 22.30 44.01
CA SER O 285 4.64 23.70 44.19
C SER O 285 3.75 23.91 45.40
N GLY O 286 2.81 22.99 45.63
CA GLY O 286 2.00 23.07 46.83
C GLY O 286 2.81 22.82 48.10
N ALA O 287 3.79 21.92 48.02
CA ALA O 287 4.62 21.63 49.18
C ALA O 287 5.59 22.78 49.48
N SER O 288 6.13 23.41 48.43
CA SER O 288 7.09 24.47 48.63
C SER O 288 6.44 25.77 49.09
N ALA O 289 5.15 25.97 48.77
CA ALA O 289 4.46 27.19 49.15
C ALA O 289 4.04 27.21 50.60
N LEU O 290 4.20 26.11 51.33
CA LEU O 290 3.87 26.07 52.75
C LEU O 290 4.96 26.72 53.58
N GLN P 34 -0.16 -27.32 -37.52
CA GLN P 34 -0.62 -25.98 -37.87
C GLN P 34 -2.05 -25.76 -37.40
N MET P 35 -2.70 -26.84 -36.95
CA MET P 35 -4.08 -26.76 -36.48
C MET P 35 -4.05 -26.41 -34.99
N ALA P 36 -4.43 -25.18 -34.67
CA ALA P 36 -4.41 -24.73 -33.28
C ALA P 36 -5.59 -25.35 -32.52
N PHE P 37 -5.28 -26.03 -31.42
CA PHE P 37 -6.29 -26.72 -30.63
C PHE P 37 -6.47 -26.02 -29.30
N THR P 38 -7.73 -25.75 -28.93
CA THR P 38 -8.06 -25.07 -27.69
C THR P 38 -9.11 -25.85 -26.92
N PHE P 39 -8.90 -27.15 -26.80
CA PHE P 39 -9.83 -28.01 -26.09
C PHE P 39 -9.76 -27.71 -24.59
N ALA P 40 -10.77 -27.03 -24.08
CA ALA P 40 -10.85 -26.67 -22.68
C ALA P 40 -12.17 -27.18 -22.09
N ALA P 41 -12.35 -26.93 -20.80
CA ALA P 41 -13.55 -27.33 -20.09
C ALA P 41 -13.64 -26.48 -18.83
N PRO P 42 -14.85 -26.36 -18.24
CA PRO P 42 -14.95 -25.69 -16.93
C PRO P 42 -14.15 -26.37 -15.84
N SER P 43 -13.93 -27.68 -15.93
CA SER P 43 -13.16 -28.40 -14.92
C SER P 43 -11.67 -28.41 -15.25
N GLN P 44 -11.31 -28.95 -16.41
CA GLN P 44 -9.92 -29.17 -16.77
C GLN P 44 -9.60 -28.43 -18.07
N VAL P 45 -8.31 -28.43 -18.41
CA VAL P 45 -7.83 -27.86 -19.67
C VAL P 45 -6.89 -28.86 -20.31
N PHE P 46 -7.14 -29.19 -21.58
CA PHE P 46 -6.43 -30.27 -22.26
C PHE P 46 -5.36 -29.77 -23.21
N TYR P 47 -5.73 -28.93 -24.17
CA TYR P 47 -4.78 -28.45 -25.17
C TYR P 47 -4.92 -26.94 -25.31
N ASN P 48 -3.82 -26.29 -25.64
CA ASN P 48 -3.80 -24.84 -25.87
C ASN P 48 -2.90 -24.57 -27.06
N ASN P 49 -3.51 -24.38 -28.24
CA ASN P 49 -2.81 -24.08 -29.49
C ASN P 49 -1.76 -25.14 -29.83
N ALA P 50 -2.12 -26.41 -29.64
CA ALA P 50 -1.24 -27.52 -29.92
C ALA P 50 -1.57 -28.11 -31.28
N ASN P 51 -0.53 -28.47 -32.05
CA ASN P 51 -0.71 -29.00 -33.38
C ASN P 51 -1.21 -30.44 -33.31
N ILE P 52 -2.42 -30.67 -33.83
CA ILE P 52 -3.06 -31.98 -33.81
C ILE P 52 -3.33 -32.39 -35.24
N ARG P 53 -3.05 -33.66 -35.56
CA ARG P 53 -3.28 -34.14 -36.91
C ARG P 53 -4.76 -34.36 -37.18
N GLN P 54 -5.48 -34.90 -36.21
CA GLN P 54 -6.90 -35.20 -36.42
C GLN P 54 -7.64 -35.19 -35.10
N VAL P 55 -8.80 -34.53 -35.08
CA VAL P 55 -9.75 -34.61 -33.97
C VAL P 55 -11.11 -34.93 -34.53
N ASP P 56 -11.71 -36.03 -34.07
CA ASP P 56 -13.05 -36.41 -34.48
C ASP P 56 -14.04 -36.03 -33.39
N VAL P 57 -15.08 -35.31 -33.76
CA VAL P 57 -16.00 -34.68 -32.82
C VAL P 57 -17.39 -35.23 -33.09
N PRO P 58 -18.11 -35.72 -32.09
CA PRO P 58 -19.53 -36.04 -32.25
C PRO P 58 -20.38 -34.79 -32.07
N SER P 59 -20.94 -34.30 -33.16
CA SER P 59 -21.77 -33.10 -33.12
C SER P 59 -23.19 -33.43 -33.54
N PHE P 60 -24.09 -32.48 -33.32
CA PHE P 60 -25.47 -32.66 -33.75
C PHE P 60 -25.61 -32.66 -35.27
N SER P 61 -24.65 -32.07 -35.98
CA SER P 61 -24.66 -32.08 -37.44
C SER P 61 -23.96 -33.29 -38.02
N GLY P 62 -23.73 -34.33 -37.22
CA GLY P 62 -23.05 -35.53 -37.69
C GLY P 62 -21.69 -35.68 -37.04
N SER P 63 -21.34 -36.92 -36.72
CA SER P 63 -20.12 -37.20 -35.96
C SER P 63 -18.91 -37.12 -36.88
N PHE P 64 -18.62 -35.91 -37.34
CA PHE P 64 -17.60 -35.73 -38.35
C PHE P 64 -16.23 -35.54 -37.72
N GLY P 65 -15.23 -35.35 -38.58
CA GLY P 65 -13.85 -35.25 -38.14
C GLY P 65 -13.18 -33.98 -38.61
N ILE P 66 -12.06 -33.63 -37.99
CA ILE P 66 -11.37 -32.38 -38.26
C ILE P 66 -9.93 -32.68 -38.65
N LEU P 67 -9.47 -32.06 -39.72
CA LEU P 67 -8.08 -32.04 -40.17
C LEU P 67 -7.65 -30.60 -40.31
N PRO P 68 -6.34 -30.31 -40.31
CA PRO P 68 -5.88 -28.92 -40.43
C PRO P 68 -6.36 -28.26 -41.72
N ALA P 69 -6.62 -26.95 -41.61
CA ALA P 69 -7.27 -26.15 -42.65
C ALA P 69 -8.62 -26.77 -43.03
N HIS P 70 -9.47 -26.92 -42.04
CA HIS P 70 -10.76 -27.58 -42.18
C HIS P 70 -11.77 -26.62 -42.81
N VAL P 71 -13.03 -27.05 -42.87
CA VAL P 71 -14.09 -26.20 -43.36
C VAL P 71 -14.44 -25.16 -42.30
N ALA P 72 -14.55 -23.90 -42.72
CA ALA P 72 -15.03 -22.85 -41.83
C ALA P 72 -16.48 -23.14 -41.46
N THR P 73 -16.71 -23.52 -40.21
CA THR P 73 -18.04 -23.94 -39.75
C THR P 73 -18.07 -23.93 -38.23
N LEU P 74 -19.23 -24.23 -37.68
CA LEU P 74 -19.41 -24.39 -36.25
C LEU P 74 -20.58 -25.34 -36.03
N ALA P 75 -20.53 -26.07 -34.91
CA ALA P 75 -21.54 -27.08 -34.64
C ALA P 75 -21.64 -27.28 -33.14
N VAL P 76 -22.69 -27.98 -32.73
CA VAL P 76 -23.05 -28.17 -31.34
C VAL P 76 -22.70 -29.60 -30.93
N LEU P 77 -21.96 -29.74 -29.83
CA LEU P 77 -21.57 -31.05 -29.33
C LEU P 77 -22.77 -31.84 -28.83
N LYS P 78 -22.62 -33.16 -28.85
CA LYS P 78 -23.59 -34.12 -28.37
C LYS P 78 -22.84 -35.15 -27.56
N PRO P 79 -23.53 -35.91 -26.67
CA PRO P 79 -22.84 -36.93 -25.87
C PRO P 79 -22.10 -37.96 -26.70
N GLY P 80 -20.77 -37.96 -26.63
CA GLY P 80 -19.99 -38.86 -27.44
C GLY P 80 -18.52 -38.76 -27.12
N VAL P 81 -17.72 -39.46 -27.91
CA VAL P 81 -16.30 -39.66 -27.65
C VAL P 81 -15.52 -38.79 -28.62
N VAL P 82 -15.09 -37.61 -28.17
CA VAL P 82 -14.12 -36.84 -28.93
C VAL P 82 -12.78 -37.55 -28.86
N THR P 83 -12.10 -37.66 -30.00
CA THR P 83 -10.81 -38.31 -30.06
C THR P 83 -9.75 -37.32 -30.52
N VAL P 84 -8.53 -37.49 -30.00
CA VAL P 84 -7.40 -36.62 -30.32
C VAL P 84 -6.29 -37.47 -30.92
N TYR P 85 -5.82 -37.07 -32.10
CA TYR P 85 -4.73 -37.75 -32.79
C TYR P 85 -3.67 -36.69 -33.13
N GLN P 86 -2.67 -36.56 -32.27
CA GLN P 86 -1.69 -35.48 -32.38
C GLN P 86 -0.70 -35.77 -33.50
N GLU P 87 0.34 -34.95 -33.60
CA GLU P 87 1.35 -35.11 -34.65
C GLU P 87 2.15 -36.41 -34.50
N ASP P 88 2.23 -36.96 -33.29
CA ASP P 88 2.90 -38.23 -33.08
C ASP P 88 1.99 -39.42 -33.33
N GLY P 89 0.73 -39.19 -33.70
CA GLY P 89 -0.21 -40.27 -33.91
C GLY P 89 -0.80 -40.85 -32.65
N SER P 90 -0.60 -40.22 -31.50
CA SER P 90 -1.12 -40.74 -30.25
C SER P 90 -2.63 -40.63 -30.21
N THR P 91 -3.30 -41.72 -29.84
CA THR P 91 -4.76 -41.78 -29.77
C THR P 91 -5.19 -41.55 -28.32
N LYS P 92 -6.00 -40.51 -28.11
CA LYS P 92 -6.55 -40.19 -26.80
C LYS P 92 -8.05 -39.98 -26.93
N LYS P 93 -8.81 -40.58 -26.02
CA LYS P 93 -10.26 -40.53 -26.06
C LYS P 93 -10.77 -39.66 -24.92
N TYR P 94 -11.59 -38.66 -25.26
CA TYR P 94 -12.11 -37.68 -24.30
C TYR P 94 -13.63 -37.64 -24.41
N PHE P 95 -14.32 -38.40 -23.58
CA PHE P 95 -15.78 -38.34 -23.57
C PHE P 95 -16.23 -37.01 -22.97
N VAL P 96 -17.21 -36.38 -23.63
CA VAL P 96 -17.80 -35.14 -23.15
C VAL P 96 -19.29 -35.34 -23.02
N SER P 97 -19.94 -34.39 -22.34
CA SER P 97 -21.38 -34.48 -22.13
C SER P 97 -22.17 -33.46 -22.94
N SER P 98 -21.57 -32.33 -23.28
CA SER P 98 -22.17 -31.34 -24.17
C SER P 98 -21.07 -30.38 -24.59
N GLY P 99 -21.45 -29.29 -25.26
CA GLY P 99 -20.49 -28.26 -25.57
C GLY P 99 -20.66 -27.56 -26.89
N THR P 100 -19.55 -27.08 -27.45
CA THR P 100 -19.53 -26.38 -28.71
C THR P 100 -18.27 -26.71 -29.47
N VAL P 101 -18.35 -26.66 -30.80
CA VAL P 101 -17.21 -26.88 -31.68
C VAL P 101 -17.22 -25.82 -32.75
N THR P 102 -16.10 -25.11 -32.90
CA THR P 102 -16.00 -24.05 -33.89
C THR P 102 -14.67 -24.14 -34.61
N VAL P 103 -14.72 -24.12 -35.95
CA VAL P 103 -13.53 -24.11 -36.79
C VAL P 103 -13.58 -22.84 -37.63
N ASN P 104 -12.58 -21.98 -37.46
CA ASN P 104 -12.53 -20.71 -38.15
C ASN P 104 -11.67 -20.82 -39.42
N ASP P 105 -11.66 -19.74 -40.20
CA ASP P 105 -10.97 -19.76 -41.48
C ASP P 105 -9.45 -19.74 -41.35
N ASP P 106 -8.93 -19.37 -40.18
CA ASP P 106 -7.49 -19.32 -39.96
C ASP P 106 -6.94 -20.62 -39.37
N SER P 107 -7.61 -21.74 -39.61
CA SER P 107 -7.23 -23.06 -39.10
C SER P 107 -7.10 -23.07 -37.58
N SER P 108 -8.01 -22.36 -36.91
CA SER P 108 -8.05 -22.29 -35.46
C SER P 108 -9.25 -23.07 -34.96
N VAL P 109 -9.00 -24.08 -34.13
CA VAL P 109 -10.04 -24.98 -33.63
C VAL P 109 -10.30 -24.63 -32.19
N GLN P 110 -11.56 -24.33 -31.87
CA GLN P 110 -12.00 -24.00 -30.51
C GLN P 110 -13.09 -24.99 -30.14
N VAL P 111 -12.72 -26.05 -29.45
CA VAL P 111 -13.68 -27.03 -28.95
C VAL P 111 -13.81 -26.81 -27.46
N LEU P 112 -14.99 -26.36 -27.02
CA LEU P 112 -15.28 -26.17 -25.61
C LEU P 112 -16.39 -27.15 -25.24
N ALA P 113 -16.17 -27.90 -24.17
CA ALA P 113 -17.09 -28.95 -23.76
C ALA P 113 -17.44 -28.78 -22.31
N GLU P 114 -18.61 -29.31 -21.93
CA GLU P 114 -19.15 -29.05 -20.60
C GLU P 114 -18.36 -29.76 -19.50
N GLU P 115 -18.07 -31.05 -19.69
CA GLU P 115 -17.20 -31.74 -18.74
C GLU P 115 -16.46 -32.83 -19.53
N ALA P 116 -15.26 -32.49 -19.98
CA ALA P 116 -14.45 -33.40 -20.77
C ALA P 116 -13.55 -34.20 -19.84
N VAL P 117 -13.66 -35.51 -19.90
CA VAL P 117 -12.81 -36.41 -19.12
C VAL P 117 -12.26 -37.48 -20.05
N PRO P 118 -11.06 -37.99 -19.81
CA PRO P 118 -10.65 -39.23 -20.48
C PRO P 118 -11.56 -40.37 -20.08
N VAL P 119 -11.84 -41.25 -21.05
CA VAL P 119 -12.85 -42.30 -20.84
C VAL P 119 -12.35 -43.44 -19.97
N GLU P 120 -11.05 -43.50 -19.68
CA GLU P 120 -10.53 -44.57 -18.85
C GLU P 120 -11.01 -44.49 -17.42
N ASN P 121 -11.30 -43.29 -16.92
CA ASN P 121 -11.88 -43.14 -15.59
C ASN P 121 -13.40 -43.10 -15.63
N LEU P 122 -13.99 -44.10 -16.29
CA LEU P 122 -15.42 -44.25 -16.40
C LEU P 122 -15.78 -45.73 -16.30
N ASP P 123 -17.02 -45.99 -15.89
CA ASP P 123 -17.49 -47.34 -15.63
C ASP P 123 -18.65 -47.67 -16.55
N LEU P 124 -18.56 -48.81 -17.25
CA LEU P 124 -19.67 -49.28 -18.05
C LEU P 124 -20.84 -49.74 -17.18
N GLN P 125 -20.54 -50.29 -16.01
CA GLN P 125 -21.59 -50.67 -15.07
C GLN P 125 -22.35 -49.45 -14.57
N ALA P 126 -21.63 -48.35 -14.29
CA ALA P 126 -22.29 -47.10 -13.95
C ALA P 126 -23.08 -46.55 -15.12
N ALA P 127 -22.58 -46.76 -16.35
CA ALA P 127 -23.29 -46.30 -17.53
C ALA P 127 -24.62 -47.00 -17.70
N ARG P 128 -24.65 -48.32 -17.47
CA ARG P 128 -25.90 -49.05 -17.58
C ARG P 128 -26.82 -48.78 -16.39
N ASP P 129 -26.24 -48.47 -15.22
CA ASP P 129 -27.06 -48.14 -14.06
C ASP P 129 -27.82 -46.84 -14.28
N ILE P 130 -27.16 -45.83 -14.83
CA ILE P 130 -27.84 -44.59 -15.19
C ILE P 130 -28.81 -44.84 -16.34
N LEU P 131 -28.43 -45.71 -17.28
CA LEU P 131 -29.30 -46.04 -18.40
C LEU P 131 -30.56 -46.75 -17.92
N SER P 132 -30.43 -47.69 -17.00
CA SER P 132 -31.60 -48.34 -16.41
C SER P 132 -32.44 -47.36 -15.60
N LYS P 133 -31.77 -46.46 -14.88
CA LYS P 133 -32.47 -45.39 -14.18
C LYS P 133 -33.21 -44.49 -15.15
N ALA P 134 -32.58 -44.18 -16.29
CA ALA P 134 -33.23 -43.38 -17.33
C ALA P 134 -34.45 -44.10 -17.89
N GLN P 135 -34.34 -45.41 -18.11
CA GLN P 135 -35.48 -46.19 -18.60
C GLN P 135 -36.62 -46.18 -17.61
N SER P 136 -36.31 -46.23 -16.32
CA SER P 136 -37.35 -46.11 -15.30
C SER P 136 -38.01 -44.74 -15.35
N ASP P 137 -37.22 -43.69 -15.60
CA ASP P 137 -37.79 -42.35 -15.73
C ASP P 137 -38.69 -42.25 -16.94
N VAL P 138 -38.31 -42.91 -18.04
CA VAL P 138 -39.15 -42.91 -19.25
C VAL P 138 -40.48 -43.61 -18.98
N THR P 139 -40.41 -44.78 -18.36
CA THR P 139 -41.62 -45.56 -18.10
C THR P 139 -42.51 -44.89 -17.07
N SER P 140 -41.93 -44.23 -16.07
CA SER P 140 -42.70 -43.56 -15.04
C SER P 140 -43.04 -42.11 -15.40
N ALA P 141 -42.64 -41.64 -16.57
CA ALA P 141 -42.97 -40.28 -16.98
C ALA P 141 -44.46 -40.12 -17.21
N GLY P 142 -45.06 -41.02 -17.99
CA GLY P 142 -46.49 -40.96 -18.28
C GLY P 142 -46.90 -39.69 -19.01
N ALA P 143 -47.82 -38.95 -18.41
CA ALA P 143 -48.28 -37.69 -18.98
C ALA P 143 -47.27 -36.55 -18.80
N ASP P 144 -46.22 -36.76 -18.00
CA ASP P 144 -45.19 -35.74 -17.81
C ASP P 144 -44.27 -35.79 -19.02
N MET P 145 -44.60 -34.97 -20.03
CA MET P 145 -43.80 -34.96 -21.26
C MET P 145 -42.43 -34.36 -21.03
N LEU P 146 -42.30 -33.40 -20.11
CA LEU P 146 -40.99 -32.85 -19.79
C LEU P 146 -40.10 -33.90 -19.15
N LYS P 147 -40.64 -34.66 -18.18
CA LYS P 147 -39.88 -35.75 -17.58
C LYS P 147 -39.60 -36.85 -18.60
N LEU P 148 -40.49 -37.03 -19.58
CA LEU P 148 -40.22 -37.95 -20.67
C LEU P 148 -39.04 -37.50 -21.49
N ALA P 149 -38.92 -36.18 -21.73
CA ALA P 149 -37.77 -35.66 -22.45
C ALA P 149 -36.49 -35.85 -21.64
N GLU P 150 -36.55 -35.64 -20.32
CA GLU P 150 -35.36 -35.82 -19.50
C GLU P 150 -34.93 -37.28 -19.46
N GLY P 151 -35.90 -38.20 -19.45
CA GLY P 151 -35.56 -39.60 -19.55
C GLY P 151 -34.91 -39.94 -20.88
N GLN P 152 -35.42 -39.35 -21.97
CA GLN P 152 -34.81 -39.55 -23.27
C GLN P 152 -33.40 -38.97 -23.32
N ILE P 153 -33.18 -37.81 -22.70
CA ILE P 153 -31.88 -37.19 -22.69
C ILE P 153 -30.87 -38.04 -21.93
N ALA P 154 -31.27 -38.55 -20.77
CA ALA P 154 -30.38 -39.41 -20.00
C ALA P 154 -30.18 -40.76 -20.68
N VAL P 155 -31.15 -41.19 -21.48
CA VAL P 155 -30.98 -42.41 -22.27
C VAL P 155 -29.88 -42.22 -23.30
N GLU P 156 -29.86 -41.06 -23.96
CA GLU P 156 -28.81 -40.76 -24.94
C GLU P 156 -27.44 -40.69 -24.29
N VAL P 157 -27.36 -40.08 -23.11
CA VAL P 157 -26.09 -40.00 -22.38
C VAL P 157 -25.64 -41.38 -21.94
N GLY P 158 -26.56 -42.18 -21.41
CA GLY P 158 -26.22 -43.52 -20.97
C GLY P 158 -25.78 -44.42 -22.11
N GLU P 159 -26.48 -44.35 -23.25
CA GLU P 159 -26.09 -45.15 -24.40
C GLU P 159 -24.74 -44.70 -24.96
N ALA P 160 -24.46 -43.39 -24.90
CA ALA P 160 -23.17 -42.89 -25.35
C ALA P 160 -22.04 -43.43 -24.48
N LEU P 161 -22.25 -43.46 -23.16
CA LEU P 161 -21.21 -43.94 -22.26
C LEU P 161 -21.04 -45.46 -22.34
N VAL P 162 -22.12 -46.19 -22.64
CA VAL P 162 -22.01 -47.63 -22.80
C VAL P 162 -21.11 -47.98 -23.97
N LYS P 163 -21.29 -47.30 -25.10
CA LYS P 163 -20.39 -47.48 -26.23
C LYS P 163 -19.00 -46.94 -25.91
N ALA P 164 -18.92 -45.88 -25.12
CA ALA P 164 -17.64 -45.28 -24.77
C ALA P 164 -16.82 -46.19 -23.88
N ALA P 165 -17.43 -46.73 -22.83
CA ALA P 165 -16.69 -47.53 -21.87
C ALA P 165 -16.39 -48.94 -22.38
N GLU P 166 -17.29 -49.52 -23.17
CA GLU P 166 -17.08 -50.86 -23.68
C GLU P 166 -16.25 -50.89 -24.95
N GLY P 167 -15.83 -49.75 -25.46
CA GLY P 167 -15.00 -49.70 -26.65
C GLY P 167 -13.56 -49.31 -26.35
N SER Q 11 -35.73 -30.92 -32.63
CA SER Q 11 -35.43 -32.22 -32.04
C SER Q 11 -36.34 -32.49 -30.85
N GLY Q 12 -36.00 -33.52 -30.07
CA GLY Q 12 -36.78 -33.82 -28.87
C GLY Q 12 -36.66 -32.74 -27.81
N ARG Q 13 -35.46 -32.17 -27.64
CA ARG Q 13 -35.25 -31.15 -26.63
C ARG Q 13 -35.98 -29.86 -26.99
N ARG Q 14 -35.85 -29.42 -28.25
CA ARG Q 14 -36.57 -28.22 -28.68
C ARG Q 14 -38.06 -28.51 -28.84
N GLY Q 15 -38.40 -29.73 -29.29
CA GLY Q 15 -39.80 -30.09 -29.42
C GLY Q 15 -40.54 -30.13 -28.09
N ARG Q 16 -39.85 -30.50 -27.03
CA ARG Q 16 -40.41 -30.43 -25.68
C ARG Q 16 -40.15 -29.09 -25.01
N HIS Q 17 -39.57 -28.13 -25.75
CA HIS Q 17 -39.32 -26.77 -25.28
C HIS Q 17 -38.41 -26.77 -24.05
N VAL Q 18 -37.28 -27.45 -24.16
CA VAL Q 18 -36.26 -27.50 -23.12
C VAL Q 18 -35.02 -26.78 -23.64
N ASP Q 19 -34.53 -25.82 -22.85
CA ASP Q 19 -33.35 -25.06 -23.24
C ASP Q 19 -32.12 -25.96 -23.26
N PHE Q 20 -31.17 -25.60 -24.13
CA PHE Q 20 -29.93 -26.35 -24.22
C PHE Q 20 -29.12 -26.27 -22.95
N GLY Q 21 -29.19 -25.15 -22.23
CA GLY Q 21 -28.52 -25.07 -20.94
C GLY Q 21 -29.08 -26.05 -19.93
N ALA Q 22 -30.40 -26.22 -19.90
CA ALA Q 22 -30.99 -27.25 -19.06
C ALA Q 22 -30.59 -28.63 -19.55
N SER Q 23 -30.47 -28.79 -20.88
CA SER Q 23 -29.95 -30.04 -21.42
C SER Q 23 -28.51 -30.27 -21.01
N VAL Q 24 -27.71 -29.20 -20.95
CA VAL Q 24 -26.32 -29.30 -20.55
C VAL Q 24 -26.21 -29.80 -19.12
N ASP Q 25 -27.03 -29.26 -18.22
CA ASP Q 25 -26.97 -29.64 -16.82
C ASP Q 25 -27.41 -31.08 -16.61
N PHE Q 26 -28.43 -31.52 -17.34
CA PHE Q 26 -28.81 -32.94 -17.29
C PHE Q 26 -27.71 -33.81 -17.88
N GLU Q 27 -27.07 -33.36 -18.95
CA GLU Q 27 -26.01 -34.13 -19.57
C GLU Q 27 -24.79 -34.25 -18.66
N VAL Q 28 -24.48 -33.18 -17.93
CA VAL Q 28 -23.28 -33.22 -17.10
C VAL Q 28 -23.54 -33.95 -15.79
N HIS Q 29 -24.78 -33.92 -15.28
CA HIS Q 29 -25.09 -34.64 -14.05
C HIS Q 29 -25.03 -36.14 -14.27
N MET Q 30 -25.52 -36.62 -15.42
CA MET Q 30 -25.40 -38.03 -15.74
C MET Q 30 -23.95 -38.43 -15.99
N MET Q 31 -23.15 -37.53 -16.55
CA MET Q 31 -21.72 -37.82 -16.71
C MET Q 31 -21.04 -37.91 -15.35
N ARG Q 32 -21.39 -37.02 -14.42
CA ARG Q 32 -20.74 -37.01 -13.12
C ARG Q 32 -21.13 -38.22 -12.27
N ARG Q 33 -22.35 -38.74 -12.44
CA ARG Q 33 -22.77 -39.91 -11.67
C ARG Q 33 -22.07 -41.18 -12.12
N ALA Q 34 -21.38 -41.17 -13.27
CA ALA Q 34 -20.60 -42.32 -13.73
C ALA Q 34 -19.12 -42.15 -13.41
N LEU Q 35 -18.80 -41.39 -12.37
CA LEU Q 35 -17.41 -41.13 -11.99
C LEU Q 35 -17.13 -41.78 -10.64
N LYS Q 36 -17.54 -43.04 -10.51
CA LYS Q 36 -17.53 -43.77 -9.24
C LYS Q 36 -16.20 -43.81 -8.48
N PRO Q 37 -15.01 -44.16 -9.09
CA PRO Q 37 -13.84 -44.49 -8.27
C PRO Q 37 -13.31 -43.40 -7.35
N GLU Q 38 -12.85 -42.28 -7.90
CA GLU Q 38 -12.27 -41.23 -7.06
C GLU Q 38 -12.70 -39.81 -7.39
N LEU Q 39 -13.13 -39.52 -8.61
CA LEU Q 39 -13.25 -38.14 -9.08
C LEU Q 39 -14.66 -37.57 -8.97
N ARG Q 40 -15.61 -38.30 -8.37
CA ARG Q 40 -16.96 -37.78 -8.26
C ARG Q 40 -17.05 -36.64 -7.26
N ASN Q 41 -16.43 -36.82 -6.08
CA ASN Q 41 -16.49 -35.78 -5.05
C ASN Q 41 -15.56 -34.61 -5.37
N GLU Q 42 -14.41 -34.88 -6.00
CA GLU Q 42 -13.47 -33.83 -6.30
C GLU Q 42 -13.99 -32.90 -7.40
N ALA Q 43 -14.66 -33.46 -8.40
CA ALA Q 43 -15.18 -32.63 -9.48
C ALA Q 43 -16.42 -31.85 -9.05
N ILE Q 44 -17.30 -32.49 -8.28
CA ILE Q 44 -18.54 -31.85 -7.83
C ILE Q 44 -18.21 -31.06 -6.57
N LYS Q 45 -18.06 -29.75 -6.72
CA LYS Q 45 -17.86 -28.85 -5.59
C LYS Q 45 -19.14 -28.10 -5.21
N ARG Q 46 -20.28 -28.50 -5.79
CA ARG Q 46 -21.60 -27.90 -5.56
C ARG Q 46 -21.54 -26.42 -5.93
N GLU Q 47 -21.88 -25.50 -5.04
CA GLU Q 47 -21.90 -24.08 -5.37
C GLU Q 47 -20.90 -23.32 -4.51
N GLN R 21 -24.19 18.90 13.89
CA GLN R 21 -24.30 19.67 15.11
C GLN R 21 -25.16 18.95 16.15
N LEU R 22 -25.87 17.91 15.70
CA LEU R 22 -26.77 17.16 16.55
C LEU R 22 -26.07 16.08 17.37
N GLY R 23 -24.76 15.95 17.27
CA GLY R 23 -24.09 14.82 17.86
C GLY R 23 -24.41 13.56 17.10
N GLU R 24 -23.88 13.46 15.88
CA GLU R 24 -24.16 12.33 15.01
C GLU R 24 -23.66 11.03 15.63
N LEU R 25 -24.37 9.95 15.34
CA LEU R 25 -24.06 8.65 15.94
C LEU R 25 -22.69 8.17 15.48
N GLY R 26 -21.86 7.78 16.45
CA GLY R 26 -20.52 7.32 16.17
C GLY R 26 -19.45 8.40 16.18
N THR R 27 -19.79 9.63 16.54
CA THR R 27 -18.81 10.70 16.59
C THR R 27 -17.96 10.70 17.86
N GLY R 28 -18.29 9.86 18.83
CA GLY R 28 -17.49 9.78 20.03
C GLY R 28 -18.29 9.66 21.31
N ALA R 29 -17.84 8.81 22.23
CA ALA R 29 -18.50 8.66 23.52
C ALA R 29 -18.26 9.90 24.38
N GLY R 30 -19.33 10.62 24.69
CA GLY R 30 -19.21 11.86 25.41
C GLY R 30 -18.85 13.07 24.57
N LYS R 31 -18.72 12.90 23.25
CA LYS R 31 -18.40 13.99 22.35
C LYS R 31 -19.63 14.46 21.57
N GLY R 32 -20.83 14.11 22.02
CA GLY R 32 -22.05 14.54 21.37
C GLY R 32 -22.87 13.38 20.85
N GLY R 33 -22.22 12.39 20.25
CA GLY R 33 -22.91 11.23 19.74
C GLY R 33 -22.04 10.00 19.68
N GLY R 34 -22.49 8.90 20.28
CA GLY R 34 -21.71 7.69 20.27
C GLY R 34 -22.08 6.81 21.46
N GLY R 35 -21.22 5.82 21.70
CA GLY R 35 -21.44 4.86 22.76
C GLY R 35 -21.50 3.44 22.24
N GLY R 36 -20.58 2.58 22.68
CA GLY R 36 -20.53 1.22 22.19
C GLY R 36 -19.14 0.63 22.23
N GLY R 37 -18.68 0.13 21.09
CA GLY R 37 -17.38 -0.51 20.99
C GLY R 37 -16.25 0.50 21.00
N SER R 38 -15.04 -0.04 20.79
CA SER R 38 -13.84 0.79 20.81
C SER R 38 -13.83 1.81 19.69
N VAL R 39 -14.30 1.42 18.51
CA VAL R 39 -14.39 2.35 17.38
C VAL R 39 -15.40 3.44 17.66
N ARG R 40 -16.58 3.07 18.18
CA ARG R 40 -17.60 4.06 18.50
C ARG R 40 -17.18 4.97 19.65
N ALA R 41 -16.44 4.43 20.63
CA ALA R 41 -15.94 5.26 21.71
C ALA R 41 -14.86 6.22 21.22
N ALA R 42 -14.01 5.77 20.30
CA ALA R 42 -12.99 6.64 19.73
C ALA R 42 -13.59 7.72 18.85
N GLY R 43 -14.71 7.42 18.18
CA GLY R 43 -15.34 8.38 17.32
C GLY R 43 -14.55 8.62 16.03
N GLY R 44 -14.79 9.78 15.45
CA GLY R 44 -14.12 10.16 14.22
C GLY R 44 -14.96 9.91 12.98
N SER R 45 -14.57 8.95 12.16
CA SER R 45 -15.29 8.65 10.94
C SER R 45 -15.60 7.16 10.84
N PHE R 46 -14.80 6.32 11.49
CA PHE R 46 -15.09 4.90 11.52
C PHE R 46 -16.28 4.60 12.42
N GLY R 47 -16.45 5.36 13.50
CA GLY R 47 -17.66 5.25 14.29
C GLY R 47 -18.88 5.71 13.52
N ARG R 48 -18.71 6.72 12.66
CA ARG R 48 -19.77 7.11 11.74
C ARG R 48 -20.08 5.99 10.75
N ARG R 49 -19.05 5.30 10.26
CA ARG R 49 -19.25 4.19 9.35
C ARG R 49 -19.98 3.04 10.03
N GLU R 50 -19.64 2.75 11.28
CA GLU R 50 -20.30 1.69 12.02
C GLU R 50 -21.77 2.02 12.25
N ALA R 51 -22.06 3.28 12.61
CA ALA R 51 -23.44 3.69 12.84
C ALA R 51 -24.23 3.73 11.54
N ALA R 52 -23.57 4.10 10.43
CA ALA R 52 -24.26 4.19 9.15
C ALA R 52 -24.69 2.82 8.65
N GLU R 53 -23.78 1.84 8.68
CA GLU R 53 -24.10 0.51 8.18
C GLU R 53 -25.09 -0.20 9.09
N GLU R 54 -24.99 0.02 10.40
CA GLU R 54 -25.91 -0.62 11.33
C GLU R 54 -27.32 -0.05 11.20
N GLU R 55 -27.44 1.28 11.15
CA GLU R 55 -28.76 1.89 11.03
C GLU R 55 -29.38 1.65 9.66
N ARG R 56 -28.56 1.48 8.63
CA ARG R 56 -29.09 1.14 7.31
C ARG R 56 -29.69 -0.25 7.31
N TYR R 57 -29.05 -1.20 8.00
CA TYR R 57 -29.56 -2.56 8.05
C TYR R 57 -30.88 -2.63 8.82
N PHE R 58 -30.95 -1.95 9.97
CA PHE R 58 -32.16 -2.01 10.79
C PHE R 58 -33.28 -1.12 10.28
N ARG R 59 -32.98 -0.12 9.44
CA ARG R 59 -34.03 0.60 8.75
C ARG R 59 -34.58 -0.19 7.57
N GLN R 60 -33.72 -0.99 6.92
CA GLN R 60 -34.18 -1.91 5.88
C GLN R 60 -35.08 -2.98 6.47
N LYS R 61 -34.75 -3.48 7.67
CA LYS R 61 -35.57 -4.49 8.33
C LYS R 61 -36.95 -3.94 8.70
N GLU R 62 -37.01 -2.71 9.19
CA GLU R 62 -38.29 -2.12 9.55
C GLU R 62 -39.01 -1.57 8.33
N PRO S 58 29.56 -6.73 -86.34
CA PRO S 58 28.38 -6.04 -85.82
C PRO S 58 27.80 -6.71 -84.58
N ARG S 59 27.68 -5.96 -83.49
CA ARG S 59 27.09 -6.51 -82.28
C ARG S 59 25.57 -6.49 -82.38
N PRO S 60 24.89 -7.62 -82.24
CA PRO S 60 23.43 -7.64 -82.39
C PRO S 60 22.77 -6.93 -81.21
N LEU S 61 22.10 -5.81 -81.52
CA LEU S 61 21.43 -4.99 -80.51
C LEU S 61 19.94 -5.29 -80.53
N ARG S 62 19.36 -5.50 -79.35
CA ARG S 62 17.95 -5.84 -79.26
C ARG S 62 17.08 -4.60 -79.48
N PRO S 63 16.23 -4.57 -80.50
CA PRO S 63 15.33 -3.43 -80.67
C PRO S 63 14.21 -3.46 -79.65
N VAL S 64 13.62 -2.29 -79.43
CA VAL S 64 12.56 -2.17 -78.44
C VAL S 64 11.21 -2.56 -79.03
N ASN S 65 10.89 -2.02 -80.20
CA ASN S 65 9.61 -2.29 -80.83
C ASN S 65 9.80 -3.14 -82.08
N PRO S 66 8.85 -4.03 -82.38
CA PRO S 66 8.97 -4.87 -83.58
C PRO S 66 8.69 -4.09 -84.86
N GLY S 67 8.68 -4.79 -85.99
CA GLY S 67 8.44 -4.13 -87.25
C GLY S 67 7.02 -3.59 -87.34
N LYS S 68 6.90 -2.48 -88.06
CA LYS S 68 5.61 -1.83 -88.23
C LYS S 68 4.68 -2.72 -89.06
N VAL S 69 3.41 -2.74 -88.67
CA VAL S 69 2.44 -3.68 -89.24
C VAL S 69 1.10 -2.99 -89.38
N ARG S 70 0.52 -3.06 -90.57
CA ARG S 70 -0.83 -2.55 -90.80
C ARG S 70 -1.76 -3.71 -91.11
N VAL S 71 -3.06 -3.44 -90.92
CA VAL S 71 -4.15 -4.41 -91.05
C VAL S 71 -3.83 -5.65 -90.23
N GLY S 72 -3.41 -5.44 -88.99
CA GLY S 72 -3.20 -6.56 -88.07
C GLY S 72 -1.96 -7.43 -88.27
N PHE S 73 -1.71 -7.89 -89.49
CA PHE S 73 -0.62 -8.82 -89.74
C PHE S 73 0.27 -8.48 -90.93
N VAL S 74 -0.20 -7.71 -91.90
CA VAL S 74 0.59 -7.44 -93.10
C VAL S 74 1.78 -6.55 -92.73
N PRO S 75 2.98 -6.82 -93.25
CA PRO S 75 4.10 -5.93 -92.99
C PRO S 75 3.89 -4.55 -93.59
N GLU S 76 4.40 -3.53 -92.89
CA GLU S 76 4.39 -2.18 -93.45
C GLU S 76 5.45 -2.01 -94.52
N GLU S 77 6.49 -2.86 -94.51
CA GLU S 77 7.51 -2.78 -95.55
C GLU S 77 6.94 -3.17 -96.90
N TRP S 78 5.91 -4.02 -96.92
CA TRP S 78 5.21 -4.30 -98.17
C TRP S 78 4.42 -3.08 -98.64
N PHE S 79 3.73 -2.41 -97.71
CA PHE S 79 2.88 -1.30 -98.09
C PHE S 79 3.72 -0.10 -98.55
N THR S 80 4.84 0.15 -97.90
CA THR S 80 5.72 1.24 -98.29
C THR S 80 6.53 0.92 -99.54
N PHE S 81 6.53 -0.33 -99.99
CA PHE S 81 7.27 -0.71 -101.19
C PHE S 81 6.63 -0.15 -102.46
N PHE S 82 5.34 0.15 -102.43
CA PHE S 82 4.62 0.65 -103.59
C PHE S 82 4.47 2.16 -103.59
N TYR S 83 5.04 2.85 -102.60
CA TYR S 83 4.78 4.28 -102.44
C TYR S 83 5.39 5.10 -103.57
N ASN S 84 6.58 4.72 -104.03
CA ASN S 84 7.26 5.50 -105.05
C ASN S 84 6.67 5.34 -106.44
N LYS S 85 5.78 4.36 -106.66
CA LYS S 85 5.19 4.12 -107.96
C LYS S 85 3.68 4.36 -107.97
N THR S 86 2.93 3.70 -107.09
CA THR S 86 1.48 3.83 -107.07
C THR S 86 0.97 4.40 -105.75
N GLY S 87 1.83 5.01 -104.97
CA GLY S 87 1.40 5.76 -103.81
C GLY S 87 0.88 4.89 -102.66
N VAL S 88 0.16 5.56 -101.76
CA VAL S 88 -0.37 4.88 -100.58
C VAL S 88 -1.50 3.94 -100.96
N THR S 89 -2.37 4.37 -101.88
CA THR S 89 -3.54 3.58 -102.26
C THR S 89 -3.19 2.34 -103.08
N GLY S 90 -1.95 2.24 -103.54
CA GLY S 90 -1.50 1.15 -104.37
C GLY S 90 -1.68 -0.25 -103.81
N PRO S 91 -1.04 -0.55 -102.66
CA PRO S 91 -1.19 -1.90 -102.08
C PRO S 91 -2.62 -2.27 -101.74
N TYR S 92 -3.42 -1.30 -101.30
CA TYR S 92 -4.82 -1.58 -101.02
C TYR S 92 -5.60 -1.88 -102.30
N VAL S 93 -5.26 -1.20 -103.39
CA VAL S 93 -5.92 -1.44 -104.67
C VAL S 93 -5.58 -2.84 -105.19
N LEU S 94 -4.30 -3.22 -105.11
CA LEU S 94 -3.90 -4.56 -105.54
C LEU S 94 -4.54 -5.63 -104.66
N GLY S 95 -4.60 -5.39 -103.35
CA GLY S 95 -5.21 -6.36 -102.46
C GLY S 95 -6.70 -6.51 -102.70
N ALA S 96 -7.40 -5.39 -102.93
CA ALA S 96 -8.82 -5.46 -103.24
C ALA S 96 -9.06 -6.14 -104.58
N GLY S 97 -8.23 -5.84 -105.58
CA GLY S 97 -8.38 -6.48 -106.88
C GLY S 97 -8.07 -7.97 -106.83
N ALA S 98 -7.05 -8.35 -106.05
CA ALA S 98 -6.72 -9.76 -105.92
C ALA S 98 -7.81 -10.54 -105.21
N LEU S 99 -8.39 -9.95 -104.15
CA LEU S 99 -9.48 -10.61 -103.44
C LEU S 99 -10.71 -10.76 -104.34
N THR S 100 -11.00 -9.75 -105.15
CA THR S 100 -12.11 -9.83 -106.09
C THR S 100 -11.85 -10.90 -107.15
N PHE S 101 -10.61 -10.96 -107.66
CA PHE S 101 -10.30 -11.92 -108.72
C PHE S 101 -10.39 -13.36 -108.24
N LEU S 102 -9.91 -13.63 -107.02
CA LEU S 102 -9.95 -15.00 -106.50
C LEU S 102 -11.38 -15.44 -106.20
N LEU S 103 -12.23 -14.52 -105.76
CA LEU S 103 -13.62 -14.86 -105.50
C LEU S 103 -14.40 -15.04 -106.79
N SER S 104 -14.16 -14.17 -107.78
CA SER S 104 -14.95 -14.19 -109.01
C SER S 104 -14.60 -15.39 -109.88
N LYS S 105 -13.31 -15.68 -110.05
CA LYS S 105 -12.87 -16.76 -110.91
C LYS S 105 -12.83 -18.11 -110.21
N GLU S 106 -13.54 -18.24 -109.08
CA GLU S 106 -13.72 -19.50 -108.35
C GLU S 106 -12.41 -20.09 -107.86
N ILE S 107 -11.34 -19.30 -107.81
CA ILE S 107 -10.09 -19.79 -107.24
C ILE S 107 -10.22 -19.95 -105.74
N TYR S 108 -10.84 -18.98 -105.07
CA TYR S 108 -11.20 -19.11 -103.67
C TYR S 108 -12.56 -19.77 -103.59
N VAL S 109 -12.58 -21.04 -103.19
CA VAL S 109 -13.84 -21.77 -103.05
C VAL S 109 -14.52 -21.31 -101.77
N VAL S 110 -15.71 -20.76 -101.90
CA VAL S 110 -16.49 -20.32 -100.73
C VAL S 110 -17.30 -21.52 -100.29
N GLU S 111 -16.67 -22.37 -99.50
CA GLU S 111 -17.30 -23.57 -98.97
C GLU S 111 -17.67 -23.34 -97.51
N HIS S 112 -18.05 -24.43 -96.82
CA HIS S 112 -18.49 -24.35 -95.43
C HIS S 112 -17.38 -23.83 -94.51
N GLU S 113 -16.13 -24.11 -94.83
CA GLU S 113 -15.04 -23.69 -93.95
C GLU S 113 -14.81 -22.19 -93.98
N PHE S 114 -15.33 -21.49 -94.99
CA PHE S 114 -15.19 -20.04 -95.01
C PHE S 114 -15.92 -19.39 -93.85
N TYR S 115 -17.10 -19.91 -93.51
CA TYR S 115 -17.85 -19.36 -92.38
C TYR S 115 -17.13 -19.61 -91.08
N THR S 116 -16.47 -20.77 -90.94
CA THR S 116 -15.62 -21.01 -89.78
C THR S 116 -14.45 -20.05 -89.76
N GLY S 117 -13.88 -19.76 -90.94
CA GLY S 117 -12.80 -18.79 -91.02
C GLY S 117 -13.24 -17.40 -90.63
N VAL S 118 -14.49 -17.04 -90.94
CA VAL S 118 -15.03 -15.77 -90.48
C VAL S 118 -15.24 -15.81 -88.97
N ALA S 119 -15.75 -16.93 -88.46
CA ALA S 119 -16.06 -17.03 -87.03
C ALA S 119 -14.80 -16.98 -86.19
N ILE S 120 -13.71 -17.57 -86.67
CA ILE S 120 -12.43 -17.46 -85.98
C ILE S 120 -11.94 -16.01 -86.00
N ALA S 121 -12.06 -15.36 -87.15
CA ALA S 121 -11.56 -13.99 -87.30
C ALA S 121 -12.32 -13.03 -86.39
N ILE S 122 -13.63 -13.21 -86.25
CA ILE S 122 -14.41 -12.34 -85.37
C ILE S 122 -14.07 -12.64 -83.91
N MET S 123 -13.95 -13.92 -83.56
CA MET S 123 -13.60 -14.28 -82.19
C MET S 123 -12.20 -13.82 -81.84
N GLY S 124 -11.26 -13.97 -82.77
CA GLY S 124 -9.89 -13.55 -82.51
C GLY S 124 -9.76 -12.05 -82.32
N THR S 125 -10.47 -11.26 -83.14
CA THR S 125 -10.44 -9.82 -82.99
C THR S 125 -11.05 -9.39 -81.66
N TYR S 126 -12.15 -10.02 -81.26
CA TYR S 126 -12.80 -9.66 -80.01
C TYR S 126 -11.95 -10.09 -78.81
N GLY S 127 -11.35 -11.28 -78.87
CA GLY S 127 -10.56 -11.75 -77.76
C GLY S 127 -9.27 -10.95 -77.57
N VAL S 128 -8.60 -10.59 -78.66
CA VAL S 128 -7.35 -9.86 -78.57
C VAL S 128 -7.60 -8.43 -78.08
N LYS S 129 -8.61 -7.77 -78.64
CA LYS S 129 -8.91 -6.40 -78.23
C LYS S 129 -9.41 -6.30 -76.80
N LYS S 130 -9.90 -7.39 -76.23
CA LYS S 130 -10.40 -7.35 -74.86
C LYS S 130 -9.33 -7.70 -73.84
N PHE S 131 -8.41 -8.61 -74.17
CA PHE S 131 -7.43 -9.09 -73.21
C PHE S 131 -5.99 -8.82 -73.61
N GLY S 132 -5.74 -8.15 -74.73
CA GLY S 132 -4.38 -7.93 -75.18
C GLY S 132 -3.60 -7.01 -74.27
N LYS S 133 -4.24 -5.95 -73.77
CA LYS S 133 -3.54 -5.00 -72.92
C LYS S 133 -3.16 -5.62 -71.59
N GLN S 134 -4.04 -6.45 -71.03
CA GLN S 134 -3.78 -7.06 -69.73
C GLN S 134 -2.66 -8.09 -69.82
N ILE S 135 -2.66 -8.91 -70.87
CA ILE S 135 -1.64 -9.94 -71.01
C ILE S 135 -0.28 -9.33 -71.29
N ALA S 136 -0.23 -8.32 -72.17
CA ALA S 136 1.03 -7.67 -72.49
C ALA S 136 1.61 -6.94 -71.28
N ASP S 137 0.75 -6.34 -70.46
CA ASP S 137 1.21 -5.72 -69.23
C ASP S 137 1.67 -6.79 -68.23
N TYR S 138 0.99 -7.93 -68.19
CA TYR S 138 1.39 -9.01 -67.30
C TYR S 138 2.75 -9.57 -67.71
N ALA S 139 2.98 -9.75 -69.01
CA ALA S 139 4.27 -10.21 -69.48
C ALA S 139 5.36 -9.17 -69.23
N ASP S 140 5.04 -7.90 -69.47
CA ASP S 140 6.02 -6.84 -69.23
C ASP S 140 6.31 -6.69 -67.74
N LYS S 141 5.34 -7.01 -66.88
CA LYS S 141 5.60 -7.03 -65.45
C LYS S 141 6.63 -8.09 -65.09
N GLY S 142 6.49 -9.30 -65.66
CA GLY S 142 7.45 -10.35 -65.37
C GLY S 142 8.83 -10.05 -65.92
N ILE S 143 8.90 -9.40 -67.08
CA ILE S 143 10.19 -8.99 -67.63
C ILE S 143 10.85 -7.95 -66.74
N GLY S 144 10.07 -6.99 -66.24
CA GLY S 144 10.62 -5.99 -65.35
C GLY S 144 11.13 -6.57 -64.06
N GLU S 145 10.45 -7.58 -63.53
CA GLU S 145 10.90 -8.24 -62.31
C GLU S 145 12.19 -9.01 -62.54
N ILE S 146 12.34 -9.61 -63.72
CA ILE S 146 13.59 -10.27 -64.07
C ILE S 146 14.70 -9.24 -64.22
N GLU S 147 14.41 -8.13 -64.89
CA GLU S 147 15.40 -7.08 -65.06
C GLU S 147 15.81 -6.48 -63.72
N GLN S 148 14.84 -6.28 -62.82
CA GLN S 148 15.16 -5.80 -61.48
C GLN S 148 15.99 -6.81 -60.71
N SER S 149 15.68 -8.10 -60.87
CA SER S 149 16.44 -9.13 -60.17
C SER S 149 17.89 -9.18 -60.64
N PHE S 150 18.11 -9.01 -61.94
CA PHE S 150 19.46 -9.09 -62.46
C PHE S 150 20.29 -7.87 -62.12
N LYS S 151 19.69 -6.68 -62.15
CA LYS S 151 20.43 -5.48 -61.81
C LYS S 151 20.72 -5.40 -60.31
N GLU S 152 19.83 -5.96 -59.48
CA GLU S 152 20.08 -5.96 -58.04
C GLU S 152 21.16 -6.97 -57.68
N TYR S 153 21.27 -8.05 -58.44
CA TYR S 153 22.36 -9.00 -58.22
C TYR S 153 23.72 -8.36 -58.51
N GLN S 154 23.79 -7.59 -59.59
CA GLN S 154 25.06 -6.95 -59.94
C GLN S 154 25.45 -5.89 -58.92
N ASP S 155 24.48 -5.13 -58.43
CA ASP S 155 24.78 -4.10 -57.44
C ASP S 155 25.17 -4.72 -56.10
N SER S 156 24.50 -5.81 -55.71
CA SER S 156 24.83 -6.47 -54.46
C SER S 156 26.21 -7.13 -54.52
N SER S 157 26.58 -7.65 -55.69
CA SER S 157 27.90 -8.26 -55.83
C SER S 157 29.00 -7.21 -55.74
N LYS S 158 28.78 -6.03 -56.33
CA LYS S 158 29.77 -4.96 -56.23
C LYS S 158 29.89 -4.46 -54.80
N ILE S 159 28.77 -4.29 -54.11
CA ILE S 159 28.78 -3.81 -52.73
C ILE S 159 29.45 -4.84 -51.82
N GLY S 160 29.13 -6.12 -52.02
CA GLY S 160 29.74 -7.16 -51.21
C GLY S 160 31.25 -7.25 -51.40
N PHE S 161 31.73 -6.98 -52.62
CA PHE S 161 33.17 -6.94 -52.85
C PHE S 161 33.81 -5.74 -52.16
N GLU S 162 33.12 -4.60 -52.15
CA GLU S 162 33.63 -3.43 -51.44
C GLU S 162 33.70 -3.67 -49.95
N GLU S 163 32.67 -4.31 -49.38
CA GLU S 163 32.66 -4.62 -47.95
C GLU S 163 33.75 -5.62 -47.60
N ALA S 164 33.99 -6.61 -48.46
CA ALA S 164 35.02 -7.59 -48.20
C ALA S 164 36.41 -6.96 -48.25
N ILE S 165 36.57 -5.92 -49.06
CA ILE S 165 37.84 -5.19 -49.08
C ILE S 165 38.06 -4.47 -47.76
N THR S 166 37.01 -3.80 -47.25
CA THR S 166 37.14 -3.04 -46.01
C THR S 166 37.37 -3.95 -44.82
N LEU S 167 36.77 -5.14 -44.83
CA LEU S 167 37.00 -6.10 -43.77
C LEU S 167 38.46 -6.56 -43.76
N GLU S 168 39.04 -6.76 -44.94
CA GLU S 168 40.45 -7.11 -45.02
C GLU S 168 41.33 -5.95 -44.57
N GLU S 169 40.89 -4.72 -44.83
CA GLU S 169 41.63 -3.55 -44.36
C GLU S 169 41.66 -3.51 -42.84
N ARG S 170 40.55 -3.82 -42.19
CA ARG S 170 40.53 -3.88 -40.73
C ARG S 170 41.41 -5.00 -40.20
N ALA S 171 41.43 -6.14 -40.90
CA ALA S 171 42.25 -7.26 -40.46
C ALA S 171 43.73 -6.92 -40.53
N GLN S 172 44.14 -6.19 -41.57
CA GLN S 172 45.53 -5.75 -41.65
C GLN S 172 45.87 -4.76 -40.54
N LYS S 173 44.94 -3.87 -40.21
CA LYS S 173 45.18 -2.90 -39.15
C LYS S 173 45.29 -3.57 -37.79
N SER S 174 44.50 -4.62 -37.56
CA SER S 174 44.61 -5.36 -36.30
C SER S 174 45.95 -6.06 -36.20
N ALA S 175 46.49 -6.50 -37.33
CA ALA S 175 47.84 -7.07 -37.33
C ALA S 175 48.89 -6.02 -36.99
N GLU S 176 48.66 -4.78 -37.40
CA GLU S 176 49.59 -3.70 -37.09
C GLU S 176 49.56 -3.36 -35.60
N ALA S 177 48.40 -3.51 -34.96
CA ALA S 177 48.27 -3.18 -33.54
C ALA S 177 48.76 -4.31 -32.64
N GLN S 178 49.20 -5.43 -33.21
CA GLN S 178 49.74 -6.53 -32.42
C GLN S 178 50.99 -6.10 -31.66
N ILE S 179 51.76 -5.18 -32.23
CA ILE S 179 53.00 -4.71 -31.61
C ILE S 179 52.70 -3.94 -30.33
N MET S 180 51.69 -3.07 -30.35
CA MET S 180 51.35 -2.32 -29.15
C MET S 180 50.77 -3.21 -28.06
N LEU S 181 50.15 -4.32 -28.45
CA LEU S 181 49.75 -5.32 -27.46
C LEU S 181 50.95 -5.92 -26.76
N PHE S 182 52.01 -6.22 -27.53
CA PHE S 182 53.23 -6.75 -26.94
C PHE S 182 53.88 -5.74 -26.00
N GLN S 183 53.89 -4.47 -26.39
CA GLN S 183 54.39 -3.43 -25.49
C GLN S 183 53.54 -3.33 -24.24
N ALA S 184 52.22 -3.50 -24.39
CA ALA S 184 51.34 -3.50 -23.22
C ALA S 184 51.63 -4.68 -22.31
N LYS S 185 51.98 -5.83 -22.89
CA LYS S 185 52.38 -6.98 -22.10
C LYS S 185 53.72 -6.70 -21.39
N ARG S 186 54.65 -6.05 -22.09
CA ARG S 186 55.93 -5.71 -21.47
C ARG S 186 55.76 -4.72 -20.33
N GLU S 187 54.89 -3.72 -20.52
CA GLU S 187 54.63 -2.77 -19.44
C GLU S 187 53.86 -3.43 -18.30
N ASN S 188 53.02 -4.43 -18.61
CA ASN S 188 52.29 -5.12 -17.56
C ASN S 188 53.25 -5.90 -16.67
N VAL S 189 54.28 -6.51 -17.25
CA VAL S 189 55.28 -7.20 -16.46
C VAL S 189 56.08 -6.22 -15.62
N GLN S 190 56.48 -5.09 -16.22
CA GLN S 190 57.26 -4.09 -15.50
C GLN S 190 56.46 -3.44 -14.38
N PHE S 191 55.16 -3.26 -14.59
CA PHE S 191 54.30 -2.71 -13.54
C PHE S 191 54.23 -3.64 -12.34
N GLN S 192 54.10 -4.95 -12.58
CA GLN S 192 54.04 -5.90 -11.49
C GLN S 192 55.35 -5.94 -10.71
N LEU S 193 56.48 -5.92 -11.42
CA LEU S 193 57.77 -5.95 -10.75
C LEU S 193 58.01 -4.66 -9.97
N GLU S 194 57.47 -3.53 -10.45
CA GLU S 194 57.61 -2.29 -9.71
C GLU S 194 56.74 -2.29 -8.45
N ALA S 195 55.50 -2.76 -8.56
CA ALA S 195 54.60 -2.76 -7.42
C ALA S 195 55.10 -3.70 -6.32
N ALA S 196 55.76 -4.79 -6.71
CA ALA S 196 56.31 -5.70 -5.72
C ALA S 196 57.57 -5.13 -5.05
N TYR S 197 58.46 -4.53 -5.85
CA TYR S 197 59.71 -4.03 -5.30
C TYR S 197 59.49 -2.77 -4.47
N ARG S 198 58.56 -1.91 -4.89
CA ARG S 198 58.36 -0.66 -4.16
C ARG S 198 57.59 -0.86 -2.86
N ALA S 199 56.73 -1.88 -2.80
CA ALA S 199 56.05 -2.22 -1.55
C ALA S 199 57.04 -2.70 -0.50
N ARG S 200 58.05 -3.49 -0.93
CA ARG S 200 59.13 -3.86 -0.03
C ARG S 200 59.88 -2.63 0.44
N LEU S 201 60.10 -1.67 -0.46
CA LEU S 201 60.73 -0.41 -0.05
C LEU S 201 59.82 0.36 0.91
N HIS S 202 58.51 0.27 0.72
CA HIS S 202 57.59 0.83 1.69
C HIS S 202 57.59 0.01 2.98
N HIS S 203 57.71 -1.31 2.86
CA HIS S 203 57.72 -2.18 4.03
C HIS S 203 59.00 -1.99 4.85
N VAL S 204 60.12 -1.78 4.17
CA VAL S 204 61.38 -1.51 4.87
C VAL S 204 61.28 -0.21 5.66
N ASN S 205 60.71 0.83 5.04
CA ASN S 205 60.55 2.11 5.72
C ASN S 205 59.60 1.98 6.91
N ASN S 206 58.54 1.19 6.77
CA ASN S 206 57.63 0.96 7.89
C ASN S 206 58.28 0.14 8.99
N GLU S 207 59.16 -0.80 8.64
CA GLU S 207 59.86 -1.58 9.66
C GLU S 207 60.85 -0.74 10.44
N ILE S 208 61.53 0.19 9.75
CA ILE S 208 62.43 1.12 10.45
C ILE S 208 61.64 2.05 11.34
N LYS S 209 60.49 2.52 10.88
CA LYS S 209 59.60 3.32 11.73
C LYS S 209 59.08 2.51 12.90
N LYS S 210 58.82 1.21 12.68
CA LYS S 210 58.43 0.33 13.78
C LYS S 210 59.55 0.19 14.80
N ARG S 211 60.80 0.07 14.33
CA ARG S 211 61.93 0.01 15.25
C ARG S 211 62.09 1.31 16.02
N LEU S 212 61.89 2.45 15.35
CA LEU S 212 61.97 3.75 16.03
C LEU S 212 60.84 3.90 17.04
N ASP S 213 59.64 3.42 16.70
CA ASP S 213 58.51 3.50 17.63
C ASP S 213 58.72 2.57 18.82
N TYR S 214 59.39 1.43 18.62
CA TYR S 214 59.67 0.53 19.73
C TYR S 214 60.65 1.17 20.71
N HIS S 215 61.70 1.81 20.20
CA HIS S 215 62.68 2.47 21.08
C HIS S 215 62.07 3.66 21.80
N LEU S 216 61.17 4.38 21.13
CA LEU S 216 60.51 5.52 21.76
C LEU S 216 59.58 5.07 22.87
N GLU S 217 58.82 3.99 22.65
CA GLU S 217 57.91 3.49 23.67
C GLU S 217 58.69 2.84 24.81
N THR S 218 59.81 2.18 24.50
CA THR S 218 60.67 1.64 25.56
C THR S 218 61.27 2.76 26.39
N GLU S 219 61.69 3.84 25.75
CA GLU S 219 62.21 5.00 26.48
C GLU S 219 61.12 5.66 27.32
N ARG S 220 59.91 5.77 26.77
CA ARG S 220 58.80 6.36 27.51
C ARG S 220 58.41 5.49 28.71
N ALA S 221 58.39 4.16 28.53
CA ALA S 221 58.06 3.26 29.63
C ALA S 221 59.13 3.32 30.72
N GLN S 222 60.41 3.38 30.33
CA GLN S 222 61.48 3.50 31.31
C GLN S 222 61.47 4.86 31.98
N ARG S 223 61.12 5.91 31.23
CA ARG S 223 61.01 7.24 31.82
C ARG S 223 59.88 7.31 32.83
N GLN S 224 58.76 6.65 32.53
CA GLN S 224 57.60 6.71 33.42
C GLN S 224 57.88 5.98 34.74
N ILE S 225 58.49 4.80 34.68
CA ILE S 225 58.76 4.05 35.91
C ILE S 225 59.86 4.72 36.73
N LYS S 226 60.83 5.36 36.07
CA LYS S 226 61.86 6.10 36.79
C LYS S 226 61.28 7.35 37.45
N GLN S 227 60.35 8.02 36.78
CA GLN S 227 59.68 9.17 37.38
C GLN S 227 58.84 8.76 38.57
N LYS S 228 58.11 7.65 38.46
CA LYS S 228 57.34 7.16 39.59
C LYS S 228 58.24 6.74 40.75
N ASN S 229 59.34 6.05 40.44
CA ASN S 229 60.25 5.58 41.48
C ASN S 229 60.91 6.75 42.21
N MET S 230 61.32 7.78 41.46
CA MET S 230 61.97 8.92 42.10
C MET S 230 60.98 9.77 42.87
N VAL S 231 59.70 9.74 42.52
CA VAL S 231 58.69 10.49 43.27
C VAL S 231 58.49 9.88 44.65
N ASP S 232 58.31 8.55 44.71
CA ASP S 232 58.09 7.91 46.00
C ASP S 232 59.35 7.91 46.86
N TRP S 233 60.52 7.86 46.21
CA TRP S 233 61.77 7.94 46.95
C TRP S 233 61.95 9.32 47.58
N ILE S 234 61.61 10.38 46.84
CA ILE S 234 61.72 11.74 47.38
C ILE S 234 60.72 11.96 48.51
N VAL S 235 59.48 11.46 48.34
CA VAL S 235 58.46 11.62 49.37
C VAL S 235 58.88 10.93 50.67
N ARG S 236 59.39 9.69 50.56
CA ARG S 236 59.83 8.97 51.74
C ARG S 236 61.06 9.61 52.38
N ASN S 237 62.00 10.10 51.55
CA ASN S 237 63.20 10.72 52.09
C ASN S 237 62.92 12.07 52.74
N VAL S 238 62.01 12.86 52.16
CA VAL S 238 61.66 14.15 52.75
C VAL S 238 60.92 13.95 54.07
N MET S 239 59.97 13.01 54.11
CA MET S 239 59.20 12.76 55.32
C MET S 239 60.08 12.21 56.44
N LYS S 240 61.03 11.33 56.11
CA LYS S 240 61.88 10.74 57.13
C LYS S 240 62.98 11.67 57.61
N SER S 241 63.26 12.76 56.88
CA SER S 241 64.31 13.71 57.25
C SER S 241 63.64 14.94 57.84
N ILE S 242 63.35 14.87 59.14
CA ILE S 242 62.80 16.00 59.89
C ILE S 242 63.70 16.26 61.08
N THR S 243 64.24 17.48 61.17
CA THR S 243 65.12 17.85 62.25
C THR S 243 64.56 19.06 62.99
N PRO S 244 64.68 19.10 64.33
CA PRO S 244 64.06 20.19 65.08
C PRO S 244 64.75 21.53 64.90
N GLU S 245 66.08 21.55 64.72
CA GLU S 245 66.79 22.81 64.51
C GLU S 245 66.40 23.46 63.19
N GLN S 246 66.23 22.65 62.14
CA GLN S 246 65.74 23.17 60.87
C GLN S 246 64.29 23.58 60.97
N GLU S 247 63.50 22.86 61.78
CA GLU S 247 62.09 23.22 61.98
C GLU S 247 61.95 24.57 62.67
N ARG S 248 62.82 24.85 63.64
CA ARG S 248 62.80 26.16 64.29
C ARG S 248 63.27 27.25 63.35
N LEU S 249 64.23 26.93 62.47
CA LEU S 249 64.67 27.91 61.48
C LEU S 249 63.58 28.22 60.48
N MET S 250 62.82 27.21 60.06
CA MET S 250 61.70 27.45 59.16
C MET S 250 60.57 28.20 59.87
N LEU S 251 60.39 27.94 61.17
CA LEU S 251 59.41 28.69 61.95
C LEU S 251 59.79 30.15 62.04
N SER S 252 61.08 30.44 62.25
CA SER S 252 61.53 31.83 62.31
C SER S 252 61.39 32.51 60.95
N LYS S 253 61.64 31.77 59.86
CA LYS S 253 61.47 32.35 58.53
C LYS S 253 60.00 32.63 58.23
N CYS S 254 59.11 31.76 58.69
CA CYS S 254 57.68 31.98 58.50
C CYS S 254 57.20 33.22 59.26
N ILE S 255 57.72 33.44 60.47
CA ILE S 255 57.37 34.63 61.23
C ILE S 255 57.91 35.88 60.55
N SER S 256 59.15 35.81 60.05
CA SER S 256 59.73 36.95 59.35
C SER S 256 59.00 37.24 58.05
N ASP S 257 58.59 36.20 57.32
CA ASP S 257 57.80 36.40 56.11
C ASP S 257 56.43 36.99 56.43
N LEU S 258 55.83 36.55 57.54
CA LEU S 258 54.58 37.15 57.98
C LEU S 258 54.76 38.61 58.37
N LYS S 259 55.89 38.93 59.02
CA LYS S 259 56.18 40.31 59.38
C LYS S 259 56.47 41.15 58.15
N ALA S 260 57.12 40.55 57.13
CA ALA S 260 57.40 41.26 55.90
C ALA S 260 56.11 41.57 55.13
N MET S 261 55.15 40.65 55.15
CA MET S 261 53.87 40.91 54.49
C MET S 261 53.07 41.99 55.22
N SER S 262 53.19 42.06 56.55
CA SER S 262 52.53 43.12 57.30
C SER S 262 53.11 44.48 56.95
N ILE S 263 54.44 44.56 56.80
CA ILE S 263 55.08 45.80 56.39
C ILE S 263 54.67 46.17 54.97
N LYS S 264 54.60 45.18 54.07
CA LYS S 264 54.20 45.43 52.69
C LYS S 264 52.71 45.73 52.63
N ALA S 265 52.36 47.01 52.67
CA ALA S 265 50.96 47.43 52.67
C ALA S 265 50.83 48.84 52.11
N LYS T 23 67.09 37.51 48.92
CA LYS T 23 67.11 36.50 47.86
C LYS T 23 67.25 35.10 48.45
N ALA T 24 66.82 34.93 49.69
CA ALA T 24 66.91 33.63 50.35
C ALA T 24 65.92 32.65 49.73
N VAL T 25 66.40 31.46 49.39
CA VAL T 25 65.55 30.45 48.79
C VAL T 25 64.76 29.72 49.87
N ASP T 26 63.70 29.03 49.44
CA ASP T 26 62.90 28.25 50.38
C ASP T 26 63.70 27.05 50.87
N PRO T 27 63.78 26.82 52.17
CA PRO T 27 64.52 25.64 52.67
C PRO T 27 63.93 24.32 52.22
N ILE T 28 62.62 24.25 52.00
CA ILE T 28 62.03 23.03 51.46
C ILE T 28 62.48 22.80 50.02
N GLN T 29 62.60 23.88 49.24
CA GLN T 29 63.12 23.76 47.88
C GLN T 29 64.56 23.29 47.89
N LYS T 30 65.38 23.81 48.81
CA LYS T 30 66.75 23.34 48.94
C LYS T 30 66.79 21.88 49.39
N LEU T 31 65.90 21.50 50.30
CA LEU T 31 65.82 20.11 50.74
C LEU T 31 65.36 19.19 49.60
N PHE T 32 64.42 19.66 48.78
CA PHE T 32 63.98 18.88 47.63
C PHE T 32 65.09 18.71 46.60
N LEU T 33 65.91 19.75 46.41
CA LEU T 33 67.04 19.64 45.49
C LEU T 33 68.09 18.69 46.04
N ASP T 34 68.28 18.66 47.37
CA ASP T 34 69.22 17.73 47.96
C ASP T 34 68.74 16.29 47.82
N LYS T 35 67.43 16.06 47.92
CA LYS T 35 66.91 14.70 47.73
C LYS T 35 67.01 14.27 46.28
N ILE T 36 66.88 15.22 45.34
CA ILE T 36 67.08 14.90 43.93
C ILE T 36 68.54 14.52 43.68
N LYS T 37 69.47 15.30 44.24
CA LYS T 37 70.89 14.99 44.09
C LYS T 37 71.26 13.69 44.78
N GLU T 38 70.66 13.42 45.95
CA GLU T 38 70.92 12.16 46.64
C GLU T 38 70.37 10.98 45.85
N TYR T 39 69.19 11.14 45.24
CA TYR T 39 68.66 10.09 44.38
C TYR T 39 69.54 9.86 43.16
N ASP T 40 70.01 10.95 42.54
CA ASP T 40 70.82 10.83 41.33
C ASP T 40 72.16 10.19 41.62
N GLN T 41 72.78 10.53 42.76
CA GLN T 41 74.04 9.89 43.14
C GLN T 41 73.86 8.41 43.44
N LYS T 42 72.78 8.04 44.13
CA LYS T 42 72.55 6.64 44.44
C LYS T 42 72.13 5.84 43.21
N SER T 43 71.42 6.48 42.27
CA SER T 43 71.01 5.77 41.06
C SER T 43 72.20 5.54 40.14
N LYS T 44 73.10 6.52 40.03
CA LYS T 44 74.30 6.32 39.22
C LYS T 44 75.27 5.36 39.89
N ALA T 45 75.25 5.28 41.23
CA ALA T 45 76.02 4.27 41.93
C ALA T 45 75.42 2.88 41.81
N ALA T 46 74.14 2.78 41.44
CA ALA T 46 73.47 1.51 41.23
C ALA T 46 73.42 1.12 39.76
N GLY T 47 74.08 1.88 38.89
CA GLY T 47 74.08 1.59 37.47
C GLY T 47 72.74 1.81 36.78
N GLY T 48 72.01 2.86 37.17
CA GLY T 48 70.74 3.18 36.56
C GLY T 48 69.56 2.38 37.08
N LYS T 49 69.75 1.50 38.04
CA LYS T 49 68.66 0.69 38.57
C LYS T 49 67.82 1.51 39.53
N LEU T 50 66.62 1.00 39.81
CA LEU T 50 65.71 1.65 40.74
C LEU T 50 66.23 1.51 42.17
N LEU T 51 65.88 2.47 43.01
CA LEU T 51 66.36 2.55 44.38
C LEU T 51 65.21 2.27 45.34
N GLU T 52 65.29 1.13 46.03
CA GLU T 52 64.28 0.69 47.01
C GLU T 52 62.89 0.61 46.38
N ALA T 53 62.82 0.11 45.15
CA ALA T 53 61.54 -0.06 44.47
C ALA T 53 60.76 -1.21 45.10
N SER T 54 59.44 -1.04 45.17
CA SER T 54 58.57 -2.07 45.72
C SER T 54 58.36 -3.16 44.70
N THR T 55 57.61 -4.21 45.11
CA THR T 55 57.37 -5.34 44.23
C THR T 55 56.41 -4.97 43.10
N GLU T 56 55.43 -4.11 43.38
CA GLU T 56 54.46 -3.73 42.35
C GLU T 56 55.09 -2.87 41.26
N ILE T 57 56.11 -2.08 41.61
CA ILE T 57 56.85 -1.34 40.59
C ILE T 57 57.63 -2.30 39.71
N GLN T 58 58.20 -3.35 40.31
CA GLN T 58 58.90 -4.37 39.53
C GLN T 58 57.93 -5.14 38.64
N ARG T 59 56.73 -5.42 39.14
CA ARG T 59 55.71 -6.06 38.31
C ARG T 59 55.25 -5.14 37.20
N GLU T 60 55.14 -3.85 37.49
CA GLU T 60 54.75 -2.88 36.46
C GLU T 60 55.80 -2.79 35.36
N LEU T 61 57.08 -2.77 35.73
CA LEU T 61 58.14 -2.70 34.73
C LEU T 61 58.19 -3.95 33.88
N ASP T 62 58.00 -5.12 34.48
CA ASP T 62 58.00 -6.36 33.72
C ASP T 62 56.79 -6.47 32.81
N ALA T 63 55.64 -5.95 33.26
CA ALA T 63 54.45 -5.96 32.44
C ALA T 63 54.61 -5.06 31.21
N GLU T 64 55.24 -3.90 31.38
CA GLU T 64 55.46 -3.00 30.25
C GLU T 64 56.45 -3.58 29.26
N LEU T 65 57.52 -4.20 29.75
CA LEU T 65 58.51 -4.80 28.86
C LEU T 65 57.91 -5.99 28.10
N ASP T 66 57.10 -6.80 28.78
CA ASP T 66 56.46 -7.93 28.12
C ASP T 66 55.45 -7.47 27.09
N LYS T 67 54.69 -6.42 27.40
CA LYS T 67 53.72 -5.89 26.44
C LYS T 67 54.40 -5.32 25.21
N LEU T 68 55.50 -4.59 25.40
CA LEU T 68 56.25 -4.05 24.26
C LEU T 68 56.89 -5.16 23.44
N LYS T 69 57.34 -6.22 24.10
CA LYS T 69 57.90 -7.37 23.37
C LYS T 69 56.83 -8.07 22.54
N LYS T 70 55.62 -8.22 23.09
CA LYS T 70 54.55 -8.87 22.34
C LYS T 70 53.96 -7.94 21.27
N MET T 71 53.97 -6.63 21.50
CA MET T 71 53.42 -5.69 20.53
C MET T 71 54.30 -5.59 19.29
N TYR T 72 55.61 -5.45 19.49
CA TYR T 72 56.54 -5.25 18.40
C TYR T 72 57.20 -6.54 17.94
N GLY T 73 56.81 -7.69 18.49
CA GLY T 73 57.35 -8.96 18.06
C GLY T 73 58.84 -9.15 18.34
N GLY T 74 59.27 -8.82 19.54
CA GLY T 74 60.67 -8.96 19.90
C GLY T 74 61.12 -10.39 20.14
N ASP T 75 60.18 -11.34 20.21
CA ASP T 75 60.56 -12.73 20.41
C ASP T 75 61.26 -13.30 19.18
N THR T 76 60.75 -12.98 17.98
CA THR T 76 61.31 -13.56 16.77
C THR T 76 62.66 -12.96 16.42
N ALA T 77 62.79 -11.64 16.51
CA ALA T 77 64.01 -10.96 16.10
C ALA T 77 64.40 -9.92 17.13
N ASP T 78 65.69 -9.60 17.16
CA ASP T 78 66.22 -8.58 18.07
C ASP T 78 65.87 -7.20 17.53
N LEU T 79 65.02 -6.49 18.25
CA LEU T 79 64.59 -5.16 17.81
C LEU T 79 65.66 -4.09 18.03
N SER T 80 66.62 -4.33 18.93
CA SER T 80 67.67 -3.35 19.16
C SER T 80 68.63 -3.26 17.97
N LYS T 81 68.87 -4.37 17.29
CA LYS T 81 69.73 -4.39 16.13
C LYS T 81 68.91 -4.18 14.86
N PHE T 82 69.60 -4.15 13.72
CA PHE T 82 68.92 -4.00 12.44
C PHE T 82 68.15 -5.27 12.11
N PRO T 83 66.91 -5.16 11.65
CA PRO T 83 66.13 -6.35 11.31
C PRO T 83 66.70 -7.07 10.11
N SER T 84 66.69 -8.40 10.17
CA SER T 84 67.22 -9.25 9.10
C SER T 84 66.09 -9.51 8.11
N PHE T 85 66.13 -8.82 6.97
CA PHE T 85 65.11 -8.99 5.95
C PHE T 85 65.27 -10.33 5.25
N HIS T 86 64.15 -11.01 5.04
CA HIS T 86 64.11 -12.27 4.29
C HIS T 86 63.19 -12.03 3.10
N PHE T 87 63.75 -11.50 2.01
CA PHE T 87 62.97 -11.14 0.84
C PHE T 87 62.91 -12.29 -0.14
N GLU T 88 62.22 -12.07 -1.26
CA GLU T 88 62.02 -13.10 -2.26
C GLU T 88 61.83 -12.43 -3.62
N ASP T 89 62.02 -13.23 -4.67
CA ASP T 89 61.90 -12.71 -6.03
C ASP T 89 60.43 -12.43 -6.34
N PRO T 90 60.13 -11.28 -6.97
CA PRO T 90 58.74 -10.97 -7.33
C PRO T 90 58.18 -11.94 -8.36
N VAL T 91 56.88 -12.17 -8.26
CA VAL T 91 56.20 -13.12 -9.14
C VAL T 91 55.80 -12.41 -10.43
N VAL T 92 56.19 -13.01 -11.55
CA VAL T 92 55.87 -12.49 -12.88
C VAL T 92 54.93 -13.47 -13.56
N ASP T 93 53.82 -12.96 -14.10
CA ASP T 93 52.83 -13.79 -14.75
C ASP T 93 53.40 -14.40 -16.02
N PRO T 94 52.86 -15.55 -16.46
CA PRO T 94 53.28 -16.12 -17.75
C PRO T 94 52.85 -15.24 -18.91
N ILE T 95 53.39 -15.57 -20.08
CA ILE T 95 53.17 -14.75 -21.27
C ILE T 95 51.69 -14.77 -21.67
N ASN T 96 51.12 -15.96 -21.78
CA ASN T 96 49.74 -16.12 -22.20
C ASN T 96 48.81 -15.99 -20.99
N MET T 97 47.54 -16.33 -21.17
CA MET T 97 46.54 -16.26 -20.12
C MET T 97 46.80 -17.30 -19.04
N ALA U 2 63.94 1.17 -10.88
CA ALA U 2 64.58 2.47 -10.69
C ALA U 2 64.34 3.38 -11.88
N SER U 3 63.93 2.79 -13.00
CA SER U 3 63.76 3.52 -14.25
C SER U 3 62.67 2.83 -15.06
N LYS U 4 62.65 3.12 -16.37
CA LYS U 4 61.87 2.44 -17.40
C LYS U 4 60.39 2.80 -17.36
N ARG U 5 59.63 2.22 -16.42
CA ARG U 5 58.17 2.34 -16.44
C ARG U 5 57.65 2.82 -15.09
N ILE U 6 57.45 4.14 -14.99
CA ILE U 6 56.68 4.74 -13.92
C ILE U 6 55.21 4.61 -14.31
N ALA U 7 54.30 4.93 -13.39
CA ALA U 7 52.86 4.78 -13.62
C ALA U 7 52.33 5.66 -14.75
N ARG U 8 53.09 6.67 -15.19
CA ARG U 8 52.64 7.55 -16.27
C ARG U 8 52.55 6.84 -17.61
N SER U 9 53.28 5.74 -17.80
CA SER U 9 53.30 5.08 -19.11
C SER U 9 52.01 4.31 -19.34
N SER U 10 51.40 4.54 -20.51
CA SER U 10 50.19 3.84 -20.89
C SER U 10 50.05 3.92 -22.40
N ILE U 11 49.84 2.77 -23.04
CA ILE U 11 49.73 2.69 -24.49
C ILE U 11 48.37 3.21 -24.92
N ASP U 12 48.21 3.48 -26.21
CA ASP U 12 46.96 4.00 -26.76
C ASP U 12 45.93 2.88 -26.78
N TRP U 13 45.00 2.91 -25.82
CA TRP U 13 43.94 1.92 -25.77
C TRP U 13 42.89 2.12 -26.85
N ALA U 14 42.74 3.34 -27.37
CA ALA U 14 41.69 3.62 -28.34
C ALA U 14 41.93 2.89 -29.65
N LYS U 15 43.14 2.97 -30.18
CA LYS U 15 43.47 2.27 -31.42
C LYS U 15 43.42 0.75 -31.22
N MET U 16 43.87 0.29 -30.05
CA MET U 16 43.81 -1.14 -29.75
C MET U 16 42.37 -1.63 -29.65
N ALA U 17 41.49 -0.83 -29.04
CA ALA U 17 40.09 -1.22 -28.92
C ALA U 17 39.40 -1.23 -30.27
N GLU U 18 39.77 -0.31 -31.16
CA GLU U 18 39.20 -0.32 -32.51
C GLU U 18 39.69 -1.52 -33.31
N SER U 19 40.92 -1.99 -33.04
CA SER U 19 41.51 -3.04 -33.86
C SER U 19 40.87 -4.39 -33.58
N VAL U 20 40.63 -4.70 -32.32
CA VAL U 20 40.12 -6.02 -31.93
C VAL U 20 38.67 -6.18 -32.38
N PRO U 21 38.25 -7.39 -32.78
CA PRO U 21 36.85 -7.64 -33.17
C PRO U 21 35.92 -7.93 -31.99
N GLU U 22 36.03 -7.11 -30.94
CA GLU U 22 35.14 -7.11 -29.78
C GLU U 22 35.06 -8.46 -29.08
N SER U 23 33.91 -9.12 -29.15
CA SER U 23 33.70 -10.39 -28.48
C SER U 23 34.48 -11.52 -29.13
N GLN U 24 34.85 -11.38 -30.40
CA GLN U 24 35.73 -12.36 -31.03
C GLN U 24 37.09 -12.39 -30.35
N LYS U 25 37.54 -11.24 -29.84
CA LYS U 25 38.75 -11.17 -29.04
C LYS U 25 38.41 -10.66 -27.65
N ALA U 26 37.39 -11.25 -27.03
CA ALA U 26 36.92 -10.84 -25.71
C ALA U 26 37.97 -11.06 -24.63
N MET U 27 39.02 -11.83 -24.90
CA MET U 27 40.13 -11.93 -23.96
C MET U 27 40.84 -10.59 -23.78
N TYR U 28 40.76 -9.70 -24.77
CA TYR U 28 41.24 -8.33 -24.59
C TYR U 28 40.44 -7.61 -23.50
N ASN U 29 39.14 -7.85 -23.45
CA ASN U 29 38.33 -7.30 -22.36
C ASN U 29 38.78 -7.86 -21.02
N GLN U 30 39.22 -9.13 -21.00
CA GLN U 30 39.86 -9.66 -19.81
C GLN U 30 41.25 -9.09 -19.63
N PHE U 31 42.00 -8.94 -20.73
CA PHE U 31 43.38 -8.47 -20.65
C PHE U 31 43.47 -7.04 -20.14
N LYS U 32 42.57 -6.17 -20.59
CA LYS U 32 42.59 -4.78 -20.13
C LYS U 32 42.29 -4.68 -18.65
N ALA U 33 41.27 -5.42 -18.19
CA ALA U 33 40.97 -5.43 -16.76
C ALA U 33 42.07 -6.09 -15.95
N LYS U 34 42.69 -7.14 -16.49
CA LYS U 34 43.83 -7.77 -15.82
C LYS U 34 45.00 -6.80 -15.71
N SER U 35 45.29 -6.07 -16.79
CA SER U 35 46.32 -5.05 -16.74
C SER U 35 45.91 -3.89 -15.84
N ASP U 36 44.60 -3.58 -15.81
CA ASP U 36 44.11 -2.52 -14.92
C ASP U 36 44.29 -2.90 -13.45
N GLY U 37 44.13 -4.18 -13.13
CA GLY U 37 44.36 -4.63 -11.76
C GLY U 37 45.81 -4.44 -11.34
N TYR U 38 46.74 -4.65 -12.26
CA TYR U 38 48.14 -4.41 -11.93
C TYR U 38 48.46 -2.92 -11.92
N ILE U 39 47.63 -2.11 -12.58
CA ILE U 39 47.72 -0.66 -12.41
C ILE U 39 47.29 -0.27 -11.00
N ARG U 40 46.30 -0.97 -10.45
CA ARG U 40 45.89 -0.73 -9.07
C ARG U 40 47.03 -1.04 -8.10
N LYS U 41 47.76 -2.13 -8.35
CA LYS U 41 49.00 -2.37 -7.62
C LYS U 41 50.04 -1.30 -7.93
N ALA U 42 50.09 -0.84 -9.18
CA ALA U 42 50.98 0.24 -9.54
C ALA U 42 50.52 1.59 -8.98
N LEU U 43 49.23 1.72 -8.65
CA LEU U 43 48.76 2.93 -7.98
C LEU U 43 49.39 3.06 -6.60
N SER U 44 49.42 1.98 -5.84
CA SER U 44 50.06 1.97 -4.54
C SER U 44 51.57 1.85 -4.69
N TYR U 45 52.28 2.15 -3.60
CA TYR U 45 53.73 2.04 -3.47
C TYR U 45 54.46 2.78 -4.58
N PRO U 46 54.54 4.11 -4.51
CA PRO U 46 55.37 4.83 -5.49
C PRO U 46 56.85 4.60 -5.28
N GLU U 47 57.68 5.28 -6.07
CA GLU U 47 59.13 5.04 -6.06
C GLU U 47 59.72 5.31 -4.68
N GLN U 48 59.65 6.55 -4.23
CA GLN U 48 60.17 6.86 -2.91
C GLN U 48 59.21 6.39 -1.82
N PRO U 49 59.73 5.97 -0.67
CA PRO U 49 58.87 5.62 0.46
C PRO U 49 58.52 6.87 1.26
N SER U 50 57.82 6.67 2.36
CA SER U 50 57.43 7.78 3.23
C SER U 50 58.66 8.27 3.98
N PRO U 51 58.95 9.58 3.94
CA PRO U 51 60.08 10.11 4.71
C PRO U 51 59.84 10.02 6.21
N ILE U 52 60.92 9.81 6.95
CA ILE U 52 60.88 9.67 8.41
C ILE U 52 61.78 10.75 9.01
N ASN U 53 61.23 11.51 9.95
CA ASN U 53 61.99 12.54 10.66
C ASN U 53 62.85 11.84 11.72
N TRP U 54 64.12 11.64 11.39
CA TRP U 54 65.01 10.94 12.31
C TRP U 54 65.40 11.81 13.50
N GLU U 55 65.38 13.13 13.33
CA GLU U 55 65.81 14.04 14.39
C GLU U 55 64.85 14.03 15.57
N HIS U 56 63.56 13.82 15.32
CA HIS U 56 62.61 13.74 16.42
C HIS U 56 62.87 12.54 17.30
N TYR U 57 63.20 11.40 16.70
CA TYR U 57 63.51 10.21 17.49
C TYR U 57 64.89 10.30 18.14
N ARG U 58 65.81 11.04 17.52
CA ARG U 58 67.12 11.26 18.15
C ARG U 58 66.99 12.07 19.43
N LYS U 59 66.17 13.12 19.41
CA LYS U 59 66.00 13.97 20.59
C LYS U 59 65.12 13.32 21.65
N SER U 60 64.09 12.58 21.25
CA SER U 60 63.19 11.97 22.21
C SER U 60 63.84 10.81 22.95
N LEU U 61 64.57 9.96 22.23
CA LEU U 61 65.29 8.87 22.86
C LEU U 61 66.47 9.40 23.65
N THR U 62 66.69 8.83 24.84
CA THR U 62 67.78 9.27 25.70
C THR U 62 69.14 9.03 25.06
N ASN U 63 69.33 7.88 24.43
CA ASN U 63 70.58 7.55 23.76
C ASN U 63 70.33 7.44 22.26
N PRO U 64 70.61 8.48 21.47
CA PRO U 64 70.34 8.43 20.03
C PRO U 64 71.37 7.68 19.21
N ALA U 65 72.27 6.91 19.84
CA ALA U 65 73.26 6.15 19.09
C ALA U 65 72.60 5.03 18.29
N MET U 66 71.54 4.43 18.84
CA MET U 66 70.82 3.38 18.11
C MET U 66 70.07 3.95 16.91
N VAL U 67 69.58 5.19 17.03
CA VAL U 67 68.92 5.83 15.90
C VAL U 67 69.92 6.16 14.81
N ASP U 68 71.12 6.59 15.19
CA ASP U 68 72.18 6.84 14.21
C ASP U 68 72.62 5.56 13.52
N ALA U 69 72.70 4.47 14.27
CA ALA U 69 73.04 3.17 13.67
C ALA U 69 71.95 2.70 12.73
N PHE U 70 70.68 2.89 13.11
CA PHE U 70 69.57 2.53 12.23
C PHE U 70 69.57 3.37 10.96
N LYS U 71 69.84 4.67 11.10
CA LYS U 71 69.88 5.55 9.92
C LYS U 71 71.05 5.19 9.02
N LYS U 72 72.21 4.87 9.60
CA LYS U 72 73.36 4.48 8.81
C LYS U 72 73.12 3.17 8.07
N GLN U 73 72.48 2.20 8.73
CA GLN U 73 72.16 0.94 8.08
C GLN U 73 71.08 1.09 7.02
N TYR U 74 70.11 1.99 7.26
CA TYR U 74 69.08 2.25 6.25
C TYR U 74 69.68 2.89 5.00
N GLU U 75 70.63 3.81 5.17
CA GLU U 75 71.29 4.41 4.02
C GLU U 75 72.21 3.42 3.32
N ALA U 76 72.83 2.52 4.08
CA ALA U 76 73.71 1.52 3.48
C ALA U 76 72.92 0.49 2.68
N LEU U 77 71.78 0.05 3.21
CA LEU U 77 70.93 -0.94 2.54
C LEU U 77 69.96 -0.21 1.63
N LYS U 78 70.37 -0.01 0.38
CA LYS U 78 69.53 0.62 -0.65
C LYS U 78 69.49 -0.35 -1.83
N VAL U 79 68.57 -1.30 -1.79
CA VAL U 79 68.50 -2.34 -2.82
C VAL U 79 67.86 -1.74 -4.06
N PRO U 80 68.45 -1.97 -5.26
CA PRO U 80 67.81 -1.54 -6.50
C PRO U 80 66.77 -2.51 -7.03
N TYR U 81 66.31 -2.25 -8.25
CA TYR U 81 65.22 -3.00 -8.87
C TYR U 81 65.63 -4.46 -9.11
N PRO U 82 64.67 -5.40 -9.11
CA PRO U 82 64.98 -6.79 -9.47
C PRO U 82 65.17 -6.99 -10.97
N GLU U 83 65.34 -8.23 -11.39
CA GLU U 83 65.70 -8.55 -12.77
C GLU U 83 64.47 -8.97 -13.57
N ASP U 84 64.42 -8.53 -14.83
CA ASP U 84 63.39 -8.98 -15.75
C ASP U 84 63.58 -10.46 -16.05
N LYS U 85 62.46 -11.20 -16.06
CA LYS U 85 62.52 -12.66 -16.18
C LYS U 85 62.21 -13.15 -17.59
N VAL U 86 61.02 -12.83 -18.11
CA VAL U 86 60.54 -13.44 -19.34
C VAL U 86 60.48 -12.41 -20.45
N SER U 87 61.36 -11.40 -20.40
CA SER U 87 61.41 -10.43 -21.48
C SER U 87 61.87 -11.07 -22.79
N SER U 88 62.78 -12.05 -22.71
CA SER U 88 63.24 -12.74 -23.92
C SER U 88 62.11 -13.53 -24.57
N GLN U 89 61.23 -14.15 -23.76
CA GLN U 89 60.10 -14.88 -24.30
C GLN U 89 59.15 -13.96 -25.05
N ILE U 90 58.91 -12.77 -24.52
CA ILE U 90 58.11 -11.77 -25.22
C ILE U 90 58.81 -11.35 -26.51
N ASP U 91 60.14 -11.18 -26.45
CA ASP U 91 60.90 -10.85 -27.65
C ASP U 91 60.84 -11.99 -28.67
N ALA U 92 60.89 -13.24 -28.20
CA ALA U 92 60.77 -14.38 -29.11
C ALA U 92 59.39 -14.42 -29.75
N GLN U 93 58.34 -14.18 -28.96
CA GLN U 93 56.99 -14.15 -29.53
C GLN U 93 56.78 -12.92 -30.38
N GLU U 94 57.52 -11.83 -30.11
CA GLU U 94 57.47 -10.65 -30.96
C GLU U 94 57.97 -10.97 -32.36
N ALA U 95 59.08 -11.70 -32.46
CA ALA U 95 59.58 -12.11 -33.77
C ALA U 95 58.62 -13.07 -34.46
N GLU U 96 58.00 -13.97 -33.68
CA GLU U 96 56.98 -14.86 -34.24
C GLU U 96 55.76 -14.07 -34.68
N ALA U 97 55.40 -13.03 -33.92
CA ALA U 97 54.29 -12.17 -34.32
C ALA U 97 54.59 -11.44 -35.63
N LYS U 98 55.83 -10.99 -35.79
CA LYS U 98 56.23 -10.31 -37.03
C LYS U 98 56.12 -11.24 -38.23
N LYS U 99 56.50 -12.50 -38.06
CA LYS U 99 56.34 -13.49 -39.13
C LYS U 99 54.87 -13.71 -39.44
N GLU U 100 54.03 -13.80 -38.41
CA GLU U 100 52.59 -13.93 -38.62
C GLU U 100 52.00 -12.65 -39.19
N ILE U 101 52.58 -11.49 -38.83
CA ILE U 101 52.15 -10.24 -39.43
C ILE U 101 52.41 -10.25 -40.93
N THR U 102 53.63 -10.64 -41.32
CA THR U 102 53.98 -10.67 -42.74
C THR U 102 53.16 -11.71 -43.49
N LYS U 103 52.93 -12.87 -42.87
CA LYS U 103 52.15 -13.91 -43.52
C LYS U 103 50.70 -13.48 -43.73
N PHE U 104 50.11 -12.84 -42.73
CA PHE U 104 48.72 -12.40 -42.84
C PHE U 104 48.60 -11.23 -43.81
N ILE U 105 49.63 -10.38 -43.88
CA ILE U 105 49.59 -9.22 -44.77
C ILE U 105 49.60 -9.66 -46.22
N GLN U 106 50.50 -10.58 -46.57
CA GLN U 106 50.62 -10.98 -47.97
C GLN U 106 49.42 -11.82 -48.41
N GLU U 107 48.83 -12.60 -47.49
CA GLU U 107 47.61 -13.33 -47.82
C GLU U 107 46.44 -12.40 -48.02
N SER U 108 46.34 -11.36 -47.20
CA SER U 108 45.28 -10.37 -47.38
C SER U 108 45.51 -9.57 -48.67
N ARG U 109 46.77 -9.30 -49.00
CA ARG U 109 47.07 -8.65 -50.27
C ARG U 109 46.64 -9.52 -51.45
N GLY U 110 46.85 -10.84 -51.33
CA GLY U 110 46.41 -11.73 -52.40
C GLY U 110 44.90 -11.75 -52.56
N ARG U 111 44.17 -11.82 -51.44
CA ARG U 111 42.72 -11.80 -51.51
C ARG U 111 42.19 -10.46 -52.00
N ILE U 112 42.88 -9.37 -51.69
CA ILE U 112 42.50 -8.06 -52.21
C ILE U 112 42.65 -8.03 -53.73
N GLU U 113 43.77 -8.59 -54.24
CA GLU U 113 43.96 -8.66 -55.68
C GLU U 113 42.92 -9.56 -56.33
N ASN U 114 42.49 -10.61 -55.63
CA ASN U 114 41.42 -11.46 -56.15
C ASN U 114 40.10 -10.70 -56.24
N TYR U 115 39.79 -9.92 -55.20
CA TYR U 115 38.56 -9.12 -55.22
C TYR U 115 38.62 -8.02 -56.27
N LYS U 116 39.81 -7.43 -56.46
CA LYS U 116 39.98 -6.43 -57.52
C LYS U 116 39.81 -7.06 -58.89
N ALA U 117 40.31 -8.28 -59.07
CA ALA U 117 40.12 -8.99 -60.34
C ALA U 117 38.64 -9.34 -60.55
N GLU U 118 37.94 -9.70 -59.48
CA GLU U 118 36.51 -9.97 -59.59
C GLU U 118 35.73 -8.72 -59.96
N LEU U 119 36.08 -7.59 -59.35
CA LEU U 119 35.43 -6.32 -59.69
C LEU U 119 35.79 -5.89 -61.11
N GLY U 120 37.01 -6.19 -61.54
CA GLY U 120 37.38 -5.93 -62.93
C GLY U 120 36.59 -6.79 -63.90
N LYS U 121 36.29 -8.03 -63.49
CA LYS U 121 35.43 -8.88 -64.31
C LYS U 121 34.01 -8.31 -64.40
N LEU U 122 33.48 -7.81 -63.28
CA LEU U 122 32.16 -7.21 -63.30
C LEU U 122 32.15 -5.90 -64.07
N GLY U 123 33.26 -5.15 -64.01
CA GLY U 123 33.36 -3.93 -64.80
C GLY U 123 33.39 -4.20 -66.29
N GLN U 124 34.12 -5.23 -66.71
CA GLN U 124 34.21 -5.58 -68.11
C GLN U 124 33.04 -6.42 -68.59
N MET U 125 32.18 -6.88 -67.69
CA MET U 125 31.02 -7.66 -68.09
C MET U 125 30.01 -6.78 -68.81
N ILE U 126 29.52 -7.26 -69.95
CA ILE U 126 28.49 -6.55 -70.72
C ILE U 126 27.21 -6.53 -69.91
N PRO U 127 26.41 -5.47 -69.99
CA PRO U 127 25.19 -5.39 -69.19
C PRO U 127 24.17 -6.43 -69.62
N PHE U 128 23.32 -6.81 -68.66
CA PHE U 128 22.36 -7.89 -68.87
C PHE U 128 21.20 -7.50 -69.77
N GLU U 129 21.07 -6.23 -70.16
CA GLU U 129 19.96 -5.85 -71.02
C GLU U 129 20.18 -6.36 -72.43
N HIS U 130 21.24 -5.90 -73.10
CA HIS U 130 21.53 -6.35 -74.45
C HIS U 130 22.64 -7.41 -74.42
N MET U 131 22.27 -8.56 -73.86
CA MET U 131 23.17 -9.69 -73.75
C MET U 131 22.50 -10.91 -74.36
N THR U 132 23.18 -11.55 -75.31
CA THR U 132 22.67 -12.79 -75.86
C THR U 132 22.84 -13.93 -74.85
N LEU U 133 21.99 -14.94 -74.99
CA LEU U 133 21.99 -16.06 -74.04
C LEU U 133 23.29 -16.83 -74.09
N GLU U 134 23.93 -16.92 -75.26
CA GLU U 134 25.23 -17.57 -75.35
C GLU U 134 26.29 -16.79 -74.59
N ASP U 135 26.22 -15.45 -74.64
CA ASP U 135 27.20 -14.66 -73.91
C ASP U 135 26.96 -14.72 -72.41
N PHE U 136 25.72 -14.93 -71.98
CA PHE U 136 25.46 -15.18 -70.56
C PHE U 136 26.07 -16.50 -70.13
N PHE U 137 26.00 -17.52 -70.98
CA PHE U 137 26.64 -18.79 -70.67
C PHE U 137 28.16 -18.67 -70.72
N GLU U 138 28.69 -17.82 -71.60
CA GLU U 138 30.14 -17.66 -71.69
C GLU U 138 30.68 -16.90 -70.50
N ALA U 139 30.00 -15.82 -70.09
CA ALA U 139 30.48 -15.03 -68.97
C ALA U 139 30.31 -15.77 -67.65
N PHE U 140 29.32 -16.65 -67.56
CA PHE U 140 29.07 -17.44 -66.35
C PHE U 140 29.21 -18.91 -66.72
N PRO U 141 30.35 -19.53 -66.46
CA PRO U 141 30.64 -20.85 -67.04
C PRO U 141 29.93 -22.02 -66.36
N GLU U 142 28.91 -21.75 -65.55
CA GLU U 142 28.13 -22.83 -64.95
C GLU U 142 27.46 -23.68 -66.02
N LYS U 143 26.85 -23.02 -67.03
CA LYS U 143 26.46 -23.62 -68.29
C LYS U 143 25.46 -24.77 -68.19
N VAL U 144 25.23 -25.44 -69.32
CA VAL U 144 24.55 -26.72 -69.37
C VAL U 144 25.02 -27.42 -70.64
N LEU U 145 25.10 -28.75 -70.58
CA LEU U 145 25.63 -29.55 -71.68
C LEU U 145 25.08 -30.96 -71.53
N ASN U 146 25.67 -31.91 -72.27
CA ASN U 146 25.24 -33.31 -72.19
C ASN U 146 25.56 -33.95 -70.83
N PRO U 147 26.81 -33.89 -70.28
CA PRO U 147 27.03 -34.49 -68.95
C PRO U 147 26.62 -33.56 -67.81
N ASP U 148 25.35 -33.18 -67.78
CA ASP U 148 24.83 -32.23 -66.83
C ASP U 148 23.58 -32.77 -66.18
N PRO U 149 23.25 -32.32 -64.97
CA PRO U 149 22.05 -32.81 -64.29
C PRO U 149 20.78 -32.40 -65.01
N PRO U 150 19.98 -33.36 -65.46
CA PRO U 150 18.73 -33.03 -66.15
C PRO U 150 17.66 -32.56 -65.19
N SER U 151 16.72 -31.78 -65.73
CA SER U 151 15.62 -31.22 -64.96
C SER U 151 14.56 -30.73 -65.93
N PRO U 152 13.27 -30.74 -65.53
CA PRO U 152 12.24 -30.17 -66.42
C PRO U 152 12.44 -28.70 -66.69
N ASN U 153 12.91 -27.97 -65.69
CA ASN U 153 13.46 -26.62 -65.86
C ASN U 153 14.86 -26.64 -65.30
N VAL U 154 15.85 -26.41 -66.17
CA VAL U 154 17.23 -26.50 -65.74
C VAL U 154 17.54 -25.28 -64.86
N LYS U 155 17.46 -25.47 -63.55
CA LYS U 155 17.60 -24.39 -62.58
C LYS U 155 18.84 -24.66 -61.72
N LYS U 156 19.02 -23.84 -60.68
CA LYS U 156 20.21 -23.95 -59.84
C LYS U 156 20.18 -25.22 -58.99
N LYS U 157 19.07 -25.47 -58.30
CA LYS U 157 18.91 -26.68 -57.49
C LYS U 157 17.57 -27.35 -57.74
N PRO U 158 17.34 -27.90 -58.94
CA PRO U 158 16.16 -28.73 -59.17
C PRO U 158 16.40 -30.24 -59.12
N PHE U 159 17.60 -30.70 -58.79
CA PHE U 159 17.97 -32.08 -59.06
C PHE U 159 17.70 -33.01 -57.87
N LYS U 160 18.36 -32.78 -56.74
CA LYS U 160 18.21 -33.72 -55.63
C LYS U 160 16.94 -33.45 -54.84
N ASN U 161 16.89 -32.30 -54.15
CA ASN U 161 15.74 -31.84 -53.38
C ASN U 161 15.21 -32.91 -52.43
N ASN U 162 16.12 -33.63 -51.78
CA ASN U 162 15.72 -34.70 -50.86
C ASN U 162 16.77 -34.92 -49.77
N MET V 1 -30.21 -26.56 -93.21
CA MET V 1 -31.30 -27.46 -93.60
C MET V 1 -31.14 -27.88 -95.06
N MET V 2 -29.99 -27.56 -95.65
CA MET V 2 -29.77 -27.80 -97.07
C MET V 2 -29.09 -29.14 -97.35
N ALA V 3 -27.87 -29.32 -96.85
CA ALA V 3 -27.06 -30.50 -97.18
C ALA V 3 -25.94 -30.61 -96.16
N SER V 4 -24.97 -31.47 -96.45
CA SER V 4 -23.83 -31.69 -95.57
C SER V 4 -22.67 -32.23 -96.40
N LEU V 5 -21.47 -32.18 -95.82
CA LEU V 5 -20.29 -32.71 -96.47
C LEU V 5 -19.33 -33.22 -95.41
N PHE V 6 -18.38 -34.04 -95.84
CA PHE V 6 -17.47 -34.73 -94.93
C PHE V 6 -16.14 -34.93 -95.66
N SER V 7 -15.32 -35.85 -95.14
CA SER V 7 -14.07 -36.30 -95.76
C SER V 7 -13.07 -35.15 -95.92
N VAL V 8 -12.69 -34.59 -94.78
CA VAL V 8 -11.62 -33.59 -94.72
C VAL V 8 -10.32 -34.21 -94.20
N PHE V 9 -10.16 -35.53 -94.34
CA PHE V 9 -9.05 -36.27 -93.75
C PHE V 9 -8.31 -37.10 -94.80
N ASP V 10 -8.01 -36.46 -95.93
CA ASP V 10 -7.26 -37.13 -96.99
C ASP V 10 -5.80 -36.71 -96.90
N PRO V 11 -4.86 -37.62 -96.60
CA PRO V 11 -3.46 -37.21 -96.43
C PRO V 11 -2.73 -36.91 -97.73
N THR V 12 -3.21 -37.42 -98.87
CA THR V 12 -2.50 -37.26 -100.13
C THR V 12 -3.35 -36.58 -101.18
N SER V 13 -4.02 -35.49 -100.82
CA SER V 13 -4.82 -34.74 -101.78
C SER V 13 -3.95 -34.09 -102.84
N SER V 14 -2.70 -33.76 -102.51
CA SER V 14 -1.74 -33.21 -103.46
C SER V 14 -0.41 -33.91 -103.28
N PHE V 15 0.51 -33.66 -104.22
CA PHE V 15 1.82 -34.29 -104.17
C PHE V 15 2.69 -33.75 -103.06
N LEU V 16 2.39 -32.56 -102.54
CA LEU V 16 2.90 -32.13 -101.24
C LEU V 16 1.87 -32.58 -100.22
N SER V 17 2.12 -33.73 -99.60
CA SER V 17 1.11 -34.42 -98.82
C SER V 17 0.82 -33.68 -97.52
N ASN V 18 -0.23 -34.14 -96.83
CA ASN V 18 -0.69 -33.53 -95.59
C ASN V 18 0.13 -33.95 -94.38
N TRP V 19 1.29 -34.57 -94.58
CA TRP V 19 2.20 -34.79 -93.47
C TRP V 19 2.83 -33.48 -93.00
N LEU V 20 2.86 -32.45 -93.85
CA LEU V 20 3.29 -31.13 -93.42
C LEU V 20 2.33 -30.51 -92.41
N SER V 21 1.08 -30.97 -92.35
CA SER V 21 0.14 -30.49 -91.34
C SER V 21 0.54 -30.90 -89.94
N MET V 22 1.39 -31.92 -89.80
CA MET V 22 1.95 -32.28 -88.51
C MET V 22 3.22 -31.49 -88.19
N LEU V 23 3.87 -30.91 -89.20
CA LEU V 23 5.08 -30.15 -88.98
C LEU V 23 4.83 -28.67 -88.79
N ILE V 24 3.57 -28.29 -88.58
CA ILE V 24 3.18 -26.91 -88.29
C ILE V 24 3.47 -26.50 -86.84
N PRO V 25 3.30 -27.36 -85.82
CA PRO V 25 3.66 -26.91 -84.46
C PRO V 25 5.14 -26.58 -84.28
N LEU V 26 6.02 -27.04 -85.16
CA LEU V 26 7.42 -26.64 -85.07
C LEU V 26 7.59 -25.14 -85.30
N LEU V 27 6.72 -24.53 -86.11
CA LEU V 27 6.75 -23.09 -86.27
C LEU V 27 6.39 -22.37 -84.99
N PHE V 28 5.33 -22.82 -84.32
CA PHE V 28 4.82 -22.12 -83.15
C PHE V 28 5.69 -22.28 -81.91
N MET V 29 6.69 -23.16 -81.95
CA MET V 29 7.60 -23.28 -80.82
C MET V 29 8.35 -21.98 -80.62
N VAL V 30 8.44 -21.53 -79.37
CA VAL V 30 9.02 -20.25 -79.05
C VAL V 30 10.54 -20.43 -78.95
N MET V 31 11.22 -20.20 -80.05
CA MET V 31 12.68 -20.25 -80.04
C MET V 31 13.21 -19.03 -79.32
N SER V 32 14.14 -19.26 -78.39
CA SER V 32 14.61 -18.24 -77.46
C SER V 32 16.02 -17.81 -77.82
N PHE V 33 16.25 -16.51 -77.90
CA PHE V 33 17.57 -15.98 -78.20
C PHE V 33 18.13 -15.11 -77.09
N TRP V 34 17.39 -14.10 -76.63
CA TRP V 34 17.97 -13.14 -75.71
C TRP V 34 17.98 -13.68 -74.28
N LEU V 35 18.75 -13.00 -73.43
CA LEU V 35 18.77 -13.36 -72.01
C LEU V 35 17.45 -12.99 -71.35
N ILE V 36 17.08 -11.72 -71.40
CA ILE V 36 15.74 -11.31 -70.98
C ILE V 36 14.79 -11.78 -72.06
N PRO V 37 13.78 -12.59 -71.74
CA PRO V 37 12.92 -13.17 -72.77
C PRO V 37 11.99 -12.13 -73.37
N SER V 38 11.38 -12.51 -74.48
CA SER V 38 10.34 -11.68 -75.09
C SER V 38 9.00 -11.95 -74.43
N ARG V 39 7.97 -11.22 -74.87
CA ARG V 39 6.63 -11.42 -74.32
C ARG V 39 6.09 -12.83 -74.53
N PRO V 40 6.08 -13.42 -75.74
CA PRO V 40 5.50 -14.77 -75.85
C PRO V 40 6.34 -15.84 -75.21
N GLN V 41 7.67 -15.65 -75.11
CA GLN V 41 8.48 -16.64 -74.42
C GLN V 41 8.16 -16.68 -72.94
N PHE V 42 8.02 -15.51 -72.32
CA PHE V 42 7.70 -15.47 -70.90
C PHE V 42 6.33 -16.05 -70.63
N LEU V 43 5.37 -15.80 -71.53
CA LEU V 43 4.04 -16.38 -71.39
C LEU V 43 4.09 -17.89 -71.48
N ALA V 44 4.84 -18.41 -72.46
CA ALA V 44 4.96 -19.86 -72.58
C ALA V 44 5.74 -20.45 -71.42
N LYS V 45 6.79 -19.76 -70.96
CA LYS V 45 7.55 -20.24 -69.83
C LYS V 45 6.73 -20.24 -68.55
N SER V 46 5.92 -19.19 -68.34
CA SER V 46 5.09 -19.11 -67.15
C SER V 46 4.02 -20.19 -67.16
N VAL V 47 3.45 -20.48 -68.32
CA VAL V 47 2.44 -21.52 -68.42
C VAL V 47 3.04 -22.89 -68.12
N LEU V 48 4.18 -23.19 -68.75
CA LEU V 48 4.80 -24.49 -68.56
C LEU V 48 5.32 -24.68 -67.14
N MET V 49 5.93 -23.63 -66.57
CA MET V 49 6.37 -23.72 -65.18
C MET V 49 5.18 -23.79 -64.24
N GLY V 50 4.05 -23.21 -64.63
CA GLY V 50 2.83 -23.37 -63.86
C GLY V 50 2.33 -24.80 -63.87
N LEU V 51 2.34 -25.44 -65.05
CA LEU V 51 1.91 -26.82 -65.15
C LEU V 51 2.85 -27.77 -64.42
N ASN V 52 4.15 -27.47 -64.48
CA ASN V 52 5.13 -28.30 -63.77
C ASN V 52 4.91 -28.22 -62.25
N ARG V 53 4.57 -27.04 -61.75
CA ARG V 53 4.27 -26.90 -60.33
C ARG V 53 3.00 -27.65 -59.95
N GLU V 54 1.97 -27.62 -60.81
CA GLU V 54 0.74 -28.32 -60.50
C GLU V 54 0.92 -29.82 -60.59
N MET V 55 1.72 -30.30 -61.55
CA MET V 55 1.98 -31.72 -61.67
C MET V 55 2.99 -32.23 -60.66
N SER V 56 3.68 -31.33 -59.95
CA SER V 56 4.67 -31.75 -58.96
C SER V 56 4.04 -32.49 -57.79
N LEU V 57 2.75 -32.29 -57.53
CA LEU V 57 2.07 -33.03 -56.48
C LEU V 57 1.82 -34.48 -56.87
N LEU V 58 1.88 -34.80 -58.16
CA LEU V 58 1.52 -36.13 -58.66
C LEU V 58 2.65 -36.79 -59.44
N MET V 59 3.89 -36.37 -59.23
CA MET V 59 4.99 -36.90 -60.02
C MET V 59 5.43 -38.28 -59.54
N GLY V 60 5.93 -38.37 -58.31
CA GLY V 60 6.41 -39.63 -57.78
C GLY V 60 7.82 -39.93 -58.24
N PRO V 61 8.44 -40.97 -57.66
CA PRO V 61 9.83 -41.28 -57.98
C PRO V 61 10.01 -41.99 -59.32
N ALA V 62 9.02 -42.78 -59.74
CA ALA V 62 9.11 -43.51 -61.00
C ALA V 62 9.03 -42.59 -62.21
N SER V 63 8.51 -41.38 -62.03
CA SER V 63 8.47 -40.38 -63.08
C SER V 63 9.34 -39.20 -62.66
N PHE V 64 10.54 -39.52 -62.18
CA PHE V 64 11.44 -38.52 -61.61
C PHE V 64 11.80 -37.42 -62.61
N GLY V 65 12.05 -37.80 -63.86
CA GLY V 65 12.36 -36.83 -64.88
C GLY V 65 11.57 -37.05 -66.15
N ALA V 66 10.42 -37.70 -66.04
CA ALA V 66 9.55 -37.95 -67.19
C ALA V 66 8.50 -36.87 -67.38
N ASN V 67 8.54 -35.81 -66.56
CA ASN V 67 7.59 -34.71 -66.71
C ASN V 67 7.79 -33.96 -68.01
N ILE V 68 9.01 -33.98 -68.56
CA ILE V 68 9.25 -33.36 -69.85
C ILE V 68 8.48 -34.09 -70.95
N LEU V 69 8.38 -35.41 -70.85
CA LEU V 69 7.61 -36.17 -71.81
C LEU V 69 6.11 -35.87 -71.67
N VAL V 70 5.63 -35.74 -70.44
CA VAL V 70 4.22 -35.45 -70.21
C VAL V 70 3.86 -34.07 -70.74
N ILE V 71 4.71 -33.07 -70.47
CA ILE V 71 4.44 -31.72 -70.94
C ILE V 71 4.53 -31.65 -72.45
N ALA V 72 5.50 -32.35 -73.05
CA ALA V 72 5.59 -32.40 -74.50
C ALA V 72 4.38 -33.10 -75.10
N LEU V 73 3.84 -34.10 -74.40
CA LEU V 73 2.61 -34.73 -74.85
C LEU V 73 1.44 -33.76 -74.75
N PHE V 74 1.46 -32.90 -73.73
CA PHE V 74 0.40 -31.92 -73.58
C PHE V 74 0.43 -30.89 -74.70
N LEU V 75 1.61 -30.36 -75.01
CA LEU V 75 1.72 -29.34 -76.06
C LEU V 75 1.44 -29.94 -77.43
N PHE V 76 1.77 -31.21 -77.64
CA PHE V 76 1.47 -31.85 -78.91
C PHE V 76 -0.03 -32.04 -79.09
N ILE V 77 -0.73 -32.43 -78.03
CA ILE V 77 -2.19 -32.59 -78.11
C ILE V 77 -2.86 -31.24 -78.35
N LEU V 78 -2.40 -30.21 -77.64
CA LEU V 78 -3.01 -28.89 -77.78
C LEU V 78 -2.81 -28.33 -79.18
N PHE V 79 -1.62 -28.50 -79.75
CA PHE V 79 -1.38 -27.98 -81.09
C PHE V 79 -1.89 -28.90 -82.19
N ASN V 80 -2.43 -30.06 -81.85
CA ASN V 80 -3.14 -30.89 -82.81
C ASN V 80 -4.65 -30.81 -82.66
N ASN V 81 -5.14 -30.09 -81.66
CA ASN V 81 -6.55 -29.77 -81.54
C ASN V 81 -6.86 -28.34 -81.91
N PHE V 82 -6.02 -27.40 -81.45
CA PHE V 82 -6.21 -26.00 -81.82
C PHE V 82 -6.01 -25.79 -83.31
N ILE V 83 -4.98 -26.40 -83.89
CA ILE V 83 -4.72 -26.22 -85.31
C ILE V 83 -5.72 -26.99 -86.16
N GLY V 84 -6.38 -28.00 -85.60
CA GLY V 84 -7.38 -28.73 -86.36
C GLY V 84 -8.70 -28.03 -86.52
N LEU V 85 -8.90 -26.91 -85.82
CA LEU V 85 -10.14 -26.15 -85.93
C LEU V 85 -10.05 -24.98 -86.90
N PHE V 86 -8.84 -24.56 -87.26
CA PHE V 86 -8.70 -23.55 -88.30
C PHE V 86 -9.18 -24.12 -89.63
N PRO V 87 -9.80 -23.29 -90.49
CA PRO V 87 -10.62 -23.84 -91.58
C PRO V 87 -9.92 -24.72 -92.60
N TYR V 88 -8.92 -24.20 -93.29
CA TYR V 88 -8.34 -24.93 -94.42
C TYR V 88 -7.17 -25.80 -94.00
N ILE V 89 -7.36 -26.58 -92.95
CA ILE V 89 -6.36 -27.53 -92.45
C ILE V 89 -7.07 -28.85 -92.22
N PHE V 90 -6.52 -29.92 -92.78
CA PHE V 90 -7.10 -31.24 -92.60
C PHE V 90 -6.98 -31.67 -91.14
N THR V 91 -7.97 -32.42 -90.67
CA THR V 91 -8.03 -32.83 -89.27
C THR V 91 -7.00 -33.92 -89.03
N ALA V 92 -5.87 -33.55 -88.43
CA ALA V 92 -4.80 -34.51 -88.18
C ALA V 92 -5.19 -35.53 -87.13
N THR V 93 -5.89 -35.10 -86.08
CA THR V 93 -6.31 -36.00 -85.02
C THR V 93 -7.37 -37.00 -85.50
N SER V 94 -8.08 -36.69 -86.58
CA SER V 94 -9.03 -37.63 -87.14
C SER V 94 -8.34 -38.89 -87.63
N HIS V 95 -7.11 -38.76 -88.15
CA HIS V 95 -6.34 -39.93 -88.53
C HIS V 95 -5.93 -40.70 -87.28
N LEU V 96 -6.26 -41.99 -87.26
CA LEU V 96 -6.02 -42.82 -86.08
C LEU V 96 -4.54 -43.04 -85.80
N ALA V 97 -3.67 -42.86 -86.80
CA ALA V 97 -2.24 -43.05 -86.59
C ALA V 97 -1.67 -42.02 -85.63
N VAL V 98 -2.19 -40.79 -85.68
CA VAL V 98 -1.81 -39.78 -84.70
C VAL V 98 -2.27 -40.20 -83.31
N THR V 99 -3.50 -40.70 -83.21
CA THR V 99 -4.00 -41.20 -81.93
C THR V 99 -3.33 -42.51 -81.54
N LEU V 100 -2.94 -43.33 -82.52
CA LEU V 100 -2.15 -44.51 -82.24
C LEU V 100 -0.81 -44.12 -81.61
N SER V 101 -0.17 -43.09 -82.17
CA SER V 101 1.07 -42.60 -81.60
C SER V 101 0.86 -41.95 -80.25
N LEU V 102 -0.33 -41.41 -80.01
CA LEU V 102 -0.58 -40.70 -78.76
C LEU V 102 -0.70 -41.65 -77.58
N ALA V 103 -1.41 -42.76 -77.75
CA ALA V 103 -1.76 -43.61 -76.63
C ALA V 103 -0.93 -44.88 -76.54
N VAL V 104 -0.76 -45.59 -77.66
CA VAL V 104 -0.21 -46.94 -77.62
C VAL V 104 1.23 -47.02 -77.10
N PRO V 105 2.19 -46.24 -77.63
CA PRO V 105 3.58 -46.43 -77.12
C PRO V 105 3.76 -46.01 -75.67
N LEU V 106 3.02 -45.00 -75.20
CA LEU V 106 3.18 -44.58 -73.81
C LEU V 106 2.48 -45.54 -72.86
N TRP V 107 1.34 -46.10 -73.27
CA TRP V 107 0.66 -47.09 -72.44
C TRP V 107 1.50 -48.35 -72.29
N ILE V 108 2.11 -48.82 -73.37
CA ILE V 108 3.00 -49.98 -73.30
C ILE V 108 4.21 -49.66 -72.45
N SER V 109 4.68 -48.40 -72.51
CA SER V 109 5.76 -47.96 -71.63
C SER V 109 5.37 -48.06 -70.16
N PHE V 110 4.14 -47.65 -69.84
CA PHE V 110 3.74 -47.59 -68.44
C PHE V 110 3.34 -48.96 -67.91
N ILE V 111 2.75 -49.81 -68.76
CA ILE V 111 2.29 -51.11 -68.26
C ILE V 111 3.45 -52.09 -68.16
N LEU V 112 4.45 -51.99 -69.05
CA LEU V 112 5.60 -52.89 -68.96
C LEU V 112 6.54 -52.48 -67.83
N TYR V 113 6.70 -51.17 -67.62
CA TYR V 113 7.51 -50.71 -66.50
C TYR V 113 6.84 -51.07 -65.17
N THR V 114 5.51 -51.01 -65.11
CA THR V 114 4.80 -51.45 -63.92
C THR V 114 4.94 -52.95 -63.71
N TRP V 115 4.85 -53.73 -64.80
CA TRP V 115 4.94 -55.19 -64.68
C TRP V 115 6.33 -55.64 -64.25
N ILE V 116 7.38 -54.99 -64.78
CA ILE V 116 8.74 -55.36 -64.40
C ILE V 116 9.04 -54.93 -62.96
N LYS V 117 8.62 -53.73 -62.60
CA LYS V 117 8.93 -53.19 -61.27
C LYS V 117 8.04 -53.83 -60.19
N GLU V 118 6.72 -53.66 -60.32
CA GLU V 118 5.76 -54.13 -59.32
C GLU V 118 4.75 -55.05 -60.02
N THR V 119 5.10 -56.33 -60.13
CA THR V 119 4.23 -57.27 -60.83
C THR V 119 2.99 -57.60 -60.01
N THR V 120 3.16 -57.85 -58.72
CA THR V 120 2.03 -58.20 -57.87
C THR V 120 1.09 -57.02 -57.68
N ASN V 121 1.65 -55.81 -57.56
CA ASN V 121 0.81 -54.62 -57.43
C ASN V 121 0.06 -54.31 -58.73
N ALA V 122 0.67 -54.62 -59.88
CA ALA V 122 -0.03 -54.46 -61.15
C ALA V 122 -1.21 -55.42 -61.25
N LEU V 123 -1.03 -56.67 -60.80
CA LEU V 123 -2.14 -57.61 -60.76
C LEU V 123 -3.16 -57.22 -59.70
N ALA V 124 -2.71 -56.61 -58.60
CA ALA V 124 -3.63 -56.14 -57.58
C ALA V 124 -4.41 -54.90 -58.03
N HIS V 125 -3.90 -54.18 -59.03
CA HIS V 125 -4.68 -53.10 -59.62
C HIS V 125 -5.81 -53.63 -60.48
N LEU V 126 -5.71 -54.87 -60.95
CA LEU V 126 -6.78 -55.51 -61.71
C LEU V 126 -7.87 -56.08 -60.83
N VAL V 127 -7.73 -55.99 -59.50
CA VAL V 127 -8.77 -56.39 -58.57
C VAL V 127 -9.15 -55.16 -57.75
N PRO V 128 -10.43 -54.94 -57.46
CA PRO V 128 -10.79 -53.93 -56.47
C PRO V 128 -10.23 -54.29 -55.10
N LEU V 129 -9.83 -53.27 -54.36
CA LEU V 129 -9.17 -53.49 -53.07
C LEU V 129 -10.15 -54.03 -52.04
N GLY V 130 -9.68 -55.00 -51.25
CA GLY V 130 -10.51 -55.63 -50.24
C GLY V 130 -11.64 -56.47 -50.81
N THR V 131 -11.40 -57.16 -51.93
CA THR V 131 -12.43 -57.96 -52.58
C THR V 131 -12.45 -59.37 -51.99
N PRO V 132 -13.60 -59.84 -51.51
CA PRO V 132 -13.68 -61.20 -50.98
C PRO V 132 -13.60 -62.24 -52.10
N ALA V 133 -13.54 -63.51 -51.67
CA ALA V 133 -13.40 -64.61 -52.61
C ALA V 133 -14.57 -64.78 -53.57
N PRO V 134 -15.85 -64.81 -53.16
CA PRO V 134 -16.91 -64.96 -54.17
C PRO V 134 -17.08 -63.76 -55.07
N LEU V 135 -16.62 -62.58 -54.67
CA LEU V 135 -16.68 -61.39 -55.48
C LEU V 135 -15.42 -61.18 -56.31
N MET V 136 -14.43 -62.07 -56.19
CA MET V 136 -13.15 -61.85 -56.86
C MET V 136 -13.21 -62.05 -58.38
N PRO V 137 -13.52 -63.24 -58.92
CA PRO V 137 -13.04 -63.54 -60.28
C PRO V 137 -13.70 -62.74 -61.39
N PHE V 138 -14.97 -62.37 -61.25
CA PHE V 138 -15.62 -61.61 -62.31
C PHE V 138 -15.12 -60.16 -62.33
N MET V 139 -14.77 -59.61 -61.17
CA MET V 139 -14.17 -58.29 -61.15
C MET V 139 -12.79 -58.30 -61.77
N VAL V 140 -12.03 -59.38 -61.57
CA VAL V 140 -10.68 -59.48 -62.12
C VAL V 140 -10.72 -59.52 -63.64
N LEU V 141 -11.61 -60.36 -64.20
CA LEU V 141 -11.66 -60.54 -65.65
C LEU V 141 -12.12 -59.26 -66.36
N MET V 142 -13.12 -58.57 -65.79
CA MET V 142 -13.60 -57.34 -66.41
C MET V 142 -12.57 -56.22 -66.30
N GLU V 143 -11.87 -56.14 -65.16
CA GLU V 143 -10.83 -55.12 -65.03
C GLU V 143 -9.60 -55.45 -65.85
N ILE V 144 -9.35 -56.73 -66.12
CA ILE V 144 -8.32 -57.10 -67.09
C ILE V 144 -8.69 -56.57 -68.46
N ILE V 145 -9.95 -56.74 -68.85
CA ILE V 145 -10.44 -56.16 -70.10
C ILE V 145 -10.43 -54.65 -70.03
N SER V 146 -10.72 -54.09 -68.85
CA SER V 146 -10.71 -52.64 -68.70
C SER V 146 -9.31 -52.07 -68.92
N ASN V 147 -8.31 -52.60 -68.21
CA ASN V 147 -6.97 -52.04 -68.31
C ASN V 147 -6.31 -52.33 -69.65
N MET V 148 -6.78 -53.35 -70.38
CA MET V 148 -6.21 -53.63 -71.69
C MET V 148 -6.71 -52.66 -72.75
N ILE V 149 -7.96 -52.23 -72.66
CA ILE V 149 -8.58 -51.41 -73.70
C ILE V 149 -8.84 -49.98 -73.22
N ARG V 150 -8.44 -49.64 -71.98
CA ARG V 150 -8.58 -48.26 -71.52
C ARG V 150 -7.77 -47.27 -72.34
N PRO V 151 -6.47 -47.47 -72.62
CA PRO V 151 -5.77 -46.51 -73.47
C PRO V 151 -6.29 -46.46 -74.90
N ILE V 152 -6.87 -47.56 -75.39
CA ILE V 152 -7.47 -47.55 -76.72
C ILE V 152 -8.65 -46.58 -76.76
N THR V 153 -9.41 -46.52 -75.67
CA THR V 153 -10.49 -45.53 -75.58
C THR V 153 -9.94 -44.13 -75.37
N LEU V 154 -8.75 -43.99 -74.78
CA LEU V 154 -8.11 -42.69 -74.70
C LEU V 154 -7.76 -42.18 -76.10
N SER V 155 -7.25 -43.06 -76.95
CA SER V 155 -6.99 -42.69 -78.34
C SER V 155 -8.28 -42.36 -79.09
N VAL V 156 -9.34 -43.12 -78.82
CA VAL V 156 -10.63 -42.83 -79.41
C VAL V 156 -11.15 -41.48 -78.92
N ARG V 157 -10.95 -41.19 -77.64
CA ARG V 157 -11.44 -39.94 -77.05
C ARG V 157 -10.79 -38.73 -77.70
N LEU V 158 -9.47 -38.78 -77.90
CA LEU V 158 -8.77 -37.67 -78.52
C LEU V 158 -9.19 -37.49 -79.96
N ALA V 159 -9.48 -38.58 -80.66
CA ALA V 159 -9.95 -38.50 -82.03
C ALA V 159 -11.38 -37.97 -82.09
N ALA V 160 -12.26 -38.49 -81.22
CA ALA V 160 -13.69 -38.26 -81.37
C ALA V 160 -14.08 -36.82 -81.09
N ASN V 161 -13.37 -36.14 -80.19
CA ASN V 161 -13.70 -34.75 -79.89
C ASN V 161 -13.49 -33.85 -81.11
N MET V 162 -12.36 -34.01 -81.79
CA MET V 162 -12.07 -33.16 -82.94
C MET V 162 -12.86 -33.60 -84.16
N ILE V 163 -13.16 -34.89 -84.28
CA ILE V 163 -14.02 -35.36 -85.36
C ILE V 163 -15.43 -34.80 -85.20
N ALA V 164 -15.99 -34.92 -83.99
CA ALA V 164 -17.32 -34.37 -83.75
C ALA V 164 -17.31 -32.85 -83.80
N GLY V 165 -16.21 -32.22 -83.36
CA GLY V 165 -16.11 -30.78 -83.43
C GLY V 165 -16.07 -30.28 -84.86
N HIS V 166 -15.28 -30.94 -85.70
CA HIS V 166 -15.16 -30.48 -87.09
C HIS V 166 -16.38 -30.87 -87.92
N LEU V 167 -17.03 -31.99 -87.59
CA LEU V 167 -18.27 -32.34 -88.26
C LEU V 167 -19.35 -31.33 -87.96
N LEU V 168 -19.42 -30.84 -86.73
CA LEU V 168 -20.42 -29.86 -86.36
C LEU V 168 -20.18 -28.53 -87.07
N LEU V 169 -18.92 -28.10 -87.17
CA LEU V 169 -18.62 -26.84 -87.82
C LEU V 169 -18.88 -26.90 -89.31
N THR V 170 -18.50 -28.01 -89.96
CA THR V 170 -18.76 -28.16 -91.38
C THR V 170 -20.26 -28.26 -91.66
N LEU V 171 -21.02 -28.85 -90.74
CA LEU V 171 -22.47 -28.90 -90.89
C LEU V 171 -23.08 -27.51 -90.81
N LEU V 172 -22.62 -26.70 -89.87
CA LEU V 172 -23.18 -25.36 -89.72
C LEU V 172 -22.79 -24.47 -90.89
N GLY V 173 -21.57 -24.63 -91.40
CA GLY V 173 -21.14 -23.83 -92.55
C GLY V 173 -21.87 -24.18 -93.83
N ALA V 174 -22.09 -25.48 -94.07
CA ALA V 174 -22.68 -25.90 -95.33
C ALA V 174 -24.16 -25.57 -95.43
N GLN V 175 -24.83 -25.36 -94.30
CA GLN V 175 -26.23 -25.01 -94.27
C GLN V 175 -26.46 -23.51 -94.19
N GLY V 176 -25.54 -22.73 -94.75
CA GLY V 176 -25.70 -21.29 -94.82
C GLY V 176 -25.42 -20.78 -96.22
N THR V 177 -25.93 -19.58 -96.50
CA THR V 177 -25.79 -18.94 -97.78
C THR V 177 -25.17 -17.56 -97.61
N LEU V 178 -24.30 -17.20 -98.56
CA LEU V 178 -23.61 -15.91 -98.47
C LEU V 178 -24.57 -14.75 -98.71
N GLU V 179 -25.50 -14.91 -99.66
CA GLU V 179 -26.37 -13.82 -100.05
C GLU V 179 -27.34 -13.43 -98.93
N ASN V 180 -27.89 -14.40 -98.22
CA ASN V 180 -28.85 -14.13 -97.16
C ASN V 180 -28.11 -13.63 -95.92
N LEU V 181 -28.36 -12.39 -95.54
CA LEU V 181 -27.70 -11.82 -94.36
C LEU V 181 -28.20 -12.47 -93.08
N TYR V 182 -29.50 -12.80 -93.01
CA TYR V 182 -30.05 -13.42 -91.82
C TYR V 182 -29.44 -14.80 -91.57
N VAL V 183 -29.34 -15.61 -92.63
CA VAL V 183 -28.81 -16.96 -92.47
C VAL V 183 -27.32 -16.91 -92.17
N THR V 184 -26.58 -16.02 -92.85
CA THR V 184 -25.14 -15.92 -92.62
C THR V 184 -24.83 -15.46 -91.20
N SER V 185 -25.57 -14.46 -90.70
CA SER V 185 -25.35 -14.00 -89.33
C SER V 185 -25.71 -15.07 -88.31
N ILE V 186 -26.78 -15.83 -88.56
CA ILE V 186 -27.15 -16.93 -87.67
C ILE V 186 -26.08 -18.01 -87.72
N VAL V 187 -25.59 -18.34 -88.92
CA VAL V 187 -24.55 -19.37 -89.05
C VAL V 187 -23.27 -18.91 -88.37
N VAL V 188 -22.87 -17.66 -88.58
CA VAL V 188 -21.64 -17.15 -87.98
C VAL V 188 -21.75 -17.13 -86.46
N PHE V 189 -22.88 -16.67 -85.93
CA PHE V 189 -23.03 -16.60 -84.48
C PHE V 189 -23.14 -17.98 -83.87
N SER V 190 -23.73 -18.94 -84.59
CA SER V 190 -23.79 -20.30 -84.10
C SER V 190 -22.41 -20.94 -84.06
N GLN V 191 -21.58 -20.66 -85.07
CA GLN V 191 -20.23 -21.21 -85.07
C GLN V 191 -19.37 -20.56 -83.99
N ILE V 192 -19.59 -19.28 -83.70
CA ILE V 192 -18.82 -18.61 -82.65
C ILE V 192 -19.10 -19.24 -81.29
N ILE V 193 -20.36 -19.53 -81.01
CA ILE V 193 -20.71 -20.26 -79.79
C ILE V 193 -20.09 -21.66 -79.81
N LEU V 194 -20.16 -22.32 -80.97
CA LEU V 194 -19.60 -23.67 -81.08
C LEU V 194 -18.08 -23.66 -81.00
N LEU V 195 -17.43 -22.63 -81.56
CA LEU V 195 -15.98 -22.54 -81.45
C LEU V 195 -15.54 -22.28 -80.01
N MET V 196 -16.28 -21.44 -79.28
CA MET V 196 -15.97 -21.23 -77.88
C MET V 196 -16.10 -22.52 -77.09
N LEU V 197 -17.11 -23.32 -77.41
CA LEU V 197 -17.20 -24.65 -76.81
C LEU V 197 -16.05 -25.53 -77.27
N GLU V 198 -15.71 -25.48 -78.56
CA GLU V 198 -14.69 -26.38 -79.09
C GLU V 198 -13.29 -25.98 -78.65
N PHE V 199 -13.04 -24.67 -78.52
CA PHE V 199 -11.76 -24.23 -77.96
C PHE V 199 -11.64 -24.63 -76.49
N SER V 200 -12.73 -24.50 -75.74
CA SER V 200 -12.70 -24.83 -74.32
C SER V 200 -12.46 -26.32 -74.11
N VAL V 201 -13.17 -27.16 -74.85
CA VAL V 201 -13.03 -28.60 -74.68
C VAL V 201 -11.65 -29.06 -75.12
N ALA V 202 -11.09 -28.45 -76.17
CA ALA V 202 -9.77 -28.84 -76.66
C ALA V 202 -8.69 -28.60 -75.61
N ILE V 203 -8.74 -27.45 -74.94
CA ILE V 203 -7.76 -27.18 -73.88
C ILE V 203 -7.97 -28.12 -72.70
N ILE V 204 -9.24 -28.35 -72.31
CA ILE V 204 -9.55 -29.19 -71.17
C ILE V 204 -9.20 -30.65 -71.47
N GLN V 205 -9.43 -31.09 -72.71
CA GLN V 205 -9.06 -32.45 -73.10
C GLN V 205 -7.56 -32.65 -73.04
N SER V 206 -6.78 -31.63 -73.40
CA SER V 206 -5.34 -31.71 -73.27
C SER V 206 -4.93 -31.71 -71.80
N TYR V 207 -5.66 -30.95 -70.97
CA TYR V 207 -5.31 -30.86 -69.56
C TYR V 207 -5.61 -32.17 -68.83
N VAL V 208 -6.73 -32.81 -69.15
CA VAL V 208 -7.07 -34.06 -68.48
C VAL V 208 -6.13 -35.18 -68.92
N PHE V 209 -5.68 -35.16 -70.17
CA PHE V 209 -4.79 -36.21 -70.65
C PHE V 209 -3.40 -36.06 -70.04
N MET V 210 -2.98 -34.83 -69.77
CA MET V 210 -1.78 -34.62 -68.97
C MET V 210 -1.98 -35.16 -67.55
N THR V 211 -3.14 -34.89 -66.96
CA THR V 211 -3.41 -35.34 -65.60
C THR V 211 -3.49 -36.86 -65.53
N LEU V 212 -4.11 -37.49 -66.52
CA LEU V 212 -4.23 -38.95 -66.51
C LEU V 212 -2.87 -39.61 -66.68
N MET V 213 -2.02 -39.07 -67.55
CA MET V 213 -0.70 -39.68 -67.74
C MET V 213 0.21 -39.40 -66.55
N THR V 214 0.04 -38.26 -65.89
CA THR V 214 0.83 -38.00 -64.68
C THR V 214 0.45 -38.96 -63.56
N LEU V 215 -0.85 -39.25 -63.43
CA LEU V 215 -1.28 -40.23 -62.44
C LEU V 215 -0.78 -41.63 -62.78
N TYR V 216 -0.80 -41.99 -64.07
CA TYR V 216 -0.42 -43.34 -64.47
C TYR V 216 1.07 -43.50 -64.68
N ALA V 217 1.84 -42.42 -64.65
CA ALA V 217 3.29 -42.52 -64.58
C ALA V 217 3.81 -42.46 -63.15
N SER V 218 2.98 -41.98 -62.22
CA SER V 218 3.36 -42.00 -60.81
C SER V 218 3.43 -43.43 -60.28
N GLU V 219 2.47 -44.26 -60.68
CA GLU V 219 2.42 -45.65 -60.23
C GLU V 219 3.43 -46.50 -60.99
N GLN W 19 14.73 55.72 62.51
CA GLN W 19 16.17 55.92 62.44
C GLN W 19 16.91 54.99 63.38
N LEU W 20 17.87 54.24 62.84
CA LEU W 20 18.74 53.38 63.64
C LEU W 20 20.20 53.74 63.36
N VAL W 21 21.02 53.60 64.38
CA VAL W 21 22.46 53.86 64.25
C VAL W 21 23.10 52.67 63.55
N LYS W 22 23.96 52.96 62.56
CA LYS W 22 24.60 51.90 61.79
C LYS W 22 25.57 51.12 62.66
N ALA W 23 25.48 49.80 62.59
CA ALA W 23 26.37 48.93 63.35
C ALA W 23 27.77 48.98 62.76
N PRO W 24 28.81 48.72 63.56
CA PRO W 24 30.18 48.65 63.02
C PRO W 24 30.35 47.58 61.95
N ILE W 25 29.70 46.43 62.10
CA ILE W 25 29.70 45.39 61.08
C ILE W 25 28.28 44.88 60.90
N GLN W 26 28.03 44.32 59.72
CA GLN W 26 26.71 43.77 59.41
C GLN W 26 26.57 42.36 59.96
N VAL W 27 25.52 42.14 60.73
CA VAL W 27 25.19 40.83 61.28
C VAL W 27 23.86 40.40 60.69
N PHE W 28 23.79 39.17 60.21
CA PHE W 28 22.71 38.71 59.37
C PHE W 28 21.83 37.71 60.13
N GLY W 29 20.61 37.55 59.63
CA GLY W 29 19.61 36.72 60.26
C GLY W 29 18.69 37.51 61.16
N ILE W 30 17.65 36.83 61.65
CA ILE W 30 16.73 37.45 62.58
C ILE W 30 17.40 37.72 63.92
N GLU W 31 18.34 36.84 64.31
CA GLU W 31 19.08 37.04 65.55
C GLU W 31 20.00 38.26 65.44
N GLY W 32 20.56 38.50 64.26
CA GLY W 32 21.35 39.70 64.05
C GLY W 32 20.50 40.96 63.98
N ARG W 33 19.23 40.82 63.58
CA ARG W 33 18.33 41.97 63.58
C ARG W 33 18.02 42.43 64.99
N TYR W 34 17.81 41.49 65.92
CA TYR W 34 17.61 41.84 67.31
C TYR W 34 18.86 42.45 67.92
N ALA W 35 20.04 41.92 67.56
CA ALA W 35 21.29 42.43 68.11
C ALA W 35 21.56 43.86 67.63
N THR W 36 21.27 44.15 66.37
CA THR W 36 21.47 45.52 65.87
C THR W 36 20.45 46.47 66.46
N ALA W 37 19.23 45.99 66.74
CA ALA W 37 18.24 46.82 67.40
C ALA W 37 18.65 47.14 68.82
N LEU W 38 19.21 46.16 69.54
CA LEU W 38 19.68 46.40 70.90
C LEU W 38 20.91 47.30 70.90
N TYR W 39 21.81 47.13 69.93
CA TYR W 39 22.97 48.00 69.84
C TYR W 39 22.58 49.44 69.54
N SER W 40 21.63 49.63 68.62
CA SER W 40 21.20 50.98 68.27
C SER W 40 20.52 51.67 69.45
N ALA W 41 19.70 50.93 70.19
CA ALA W 41 19.04 51.51 71.36
C ALA W 41 20.05 51.83 72.46
N ALA W 42 21.06 51.00 72.63
CA ALA W 42 22.05 51.22 73.68
C ALA W 42 23.02 52.34 73.34
N VAL W 43 23.25 52.60 72.05
CA VAL W 43 24.15 53.68 71.66
C VAL W 43 23.43 55.02 71.51
N LYS W 44 22.10 55.01 71.30
CA LYS W 44 21.35 56.25 71.39
C LYS W 44 21.34 56.79 72.82
N GLN W 45 21.28 55.88 73.79
CA GLN W 45 21.52 56.21 75.19
C GLN W 45 23.01 56.00 75.47
N LYS W 46 23.40 56.01 76.74
CA LYS W 46 24.80 55.87 77.12
C LYS W 46 25.03 54.59 77.90
N LYS W 47 24.43 53.50 77.45
CA LYS W 47 24.48 52.23 78.16
C LYS W 47 25.06 51.12 77.30
N LEU W 48 26.03 51.45 76.45
CA LEU W 48 26.66 50.43 75.62
C LEU W 48 27.48 49.46 76.45
N GLU W 49 28.25 49.99 77.40
CA GLU W 49 29.11 49.13 78.21
C GLU W 49 28.31 48.38 79.26
N ALA W 50 27.23 48.99 79.75
CA ALA W 50 26.41 48.34 80.76
C ALA W 50 25.65 47.15 80.18
N VAL W 51 25.01 47.35 79.02
CA VAL W 51 24.20 46.28 78.44
C VAL W 51 25.08 45.15 77.91
N GLU W 52 26.35 45.43 77.61
CA GLU W 52 27.27 44.37 77.24
C GLU W 52 27.66 43.55 78.46
N LYS W 53 27.83 44.21 79.61
CA LYS W 53 28.32 43.52 80.80
C LYS W 53 27.29 42.54 81.34
N ASP W 54 26.02 42.96 81.40
CA ASP W 54 25.00 42.06 81.95
C ASP W 54 24.63 40.97 80.96
N LEU W 55 24.74 41.22 79.64
CA LEU W 55 24.48 40.17 78.66
C LEU W 55 25.55 39.09 78.72
N VAL W 56 26.81 39.48 78.88
CA VAL W 56 27.89 38.51 79.07
C VAL W 56 27.67 37.74 80.37
N GLN W 57 27.30 38.44 81.44
CA GLN W 57 27.05 37.78 82.71
C GLN W 57 25.80 36.90 82.65
N LEU W 58 24.80 37.31 81.86
CA LEU W 58 23.63 36.46 81.66
C LEU W 58 24.00 35.20 80.88
N ASN W 59 24.80 35.35 79.82
CA ASN W 59 25.21 34.20 79.03
C ASN W 59 26.09 33.26 79.85
N ALA W 60 26.95 33.83 80.70
CA ALA W 60 27.76 33.00 81.59
C ALA W 60 26.89 32.29 82.62
N SER W 61 25.81 32.95 83.06
CA SER W 61 24.88 32.31 84.00
C SER W 61 24.12 31.18 83.33
N LEU W 62 23.72 31.35 82.07
CA LEU W 62 23.00 30.29 81.36
C LEU W 62 23.91 29.10 81.09
N LYS W 63 25.17 29.34 80.75
CA LYS W 63 26.10 28.24 80.53
C LYS W 63 26.43 27.52 81.82
N LYS W 64 26.57 28.26 82.93
CA LYS W 64 26.90 27.64 84.21
C LYS W 64 25.71 26.90 84.81
N PHE W 65 24.49 27.22 84.40
CA PHE W 65 23.29 26.56 84.89
C PHE W 65 22.46 26.13 83.68
N PRO W 66 22.70 24.92 83.16
CA PRO W 66 21.95 24.46 81.99
C PRO W 66 20.46 24.27 82.23
N ARG W 67 20.02 24.18 83.49
CA ARG W 67 18.60 24.07 83.77
C ARG W 67 17.84 25.32 83.36
N LEU W 68 18.47 26.49 83.49
CA LEU W 68 17.85 27.72 83.04
C LEU W 68 17.71 27.76 81.52
N GLY W 69 18.73 27.29 80.81
CA GLY W 69 18.65 27.27 79.35
C GLY W 69 17.59 26.31 78.84
N GLU W 70 17.46 25.14 79.46
CA GLU W 70 16.39 24.22 79.09
C GLU W 70 15.03 24.77 79.45
N LEU W 71 14.94 25.58 80.52
CA LEU W 71 13.65 26.14 80.93
C LEU W 71 13.19 27.22 79.97
N LEU W 72 14.11 28.09 79.53
CA LEU W 72 13.75 29.16 78.60
C LEU W 72 13.41 28.61 77.23
N LYS W 73 14.16 27.61 76.77
CA LYS W 73 13.95 27.04 75.45
C LYS W 73 12.78 26.06 75.39
N ASN W 74 12.18 25.74 76.53
CA ASN W 74 11.05 24.84 76.55
C ASN W 74 9.83 25.53 75.95
N PRO W 75 9.27 25.01 74.85
CA PRO W 75 8.10 25.66 74.25
C PRO W 75 6.78 25.28 74.92
N THR W 76 6.79 24.31 75.83
CA THR W 76 5.58 23.95 76.54
C THR W 76 5.23 24.99 77.60
N LEU W 77 6.24 25.52 78.29
CA LEU W 77 6.01 26.48 79.36
C LEU W 77 5.45 27.78 78.82
N SER W 78 4.54 28.39 79.58
CA SER W 78 3.94 29.64 79.16
C SER W 78 4.92 30.78 79.29
N ARG W 79 4.70 31.84 78.50
CA ARG W 79 5.61 32.97 78.48
C ARG W 79 5.58 33.78 79.77
N GLN W 80 4.50 33.67 80.56
CA GLN W 80 4.48 34.31 81.86
C GLN W 80 5.49 33.69 82.80
N LEU W 81 5.63 32.36 82.76
CA LEU W 81 6.64 31.70 83.58
C LEU W 81 8.04 32.01 83.09
N LYS W 82 8.19 32.24 81.78
CA LYS W 82 9.50 32.58 81.24
C LYS W 82 9.93 33.98 81.64
N LYS W 83 9.02 34.95 81.54
CA LYS W 83 9.38 36.32 81.89
C LYS W 83 9.57 36.48 83.40
N ASP W 84 8.86 35.67 84.20
CA ASP W 84 9.10 35.68 85.64
C ASP W 84 10.46 35.09 85.98
N ALA W 85 10.83 33.99 85.31
CA ALA W 85 12.15 33.41 85.51
C ALA W 85 13.25 34.31 85.00
N ILE W 86 13.02 34.96 83.85
CA ILE W 86 13.96 35.94 83.33
C ILE W 86 14.08 37.13 84.27
N GLY W 87 12.95 37.64 84.75
CA GLY W 87 12.98 38.78 85.65
C GLY W 87 13.62 38.47 86.98
N SER W 88 13.40 37.26 87.51
CA SER W 88 14.00 36.89 88.79
C SER W 88 15.51 36.76 88.67
N MET W 89 16.00 36.23 87.55
CA MET W 89 17.44 36.07 87.38
C MET W 89 18.11 37.32 86.82
N LEU W 90 17.35 38.34 86.42
CA LEU W 90 17.92 39.57 85.93
C LEU W 90 17.97 40.67 86.98
N LYS W 91 17.21 40.55 88.07
CA LYS W 91 17.34 41.49 89.17
C LYS W 91 18.69 41.36 89.86
N GLU W 92 19.21 40.13 89.94
CA GLU W 92 20.55 39.93 90.50
C GLU W 92 21.64 40.46 89.58
N GLN W 93 21.35 40.62 88.28
CA GLN W 93 22.31 41.20 87.36
C GLN W 93 22.36 42.72 87.43
N LYS W 94 21.41 43.34 88.13
CA LYS W 94 21.25 44.79 88.20
C LYS W 94 21.08 45.40 86.80
N ALA W 95 20.36 44.68 85.94
CA ALA W 95 19.97 45.22 84.65
C ALA W 95 18.82 46.20 84.84
N VAL W 96 18.91 47.37 84.20
CA VAL W 96 18.01 48.45 84.56
C VAL W 96 16.86 48.60 83.57
N ASP W 97 17.17 48.97 82.32
CA ASP W 97 16.05 49.28 81.43
C ASP W 97 16.16 48.61 80.06
N LEU W 98 17.35 48.53 79.49
CA LEU W 98 17.46 48.07 78.11
C LEU W 98 17.43 46.55 78.02
N THR W 99 18.24 45.88 78.83
CA THR W 99 18.32 44.43 78.78
C THR W 99 17.05 43.77 79.31
N SER W 100 16.38 44.40 80.27
CA SER W 100 15.11 43.88 80.75
C SER W 100 14.04 43.96 79.66
N ASN W 101 13.99 45.08 78.93
CA ASN W 101 13.06 45.21 77.83
C ASN W 101 13.46 44.32 76.65
N PHE W 102 14.76 44.08 76.48
CA PHE W 102 15.22 43.21 75.41
C PHE W 102 14.78 41.78 75.63
N LEU W 103 14.92 41.27 76.86
CA LEU W 103 14.48 39.91 77.15
C LEU W 103 12.97 39.81 77.24
N ASP W 104 12.29 40.90 77.62
CA ASP W 104 10.84 40.91 77.56
C ASP W 104 10.34 40.85 76.12
N LEU W 105 11.07 41.48 75.20
CA LEU W 105 10.72 41.39 73.78
C LEU W 105 11.01 40.00 73.24
N LEU W 106 12.08 39.35 73.72
CA LEU W 106 12.41 38.01 73.27
C LEU W 106 11.37 37.00 73.73
N THR W 107 10.83 37.16 74.93
CA THR W 107 9.80 36.25 75.41
C THR W 107 8.40 36.66 74.98
N GLU W 108 8.19 37.91 74.55
CA GLU W 108 6.92 38.29 73.95
C GLU W 108 6.72 37.59 72.61
N ASN W 109 7.76 37.53 71.80
CA ASN W 109 7.77 36.68 70.63
C ASN W 109 8.23 35.28 71.04
N ASN W 110 8.26 34.36 70.09
CA ASN W 110 8.83 33.04 70.34
C ASN W 110 10.28 33.00 69.87
N ARG W 111 11.07 33.93 70.43
CA ARG W 111 12.44 34.17 69.99
C ARG W 111 13.48 33.92 71.06
N LEU W 112 13.08 33.54 72.28
CA LEU W 112 14.05 33.27 73.34
C LEU W 112 14.64 31.88 73.23
N LYS W 113 14.22 31.08 72.24
CA LYS W 113 14.88 29.82 71.95
C LYS W 113 16.30 30.02 71.43
N MET W 114 16.60 31.19 70.88
CA MET W 114 17.94 31.51 70.43
C MET W 114 18.47 32.72 71.19
N VAL W 115 18.32 32.69 72.52
CA VAL W 115 18.89 33.73 73.36
C VAL W 115 20.41 33.69 73.30
N ASP W 116 20.99 32.51 73.08
CA ASP W 116 22.43 32.43 72.86
C ASP W 116 22.82 33.04 71.52
N GLY W 117 21.94 32.94 70.53
CA GLY W 117 22.24 33.48 69.21
C GLY W 117 22.35 35.00 69.20
N VAL W 118 21.40 35.67 69.86
CA VAL W 118 21.41 37.13 69.87
C VAL W 118 22.57 37.67 70.71
N ILE W 119 22.91 36.97 71.79
CA ILE W 119 24.04 37.38 72.62
C ILE W 119 25.35 37.24 71.85
N ASN W 120 25.51 36.12 71.14
CA ASN W 120 26.71 35.92 70.33
C ASN W 120 26.80 36.95 69.20
N ALA W 121 25.66 37.29 68.59
CA ALA W 121 25.64 38.33 67.58
C ALA W 121 25.96 39.70 68.18
N PHE W 122 25.44 39.97 69.38
CA PHE W 122 25.74 41.23 70.05
C PHE W 122 27.21 41.31 70.47
N LYS W 123 27.81 40.18 70.83
CA LYS W 123 29.25 40.16 71.10
C LYS W 123 30.05 40.48 69.84
N THR W 124 29.57 40.02 68.69
CA THR W 124 30.27 40.29 67.43
C THR W 124 30.20 41.76 67.07
N ILE W 125 29.07 42.42 67.34
CA ILE W 125 28.96 43.85 67.08
C ILE W 125 29.91 44.63 67.96
N MET W 126 29.98 44.29 69.25
CA MET W 126 30.77 45.07 70.18
C MET W 126 32.26 44.83 70.00
N ALA W 127 32.65 43.66 69.50
CA ALA W 127 34.05 43.42 69.17
C ALA W 127 34.52 44.35 68.06
N ALA W 128 33.68 44.56 67.04
CA ALA W 128 34.00 45.51 65.98
C ALA W 128 33.80 46.95 66.43
N HIS W 129 33.03 47.18 67.50
CA HIS W 129 32.93 48.52 68.06
C HIS W 129 34.26 48.98 68.63
N ARG W 130 34.97 48.09 69.32
CA ARG W 130 36.31 48.38 69.80
C ARG W 130 37.37 48.21 68.73
N GLY W 131 37.00 47.73 67.55
CA GLY W 131 37.95 47.56 66.47
C GLY W 131 38.80 46.31 66.55
N GLU W 132 38.45 45.37 67.43
CA GLU W 132 39.23 44.15 67.58
C GLU W 132 39.10 43.28 66.33
N VAL W 133 40.22 42.72 65.88
CA VAL W 133 40.25 41.81 64.75
C VAL W 133 40.75 40.47 65.25
N ILE W 134 40.00 39.41 64.95
CA ILE W 134 40.32 38.07 65.42
C ILE W 134 41.49 37.53 64.61
N CYS W 135 42.51 37.04 65.31
CA CYS W 135 43.67 36.41 64.69
C CYS W 135 43.77 34.97 65.17
N GLU W 136 43.98 34.05 64.23
CA GLU W 136 44.10 32.62 64.52
C GLU W 136 45.41 32.12 63.93
N VAL W 137 46.35 31.77 64.79
CA VAL W 137 47.67 31.30 64.39
C VAL W 137 47.81 29.85 64.81
N THR W 138 48.08 28.97 63.85
CA THR W 138 48.21 27.54 64.09
C THR W 138 49.65 27.12 63.91
N SER W 139 50.21 26.45 64.90
CA SER W 139 51.57 25.95 64.87
C SER W 139 51.58 24.49 65.29
N ALA W 140 52.58 23.75 64.78
CA ALA W 140 52.68 22.33 65.08
C ALA W 140 52.94 22.08 66.56
N LYS W 141 53.82 22.87 67.16
CA LYS W 141 54.14 22.76 68.57
C LYS W 141 54.03 24.13 69.24
N PRO W 142 53.57 24.17 70.50
CA PRO W 142 53.51 25.45 71.20
C PRO W 142 54.90 26.02 71.46
N LEU W 143 54.97 27.34 71.46
CA LEU W 143 56.22 28.04 71.73
C LEU W 143 55.90 29.41 72.31
N ASP W 144 56.88 29.96 73.03
CA ASP W 144 56.73 31.27 73.66
C ASP W 144 58.05 32.01 73.54
N GLU W 145 58.19 33.08 74.34
CA GLU W 145 59.39 33.91 74.42
C GLU W 145 59.73 34.53 73.07
N ALA W 146 60.63 33.89 72.31
CA ALA W 146 61.05 34.43 71.03
C ALA W 146 59.94 34.35 69.99
N ALA W 147 59.15 33.27 70.04
CA ALA W 147 58.06 33.11 69.07
C ALA W 147 56.94 34.10 69.33
N ARG W 148 56.52 34.25 70.58
CA ARG W 148 55.36 35.08 70.90
C ARG W 148 55.68 36.57 70.74
N LYS W 149 56.93 36.96 71.01
CA LYS W 149 57.31 38.36 70.91
C LYS W 149 57.26 38.84 69.46
N ASP W 150 57.83 38.07 68.54
CA ASP W 150 57.84 38.48 67.14
C ASP W 150 56.48 38.30 66.49
N LEU W 151 55.69 37.32 66.94
CA LEU W 151 54.36 37.11 66.38
C LEU W 151 53.42 38.26 66.70
N GLU W 152 53.55 38.83 67.90
CA GLU W 152 52.74 39.99 68.26
C GLU W 152 53.08 41.20 67.41
N VAL W 153 54.37 41.42 67.16
CA VAL W 153 54.78 42.57 66.34
C VAL W 153 54.40 42.35 64.89
N ALA W 154 54.54 41.11 64.39
CA ALA W 154 54.15 40.80 63.02
C ALA W 154 52.65 40.97 62.82
N LEU W 155 51.86 40.53 63.80
CA LEU W 155 50.41 40.71 63.71
C LEU W 155 50.01 42.17 63.87
N LYS W 156 50.77 42.94 64.65
CA LYS W 156 50.48 44.36 64.83
C LYS W 156 50.76 45.16 63.57
N GLY W 157 51.58 44.64 62.65
CA GLY W 157 51.85 45.34 61.41
C GLY W 157 50.68 45.40 60.47
N PHE W 158 49.72 44.47 60.62
CA PHE W 158 48.50 44.49 59.83
C PHE W 158 47.47 45.49 60.35
N LEU W 159 47.72 46.10 61.51
CA LEU W 159 46.71 46.92 62.16
C LEU W 159 46.69 48.32 61.59
N LYS W 160 45.50 48.77 61.17
CA LYS W 160 45.25 50.18 60.97
C LYS W 160 45.14 50.85 62.34
N PRO W 161 45.32 52.18 62.42
CA PRO W 161 45.16 52.86 63.71
C PRO W 161 43.75 52.69 64.27
N GLY W 162 43.69 52.50 65.59
CA GLY W 162 42.44 52.20 66.26
C GLY W 162 42.03 50.75 66.11
N GLN W 163 42.93 49.83 66.47
CA GLN W 163 42.69 48.40 66.28
C GLN W 163 43.27 47.63 67.45
N ASN W 164 42.70 46.45 67.70
CA ASN W 164 43.16 45.56 68.75
C ASN W 164 43.24 44.14 68.19
N ILE W 165 44.10 43.32 68.79
CA ILE W 165 44.37 41.97 68.32
C ILE W 165 43.77 40.98 69.31
N LYS W 166 42.90 40.11 68.83
CA LYS W 166 42.39 38.97 69.59
C LYS W 166 43.08 37.73 69.03
N LEU W 167 44.10 37.24 69.73
CA LEU W 167 44.93 36.15 69.26
C LEU W 167 44.46 34.83 69.85
N THR W 168 44.31 33.82 68.99
CA THR W 168 43.97 32.47 69.41
C THR W 168 45.01 31.52 68.83
N LEU W 169 45.71 30.81 69.71
CA LEU W 169 46.77 29.90 69.30
C LEU W 169 46.26 28.47 69.30
N LYS W 170 46.60 27.73 68.26
CA LYS W 170 46.16 26.35 68.10
C LYS W 170 47.35 25.45 67.82
N THR W 171 47.20 24.18 68.19
CA THR W 171 48.21 23.16 67.94
C THR W 171 47.61 22.05 67.09
N ASP W 172 48.33 21.64 66.06
CA ASP W 172 47.88 20.58 65.16
C ASP W 172 49.07 19.91 64.50
N PRO W 173 49.34 18.63 64.79
CA PRO W 173 50.49 17.96 64.17
C PRO W 173 50.27 17.54 62.73
N ALA W 174 49.06 17.72 62.19
CA ALA W 174 48.79 17.31 60.81
C ALA W 174 49.43 18.23 59.78
N ILE W 175 49.88 19.43 60.19
CA ILE W 175 50.51 20.37 59.29
C ILE W 175 52.04 20.28 59.34
N ILE W 176 52.57 19.21 59.94
CA ILE W 176 54.01 18.93 60.05
C ILE W 176 54.71 20.03 60.84
N GLY W 177 54.80 21.22 60.25
CA GLY W 177 55.37 22.37 60.92
C GLY W 177 54.88 23.67 60.33
N GLY W 178 55.76 24.66 60.22
CA GLY W 178 55.37 25.91 59.60
C GLY W 178 54.46 26.74 60.49
N LEU W 179 53.65 27.57 59.84
CA LEU W 179 52.75 28.48 60.56
C LEU W 179 51.51 28.72 59.70
N VAL W 180 50.34 28.48 60.27
CA VAL W 180 49.07 28.73 59.61
C VAL W 180 48.40 29.88 60.35
N VAL W 181 48.54 31.10 59.82
CA VAL W 181 48.06 32.30 60.47
C VAL W 181 46.87 32.86 59.68
N SER W 182 45.78 33.13 60.38
CA SER W 182 44.57 33.66 59.77
C SER W 182 44.19 34.98 60.43
N ILE W 183 43.52 35.83 59.66
CA ILE W 183 43.02 37.12 60.14
C ILE W 183 41.51 37.07 59.94
N GLY W 184 40.83 38.19 60.22
CA GLY W 184 39.37 38.20 60.19
C GLY W 184 38.77 37.84 58.84
N ASP W 185 39.47 38.17 57.76
CA ASP W 185 39.04 37.71 56.44
C ASP W 185 40.17 37.17 55.59
N ARG W 186 41.44 37.36 55.96
CA ARG W 186 42.56 36.93 55.16
C ARG W 186 43.23 35.72 55.80
N PHE W 187 43.93 34.95 54.97
CA PHE W 187 44.44 33.65 55.37
C PHE W 187 45.62 33.29 54.50
N VAL W 188 46.64 32.68 55.12
CA VAL W 188 47.78 32.14 54.40
C VAL W 188 48.09 30.77 54.97
N ASP W 189 48.77 29.95 54.17
CA ASP W 189 49.04 28.55 54.49
C ASP W 189 50.52 28.26 54.40
N MET W 190 51.33 29.10 55.04
CA MET W 190 52.79 28.95 55.03
C MET W 190 53.21 27.87 56.02
N SER W 191 52.81 26.63 55.70
CA SER W 191 53.09 25.48 56.53
C SER W 191 53.84 24.43 55.72
N ILE W 192 54.54 23.54 56.43
CA ILE W 192 55.38 22.56 55.78
C ILE W 192 54.53 21.51 55.07
N GLY W 193 53.42 21.12 55.66
CA GLY W 193 52.60 20.04 55.09
C GLY W 193 52.00 20.41 53.75
N THR W 194 51.46 21.63 53.64
CA THR W 194 50.90 22.07 52.37
C THR W 194 51.99 22.38 51.35
N LYS W 195 53.16 22.85 51.81
CA LYS W 195 54.22 23.23 50.89
C LYS W 195 54.85 22.01 50.22
N ILE W 196 55.04 20.93 50.98
CA ILE W 196 55.55 19.71 50.36
C ILE W 196 54.47 19.04 49.53
N LYS W 197 53.19 19.31 49.84
CA LYS W 197 52.10 18.71 49.08
C LYS W 197 52.04 19.28 47.67
N ARG W 198 52.19 20.59 47.53
CA ARG W 198 52.17 21.19 46.19
C ARG W 198 53.47 20.91 45.45
N TYR W 199 54.57 20.71 46.16
CA TYR W 199 55.82 20.32 45.50
C TYR W 199 55.73 18.92 44.93
N THR W 200 55.14 17.98 45.69
CA THR W 200 54.92 16.64 45.17
C THR W 200 53.91 16.64 44.04
N ALA W 201 52.91 17.53 44.10
CA ALA W 201 51.98 17.69 42.99
C ALA W 201 52.71 18.21 41.75
N ALA W 202 53.69 19.10 41.95
CA ALA W 202 54.51 19.54 40.83
C ALA W 202 55.40 18.43 40.30
N LEU W 203 55.83 17.50 41.17
CA LEU W 203 56.60 16.36 40.70
C LEU W 203 55.77 15.44 39.82
N LYS W 204 54.52 15.19 40.21
CA LYS W 204 53.67 14.28 39.45
C LYS W 204 53.18 14.91 38.15
N THR W 205 53.05 16.23 38.12
CA THR W 205 52.61 16.95 36.93
C THR W 205 53.77 17.56 36.15
N ALA W 206 55.01 17.18 36.46
CA ALA W 206 56.17 17.74 35.77
C ALA W 206 56.23 17.26 34.32
N VAL W 207 56.35 15.96 34.13
CA VAL W 207 56.44 15.39 32.78
C VAL W 207 55.96 13.94 32.83
N UNK X 1 23.80 -22.60 -75.83
CA UNK X 1 22.42 -22.81 -75.40
C UNK X 1 21.63 -23.52 -76.48
N UNK X 2 22.30 -23.82 -77.59
CA UNK X 2 21.69 -24.46 -78.77
C UNK X 2 20.50 -23.66 -79.28
N UNK X 3 20.81 -22.44 -79.75
CA UNK X 3 19.78 -21.49 -80.14
C UNK X 3 18.94 -22.00 -81.30
N UNK X 4 19.58 -22.58 -82.32
CA UNK X 4 18.87 -23.05 -83.50
C UNK X 4 17.99 -24.24 -83.16
N UNK X 5 17.09 -24.57 -84.09
CA UNK X 5 16.12 -25.64 -83.83
C UNK X 5 16.78 -27.00 -83.88
N UNK X 6 17.70 -27.21 -84.84
CA UNK X 6 18.36 -28.51 -84.96
C UNK X 6 19.36 -28.72 -83.83
N UNK X 7 20.05 -27.65 -83.42
CA UNK X 7 21.01 -27.76 -82.33
C UNK X 7 20.32 -28.13 -81.02
N UNK X 8 19.12 -27.56 -80.78
CA UNK X 8 18.34 -27.96 -79.63
C UNK X 8 17.88 -29.41 -79.71
N UNK X 9 17.83 -29.98 -80.91
CA UNK X 9 17.56 -31.40 -81.11
C UNK X 9 18.83 -32.23 -81.17
N UNK X 10 20.00 -31.61 -81.00
CA UNK X 10 21.27 -32.32 -80.95
C UNK X 10 21.81 -32.46 -79.53
N UNK X 11 21.83 -31.37 -78.77
CA UNK X 11 22.25 -31.41 -77.37
C UNK X 11 21.05 -31.67 -76.46
N UNK X 12 20.37 -32.79 -76.72
CA UNK X 12 19.14 -33.11 -76.03
C UNK X 12 19.35 -33.75 -74.67
N UNK X 13 20.61 -34.10 -74.34
CA UNK X 13 20.95 -34.84 -73.11
C UNK X 13 20.16 -36.14 -73.00
N UNK X 14 20.19 -36.92 -74.08
CA UNK X 14 19.45 -38.18 -74.11
C UNK X 14 20.04 -39.22 -73.16
N UNK X 15 21.38 -39.28 -73.08
CA UNK X 15 22.01 -40.30 -72.25
C UNK X 15 21.70 -40.10 -70.77
N UNK X 16 21.75 -38.85 -70.30
CA UNK X 16 21.37 -38.57 -68.92
C UNK X 16 19.88 -38.76 -68.71
N UNK X 17 19.07 -38.60 -69.75
CA UNK X 17 17.64 -38.82 -69.65
C UNK X 17 17.24 -40.25 -69.92
N UNK X 18 18.16 -41.11 -70.36
CA UNK X 18 17.87 -42.52 -70.57
C UNK X 18 18.24 -43.38 -69.38
N UNK X 19 19.40 -43.15 -68.77
CA UNK X 19 19.77 -43.88 -67.56
C UNK X 19 18.84 -43.55 -66.40
N UNK X 20 18.46 -42.29 -66.27
CA UNK X 20 17.52 -41.85 -65.25
C UNK X 20 16.10 -41.81 -65.81
N UNK X 21 15.14 -41.64 -64.89
CA UNK X 21 13.72 -41.49 -65.17
C UNK X 21 13.11 -42.68 -65.93
N UNK X 22 11.89 -42.49 -66.42
CA UNK X 22 11.15 -43.53 -67.11
C UNK X 22 11.19 -43.38 -68.62
N UNK X 23 12.02 -42.47 -69.14
CA UNK X 23 12.09 -42.26 -70.58
C UNK X 23 12.71 -43.45 -71.31
N UNK X 24 13.51 -44.27 -70.61
CA UNK X 24 14.05 -45.47 -71.23
C UNK X 24 12.96 -46.45 -71.60
N UNK X 25 11.98 -46.63 -70.70
CA UNK X 25 10.81 -47.44 -71.04
C UNK X 25 9.97 -46.77 -72.11
N UNK X 26 9.90 -45.45 -72.11
CA UNK X 26 9.15 -44.72 -73.13
C UNK X 26 9.76 -44.93 -74.51
N UNK X 27 11.10 -44.86 -74.61
CA UNK X 27 11.76 -45.06 -75.89
C UNK X 27 11.71 -46.52 -76.31
N UNK X 28 11.74 -47.44 -75.35
CA UNK X 28 11.71 -48.87 -75.67
C UNK X 28 10.36 -49.28 -76.24
N UNK X 29 9.27 -48.82 -75.62
CA UNK X 29 7.95 -49.18 -76.11
C UNK X 29 7.57 -48.40 -77.36
N UNK X 30 8.23 -47.26 -77.62
CA UNK X 30 8.04 -46.57 -78.89
C UNK X 30 8.51 -47.44 -80.05
N UNK X 31 9.65 -48.12 -79.87
CA UNK X 31 10.12 -49.07 -80.88
C UNK X 31 9.19 -50.27 -80.96
N UNK X 32 8.66 -50.71 -79.81
CA UNK X 32 7.69 -51.79 -79.81
C UNK X 32 6.41 -51.39 -80.53
N UNK X 33 5.96 -50.15 -80.32
CA UNK X 33 4.79 -49.66 -81.06
C UNK X 33 5.11 -49.46 -82.53
N UNK X 34 6.37 -49.17 -82.86
CA UNK X 34 6.76 -49.06 -84.26
C UNK X 34 6.63 -50.41 -84.97
N UNK X 35 7.02 -51.49 -84.30
CA UNK X 35 6.85 -52.82 -84.87
C UNK X 35 5.37 -53.20 -84.94
N UNK X 36 4.60 -52.83 -83.92
CA UNK X 36 3.17 -53.15 -83.91
C UNK X 36 2.43 -52.44 -85.02
N UNK X 37 2.73 -51.15 -85.24
CA UNK X 37 2.08 -50.42 -86.32
C UNK X 37 2.53 -50.93 -87.69
N UNK X 38 3.81 -51.33 -87.80
CA UNK X 38 4.29 -51.91 -89.05
C UNK X 38 3.60 -53.24 -89.33
N UNK X 39 3.39 -54.04 -88.29
CA UNK X 39 2.64 -55.28 -88.46
C UNK X 39 1.16 -54.99 -88.73
N UNK X 40 0.64 -53.90 -88.17
CA UNK X 40 -0.75 -53.52 -88.42
C UNK X 40 -0.92 -53.00 -89.84
N UNK X 41 0.05 -52.24 -90.34
CA UNK X 41 -0.03 -51.74 -91.71
C UNK X 41 0.07 -52.88 -92.72
N UNK X 42 0.91 -53.87 -92.45
CA UNK X 42 1.00 -55.04 -93.32
C UNK X 42 -0.28 -55.88 -93.25
N UNK X 43 -0.84 -56.04 -92.05
CA UNK X 43 -2.06 -56.83 -91.91
C UNK X 43 -3.28 -56.07 -92.41
N UNK X 44 -3.30 -54.76 -92.24
CA UNK X 44 -4.44 -53.95 -92.69
C UNK X 44 -3.98 -52.84 -93.62
N PRO Y 8 -0.57 -45.48 -95.16
CA PRO Y 8 0.82 -45.27 -94.71
C PRO Y 8 0.88 -44.90 -93.23
N TRP Y 9 0.43 -45.79 -92.36
CA TRP Y 9 0.41 -45.50 -90.94
C TRP Y 9 1.81 -45.40 -90.36
N ILE Y 10 2.76 -46.15 -90.91
CA ILE Y 10 4.12 -46.18 -90.37
C ILE Y 10 4.80 -44.83 -90.57
N MET Y 11 4.63 -44.22 -91.75
CA MET Y 11 5.24 -42.92 -92.00
C MET Y 11 4.59 -41.83 -91.17
N VAL Y 12 3.28 -41.90 -90.96
CA VAL Y 12 2.59 -40.92 -90.13
C VAL Y 12 3.01 -41.07 -88.67
N PHE Y 13 3.16 -42.31 -88.21
CA PHE Y 13 3.60 -42.54 -86.84
C PHE Y 13 5.01 -42.01 -86.60
N LEU Y 14 5.91 -42.23 -87.56
CA LEU Y 14 7.29 -41.78 -87.39
C LEU Y 14 7.39 -40.26 -87.33
N VAL Y 15 6.62 -39.57 -88.17
CA VAL Y 15 6.63 -38.10 -88.16
C VAL Y 15 6.10 -37.56 -86.85
N SER Y 16 5.00 -38.16 -86.35
CA SER Y 16 4.42 -37.71 -85.09
C SER Y 16 5.37 -37.94 -83.92
N MET Y 17 6.04 -39.09 -83.90
CA MET Y 17 7.01 -39.35 -82.84
C MET Y 17 8.23 -38.44 -82.96
N ALA Y 18 8.69 -38.20 -84.18
CA ALA Y 18 9.80 -37.28 -84.38
C ALA Y 18 9.41 -35.86 -83.99
N LEU Y 19 8.17 -35.47 -84.27
CA LEU Y 19 7.68 -34.18 -83.78
C LEU Y 19 7.65 -34.14 -82.27
N LEU Y 20 7.18 -35.22 -81.64
CA LEU Y 20 7.10 -35.26 -80.19
C LEU Y 20 8.49 -35.16 -79.56
N TRP Y 21 9.49 -35.77 -80.20
CA TRP Y 21 10.86 -35.61 -79.73
C TRP Y 21 11.34 -34.18 -79.90
N ALA Y 22 10.98 -33.55 -81.01
CA ALA Y 22 11.44 -32.19 -81.27
C ALA Y 22 10.77 -31.18 -80.34
N ILE Y 23 9.50 -31.40 -80.02
CA ILE Y 23 8.83 -30.54 -79.06
C ILE Y 23 9.40 -30.75 -77.66
N MET Y 24 9.74 -32.00 -77.33
CA MET Y 24 10.30 -32.30 -76.02
C MET Y 24 11.65 -31.64 -75.82
N THR Y 25 12.50 -31.64 -76.86
CA THR Y 25 13.78 -30.96 -76.75
C THR Y 25 13.62 -29.46 -76.62
N MET Y 26 12.66 -28.88 -77.35
CA MET Y 26 12.43 -27.44 -77.27
C MET Y 26 11.94 -27.04 -75.89
N VAL Y 27 11.10 -27.87 -75.27
CA VAL Y 27 10.67 -27.61 -73.91
C VAL Y 27 11.85 -27.69 -72.94
N PHE Y 28 12.78 -28.62 -73.20
CA PHE Y 28 13.88 -28.85 -72.27
C PHE Y 28 14.79 -27.64 -72.14
N PHE Y 29 15.01 -26.94 -73.24
CA PHE Y 29 15.82 -25.72 -73.18
C PHE Y 29 14.99 -24.47 -72.94
N LEU Y 30 13.67 -24.60 -72.84
CA LEU Y 30 12.82 -23.44 -72.62
C LEU Y 30 12.82 -23.12 -71.14
N TYR Y 31 13.69 -22.20 -70.73
CA TYR Y 31 13.81 -21.84 -69.33
C TYR Y 31 14.48 -20.48 -69.22
N GLN Y 32 14.52 -19.97 -68.00
CA GLN Y 32 15.15 -18.69 -67.71
C GLN Y 32 16.27 -18.88 -66.70
N PRO Y 33 17.53 -18.81 -67.11
CA PRO Y 33 18.62 -18.87 -66.13
C PRO Y 33 18.65 -17.63 -65.27
N ARG Y 34 19.09 -17.80 -64.03
CA ARG Y 34 19.21 -16.70 -63.09
C ARG Y 34 20.55 -16.77 -62.38
N SER Y 35 21.03 -15.61 -61.95
CA SER Y 35 22.25 -15.50 -61.16
C SER Y 35 21.86 -14.83 -59.84
N VAL Y 36 21.63 -15.64 -58.81
CA VAL Y 36 21.13 -15.13 -57.53
C VAL Y 36 22.14 -15.42 -56.43
N SER Y 37 23.42 -15.48 -56.79
CA SER Y 37 24.49 -15.77 -55.84
C SER Y 37 25.33 -14.51 -55.69
N SER Y 38 24.95 -13.66 -54.74
CA SER Y 38 25.66 -12.42 -54.48
C SER Y 38 26.86 -12.69 -53.57
N ALA Y 39 27.52 -11.63 -53.11
CA ALA Y 39 28.70 -11.74 -52.26
C ALA Y 39 28.35 -11.67 -50.78
N LYS Y 40 27.15 -12.11 -50.40
CA LYS Y 40 26.76 -12.11 -48.99
C LYS Y 40 27.62 -13.08 -48.18
N GLY Y 41 27.92 -14.26 -48.74
CA GLY Y 41 28.79 -15.20 -48.07
C GLY Y 41 30.22 -14.74 -47.97
N PHE Y 42 30.65 -13.86 -48.88
CA PHE Y 42 31.99 -13.29 -48.79
C PHE Y 42 32.12 -12.38 -47.57
N SER Y 43 31.03 -11.75 -47.14
CA SER Y 43 31.05 -10.91 -45.96
C SER Y 43 31.11 -11.70 -44.65
N ASP Y 44 30.90 -13.01 -44.70
CA ASP Y 44 30.98 -13.86 -43.53
C ASP Y 44 32.33 -14.55 -43.39
N ARG Y 45 33.27 -14.27 -44.29
CA ARG Y 45 34.59 -14.90 -44.28
C ARG Y 45 35.65 -13.96 -43.75
N THR Y 46 35.32 -13.18 -42.73
CA THR Y 46 36.25 -12.20 -42.15
C THR Y 46 37.34 -12.94 -41.40
N VAL Y 47 38.49 -13.11 -42.04
CA VAL Y 47 39.62 -13.78 -41.41
C VAL Y 47 40.34 -12.79 -40.51
N TYR Y 48 40.50 -13.14 -39.24
CA TYR Y 48 41.06 -12.25 -38.24
C TYR Y 48 42.16 -12.96 -37.47
N LEU Y 49 43.22 -12.21 -37.17
CA LEU Y 49 44.40 -12.78 -36.54
C LEU Y 49 44.14 -13.08 -35.06
N ASN Y 50 44.54 -14.27 -34.63
CA ASN Y 50 44.55 -14.57 -33.21
C ASN Y 50 45.63 -13.76 -32.51
N TRP Y 51 45.26 -13.14 -31.38
CA TRP Y 51 46.16 -12.24 -30.68
C TRP Y 51 47.00 -13.01 -29.67
N LYS Y 52 48.30 -12.71 -29.64
CA LYS Y 52 49.21 -13.36 -28.70
C LYS Y 52 48.98 -12.82 -27.29
N TRP Y 53 48.06 -13.43 -26.55
CA TRP Y 53 47.71 -12.94 -25.22
C TRP Y 53 48.83 -13.14 -24.20
N GLY Z 4 24.15 -31.28 -85.95
CA GLY Z 4 23.69 -30.17 -85.15
C GLY Z 4 24.80 -29.46 -84.40
N ASP Z 5 25.33 -28.40 -85.01
CA ASP Z 5 26.43 -27.64 -84.42
C ASP Z 5 26.43 -26.26 -85.06
N TYR Z 6 27.23 -25.37 -84.48
CA TYR Z 6 27.43 -24.06 -85.09
C TYR Z 6 28.12 -24.23 -86.44
N PRO Z 7 27.77 -23.43 -87.44
CA PRO Z 7 28.41 -23.58 -88.76
C PRO Z 7 29.89 -23.26 -88.69
N ALA Z 8 30.67 -23.99 -89.50
CA ALA Z 8 32.12 -23.87 -89.45
C ALA Z 8 32.62 -22.55 -90.03
N GLU Z 9 31.80 -21.88 -90.84
CA GLU Z 9 32.19 -20.58 -91.37
C GLU Z 9 32.15 -19.49 -90.31
N TYR Z 10 31.50 -19.75 -89.18
CA TYR Z 10 31.38 -18.76 -88.12
C TYR Z 10 32.70 -18.56 -87.41
N ASN Z 11 33.10 -17.30 -87.25
CA ASN Z 11 34.29 -16.96 -86.47
C ASN Z 11 33.89 -16.02 -85.34
N PRO Z 12 34.05 -16.43 -84.08
CA PRO Z 12 33.67 -15.53 -82.98
C PRO Z 12 34.63 -14.37 -82.78
N LYS Z 13 35.85 -14.46 -83.31
CA LYS Z 13 36.83 -13.39 -83.06
C LYS Z 13 36.51 -12.16 -83.89
N VAL Z 14 36.15 -12.34 -85.16
CA VAL Z 14 35.86 -11.20 -86.04
C VAL Z 14 34.41 -10.75 -85.91
N HIS Z 15 33.47 -11.67 -86.09
CA HIS Z 15 32.07 -11.30 -86.05
C HIS Z 15 31.62 -10.94 -84.63
N GLY Z 16 31.95 -11.78 -83.66
CA GLY Z 16 31.45 -11.62 -82.32
C GLY Z 16 30.59 -12.81 -81.92
N PRO Z 17 29.59 -12.57 -81.09
CA PRO Z 17 28.68 -13.66 -80.71
C PRO Z 17 27.86 -14.12 -81.89
N TYR Z 18 27.45 -15.39 -81.84
CA TYR Z 18 26.70 -15.99 -82.92
C TYR Z 18 25.32 -15.34 -83.03
N ASP Z 19 24.83 -15.21 -84.26
CA ASP Z 19 23.51 -14.67 -84.52
C ASP Z 19 22.88 -15.45 -85.66
N PRO Z 20 21.89 -16.31 -85.39
CA PRO Z 20 21.37 -17.22 -86.41
C PRO Z 20 20.63 -16.54 -87.55
N ALA Z 21 20.48 -15.22 -87.54
CA ALA Z 21 19.85 -14.51 -88.64
C ALA Z 21 20.87 -13.86 -89.56
N ARG Z 22 22.17 -14.02 -89.29
CA ARG Z 22 23.22 -13.43 -90.11
C ARG Z 22 23.97 -14.53 -90.83
N PHE Z 23 24.21 -14.32 -92.13
CA PHE Z 23 24.96 -15.29 -92.93
C PHE Z 23 26.44 -15.17 -92.63
N TYR Z 24 27.06 -16.25 -92.16
CA TYR Z 24 28.43 -16.23 -91.67
C TYR Z 24 29.45 -16.73 -92.69
N GLY Z 25 29.07 -16.84 -93.95
CA GLY Z 25 29.99 -17.19 -95.01
C GLY Z 25 30.66 -15.96 -95.60
N LYS Z 26 31.13 -16.11 -96.83
CA LYS Z 26 31.65 -14.97 -97.55
C LYS Z 26 30.52 -13.99 -97.89
N ALA Z 27 30.81 -12.70 -97.78
CA ALA Z 27 29.81 -11.67 -97.99
C ALA Z 27 29.44 -11.63 -99.47
N ASP Z 28 28.32 -12.26 -99.82
CA ASP Z 28 27.83 -12.27 -101.18
C ASP Z 28 26.87 -11.11 -101.40
N VAL Z 29 26.82 -10.62 -102.64
CA VAL Z 29 25.88 -9.57 -103.02
C VAL Z 29 24.48 -10.18 -103.07
N PRO Z 30 23.52 -9.63 -102.33
CA PRO Z 30 22.17 -10.22 -102.33
C PRO Z 30 21.45 -9.99 -103.65
N LEU Z 31 20.37 -10.76 -103.83
CA LEU Z 31 19.61 -10.72 -105.07
C LEU Z 31 18.81 -9.42 -105.25
N GLY Z 32 18.67 -8.62 -104.20
CA GLY Z 32 17.88 -7.40 -104.31
C GLY Z 32 18.50 -6.37 -105.23
N GLN Z 33 19.83 -6.27 -105.23
CA GLN Z 33 20.54 -5.31 -106.05
C GLN Z 33 21.09 -5.92 -107.33
N VAL Z 34 20.75 -7.16 -107.64
CA VAL Z 34 21.12 -7.75 -108.92
C VAL Z 34 20.25 -7.14 -110.01
N LYS Z 35 20.89 -6.64 -111.07
CA LYS Z 35 20.21 -5.89 -112.11
C LYS Z 35 19.53 -6.78 -113.16
N LEU Z 36 19.34 -8.07 -112.84
CA LEU Z 36 18.64 -9.08 -113.65
C LEU Z 36 19.44 -9.49 -114.88
N GLY Z 37 20.55 -8.81 -115.15
CA GLY Z 37 21.52 -9.33 -116.09
C GLY Z 37 22.47 -10.35 -115.47
N GLU Z 38 22.62 -10.30 -114.15
CA GLU Z 38 23.41 -11.27 -113.41
C GLU Z 38 22.53 -12.30 -112.72
N LEU Z 39 21.24 -12.37 -113.08
CA LEU Z 39 20.31 -13.27 -112.41
C LEU Z 39 20.68 -14.73 -112.64
N SER Z 40 21.02 -15.10 -113.88
CA SER Z 40 21.43 -16.47 -114.16
C SER Z 40 22.75 -16.81 -113.47
N GLN Z 41 23.68 -15.86 -113.43
CA GLN Z 41 24.94 -16.06 -112.75
C GLN Z 41 24.75 -16.18 -111.24
N TRP Z 42 23.85 -15.36 -110.68
CA TRP Z 42 23.59 -15.40 -109.25
C TRP Z 42 22.90 -16.69 -108.83
N LEU Z 43 21.95 -17.17 -109.64
CA LEU Z 43 21.25 -18.40 -109.31
C LEU Z 43 22.16 -19.62 -109.45
N GLY Z 44 22.99 -19.66 -110.49
CA GLY Z 44 23.91 -20.75 -110.65
C GLY Z 44 25.05 -20.77 -109.66
N ARG Z 45 25.42 -19.59 -109.13
CA ARG Z 45 26.50 -19.54 -108.15
C ARG Z 45 26.06 -20.11 -106.81
N ARG Z 46 24.85 -19.75 -106.37
CA ARG Z 46 24.35 -20.26 -105.09
C ARG Z 46 24.00 -21.73 -105.23
N ASN Z 47 24.62 -22.56 -104.38
CA ASN Z 47 24.42 -24.00 -104.46
C ASN Z 47 23.02 -24.38 -103.97
N LYS Z 48 22.59 -25.56 -104.39
CA LYS Z 48 21.25 -26.06 -104.08
C LYS Z 48 21.32 -27.37 -103.30
N ASN Z 49 22.26 -27.45 -102.36
CA ASN Z 49 22.33 -28.60 -101.49
C ASN Z 49 21.13 -28.63 -100.54
N PRO Z 50 20.73 -29.81 -100.08
CA PRO Z 50 19.75 -29.86 -98.97
C PRO Z 50 20.27 -29.19 -97.71
N GLN Z 51 21.57 -29.28 -97.46
CA GLN Z 51 22.16 -28.54 -96.34
C GLN Z 51 22.07 -27.04 -96.55
N ALA Z 52 22.36 -26.57 -97.77
CA ALA Z 52 22.39 -25.14 -98.04
C ALA Z 52 21.00 -24.51 -97.94
N VAL Z 53 19.98 -25.18 -98.49
CA VAL Z 53 18.64 -24.62 -98.43
C VAL Z 53 18.08 -24.70 -97.02
N ALA Z 54 18.45 -25.73 -96.26
CA ALA Z 54 18.00 -25.82 -94.87
C ALA Z 54 18.62 -24.72 -94.02
N ALA Z 55 19.90 -24.43 -94.25
CA ALA Z 55 20.53 -23.31 -93.57
C ALA Z 55 19.93 -21.99 -94.04
N ALA Z 56 19.56 -21.91 -95.32
CA ALA Z 56 18.95 -20.68 -95.83
C ALA Z 56 17.56 -20.47 -95.24
N VAL Z 57 16.84 -21.55 -94.96
CA VAL Z 57 15.53 -21.41 -94.34
C VAL Z 57 15.68 -20.93 -92.89
N SER Z 58 16.60 -21.53 -92.15
CA SER Z 58 16.79 -21.14 -90.75
C SER Z 58 17.32 -19.71 -90.64
N ARG Z 59 18.20 -19.31 -91.56
CA ARG Z 59 18.68 -17.93 -91.56
C ARG Z 59 17.56 -16.96 -91.93
N GLY Z 60 16.59 -17.41 -92.72
CA GLY Z 60 15.44 -16.57 -92.98
C GLY Z 60 14.44 -16.58 -91.84
N TRP Z 61 14.26 -17.76 -91.21
CA TRP Z 61 13.31 -17.87 -90.12
C TRP Z 61 13.76 -17.05 -88.93
N TRP Z 62 15.06 -17.06 -88.63
CA TRP Z 62 15.54 -16.26 -87.52
C TRP Z 62 15.57 -14.78 -87.86
N ARG Z 63 15.66 -14.44 -89.14
CA ARG Z 63 15.47 -13.04 -89.53
C ARG Z 63 14.04 -12.60 -89.25
N TRP Z 64 13.06 -13.47 -89.52
CA TRP Z 64 11.68 -13.13 -89.24
C TRP Z 64 11.41 -13.10 -87.74
N GLN Z 65 12.08 -13.96 -86.98
CA GLN Z 65 11.98 -13.87 -85.53
C GLN Z 65 12.56 -12.56 -85.04
N HIS Z 66 13.64 -12.10 -85.67
CA HIS Z 66 14.30 -10.87 -85.23
C HIS Z 66 13.48 -9.63 -85.57
N LYS Z 67 12.47 -9.77 -86.43
CA LYS Z 67 11.69 -8.62 -86.83
C LYS Z 67 10.32 -8.58 -86.15
N TYR Z 68 9.82 -9.70 -85.64
CA TYR Z 68 8.45 -9.73 -85.16
C TYR Z 68 8.25 -10.37 -83.79
N VAL Z 69 9.23 -11.07 -83.23
CA VAL Z 69 9.07 -11.74 -81.95
C VAL Z 69 10.16 -11.33 -80.96
N LEU Z 70 11.41 -11.43 -81.36
CA LEU Z 70 12.56 -11.14 -80.50
C LEU Z 70 12.65 -9.71 -79.97
N PRO Z 71 12.10 -8.68 -80.62
CA PRO Z 71 11.94 -7.40 -79.93
C PRO Z 71 11.05 -7.52 -78.70
N ARG Z 72 11.25 -6.59 -77.77
CA ARG Z 72 10.63 -6.69 -76.45
C ARG Z 72 9.11 -6.60 -76.53
N LYS Z 73 8.60 -5.65 -77.30
CA LYS Z 73 7.15 -5.44 -77.35
C LYS Z 73 6.52 -6.19 -78.52
N GLY Z 74 6.79 -7.49 -78.61
CA GLY Z 74 6.28 -8.30 -79.71
C GLY Z 74 4.81 -8.62 -79.57
N GLY Z 75 3.99 -8.07 -80.47
CA GLY Z 75 2.56 -8.21 -80.39
C GLY Z 75 2.07 -9.52 -80.96
N ILE Z 76 0.75 -9.55 -81.22
CA ILE Z 76 0.11 -10.74 -81.79
C ILE Z 76 0.30 -10.85 -83.29
N ALA Z 77 0.86 -9.81 -83.92
CA ALA Z 77 1.02 -9.80 -85.37
C ALA Z 77 1.81 -10.97 -85.95
N PRO Z 78 2.94 -11.43 -85.37
CA PRO Z 78 3.56 -12.65 -85.93
C PRO Z 78 2.67 -13.87 -85.86
N TYR Z 79 1.90 -14.03 -84.78
CA TYR Z 79 1.12 -15.25 -84.62
C TYR Z 79 -0.16 -15.21 -85.47
N ILE Z 80 -0.56 -14.03 -85.92
CA ILE Z 80 -1.64 -13.94 -86.90
C ILE Z 80 -1.09 -14.15 -88.30
N GLN Z 81 0.13 -13.68 -88.55
CA GLN Z 81 0.74 -13.87 -89.85
C GLN Z 81 1.00 -15.34 -90.14
N LEU Z 82 1.42 -16.09 -89.11
CA LEU Z 82 1.65 -17.52 -89.30
C LEU Z 82 0.37 -18.27 -89.61
N ILE Z 83 -0.73 -17.91 -88.94
CA ILE Z 83 -1.99 -18.61 -89.15
C ILE Z 83 -2.51 -18.38 -90.56
N VAL Z 84 -2.51 -17.13 -91.02
CA VAL Z 84 -2.92 -16.84 -92.39
C VAL Z 84 -1.92 -17.45 -93.37
N GLY Z 85 -0.63 -17.41 -93.04
CA GLY Z 85 0.37 -18.00 -93.91
C GLY Z 85 0.22 -19.50 -94.04
N CYS Z 86 -0.11 -20.19 -92.94
CA CYS Z 86 -0.33 -21.62 -93.02
C CYS Z 86 -1.67 -21.94 -93.68
N SER Z 87 -2.69 -21.11 -93.44
CA SER Z 87 -3.98 -21.34 -94.07
C SER Z 87 -3.91 -21.12 -95.57
N ILE Z 88 -3.19 -20.08 -96.01
CA ILE Z 88 -3.01 -19.85 -97.45
C ILE Z 88 -2.26 -21.01 -98.08
N PHE Z 89 -1.18 -21.45 -97.41
CA PHE Z 89 -0.37 -22.52 -97.96
C PHE Z 89 -1.13 -23.85 -98.00
N PHE Z 90 -1.95 -24.10 -96.98
CA PHE Z 90 -2.67 -25.37 -96.96
C PHE Z 90 -3.93 -25.34 -97.81
N TYR Z 91 -4.43 -24.16 -98.15
CA TYR Z 91 -5.54 -24.11 -99.09
C TYR Z 91 -5.09 -24.48 -100.48
N ALA Z 92 -3.88 -24.04 -100.87
CA ALA Z 92 -3.35 -24.41 -102.17
C ALA Z 92 -3.03 -25.89 -102.25
N ILE Z 93 -2.66 -26.50 -101.13
CA ILE Z 93 -2.43 -27.94 -101.10
C ILE Z 93 -3.74 -28.69 -101.30
N ASN Z 94 -4.77 -28.29 -100.57
CA ASN Z 94 -6.09 -28.93 -100.67
C ASN Z 94 -6.94 -28.31 -101.77
N TYR Z 95 -6.31 -27.66 -102.76
CA TYR Z 95 -7.05 -27.04 -103.86
C TYR Z 95 -7.79 -28.08 -104.68
N GLY Z 96 -7.23 -29.28 -104.82
CA GLY Z 96 -7.89 -30.31 -105.62
C GLY Z 96 -9.21 -30.74 -105.04
N LYS Z 97 -9.29 -30.86 -103.71
CA LYS Z 97 -10.55 -31.20 -103.07
C LYS Z 97 -11.52 -30.02 -103.06
N MET Z 98 -11.01 -28.80 -102.90
CA MET Z 98 -11.88 -27.64 -102.84
C MET Z 98 -12.47 -27.31 -104.21
N VAL Z 99 -11.66 -27.34 -105.26
CA VAL Z 99 -12.13 -26.97 -106.59
C VAL Z 99 -13.03 -28.04 -107.21
N ALA Z 100 -13.06 -29.25 -106.63
CA ALA Z 100 -13.93 -30.30 -107.14
C ALA Z 100 -15.40 -30.02 -106.84
N HIS Z 101 -15.68 -29.15 -105.87
CA HIS Z 101 -17.05 -28.81 -105.49
C HIS Z 101 -17.52 -27.51 -106.13
N ARG Z 102 -16.81 -26.40 -105.85
CA ARG Z 102 -17.09 -25.07 -106.40
C ARG Z 102 -18.49 -24.56 -106.12
N GLN Z 103 -18.85 -23.42 -106.71
CA GLN Z 103 -20.18 -22.85 -106.53
C GLN Z 103 -20.86 -22.50 -107.84
N ARG Z 104 -20.10 -22.03 -108.84
CA ARG Z 104 -20.66 -21.60 -110.11
C ARG Z 104 -20.39 -22.65 -111.18
N LYS Z 105 -21.44 -23.00 -111.94
CA LYS Z 105 -21.29 -24.03 -112.96
C LYS Z 105 -20.54 -23.53 -114.19
N TYR Z 106 -20.61 -22.22 -114.46
CA TYR Z 106 -19.91 -21.62 -115.60
C TYR Z 106 -18.75 -20.74 -115.15
N HIS Z 107 -19.02 -19.74 -114.31
CA HIS Z 107 -18.05 -18.76 -113.80
C HIS Z 107 -17.21 -18.13 -114.91
N LEU AA 27 -13.08 7.19 -91.66
CA LEU AA 27 -12.40 6.81 -92.89
C LEU AA 27 -12.48 7.94 -93.92
N ALA AA 28 -12.60 9.17 -93.43
CA ALA AA 28 -12.65 10.34 -94.31
C ALA AA 28 -11.33 10.55 -95.04
N THR AA 29 -10.21 10.28 -94.39
CA THR AA 29 -8.91 10.41 -95.04
C THR AA 29 -8.72 9.38 -96.14
N PHE AA 30 -9.30 8.19 -95.97
CA PHE AA 30 -9.30 7.20 -97.05
C PHE AA 30 -10.10 7.70 -98.25
N LEU AA 31 -11.22 8.37 -97.99
CA LEU AA 31 -11.98 8.99 -99.07
C LEU AA 31 -11.23 10.17 -99.67
N LYS AA 32 -10.48 10.90 -98.84
CA LYS AA 32 -9.71 12.03 -99.35
C LYS AA 32 -8.58 11.55 -100.26
N TYR AA 33 -7.85 10.52 -99.84
CA TYR AA 33 -6.79 9.96 -100.68
C TYR AA 33 -7.36 9.32 -101.94
N ALA AA 34 -8.59 8.80 -101.87
CA ALA AA 34 -9.22 8.23 -103.05
C ALA AA 34 -9.52 9.29 -104.09
N LYS AA 35 -9.87 10.50 -103.65
CA LYS AA 35 -10.07 11.59 -104.60
C LYS AA 35 -8.75 12.02 -105.24
N VAL AA 36 -7.65 11.96 -104.48
CA VAL AA 36 -6.38 12.49 -104.97
C VAL AA 36 -5.79 11.57 -106.03
N GLU AA 37 -5.74 10.27 -105.76
CA GLU AA 37 -4.99 9.34 -106.61
C GLU AA 37 -5.84 8.16 -107.03
N LEU AA 38 -7.11 8.40 -107.37
CA LEU AA 38 -7.91 7.44 -108.13
C LEU AA 38 -8.76 8.15 -109.16
N THR AA 39 -8.32 9.32 -109.62
CA THR AA 39 -8.99 10.01 -110.70
C THR AA 39 -8.75 9.29 -112.03
N PRO AA 40 -9.69 9.37 -112.96
CA PRO AA 40 -9.42 8.91 -114.32
C PRO AA 40 -8.31 9.73 -114.94
N PRO AA 41 -7.50 9.15 -115.82
CA PRO AA 41 -6.37 9.88 -116.38
C PRO AA 41 -6.83 10.93 -117.37
N GLY AA 42 -5.97 11.92 -117.58
CA GLY AA 42 -6.26 13.00 -118.50
C GLY AA 42 -6.39 12.52 -119.93
N PRO AA 43 -7.54 12.79 -120.54
CA PRO AA 43 -7.73 12.42 -121.96
C PRO AA 43 -6.78 13.14 -122.91
N ALA AA 44 -6.22 14.28 -122.51
CA ALA AA 44 -5.23 14.97 -123.33
C ALA AA 44 -3.86 14.32 -123.26
N ASP AA 45 -3.66 13.32 -122.39
CA ASP AA 45 -2.37 12.66 -122.27
C ASP AA 45 -2.11 11.63 -123.36
N VAL AA 46 -2.99 11.54 -124.38
CA VAL AA 46 -2.86 10.48 -125.38
C VAL AA 46 -1.52 10.51 -126.10
N PRO AA 47 -0.99 11.65 -126.56
CA PRO AA 47 0.41 11.65 -126.99
C PRO AA 47 1.40 11.36 -125.86
N LYS AA 48 1.08 11.75 -124.62
CA LYS AA 48 2.06 11.63 -123.55
C LYS AA 48 2.11 10.21 -122.99
N ILE AA 49 1.10 9.38 -123.27
CA ILE AA 49 1.15 8.00 -122.84
C ILE AA 49 1.67 7.09 -123.95
N GLN AA 50 1.39 7.42 -125.21
CA GLN AA 50 1.93 6.64 -126.31
C GLN AA 50 3.42 6.90 -126.50
N GLU AA 51 3.87 8.14 -126.26
CA GLU AA 51 5.30 8.42 -126.29
C GLU AA 51 6.04 7.64 -125.22
N GLY AA 52 5.45 7.54 -124.03
CA GLY AA 52 5.99 6.63 -123.03
C GLY AA 52 5.89 5.18 -123.46
N ILE AA 53 4.80 4.81 -124.11
CA ILE AA 53 4.68 3.46 -124.67
C ILE AA 53 5.70 3.25 -125.77
N GLN AA 54 5.86 4.22 -126.67
CA GLN AA 54 6.87 4.12 -127.71
C GLN AA 54 8.27 4.11 -127.12
N ASN AA 55 8.48 4.83 -126.01
CA ASN AA 55 9.74 4.72 -125.28
C ASN AA 55 9.93 3.31 -124.73
N LEU AA 56 8.85 2.70 -124.23
CA LEU AA 56 8.93 1.32 -123.78
C LEU AA 56 9.10 0.35 -124.95
N ILE AA 57 8.49 0.65 -126.10
CA ILE AA 57 8.73 -0.16 -127.30
C ILE AA 57 10.17 0.00 -127.75
N HIS AA 58 10.70 1.23 -127.70
CA HIS AA 58 12.13 1.45 -127.95
C HIS AA 58 12.98 0.67 -126.98
N SER AA 59 12.52 0.52 -125.74
CA SER AA 59 13.23 -0.33 -124.78
C SER AA 59 13.04 -1.80 -125.10
N ALA AA 60 11.87 -2.18 -125.64
CA ALA AA 60 11.46 -3.58 -125.70
C ALA AA 60 12.39 -4.41 -126.59
N LYS AA 61 12.78 -3.88 -127.74
CA LYS AA 61 13.72 -4.57 -128.61
C LYS AA 61 15.18 -4.25 -128.28
N THR AA 62 15.44 -3.31 -127.37
CA THR AA 62 16.80 -2.92 -127.02
C THR AA 62 17.16 -3.29 -125.59
N GLY AA 63 16.39 -2.84 -124.60
CA GLY AA 63 16.77 -3.10 -123.22
C GLY AA 63 15.89 -2.47 -122.17
N LYS AA 64 16.53 -1.81 -121.19
CA LYS AA 64 15.90 -1.19 -120.02
C LYS AA 64 15.14 -2.21 -119.16
N TRP AA 65 15.46 -3.49 -119.30
CA TRP AA 65 14.97 -4.52 -118.39
C TRP AA 65 16.04 -5.50 -117.94
N LYS AA 66 17.13 -5.65 -118.68
CA LYS AA 66 18.27 -6.46 -118.26
C LYS AA 66 19.23 -5.70 -117.37
N GLN AA 67 18.96 -4.41 -117.12
CA GLN AA 67 19.79 -3.57 -116.27
C GLN AA 67 19.03 -3.02 -115.08
N VAL AA 68 17.78 -3.43 -114.89
CA VAL AA 68 16.95 -2.96 -113.79
C VAL AA 68 17.03 -3.98 -112.66
N SER AA 69 17.23 -3.48 -111.44
CA SER AA 69 17.42 -4.36 -110.28
C SER AA 69 16.21 -5.24 -110.05
N VAL AA 70 16.48 -6.47 -109.59
CA VAL AA 70 15.44 -7.49 -109.42
C VAL AA 70 14.40 -7.02 -108.42
N ARG AA 71 14.83 -6.32 -107.37
CA ARG AA 71 13.88 -5.72 -106.44
C ARG AA 71 13.00 -4.69 -107.14
N GLU AA 72 13.59 -3.85 -107.99
CA GLU AA 72 12.79 -2.90 -108.75
C GLU AA 72 12.06 -3.58 -109.90
N ALA AA 73 12.64 -4.64 -110.46
CA ALA AA 73 11.94 -5.40 -111.48
C ALA AA 73 10.72 -6.11 -110.90
N TRP AA 74 10.85 -6.65 -109.69
CA TRP AA 74 9.69 -7.23 -109.01
C TRP AA 74 8.65 -6.18 -108.69
N LEU AA 75 9.09 -4.96 -108.37
CA LEU AA 75 8.17 -3.84 -108.19
C LEU AA 75 7.45 -3.51 -109.49
N ASN AA 76 8.17 -3.52 -110.61
CA ASN AA 76 7.55 -3.21 -111.90
C ASN AA 76 6.52 -4.26 -112.29
N THR AA 77 6.81 -5.54 -112.03
CA THR AA 77 5.88 -6.60 -112.37
C THR AA 77 4.61 -6.51 -111.55
N LEU AA 78 4.74 -6.17 -110.27
CA LEU AA 78 3.54 -6.03 -109.43
C LEU AA 78 2.76 -4.78 -109.80
N ILE AA 79 3.42 -3.76 -110.35
CA ILE AA 79 2.70 -2.61 -110.90
C ILE AA 79 1.82 -3.04 -112.06
N VAL AA 80 2.37 -3.86 -112.97
CA VAL AA 80 1.58 -4.42 -114.05
C VAL AA 80 0.48 -5.32 -113.50
N THR AA 81 0.79 -6.07 -112.44
CA THR AA 81 -0.23 -6.89 -111.78
C THR AA 81 -1.33 -6.02 -111.18
N GLU AA 82 -0.96 -4.88 -110.60
CA GLU AA 82 -1.96 -3.94 -110.09
C GLU AA 82 -2.79 -3.37 -111.24
N ILE AA 83 -2.16 -3.10 -112.37
CA ILE AA 83 -2.90 -2.59 -113.53
C ILE AA 83 -3.80 -3.67 -114.10
N ALA AA 84 -3.28 -4.89 -114.24
CA ALA AA 84 -4.06 -5.97 -114.86
C ALA AA 84 -5.21 -6.43 -113.99
N MET AA 85 -5.18 -6.15 -112.69
CA MET AA 85 -6.29 -6.53 -111.83
C MET AA 85 -7.53 -5.71 -112.14
N TRP AA 86 -7.37 -4.49 -112.65
CA TRP AA 86 -8.51 -3.67 -113.03
C TRP AA 86 -9.27 -4.26 -114.21
N PHE AA 87 -8.58 -5.02 -115.06
CA PHE AA 87 -9.26 -5.72 -116.14
C PHE AA 87 -10.25 -6.74 -115.60
N PHE AA 88 -9.86 -7.46 -114.55
CA PHE AA 88 -10.78 -8.41 -113.92
C PHE AA 88 -11.82 -7.68 -113.06
N VAL AA 89 -11.47 -6.52 -112.51
CA VAL AA 89 -12.47 -5.70 -111.83
C VAL AA 89 -13.50 -5.19 -112.83
N GLY AA 90 -13.04 -4.74 -114.00
CA GLY AA 90 -13.96 -4.38 -115.06
C GLY AA 90 -14.77 -5.56 -115.57
N GLU AA 91 -14.17 -6.75 -115.56
CA GLU AA 91 -14.90 -7.96 -115.96
C GLU AA 91 -16.05 -8.26 -115.00
N CYS AA 92 -15.82 -8.04 -113.70
CA CYS AA 92 -16.90 -8.21 -112.74
C CYS AA 92 -17.97 -7.15 -112.89
N ILE AA 93 -17.58 -5.94 -113.31
CA ILE AA 93 -18.54 -4.88 -113.52
C ILE AA 93 -19.40 -5.17 -114.75
N GLY AA 94 -18.77 -5.64 -115.83
CA GLY AA 94 -19.48 -5.89 -117.08
C GLY AA 94 -20.51 -7.00 -116.99
N LYS AA 95 -20.35 -7.93 -116.06
CA LYS AA 95 -21.32 -9.00 -115.84
C LYS AA 95 -22.34 -8.66 -114.77
N GLY AA 96 -22.27 -7.47 -114.18
CA GLY AA 96 -23.21 -7.07 -113.15
C GLY AA 96 -22.67 -7.25 -111.76
N SER AA 97 -23.19 -8.24 -111.03
CA SER AA 97 -22.74 -8.50 -109.67
C SER AA 97 -21.33 -9.09 -109.69
N VAL AA 98 -20.51 -8.66 -108.72
CA VAL AA 98 -19.12 -9.10 -108.65
C VAL AA 98 -18.97 -10.47 -108.01
N ILE AA 99 -20.02 -11.00 -107.40
CA ILE AA 99 -19.95 -12.32 -106.72
C ILE AA 99 -20.32 -13.35 -107.77
N GLY AA 100 -19.33 -13.72 -108.59
CA GLY AA 100 -19.53 -14.70 -109.64
C GLY AA 100 -20.50 -14.19 -110.71
N TYR AA 101 -20.98 -15.15 -111.50
CA TYR AA 101 -21.99 -14.87 -112.52
C TYR AA 101 -23.37 -15.14 -111.92
N ARG AA 102 -24.17 -14.09 -111.78
CA ARG AA 102 -25.48 -14.21 -111.17
C ARG AA 102 -26.50 -14.80 -112.14
N PHE BA 3 -0.84 9.10 -92.33
CA PHE BA 3 0.10 8.29 -93.09
C PHE BA 3 1.11 9.17 -93.83
N ALA BA 4 1.73 8.60 -94.86
CA ALA BA 4 2.65 9.35 -95.69
C ALA BA 4 1.89 10.36 -96.54
N PRO BA 5 2.53 11.49 -96.90
CA PRO BA 5 1.86 12.44 -97.78
C PRO BA 5 1.67 11.86 -99.17
N PRO BA 6 0.62 12.25 -99.87
CA PRO BA 6 0.36 11.67 -101.20
C PRO BA 6 1.37 12.15 -102.23
N VAL BA 7 1.81 11.21 -103.07
CA VAL BA 7 2.68 11.49 -104.21
C VAL BA 7 2.00 10.95 -105.46
N ASN BA 8 1.87 11.79 -106.48
CA ASN BA 8 1.08 11.47 -107.64
C ASN BA 8 1.66 10.29 -108.42
N VAL BA 9 0.75 9.51 -109.02
CA VAL BA 9 1.15 8.37 -109.83
C VAL BA 9 1.79 8.86 -111.13
N SER BA 10 2.65 8.01 -111.70
CA SER BA 10 3.26 8.32 -112.98
C SER BA 10 2.18 8.38 -114.07
N PRO BA 11 2.31 9.29 -115.04
CA PRO BA 11 1.28 9.42 -116.07
C PRO BA 11 1.36 8.35 -117.15
N LEU BA 12 1.60 7.11 -116.74
CA LEU BA 12 1.39 5.94 -117.60
C LEU BA 12 0.69 4.81 -116.86
N ILE BA 13 0.78 4.74 -115.54
CA ILE BA 13 0.08 3.71 -114.78
C ILE BA 13 -1.42 3.94 -114.81
N ARG BA 14 -1.85 5.20 -114.69
CA ARG BA 14 -3.27 5.51 -114.67
C ARG BA 14 -3.92 5.18 -116.01
N ALA BA 15 -3.25 5.53 -117.11
CA ALA BA 15 -3.82 5.28 -118.43
C ALA BA 15 -3.90 3.79 -118.73
N GLY BA 16 -2.88 3.03 -118.33
CA GLY BA 16 -2.95 1.59 -118.49
C GLY BA 16 -4.01 0.97 -117.60
N ARG BA 17 -4.19 1.53 -116.39
CA ARG BA 17 -5.16 0.98 -115.45
C ARG BA 17 -6.59 1.18 -115.93
N TYR BA 18 -6.95 2.42 -116.27
CA TYR BA 18 -8.31 2.71 -116.70
C TYR BA 18 -8.59 2.15 -118.08
N GLY BA 19 -7.57 2.09 -118.94
CA GLY BA 19 -7.75 1.45 -120.23
C GLY BA 19 -8.06 -0.03 -120.10
N ALA BA 20 -7.37 -0.72 -119.20
CA ALA BA 20 -7.71 -2.11 -118.92
C ALA BA 20 -9.05 -2.22 -118.20
N LEU BA 21 -9.43 -1.18 -117.45
CA LEU BA 21 -10.72 -1.17 -116.79
C LEU BA 21 -11.86 -1.13 -117.79
N VAL BA 22 -11.73 -0.30 -118.82
CA VAL BA 22 -12.77 -0.20 -119.84
C VAL BA 22 -12.82 -1.47 -120.68
N VAL BA 23 -11.65 -2.03 -121.01
CA VAL BA 23 -11.60 -3.25 -121.82
C VAL BA 23 -12.26 -4.42 -121.09
N GLY BA 24 -12.07 -4.49 -119.77
CA GLY BA 24 -12.73 -5.53 -118.99
C GLY BA 24 -14.23 -5.39 -118.98
N ILE BA 25 -14.72 -4.15 -119.00
CA ILE BA 25 -16.16 -3.92 -118.96
C ILE BA 25 -16.84 -4.41 -120.23
N VAL BA 26 -16.29 -4.03 -121.39
CA VAL BA 26 -16.92 -4.42 -122.65
C VAL BA 26 -16.74 -5.91 -122.91
N TYR BA 27 -15.57 -6.47 -122.58
CA TYR BA 27 -15.39 -7.91 -122.69
C TYR BA 27 -16.25 -8.65 -121.67
N GLY BA 28 -16.43 -8.05 -120.50
CA GLY BA 28 -17.36 -8.62 -119.53
C GLY BA 28 -18.78 -8.63 -120.04
N SER BA 29 -19.21 -7.53 -120.68
CA SER BA 29 -20.55 -7.47 -121.25
C SER BA 29 -20.70 -8.44 -122.41
N TYR BA 30 -19.67 -8.54 -123.26
CA TYR BA 30 -19.74 -9.42 -124.41
C TYR BA 30 -19.78 -10.89 -124.00
N ARG BA 31 -18.92 -11.28 -123.06
CA ARG BA 31 -18.87 -12.68 -122.66
C ARG BA 31 -20.13 -13.07 -121.88
N PHE BA 32 -20.59 -12.18 -120.99
CA PHE BA 32 -21.78 -12.47 -120.19
C PHE BA 32 -23.01 -12.67 -121.07
N GLY BA 33 -23.18 -11.81 -122.08
CA GLY BA 33 -24.28 -12.00 -123.00
C GLY BA 33 -24.17 -13.26 -123.81
N SER BA 34 -22.95 -13.60 -124.24
CA SER BA 34 -22.74 -14.81 -125.02
C SER BA 34 -23.03 -16.06 -124.19
N LEU BA 35 -22.56 -16.08 -122.94
CA LEU BA 35 -22.84 -17.23 -122.09
C LEU BA 35 -24.28 -17.21 -121.57
N GLN BA 36 -24.91 -16.04 -121.46
CA GLN BA 36 -26.32 -15.99 -121.08
C GLN BA 36 -27.19 -16.70 -122.11
N LYS BA 37 -26.92 -16.48 -123.39
CA LYS BA 37 -27.57 -17.26 -124.43
C LYS BA 37 -27.20 -18.73 -124.31
N ARG BA 38 -25.92 -19.02 -124.04
CA ARG BA 38 -25.48 -20.39 -123.86
C ARG BA 38 -26.11 -21.03 -122.64
N GLU BA 39 -26.22 -20.28 -121.53
CA GLU BA 39 -26.86 -20.80 -120.33
C GLU BA 39 -28.33 -21.09 -120.57
N ASN BA 40 -29.02 -20.20 -121.30
CA ASN BA 40 -30.44 -20.39 -121.56
C ASN BA 40 -30.69 -21.62 -122.42
N GLU BA 41 -29.87 -21.82 -123.46
CA GLU BA 41 -30.10 -22.96 -124.33
C GLU BA 41 -29.63 -24.25 -123.69
N TRP BA 42 -28.58 -24.19 -122.86
CA TRP BA 42 -28.10 -25.40 -122.19
C TRP BA 42 -29.05 -25.82 -121.08
N ARG BA 43 -29.63 -24.86 -120.35
CA ARG BA 43 -30.53 -25.20 -119.26
C ARG BA 43 -31.83 -25.81 -119.77
N VAL BA 44 -32.30 -25.36 -120.93
CA VAL BA 44 -33.53 -25.89 -121.51
C VAL BA 44 -33.35 -27.35 -121.89
N GLU BA 45 -32.27 -27.67 -122.60
CA GLU BA 45 -32.04 -29.05 -123.00
C GLU BA 45 -31.63 -29.92 -121.83
N GLU BA 46 -30.96 -29.35 -120.83
CA GLU BA 46 -30.63 -30.10 -119.62
C GLU BA 46 -31.89 -30.45 -118.84
N ALA BA 47 -32.84 -29.52 -118.77
CA ALA BA 47 -34.09 -29.78 -118.04
C ALA BA 47 -34.92 -30.85 -118.73
N ARG BA 48 -34.97 -30.83 -120.06
CA ARG BA 48 -35.76 -31.82 -120.80
C ARG BA 48 -35.20 -33.22 -120.62
N ARG BA 49 -33.87 -33.36 -120.71
CA ARG BA 49 -33.27 -34.68 -120.51
C ARG BA 49 -33.29 -35.09 -119.05
N LYS BA 50 -33.32 -34.12 -118.12
CA LYS BA 50 -33.42 -34.46 -116.71
C LYS BA 50 -34.79 -35.02 -116.37
N VAL BA 51 -35.85 -34.44 -116.96
CA VAL BA 51 -37.21 -34.93 -116.72
C VAL BA 51 -37.38 -36.34 -117.26
N ILE BA 52 -36.85 -36.60 -118.46
CA ILE BA 52 -36.93 -37.94 -119.04
C ILE BA 52 -36.11 -38.93 -118.22
N ARG BA 53 -34.92 -38.52 -117.79
CA ARG BA 53 -34.10 -39.39 -116.96
C ARG BA 53 -34.74 -39.64 -115.60
N ASP BA 54 -35.32 -38.60 -114.99
CA ASP BA 54 -35.96 -38.76 -113.68
C ASP BA 54 -37.19 -39.65 -113.78
N ALA BA 55 -37.95 -39.53 -114.88
CA ALA BA 55 -39.12 -40.39 -115.07
C ALA BA 55 -38.70 -41.85 -115.22
N LEU BA 56 -37.63 -42.11 -115.97
CA LEU BA 56 -37.13 -43.47 -116.11
C LEU BA 56 -36.53 -43.98 -114.79
N ASN BA 57 -35.83 -43.11 -114.07
CA ASN BA 57 -35.29 -43.50 -112.77
C ASN BA 57 -36.39 -43.71 -111.74
N ALA BA 58 -37.51 -42.99 -111.88
CA ALA BA 58 -38.65 -43.23 -110.99
C ALA BA 58 -39.26 -44.61 -111.22
N GLU BA 59 -39.33 -45.03 -112.49
CA GLU BA 59 -39.82 -46.38 -112.78
C GLU BA 59 -38.87 -47.44 -112.28
N ASN BA 60 -37.56 -47.20 -112.41
CA ASN BA 60 -36.57 -48.14 -111.89
C ASN BA 60 -36.60 -48.17 -110.36
N LYS BA 61 -36.80 -47.02 -109.73
CA LYS BA 61 -36.89 -46.99 -108.27
C LYS BA 61 -38.16 -47.67 -107.78
N ALA BA 62 -39.25 -47.54 -108.53
CA ALA BA 62 -40.49 -48.21 -108.17
C ALA BA 62 -40.33 -49.73 -108.26
N LYS BA 63 -39.62 -50.21 -109.27
CA LYS BA 63 -39.36 -51.64 -109.41
C LYS BA 63 -38.47 -52.15 -108.30
N ALA BA 64 -37.41 -51.40 -107.97
CA ALA BA 64 -36.46 -51.84 -106.94
C ALA BA 64 -37.08 -51.83 -105.56
N THR BA 65 -37.95 -50.85 -105.28
CA THR BA 65 -38.62 -50.81 -103.98
C THR BA 65 -39.60 -51.98 -103.81
N ARG BA 66 -40.30 -52.36 -104.89
CA ARG BA 66 -41.17 -53.52 -104.80
C ARG BA 66 -40.37 -54.80 -104.57
N GLU BA 67 -39.22 -54.92 -105.23
CA GLU BA 67 -38.32 -56.04 -104.96
C GLU BA 67 -37.82 -56.02 -103.53
N GLU BA 68 -37.48 -54.83 -103.02
CA GLU BA 68 -37.07 -54.70 -101.63
C GLU BA 68 -38.22 -55.04 -100.69
N MET BA 69 -39.44 -54.61 -101.01
CA MET BA 69 -40.60 -54.98 -100.21
C MET BA 69 -40.89 -56.47 -100.31
N LEU BA 70 -40.68 -57.05 -101.49
CA LEU BA 70 -40.82 -58.50 -101.63
C LEU BA 70 -39.76 -59.23 -100.81
N TYR BA 71 -38.55 -58.69 -100.76
CA TYR BA 71 -37.49 -59.32 -99.97
C TYR BA 71 -37.80 -59.24 -98.48
N LEU BA 72 -38.39 -58.13 -98.03
CA LEU BA 72 -38.73 -57.99 -96.62
C LEU BA 72 -39.79 -59.00 -96.19
N ALA BA 73 -40.81 -59.20 -97.04
CA ALA BA 73 -41.87 -60.15 -96.71
C ALA BA 73 -41.35 -61.58 -96.72
N LYS BA 74 -40.39 -61.88 -97.61
CA LYS BA 74 -39.76 -63.19 -97.59
C LYS BA 74 -38.93 -63.38 -96.31
N GLU BA 75 -38.25 -62.33 -95.86
CA GLU BA 75 -37.48 -62.43 -94.63
C GLU BA 75 -38.38 -62.55 -93.41
N THR BA 76 -39.39 -61.70 -93.31
CA THR BA 76 -40.26 -61.70 -92.13
C THR BA 76 -41.20 -62.89 -92.11
N GLY BA 77 -41.51 -63.47 -93.27
CA GLY BA 77 -42.44 -64.58 -93.32
C GLY BA 77 -43.89 -64.20 -93.13
N VAL BA 78 -44.21 -62.91 -93.17
CA VAL BA 78 -45.58 -62.44 -93.05
C VAL BA 78 -46.32 -62.71 -94.36
N LYS BA 79 -47.64 -62.55 -94.33
CA LYS BA 79 -48.45 -62.78 -95.53
C LYS BA 79 -48.13 -61.74 -96.60
N VAL BA 80 -48.17 -62.17 -97.86
CA VAL BA 80 -47.89 -61.31 -99.01
C VAL BA 80 -49.24 -60.87 -99.59
N PRO BA 81 -49.56 -59.57 -99.56
CA PRO BA 81 -50.83 -59.12 -100.12
C PRO BA 81 -50.83 -59.20 -101.64
N GLU BA 82 -52.03 -59.04 -102.21
CA GLU BA 82 -52.18 -59.08 -103.66
C GLU BA 82 -51.46 -57.92 -104.33
N ASN BA 83 -51.57 -56.72 -103.76
CA ASN BA 83 -50.86 -55.57 -104.33
C ASN BA 83 -49.36 -55.66 -104.06
N PHE BA 84 -48.98 -56.02 -102.84
CA PHE BA 84 -47.57 -56.15 -102.48
C PHE BA 84 -47.29 -57.52 -101.88
PG ATP CA . 25.50 7.99 19.92
O1G ATP CA . 26.35 6.86 20.43
O2G ATP CA . 26.18 9.32 20.09
O3G ATP CA . 24.08 7.96 20.40
PB ATP CA . 25.74 8.80 17.15
O1B ATP CA . 24.51 9.54 16.79
O2B ATP CA . 26.92 9.58 17.61
O3B ATP CA . 25.39 7.77 18.32
PA ATP CA . 27.59 7.24 15.51
O1A ATP CA . 28.16 6.51 16.67
O2A ATP CA . 28.44 8.22 14.81
O3A ATP CA . 26.17 7.86 15.93
O5' ATP CA . 27.10 6.15 14.42
C5' ATP CA . 26.59 4.89 14.85
C4' ATP CA . 27.31 3.75 14.18
O4' ATP CA . 27.11 3.82 12.74
C3' ATP CA . 28.81 3.66 14.39
O3' ATP CA . 29.25 2.34 14.64
C2' ATP CA . 29.38 4.27 13.11
O2' ATP CA . 30.61 3.63 12.80
C1' ATP CA . 28.35 3.83 12.08
N9 ATP CA . 28.27 4.75 10.93
C8 ATP CA . 27.80 6.04 10.92
N7 ATP CA . 27.86 6.61 9.74
C5 ATP CA . 28.39 5.63 8.92
C6 ATP CA . 28.71 5.60 7.55
N6 ATP CA . 28.52 6.63 6.73
N1 ATP CA . 29.22 4.46 7.05
C2 ATP CA . 29.42 3.42 7.87
N3 ATP CA . 29.17 3.33 9.17
C4 ATP CA . 28.65 4.47 9.64
MG MG DA . 27.47 10.33 19.18
PG ATP EA . -12.63 35.15 21.23
O1G ATP EA . -11.76 36.02 20.36
O2G ATP EA . -13.34 35.89 22.33
O3G ATP EA . -11.97 33.88 21.67
PB ATP EA . -15.35 34.30 20.64
O1B ATP EA . -15.36 32.90 21.13
O2B ATP EA . -15.89 35.36 21.51
O3B ATP EA . -13.84 34.68 20.26
PA ATP EA . -16.61 35.58 18.33
O1A ATP EA . -15.60 36.65 18.29
O2A ATP EA . -17.99 35.95 18.74
O3A ATP EA . -16.09 34.35 19.21
O5' ATP EA . -16.68 34.85 16.89
C5' ATP EA . -15.49 34.75 16.11
C4' ATP EA . -15.71 35.23 14.70
O4' ATP EA . -16.81 34.50 14.10
C3' ATP EA . -16.05 36.70 14.52
O3' ATP EA . -15.41 37.27 13.39
C2' ATP EA . -17.57 36.71 14.41
O2' ATP EA . -18.00 37.78 13.59
C1' ATP EA . -17.80 35.40 13.66
N9 ATP EA . -19.13 34.81 13.96
C8 ATP EA . -19.62 34.42 15.17
N7 ATP EA . -20.84 33.93 15.12
C5 ATP EA . -21.16 33.99 13.77
C6 ATP EA . -22.31 33.62 13.05
N6 ATP EA . -23.39 33.10 13.61
N1 ATP EA . -22.31 33.83 11.72
C2 ATP EA . -21.21 34.36 11.15
N3 ATP EA . -20.08 34.75 11.72
C4 ATP EA . -20.11 34.53 13.04
MG MG FA . -15.17 36.77 22.38
PG ATP GA . -14.54 -4.59 45.13
O1G ATP GA . -15.97 -4.24 45.45
O2G ATP GA . -13.78 -5.07 46.34
O3G ATP GA . -13.78 -3.56 44.36
PB ATP GA . -13.69 -7.17 44.16
O1B ATP GA . -12.59 -6.96 43.19
O2B ATP GA . -13.31 -7.43 45.57
O3B ATP GA . -14.63 -5.89 44.17
PA ATP GA . -15.89 -9.11 44.26
O1A ATP GA . -16.67 -8.18 45.11
O2A ATP GA . -15.52 -10.42 44.85
O3A ATP GA . -14.63 -8.37 43.64
O5' ATP GA . -16.69 -9.40 42.91
C5' ATP GA . -17.64 -8.45 42.41
C4' ATP GA . -18.99 -9.09 42.16
O4' ATP GA . -18.85 -10.20 41.25
C3' ATP GA . -19.72 -9.64 43.38
O3' ATP GA . -21.10 -9.38 43.34
C2' ATP GA . -19.38 -11.13 43.34
O2' ATP GA . -20.46 -11.87 43.88
C1' ATP GA . -19.35 -11.38 41.84
N9 ATP GA . -18.45 -12.50 41.47
C8 ATP GA . -17.11 -12.62 41.71
N7 ATP GA . -16.59 -13.73 41.26
C5 ATP GA . -17.67 -14.40 40.70
C6 ATP GA . -17.78 -15.64 40.04
N6 ATP GA . -16.76 -16.47 39.85
N1 ATP GA . -19.00 -16.01 39.60
C2 ATP GA . -20.03 -15.18 39.79
N3 ATP GA . -20.05 -13.99 40.38
C4 ATP GA . -18.82 -13.65 40.81
MG MG HA . -12.91 -6.51 47.54
PG ATP IA . 12.83 30.30 14.24
O1G ATP IA . 12.09 29.82 15.46
O2G ATP IA . 13.00 31.80 14.20
O3G ATP IA . 14.08 29.52 13.95
PB ATP IA . 10.88 30.78 12.12
O1B ATP IA . 9.50 30.33 12.43
O2B ATP IA . 11.20 32.20 12.30
O3B ATP IA . 11.86 29.89 13.01
PA ATP IA . 12.07 31.13 9.49
O1A ATP IA . 11.13 32.13 8.92
O2A ATP IA . 13.34 31.66 10.04
O3A ATP IA . 11.30 30.31 10.64
O5' ATP IA . 12.41 30.06 8.34
C5' ATP IA . 12.50 28.66 8.60
C4' ATP IA . 12.76 27.92 7.32
O4' ATP IA . 11.50 27.44 6.78
C3' ATP IA . 13.36 28.74 6.19
O3' ATP IA . 14.77 28.87 6.29
C2' ATP IA . 12.91 27.97 4.95
O2' ATP IA . 13.69 26.79 4.81
C1' ATP IA . 11.50 27.56 5.37
N9 ATP IA . 10.49 28.56 5.00
C8 ATP IA . 9.77 29.38 5.83
N7 ATP IA . 8.93 30.17 5.21
C5 ATP IA . 9.12 29.85 3.86
C6 ATP IA . 8.52 30.35 2.69
N6 ATP IA . 7.59 31.30 2.68
N1 ATP IA . 8.91 29.81 1.52
C2 ATP IA . 9.85 28.86 1.53
N3 ATP IA . 10.48 28.31 2.57
C4 ATP IA . 10.07 28.87 3.72
MG MG JA . 12.22 33.40 13.48
PB ADP KA . -26.96 16.25 37.32
O1B ADP KA . -27.62 15.18 38.15
O2B ADP KA . -27.11 17.64 37.89
O3B ADP KA . -25.58 15.91 36.84
PA ADP KA . -29.41 16.55 35.95
O1A ADP KA . -30.12 15.35 36.51
O2A ADP KA . -29.65 17.92 36.55
O3A ADP KA . -27.83 16.26 35.96
O5' ADP KA . -29.69 16.64 34.38
C5' ADP KA . -30.83 17.34 33.90
C4' ADP KA . -30.89 17.21 32.39
O4' ADP KA . -30.59 15.87 32.00
C3' ADP KA . -32.28 17.55 31.89
O3' ADP KA . -32.25 18.76 31.11
C2' ADP KA . -32.68 16.40 31.01
O2' ADP KA . -32.76 16.83 29.65
C1' ADP KA . -31.61 15.34 31.15
N9 ADP KA . -32.18 14.15 31.83
C8 ADP KA . -31.72 13.64 32.98
N7 ADP KA . -32.44 12.56 33.36
C5 ADP KA . -33.39 12.37 32.44
C6 ADP KA . -34.49 11.40 32.23
N6 ADP KA . -34.71 10.40 33.13
N1 ADP KA . -35.25 11.54 31.13
C2 ADP KA . -35.04 12.53 30.25
N3 ADP KA . -34.06 13.44 30.37
C4 ADP KA . -33.22 13.41 31.42
MG MG LA . -27.16 17.46 40.12
C1 CDL MA . -3.85 -4.90 -79.17
O1 CDL MA . -4.25 -4.49 -77.86
CA2 CDL MA . -5.06 -5.19 -80.01
OA2 CDL MA . -5.63 -3.96 -80.52
PA1 CDL MA . -5.40 -3.51 -82.01
OA3 CDL MA . -4.03 -2.86 -82.10
OA4 CDL MA . -6.52 -2.69 -82.50
OA5 CDL MA . -5.34 -4.90 -82.76
CA3 CDL MA . -5.91 -5.07 -84.07
CA4 CDL MA . -5.66 -6.50 -84.50
OA6 CDL MA . -6.19 -6.74 -85.84
CA5 CDL MA . -7.36 -6.17 -86.19
OA7 CDL MA . -8.40 -6.33 -85.61
C11 CDL MA . -7.21 -5.36 -87.45
C12 CDL MA . -6.94 -6.23 -88.68
C13 CDL MA . -7.81 -7.47 -88.73
C14 CDL MA . -7.08 -8.75 -89.09
C15 CDL MA . -7.96 -9.98 -89.11
C16 CDL MA . -8.06 -10.63 -90.47
C17 CDL MA . -8.65 -9.73 -91.54
C18 CDL MA . -8.26 -10.11 -92.96
C19 CDL MA . -8.70 -9.10 -94.01
C20 CDL MA . -8.07 -9.32 -95.36
C21 CDL MA . -6.55 -9.35 -95.34
C22 CDL MA . -5.95 -10.49 -96.12
C23 CDL MA . -6.49 -11.85 -95.74
C24 CDL MA . -6.01 -12.99 -96.63
C25 CDL MA . -6.79 -14.27 -96.46
C26 CDL MA . -8.27 -14.14 -96.78
CA6 CDL MA . -6.26 -7.50 -83.56
OA8 CDL MA . -6.71 -8.62 -84.33
CA7 CDL MA . -6.33 -9.82 -83.91
OA9 CDL MA . -5.40 -10.01 -83.17
C31 CDL MA . -7.18 -10.92 -84.48
C32 CDL MA . -6.76 -11.35 -85.88
C33 CDL MA . -7.58 -12.48 -86.43
C34 CDL MA . -7.52 -13.77 -85.62
C35 CDL MA . -7.06 -14.98 -86.41
C36 CDL MA . -7.80 -15.19 -87.71
C37 CDL MA . -6.90 -15.52 -88.88
C38 CDL MA . -7.63 -16.14 -90.06
C39 CDL MA . -8.22 -17.50 -89.76
C40 CDL MA . -9.11 -18.06 -90.86
C41 CDL MA . -8.41 -18.25 -92.19
C42 CDL MA . -9.26 -17.97 -93.40
C43 CDL MA . -8.96 -16.65 -94.10
C44 CDL MA . -9.56 -15.43 -93.44
C45 CDL MA . -11.06 -15.51 -93.22
C46 CDL MA . -11.64 -14.36 -92.42
C47 CDL MA . -11.47 -13.01 -93.09
CB2 CDL MA . -2.89 -6.06 -79.06
OB2 CDL MA . -1.62 -5.61 -78.53
PB2 CDL MA . -0.26 -6.16 -79.10
OB3 CDL MA . -0.27 -5.99 -80.62
OB4 CDL MA . 0.88 -5.55 -78.41
OB5 CDL MA . -0.36 -7.69 -78.77
CB3 CDL MA . 0.15 -8.23 -77.53
CB4 CDL MA . -0.19 -9.70 -77.49
OB6 CDL MA . -1.17 -9.88 -76.42
CB5 CDL MA . -1.83 -11.04 -76.38
OB7 CDL MA . -1.49 -11.98 -75.72
C51 CDL MA . -3.04 -11.01 -77.27
C52 CDL MA . -3.64 -12.39 -77.51
C53 CDL MA . -4.53 -12.85 -76.37
C54 CDL MA . -5.31 -14.13 -76.67
C55 CDL MA . -6.61 -13.91 -77.40
C56 CDL MA . -7.59 -15.06 -77.29
C57 CDL MA . -7.98 -15.39 -75.86
C58 CDL MA . -8.70 -14.28 -75.13
CB6 CDL MA . 1.00 -10.55 -77.18
OB8 CDL MA . 0.83 -11.83 -77.84
CB7 CDL MA . 1.42 -12.88 -77.28
OB9 CDL MA . 2.54 -12.87 -76.83
C71 CDL MA . 0.53 -14.09 -77.31
C72 CDL MA . 1.21 -15.35 -76.78
C73 CDL MA . 0.23 -16.48 -76.50
C74 CDL MA . 0.78 -17.57 -75.58
C75 CDL MA . -0.26 -18.55 -75.08
C76 CDL MA . -1.35 -17.93 -74.22
C77 CDL MA . -1.14 -18.08 -72.73
C78 CDL MA . -2.34 -17.69 -71.88
C79 CDL MA . -2.25 -18.13 -70.43
C80 CDL MA . -3.60 -18.23 -69.72
C81 CDL MA . -3.51 -18.60 -68.25
C82 CDL MA . -3.41 -20.09 -67.97
C83 CDL MA . -4.73 -20.83 -68.04
C84 CDL MA . -4.72 -22.18 -67.34
C85 CDL MA . -6.09 -22.86 -67.30
C86 CDL MA . -6.16 -24.08 -66.40
C87 CDL MA . -7.54 -24.70 -66.37
C1 CDL NA . 13.74 -5.01 -96.67
O1 CDL NA . 13.12 -5.83 -95.68
CA2 CDL NA . 12.68 -4.51 -97.63
OA2 CDL NA . 12.11 -5.60 -98.37
PA1 CDL NA . 11.89 -5.52 -99.92
OA3 CDL NA . 12.49 -6.78 -100.56
OA4 CDL NA . 12.42 -4.24 -100.45
OA5 CDL NA . 10.32 -5.59 -100.04
CA3 CDL NA . 9.54 -6.38 -99.12
CA4 CDL NA . 9.44 -7.77 -99.68
OA6 CDL NA . 8.07 -8.00 -100.13
CA5 CDL NA . 7.83 -7.92 -101.45
OA7 CDL NA . 8.59 -8.29 -102.29
C11 CDL NA . 6.46 -7.35 -101.71
C12 CDL NA . 5.42 -8.43 -101.97
C13 CDL NA . 3.99 -7.89 -101.95
C14 CDL NA . 2.94 -8.86 -102.43
C15 CDL NA . 1.55 -8.60 -101.90
C16 CDL NA . 1.08 -7.17 -102.10
C17 CDL NA . 0.31 -6.59 -100.91
C18 CDL NA . -1.01 -7.28 -100.65
C19 CDL NA . -1.89 -6.52 -99.66
C20 CDL NA . -3.24 -7.17 -99.43
C21 CDL NA . -4.21 -6.31 -98.64
C22 CDL NA . -5.63 -6.85 -98.59
C23 CDL NA . -6.56 -6.06 -97.69
CA6 CDL NA . 9.75 -8.81 -98.63
OA8 CDL NA . 10.19 -10.02 -99.29
CA7 CDL NA . 9.26 -10.95 -99.54
OA9 CDL NA . 8.48 -10.88 -100.45
C31 CDL NA . 9.32 -12.06 -98.53
C32 CDL NA . 10.54 -12.95 -98.69
C33 CDL NA . 10.38 -14.30 -98.02
C34 CDL NA . 9.54 -15.30 -98.80
C35 CDL NA . 8.47 -15.98 -97.97
C36 CDL NA . 7.47 -15.03 -97.34
C37 CDL NA . 6.59 -15.66 -96.28
C38 CDL NA . 5.48 -16.54 -96.83
C39 CDL NA . 4.48 -15.80 -97.70
C40 CDL NA . 3.09 -16.39 -97.67
C41 CDL NA . 2.34 -16.17 -96.37
C42 CDL NA . 2.13 -14.69 -96.05
C43 CDL NA . 1.17 -14.45 -94.89
C44 CDL NA . 0.96 -12.98 -94.58
C45 CDL NA . 0.52 -12.15 -95.76
C46 CDL NA . -0.94 -12.31 -96.12
C47 CDL NA . -1.39 -11.40 -97.25
CB2 CDL NA . 14.83 -5.79 -97.36
OB2 CDL NA . 15.92 -6.05 -96.44
PB2 CDL NA . 16.71 -7.41 -96.47
OB3 CDL NA . 16.76 -7.91 -97.92
OB4 CDL NA . 18.03 -7.26 -95.83
OB5 CDL NA . 15.80 -8.39 -95.64
CB3 CDL NA . 14.94 -9.35 -96.29
CB4 CDL NA . 14.51 -10.34 -95.24
OB6 CDL NA . 13.47 -11.20 -95.83
CB5 CDL NA . 13.61 -12.53 -95.67
OB7 CDL NA . 14.60 -13.14 -96.00
C51 CDL NA . 12.39 -13.13 -95.05
C52 CDL NA . 12.53 -14.62 -94.79
C53 CDL NA . 11.29 -15.25 -94.20
C54 CDL NA . 11.37 -16.76 -94.02
C55 CDL NA . 10.04 -17.44 -93.78
C56 CDL NA . 9.52 -17.32 -92.36
C57 CDL NA . 8.04 -17.61 -92.21
C58 CDL NA . 7.14 -16.47 -92.66
C59 CDL NA . 5.68 -16.63 -92.25
C60 CDL NA . 5.04 -17.91 -92.75
CB6 CDL NA . 13.92 -9.68 -94.03
OB8 CDL NA . 13.16 -8.50 -94.43
CB7 CDL NA . 11.87 -8.67 -94.72
OB9 CDL NA . 11.36 -8.32 -95.75
C71 CDL NA . 11.13 -9.36 -93.60
C72 CDL NA . 9.80 -9.94 -94.05
C73 CDL NA . 9.44 -11.22 -93.31
C74 CDL NA . 8.25 -11.94 -93.89
C75 CDL NA . 7.10 -11.02 -94.25
#